data_4XGZ
#
_entry.id   4XGZ
#
_cell.length_a   108.189
_cell.length_b   111.004
_cell.length_c   143.865
_cell.angle_alpha   94.65
_cell.angle_beta   95.28
_cell.angle_gamma   114.53
#
_symmetry.space_group_name_H-M   'P 1'
#
loop_
_entity.id
_entity.type
_entity.pdbx_description
1 polymer 'FAB HEAVY CHAIN'
2 polymer 'FAB LIGHT CHAIN'
3 polymer 'PAXILLIN LD2'
4 non-polymer 'NITRATE ION'
5 non-polymer 1,2-ETHANEDIOL
6 water water
#
loop_
_entity_poly.entity_id
_entity_poly.type
_entity_poly.pdbx_seq_one_letter_code
_entity_poly.pdbx_strand_id
1 'polypeptide(L)'
;EISEVQLVESGGGLVQPGGSLRLSCAASGFNVSYSSIHWVRQAPGKGLEWVASIYSYYGYTYYADSVKGRFTISADTSKN
TAYLQMNSLRAEDTAVYYCARGYYGAAMDYWGQGTLVTVSSASTKGPSVFPLAPSSKSTSGGTAALGCLVKDYFPEPVTV
SWNSGALTSGVHTFPAVLQSSGLYSLSSVVTVPSSSLGTQTYICNVNHKPSNTKVDKKVEPKSCDKTHT
;
A,C,E,G,H,J,M,O,Q,S,U,W
2 'polypeptide(L)'
;SDIQMTQSPSSLSASVGDRVTITCRASQSVSSAVAWYQQKPGKAPKLLIYSASSLYSGVPSRFSGSRSGTDFTLTISSLQ
PEDFATYYCQQSSSSLITFGQGTKVEIKRTVAAPSVFIFPPSDSQLKSGTASVVCLLNNFYPREAKVQWKVDNALQSGNS
QESVTEQDSKDSTYSLSSTLTLSKADYEKHKVYACEVTHQGLSSPVTKSFNRGEC
;
B,D,F,I,K,L,N,P,R,T,V,X
3 'polypeptide(L)' NLSELDRLLLELNAVQHNP a,c,e,g,h,j,m,o,q,s,u,w
#
loop_
_chem_comp.id
_chem_comp.type
_chem_comp.name
_chem_comp.formula
EDO non-polymer 1,2-ETHANEDIOL 'C2 H6 O2'
NO3 non-polymer 'NITRATE ION' 'N O3 -1'
#
# COMPACT_ATOMS: atom_id res chain seq x y z
N SER A 3 34.71 109.73 36.72
CA SER A 3 33.24 109.50 36.82
C SER A 3 32.91 108.01 36.75
N GLU A 4 32.18 107.52 37.74
CA GLU A 4 31.85 106.09 37.83
C GLU A 4 30.52 105.77 37.15
N VAL A 5 30.50 104.67 36.40
CA VAL A 5 29.32 104.27 35.64
C VAL A 5 28.18 103.70 36.50
N GLN A 6 26.97 104.20 36.27
CA GLN A 6 25.79 103.61 36.90
C GLN A 6 24.47 103.92 36.21
N LEU A 7 23.48 103.09 36.53
CA LEU A 7 22.15 103.16 35.97
C LEU A 7 21.13 103.18 37.10
N VAL A 8 20.39 104.28 37.22
CA VAL A 8 19.37 104.43 38.26
C VAL A 8 17.97 104.37 37.66
N GLU A 9 17.18 103.39 38.08
CA GLU A 9 15.83 103.22 37.58
C GLU A 9 14.80 103.96 38.41
N SER A 10 13.74 104.44 37.76
CA SER A 10 12.63 105.11 38.43
C SER A 10 11.31 104.59 37.90
N GLY A 11 10.24 104.85 38.64
CA GLY A 11 8.90 104.42 38.27
C GLY A 11 8.64 102.99 38.69
N GLY A 12 7.49 102.46 38.28
CA GLY A 12 7.08 101.10 38.61
C GLY A 12 5.91 101.11 39.58
N GLY A 13 5.53 99.92 40.04
CA GLY A 13 4.45 99.76 41.00
C GLY A 13 3.27 98.95 40.49
N LEU A 14 2.08 99.30 40.97
CA LEU A 14 0.85 98.56 40.65
C LEU A 14 0.15 99.20 39.46
N VAL A 15 -0.29 98.37 38.52
CA VAL A 15 -1.11 98.83 37.39
C VAL A 15 -2.14 97.75 37.07
N GLN A 16 -3.33 98.19 36.64
CA GLN A 16 -4.40 97.27 36.28
C GLN A 16 -4.17 96.72 34.88
N PRO A 17 -4.73 95.53 34.58
CA PRO A 17 -4.65 94.98 33.24
C PRO A 17 -5.19 95.96 32.20
N GLY A 18 -4.49 96.08 31.08
CA GLY A 18 -4.85 97.04 30.03
C GLY A 18 -4.24 98.42 30.26
N GLY A 19 -3.60 98.60 31.41
CA GLY A 19 -3.07 99.90 31.81
C GLY A 19 -1.71 100.22 31.21
N SER A 20 -1.24 101.43 31.50
CA SER A 20 0.00 101.96 30.93
C SER A 20 0.93 102.44 32.03
N LEU A 21 2.23 102.26 31.81
CA LEU A 21 3.23 102.60 32.80
C LEU A 21 4.58 102.83 32.12
N ARG A 22 5.33 103.82 32.57
CA ARG A 22 6.66 104.09 32.02
C ARG A 22 7.76 103.95 33.05
N LEU A 23 8.77 103.17 32.71
CA LEU A 23 9.96 103.03 33.54
C LEU A 23 11.08 103.92 32.99
N SER A 24 11.90 104.44 33.89
CA SER A 24 13.03 105.30 33.53
C SER A 24 14.34 104.64 33.91
N CYS A 25 15.39 104.95 33.17
CA CYS A 25 16.72 104.43 33.42
C CYS A 25 17.73 105.57 33.20
N ALA A 26 18.04 106.29 34.28
CA ALA A 26 18.95 107.44 34.22
C ALA A 26 20.41 106.98 34.26
N ALA A 27 21.18 107.35 33.25
CA ALA A 27 22.56 106.94 33.13
C ALA A 27 23.53 108.03 33.57
N SER A 28 24.64 107.62 34.16
CA SER A 28 25.74 108.54 34.45
C SER A 28 27.05 107.78 34.34
N GLY A 29 28.13 108.50 34.04
CA GLY A 29 29.44 107.89 33.81
C GLY A 29 29.66 107.47 32.37
N PHE A 30 28.62 107.56 31.54
CA PHE A 30 28.74 107.27 30.11
C PHE A 30 27.59 107.92 29.35
N ASN A 31 27.80 108.09 28.05
CA ASN A 31 26.83 108.77 27.20
C ASN A 31 25.88 107.76 26.54
N VAL A 32 24.58 107.88 26.84
CA VAL A 32 23.57 106.96 26.32
C VAL A 32 23.48 107.03 24.80
N SER A 33 23.81 108.18 24.22
CA SER A 33 23.74 108.38 22.77
C SER A 33 24.84 107.64 22.00
N TYR A 34 25.90 107.21 22.70
CA TYR A 34 26.96 106.40 22.10
C TYR A 34 27.05 105.01 22.73
N SER A 35 25.95 104.56 23.34
CA SER A 35 25.89 103.24 23.98
C SER A 35 24.57 102.57 23.67
N SER A 36 24.43 101.33 24.09
CA SER A 36 23.17 100.62 23.97
C SER A 36 22.58 100.36 25.35
N ILE A 37 21.27 100.51 25.45
CA ILE A 37 20.53 100.21 26.67
C ILE A 37 19.56 99.06 26.40
N HIS A 38 19.42 98.18 27.39
CA HIS A 38 18.59 96.99 27.25
C HIS A 38 17.71 96.84 28.45
N TRP A 39 16.48 96.39 28.23
CA TRP A 39 15.56 96.08 29.31
C TRP A 39 15.40 94.59 29.41
N VAL A 40 15.59 94.07 30.62
CA VAL A 40 15.43 92.65 30.92
C VAL A 40 14.56 92.53 32.15
N ARG A 41 13.63 91.57 32.14
CA ARG A 41 12.73 91.38 33.27
C ARG A 41 12.83 89.97 33.84
N GLN A 42 12.34 89.83 35.07
CA GLN A 42 12.41 88.57 35.79
C GLN A 42 11.17 88.42 36.67
N ALA A 43 10.30 87.48 36.30
CA ALA A 43 9.12 87.16 37.09
C ALA A 43 9.56 86.42 38.35
N PRO A 44 8.80 86.55 39.45
CA PRO A 44 9.19 85.92 40.72
C PRO A 44 9.51 84.43 40.56
N GLY A 45 10.71 84.03 40.98
CA GLY A 45 11.15 82.64 40.91
C GLY A 45 11.42 82.11 39.51
N LYS A 46 11.45 82.98 38.51
CA LYS A 46 11.63 82.58 37.11
C LYS A 46 12.95 83.12 36.58
N GLY A 47 13.27 82.74 35.35
CA GLY A 47 14.52 83.15 34.73
C GLY A 47 14.48 84.56 34.15
N LEU A 48 15.62 85.00 33.63
CA LEU A 48 15.73 86.28 32.96
C LEU A 48 15.02 86.24 31.61
N GLU A 49 14.32 87.31 31.28
CA GLU A 49 13.68 87.45 29.97
C GLU A 49 14.01 88.81 29.39
N TRP A 50 14.61 88.80 28.20
CA TRP A 50 14.88 90.01 27.45
C TRP A 50 13.61 90.62 26.95
N VAL A 51 13.50 91.94 27.07
CA VAL A 51 12.31 92.68 26.70
C VAL A 51 12.54 93.57 25.47
N ALA A 52 13.58 94.39 25.52
CA ALA A 52 13.85 95.36 24.45
C ALA A 52 15.27 95.90 24.50
N SER A 53 15.73 96.43 23.36
CA SER A 53 17.05 97.03 23.24
C SER A 53 16.98 98.29 22.38
N ILE A 54 17.84 99.27 22.68
CA ILE A 54 17.93 100.49 21.87
C ILE A 54 19.37 100.86 21.58
N TYR A 55 19.63 101.27 20.33
CA TYR A 55 20.93 101.75 19.89
C TYR A 55 20.75 103.13 19.27
N SER A 56 20.78 104.16 20.11
CA SER A 56 20.42 105.52 19.70
C SER A 56 21.24 106.05 18.53
N TYR A 57 22.53 105.73 18.51
CA TYR A 57 23.41 106.23 17.46
C TYR A 57 22.93 105.81 16.07
N TYR A 58 22.48 104.57 15.94
CA TYR A 58 22.00 104.06 14.65
C TYR A 58 20.50 104.21 14.47
N GLY A 59 19.78 104.43 15.57
CA GLY A 59 18.33 104.55 15.53
C GLY A 59 17.61 103.21 15.44
N TYR A 60 18.28 102.15 15.87
CA TYR A 60 17.69 100.81 15.86
C TYR A 60 17.08 100.48 17.20
N THR A 61 15.89 99.88 17.17
CA THR A 61 15.26 99.32 18.36
C THR A 61 14.80 97.90 18.07
N TYR A 62 14.87 97.05 19.08
CA TYR A 62 14.48 95.65 18.95
C TYR A 62 13.60 95.25 20.12
N TYR A 63 12.67 94.34 19.87
CA TYR A 63 11.68 93.92 20.88
C TYR A 63 11.49 92.41 20.90
N ALA A 64 11.21 91.87 22.09
CA ALA A 64 10.82 90.46 22.22
C ALA A 64 9.44 90.30 21.65
N ASP A 65 9.14 89.14 21.09
CA ASP A 65 7.81 88.88 20.52
C ASP A 65 6.71 89.01 21.56
N SER A 66 6.99 88.62 22.80
CA SER A 66 6.01 88.68 23.88
C SER A 66 5.54 90.11 24.23
N VAL A 67 6.31 91.13 23.85
CA VAL A 67 5.95 92.53 24.14
C VAL A 67 5.78 93.41 22.90
N LYS A 68 5.99 92.83 21.72
CA LYS A 68 5.99 93.60 20.48
C LYS A 68 4.62 94.24 20.24
N GLY A 69 4.63 95.52 19.87
CA GLY A 69 3.38 96.27 19.63
C GLY A 69 2.73 96.83 20.89
N ARG A 70 3.24 96.46 22.05
CA ARG A 70 2.70 96.90 23.33
C ARG A 70 3.70 97.78 24.10
N PHE A 71 4.97 97.41 24.04
CA PHE A 71 6.03 98.14 24.73
C PHE A 71 6.83 98.98 23.74
N THR A 72 7.33 100.13 24.19
CA THR A 72 8.21 100.95 23.39
C THR A 72 9.43 101.38 24.19
N ILE A 73 10.61 101.15 23.63
CA ILE A 73 11.87 101.58 24.23
C ILE A 73 12.30 102.88 23.54
N SER A 74 12.86 103.81 24.31
CA SER A 74 13.28 105.10 23.78
C SER A 74 14.36 105.72 24.64
N ALA A 75 14.92 106.84 24.17
CA ALA A 75 16.00 107.51 24.88
C ALA A 75 15.95 109.02 24.69
N ASP A 76 16.19 109.76 25.76
CA ASP A 76 16.34 111.21 25.70
C ASP A 76 17.82 111.55 25.87
N THR A 77 18.47 111.89 24.77
CA THR A 77 19.89 112.23 24.74
C THR A 77 20.24 113.34 25.74
N SER A 78 19.44 114.40 25.76
CA SER A 78 19.73 115.56 26.60
C SER A 78 19.67 115.23 28.10
N LYS A 79 18.75 114.36 28.50
CA LYS A 79 18.65 113.92 29.90
C LYS A 79 19.48 112.66 30.19
N ASN A 80 20.16 112.13 29.18
CA ASN A 80 20.97 110.91 29.32
C ASN A 80 20.18 109.79 30.00
N THR A 81 18.94 109.60 29.56
CA THR A 81 18.01 108.65 30.18
C THR A 81 17.33 107.80 29.11
N ALA A 82 17.15 106.51 29.41
CA ALA A 82 16.39 105.62 28.54
C ALA A 82 15.05 105.31 29.22
N TYR A 83 14.05 104.96 28.41
CA TYR A 83 12.71 104.70 28.93
C TYR A 83 12.16 103.41 28.37
N LEU A 84 11.24 102.79 29.11
CA LEU A 84 10.43 101.70 28.59
C LEU A 84 8.96 102.04 28.83
N GLN A 85 8.26 102.41 27.77
CA GLN A 85 6.83 102.65 27.85
C GLN A 85 6.11 101.32 27.73
N MET A 86 5.37 100.95 28.77
CA MET A 86 4.64 99.69 28.80
C MET A 86 3.14 99.97 28.70
N ASN A 87 2.53 99.55 27.59
CA ASN A 87 1.09 99.68 27.39
C ASN A 87 0.40 98.32 27.30
N SER A 88 -0.93 98.32 27.39
CA SER A 88 -1.73 97.11 27.33
C SER A 88 -1.16 96.02 28.24
N LEU A 89 -0.83 96.39 29.48
CA LEU A 89 -0.22 95.45 30.41
C LEU A 89 -1.12 94.26 30.71
N ARG A 90 -0.50 93.10 30.93
CA ARG A 90 -1.19 91.88 31.30
C ARG A 90 -0.58 91.30 32.57
N ALA A 91 -1.33 90.42 33.24
CA ALA A 91 -0.86 89.79 34.49
C ALA A 91 0.54 89.18 34.35
N GLU A 92 0.77 88.51 33.22
CA GLU A 92 2.05 87.84 32.99
C GLU A 92 3.24 88.79 32.73
N ASP A 93 2.97 90.10 32.65
CA ASP A 93 4.04 91.10 32.61
C ASP A 93 4.56 91.44 34.00
N THR A 94 3.93 90.88 35.03
CA THR A 94 4.39 91.10 36.41
C THR A 94 5.82 90.58 36.58
N ALA A 95 6.73 91.46 36.96
CA ALA A 95 8.14 91.12 37.06
C ALA A 95 8.96 92.26 37.62
N VAL A 96 10.19 91.93 38.04
CA VAL A 96 11.20 92.96 38.33
C VAL A 96 11.82 93.35 37.01
N TYR A 97 11.84 94.63 36.71
CA TYR A 97 12.38 95.13 35.44
C TYR A 97 13.75 95.78 35.64
N TYR A 98 14.74 95.26 34.91
CA TYR A 98 16.10 95.78 34.93
C TYR A 98 16.43 96.53 33.65
N CYS A 99 17.22 97.60 33.77
CA CYS A 99 17.90 98.25 32.67
C CYS A 99 19.35 97.87 32.71
N ALA A 100 20.00 97.73 31.55
CA ALA A 100 21.43 97.43 31.52
C ALA A 100 22.14 98.07 30.31
N ARG A 101 23.44 98.35 30.47
CA ARG A 101 24.25 98.88 29.39
C ARG A 101 24.88 97.75 28.59
N GLY A 102 24.93 97.93 27.27
CA GLY A 102 25.51 96.94 26.38
C GLY A 102 27.02 97.04 26.26
N TYR A 103 27.62 95.90 25.96
CA TYR A 103 29.06 95.74 25.76
C TYR A 103 29.20 94.84 24.53
N TYR A 104 30.40 94.39 24.20
CA TYR A 104 30.60 93.52 23.03
C TYR A 104 29.53 92.43 22.92
N GLY A 105 28.92 92.32 21.75
CA GLY A 105 27.93 91.27 21.49
C GLY A 105 26.62 91.41 22.24
N ALA A 106 26.28 92.64 22.63
CA ALA A 106 25.13 92.90 23.49
C ALA A 106 25.24 92.21 24.87
N ALA A 107 26.46 91.85 25.27
CA ALA A 107 26.70 91.47 26.64
C ALA A 107 26.37 92.68 27.49
N MET A 108 25.87 92.46 28.70
CA MET A 108 25.38 93.56 29.54
C MET A 108 26.25 93.72 30.77
N ASP A 109 27.10 94.75 30.76
CA ASP A 109 28.15 94.90 31.78
C ASP A 109 27.70 95.65 33.04
N TYR A 110 26.88 96.68 32.88
CA TYR A 110 26.39 97.44 34.03
C TYR A 110 24.87 97.42 34.08
N TRP A 111 24.34 97.19 35.28
CA TRP A 111 22.92 96.98 35.48
C TRP A 111 22.33 97.95 36.45
N GLY A 112 21.05 98.26 36.25
CA GLY A 112 20.30 99.05 37.22
C GLY A 112 19.89 98.20 38.41
N GLN A 113 19.29 98.85 39.40
CA GLN A 113 18.91 98.17 40.63
C GLN A 113 17.66 97.32 40.53
N GLY A 114 16.89 97.46 39.44
CA GLY A 114 15.63 96.73 39.28
C GLY A 114 14.47 97.43 39.94
N THR A 115 13.28 97.32 39.33
CA THR A 115 12.06 97.89 39.89
C THR A 115 10.89 96.93 39.65
N LEU A 116 10.03 96.77 40.65
CA LEU A 116 8.93 95.81 40.59
C LEU A 116 7.69 96.42 39.93
N VAL A 117 7.18 95.73 38.92
CA VAL A 117 5.93 96.11 38.28
C VAL A 117 4.93 94.98 38.49
N THR A 118 3.80 95.30 39.11
CA THR A 118 2.75 94.33 39.38
C THR A 118 1.52 94.68 38.55
N VAL A 119 1.06 93.73 37.73
CA VAL A 119 -0.16 93.91 36.94
C VAL A 119 -1.27 93.03 37.52
N SER A 120 -2.31 93.67 38.03
CA SER A 120 -3.42 92.94 38.66
C SER A 120 -4.62 93.83 38.94
N SER A 121 -5.80 93.22 39.02
CA SER A 121 -7.05 93.92 39.35
C SER A 121 -7.25 94.11 40.84
N ALA A 122 -6.43 93.45 41.65
CA ALA A 122 -6.55 93.53 43.10
C ALA A 122 -6.26 94.95 43.58
N SER A 123 -6.96 95.38 44.63
CA SER A 123 -6.78 96.71 45.19
C SER A 123 -5.66 96.68 46.23
N THR A 124 -4.96 97.81 46.36
CA THR A 124 -3.93 97.96 47.37
C THR A 124 -4.56 97.74 48.74
N LYS A 125 -3.90 96.95 49.58
CA LYS A 125 -4.43 96.60 50.89
C LYS A 125 -3.32 96.26 51.87
N GLY A 126 -3.46 96.76 53.09
CA GLY A 126 -2.54 96.45 54.16
C GLY A 126 -2.80 95.07 54.75
N PRO A 127 -1.75 94.44 55.31
CA PRO A 127 -1.90 93.11 55.90
C PRO A 127 -2.60 93.13 57.24
N SER A 128 -3.29 92.05 57.56
CA SER A 128 -3.68 91.74 58.92
C SER A 128 -2.55 90.90 59.49
N VAL A 129 -2.09 91.25 60.68
CA VAL A 129 -0.97 90.53 61.30
C VAL A 129 -1.49 89.72 62.50
N PHE A 130 -1.31 88.41 62.43
CA PHE A 130 -1.78 87.52 63.48
C PHE A 130 -0.59 86.81 64.12
N PRO A 131 -0.65 86.59 65.44
CA PRO A 131 0.47 85.93 66.12
C PRO A 131 0.48 84.44 65.88
N LEU A 132 1.68 83.88 65.74
CA LEU A 132 1.88 82.43 65.80
C LEU A 132 2.49 82.15 67.17
N ALA A 133 1.62 81.84 68.13
CA ALA A 133 2.01 81.72 69.54
C ALA A 133 2.85 80.46 69.79
N PRO A 134 3.90 80.57 70.63
CA PRO A 134 4.70 79.41 71.00
C PRO A 134 4.02 78.54 72.05
N SER A 135 4.34 77.24 72.03
CA SER A 135 4.13 76.33 73.15
C SER A 135 5.47 75.64 73.57
N SER A 136 5.41 74.68 74.50
CA SER A 136 6.47 73.67 74.67
C SER A 136 6.13 72.30 74.03
N GLY A 142 14.38 73.34 75.88
CA GLY A 142 15.14 73.36 74.64
C GLY A 142 14.85 74.58 73.78
N THR A 143 14.22 74.35 72.63
CA THR A 143 13.96 75.40 71.65
C THR A 143 12.46 75.56 71.40
N ALA A 144 11.99 76.81 71.43
CA ALA A 144 10.61 77.14 71.08
C ALA A 144 10.58 77.90 69.77
N ALA A 145 9.46 77.83 69.06
CA ALA A 145 9.26 78.56 67.82
C ALA A 145 8.04 79.48 67.93
N LEU A 146 8.17 80.68 67.41
CA LEU A 146 7.05 81.63 67.35
C LEU A 146 7.15 82.46 66.07
N GLY A 147 6.11 83.22 65.76
CA GLY A 147 6.12 84.02 64.55
C GLY A 147 4.91 84.91 64.35
N CYS A 148 4.83 85.52 63.17
CA CYS A 148 3.64 86.27 62.76
C CYS A 148 3.16 85.84 61.39
N LEU A 149 1.84 85.73 61.26
CA LEU A 149 1.21 85.50 59.98
C LEU A 149 0.83 86.86 59.41
N VAL A 150 1.46 87.24 58.31
CA VAL A 150 1.17 88.50 57.64
C VAL A 150 0.24 88.18 56.45
N LYS A 151 -1.05 88.36 56.67
CA LYS A 151 -2.06 87.82 55.75
C LYS A 151 -2.79 88.88 54.93
N ASP A 152 -3.10 88.53 53.69
CA ASP A 152 -4.00 89.30 52.83
C ASP A 152 -3.56 90.75 52.61
N TYR A 153 -2.35 90.93 52.10
CA TYR A 153 -1.87 92.25 51.70
C TYR A 153 -1.63 92.30 50.20
N PHE A 154 -1.57 93.52 49.67
CA PHE A 154 -1.35 93.70 48.24
C PHE A 154 -0.93 95.14 47.94
N PRO A 155 0.03 95.32 47.01
CA PRO A 155 0.87 94.33 46.32
C PRO A 155 2.11 94.01 47.15
N GLU A 156 3.08 93.31 46.56
CA GLU A 156 4.39 93.19 47.18
C GLU A 156 5.07 94.56 47.18
N PRO A 157 6.05 94.77 48.08
CA PRO A 157 6.55 93.89 49.11
C PRO A 157 6.12 94.31 50.52
N VAL A 158 6.38 93.43 51.48
CA VAL A 158 6.34 93.79 52.89
C VAL A 158 7.71 93.50 53.48
N THR A 159 8.11 94.27 54.48
CA THR A 159 9.32 93.98 55.23
C THR A 159 8.90 93.59 56.65
N VAL A 160 9.59 92.60 57.20
CA VAL A 160 9.30 92.11 58.54
C VAL A 160 10.60 92.06 59.33
N SER A 161 10.61 92.69 60.50
CA SER A 161 11.73 92.59 61.41
C SER A 161 11.21 92.20 62.79
N TRP A 162 12.13 91.92 63.69
CA TRP A 162 11.79 91.50 65.05
C TRP A 162 12.49 92.34 66.06
N ASN A 163 11.72 92.86 67.03
CA ASN A 163 12.24 93.74 68.07
C ASN A 163 13.01 94.92 67.48
N SER A 164 12.40 95.54 66.48
CA SER A 164 12.96 96.69 65.76
C SER A 164 14.39 96.45 65.21
N GLY A 165 14.65 95.24 64.74
CA GLY A 165 15.96 94.87 64.20
C GLY A 165 16.93 94.25 65.21
N ALA A 166 16.58 94.31 66.50
CA ALA A 166 17.44 93.78 67.56
C ALA A 166 17.57 92.26 67.51
N LEU A 167 16.55 91.57 66.98
CA LEU A 167 16.55 90.12 66.87
C LEU A 167 16.59 89.70 65.40
N THR A 168 17.73 89.19 64.96
CA THR A 168 17.88 88.68 63.58
C THR A 168 18.29 87.22 63.55
N SER A 169 19.12 86.80 64.51
CA SER A 169 19.57 85.42 64.61
C SER A 169 18.37 84.47 64.77
N GLY A 170 18.28 83.49 63.87
CA GLY A 170 17.21 82.49 63.93
C GLY A 170 15.93 82.86 63.20
N VAL A 171 15.88 84.06 62.63
CA VAL A 171 14.69 84.54 61.94
C VAL A 171 14.61 83.95 60.53
N HIS A 172 13.42 83.50 60.15
CA HIS A 172 13.13 83.07 58.79
C HIS A 172 11.87 83.76 58.35
N THR A 173 12.00 84.69 57.40
CA THR A 173 10.83 85.33 56.79
C THR A 173 10.62 84.70 55.42
N PHE A 174 9.48 84.03 55.25
CA PHE A 174 9.23 83.23 54.06
C PHE A 174 8.82 84.08 52.87
N PRO A 175 9.16 83.62 51.65
CA PRO A 175 8.66 84.29 50.45
C PRO A 175 7.13 84.32 50.44
N ALA A 176 6.57 85.42 49.98
CA ALA A 176 5.12 85.56 49.88
C ALA A 176 4.53 84.52 48.95
N VAL A 177 3.31 84.09 49.26
CA VAL A 177 2.54 83.22 48.38
C VAL A 177 1.35 84.01 47.86
N LEU A 178 1.07 83.90 46.57
CA LEU A 178 -0.09 84.54 45.97
C LEU A 178 -1.28 83.61 46.13
N GLN A 179 -2.29 84.07 46.86
CA GLN A 179 -3.49 83.27 47.11
C GLN A 179 -4.48 83.42 45.96
N SER A 180 -5.50 82.56 45.94
CA SER A 180 -6.50 82.58 44.87
C SER A 180 -7.36 83.84 44.89
N SER A 181 -7.40 84.52 46.04
CA SER A 181 -8.07 85.81 46.15
C SER A 181 -7.35 86.93 45.39
N GLY A 182 -6.09 86.70 45.03
CA GLY A 182 -5.27 87.72 44.36
C GLY A 182 -4.39 88.48 45.35
N LEU A 183 -4.54 88.20 46.63
CA LEU A 183 -3.77 88.85 47.67
C LEU A 183 -2.58 88.00 48.07
N TYR A 184 -1.57 88.65 48.65
CA TYR A 184 -0.37 87.96 49.10
C TYR A 184 -0.47 87.63 50.58
N SER A 185 0.34 86.67 51.00
CA SER A 185 0.38 86.24 52.39
C SER A 185 1.71 85.55 52.68
N LEU A 186 2.26 85.80 53.87
CA LEU A 186 3.50 85.16 54.29
C LEU A 186 3.56 85.03 55.80
N SER A 187 4.48 84.19 56.26
CA SER A 187 4.78 84.08 57.68
C SER A 187 6.25 84.40 57.94
N SER A 188 6.51 84.97 59.10
CA SER A 188 7.87 85.18 59.57
C SER A 188 7.97 84.47 60.91
N VAL A 189 8.98 83.63 61.06
CA VAL A 189 9.14 82.85 62.27
C VAL A 189 10.54 83.02 62.85
N VAL A 190 10.67 82.77 64.15
CA VAL A 190 11.96 82.79 64.81
C VAL A 190 12.01 81.68 65.87
N THR A 191 13.14 81.00 65.95
CA THR A 191 13.38 80.03 67.00
C THR A 191 14.19 80.69 68.10
N VAL A 192 13.75 80.46 69.34
CA VAL A 192 14.40 81.02 70.52
C VAL A 192 14.47 79.96 71.60
N PRO A 193 15.32 80.17 72.62
CA PRO A 193 15.31 79.25 73.76
C PRO A 193 13.99 79.32 74.54
N SER A 194 13.52 78.17 75.00
CA SER A 194 12.26 78.08 75.75
C SER A 194 12.28 78.94 77.00
N SER A 195 13.42 78.93 77.70
CA SER A 195 13.59 79.70 78.93
C SER A 195 13.34 81.20 78.76
N SER A 196 13.59 81.71 77.55
CA SER A 196 13.43 83.13 77.27
C SER A 196 11.97 83.59 77.11
N LEU A 197 11.05 82.64 76.95
CA LEU A 197 9.64 82.98 76.69
C LEU A 197 9.01 83.80 77.82
N GLY A 198 9.32 83.44 79.06
CA GLY A 198 8.84 84.18 80.23
C GLY A 198 9.48 85.55 80.37
N THR A 199 10.76 85.66 80.02
CA THR A 199 11.57 86.86 80.27
C THR A 199 11.63 87.83 79.08
N GLN A 200 11.99 87.31 77.91
CA GLN A 200 12.22 88.16 76.72
C GLN A 200 10.91 88.45 75.98
N THR A 201 10.70 89.73 75.67
CA THR A 201 9.52 90.17 74.92
C THR A 201 9.78 90.14 73.41
N TYR A 202 8.82 89.63 72.64
CA TYR A 202 8.97 89.44 71.19
C TYR A 202 7.89 90.17 70.42
N ILE A 203 8.31 91.11 69.58
CA ILE A 203 7.40 91.91 68.75
C ILE A 203 7.84 91.84 67.29
N CYS A 204 6.93 91.52 66.39
CA CYS A 204 7.23 91.61 64.97
C CYS A 204 6.77 92.92 64.37
N ASN A 205 7.63 93.51 63.55
CA ASN A 205 7.35 94.80 62.92
C ASN A 205 7.11 94.59 61.46
N VAL A 206 5.85 94.74 61.05
CA VAL A 206 5.48 94.56 59.65
C VAL A 206 5.29 95.94 59.03
N ASN A 207 5.92 96.15 57.89
CA ASN A 207 5.84 97.42 57.19
C ASN A 207 5.40 97.18 55.74
N HIS A 208 4.34 97.86 55.34
CA HIS A 208 3.79 97.72 54.00
C HIS A 208 3.70 99.07 53.36
N LYS A 209 4.78 99.46 52.70
CA LYS A 209 4.90 100.78 52.08
C LYS A 209 3.76 101.11 51.11
N PRO A 210 3.41 100.18 50.20
CA PRO A 210 2.36 100.48 49.22
C PRO A 210 1.01 100.94 49.80
N SER A 211 0.64 100.46 50.98
CA SER A 211 -0.58 100.91 51.64
C SER A 211 -0.28 101.90 52.77
N ASN A 212 0.99 102.20 52.96
CA ASN A 212 1.43 103.10 54.02
C ASN A 212 0.95 102.65 55.41
N THR A 213 0.91 101.34 55.63
CA THR A 213 0.51 100.80 56.92
C THR A 213 1.70 100.17 57.62
N LYS A 214 1.73 100.30 58.93
CA LYS A 214 2.82 99.81 59.76
C LYS A 214 2.20 99.20 61.00
N VAL A 215 2.54 97.95 61.29
CA VAL A 215 1.93 97.22 62.39
C VAL A 215 2.99 96.52 63.24
N ASP A 216 2.88 96.70 64.56
CA ASP A 216 3.73 96.00 65.52
C ASP A 216 2.86 95.07 66.33
N LYS A 217 3.16 93.77 66.29
CA LYS A 217 2.38 92.78 67.03
C LYS A 217 3.25 92.02 68.02
N LYS A 218 2.86 92.09 69.29
CA LYS A 218 3.54 91.34 70.35
C LYS A 218 3.09 89.90 70.32
N VAL A 219 4.03 88.97 70.21
CA VAL A 219 3.71 87.54 70.18
C VAL A 219 3.95 86.94 71.55
N GLU A 220 2.88 86.56 72.23
CA GLU A 220 2.96 85.99 73.58
C GLU A 220 2.53 84.53 73.59
N PRO A 221 3.05 83.74 74.54
CA PRO A 221 2.55 82.37 74.70
C PRO A 221 1.11 82.40 75.20
N LYS A 222 0.18 81.89 74.41
CA LYS A 222 -1.26 81.96 74.73
C LYS A 222 -1.59 81.50 76.15
N SER A 223 -2.57 82.17 76.76
CA SER A 223 -3.00 81.89 78.15
C SER A 223 -4.18 80.93 78.22
N CYS A 224 -4.12 80.00 79.18
CA CYS A 224 -5.23 79.13 79.57
C CYS A 224 -5.77 79.53 80.95
N THR B 6 10.64 74.27 32.79
CA THR B 6 11.83 74.86 32.10
C THR B 6 11.74 76.40 31.95
N GLN B 7 10.71 77.00 32.56
CA GLN B 7 10.64 78.46 32.69
C GLN B 7 11.44 78.90 33.92
N SER B 8 11.65 77.96 34.85
CA SER B 8 12.42 78.20 36.05
C SER B 8 13.81 77.57 35.94
N PRO B 9 14.82 78.12 36.64
CA PRO B 9 16.16 77.56 36.52
C PRO B 9 16.31 76.15 37.08
N SER B 10 17.09 75.32 36.38
CA SER B 10 17.48 73.99 36.88
C SER B 10 18.25 74.07 38.17
N SER B 11 18.26 72.98 38.92
CA SER B 11 19.01 72.90 40.17
C SER B 11 20.22 71.97 40.07
N LEU B 12 21.30 72.35 40.73
CA LEU B 12 22.52 71.52 40.80
C LEU B 12 23.15 71.62 42.19
N SER B 13 23.44 70.47 42.79
CA SER B 13 24.07 70.43 44.11
C SER B 13 25.56 70.13 43.95
N ALA B 14 26.39 70.98 44.55
CA ALA B 14 27.84 70.83 44.46
C ALA B 14 28.54 71.20 45.77
N SER B 15 29.78 70.77 45.90
CA SER B 15 30.62 71.08 47.05
C SER B 15 31.69 72.09 46.69
N VAL B 16 32.19 72.82 47.69
CA VAL B 16 33.30 73.73 47.49
C VAL B 16 34.50 72.93 46.97
N GLY B 17 35.13 73.45 45.91
CA GLY B 17 36.26 72.78 45.27
C GLY B 17 35.88 71.95 44.06
N ASP B 18 34.58 71.73 43.85
CA ASP B 18 34.11 70.94 42.71
C ASP B 18 34.26 71.69 41.40
N ARG B 19 34.35 70.93 40.32
CA ARG B 19 34.36 71.47 38.97
C ARG B 19 32.95 71.38 38.40
N VAL B 20 32.48 72.47 37.81
CA VAL B 20 31.11 72.53 37.27
C VAL B 20 31.12 73.06 35.83
N THR B 21 30.39 72.38 34.95
CA THR B 21 30.23 72.81 33.57
C THR B 21 28.74 72.94 33.22
N ILE B 22 28.32 74.16 32.90
CA ILE B 22 26.93 74.43 32.56
C ILE B 22 26.80 74.59 31.05
N THR B 23 25.82 73.91 30.45
CA THR B 23 25.56 74.01 29.01
C THR B 23 24.42 75.00 28.77
N CYS B 24 24.59 75.84 27.75
CA CYS B 24 23.63 76.88 27.45
C CYS B 24 22.45 76.32 26.66
N ARG B 25 21.24 76.60 27.12
CA ARG B 25 20.01 76.21 26.38
C ARG B 25 19.16 77.45 26.11
N ALA B 26 19.64 78.28 25.19
CA ALA B 26 18.92 79.46 24.72
C ALA B 26 18.45 79.26 23.27
N SER B 27 18.27 78.01 22.86
CA SER B 27 17.92 77.66 21.47
C SER B 27 18.75 78.47 20.46
N GLN B 28 20.07 78.37 20.60
CA GLN B 28 21.01 79.24 19.91
C GLN B 28 21.44 78.66 18.55
N SER B 29 22.27 79.42 17.83
CA SER B 29 22.87 78.97 16.58
C SER B 29 24.39 79.11 16.63
N VAL B 30 25.06 78.71 15.54
CA VAL B 30 26.51 78.83 15.39
C VAL B 30 26.97 80.30 15.33
N SER B 31 26.12 81.16 14.76
CA SER B 31 26.43 82.58 14.57
C SER B 31 26.44 83.34 15.89
N SER B 32 25.60 82.89 16.83
CA SER B 32 25.33 83.60 18.07
C SER B 32 26.56 84.15 18.81
N ALA B 33 26.42 85.38 19.31
CA ALA B 33 27.32 85.94 20.30
C ALA B 33 26.76 85.62 21.68
N VAL B 34 27.52 84.88 22.49
CA VAL B 34 27.02 84.33 23.74
C VAL B 34 27.70 84.96 24.95
N ALA B 35 26.90 85.26 25.98
CA ALA B 35 27.41 85.82 27.23
C ALA B 35 26.93 84.98 28.41
N TRP B 36 27.62 85.10 29.54
CA TRP B 36 27.26 84.37 30.76
C TRP B 36 27.17 85.29 31.94
N TYR B 37 26.21 85.01 32.83
CA TYR B 37 25.94 85.87 33.98
C TYR B 37 25.81 85.07 35.27
N GLN B 38 26.09 85.73 36.38
CA GLN B 38 25.86 85.20 37.72
C GLN B 38 24.82 86.09 38.38
N GLN B 39 23.84 85.48 39.03
CA GLN B 39 22.86 86.24 39.80
C GLN B 39 22.68 85.65 41.19
N LYS B 40 22.69 86.50 42.20
CA LYS B 40 22.37 86.12 43.56
C LYS B 40 21.03 86.74 43.95
N PRO B 41 20.33 86.14 44.94
CA PRO B 41 19.00 86.63 45.35
C PRO B 41 18.97 88.12 45.69
N GLY B 42 17.95 88.81 45.16
CA GLY B 42 17.74 90.24 45.44
C GLY B 42 18.73 91.18 44.78
N LYS B 43 19.52 90.66 43.84
CA LYS B 43 20.57 91.44 43.17
C LYS B 43 20.49 91.33 41.65
N ALA B 44 20.99 92.35 40.97
CA ALA B 44 21.06 92.33 39.51
C ALA B 44 22.13 91.33 39.06
N PRO B 45 21.98 90.77 37.86
CA PRO B 45 23.01 89.87 37.33
C PRO B 45 24.37 90.55 37.12
N LYS B 46 25.44 89.76 37.18
CA LYS B 46 26.81 90.22 36.92
C LYS B 46 27.37 89.52 35.70
N LEU B 47 27.98 90.27 34.80
CA LEU B 47 28.58 89.71 33.59
C LEU B 47 29.86 88.94 33.94
N LEU B 48 29.96 87.72 33.43
CA LEU B 48 31.12 86.84 33.64
C LEU B 48 31.94 86.69 32.36
N ILE B 49 31.27 86.25 31.30
CA ILE B 49 31.91 85.97 30.03
C ILE B 49 31.17 86.70 28.91
N TYR B 50 31.90 87.14 27.90
CA TYR B 50 31.29 87.70 26.69
C TYR B 50 31.96 87.11 25.45
N SER B 51 31.29 87.26 24.30
CA SER B 51 31.76 86.69 23.04
C SER B 51 32.18 85.23 23.19
N ALA B 52 31.31 84.45 23.85
CA ALA B 52 31.51 83.00 24.02
C ALA B 52 32.58 82.64 25.05
N SER B 53 33.78 83.21 24.92
CA SER B 53 34.92 82.74 25.72
C SER B 53 35.81 83.83 26.35
N SER B 54 35.46 85.11 26.18
CA SER B 54 36.28 86.18 26.74
C SER B 54 35.90 86.47 28.19
N LEU B 55 36.89 86.46 29.06
CA LEU B 55 36.70 86.74 30.48
C LEU B 55 36.52 88.24 30.69
N TYR B 56 35.39 88.63 31.30
CA TYR B 56 35.13 90.05 31.54
C TYR B 56 36.05 90.60 32.61
N SER B 57 36.40 91.88 32.48
CA SER B 57 37.30 92.56 33.40
C SER B 57 36.88 92.38 34.86
N GLY B 58 37.82 91.97 35.70
CA GLY B 58 37.58 91.81 37.13
C GLY B 58 37.08 90.44 37.56
N VAL B 59 36.65 89.63 36.59
CA VAL B 59 36.09 88.31 36.90
C VAL B 59 37.22 87.32 37.12
N PRO B 60 37.15 86.53 38.21
CA PRO B 60 38.19 85.54 38.52
C PRO B 60 38.46 84.56 37.38
N SER B 61 39.71 84.09 37.29
CA SER B 61 40.15 83.25 36.18
C SER B 61 39.59 81.82 36.21
N ARG B 62 39.04 81.41 37.35
CA ARG B 62 38.41 80.09 37.46
C ARG B 62 37.16 79.94 36.61
N PHE B 63 36.56 81.07 36.23
CA PHE B 63 35.45 81.10 35.26
C PHE B 63 36.01 81.09 33.85
N SER B 64 35.51 80.20 33.01
CA SER B 64 35.89 80.15 31.60
C SER B 64 34.70 79.76 30.75
N GLY B 65 34.67 80.29 29.53
CA GLY B 65 33.62 79.98 28.56
C GLY B 65 34.20 79.31 27.35
N SER B 66 33.41 78.44 26.72
CA SER B 66 33.88 77.69 25.56
C SER B 66 32.74 77.43 24.58
N ARG B 67 33.11 77.30 23.31
CA ARG B 67 32.16 77.04 22.24
C ARG B 67 32.60 75.80 21.49
N SER B 68 31.70 74.85 21.34
CA SER B 68 31.95 73.65 20.54
C SER B 68 30.79 73.43 19.59
N GLY B 69 30.96 73.87 18.35
CA GLY B 69 29.89 73.82 17.35
C GLY B 69 28.71 74.69 17.78
N THR B 70 27.58 74.04 18.03
CA THR B 70 26.36 74.73 18.44
C THR B 70 26.23 74.80 19.97
N ASP B 71 27.13 74.12 20.68
CA ASP B 71 27.05 73.99 22.13
C ASP B 71 27.97 74.98 22.84
N PHE B 72 27.38 75.83 23.67
CA PHE B 72 28.12 76.84 24.43
C PHE B 72 28.15 76.44 25.89
N THR B 73 29.31 76.65 26.52
CA THR B 73 29.58 76.07 27.82
C THR B 73 30.26 77.07 28.75
N LEU B 74 29.88 77.02 30.03
CA LEU B 74 30.55 77.79 31.08
C LEU B 74 31.14 76.80 32.08
N THR B 75 32.42 76.92 32.37
CA THR B 75 33.07 76.06 33.37
C THR B 75 33.63 76.87 34.53
N ILE B 76 33.34 76.41 35.75
CA ILE B 76 33.97 76.93 36.96
C ILE B 76 34.92 75.84 37.44
N SER B 77 36.22 76.07 37.25
CA SER B 77 37.20 75.00 37.50
C SER B 77 37.28 74.56 38.97
N SER B 78 37.05 75.47 39.91
CA SER B 78 37.03 75.11 41.33
C SER B 78 36.05 76.00 42.10
N LEU B 79 34.90 75.42 42.48
CA LEU B 79 33.82 76.17 43.12
C LEU B 79 34.27 76.78 44.45
N GLN B 80 34.02 78.07 44.61
CA GLN B 80 34.31 78.79 45.86
C GLN B 80 33.00 79.11 46.57
N PRO B 81 33.04 79.40 47.88
CA PRO B 81 31.82 79.70 48.63
C PRO B 81 30.96 80.81 48.02
N GLU B 82 31.61 81.83 47.48
CA GLU B 82 30.91 82.97 46.86
C GLU B 82 30.29 82.64 45.50
N ASP B 83 30.66 81.49 44.93
CA ASP B 83 30.18 81.09 43.60
C ASP B 83 28.81 80.43 43.61
N PHE B 84 28.30 80.09 44.78
CA PHE B 84 26.98 79.49 44.87
C PHE B 84 25.91 80.52 44.58
N ALA B 85 25.29 80.38 43.41
CA ALA B 85 24.36 81.35 42.88
C ALA B 85 23.69 80.76 41.66
N THR B 86 22.90 81.57 40.95
CA THR B 86 22.25 81.13 39.72
C THR B 86 23.04 81.66 38.51
N TYR B 87 23.16 80.83 37.49
CA TYR B 87 23.93 81.18 36.30
C TYR B 87 23.05 81.12 35.05
N TYR B 88 23.14 82.16 34.22
CA TYR B 88 22.40 82.24 32.97
C TYR B 88 23.32 82.48 31.80
N CYS B 89 23.03 81.86 30.67
CA CYS B 89 23.66 82.23 29.41
C CYS B 89 22.72 83.16 28.64
N GLN B 90 23.29 83.95 27.74
CA GLN B 90 22.54 84.82 26.86
C GLN B 90 23.03 84.59 25.43
N GLN B 91 22.09 84.48 24.50
CA GLN B 91 22.42 84.35 23.09
C GLN B 91 21.82 85.53 22.33
N SER B 92 22.68 86.27 21.63
CA SER B 92 22.26 87.41 20.82
C SER B 92 22.34 87.05 19.34
N SER B 93 21.21 87.19 18.65
CA SER B 93 21.17 86.97 17.21
C SER B 93 21.21 88.33 16.53
N SER B 94 20.81 88.39 15.26
CA SER B 94 20.83 89.64 14.51
C SER B 94 19.67 90.58 14.88
N SER B 95 18.64 90.07 15.54
CA SER B 95 17.48 90.89 15.91
C SER B 95 16.80 90.49 17.22
N LEU B 96 17.49 89.71 18.04
CA LEU B 96 16.84 89.05 19.18
C LEU B 96 17.89 88.67 20.22
N ILE B 97 17.51 88.79 21.49
CA ILE B 97 18.32 88.28 22.59
C ILE B 97 17.50 87.26 23.35
N THR B 98 18.09 86.11 23.65
CA THR B 98 17.43 85.05 24.40
C THR B 98 18.29 84.64 25.58
N PHE B 99 17.71 84.64 26.77
CA PHE B 99 18.34 84.08 27.94
C PHE B 99 17.95 82.63 28.09
N GLY B 100 18.88 81.79 28.53
CA GLY B 100 18.60 80.37 28.74
C GLY B 100 17.89 80.12 30.05
N GLN B 101 17.45 78.87 30.24
CA GLN B 101 16.76 78.45 31.45
C GLN B 101 17.53 78.81 32.72
N GLY B 102 18.84 78.55 32.70
CA GLY B 102 19.70 78.89 33.83
C GLY B 102 19.83 77.76 34.83
N THR B 103 20.94 77.74 35.56
CA THR B 103 21.22 76.72 36.55
C THR B 103 21.49 77.35 37.90
N LYS B 104 20.79 76.87 38.92
CA LYS B 104 20.99 77.34 40.29
C LYS B 104 21.90 76.36 41.02
N VAL B 105 23.10 76.81 41.36
CA VAL B 105 24.07 75.95 42.04
C VAL B 105 23.93 76.10 43.55
N GLU B 106 23.54 75.00 44.22
CA GLU B 106 23.34 74.98 45.66
C GLU B 106 24.40 74.15 46.37
N ILE B 107 24.58 74.40 47.67
CA ILE B 107 25.66 73.79 48.44
C ILE B 107 25.25 72.40 48.91
N LYS B 108 26.11 71.42 48.64
CA LYS B 108 25.91 70.06 49.12
C LYS B 108 26.23 70.04 50.62
N ARG B 109 25.59 69.14 51.35
CA ARG B 109 25.62 69.17 52.80
C ARG B 109 25.15 67.83 53.36
N THR B 110 25.55 67.51 54.58
CA THR B 110 25.06 66.30 55.25
C THR B 110 23.56 66.42 55.54
N VAL B 111 22.89 65.29 55.64
CA VAL B 111 21.45 65.24 55.88
C VAL B 111 21.13 65.80 57.27
N ALA B 112 20.12 66.66 57.34
CA ALA B 112 19.68 67.24 58.61
C ALA B 112 18.15 67.16 58.69
N ALA B 113 17.66 66.50 59.75
CA ALA B 113 16.23 66.35 59.97
C ALA B 113 15.63 67.70 60.36
N PRO B 114 14.37 67.95 59.95
CA PRO B 114 13.69 69.18 60.34
C PRO B 114 13.12 69.13 61.75
N SER B 115 13.23 70.24 62.47
CA SER B 115 12.41 70.46 63.66
C SER B 115 11.02 70.85 63.16
N VAL B 116 9.99 70.17 63.67
CA VAL B 116 8.62 70.42 63.21
C VAL B 116 7.78 71.09 64.29
N PHE B 117 7.01 72.10 63.90
CA PHE B 117 6.15 72.83 64.82
C PHE B 117 4.79 73.06 64.16
N ILE B 118 3.74 73.03 64.96
CA ILE B 118 2.39 73.33 64.48
C ILE B 118 1.80 74.51 65.25
N PHE B 119 1.09 75.38 64.53
CA PHE B 119 0.50 76.57 65.11
C PHE B 119 -0.99 76.63 64.82
N PRO B 120 -1.85 76.56 65.85
CA PRO B 120 -3.27 76.74 65.60
C PRO B 120 -3.57 78.19 65.27
N PRO B 121 -4.75 78.46 64.68
CA PRO B 121 -5.12 79.84 64.41
C PRO B 121 -5.34 80.65 65.69
N SER B 122 -4.96 81.92 65.65
CA SER B 122 -5.14 82.82 66.80
C SER B 122 -6.62 83.16 66.94
N ASP B 123 -7.01 83.58 68.15
CA ASP B 123 -8.37 84.03 68.40
C ASP B 123 -8.66 85.31 67.61
N SER B 124 -7.63 86.14 67.44
CA SER B 124 -7.76 87.36 66.62
C SER B 124 -8.18 87.05 65.20
N GLN B 125 -7.59 86.01 64.58
CA GLN B 125 -7.96 85.64 63.22
C GLN B 125 -9.35 85.02 63.16
N LEU B 126 -9.66 84.14 64.12
CA LEU B 126 -10.98 83.51 64.21
C LEU B 126 -12.11 84.54 64.24
N LYS B 127 -11.87 85.68 64.91
CA LYS B 127 -12.82 86.79 64.91
C LYS B 127 -13.08 87.31 63.49
N SER B 128 -12.02 87.45 62.70
CA SER B 128 -12.13 88.02 61.35
C SER B 128 -12.86 87.12 60.35
N GLY B 129 -13.07 85.85 60.70
CA GLY B 129 -13.89 84.95 59.90
C GLY B 129 -13.13 83.86 59.14
N THR B 130 -11.81 83.88 59.24
CA THR B 130 -10.97 82.84 58.62
C THR B 130 -10.08 82.14 59.65
N ALA B 131 -9.49 81.03 59.25
CA ALA B 131 -8.65 80.21 60.13
C ALA B 131 -7.46 79.64 59.37
N SER B 132 -6.26 80.05 59.75
CA SER B 132 -5.03 79.55 59.14
C SER B 132 -4.28 78.69 60.15
N VAL B 133 -3.95 77.46 59.76
CA VAL B 133 -3.13 76.57 60.57
C VAL B 133 -1.78 76.43 59.90
N VAL B 134 -0.72 76.79 60.61
CA VAL B 134 0.64 76.79 60.05
C VAL B 134 1.47 75.65 60.60
N CYS B 135 2.15 74.94 59.70
CA CYS B 135 3.06 73.86 60.06
C CYS B 135 4.46 74.26 59.59
N LEU B 136 5.41 74.32 60.52
CA LEU B 136 6.77 74.81 60.23
C LEU B 136 7.78 73.68 60.26
N LEU B 137 8.56 73.56 59.18
CA LEU B 137 9.69 72.65 59.12
C LEU B 137 10.96 73.49 59.13
N ASN B 138 11.75 73.36 60.20
CA ASN B 138 12.87 74.27 60.42
C ASN B 138 14.24 73.62 60.22
N ASN B 139 15.11 74.31 59.47
CA ASN B 139 16.53 73.97 59.30
C ASN B 139 16.79 72.51 58.94
N PHE B 140 16.46 72.13 57.71
CA PHE B 140 16.65 70.77 57.24
C PHE B 140 17.38 70.70 55.91
N TYR B 141 17.88 69.51 55.58
CA TYR B 141 18.52 69.25 54.31
C TYR B 141 18.43 67.76 54.01
N PRO B 142 18.15 67.39 52.74
CA PRO B 142 17.97 68.23 51.56
C PRO B 142 16.60 68.90 51.50
N ARG B 143 16.43 69.72 50.46
CA ARG B 143 15.23 70.52 50.25
C ARG B 143 13.96 69.69 50.15
N GLU B 144 14.06 68.47 49.61
CA GLU B 144 12.89 67.64 49.33
C GLU B 144 12.23 67.16 50.61
N ALA B 145 11.09 67.75 50.95
CA ALA B 145 10.29 67.32 52.08
C ALA B 145 8.85 67.10 51.62
N LYS B 146 8.12 66.28 52.38
CA LYS B 146 6.72 66.01 52.09
C LYS B 146 5.90 66.34 53.33
N VAL B 147 4.96 67.26 53.19
CA VAL B 147 4.12 67.71 54.29
C VAL B 147 2.66 67.47 53.94
N GLN B 148 2.02 66.56 54.67
CA GLN B 148 0.64 66.18 54.40
C GLN B 148 -0.24 66.59 55.58
N TRP B 149 -1.42 67.14 55.29
CA TRP B 149 -2.35 67.59 56.32
C TRP B 149 -3.41 66.57 56.57
N LYS B 150 -3.78 66.41 57.84
CA LYS B 150 -4.88 65.54 58.27
C LYS B 150 -5.85 66.31 59.13
N VAL B 151 -7.14 66.22 58.83
CA VAL B 151 -8.19 66.84 59.64
C VAL B 151 -9.21 65.78 59.99
N ASP B 152 -9.32 65.48 61.29
CA ASP B 152 -10.16 64.36 61.77
C ASP B 152 -9.84 63.07 61.01
N ASN B 153 -8.55 62.82 60.82
CA ASN B 153 -8.06 61.63 60.14
C ASN B 153 -8.33 61.58 58.62
N ALA B 154 -8.77 62.69 58.04
CA ALA B 154 -8.99 62.79 56.60
C ALA B 154 -7.81 63.52 55.96
N LEU B 155 -7.08 62.82 55.10
CA LEU B 155 -5.96 63.43 54.38
C LEU B 155 -6.47 64.56 53.50
N GLN B 156 -5.80 65.70 53.55
CA GLN B 156 -6.23 66.89 52.80
C GLN B 156 -5.36 67.14 51.57
N SER B 157 -5.94 67.82 50.60
CA SER B 157 -5.21 68.30 49.44
C SER B 157 -6.00 69.42 48.76
N GLY B 158 -5.31 70.53 48.47
CA GLY B 158 -5.92 71.65 47.77
C GLY B 158 -6.22 72.85 48.64
N ASN B 159 -6.25 72.66 49.96
CA ASN B 159 -6.53 73.76 50.89
C ASN B 159 -5.30 74.21 51.67
N SER B 160 -4.12 73.94 51.13
CA SER B 160 -2.86 74.35 51.76
C SER B 160 -1.85 74.80 50.72
N GLN B 161 -0.96 75.69 51.13
CA GLN B 161 0.09 76.19 50.26
C GLN B 161 1.43 76.18 50.99
N GLU B 162 2.50 75.84 50.28
CA GLU B 162 3.83 75.75 50.85
C GLU B 162 4.69 76.92 50.41
N SER B 163 5.66 77.25 51.25
CA SER B 163 6.67 78.25 50.92
C SER B 163 8.00 77.81 51.52
N VAL B 164 9.06 77.92 50.73
CA VAL B 164 10.39 77.46 51.12
C VAL B 164 11.38 78.62 51.09
N THR B 165 12.23 78.71 52.10
CA THR B 165 13.27 79.74 52.11
C THR B 165 14.42 79.39 51.18
N GLU B 166 15.24 80.39 50.91
CA GLU B 166 16.47 80.20 50.17
C GLU B 166 17.47 79.47 51.08
N GLN B 167 18.42 78.75 50.49
CA GLN B 167 19.41 78.01 51.28
C GLN B 167 20.15 78.98 52.21
N ASP B 168 20.23 78.61 53.49
CA ASP B 168 20.81 79.49 54.51
C ASP B 168 22.32 79.62 54.34
N SER B 169 22.82 80.84 54.46
CA SER B 169 24.25 81.12 54.26
C SER B 169 25.13 80.55 55.37
N LYS B 170 24.61 80.47 56.59
CA LYS B 170 25.39 80.00 57.74
C LYS B 170 25.52 78.47 57.77
N ASP B 171 24.38 77.76 57.72
CA ASP B 171 24.37 76.31 57.91
C ASP B 171 23.88 75.51 56.69
N SER B 172 23.60 76.20 55.57
CA SER B 172 23.22 75.55 54.31
C SER B 172 21.94 74.72 54.37
N THR B 173 21.05 75.03 55.32
CA THR B 173 19.78 74.33 55.47
C THR B 173 18.62 75.12 54.86
N TYR B 174 17.52 74.43 54.65
CA TYR B 174 16.28 75.05 54.20
C TYR B 174 15.28 75.05 55.34
N SER B 175 14.31 75.94 55.24
CA SER B 175 13.14 75.91 56.11
C SER B 175 11.88 76.05 55.25
N LEU B 176 10.79 75.46 55.71
CA LEU B 176 9.56 75.39 54.93
C LEU B 176 8.34 75.65 55.81
N SER B 177 7.36 76.35 55.25
CA SER B 177 6.07 76.54 55.91
C SER B 177 4.97 75.96 55.04
N SER B 178 4.02 75.30 55.68
CA SER B 178 2.79 74.86 55.01
C SER B 178 1.63 75.46 55.78
N THR B 179 0.71 76.11 55.07
CA THR B 179 -0.40 76.80 55.69
C THR B 179 -1.72 76.24 55.19
N LEU B 180 -2.44 75.57 56.08
CA LEU B 180 -3.79 75.09 55.81
C LEU B 180 -4.76 76.24 56.08
N THR B 181 -5.58 76.59 55.10
CA THR B 181 -6.55 77.68 55.24
C THR B 181 -7.97 77.17 55.11
N LEU B 182 -8.80 77.47 56.11
CA LEU B 182 -10.22 77.16 56.10
C LEU B 182 -11.02 78.38 56.53
N SER B 183 -12.32 78.35 56.28
CA SER B 183 -13.22 79.35 56.84
C SER B 183 -13.42 79.04 58.33
N LYS B 184 -13.85 80.04 59.09
CA LYS B 184 -14.13 79.85 60.51
C LYS B 184 -15.13 78.70 60.69
N ALA B 185 -16.21 78.74 59.91
CA ALA B 185 -17.24 77.72 59.97
C ALA B 185 -16.66 76.31 59.82
N ASP B 186 -15.85 76.10 58.78
CA ASP B 186 -15.25 74.80 58.51
C ASP B 186 -14.26 74.38 59.60
N TYR B 187 -13.49 75.34 60.10
CA TYR B 187 -12.56 75.07 61.20
C TYR B 187 -13.30 74.54 62.42
N GLU B 188 -14.46 75.14 62.72
CA GLU B 188 -15.27 74.73 63.88
C GLU B 188 -15.88 73.33 63.73
N LYS B 189 -16.08 72.88 62.49
CA LYS B 189 -16.66 71.55 62.25
C LYS B 189 -15.76 70.37 62.63
N HIS B 190 -14.47 70.62 62.84
CA HIS B 190 -13.51 69.54 63.06
C HIS B 190 -12.70 69.73 64.31
N LYS B 191 -12.27 68.62 64.90
CA LYS B 191 -11.57 68.64 66.20
C LYS B 191 -10.05 68.54 66.10
N VAL B 192 -9.55 67.48 65.47
CA VAL B 192 -8.09 67.20 65.46
C VAL B 192 -7.42 67.65 64.16
N TYR B 193 -6.40 68.50 64.30
CA TYR B 193 -5.62 69.01 63.18
C TYR B 193 -4.17 68.56 63.30
N ALA B 194 -3.64 67.96 62.24
CA ALA B 194 -2.29 67.38 62.26
C ALA B 194 -1.57 67.60 60.92
N CYS B 195 -0.27 67.86 60.98
CA CYS B 195 0.56 67.82 59.77
C CYS B 195 1.59 66.71 59.93
N GLU B 196 1.68 65.85 58.93
CA GLU B 196 2.62 64.72 58.93
C GLU B 196 3.78 65.05 58.01
N VAL B 197 5.00 64.98 58.54
CA VAL B 197 6.19 65.32 57.80
C VAL B 197 7.04 64.08 57.56
N THR B 198 7.33 63.78 56.30
CA THR B 198 8.28 62.73 55.94
C THR B 198 9.49 63.38 55.29
N HIS B 199 10.67 62.89 55.63
CA HIS B 199 11.92 63.48 55.17
C HIS B 199 13.05 62.50 55.32
N GLN B 200 14.06 62.63 54.46
CA GLN B 200 15.20 61.72 54.42
C GLN B 200 15.88 61.52 55.77
N GLY B 201 16.05 62.59 56.52
CA GLY B 201 16.69 62.55 57.84
C GLY B 201 15.78 62.06 58.96
N LEU B 202 14.57 61.64 58.61
CA LEU B 202 13.61 61.07 59.55
C LEU B 202 13.42 59.59 59.25
N SER B 203 13.79 58.74 60.21
CA SER B 203 13.61 57.29 60.07
C SER B 203 12.13 56.92 59.96
N SER B 204 11.27 57.68 60.64
CA SER B 204 9.82 57.54 60.51
C SER B 204 9.18 58.91 60.36
N PRO B 205 7.97 58.96 59.76
CA PRO B 205 7.25 60.22 59.62
C PRO B 205 6.86 60.83 60.97
N VAL B 206 7.08 62.14 61.12
CA VAL B 206 6.77 62.85 62.35
C VAL B 206 5.45 63.59 62.20
N THR B 207 4.57 63.44 63.19
CA THR B 207 3.29 64.14 63.20
C THR B 207 3.22 65.10 64.38
N LYS B 208 2.93 66.37 64.10
CA LYS B 208 2.58 67.32 65.13
C LYS B 208 1.11 67.63 64.97
N SER B 209 0.39 67.68 66.09
CA SER B 209 -1.06 67.86 66.06
C SER B 209 -1.58 68.57 67.30
N PHE B 210 -2.79 69.12 67.18
CA PHE B 210 -3.50 69.70 68.31
C PHE B 210 -4.99 69.45 68.15
N ASN B 211 -5.73 69.60 69.24
CA ASN B 211 -7.19 69.53 69.20
C ASN B 211 -7.73 70.94 69.36
N ARG B 212 -8.71 71.32 68.52
CA ARG B 212 -9.23 72.71 68.62
C ARG B 212 -9.96 72.92 69.94
N GLY B 213 -9.59 74.00 70.60
CA GLY B 213 -10.12 74.35 71.90
C GLY B 213 -9.26 74.09 73.12
N GLU B 214 -8.13 73.39 72.95
CA GLU B 214 -7.35 72.95 74.11
C GLU B 214 -6.05 73.74 74.34
N CYS B 215 -5.53 73.66 75.57
CA CYS B 215 -4.20 74.15 75.91
C CYS B 215 -3.14 73.30 75.21
N GLU C 4 67.27 -4.49 -39.27
CA GLU C 4 66.00 -5.25 -39.10
C GLU C 4 65.87 -6.41 -40.09
N VAL C 5 65.10 -7.39 -39.66
CA VAL C 5 64.92 -8.61 -40.41
C VAL C 5 63.99 -8.46 -41.62
N GLN C 6 64.43 -8.98 -42.77
CA GLN C 6 63.56 -9.06 -43.93
C GLN C 6 63.97 -10.08 -44.98
N LEU C 7 63.01 -10.42 -45.82
CA LEU C 7 63.15 -11.43 -46.85
C LEU C 7 62.69 -10.86 -48.18
N VAL C 8 63.61 -10.75 -49.14
CA VAL C 8 63.30 -10.22 -50.47
C VAL C 8 63.32 -11.33 -51.51
N GLU C 9 62.19 -11.55 -52.17
CA GLU C 9 62.08 -12.59 -53.19
C GLU C 9 62.39 -12.06 -54.58
N SER C 10 62.96 -12.94 -55.41
CA SER C 10 63.26 -12.61 -56.80
C SER C 10 62.85 -13.76 -57.69
N GLY C 11 62.75 -13.46 -58.99
CA GLY C 11 62.34 -14.44 -59.98
C GLY C 11 60.84 -14.59 -60.03
N GLY C 12 60.38 -15.56 -60.81
CA GLY C 12 58.95 -15.81 -61.01
C GLY C 12 58.51 -15.43 -62.41
N GLY C 13 57.21 -15.45 -62.64
CA GLY C 13 56.63 -15.01 -63.91
C GLY C 13 55.92 -16.14 -64.65
N LEU C 14 55.93 -16.05 -65.97
CA LEU C 14 55.23 -16.99 -66.82
C LEU C 14 56.20 -18.11 -67.21
N VAL C 15 55.73 -19.36 -67.12
CA VAL C 15 56.49 -20.53 -67.56
C VAL C 15 55.54 -21.58 -68.13
N GLN C 16 56.00 -22.31 -69.14
CA GLN C 16 55.17 -23.32 -69.80
C GLN C 16 55.13 -24.62 -69.01
N PRO C 17 54.06 -25.41 -69.18
CA PRO C 17 53.98 -26.73 -68.54
C PRO C 17 55.19 -27.60 -68.89
N GLY C 18 55.73 -28.30 -67.89
CA GLY C 18 56.94 -29.09 -68.06
C GLY C 18 58.22 -28.29 -67.87
N GLY C 19 58.09 -26.97 -67.71
CA GLY C 19 59.23 -26.07 -67.65
C GLY C 19 59.87 -25.99 -66.28
N SER C 20 60.96 -25.23 -66.21
CA SER C 20 61.75 -25.09 -64.99
C SER C 20 61.92 -23.63 -64.63
N LEU C 21 61.92 -23.35 -63.33
CA LEU C 21 61.99 -21.98 -62.83
C LEU C 21 62.56 -21.99 -61.42
N ARG C 22 63.41 -21.00 -61.10
CA ARG C 22 63.97 -20.90 -59.76
C ARG C 22 63.59 -19.59 -59.08
N LEU C 23 63.05 -19.69 -57.87
CA LEU C 23 62.75 -18.54 -57.05
C LEU C 23 63.87 -18.31 -56.04
N SER C 24 64.13 -17.05 -55.71
CA SER C 24 65.15 -16.67 -54.74
C SER C 24 64.52 -16.00 -53.54
N CYS C 25 65.16 -16.14 -52.39
CA CYS C 25 64.72 -15.52 -51.16
C CYS C 25 65.93 -14.98 -50.41
N ALA C 26 66.27 -13.72 -50.67
CA ALA C 26 67.44 -13.07 -50.06
C ALA C 26 67.13 -12.56 -48.67
N ALA C 27 67.90 -13.03 -47.68
CA ALA C 27 67.67 -12.69 -46.29
C ALA C 27 68.63 -11.61 -45.80
N SER C 28 68.14 -10.76 -44.91
CA SER C 28 69.00 -9.83 -44.19
C SER C 28 68.43 -9.62 -42.79
N GLY C 29 69.31 -9.26 -41.85
CA GLY C 29 68.92 -9.13 -40.45
C GLY C 29 69.03 -10.42 -39.68
N PHE C 30 69.32 -11.52 -40.36
CA PHE C 30 69.58 -12.80 -39.70
C PHE C 30 70.34 -13.76 -40.62
N ASN C 31 70.98 -14.76 -40.02
CA ASN C 31 71.82 -15.70 -40.76
C ASN C 31 71.02 -16.93 -41.17
N VAL C 32 70.91 -17.15 -42.48
CA VAL C 32 70.14 -18.27 -43.02
C VAL C 32 70.70 -19.63 -42.60
N SER C 33 72.01 -19.68 -42.35
CA SER C 33 72.67 -20.92 -41.95
C SER C 33 72.35 -21.35 -40.52
N TYR C 34 71.80 -20.44 -39.71
CA TYR C 34 71.35 -20.77 -38.34
C TYR C 34 69.85 -20.57 -38.17
N SER C 35 69.12 -20.59 -39.29
CA SER C 35 67.67 -20.42 -39.28
C SER C 35 67.03 -21.41 -40.22
N SER C 36 65.70 -21.43 -40.23
CA SER C 36 64.96 -22.25 -41.18
C SER C 36 64.20 -21.35 -42.14
N ILE C 37 64.18 -21.76 -43.41
CA ILE C 37 63.42 -21.07 -44.44
C ILE C 37 62.36 -22.00 -44.98
N HIS C 38 61.19 -21.43 -45.25
CA HIS C 38 60.04 -22.21 -45.70
C HIS C 38 59.42 -21.56 -46.88
N TRP C 39 58.95 -22.38 -47.82
CA TRP C 39 58.19 -21.89 -48.96
C TRP C 39 56.76 -22.28 -48.82
N VAL C 40 55.87 -21.29 -48.95
CA VAL C 40 54.44 -21.49 -48.89
C VAL C 40 53.82 -20.79 -50.09
N ARG C 41 52.83 -21.43 -50.72
CA ARG C 41 52.19 -20.87 -51.91
C ARG C 41 50.68 -20.72 -51.73
N GLN C 42 50.10 -19.87 -52.56
CA GLN C 42 48.68 -19.56 -52.48
C GLN C 42 48.13 -19.33 -53.88
N ALA C 43 47.30 -20.26 -54.34
CA ALA C 43 46.63 -20.12 -55.62
C ALA C 43 45.56 -19.03 -55.50
N PRO C 44 45.26 -18.33 -56.61
CA PRO C 44 44.25 -17.25 -56.56
C PRO C 44 42.94 -17.68 -55.90
N GLY C 45 42.53 -16.95 -54.87
CA GLY C 45 41.28 -17.22 -54.14
C GLY C 45 41.28 -18.48 -53.30
N LYS C 46 42.44 -19.09 -53.11
CA LYS C 46 42.56 -20.36 -52.38
C LYS C 46 43.37 -20.15 -51.10
N GLY C 47 43.45 -21.20 -50.29
CA GLY C 47 44.16 -21.13 -49.02
C GLY C 47 45.67 -21.26 -49.16
N LEU C 48 46.36 -21.14 -48.03
CA LEU C 48 47.80 -21.34 -47.97
C LEU C 48 48.15 -22.82 -48.15
N GLU C 49 49.21 -23.09 -48.90
CA GLU C 49 49.71 -24.46 -49.06
C GLU C 49 51.22 -24.47 -48.84
N TRP C 50 51.66 -25.26 -47.87
CA TRP C 50 53.08 -25.48 -47.62
C TRP C 50 53.71 -26.25 -48.73
N VAL C 51 54.90 -25.82 -49.15
CA VAL C 51 55.60 -26.43 -50.29
C VAL C 51 56.86 -27.15 -49.84
N ALA C 52 57.72 -26.47 -49.09
CA ALA C 52 59.00 -27.03 -48.68
C ALA C 52 59.64 -26.26 -47.52
N SER C 53 60.56 -26.92 -46.82
CA SER C 53 61.29 -26.33 -45.70
C SER C 53 62.75 -26.76 -45.74
N ILE C 54 63.65 -25.89 -45.28
CA ILE C 54 65.07 -26.22 -45.19
C ILE C 54 65.65 -25.79 -43.85
N TYR C 55 66.47 -26.68 -43.27
CA TYR C 55 67.19 -26.41 -42.04
C TYR C 55 68.67 -26.65 -42.30
N SER C 56 69.36 -25.62 -42.80
CA SER C 56 70.74 -25.75 -43.26
C SER C 56 71.71 -26.30 -42.21
N TYR C 57 71.54 -25.88 -40.97
CA TYR C 57 72.45 -26.29 -39.90
C TYR C 57 72.49 -27.82 -39.75
N TYR C 58 71.32 -28.46 -39.83
CA TYR C 58 71.21 -29.91 -39.71
C TYR C 58 71.27 -30.65 -41.04
N GLY C 59 71.04 -29.92 -42.14
CA GLY C 59 71.04 -30.51 -43.47
C GLY C 59 69.75 -31.26 -43.80
N TYR C 60 68.67 -30.89 -43.11
CA TYR C 60 67.37 -31.49 -43.34
C TYR C 60 66.54 -30.65 -44.31
N THR C 61 65.89 -31.33 -45.25
CA THR C 61 64.92 -30.69 -46.12
C THR C 61 63.64 -31.52 -46.13
N TYR C 62 62.49 -30.84 -46.24
CA TYR C 62 61.20 -31.50 -46.23
C TYR C 62 60.34 -30.93 -47.36
N TYR C 63 59.47 -31.76 -47.93
CA TYR C 63 58.67 -31.40 -49.09
C TYR C 63 57.22 -31.87 -48.95
N ALA C 64 56.29 -31.10 -49.50
CA ALA C 64 54.90 -31.54 -49.58
C ALA C 64 54.81 -32.63 -50.64
N ASP C 65 53.88 -33.56 -50.45
CA ASP C 65 53.70 -34.65 -51.42
C ASP C 65 53.38 -34.16 -52.82
N SER C 66 52.62 -33.07 -52.91
CA SER C 66 52.22 -32.51 -54.19
C SER C 66 53.39 -31.99 -55.06
N VAL C 67 54.55 -31.73 -54.43
CA VAL C 67 55.72 -31.23 -55.16
C VAL C 67 56.95 -32.15 -55.08
N LYS C 68 56.83 -33.25 -54.33
CA LYS C 68 57.97 -34.13 -54.08
C LYS C 68 58.51 -34.71 -55.39
N GLY C 69 59.83 -34.70 -55.54
CA GLY C 69 60.49 -35.19 -56.75
C GLY C 69 60.53 -34.20 -57.90
N ARG C 70 59.85 -33.07 -57.76
CA ARG C 70 59.80 -32.04 -58.80
C ARG C 70 60.46 -30.75 -58.34
N PHE C 71 60.25 -30.38 -57.07
CA PHE C 71 60.78 -29.14 -56.50
C PHE C 71 61.97 -29.45 -55.60
N THR C 72 62.93 -28.54 -55.55
CA THR C 72 64.07 -28.66 -54.63
C THR C 72 64.31 -27.35 -53.90
N ILE C 73 64.40 -27.43 -52.58
CA ILE C 73 64.73 -26.29 -51.74
C ILE C 73 66.21 -26.34 -51.38
N SER C 74 66.87 -25.19 -51.34
CA SER C 74 68.30 -25.13 -51.05
C SER C 74 68.68 -23.77 -50.49
N ALA C 75 69.94 -23.63 -50.06
CA ALA C 75 70.44 -22.38 -49.49
C ALA C 75 71.92 -22.15 -49.81
N ASP C 76 72.26 -20.91 -50.13
CA ASP C 76 73.66 -20.48 -50.29
C ASP C 76 74.05 -19.64 -49.08
N THR C 77 74.82 -20.24 -48.19
CA THR C 77 75.27 -19.61 -46.96
C THR C 77 75.98 -18.27 -47.21
N SER C 78 76.90 -18.28 -48.19
CA SER C 78 77.71 -17.09 -48.47
C SER C 78 76.88 -15.91 -48.97
N LYS C 79 75.85 -16.19 -49.76
CA LYS C 79 74.94 -15.13 -50.25
C LYS C 79 73.73 -14.91 -49.33
N ASN C 80 73.66 -15.66 -48.24
CA ASN C 80 72.55 -15.56 -47.30
C ASN C 80 71.19 -15.60 -48.00
N THR C 81 71.05 -16.52 -48.94
CA THR C 81 69.87 -16.63 -49.78
C THR C 81 69.38 -18.08 -49.85
N ALA C 82 68.06 -18.26 -49.83
CA ALA C 82 67.45 -19.57 -50.02
C ALA C 82 66.81 -19.60 -51.40
N TYR C 83 66.67 -20.81 -51.96
CA TYR C 83 66.14 -20.98 -53.30
C TYR C 83 65.07 -22.07 -53.33
N LEU C 84 64.16 -21.96 -54.30
CA LEU C 84 63.21 -23.02 -54.60
C LEU C 84 63.30 -23.31 -56.10
N GLN C 85 63.95 -24.42 -56.46
CA GLN C 85 64.03 -24.86 -57.84
C GLN C 85 62.76 -25.62 -58.18
N MET C 86 61.99 -25.11 -59.14
CA MET C 86 60.73 -25.73 -59.53
C MET C 86 60.88 -26.33 -60.92
N ASN C 87 60.80 -27.65 -61.00
CA ASN C 87 60.88 -28.37 -62.28
C ASN C 87 59.57 -29.09 -62.59
N SER C 88 59.42 -29.53 -63.83
CA SER C 88 58.22 -30.23 -64.28
C SER C 88 56.95 -29.50 -63.84
N LEU C 89 56.91 -28.19 -64.05
CA LEU C 89 55.78 -27.39 -63.60
C LEU C 89 54.47 -27.80 -64.29
N ARG C 90 53.38 -27.69 -63.55
CA ARG C 90 52.04 -27.97 -64.05
C ARG C 90 51.13 -26.78 -63.81
N ALA C 91 50.01 -26.72 -64.54
CA ALA C 91 49.06 -25.61 -64.41
C ALA C 91 48.65 -25.36 -62.96
N GLU C 92 48.42 -26.43 -62.20
CA GLU C 92 47.98 -26.31 -60.81
C GLU C 92 49.06 -25.81 -59.84
N ASP C 93 50.30 -25.64 -60.33
CA ASP C 93 51.35 -24.98 -59.55
C ASP C 93 51.24 -23.46 -59.63
N THR C 94 50.31 -22.95 -60.44
CA THR C 94 50.10 -21.52 -60.55
C THR C 94 49.70 -20.96 -59.19
N ALA C 95 50.49 -20.02 -58.67
CA ALA C 95 50.25 -19.46 -57.34
C ALA C 95 51.21 -18.30 -57.04
N VAL C 96 50.87 -17.54 -56.01
CA VAL C 96 51.81 -16.61 -55.41
C VAL C 96 52.68 -17.42 -54.45
N TYR C 97 54.00 -17.32 -54.62
CA TYR C 97 54.93 -18.07 -53.80
C TYR C 97 55.60 -17.19 -52.76
N TYR C 98 55.46 -17.56 -51.50
CA TYR C 98 56.06 -16.84 -50.38
C TYR C 98 57.23 -17.63 -49.80
N CYS C 99 58.27 -16.93 -49.37
CA CYS C 99 59.27 -17.51 -48.49
C CYS C 99 59.13 -16.90 -47.10
N ALA C 100 59.48 -17.67 -46.08
CA ALA C 100 59.32 -17.22 -44.70
C ALA C 100 60.35 -17.81 -43.77
N ARG C 101 60.67 -17.08 -42.71
CA ARG C 101 61.60 -17.55 -41.70
C ARG C 101 60.87 -18.31 -40.60
N GLY C 102 61.49 -19.39 -40.15
CA GLY C 102 60.92 -20.20 -39.08
C GLY C 102 61.21 -19.67 -37.70
N TYR C 103 60.31 -20.01 -36.79
CA TYR C 103 60.37 -19.64 -35.37
C TYR C 103 59.98 -20.92 -34.62
N TYR C 104 59.81 -20.86 -33.30
CA TYR C 104 59.42 -22.04 -32.53
C TYR C 104 58.32 -22.85 -33.22
N GLY C 105 58.53 -24.16 -33.35
CA GLY C 105 57.53 -25.06 -33.91
C GLY C 105 57.28 -24.88 -35.39
N ALA C 106 58.26 -24.35 -36.11
CA ALA C 106 58.09 -23.99 -37.52
C ALA C 106 57.00 -22.93 -37.75
N ALA C 107 56.65 -22.19 -36.70
CA ALA C 107 55.84 -21.00 -36.88
C ALA C 107 56.65 -20.05 -37.74
N MET C 108 55.99 -19.27 -38.58
CA MET C 108 56.67 -18.43 -39.56
C MET C 108 56.49 -16.96 -39.23
N ASP C 109 57.54 -16.35 -38.67
CA ASP C 109 57.43 -15.00 -38.11
C ASP C 109 57.65 -13.87 -39.12
N TYR C 110 58.60 -14.06 -40.05
CA TYR C 110 58.88 -13.04 -41.06
C TYR C 110 58.70 -13.62 -42.46
N TRP C 111 58.04 -12.85 -43.31
CA TRP C 111 57.63 -13.30 -44.63
C TRP C 111 58.14 -12.41 -45.71
N GLY C 112 58.39 -13.01 -46.88
CA GLY C 112 58.71 -12.25 -48.06
C GLY C 112 57.47 -11.62 -48.68
N GLN C 113 57.70 -10.81 -49.71
CA GLN C 113 56.61 -10.08 -50.34
C GLN C 113 55.74 -10.91 -51.26
N GLY C 114 56.17 -12.13 -51.60
CA GLY C 114 55.43 -12.97 -52.53
C GLY C 114 55.79 -12.68 -53.98
N THR C 115 55.78 -13.71 -54.81
CA THR C 115 56.01 -13.55 -56.24
C THR C 115 55.09 -14.50 -57.00
N LEU C 116 54.51 -13.99 -58.09
CA LEU C 116 53.51 -14.75 -58.85
C LEU C 116 54.18 -15.65 -59.88
N VAL C 117 53.84 -16.92 -59.85
CA VAL C 117 54.30 -17.87 -60.85
C VAL C 117 53.07 -18.41 -61.60
N THR C 118 53.04 -18.20 -62.91
CA THR C 118 51.93 -18.64 -63.75
C THR C 118 52.42 -19.73 -64.68
N VAL C 119 51.80 -20.91 -64.60
CA VAL C 119 52.15 -22.03 -65.48
C VAL C 119 51.04 -22.20 -66.52
N SER C 120 51.38 -21.98 -67.79
CA SER C 120 50.39 -22.03 -68.86
C SER C 120 51.06 -21.98 -70.24
N SER C 121 50.36 -22.53 -71.23
CA SER C 121 50.81 -22.50 -72.62
C SER C 121 50.50 -21.16 -73.32
N ALA C 122 49.67 -20.33 -72.70
CA ALA C 122 49.26 -19.06 -73.30
C ALA C 122 50.43 -18.10 -73.44
N SER C 123 50.42 -17.31 -74.50
CA SER C 123 51.46 -16.31 -74.75
C SER C 123 51.12 -15.00 -74.07
N THR C 124 52.16 -14.27 -73.65
CA THR C 124 51.99 -12.96 -73.06
C THR C 124 51.27 -12.06 -74.04
N LYS C 125 50.27 -11.32 -73.56
CA LYS C 125 49.46 -10.46 -74.41
C LYS C 125 48.84 -9.30 -73.64
N GLY C 126 48.87 -8.12 -74.25
CA GLY C 126 48.24 -6.93 -73.67
C GLY C 126 46.74 -6.95 -73.87
N PRO C 127 46.01 -6.28 -72.96
CA PRO C 127 44.56 -6.24 -73.08
C PRO C 127 44.07 -5.31 -74.17
N SER C 128 42.91 -5.63 -74.73
CA SER C 128 42.13 -4.66 -75.48
C SER C 128 41.20 -4.02 -74.46
N VAL C 129 41.14 -2.68 -74.47
CA VAL C 129 40.31 -1.95 -73.51
C VAL C 129 39.13 -1.33 -74.23
N PHE C 130 37.92 -1.73 -73.84
CA PHE C 130 36.70 -1.27 -74.47
C PHE C 130 35.86 -0.50 -73.45
N PRO C 131 35.19 0.58 -73.91
CA PRO C 131 34.38 1.37 -73.00
C PRO C 131 33.07 0.70 -72.67
N LEU C 132 32.65 0.84 -71.41
CA LEU C 132 31.29 0.51 -71.01
C LEU C 132 30.56 1.84 -70.87
N ALA C 133 29.90 2.26 -71.94
CA ALA C 133 29.31 3.59 -72.02
C ALA C 133 28.08 3.72 -71.11
N PRO C 134 27.95 4.88 -70.44
CA PRO C 134 26.75 5.15 -69.65
C PRO C 134 25.56 5.43 -70.56
N SER C 135 24.40 4.89 -70.20
CA SER C 135 23.30 4.77 -71.15
C SER C 135 22.41 6.02 -71.12
N SER C 136 21.55 6.12 -72.12
CA SER C 136 20.62 7.27 -72.18
C SER C 136 19.58 7.30 -71.02
N LYS C 137 19.29 6.17 -70.35
CA LYS C 137 18.46 6.22 -69.13
C LYS C 137 19.19 6.79 -67.89
N SER C 138 18.45 6.93 -66.80
CA SER C 138 18.97 7.61 -65.58
C SER C 138 18.20 7.15 -64.34
N GLY C 142 19.64 11.10 -61.43
CA GLY C 142 20.14 10.30 -60.31
C GLY C 142 21.58 9.83 -60.48
N THR C 143 21.76 8.53 -60.64
CA THR C 143 23.09 7.91 -60.70
C THR C 143 23.28 7.19 -62.03
N ALA C 144 24.43 7.44 -62.67
CA ALA C 144 24.82 6.73 -63.88
C ALA C 144 25.99 5.81 -63.58
N ALA C 145 26.12 4.74 -64.34
CA ALA C 145 27.25 3.83 -64.21
C ALA C 145 28.01 3.76 -65.53
N LEU C 146 29.33 3.72 -65.43
CA LEU C 146 30.19 3.53 -66.61
C LEU C 146 31.40 2.70 -66.22
N GLY C 147 32.18 2.27 -67.20
CA GLY C 147 33.36 1.46 -66.93
C GLY C 147 34.23 1.13 -68.13
N CYS C 148 35.21 0.25 -67.90
CA CYS C 148 36.01 -0.30 -68.99
C CYS C 148 36.08 -1.82 -68.90
N LEU C 149 35.97 -2.45 -70.07
CA LEU C 149 36.18 -3.87 -70.20
C LEU C 149 37.63 -4.10 -70.60
N VAL C 150 38.40 -4.71 -69.71
CA VAL C 150 39.80 -5.02 -69.98
C VAL C 150 39.88 -6.49 -70.40
N LYS C 151 39.90 -6.73 -71.71
CA LYS C 151 39.67 -8.08 -72.25
C LYS C 151 40.91 -8.73 -72.85
N ASP C 152 41.00 -10.05 -72.66
CA ASP C 152 42.00 -10.89 -73.35
C ASP C 152 43.43 -10.47 -73.13
N TYR C 153 43.85 -10.42 -71.87
CA TYR C 153 45.25 -10.18 -71.53
C TYR C 153 45.84 -11.39 -70.84
N PHE C 154 47.16 -11.46 -70.82
CA PHE C 154 47.86 -12.56 -70.19
C PHE C 154 49.33 -12.23 -69.95
N PRO C 155 49.88 -12.64 -68.80
CA PRO C 155 49.25 -13.24 -67.63
C PRO C 155 48.74 -12.17 -66.67
N GLU C 156 48.35 -12.55 -65.46
CA GLU C 156 48.05 -11.57 -64.42
C GLU C 156 49.37 -10.88 -64.05
N PRO C 157 49.31 -9.66 -63.46
CA PRO C 157 48.12 -8.88 -63.16
C PRO C 157 47.98 -7.66 -64.08
N VAL C 158 46.83 -7.00 -63.98
CA VAL C 158 46.64 -5.66 -64.53
C VAL C 158 46.22 -4.75 -63.38
N THR C 159 46.57 -3.46 -63.49
CA THR C 159 46.07 -2.46 -62.56
C THR C 159 45.18 -1.49 -63.34
N VAL C 160 44.10 -1.05 -62.69
CA VAL C 160 43.19 -0.08 -63.27
C VAL C 160 42.91 1.05 -62.30
N SER C 161 43.05 2.29 -62.77
CA SER C 161 42.64 3.46 -62.00
C SER C 161 41.75 4.35 -62.86
N TRP C 162 41.18 5.39 -62.27
CA TRP C 162 40.31 6.32 -62.96
C TRP C 162 40.74 7.74 -62.76
N ASN C 163 40.85 8.48 -63.87
CA ASN C 163 41.32 9.86 -63.86
C ASN C 163 42.65 9.98 -63.10
N SER C 164 43.58 9.09 -63.43
CA SER C 164 44.92 9.05 -62.86
C SER C 164 44.93 9.02 -61.33
N GLY C 165 43.96 8.31 -60.75
CA GLY C 165 43.86 8.17 -59.29
C GLY C 165 42.94 9.19 -58.62
N ALA C 166 42.52 10.21 -59.37
CA ALA C 166 41.67 11.27 -58.83
C ALA C 166 40.29 10.77 -58.44
N LEU C 167 39.81 9.73 -59.12
CA LEU C 167 38.50 9.17 -58.87
C LEU C 167 38.62 7.76 -58.31
N THR C 168 38.36 7.60 -57.02
CA THR C 168 38.42 6.30 -56.35
C THR C 168 37.09 5.95 -55.69
N SER C 169 36.42 6.94 -55.13
CA SER C 169 35.12 6.68 -54.54
C SER C 169 34.10 6.20 -55.58
N GLY C 170 33.46 5.08 -55.27
CA GLY C 170 32.48 4.47 -56.14
C GLY C 170 33.04 3.50 -57.16
N VAL C 171 34.37 3.35 -57.19
CA VAL C 171 35.03 2.47 -58.14
C VAL C 171 34.97 1.02 -57.67
N HIS C 172 34.68 0.13 -58.60
CA HIS C 172 34.78 -1.30 -58.36
C HIS C 172 35.53 -1.94 -59.50
N THR C 173 36.74 -2.41 -59.21
CA THR C 173 37.54 -3.15 -60.18
C THR C 173 37.49 -4.63 -59.84
N PHE C 174 36.88 -5.41 -60.73
CA PHE C 174 36.56 -6.80 -60.42
C PHE C 174 37.76 -7.73 -60.57
N PRO C 175 37.79 -8.81 -59.77
CA PRO C 175 38.82 -9.83 -59.96
C PRO C 175 38.75 -10.42 -61.36
N ALA C 176 39.92 -10.68 -61.94
CA ALA C 176 40.01 -11.27 -63.27
C ALA C 176 39.33 -12.62 -63.32
N VAL C 177 38.77 -12.93 -64.48
CA VAL C 177 38.24 -14.26 -64.75
C VAL C 177 39.09 -14.91 -65.84
N LEU C 178 39.41 -16.18 -65.64
CA LEU C 178 40.16 -16.94 -66.63
C LEU C 178 39.17 -17.53 -67.62
N GLN C 179 39.29 -17.13 -68.89
CA GLN C 179 38.40 -17.59 -69.94
C GLN C 179 38.89 -18.91 -70.50
N SER C 180 38.03 -19.57 -71.28
CA SER C 180 38.37 -20.87 -71.87
C SER C 180 39.50 -20.77 -72.89
N SER C 181 39.73 -19.58 -73.43
CA SER C 181 40.86 -19.33 -74.33
C SER C 181 42.21 -19.38 -73.60
N GLY C 182 42.19 -19.30 -72.27
CA GLY C 182 43.41 -19.26 -71.47
C GLY C 182 43.83 -17.85 -71.12
N LEU C 183 43.11 -16.87 -71.64
CA LEU C 183 43.39 -15.46 -71.39
C LEU C 183 42.51 -14.94 -70.26
N TYR C 184 42.98 -13.86 -69.62
CA TYR C 184 42.24 -13.24 -68.53
C TYR C 184 41.40 -12.07 -69.03
N SER C 185 40.40 -11.71 -68.27
CA SER C 185 39.51 -10.61 -68.60
C SER C 185 38.84 -10.08 -67.35
N LEU C 186 38.68 -8.75 -67.27
CA LEU C 186 37.99 -8.12 -66.14
C LEU C 186 37.34 -6.82 -66.56
N SER C 187 36.45 -6.35 -65.71
CA SER C 187 35.84 -5.03 -65.88
C SER C 187 36.11 -4.17 -64.67
N SER C 188 36.21 -2.86 -64.90
CA SER C 188 36.27 -1.88 -63.83
C SER C 188 35.15 -0.89 -64.07
N VAL C 189 34.34 -0.66 -63.04
CA VAL C 189 33.18 0.22 -63.16
C VAL C 189 33.19 1.30 -62.10
N VAL C 190 32.50 2.40 -62.36
CA VAL C 190 32.33 3.46 -61.39
C VAL C 190 30.94 4.10 -61.53
N THR C 191 30.32 4.40 -60.39
CA THR C 191 29.04 5.11 -60.37
C THR C 191 29.29 6.58 -60.08
N VAL C 192 28.63 7.43 -60.87
CA VAL C 192 28.76 8.88 -60.77
C VAL C 192 27.39 9.52 -60.93
N PRO C 193 27.25 10.81 -60.54
CA PRO C 193 25.97 11.50 -60.79
C PRO C 193 25.70 11.70 -62.28
N SER C 194 24.45 11.55 -62.69
CA SER C 194 24.07 11.70 -64.10
C SER C 194 24.42 13.07 -64.66
N SER C 195 24.20 14.10 -63.84
CA SER C 195 24.48 15.49 -64.22
C SER C 195 25.94 15.73 -64.63
N SER C 196 26.85 14.93 -64.07
CA SER C 196 28.28 15.09 -64.35
C SER C 196 28.70 14.56 -65.72
N LEU C 197 27.86 13.76 -66.37
CA LEU C 197 28.23 13.10 -67.63
C LEU C 197 28.57 14.10 -68.74
N GLY C 198 27.82 15.18 -68.82
CA GLY C 198 28.08 16.24 -69.79
C GLY C 198 29.34 17.04 -69.46
N THR C 199 29.60 17.26 -68.17
CA THR C 199 30.66 18.16 -67.71
C THR C 199 31.99 17.44 -67.41
N GLN C 200 31.93 16.41 -66.58
CA GLN C 200 33.13 15.74 -66.07
C GLN C 200 33.63 14.68 -67.07
N THR C 201 34.94 14.72 -67.35
CA THR C 201 35.57 13.75 -68.24
C THR C 201 36.08 12.52 -67.46
N TYR C 202 35.83 11.32 -68.01
CA TYR C 202 36.15 10.05 -67.34
C TYR C 202 37.08 9.19 -68.19
N ILE C 203 38.26 8.90 -67.65
CA ILE C 203 39.27 8.11 -68.34
C ILE C 203 39.72 6.98 -67.43
N CYS C 204 39.72 5.75 -67.94
CA CYS C 204 40.32 4.64 -67.20
C CYS C 204 41.75 4.39 -67.63
N ASN C 205 42.62 4.17 -66.65
CA ASN C 205 44.04 3.95 -66.90
C ASN C 205 44.37 2.49 -66.63
N VAL C 206 44.61 1.74 -67.69
CA VAL C 206 44.90 0.32 -67.60
C VAL C 206 46.38 0.09 -67.83
N ASN C 207 47.01 -0.65 -66.92
CA ASN C 207 48.44 -0.91 -66.99
C ASN C 207 48.72 -2.41 -66.90
N HIS C 208 49.44 -2.94 -67.89
CA HIS C 208 49.77 -4.36 -67.94
C HIS C 208 51.25 -4.52 -68.06
N LYS C 209 51.91 -4.60 -66.91
CA LYS C 209 53.37 -4.67 -66.82
C LYS C 209 53.98 -5.83 -67.64
N PRO C 210 53.43 -7.05 -67.51
CA PRO C 210 54.00 -8.20 -68.23
C PRO C 210 54.16 -8.03 -69.74
N SER C 211 53.27 -7.28 -70.39
CA SER C 211 53.38 -6.99 -71.81
C SER C 211 53.88 -5.58 -72.07
N ASN C 212 54.17 -4.85 -70.99
CA ASN C 212 54.66 -3.48 -71.08
C ASN C 212 53.73 -2.58 -71.88
N THR C 213 52.43 -2.82 -71.77
CA THR C 213 51.44 -2.00 -72.45
C THR C 213 50.66 -1.17 -71.45
N LYS C 214 50.31 0.05 -71.86
CA LYS C 214 49.65 1.01 -71.02
C LYS C 214 48.61 1.72 -71.89
N VAL C 215 47.36 1.74 -71.43
CA VAL C 215 46.26 2.31 -72.22
C VAL C 215 45.39 3.22 -71.36
N ASP C 216 45.09 4.40 -71.90
CA ASP C 216 44.11 5.30 -71.30
C ASP C 216 42.93 5.37 -72.25
N LYS C 217 41.74 5.01 -71.76
CA LYS C 217 40.54 5.04 -72.59
C LYS C 217 39.50 5.98 -71.98
N LYS C 218 39.12 6.97 -72.77
CA LYS C 218 38.07 7.91 -72.39
C LYS C 218 36.71 7.25 -72.59
N VAL C 219 35.92 7.22 -71.53
CA VAL C 219 34.59 6.62 -71.60
C VAL C 219 33.55 7.71 -71.74
N GLU C 220 32.91 7.77 -72.90
CA GLU C 220 31.92 8.81 -73.21
C GLU C 220 30.54 8.20 -73.38
N PRO C 221 29.49 8.98 -73.09
CA PRO C 221 28.14 8.50 -73.38
C PRO C 221 27.94 8.39 -74.89
N LYS C 222 27.70 7.19 -75.38
CA LYS C 222 27.59 6.95 -76.82
C LYS C 222 26.64 7.92 -77.54
N SER C 223 27.03 8.34 -78.75
CA SER C 223 26.35 9.36 -79.54
C SER C 223 25.60 8.57 -80.59
N CYS C 224 24.40 8.14 -80.24
CA CYS C 224 23.59 7.38 -81.22
C CYS C 224 23.06 8.22 -82.36
N ASP C 225 23.32 7.79 -83.62
CA ASP C 225 22.95 8.48 -84.86
C ASP C 225 24.20 8.85 -85.65
N THR D 6 36.35 -27.02 -49.75
CA THR D 6 37.24 -26.95 -48.55
C THR D 6 38.70 -26.66 -48.92
N GLN D 7 38.95 -26.37 -50.19
CA GLN D 7 40.26 -25.86 -50.63
C GLN D 7 40.30 -24.34 -50.46
N SER D 8 39.13 -23.73 -50.37
CA SER D 8 39.03 -22.30 -50.09
C SER D 8 38.59 -22.04 -48.68
N PRO D 9 38.93 -20.85 -48.14
CA PRO D 9 38.58 -20.56 -46.76
C PRO D 9 37.07 -20.44 -46.51
N SER D 10 36.61 -20.99 -45.38
CA SER D 10 35.22 -20.84 -44.91
C SER D 10 34.92 -19.36 -44.58
N SER D 11 33.64 -19.01 -44.61
CA SER D 11 33.19 -17.64 -44.36
C SER D 11 32.48 -17.52 -43.02
N LEU D 12 32.70 -16.39 -42.34
CA LEU D 12 32.05 -16.10 -41.06
C LEU D 12 31.69 -14.62 -40.98
N SER D 13 30.44 -14.32 -40.66
CA SER D 13 29.98 -12.94 -40.53
C SER D 13 29.92 -12.56 -39.07
N ALA D 14 30.56 -11.44 -38.73
CA ALA D 14 30.60 -10.95 -37.35
C ALA D 14 30.54 -9.44 -37.27
N SER D 15 30.22 -8.94 -36.08
CA SER D 15 30.15 -7.51 -35.82
C SER D 15 31.34 -7.08 -34.95
N VAL D 16 31.68 -5.79 -35.02
CA VAL D 16 32.70 -5.23 -34.15
C VAL D 16 32.27 -5.44 -32.69
N GLY D 17 33.21 -5.91 -31.87
CA GLY D 17 32.95 -6.19 -30.47
C GLY D 17 32.60 -7.64 -30.18
N ASP D 18 32.34 -8.42 -31.23
CA ASP D 18 31.97 -9.83 -31.07
C ASP D 18 33.16 -10.67 -30.63
N ARG D 19 32.86 -11.78 -29.98
CA ARG D 19 33.85 -12.78 -29.63
C ARG D 19 33.83 -13.88 -30.68
N VAL D 20 34.99 -14.25 -31.19
CA VAL D 20 35.10 -15.23 -32.26
C VAL D 20 36.11 -16.31 -31.90
N THR D 21 35.71 -17.57 -32.09
CA THR D 21 36.60 -18.71 -31.88
C THR D 21 36.68 -19.56 -33.13
N ILE D 22 37.89 -19.67 -33.70
CA ILE D 22 38.13 -20.46 -34.89
C ILE D 22 38.81 -21.76 -34.54
N THR D 23 38.28 -22.87 -35.05
CA THR D 23 38.85 -24.21 -34.79
C THR D 23 39.73 -24.62 -35.97
N CYS D 24 40.88 -25.19 -35.64
CA CYS D 24 41.87 -25.56 -36.64
C CYS D 24 41.50 -26.88 -37.30
N ARG D 25 41.48 -26.90 -38.64
CA ARG D 25 41.26 -28.14 -39.40
C ARG D 25 42.44 -28.37 -40.36
N ALA D 26 43.59 -28.74 -39.78
CA ALA D 26 44.76 -29.13 -40.56
C ALA D 26 45.04 -30.62 -40.42
N SER D 27 44.00 -31.41 -40.14
CA SER D 27 44.12 -32.86 -39.89
C SER D 27 45.32 -33.17 -38.97
N GLN D 28 45.30 -32.53 -37.81
CA GLN D 28 46.44 -32.50 -36.89
C GLN D 28 46.42 -33.67 -35.90
N SER D 29 47.46 -33.74 -35.07
CA SER D 29 47.52 -34.71 -33.97
C SER D 29 47.79 -34.00 -32.64
N VAL D 30 47.85 -34.78 -31.56
CA VAL D 30 48.18 -34.27 -30.21
C VAL D 30 49.61 -33.72 -30.11
N SER D 31 50.52 -34.33 -30.87
CA SER D 31 51.94 -33.95 -30.85
C SER D 31 52.19 -32.59 -31.47
N SER D 32 51.35 -32.25 -32.45
CA SER D 32 51.55 -31.09 -33.31
C SER D 32 51.93 -29.79 -32.59
N ALA D 33 52.90 -29.08 -33.19
CA ALA D 33 53.17 -27.68 -32.85
C ALA D 33 52.33 -26.79 -33.77
N VAL D 34 51.44 -26.00 -33.19
CA VAL D 34 50.44 -25.26 -33.96
C VAL D 34 50.65 -23.75 -33.92
N ALA D 35 50.48 -23.10 -35.08
CA ALA D 35 50.62 -21.65 -35.17
C ALA D 35 49.38 -21.07 -35.84
N TRP D 36 49.17 -19.76 -35.66
CA TRP D 36 48.03 -19.07 -36.24
C TRP D 36 48.45 -17.81 -36.95
N TYR D 37 47.77 -17.51 -38.05
CA TYR D 37 48.13 -16.38 -38.91
C TYR D 37 46.92 -15.54 -39.28
N GLN D 38 47.18 -14.27 -39.57
CA GLN D 38 46.18 -13.36 -40.13
C GLN D 38 46.65 -12.94 -41.51
N GLN D 39 45.76 -12.94 -42.49
CA GLN D 39 46.09 -12.46 -43.82
C GLN D 39 45.02 -11.52 -44.34
N LYS D 40 45.46 -10.39 -44.88
CA LYS D 40 44.58 -9.44 -45.55
C LYS D 40 44.87 -9.47 -47.05
N PRO D 41 43.89 -9.05 -47.88
CA PRO D 41 44.06 -9.11 -49.34
C PRO D 41 45.31 -8.40 -49.84
N GLY D 42 46.05 -9.07 -50.74
CA GLY D 42 47.25 -8.50 -51.36
C GLY D 42 48.47 -8.41 -50.45
N LYS D 43 48.41 -9.06 -49.30
CA LYS D 43 49.47 -8.98 -48.29
C LYS D 43 49.91 -10.36 -47.81
N ALA D 44 51.15 -10.47 -47.35
CA ALA D 44 51.66 -11.71 -46.77
C ALA D 44 51.02 -11.95 -45.41
N PRO D 45 50.91 -13.22 -44.99
CA PRO D 45 50.37 -13.51 -43.67
C PRO D 45 51.22 -12.97 -42.52
N LYS D 46 50.57 -12.70 -41.38
CA LYS D 46 51.23 -12.23 -40.16
C LYS D 46 51.06 -13.27 -39.07
N LEU D 47 52.15 -13.59 -38.38
CA LEU D 47 52.11 -14.55 -37.28
C LEU D 47 51.41 -13.94 -36.06
N LEU D 48 50.46 -14.69 -35.50
CA LEU D 48 49.68 -14.28 -34.33
C LEU D 48 50.07 -15.09 -33.10
N ILE D 49 49.97 -16.42 -33.23
CA ILE D 49 50.23 -17.35 -32.13
C ILE D 49 51.23 -18.40 -32.58
N TYR D 50 52.07 -18.86 -31.66
CA TYR D 50 52.95 -20.00 -31.90
C TYR D 50 52.91 -20.97 -30.73
N SER D 51 53.39 -22.18 -30.97
CA SER D 51 53.35 -23.25 -29.96
C SER D 51 51.98 -23.36 -29.31
N ALA D 52 50.94 -23.38 -30.14
CA ALA D 52 49.56 -23.56 -29.69
C ALA D 52 48.95 -22.34 -29.00
N SER D 53 49.64 -21.79 -28.01
CA SER D 53 49.05 -20.76 -27.14
C SER D 53 49.92 -19.54 -26.81
N SER D 54 51.13 -19.46 -27.36
CA SER D 54 52.02 -18.34 -27.06
C SER D 54 51.75 -17.15 -27.98
N LEU D 55 51.53 -15.98 -27.38
CA LEU D 55 51.26 -14.76 -28.14
C LEU D 55 52.57 -14.23 -28.73
N TYR D 56 52.61 -14.05 -30.05
CA TYR D 56 53.81 -13.55 -30.70
C TYR D 56 54.03 -12.07 -30.37
N SER D 57 55.30 -11.69 -30.31
CA SER D 57 55.70 -10.32 -29.97
C SER D 57 54.97 -9.29 -30.82
N GLY D 58 54.38 -8.29 -30.18
CA GLY D 58 53.71 -7.19 -30.86
C GLY D 58 52.25 -7.42 -31.16
N VAL D 59 51.79 -8.65 -31.03
CA VAL D 59 50.40 -8.99 -31.33
C VAL D 59 49.51 -8.61 -30.16
N PRO D 60 48.38 -7.92 -30.43
CA PRO D 60 47.45 -7.52 -29.35
C PRO D 60 46.98 -8.67 -28.47
N SER D 61 46.71 -8.37 -27.21
CA SER D 61 46.37 -9.39 -26.22
C SER D 61 44.98 -10.00 -26.39
N ARG D 62 44.12 -9.36 -27.19
CA ARG D 62 42.79 -9.90 -27.48
C ARG D 62 42.84 -11.20 -28.29
N PHE D 63 43.96 -11.45 -28.96
CA PHE D 63 44.22 -12.73 -29.63
C PHE D 63 44.78 -13.72 -28.62
N SER D 64 44.18 -14.91 -28.57
CA SER D 64 44.69 -15.99 -27.73
C SER D 64 44.49 -17.34 -28.42
N GLY D 65 45.41 -18.26 -28.14
CA GLY D 65 45.34 -19.61 -28.68
C GLY D 65 45.19 -20.62 -27.56
N SER D 66 44.54 -21.74 -27.86
CA SER D 66 44.29 -22.76 -26.87
C SER D 66 44.28 -24.16 -27.50
N ARG D 67 44.65 -25.15 -26.69
CA ARG D 67 44.67 -26.53 -27.11
C ARG D 67 43.82 -27.36 -26.16
N SER D 68 42.89 -28.13 -26.72
CA SER D 68 42.08 -29.05 -25.93
C SER D 68 42.09 -30.42 -26.60
N GLY D 69 42.95 -31.30 -26.12
CA GLY D 69 43.14 -32.62 -26.71
C GLY D 69 43.69 -32.49 -28.11
N THR D 70 42.89 -32.91 -29.09
CA THR D 70 43.27 -32.85 -30.50
C THR D 70 42.78 -31.56 -31.18
N ASP D 71 41.99 -30.76 -30.46
CA ASP D 71 41.37 -29.57 -31.02
C ASP D 71 42.13 -28.30 -30.64
N PHE D 72 42.59 -27.59 -31.67
CA PHE D 72 43.33 -26.34 -31.49
C PHE D 72 42.44 -25.18 -31.90
N THR D 73 42.54 -24.10 -31.12
CA THR D 73 41.57 -23.02 -31.19
C THR D 73 42.23 -21.65 -31.13
N LEU D 74 41.72 -20.70 -31.92
CA LEU D 74 42.13 -19.30 -31.85
C LEU D 74 40.92 -18.48 -31.46
N THR D 75 41.07 -17.65 -30.42
CA THR D 75 39.99 -16.79 -29.98
C THR D 75 40.38 -15.32 -30.06
N ILE D 76 39.48 -14.51 -30.62
CA ILE D 76 39.59 -13.06 -30.59
C ILE D 76 38.51 -12.57 -29.64
N SER D 77 38.92 -12.12 -28.45
CA SER D 77 37.96 -11.79 -27.37
C SER D 77 36.99 -10.69 -27.74
N SER D 78 37.47 -9.69 -28.49
CA SER D 78 36.63 -8.57 -28.93
C SER D 78 37.07 -8.06 -30.29
N LEU D 79 36.29 -8.39 -31.31
CA LEU D 79 36.63 -8.06 -32.71
C LEU D 79 36.76 -6.55 -32.91
N GLN D 80 37.89 -6.13 -33.48
CA GLN D 80 38.12 -4.73 -33.83
C GLN D 80 38.02 -4.56 -35.35
N PRO D 81 37.83 -3.32 -35.84
CA PRO D 81 37.69 -3.09 -37.28
C PRO D 81 38.86 -3.64 -38.11
N GLU D 82 40.06 -3.55 -37.58
CA GLU D 82 41.27 -4.03 -38.27
C GLU D 82 41.40 -5.56 -38.25
N ASP D 83 40.58 -6.25 -37.45
CA ASP D 83 40.65 -7.71 -37.34
C ASP D 83 39.89 -8.45 -38.42
N PHE D 84 39.09 -7.74 -39.21
CA PHE D 84 38.36 -8.38 -40.30
C PHE D 84 39.35 -8.76 -41.40
N ALA D 85 39.58 -10.07 -41.51
CA ALA D 85 40.59 -10.61 -42.39
C ALA D 85 40.41 -12.13 -42.44
N THR D 86 41.35 -12.82 -43.10
CA THR D 86 41.32 -14.27 -43.15
C THR D 86 42.31 -14.84 -42.14
N TYR D 87 41.93 -15.91 -41.48
CA TYR D 87 42.76 -16.54 -40.45
C TYR D 87 43.06 -18.00 -40.79
N TYR D 88 44.33 -18.39 -40.66
CA TYR D 88 44.78 -19.74 -40.94
C TYR D 88 45.51 -20.31 -39.74
N CYS D 89 45.30 -21.59 -39.46
CA CYS D 89 46.16 -22.32 -38.53
C CYS D 89 47.20 -23.11 -39.33
N GLN D 90 48.31 -23.42 -38.67
CA GLN D 90 49.34 -24.27 -39.25
C GLN D 90 49.66 -25.36 -38.25
N GLN D 91 49.80 -26.59 -38.73
CA GLN D 91 50.21 -27.71 -37.91
C GLN D 91 51.52 -28.30 -38.46
N SER D 92 52.54 -28.35 -37.60
CA SER D 92 53.83 -28.91 -37.95
C SER D 92 53.99 -30.26 -37.27
N SER D 93 54.22 -31.30 -38.08
CA SER D 93 54.50 -32.64 -37.56
C SER D 93 56.01 -32.88 -37.61
N SER D 94 56.44 -34.14 -37.53
CA SER D 94 57.86 -34.46 -37.54
C SER D 94 58.47 -34.39 -38.94
N SER D 95 57.65 -34.36 -39.98
CA SER D 95 58.17 -34.30 -41.35
C SER D 95 57.28 -33.54 -42.34
N LEU D 96 56.36 -32.73 -41.82
CA LEU D 96 55.30 -32.17 -42.65
C LEU D 96 54.74 -30.92 -41.99
N ILE D 97 54.39 -29.92 -42.81
CA ILE D 97 53.65 -28.75 -42.35
C ILE D 97 52.35 -28.69 -43.14
N THR D 98 51.24 -28.50 -42.43
CA THR D 98 49.92 -28.42 -43.06
C THR D 98 49.21 -27.15 -42.59
N PHE D 99 48.74 -26.36 -43.54
CA PHE D 99 47.87 -25.23 -43.25
C PHE D 99 46.42 -25.68 -43.34
N GLY D 100 45.58 -25.14 -42.47
CA GLY D 100 44.17 -25.50 -42.47
C GLY D 100 43.40 -24.72 -43.51
N GLN D 101 42.14 -25.09 -43.69
CA GLN D 101 41.26 -24.46 -44.65
C GLN D 101 41.22 -22.93 -44.48
N GLY D 102 41.11 -22.50 -43.23
CA GLY D 102 41.10 -21.07 -42.92
C GLY D 102 39.70 -20.48 -42.90
N THR D 103 39.54 -19.40 -42.15
CA THR D 103 38.26 -18.73 -42.00
C THR D 103 38.40 -17.27 -42.37
N LYS D 104 37.51 -16.80 -43.24
CA LYS D 104 37.46 -15.41 -43.63
C LYS D 104 36.39 -14.72 -42.83
N VAL D 105 36.79 -13.81 -41.95
CA VAL D 105 35.84 -13.07 -41.11
C VAL D 105 35.41 -11.79 -41.81
N GLU D 106 34.12 -11.71 -42.15
CA GLU D 106 33.56 -10.55 -42.84
C GLU D 106 32.62 -9.74 -41.93
N ILE D 107 32.38 -8.48 -42.28
CA ILE D 107 31.62 -7.56 -41.43
C ILE D 107 30.12 -7.76 -41.65
N LYS D 108 29.41 -7.94 -40.54
CA LYS D 108 27.94 -8.02 -40.59
C LYS D 108 27.37 -6.63 -40.82
N ARG D 109 26.21 -6.56 -41.45
CA ARG D 109 25.67 -5.30 -41.97
C ARG D 109 24.18 -5.44 -42.28
N THR D 110 23.46 -4.32 -42.30
CA THR D 110 22.05 -4.33 -42.72
C THR D 110 21.94 -4.65 -44.21
N VAL D 111 20.79 -5.18 -44.61
CA VAL D 111 20.55 -5.57 -46.00
C VAL D 111 20.52 -4.34 -46.89
N ALA D 112 21.21 -4.42 -48.03
CA ALA D 112 21.23 -3.33 -49.01
C ALA D 112 20.99 -3.89 -50.41
N ALA D 113 19.96 -3.37 -51.07
CA ALA D 113 19.62 -3.79 -52.43
C ALA D 113 20.68 -3.28 -53.42
N PRO D 114 20.95 -4.06 -54.48
CA PRO D 114 21.89 -3.61 -55.50
C PRO D 114 21.28 -2.63 -56.49
N SER D 115 22.05 -1.63 -56.89
CA SER D 115 21.76 -0.86 -58.10
C SER D 115 22.19 -1.72 -59.27
N VAL D 116 21.30 -1.90 -60.25
CA VAL D 116 21.60 -2.74 -61.41
C VAL D 116 21.76 -1.93 -62.68
N PHE D 117 22.79 -2.27 -63.46
CA PHE D 117 23.08 -1.59 -64.72
C PHE D 117 23.43 -2.62 -65.78
N ILE D 118 23.03 -2.34 -67.02
CA ILE D 118 23.39 -3.19 -68.15
C ILE D 118 24.17 -2.38 -69.19
N PHE D 119 25.19 -3.02 -69.78
CA PHE D 119 26.04 -2.38 -70.77
C PHE D 119 26.08 -3.20 -72.05
N PRO D 120 25.58 -2.64 -73.16
CA PRO D 120 25.73 -3.36 -74.42
C PRO D 120 27.18 -3.32 -74.89
N PRO D 121 27.55 -4.19 -75.84
CA PRO D 121 28.91 -4.16 -76.36
C PRO D 121 29.18 -2.89 -77.15
N SER D 122 30.40 -2.38 -77.05
CA SER D 122 30.80 -1.19 -77.80
C SER D 122 30.95 -1.53 -79.27
N ASP D 123 30.85 -0.51 -80.12
CA ASP D 123 31.09 -0.69 -81.56
C ASP D 123 32.54 -1.09 -81.82
N SER D 124 33.45 -0.57 -80.99
CA SER D 124 34.86 -0.94 -81.04
C SER D 124 35.06 -2.45 -80.92
N GLN D 125 34.39 -3.08 -79.97
CA GLN D 125 34.50 -4.53 -79.77
C GLN D 125 33.85 -5.31 -80.91
N LEU D 126 32.66 -4.86 -81.32
CA LEU D 126 31.95 -5.49 -82.44
C LEU D 126 32.81 -5.58 -83.70
N LYS D 127 33.64 -4.56 -83.94
CA LYS D 127 34.60 -4.59 -85.03
C LYS D 127 35.57 -5.76 -84.91
N SER D 128 36.07 -5.99 -83.70
CA SER D 128 37.08 -7.04 -83.46
C SER D 128 36.54 -8.46 -83.61
N GLY D 129 35.22 -8.62 -83.67
CA GLY D 129 34.61 -9.93 -83.97
C GLY D 129 33.93 -10.62 -82.79
N THR D 130 34.00 -10.02 -81.61
CA THR D 130 33.34 -10.56 -80.41
C THR D 130 32.38 -9.53 -79.80
N ALA D 131 31.53 -10.00 -78.89
CA ALA D 131 30.53 -9.15 -78.24
C ALA D 131 30.37 -9.53 -76.78
N SER D 132 30.69 -8.59 -75.88
CA SER D 132 30.53 -8.82 -74.44
C SER D 132 29.44 -7.90 -73.91
N VAL D 133 28.46 -8.49 -73.22
CA VAL D 133 27.40 -7.74 -72.59
C VAL D 133 27.59 -7.85 -71.08
N VAL D 134 27.75 -6.70 -70.43
CA VAL D 134 28.08 -6.67 -69.00
C VAL D 134 26.88 -6.21 -68.18
N CYS D 135 26.59 -6.94 -67.09
CA CYS D 135 25.54 -6.60 -66.16
C CYS D 135 26.18 -6.36 -64.79
N LEU D 136 25.98 -5.15 -64.25
CA LEU D 136 26.63 -4.72 -63.00
C LEU D 136 25.62 -4.66 -61.85
N LEU D 137 25.96 -5.33 -60.75
CA LEU D 137 25.22 -5.20 -59.49
C LEU D 137 26.11 -4.43 -58.52
N ASN D 138 25.66 -3.24 -58.13
CA ASN D 138 26.51 -2.32 -57.38
C ASN D 138 26.09 -2.16 -55.91
N ASN D 139 27.08 -2.25 -55.02
CA ASN D 139 26.93 -1.93 -53.59
C ASN D 139 25.73 -2.58 -52.90
N PHE D 140 25.81 -3.89 -52.71
CA PHE D 140 24.74 -4.66 -52.08
C PHE D 140 25.24 -5.53 -50.93
N TYR D 141 24.30 -5.97 -50.10
CA TYR D 141 24.58 -6.89 -49.00
C TYR D 141 23.30 -7.64 -48.65
N PRO D 142 23.40 -8.95 -48.39
CA PRO D 142 24.59 -9.79 -48.33
C PRO D 142 25.13 -10.19 -49.68
N ARG D 143 26.25 -10.91 -49.66
CA ARG D 143 26.98 -11.33 -50.85
C ARG D 143 26.15 -12.17 -51.82
N GLU D 144 25.23 -12.97 -51.28
CA GLU D 144 24.47 -13.93 -52.08
C GLU D 144 23.49 -13.24 -53.03
N ALA D 145 23.82 -13.25 -54.32
CA ALA D 145 22.96 -12.69 -55.37
C ALA D 145 22.79 -13.69 -56.52
N LYS D 146 21.72 -13.55 -57.27
CA LYS D 146 21.46 -14.42 -58.42
C LYS D 146 21.24 -13.58 -59.67
N VAL D 147 22.06 -13.81 -60.69
CA VAL D 147 21.99 -13.05 -61.95
C VAL D 147 21.80 -13.99 -63.13
N GLN D 148 20.64 -13.88 -63.78
CA GLN D 148 20.29 -14.77 -64.87
C GLN D 148 20.17 -13.97 -66.16
N TRP D 149 20.69 -14.51 -67.27
CA TRP D 149 20.64 -13.86 -68.57
C TRP D 149 19.52 -14.37 -69.42
N LYS D 150 18.89 -13.45 -70.15
CA LYS D 150 17.85 -13.77 -71.12
C LYS D 150 18.18 -13.15 -72.48
N VAL D 151 18.10 -13.94 -73.54
CA VAL D 151 18.31 -13.45 -74.91
C VAL D 151 17.11 -13.87 -75.74
N ASP D 152 16.36 -12.88 -76.24
CA ASP D 152 15.09 -13.12 -76.93
C ASP D 152 14.20 -14.05 -76.12
N ASN D 153 14.13 -13.78 -74.82
CA ASN D 153 13.30 -14.54 -73.88
C ASN D 153 13.77 -15.99 -73.60
N ALA D 154 14.98 -16.33 -74.05
CA ALA D 154 15.57 -17.64 -73.76
C ALA D 154 16.55 -17.51 -72.62
N LEU D 155 16.28 -18.19 -71.50
CA LEU D 155 17.21 -18.20 -70.37
C LEU D 155 18.52 -18.82 -70.79
N GLN D 156 19.62 -18.17 -70.42
CA GLN D 156 20.95 -18.63 -70.81
C GLN D 156 21.70 -19.28 -69.64
N SER D 157 22.63 -20.16 -69.99
CA SER D 157 23.56 -20.75 -69.03
C SER D 157 24.77 -21.29 -69.77
N GLY D 158 25.96 -20.96 -69.28
CA GLY D 158 27.21 -21.46 -69.84
C GLY D 158 27.99 -20.46 -70.66
N ASN D 159 27.34 -19.37 -71.08
CA ASN D 159 28.02 -18.34 -71.87
C ASN D 159 28.25 -17.04 -71.09
N SER D 160 28.27 -17.14 -69.76
CA SER D 160 28.53 -15.98 -68.91
C SER D 160 29.38 -16.36 -67.71
N GLN D 161 30.14 -15.38 -67.21
CA GLN D 161 31.00 -15.57 -66.04
C GLN D 161 30.82 -14.41 -65.06
N GLU D 162 30.85 -14.73 -63.78
CA GLU D 162 30.67 -13.74 -62.72
C GLU D 162 31.98 -13.43 -62.01
N SER D 163 32.05 -12.23 -61.45
CA SER D 163 33.16 -11.82 -60.61
C SER D 163 32.61 -10.94 -59.50
N VAL D 164 33.07 -11.18 -58.27
CA VAL D 164 32.62 -10.43 -57.10
C VAL D 164 33.78 -9.72 -56.44
N THR D 165 33.57 -8.47 -56.02
CA THR D 165 34.62 -7.72 -55.34
C THR D 165 34.76 -8.16 -53.88
N GLU D 166 35.85 -7.73 -53.27
CA GLU D 166 36.06 -7.92 -51.85
C GLU D 166 35.12 -6.96 -51.12
N GLN D 167 34.75 -7.30 -49.88
CA GLN D 167 33.88 -6.44 -49.09
C GLN D 167 34.49 -5.03 -48.97
N ASP D 168 33.69 -4.01 -49.25
CA ASP D 168 34.16 -2.63 -49.28
C ASP D 168 34.47 -2.10 -47.88
N SER D 169 35.61 -1.43 -47.74
CA SER D 169 36.05 -0.93 -46.43
C SER D 169 35.18 0.21 -45.88
N LYS D 170 34.62 1.02 -46.77
CA LYS D 170 33.82 2.18 -46.36
C LYS D 170 32.41 1.79 -45.91
N ASP D 171 31.68 1.07 -46.76
CA ASP D 171 30.26 0.76 -46.50
C ASP D 171 29.94 -0.73 -46.35
N SER D 172 30.96 -1.58 -46.37
CA SER D 172 30.81 -3.03 -46.13
C SER D 172 29.91 -3.77 -47.13
N THR D 173 29.76 -3.21 -48.33
CA THR D 173 28.95 -3.82 -49.38
C THR D 173 29.81 -4.57 -50.38
N TYR D 174 29.15 -5.42 -51.18
CA TYR D 174 29.79 -6.11 -52.28
C TYR D 174 29.28 -5.54 -53.59
N SER D 175 30.06 -5.74 -54.65
CA SER D 175 29.62 -5.47 -56.00
C SER D 175 29.95 -6.67 -56.87
N LEU D 176 29.14 -6.89 -57.91
CA LEU D 176 29.27 -8.06 -58.75
C LEU D 176 29.10 -7.71 -60.22
N SER D 177 29.88 -8.36 -61.07
CA SER D 177 29.74 -8.23 -62.52
C SER D 177 29.42 -9.59 -63.11
N SER D 178 28.52 -9.61 -64.09
CA SER D 178 28.27 -10.79 -64.91
C SER D 178 28.45 -10.39 -66.36
N THR D 179 29.23 -11.17 -67.09
CA THR D 179 29.56 -10.86 -68.47
C THR D 179 29.13 -11.97 -69.40
N LEU D 180 28.13 -11.69 -70.22
CA LEU D 180 27.68 -12.59 -71.28
C LEU D 180 28.56 -12.38 -72.51
N THR D 181 29.17 -13.45 -73.01
CA THR D 181 30.07 -13.36 -74.15
C THR D 181 29.54 -14.19 -75.32
N LEU D 182 29.41 -13.53 -76.47
CA LEU D 182 29.02 -14.19 -77.71
C LEU D 182 29.94 -13.76 -78.83
N SER D 183 29.90 -14.49 -79.94
CA SER D 183 30.55 -14.05 -81.17
C SER D 183 29.72 -12.93 -81.79
N LYS D 184 30.34 -12.11 -82.65
CA LYS D 184 29.63 -11.05 -83.35
C LYS D 184 28.42 -11.64 -84.08
N ALA D 185 28.66 -12.72 -84.82
CA ALA D 185 27.59 -13.39 -85.59
C ALA D 185 26.38 -13.70 -84.71
N ASP D 186 26.62 -14.37 -83.59
CA ASP D 186 25.55 -14.76 -82.65
C ASP D 186 24.86 -13.55 -82.03
N TYR D 187 25.62 -12.52 -81.68
CA TYR D 187 25.05 -11.29 -81.15
C TYR D 187 24.06 -10.68 -82.15
N GLU D 188 24.42 -10.69 -83.43
CA GLU D 188 23.58 -10.12 -84.49
C GLU D 188 22.29 -10.91 -84.71
N LYS D 189 22.28 -12.20 -84.37
CA LYS D 189 21.09 -13.04 -84.56
C LYS D 189 19.93 -12.71 -83.61
N HIS D 190 20.18 -11.94 -82.56
CA HIS D 190 19.17 -11.68 -81.52
C HIS D 190 18.96 -10.23 -81.23
N LYS D 191 17.75 -9.88 -80.80
CA LYS D 191 17.36 -8.49 -80.60
C LYS D 191 17.42 -8.03 -79.14
N VAL D 192 16.70 -8.70 -78.26
CA VAL D 192 16.55 -8.25 -76.86
C VAL D 192 17.48 -8.97 -75.88
N TYR D 193 18.30 -8.20 -75.16
CA TYR D 193 19.24 -8.72 -74.18
C TYR D 193 18.90 -8.19 -72.80
N ALA D 194 18.75 -9.10 -71.83
CA ALA D 194 18.33 -8.73 -70.47
C ALA D 194 19.06 -9.56 -69.42
N CYS D 195 19.37 -8.93 -68.29
CA CYS D 195 19.83 -9.66 -67.11
C CYS D 195 18.81 -9.47 -65.99
N GLU D 196 18.40 -10.57 -65.37
CA GLU D 196 17.43 -10.54 -64.27
C GLU D 196 18.17 -10.78 -62.96
N VAL D 197 18.00 -9.86 -62.01
CA VAL D 197 18.69 -9.92 -60.73
C VAL D 197 17.71 -10.16 -59.60
N THR D 198 17.95 -11.22 -58.83
CA THR D 198 17.20 -11.48 -57.61
C THR D 198 18.11 -11.36 -56.41
N HIS D 199 17.60 -10.77 -55.32
CA HIS D 199 18.41 -10.53 -54.13
C HIS D 199 17.52 -10.25 -52.95
N GLN D 200 18.04 -10.55 -51.75
CA GLN D 200 17.29 -10.42 -50.50
C GLN D 200 16.65 -9.05 -50.30
N GLY D 201 17.39 -8.00 -50.63
CA GLY D 201 16.91 -6.62 -50.50
C GLY D 201 15.98 -6.17 -51.62
N LEU D 202 15.63 -7.08 -52.52
CA LEU D 202 14.68 -6.82 -53.61
C LEU D 202 13.40 -7.60 -53.37
N SER D 203 12.29 -6.89 -53.19
CA SER D 203 10.99 -7.53 -52.99
C SER D 203 10.57 -8.32 -54.24
N SER D 204 10.96 -7.83 -55.42
CA SER D 204 10.77 -8.56 -56.68
C SER D 204 12.05 -8.52 -57.50
N PRO D 205 12.21 -9.50 -58.42
CA PRO D 205 13.38 -9.51 -59.30
C PRO D 205 13.43 -8.29 -60.23
N VAL D 206 14.60 -7.68 -60.36
CA VAL D 206 14.78 -6.51 -61.22
C VAL D 206 15.42 -6.94 -62.54
N THR D 207 14.85 -6.45 -63.64
CA THR D 207 15.38 -6.74 -64.96
C THR D 207 15.84 -5.45 -65.64
N LYS D 208 17.09 -5.44 -66.09
CA LYS D 208 17.59 -4.38 -66.95
C LYS D 208 17.82 -4.99 -68.33
N SER D 209 17.41 -4.28 -69.37
CA SER D 209 17.48 -4.81 -70.73
C SER D 209 17.65 -3.71 -71.76
N PHE D 210 18.10 -4.12 -72.95
CA PHE D 210 18.20 -3.23 -74.09
C PHE D 210 17.91 -4.02 -75.35
N ASN D 211 17.61 -3.30 -76.43
CA ASN D 211 17.45 -3.91 -77.76
C ASN D 211 18.68 -3.55 -78.59
N ARG D 212 19.24 -4.55 -79.31
CA ARG D 212 20.48 -4.29 -80.11
C ARG D 212 20.15 -3.31 -81.25
N GLY D 213 20.94 -2.27 -81.32
CA GLY D 213 20.78 -1.20 -82.29
C GLY D 213 20.18 0.13 -81.82
N GLU D 214 19.68 0.18 -80.60
CA GLU D 214 18.93 1.36 -80.13
C GLU D 214 19.67 2.24 -79.12
N CYS D 215 19.17 3.46 -78.94
CA CYS D 215 19.38 4.34 -77.78
C CYS D 215 18.06 4.74 -77.17
N SER E 3 -4.31 50.70 35.85
CA SER E 3 -4.49 50.07 34.51
C SER E 3 -5.90 49.55 34.35
N GLU E 4 -6.57 49.94 33.26
CA GLU E 4 -7.96 49.56 33.04
C GLU E 4 -8.08 48.26 32.23
N VAL E 5 -9.00 47.39 32.66
CA VAL E 5 -9.18 46.08 32.04
C VAL E 5 -9.88 46.12 30.69
N GLN E 6 -9.31 45.42 29.71
CA GLN E 6 -9.99 45.24 28.42
C GLN E 6 -9.49 44.07 27.59
N LEU E 7 -10.35 43.68 26.65
CA LEU E 7 -10.10 42.55 25.77
C LEU E 7 -10.30 42.98 24.32
N VAL E 8 -9.22 42.94 23.53
CA VAL E 8 -9.28 43.34 22.13
C VAL E 8 -9.15 42.10 21.22
N GLU E 9 -10.18 41.87 20.42
CA GLU E 9 -10.20 40.71 19.51
C GLU E 9 -9.62 41.06 18.14
N SER E 10 -8.98 40.07 17.52
CA SER E 10 -8.45 40.21 16.17
C SER E 10 -8.80 39.00 15.34
N GLY E 11 -8.67 39.14 14.02
CA GLY E 11 -8.99 38.07 13.09
C GLY E 11 -10.48 37.99 12.80
N GLY E 12 -10.87 36.96 12.04
CA GLY E 12 -12.25 36.76 11.64
C GLY E 12 -12.44 37.00 10.16
N GLY E 13 -13.70 36.96 9.70
CA GLY E 13 -14.04 37.25 8.30
C GLY E 13 -14.72 36.10 7.58
N LEU E 14 -14.50 36.03 6.27
CA LEU E 14 -15.12 35.02 5.42
C LEU E 14 -14.19 33.81 5.31
N VAL E 15 -14.74 32.61 5.47
CA VAL E 15 -14.00 31.37 5.29
C VAL E 15 -14.91 30.29 4.69
N GLN E 16 -14.34 29.42 3.88
CA GLN E 16 -15.12 28.37 3.20
C GLN E 16 -15.34 27.18 4.13
N PRO E 17 -16.41 26.40 3.89
CA PRO E 17 -16.66 25.18 4.66
C PRO E 17 -15.46 24.24 4.62
N GLY E 18 -15.12 23.66 5.76
CA GLY E 18 -13.95 22.81 5.88
C GLY E 18 -12.67 23.59 6.17
N GLY E 19 -12.76 24.92 6.15
CA GLY E 19 -11.59 25.77 6.31
C GLY E 19 -11.17 26.00 7.75
N SER E 20 -10.06 26.71 7.91
CA SER E 20 -9.46 26.95 9.22
C SER E 20 -9.25 28.44 9.45
N LEU E 21 -9.42 28.88 10.69
CA LEU E 21 -9.35 30.28 11.04
C LEU E 21 -9.03 30.42 12.52
N ARG E 22 -8.17 31.38 12.86
CA ARG E 22 -7.83 31.63 14.26
C ARG E 22 -8.23 33.02 14.72
N LEU E 23 -8.98 33.08 15.83
CA LEU E 23 -9.32 34.35 16.47
C LEU E 23 -8.36 34.62 17.62
N SER E 24 -8.08 35.91 17.85
CA SER E 24 -7.20 36.34 18.93
C SER E 24 -7.96 37.19 19.92
N CYS E 25 -7.53 37.15 21.18
CA CYS E 25 -8.13 37.92 22.25
C CYS E 25 -7.02 38.49 23.13
N ALA E 26 -6.56 39.70 22.80
CA ALA E 26 -5.45 40.34 23.51
C ALA E 26 -5.95 41.02 24.79
N ALA E 27 -5.38 40.63 25.93
CA ALA E 27 -5.81 41.16 27.22
C ALA E 27 -4.87 42.24 27.73
N SER E 28 -5.42 43.22 28.42
CA SER E 28 -4.64 44.19 29.17
C SER E 28 -5.40 44.60 30.41
N GLY E 29 -4.66 45.03 31.44
CA GLY E 29 -5.25 45.36 32.73
C GLY E 29 -5.34 44.18 33.67
N PHE E 30 -5.03 42.98 33.17
CA PHE E 30 -4.99 41.78 34.00
C PHE E 30 -4.15 40.70 33.34
N ASN E 31 -3.69 39.75 34.15
CA ASN E 31 -2.82 38.68 33.68
C ASN E 31 -3.63 37.45 33.27
N VAL E 32 -3.53 37.07 32.00
CA VAL E 32 -4.27 35.94 31.46
C VAL E 32 -3.87 34.61 32.13
N SER E 33 -2.64 34.54 32.61
CA SER E 33 -2.14 33.32 33.27
C SER E 33 -2.73 33.08 34.66
N TYR E 34 -3.33 34.11 35.25
CA TYR E 34 -4.02 33.98 36.54
C TYR E 34 -5.52 34.26 36.42
N SER E 35 -6.05 34.13 35.20
CA SER E 35 -7.47 34.37 34.94
C SER E 35 -8.00 33.30 34.00
N SER E 36 -9.30 33.33 33.77
CA SER E 36 -9.93 32.44 32.81
C SER E 36 -10.46 33.25 31.63
N ILE E 37 -10.29 32.70 30.43
CA ILE E 37 -10.83 33.29 29.22
C ILE E 37 -11.86 32.35 28.61
N HIS E 38 -12.93 32.92 28.08
CA HIS E 38 -14.04 32.15 27.54
C HIS E 38 -14.42 32.68 26.19
N TRP E 39 -14.79 31.77 25.28
CA TRP E 39 -15.32 32.16 23.99
C TRP E 39 -16.78 31.85 23.93
N VAL E 40 -17.56 32.86 23.54
CA VAL E 40 -19.01 32.74 23.41
C VAL E 40 -19.40 33.33 22.05
N ARG E 41 -20.29 32.65 21.34
CA ARG E 41 -20.70 33.11 20.02
C ARG E 41 -22.21 33.34 19.93
N GLN E 42 -22.61 34.10 18.93
CA GLN E 42 -23.99 34.48 18.72
C GLN E 42 -24.32 34.56 17.24
N ALA E 43 -25.12 33.62 16.76
CA ALA E 43 -25.57 33.63 15.37
C ALA E 43 -26.60 34.75 15.20
N PRO E 44 -26.70 35.32 13.98
CA PRO E 44 -27.63 36.43 13.75
C PRO E 44 -29.04 36.13 14.24
N GLY E 45 -29.57 37.00 15.10
CA GLY E 45 -30.91 36.86 15.65
C GLY E 45 -31.12 35.71 16.62
N LYS E 46 -30.03 35.08 17.06
CA LYS E 46 -30.10 33.91 17.93
C LYS E 46 -29.50 34.25 19.28
N GLY E 47 -29.61 33.30 20.21
CA GLY E 47 -29.10 33.49 21.57
C GLY E 47 -27.60 33.29 21.69
N LEU E 48 -27.09 33.51 22.89
CA LEU E 48 -25.68 33.28 23.21
C LEU E 48 -25.41 31.78 23.25
N GLU E 49 -24.27 31.37 22.71
CA GLU E 49 -23.82 29.99 22.79
C GLU E 49 -22.37 29.94 23.26
N TRP E 50 -22.14 29.25 24.37
CA TRP E 50 -20.80 29.01 24.87
C TRP E 50 -20.06 28.08 23.96
N VAL E 51 -18.79 28.39 23.69
CA VAL E 51 -17.96 27.64 22.76
C VAL E 51 -16.82 26.90 23.49
N ALA E 52 -16.06 27.63 24.29
CA ALA E 52 -14.89 27.07 24.96
C ALA E 52 -14.40 27.94 26.12
N SER E 53 -13.65 27.32 27.03
CA SER E 53 -13.07 28.01 28.18
C SER E 53 -11.65 27.52 28.44
N ILE E 54 -10.79 28.39 28.95
CA ILE E 54 -9.42 28.01 29.33
C ILE E 54 -9.04 28.57 30.70
N TYR E 55 -8.39 27.73 31.49
CA TYR E 55 -7.86 28.11 32.80
C TYR E 55 -6.38 27.78 32.84
N SER E 56 -5.55 28.72 32.37
CA SER E 56 -4.12 28.48 32.16
C SER E 56 -3.38 28.02 33.41
N TYR E 57 -3.73 28.58 34.56
CA TYR E 57 -3.05 28.25 35.80
C TYR E 57 -3.12 26.76 36.12
N TYR E 58 -4.29 26.17 35.90
CA TYR E 58 -4.50 24.73 36.15
C TYR E 58 -4.25 23.86 34.93
N GLY E 59 -4.26 24.45 33.74
CA GLY E 59 -4.08 23.72 32.50
C GLY E 59 -5.34 23.00 32.04
N TYR E 60 -6.50 23.49 32.48
CA TYR E 60 -7.78 22.92 32.10
C TYR E 60 -8.39 23.67 30.92
N THR E 61 -8.91 22.92 29.96
CA THR E 61 -9.70 23.49 28.87
C THR E 61 -11.02 22.72 28.75
N TYR E 62 -12.08 23.43 28.38
CA TYR E 62 -13.40 22.83 28.22
C TYR E 62 -14.03 23.29 26.92
N TYR E 63 -14.85 22.43 26.32
CA TYR E 63 -15.44 22.70 25.01
C TYR E 63 -16.91 22.31 24.96
N ALA E 64 -17.69 23.05 24.19
CA ALA E 64 -19.08 22.68 23.91
C ALA E 64 -19.07 21.47 22.98
N ASP E 65 -20.07 20.61 23.10
CA ASP E 65 -20.16 19.42 22.26
C ASP E 65 -20.22 19.75 20.77
N SER E 66 -20.89 20.86 20.45
CA SER E 66 -21.04 21.28 19.05
C SER E 66 -19.72 21.65 18.35
N VAL E 67 -18.66 21.93 19.12
CA VAL E 67 -17.36 22.29 18.54
C VAL E 67 -16.21 21.34 18.94
N LYS E 68 -16.51 20.34 19.76
CA LYS E 68 -15.49 19.44 20.30
C LYS E 68 -14.78 18.70 19.17
N GLY E 69 -13.45 18.63 19.25
CA GLY E 69 -12.64 17.98 18.22
C GLY E 69 -12.35 18.81 16.98
N ARG E 70 -12.98 19.98 16.89
CA ARG E 70 -12.80 20.88 15.75
C ARG E 70 -12.14 22.18 16.15
N PHE E 71 -12.54 22.70 17.32
CA PHE E 71 -12.01 23.97 17.83
C PHE E 71 -11.00 23.70 18.93
N THR E 72 -10.01 24.57 19.04
CA THR E 72 -9.04 24.50 20.14
C THR E 72 -8.85 25.88 20.75
N ILE E 73 -8.98 25.95 22.07
CA ILE E 73 -8.73 27.17 22.83
C ILE E 73 -7.33 27.08 23.44
N SER E 74 -6.62 28.20 23.47
CA SER E 74 -5.25 28.23 23.98
C SER E 74 -4.87 29.62 24.45
N ALA E 75 -3.71 29.75 25.07
CA ALA E 75 -3.24 31.02 25.60
C ALA E 75 -1.73 31.14 25.54
N ASP E 76 -1.25 32.33 25.15
CA ASP E 76 0.17 32.64 25.20
C ASP E 76 0.41 33.60 26.36
N THR E 77 0.97 33.07 27.45
CA THR E 77 1.26 33.84 28.65
C THR E 77 2.12 35.08 28.38
N SER E 78 3.17 34.91 27.59
CA SER E 78 4.11 35.99 27.32
C SER E 78 3.46 37.15 26.56
N LYS E 79 2.56 36.84 25.62
CA LYS E 79 1.84 37.87 24.87
C LYS E 79 0.52 38.29 25.53
N ASN E 80 0.20 37.67 26.68
CA ASN E 80 -1.04 37.95 27.39
C ASN E 80 -2.26 37.90 26.47
N THR E 81 -2.32 36.86 25.63
CA THR E 81 -3.35 36.71 24.61
C THR E 81 -3.92 35.30 24.63
N ALA E 82 -5.23 35.19 24.44
CA ALA E 82 -5.90 33.91 24.27
C ALA E 82 -6.29 33.74 22.80
N TYR E 83 -6.42 32.49 22.36
CA TYR E 83 -6.75 32.19 20.97
C TYR E 83 -7.86 31.16 20.88
N LEU E 84 -8.59 31.20 19.76
CA LEU E 84 -9.53 30.14 19.42
C LEU E 84 -9.21 29.69 18.00
N GLN E 85 -8.59 28.52 17.88
CA GLN E 85 -8.33 27.91 16.59
C GLN E 85 -9.58 27.18 16.13
N MET E 86 -10.15 27.61 15.01
CA MET E 86 -11.36 27.01 14.48
C MET E 86 -11.04 26.25 13.21
N ASN E 87 -11.19 24.93 13.26
CA ASN E 87 -10.95 24.06 12.11
C ASN E 87 -12.24 23.36 11.67
N SER E 88 -12.21 22.77 10.48
CA SER E 88 -13.37 22.08 9.92
C SER E 88 -14.65 22.91 10.07
N LEU E 89 -14.57 24.19 9.70
CA LEU E 89 -15.71 25.09 9.85
C LEU E 89 -16.91 24.66 9.02
N ARG E 90 -18.10 24.91 9.55
CA ARG E 90 -19.36 24.61 8.87
C ARG E 90 -20.21 25.87 8.82
N ALA E 91 -21.20 25.87 7.92
CA ALA E 91 -22.10 27.02 7.77
C ALA E 91 -22.72 27.47 9.10
N GLU E 92 -23.13 26.51 9.91
CA GLU E 92 -23.78 26.80 11.20
C GLU E 92 -22.83 27.37 12.27
N ASP E 93 -21.52 27.43 11.97
CA ASP E 93 -20.58 28.15 12.84
C ASP E 93 -20.56 29.65 12.56
N THR E 94 -21.32 30.10 11.56
CA THR E 94 -21.43 31.52 11.27
C THR E 94 -22.02 32.25 12.47
N ALA E 95 -21.27 33.22 13.00
CA ALA E 95 -21.70 33.96 14.18
C ALA E 95 -20.72 35.09 14.53
N VAL E 96 -21.16 35.97 15.41
CA VAL E 96 -20.27 36.94 16.05
C VAL E 96 -19.61 36.22 17.22
N TYR E 97 -18.28 36.24 17.27
CA TYR E 97 -17.53 35.53 18.30
C TYR E 97 -16.98 36.51 19.33
N TYR E 98 -17.34 36.30 20.59
CA TYR E 98 -16.88 37.11 21.70
C TYR E 98 -15.87 36.34 22.55
N CYS E 99 -14.87 37.04 23.07
CA CYS E 99 -14.07 36.52 24.16
C CYS E 99 -14.40 37.29 25.43
N ALA E 100 -14.27 36.63 26.57
CA ALA E 100 -14.64 37.23 27.85
C ALA E 100 -13.78 36.73 29.00
N ARG E 101 -13.59 37.58 30.01
CA ARG E 101 -12.85 37.18 31.21
C ARG E 101 -13.80 36.59 32.24
N GLY E 102 -13.33 35.55 32.93
CA GLY E 102 -14.12 34.88 33.95
C GLY E 102 -14.03 35.56 35.31
N TYR E 103 -15.09 35.37 36.08
CA TYR E 103 -15.23 35.90 37.44
C TYR E 103 -15.83 34.74 38.24
N TYR E 104 -16.20 34.97 39.50
CA TYR E 104 -16.79 33.91 40.32
C TYR E 104 -17.81 33.06 39.54
N GLY E 105 -17.66 31.74 39.60
CA GLY E 105 -18.59 30.81 38.98
C GLY E 105 -18.60 30.82 37.46
N ALA E 106 -17.49 31.24 36.86
CA ALA E 106 -17.40 31.43 35.42
C ALA E 106 -18.36 32.50 34.90
N ALA E 107 -18.83 33.38 35.78
CA ALA E 107 -19.53 34.57 35.35
C ALA E 107 -18.53 35.37 34.52
N MET E 108 -19.00 36.07 33.51
CA MET E 108 -18.11 36.76 32.57
C MET E 108 -18.25 38.28 32.72
N ASP E 109 -17.26 38.91 33.36
CA ASP E 109 -17.38 40.31 33.75
C ASP E 109 -16.91 41.31 32.68
N TYR E 110 -15.86 40.98 31.96
CA TYR E 110 -15.35 41.85 30.90
C TYR E 110 -15.34 41.13 29.55
N TRP E 111 -15.82 41.82 28.52
CA TRP E 111 -16.03 41.24 27.21
C TRP E 111 -15.29 41.95 26.15
N GLY E 112 -14.90 41.22 25.11
CA GLY E 112 -14.32 41.82 23.93
C GLY E 112 -15.39 42.48 23.08
N GLN E 113 -14.91 43.17 22.05
CA GLN E 113 -15.73 43.71 21.06
C GLN E 113 -15.61 42.32 20.24
N GLY E 114 -16.79 41.92 19.89
CA GLY E 114 -17.04 40.74 19.05
C GLY E 114 -16.41 40.85 17.66
N THR E 115 -16.30 39.71 16.97
CA THR E 115 -15.81 39.68 15.60
C THR E 115 -16.64 38.69 14.78
N LEU E 116 -16.98 39.08 13.56
CA LEU E 116 -17.89 38.28 12.74
C LEU E 116 -17.12 37.24 11.95
N VAL E 117 -17.56 35.99 12.06
CA VAL E 117 -17.02 34.91 11.24
C VAL E 117 -18.15 34.37 10.37
N THR E 118 -17.96 34.41 9.06
CA THR E 118 -18.95 33.91 8.10
C THR E 118 -18.38 32.69 7.39
N VAL E 119 -19.08 31.56 7.50
CA VAL E 119 -18.67 30.32 6.83
C VAL E 119 -19.61 30.04 5.66
N SER E 120 -19.08 30.07 4.44
CA SER E 120 -19.91 29.91 3.25
C SER E 120 -19.06 29.77 1.99
N SER E 121 -19.63 29.11 0.98
CA SER E 121 -18.98 28.94 -0.32
C SER E 121 -19.14 30.16 -1.22
N ALA E 122 -20.01 31.08 -0.84
CA ALA E 122 -20.29 32.24 -1.66
C ALA E 122 -19.06 33.14 -1.75
N SER E 123 -18.91 33.78 -2.90
CA SER E 123 -17.80 34.69 -3.14
C SER E 123 -18.15 36.09 -2.68
N THR E 124 -17.15 36.84 -2.24
CA THR E 124 -17.33 38.23 -1.85
C THR E 124 -17.88 39.00 -3.04
N LYS E 125 -18.90 39.82 -2.80
CA LYS E 125 -19.57 40.54 -3.88
C LYS E 125 -20.22 41.82 -3.36
N GLY E 126 -20.06 42.89 -4.13
CA GLY E 126 -20.69 44.16 -3.83
C GLY E 126 -22.17 44.16 -4.20
N PRO E 127 -22.97 44.98 -3.50
CA PRO E 127 -24.39 45.04 -3.78
C PRO E 127 -24.72 45.81 -5.06
N SER E 128 -25.81 45.44 -5.71
CA SER E 128 -26.46 46.29 -6.68
C SER E 128 -27.46 47.11 -5.91
N VAL E 129 -27.47 48.42 -6.13
CA VAL E 129 -28.37 49.31 -5.39
C VAL E 129 -29.44 49.83 -6.35
N PHE E 130 -30.70 49.53 -6.04
CA PHE E 130 -31.83 49.93 -6.88
C PHE E 130 -32.73 50.87 -6.10
N PRO E 131 -33.31 51.87 -6.80
CA PRO E 131 -34.17 52.82 -6.11
C PRO E 131 -35.55 52.25 -5.84
N LEU E 132 -36.10 52.59 -4.68
CA LEU E 132 -37.51 52.37 -4.39
C LEU E 132 -38.19 53.72 -4.54
N ALA E 133 -38.71 53.98 -5.73
CA ALA E 133 -39.23 55.29 -6.10
C ALA E 133 -40.55 55.61 -5.38
N PRO E 134 -40.73 56.86 -4.92
CA PRO E 134 -41.99 57.27 -4.32
C PRO E 134 -43.06 57.49 -5.40
N SER E 135 -44.32 57.16 -5.11
CA SER E 135 -45.38 57.29 -6.13
C SER E 135 -45.87 58.71 -6.19
N GLY E 142 -49.62 64.69 2.03
CA GLY E 142 -49.32 64.06 3.31
C GLY E 142 -47.90 63.53 3.39
N THR E 143 -47.77 62.20 3.45
CA THR E 143 -46.48 61.55 3.64
C THR E 143 -46.18 60.61 2.48
N ALA E 144 -44.97 60.72 1.93
CA ALA E 144 -44.47 59.81 0.90
C ALA E 144 -43.37 58.91 1.47
N ALA E 145 -43.21 57.73 0.90
CA ALA E 145 -42.14 56.81 1.29
C ALA E 145 -41.25 56.50 0.10
N LEU E 146 -39.95 56.44 0.35
CA LEU E 146 -38.97 56.07 -0.67
C LEU E 146 -37.83 55.29 -0.01
N GLY E 147 -36.96 54.69 -0.83
CA GLY E 147 -35.86 53.92 -0.28
C GLY E 147 -34.88 53.37 -1.30
N CYS E 148 -33.98 52.50 -0.85
CA CYS E 148 -33.07 51.77 -1.73
C CYS E 148 -33.10 50.29 -1.42
N LEU E 149 -33.10 49.48 -2.47
CA LEU E 149 -32.94 48.05 -2.35
C LEU E 149 -31.47 47.73 -2.53
N VAL E 150 -30.83 47.25 -1.48
CA VAL E 150 -29.42 46.86 -1.52
C VAL E 150 -29.36 45.35 -1.70
N LYS E 151 -29.20 44.90 -2.95
CA LYS E 151 -29.43 43.50 -3.30
C LYS E 151 -28.16 42.72 -3.65
N ASP E 152 -28.14 41.45 -3.26
CA ASP E 152 -27.13 40.48 -3.69
C ASP E 152 -25.70 40.89 -3.36
N TYR E 153 -25.44 41.12 -2.08
CA TYR E 153 -24.08 41.38 -1.61
C TYR E 153 -23.63 40.27 -0.68
N PHE E 154 -22.32 40.16 -0.49
CA PHE E 154 -21.75 39.14 0.38
C PHE E 154 -20.31 39.46 0.75
N PRO E 155 -19.92 39.21 2.02
CA PRO E 155 -20.71 38.81 3.18
C PRO E 155 -21.29 40.03 3.89
N GLU E 156 -21.84 39.85 5.08
CA GLU E 156 -22.19 41.01 5.92
C GLU E 156 -20.90 41.70 6.36
N PRO E 157 -20.98 42.99 6.74
CA PRO E 157 -22.14 43.86 6.77
C PRO E 157 -22.11 44.93 5.67
N VAL E 158 -23.23 45.62 5.53
CA VAL E 158 -23.28 46.87 4.76
C VAL E 158 -23.80 47.96 5.67
N THR E 159 -23.37 49.20 5.42
CA THR E 159 -23.92 50.36 6.12
C THR E 159 -24.66 51.23 5.11
N VAL E 160 -25.77 51.81 5.55
CA VAL E 160 -26.57 52.69 4.70
C VAL E 160 -26.90 53.97 5.43
N SER E 161 -26.64 55.10 4.79
CA SER E 161 -27.04 56.40 5.30
C SER E 161 -27.78 57.17 4.19
N TRP E 162 -28.35 58.31 4.56
CA TRP E 162 -29.10 59.15 3.62
C TRP E 162 -28.61 60.57 3.63
N ASN E 163 -28.35 61.10 2.45
CA ASN E 163 -27.79 62.44 2.28
C ASN E 163 -26.55 62.66 3.13
N SER E 164 -25.64 61.68 3.06
CA SER E 164 -24.36 61.68 3.79
C SER E 164 -24.52 61.90 5.30
N GLY E 165 -25.57 61.33 5.88
CA GLY E 165 -25.84 61.45 7.31
C GLY E 165 -26.75 62.61 7.69
N ALA E 166 -27.04 63.50 6.74
CA ALA E 166 -27.88 64.68 6.99
C ALA E 166 -29.34 64.31 7.28
N LEU E 167 -29.80 63.18 6.74
CA LEU E 167 -31.17 62.72 6.93
C LEU E 167 -31.17 61.42 7.74
N THR E 168 -31.61 61.51 9.00
CA THR E 168 -31.72 60.34 9.87
C THR E 168 -33.15 60.14 10.38
N SER E 169 -33.84 61.24 10.66
CA SER E 169 -35.23 61.20 11.10
C SER E 169 -36.12 60.48 10.08
N GLY E 170 -36.82 59.44 10.53
CA GLY E 170 -37.75 58.68 9.68
C GLY E 170 -37.11 57.54 8.91
N VAL E 171 -35.80 57.36 9.04
CA VAL E 171 -35.08 56.30 8.33
C VAL E 171 -35.26 54.95 9.02
N HIS E 172 -35.52 53.91 8.23
CA HIS E 172 -35.53 52.54 8.71
C HIS E 172 -34.70 51.69 7.79
N THR E 173 -33.55 51.22 8.28
CA THR E 173 -32.70 50.30 7.53
C THR E 173 -32.89 48.90 8.10
N PHE E 174 -33.42 48.01 7.27
CA PHE E 174 -33.84 46.69 7.73
C PHE E 174 -32.66 45.72 7.89
N PRO E 175 -32.78 44.77 8.83
CA PRO E 175 -31.80 43.69 8.93
C PRO E 175 -31.72 42.90 7.63
N ALA E 176 -30.50 42.52 7.24
CA ALA E 176 -30.28 41.74 6.04
C ALA E 176 -31.02 40.41 6.10
N VAL E 177 -31.45 39.93 4.94
CA VAL E 177 -32.03 38.61 4.80
C VAL E 177 -31.10 37.76 3.93
N LEU E 178 -30.85 36.53 4.36
CA LEU E 178 -30.03 35.60 3.59
C LEU E 178 -30.92 34.91 2.58
N GLN E 179 -30.63 35.10 1.30
CA GLN E 179 -31.42 34.50 0.23
C GLN E 179 -30.94 33.08 -0.07
N SER E 180 -31.72 32.34 -0.82
CA SER E 180 -31.38 30.95 -1.18
C SER E 180 -30.14 30.85 -2.06
N SER E 181 -29.80 31.95 -2.74
CA SER E 181 -28.56 32.02 -3.52
C SER E 181 -27.30 32.04 -2.63
N GLY E 182 -27.47 32.33 -1.35
CA GLY E 182 -26.33 32.46 -0.43
C GLY E 182 -25.89 33.89 -0.24
N LEU E 183 -26.51 34.81 -0.99
CA LEU E 183 -26.18 36.22 -0.91
C LEU E 183 -27.17 36.95 0.01
N TYR E 184 -26.73 38.09 0.54
CA TYR E 184 -27.56 38.90 1.43
C TYR E 184 -28.27 39.99 0.65
N SER E 185 -29.34 40.50 1.24
CA SER E 185 -30.13 41.56 0.63
C SER E 185 -30.92 42.30 1.71
N LEU E 186 -31.02 43.62 1.57
CA LEU E 186 -31.81 44.44 2.48
C LEU E 186 -32.34 45.69 1.81
N SER E 187 -33.31 46.31 2.46
CA SER E 187 -33.83 47.60 2.02
C SER E 187 -33.65 48.64 3.11
N SER E 188 -33.46 49.89 2.70
CA SER E 188 -33.46 51.02 3.61
C SER E 188 -34.52 51.99 3.08
N VAL E 189 -35.42 52.41 3.96
CA VAL E 189 -36.52 53.29 3.56
C VAL E 189 -36.58 54.52 4.46
N VAL E 190 -37.18 55.58 3.94
CA VAL E 190 -37.41 56.80 4.71
C VAL E 190 -38.75 57.44 4.31
N THR E 191 -39.48 57.92 5.31
CA THR E 191 -40.72 58.64 5.07
C THR E 191 -40.44 60.15 5.14
N VAL E 192 -40.98 60.88 4.17
CA VAL E 192 -40.78 62.32 4.06
C VAL E 192 -42.10 62.97 3.65
N PRO E 193 -42.22 64.30 3.82
CA PRO E 193 -43.42 64.98 3.33
C PRO E 193 -43.50 64.96 1.81
N SER E 194 -44.71 64.78 1.28
CA SER E 194 -44.94 64.71 -0.18
C SER E 194 -44.45 65.97 -0.88
N SER E 195 -44.71 67.13 -0.27
CA SER E 195 -44.32 68.42 -0.84
C SER E 195 -42.81 68.55 -1.09
N SER E 196 -42.01 67.82 -0.31
CA SER E 196 -40.55 67.88 -0.44
C SER E 196 -40.00 67.12 -1.66
N LEU E 197 -40.80 66.25 -2.27
CA LEU E 197 -40.34 65.39 -3.36
C LEU E 197 -39.84 66.17 -4.58
N GLY E 198 -40.57 67.23 -4.95
CA GLY E 198 -40.25 68.00 -6.15
C GLY E 198 -38.99 68.84 -6.02
N THR E 199 -38.73 69.33 -4.81
CA THR E 199 -37.60 70.23 -4.55
C THR E 199 -36.32 69.45 -4.22
N TYR E 202 -32.80 63.37 -2.59
CA TYR E 202 -32.61 62.23 -1.71
C TYR E 202 -31.64 61.22 -2.30
N ILE E 203 -30.52 60.99 -1.61
CA ILE E 203 -29.48 60.07 -2.06
C ILE E 203 -29.17 59.09 -0.93
N CYS E 204 -29.18 57.79 -1.23
CA CYS E 204 -28.73 56.80 -0.26
C CYS E 204 -27.28 56.43 -0.48
N ASN E 205 -26.53 56.34 0.61
CA ASN E 205 -25.11 56.02 0.57
C ASN E 205 -24.90 54.62 1.11
N VAL E 206 -24.58 53.69 0.22
CA VAL E 206 -24.37 52.29 0.59
C VAL E 206 -22.87 52.00 0.59
N ASN E 207 -22.39 51.41 1.67
CA ASN E 207 -20.98 51.10 1.83
C ASN E 207 -20.79 49.64 2.18
N HIS E 208 -19.98 48.95 1.40
CA HIS E 208 -19.72 47.53 1.60
C HIS E 208 -18.24 47.31 1.69
N LYS E 209 -17.73 47.39 2.91
CA LYS E 209 -16.29 47.28 3.20
C LYS E 209 -15.65 46.00 2.65
N PRO E 210 -16.27 44.82 2.88
CA PRO E 210 -15.67 43.56 2.42
C PRO E 210 -15.34 43.48 0.94
N SER E 211 -16.11 44.15 0.08
CA SER E 211 -15.81 44.21 -1.35
C SER E 211 -15.19 45.55 -1.75
N ASN E 212 -14.99 46.42 -0.76
CA ASN E 212 -14.44 47.76 -1.00
C ASN E 212 -15.23 48.55 -2.05
N THR E 213 -16.55 48.37 -2.07
CA THR E 213 -17.40 49.10 -2.98
C THR E 213 -18.26 50.10 -2.22
N LYS E 214 -18.48 51.25 -2.86
CA LYS E 214 -19.22 52.34 -2.27
C LYS E 214 -20.12 52.91 -3.36
N VAL E 215 -21.42 53.01 -3.08
CA VAL E 215 -22.39 53.44 -4.09
C VAL E 215 -23.33 54.50 -3.52
N ASP E 216 -23.51 55.59 -4.28
CA ASP E 216 -24.49 56.61 -3.96
C ASP E 216 -25.56 56.58 -5.03
N LYS E 217 -26.80 56.36 -4.63
CA LYS E 217 -27.92 56.31 -5.58
C LYS E 217 -28.96 57.37 -5.26
N LYS E 218 -29.23 58.24 -6.23
CA LYS E 218 -30.27 59.25 -6.11
C LYS E 218 -31.62 58.62 -6.35
N VAL E 219 -32.53 58.76 -5.39
CA VAL E 219 -33.88 58.20 -5.52
C VAL E 219 -34.85 59.30 -5.95
N GLU E 220 -35.34 59.19 -7.18
CA GLU E 220 -36.26 60.18 -7.74
C GLU E 220 -37.64 59.58 -7.99
N PRO E 221 -38.68 60.43 -7.94
CA PRO E 221 -40.01 59.96 -8.33
C PRO E 221 -40.06 59.63 -9.82
N LYS E 222 -40.29 58.36 -10.16
CA LYS E 222 -40.25 57.90 -11.56
C LYS E 222 -41.05 58.78 -12.52
N THR F 6 -37.16 27.85 20.27
CA THR F 6 -36.44 28.01 21.57
C THR F 6 -34.92 28.19 21.40
N GLN F 7 -34.47 28.33 20.15
CA GLN F 7 -33.10 28.73 19.86
C GLN F 7 -32.99 30.27 19.91
N SER F 8 -34.13 30.93 19.76
CA SER F 8 -34.22 32.39 19.81
C SER F 8 -34.83 32.82 21.13
N PRO F 9 -34.50 34.05 21.59
CA PRO F 9 -35.02 34.49 22.89
C PRO F 9 -36.53 34.71 22.89
N SER F 10 -37.18 34.30 23.98
CA SER F 10 -38.59 34.57 24.21
C SER F 10 -38.88 36.06 24.32
N SER F 11 -40.13 36.44 24.11
CA SER F 11 -40.54 37.84 24.15
C SER F 11 -41.43 38.14 25.36
N LEU F 12 -41.25 39.33 25.93
CA LEU F 12 -42.07 39.79 27.06
C LEU F 12 -42.36 41.29 26.92
N SER F 13 -43.63 41.67 27.02
CA SER F 13 -44.04 43.07 26.93
C SER F 13 -44.31 43.64 28.31
N ALA F 14 -43.67 44.76 28.63
CA ALA F 14 -43.80 45.38 29.94
C ALA F 14 -43.79 46.91 29.85
N SER F 15 -44.27 47.55 30.91
CA SER F 15 -44.30 49.00 31.01
C SER F 15 -43.24 49.48 32.00
N VAL F 16 -42.81 50.73 31.85
CA VAL F 16 -41.90 51.35 32.81
C VAL F 16 -42.55 51.33 34.19
N GLY F 17 -41.79 50.91 35.19
CA GLY F 17 -42.29 50.79 36.56
C GLY F 17 -42.79 49.40 36.92
N ASP F 18 -42.93 48.52 35.94
CA ASP F 18 -43.39 47.16 36.19
C ASP F 18 -42.32 46.30 36.87
N ARG F 19 -42.78 45.29 37.58
CA ARG F 19 -41.92 44.29 38.19
C ARG F 19 -41.84 43.09 37.25
N VAL F 20 -40.63 42.62 36.98
CA VAL F 20 -40.41 41.52 36.05
C VAL F 20 -39.54 40.42 36.66
N THR F 21 -39.97 39.17 36.54
CA THR F 21 -39.18 38.03 37.02
C THR F 21 -38.94 37.03 35.89
N ILE F 22 -37.68 36.82 35.54
CA ILE F 22 -37.30 35.89 34.47
C ILE F 22 -36.76 34.61 35.07
N THR F 23 -37.26 33.46 34.60
CA THR F 23 -36.80 32.15 35.06
C THR F 23 -35.76 31.59 34.10
N CYS F 24 -34.70 31.02 34.66
CA CYS F 24 -33.58 30.51 33.87
C CYS F 24 -33.88 29.13 33.33
N ARG F 25 -33.65 28.97 32.02
CA ARG F 25 -33.83 27.71 31.37
C ARG F 25 -32.57 27.29 30.61
N ALA F 26 -31.57 26.94 31.39
CA ALA F 26 -30.31 26.43 30.86
C ALA F 26 -30.14 24.94 31.19
N SER F 27 -31.26 24.22 31.38
CA SER F 27 -31.25 22.82 31.79
C SER F 27 -30.23 22.57 32.92
N GLN F 28 -30.39 23.33 33.99
CA GLN F 28 -29.40 23.43 35.06
C GLN F 28 -29.63 22.38 36.17
N SER F 29 -28.73 22.37 37.16
CA SER F 29 -28.89 21.52 38.34
C SER F 29 -28.78 22.36 39.61
N VAL F 30 -28.92 21.70 40.76
CA VAL F 30 -28.78 22.35 42.08
C VAL F 30 -27.35 22.85 42.35
N SER F 31 -26.36 22.14 41.81
CA SER F 31 -24.95 22.45 42.01
C SER F 31 -24.54 23.73 41.29
N SER F 32 -25.20 23.99 40.17
CA SER F 32 -24.83 25.05 39.24
C SER F 32 -24.50 26.42 39.86
N ALA F 33 -23.42 27.02 39.36
CA ALA F 33 -23.13 28.43 39.59
C ALA F 33 -23.77 29.23 38.46
N VAL F 34 -24.70 30.13 38.80
CA VAL F 34 -25.52 30.80 37.81
C VAL F 34 -25.22 32.29 37.73
N ALA F 35 -25.17 32.82 36.51
CA ALA F 35 -24.96 34.24 36.28
C ALA F 35 -26.06 34.79 35.38
N TRP F 36 -26.22 36.11 35.39
CA TRP F 36 -27.24 36.79 34.57
C TRP F 36 -26.64 37.93 33.82
N TYR F 37 -27.11 38.12 32.58
CA TYR F 37 -26.57 39.15 31.69
C TYR F 37 -27.66 39.99 31.06
N GLN F 38 -27.30 41.21 30.69
CA GLN F 38 -28.14 42.08 29.88
C GLN F 38 -27.44 42.32 28.56
N GLN F 39 -28.17 42.24 27.45
CA GLN F 39 -27.61 42.56 26.14
C GLN F 39 -28.54 43.48 25.37
N LYS F 40 -27.95 44.53 24.79
CA LYS F 40 -28.67 45.42 23.90
C LYS F 40 -28.16 45.22 22.48
N PRO F 41 -28.98 45.57 21.46
CA PRO F 41 -28.59 45.34 20.07
C PRO F 41 -27.23 45.94 19.69
N GLY F 42 -26.42 45.15 18.99
CA GLY F 42 -25.10 45.60 18.51
C GLY F 42 -24.04 45.74 19.57
N LYS F 43 -24.30 45.23 20.77
CA LYS F 43 -23.40 45.39 21.92
C LYS F 43 -23.12 44.05 22.60
N ALA F 44 -21.97 43.96 23.26
CA ALA F 44 -21.62 42.78 24.05
C ALA F 44 -22.48 42.72 25.30
N PRO F 45 -22.71 41.51 25.83
CA PRO F 45 -23.47 41.38 27.08
C PRO F 45 -22.78 42.03 28.28
N LYS F 46 -23.58 42.44 29.26
CA LYS F 46 -23.10 43.02 30.52
C LYS F 46 -23.49 42.11 31.68
N LEU F 47 -22.54 41.84 32.56
CA LEU F 47 -22.81 41.01 33.74
C LEU F 47 -23.65 41.77 34.76
N LEU F 48 -24.72 41.12 35.23
CA LEU F 48 -25.64 41.69 36.22
C LEU F 48 -25.49 41.00 37.56
N ILE F 49 -25.64 39.69 37.56
CA ILE F 49 -25.60 38.87 38.77
C ILE F 49 -24.60 37.73 38.60
N TYR F 50 -23.95 37.36 39.69
CA TYR F 50 -23.09 36.18 39.70
C TYR F 50 -23.37 35.33 40.95
N SER F 51 -22.92 34.09 40.93
CA SER F 51 -23.17 33.14 42.02
C SER F 51 -24.63 33.16 42.44
N ALA F 52 -25.52 33.09 41.46
CA ALA F 52 -26.97 33.00 41.70
C ALA F 52 -27.61 34.31 42.15
N SER F 53 -27.06 34.94 43.20
CA SER F 53 -27.72 36.08 43.85
C SER F 53 -26.85 37.29 44.18
N SER F 54 -25.57 37.27 43.81
CA SER F 54 -24.69 38.38 44.15
C SER F 54 -24.75 39.46 43.08
N LEU F 55 -25.00 40.70 43.50
CA LEU F 55 -25.08 41.84 42.59
C LEU F 55 -23.68 42.27 42.18
N TYR F 56 -23.43 42.30 40.87
CA TYR F 56 -22.11 42.68 40.36
C TYR F 56 -21.86 44.16 40.59
N SER F 57 -20.60 44.50 40.82
CA SER F 57 -20.19 45.89 41.06
C SER F 57 -20.71 46.86 40.00
N GLY F 58 -21.33 47.94 40.45
CA GLY F 58 -21.84 48.98 39.56
C GLY F 58 -23.25 48.77 39.05
N VAL F 59 -23.80 47.57 39.24
CA VAL F 59 -25.14 47.26 38.75
C VAL F 59 -26.17 47.79 39.74
N PRO F 60 -27.20 48.49 39.24
CA PRO F 60 -28.26 49.04 40.09
C PRO F 60 -28.93 48.00 40.99
N SER F 61 -29.39 48.45 42.17
CA SER F 61 -29.93 47.55 43.18
C SER F 61 -31.32 46.98 42.86
N ARG F 62 -31.99 47.56 41.87
CA ARG F 62 -33.29 47.03 41.42
C ARG F 62 -33.18 45.65 40.76
N PHE F 63 -31.97 45.30 40.29
CA PHE F 63 -31.69 43.95 39.81
C PHE F 63 -31.35 43.04 40.99
N SER F 64 -32.00 41.89 41.06
CA SER F 64 -31.70 40.89 42.08
C SER F 64 -31.85 39.48 41.51
N GLY F 65 -31.04 38.56 42.03
CA GLY F 65 -31.08 37.17 41.62
C GLY F 65 -31.44 36.30 42.79
N SER F 66 -32.10 35.17 42.51
CA SER F 66 -32.55 34.28 43.55
C SER F 66 -32.53 32.82 43.09
N ARG F 67 -32.33 31.92 44.04
CA ARG F 67 -32.31 30.49 43.78
C ARG F 67 -33.32 29.81 44.67
N SER F 68 -34.19 29.00 44.06
CA SER F 68 -35.15 28.21 44.81
C SER F 68 -35.12 26.78 44.29
N GLY F 69 -34.38 25.92 44.99
CA GLY F 69 -34.17 24.54 44.57
C GLY F 69 -33.42 24.50 43.26
N THR F 70 -34.09 24.00 42.23
CA THR F 70 -33.50 23.90 40.89
C THR F 70 -33.83 25.11 40.01
N ASP F 71 -34.67 26.01 40.52
CA ASP F 71 -35.15 27.17 39.75
C ASP F 71 -34.38 28.43 40.10
N PHE F 72 -33.74 29.01 39.08
CA PHE F 72 -32.98 30.24 39.24
C PHE F 72 -33.73 31.39 38.59
N THR F 73 -33.70 32.55 39.24
CA THR F 73 -34.60 33.63 38.90
C THR F 73 -33.87 34.98 38.92
N LEU F 74 -34.22 35.85 37.98
CA LEU F 74 -33.75 37.24 37.96
C LEU F 74 -34.97 38.14 38.08
N THR F 75 -34.94 39.07 39.03
CA THR F 75 -36.03 40.02 39.20
C THR F 75 -35.55 41.45 39.03
N ILE F 76 -36.29 42.23 38.25
CA ILE F 76 -36.12 43.67 38.15
C ILE F 76 -37.30 44.31 38.87
N SER F 77 -37.05 44.86 40.04
CA SER F 77 -38.10 45.36 40.92
C SER F 77 -38.96 46.46 40.31
N SER F 78 -38.33 47.35 39.55
CA SER F 78 -39.04 48.44 38.90
C SER F 78 -38.37 48.78 37.57
N LEU F 79 -39.00 48.37 36.47
CA LEU F 79 -38.43 48.53 35.14
C LEU F 79 -38.18 50.02 34.80
N GLN F 80 -36.96 50.32 34.35
CA GLN F 80 -36.59 51.66 33.90
C GLN F 80 -36.44 51.66 32.38
N PRO F 81 -36.48 52.85 31.75
CA PRO F 81 -36.37 52.92 30.28
C PRO F 81 -35.13 52.23 29.71
N GLU F 82 -34.02 52.34 30.42
CA GLU F 82 -32.75 51.74 29.98
C GLU F 82 -32.71 50.21 30.17
N ASP F 83 -33.68 49.66 30.90
CA ASP F 83 -33.71 48.22 31.19
C ASP F 83 -34.34 47.39 30.07
N PHE F 84 -34.95 48.04 29.09
CA PHE F 84 -35.53 47.30 27.98
C PHE F 84 -34.43 46.76 27.08
N ALA F 85 -34.26 45.44 27.14
CA ALA F 85 -33.16 44.75 26.48
C ALA F 85 -33.41 43.25 26.56
N THR F 86 -32.43 42.46 26.13
CA THR F 86 -32.53 41.02 26.24
C THR F 86 -31.73 40.53 27.44
N TYR F 87 -32.27 39.54 28.15
CA TYR F 87 -31.64 39.01 29.35
C TYR F 87 -31.37 37.51 29.20
N TYR F 88 -30.16 37.10 29.56
CA TYR F 88 -29.75 35.70 29.51
C TYR F 88 -29.25 35.25 30.87
N CYS F 89 -29.56 34.01 31.23
CA CYS F 89 -28.89 33.36 32.35
C CYS F 89 -27.79 32.45 31.81
N GLN F 90 -26.82 32.17 32.67
CA GLN F 90 -25.74 31.24 32.35
C GLN F 90 -25.62 30.25 33.50
N GLN F 91 -25.49 28.98 33.17
CA GLN F 91 -25.27 27.93 34.15
C GLN F 91 -23.93 27.25 33.89
N SER F 92 -23.05 27.27 34.89
CA SER F 92 -21.76 26.61 34.82
C SER F 92 -21.77 25.33 35.65
N SER F 93 -21.48 24.20 35.01
CA SER F 93 -21.38 22.92 35.70
C SER F 93 -19.90 22.61 35.92
N SER F 94 -19.59 21.35 36.21
CA SER F 94 -18.21 20.96 36.44
C SER F 94 -17.37 20.84 35.16
N SER F 95 -18.04 20.78 34.00
CA SER F 95 -17.31 20.66 32.73
C SER F 95 -17.98 21.34 31.55
N LEU F 96 -18.92 22.25 31.82
CA LEU F 96 -19.80 22.76 30.78
C LEU F 96 -20.38 24.10 31.20
N ILE F 97 -20.53 25.01 30.24
CA ILE F 97 -21.26 26.25 30.45
C ILE F 97 -22.43 26.28 29.46
N THR F 98 -23.62 26.59 29.95
CA THR F 98 -24.80 26.67 29.12
C THR F 98 -25.51 28.00 29.34
N PHE F 99 -25.79 28.70 28.25
CA PHE F 99 -26.63 29.88 28.28
C PHE F 99 -28.08 29.48 28.02
N GLY F 100 -29.01 30.13 28.68
CA GLY F 100 -30.42 29.84 28.50
C GLY F 100 -30.99 30.52 27.27
N GLN F 101 -32.23 30.18 26.93
CA GLN F 101 -32.92 30.74 25.79
C GLN F 101 -32.89 32.27 25.79
N GLY F 102 -33.16 32.84 26.96
CA GLY F 102 -33.14 34.30 27.12
C GLY F 102 -34.50 34.94 26.87
N THR F 103 -34.72 36.10 27.49
CA THR F 103 -35.97 36.83 27.36
C THR F 103 -35.71 38.24 26.87
N LYS F 104 -36.42 38.64 25.83
CA LYS F 104 -36.32 39.98 25.28
C LYS F 104 -37.47 40.82 25.83
N VAL F 105 -37.14 41.80 26.65
CA VAL F 105 -38.16 42.64 27.27
C VAL F 105 -38.41 43.86 26.39
N GLU F 106 -39.62 43.95 25.86
CA GLU F 106 -40.02 45.07 24.98
C GLU F 106 -41.04 46.00 25.64
N ILE F 107 -41.14 47.22 25.12
CA ILE F 107 -41.96 48.27 25.74
C ILE F 107 -43.42 48.11 25.31
N LYS F 108 -44.31 48.09 26.31
CA LYS F 108 -45.74 48.05 26.05
C LYS F 108 -46.19 49.44 25.59
N ARG F 109 -47.23 49.48 24.78
CA ARG F 109 -47.61 50.69 24.04
C ARG F 109 -49.04 50.56 23.53
N THR F 110 -49.68 51.69 23.28
CA THR F 110 -51.01 51.68 22.66
C THR F 110 -50.94 51.17 21.23
N VAL F 111 -52.04 50.61 20.75
CA VAL F 111 -52.10 50.04 19.40
C VAL F 111 -51.95 51.14 18.35
N ALA F 112 -51.11 50.88 17.35
CA ALA F 112 -50.89 51.82 16.26
C ALA F 112 -50.97 51.08 14.93
N ALA F 113 -51.88 51.52 14.06
CA ALA F 113 -52.03 50.92 12.75
C ALA F 113 -50.83 51.27 11.86
N PRO F 114 -50.44 50.35 10.96
CA PRO F 114 -49.35 50.63 10.04
C PRO F 114 -49.77 51.48 8.85
N SER F 115 -48.90 52.40 8.44
CA SER F 115 -48.98 53.00 7.11
C SER F 115 -48.44 51.97 6.14
N VAL F 116 -49.19 51.68 5.08
CA VAL F 116 -48.79 50.67 4.11
C VAL F 116 -48.41 51.29 2.77
N PHE F 117 -47.30 50.83 2.20
CA PHE F 117 -46.82 51.31 0.91
C PHE F 117 -46.38 50.13 0.05
N ILE F 118 -46.60 50.24 -1.25
CA ILE F 118 -46.13 49.21 -2.19
C ILE F 118 -45.18 49.85 -3.21
N PHE F 119 -44.13 49.12 -3.56
CA PHE F 119 -43.13 49.59 -4.50
C PHE F 119 -42.95 48.59 -5.63
N PRO F 120 -43.27 48.99 -6.87
CA PRO F 120 -42.99 48.10 -7.99
C PRO F 120 -41.49 48.03 -8.25
N PRO F 121 -41.04 47.02 -9.01
CA PRO F 121 -39.62 46.94 -9.33
C PRO F 121 -39.18 48.07 -10.25
N SER F 122 -37.96 48.57 -10.05
CA SER F 122 -37.41 49.62 -10.88
C SER F 122 -37.09 49.07 -12.27
N ASP F 123 -37.01 49.97 -13.25
CA ASP F 123 -36.59 49.59 -14.60
C ASP F 123 -35.15 49.11 -14.58
N SER F 124 -34.33 49.71 -13.72
CA SER F 124 -32.95 49.29 -13.53
C SER F 124 -32.82 47.82 -13.17
N GLN F 125 -33.66 47.34 -12.25
CA GLN F 125 -33.64 45.93 -11.84
C GLN F 125 -34.18 45.02 -12.94
N LEU F 126 -35.28 45.44 -13.57
CA LEU F 126 -35.86 44.68 -14.68
C LEU F 126 -34.84 44.39 -15.78
N LYS F 127 -33.95 45.34 -16.04
CA LYS F 127 -32.84 45.13 -16.98
C LYS F 127 -31.94 43.96 -16.57
N SER F 128 -31.63 43.89 -15.28
CA SER F 128 -30.71 42.87 -14.76
C SER F 128 -31.29 41.45 -14.79
N GLY F 129 -32.60 41.32 -15.00
CA GLY F 129 -33.22 40.00 -15.19
C GLY F 129 -34.09 39.50 -14.05
N THR F 130 -34.14 40.26 -12.96
CA THR F 130 -34.98 39.92 -11.80
C THR F 130 -35.97 41.04 -11.48
N ALA F 131 -36.95 40.74 -10.64
CA ALA F 131 -37.99 41.69 -10.27
C ALA F 131 -38.38 41.54 -8.80
N SER F 132 -38.13 42.57 -8.00
CA SER F 132 -38.47 42.57 -6.59
C SER F 132 -39.59 43.57 -6.35
N VAL F 133 -40.68 43.12 -5.74
CA VAL F 133 -41.79 43.98 -5.34
C VAL F 133 -41.79 44.09 -3.82
N VAL F 134 -41.67 45.31 -3.31
CA VAL F 134 -41.55 45.54 -1.88
C VAL F 134 -42.83 46.14 -1.31
N CYS F 135 -43.27 45.57 -0.19
CA CYS F 135 -44.43 46.07 0.53
C CYS F 135 -43.98 46.50 1.93
N LEU F 136 -44.18 47.77 2.26
CA LEU F 136 -43.70 48.35 3.51
C LEU F 136 -44.83 48.61 4.50
N LEU F 137 -44.68 48.10 5.71
CA LEU F 137 -45.57 48.42 6.83
C LEU F 137 -44.80 49.30 7.80
N ASN F 138 -45.23 50.55 7.96
CA ASN F 138 -44.45 51.55 8.69
C ASN F 138 -45.05 51.94 10.05
N ASN F 139 -44.21 51.94 11.08
CA ASN F 139 -44.54 52.46 12.41
C ASN F 139 -45.85 51.93 12.99
N PHE F 140 -45.87 50.66 13.38
CA PHE F 140 -47.06 50.02 13.94
C PHE F 140 -46.76 49.31 15.25
N TYR F 141 -47.83 49.01 15.99
CA TYR F 141 -47.75 48.24 17.21
C TYR F 141 -49.10 47.57 17.48
N PRO F 142 -49.10 46.30 17.93
CA PRO F 142 -47.96 45.44 18.26
C PRO F 142 -47.25 44.85 17.04
N ARG F 143 -46.17 44.11 17.32
CA ARG F 143 -45.30 43.52 16.30
C ARG F 143 -46.05 42.56 15.36
N GLU F 144 -47.06 41.87 15.88
CA GLU F 144 -47.75 40.82 15.12
C GLU F 144 -48.55 41.41 13.96
N ALA F 145 -48.07 41.20 12.76
CA ALA F 145 -48.79 41.60 11.57
C ALA F 145 -48.88 40.41 10.64
N LYS F 146 -49.90 40.36 9.81
CA LYS F 146 -50.04 39.28 8.85
C LYS F 146 -49.98 39.89 7.50
N VAL F 147 -49.10 39.44 6.64
CA VAL F 147 -49.03 40.01 5.33
C VAL F 147 -49.29 38.94 4.29
N GLN F 148 -49.95 39.30 3.21
CA GLN F 148 -50.20 38.27 2.21
C GLN F 148 -50.11 38.89 0.81
N TRP F 149 -49.46 38.18 -0.11
CA TRP F 149 -49.29 38.66 -1.48
C TRP F 149 -50.32 38.07 -2.40
N LYS F 150 -50.80 38.89 -3.33
CA LYS F 150 -51.72 38.46 -4.38
C LYS F 150 -51.18 38.86 -5.75
N VAL F 151 -51.15 37.93 -6.69
CA VAL F 151 -50.74 38.20 -8.06
C VAL F 151 -51.84 37.71 -8.99
N ASP F 152 -52.47 38.64 -9.71
CA ASP F 152 -53.64 38.33 -10.53
C ASP F 152 -54.68 37.56 -9.74
N ASN F 153 -54.92 38.00 -8.51
CA ASN F 153 -55.90 37.40 -7.60
C ASN F 153 -55.52 36.01 -7.06
N ALA F 154 -54.28 35.58 -7.28
CA ALA F 154 -53.80 34.29 -6.75
C ALA F 154 -52.96 34.56 -5.50
N LEU F 155 -53.42 34.05 -4.36
CA LEU F 155 -52.67 34.20 -3.10
C LEU F 155 -51.34 33.47 -3.23
N GLN F 156 -50.26 34.15 -2.82
CA GLN F 156 -48.91 33.61 -2.95
C GLN F 156 -48.36 33.12 -1.63
N SER F 157 -47.42 32.17 -1.72
CA SER F 157 -46.66 31.72 -0.56
C SER F 157 -45.37 31.05 -1.03
N GLY F 158 -44.26 31.43 -0.43
CA GLY F 158 -42.96 30.82 -0.72
C GLY F 158 -42.04 31.68 -1.56
N ASN F 159 -42.58 32.70 -2.22
CA ASN F 159 -41.76 33.59 -3.06
C ASN F 159 -41.58 34.98 -2.45
N SER F 160 -41.73 35.07 -1.14
CA SER F 160 -41.53 36.33 -0.42
C SER F 160 -40.86 36.11 0.92
N GLN F 161 -40.13 37.13 1.37
CA GLN F 161 -39.45 37.09 2.65
C GLN F 161 -39.71 38.37 3.43
N GLU F 162 -39.86 38.24 4.74
CA GLU F 162 -40.12 39.38 5.61
C GLU F 162 -38.90 39.77 6.43
N SER F 163 -38.84 41.04 6.81
CA SER F 163 -37.83 41.54 7.72
C SER F 163 -38.46 42.60 8.62
N VAL F 164 -38.17 42.53 9.91
CA VAL F 164 -38.76 43.45 10.88
C VAL F 164 -37.67 44.21 11.61
N THR F 165 -37.88 45.51 11.82
CA THR F 165 -36.92 46.32 12.56
C THR F 165 -37.02 46.07 14.05
N GLU F 166 -36.01 46.53 14.78
CA GLU F 166 -36.02 46.53 16.23
C GLU F 166 -37.00 47.61 16.70
N GLN F 167 -37.56 47.43 17.89
CA GLN F 167 -38.51 48.41 18.43
C GLN F 167 -37.85 49.79 18.48
N ASP F 168 -38.56 50.79 17.96
CA ASP F 168 -38.01 52.14 17.81
C ASP F 168 -37.89 52.82 19.18
N SER F 169 -36.76 53.49 19.40
CA SER F 169 -36.48 54.14 20.68
C SER F 169 -37.36 55.36 20.95
N LYS F 170 -37.76 56.06 19.88
CA LYS F 170 -38.55 57.30 20.02
C LYS F 170 -40.03 57.01 20.30
N ASP F 171 -40.66 56.21 19.44
CA ASP F 171 -42.11 55.97 19.52
C ASP F 171 -42.53 54.52 19.82
N SER F 172 -41.55 53.64 20.07
CA SER F 172 -41.81 52.25 20.46
C SER F 172 -42.59 51.42 19.43
N THR F 173 -42.52 51.82 18.16
CA THR F 173 -43.22 51.10 17.09
C THR F 173 -42.26 50.20 16.32
N TYR F 174 -42.83 49.28 15.56
CA TYR F 174 -42.08 48.42 14.65
C TYR F 174 -42.37 48.83 13.21
N SER F 175 -41.47 48.47 12.33
CA SER F 175 -41.70 48.57 10.90
C SER F 175 -41.29 47.24 10.25
N LEU F 176 -41.97 46.89 9.16
CA LEU F 176 -41.77 45.60 8.51
C LEU F 176 -41.74 45.75 6.99
N SER F 177 -40.88 44.96 6.35
CA SER F 177 -40.82 44.89 4.89
C SER F 177 -41.11 43.47 4.46
N SER F 178 -41.89 43.33 3.39
CA SER F 178 -42.08 42.04 2.74
C SER F 178 -41.67 42.23 1.28
N THR F 179 -40.84 41.33 0.78
CA THR F 179 -40.31 41.44 -0.58
C THR F 179 -40.67 40.21 -1.39
N LEU F 180 -41.56 40.40 -2.37
CA LEU F 180 -41.89 39.37 -3.34
C LEU F 180 -40.85 39.37 -4.45
N THR F 181 -40.22 38.23 -4.70
CA THR F 181 -39.17 38.13 -5.72
C THR F 181 -39.57 37.16 -6.82
N LEU F 182 -39.53 37.63 -8.06
CA LEU F 182 -39.77 36.81 -9.24
C LEU F 182 -38.69 37.06 -10.28
N SER F 183 -38.61 36.19 -11.27
CA SER F 183 -37.78 36.43 -12.44
C SER F 183 -38.48 37.47 -13.31
N LYS F 184 -37.71 38.14 -14.19
CA LYS F 184 -38.27 39.11 -15.12
C LYS F 184 -39.40 38.46 -15.93
N ALA F 185 -39.13 37.28 -16.47
CA ALA F 185 -40.10 36.53 -17.27
C ALA F 185 -41.43 36.36 -16.53
N ASP F 186 -41.36 35.86 -15.30
CA ASP F 186 -42.57 35.64 -14.50
C ASP F 186 -43.30 36.93 -14.14
N TYR F 187 -42.54 37.98 -13.84
CA TYR F 187 -43.12 39.29 -13.56
C TYR F 187 -43.94 39.78 -14.76
N GLU F 188 -43.41 39.58 -15.97
CA GLU F 188 -44.08 40.02 -17.19
C GLU F 188 -45.38 39.24 -17.48
N LYS F 189 -45.47 38.00 -16.97
CA LYS F 189 -46.66 37.17 -17.20
C LYS F 189 -47.93 37.65 -16.48
N HIS F 190 -47.78 38.55 -15.51
CA HIS F 190 -48.91 38.96 -14.66
C HIS F 190 -49.09 40.45 -14.62
N LYS F 191 -50.34 40.89 -14.41
CA LYS F 191 -50.69 42.31 -14.46
C LYS F 191 -50.81 42.98 -13.09
N VAL F 192 -51.68 42.46 -12.22
CA VAL F 192 -52.00 43.11 -10.93
C VAL F 192 -51.22 42.51 -9.76
N TYR F 193 -50.47 43.37 -9.06
CA TYR F 193 -49.68 42.97 -7.88
C TYR F 193 -50.18 43.70 -6.64
N ALA F 194 -50.49 42.96 -5.60
CA ALA F 194 -51.08 43.52 -4.38
C ALA F 194 -50.54 42.84 -3.13
N CYS F 195 -50.35 43.62 -2.06
CA CYS F 195 -50.09 43.04 -0.74
C CYS F 195 -51.23 43.44 0.19
N GLU F 196 -51.79 42.44 0.88
CA GLU F 196 -52.89 42.64 1.80
C GLU F 196 -52.34 42.57 3.23
N VAL F 197 -52.61 43.61 4.01
CA VAL F 197 -52.11 43.70 5.37
C VAL F 197 -53.27 43.63 6.36
N THR F 198 -53.20 42.67 7.28
CA THR F 198 -54.16 42.61 8.39
C THR F 198 -53.39 42.86 9.69
N HIS F 199 -53.99 43.64 10.59
CA HIS F 199 -53.34 44.04 11.83
C HIS F 199 -54.36 44.49 12.83
N GLN F 200 -54.02 44.36 14.10
CA GLN F 200 -54.92 44.68 15.22
C GLN F 200 -55.52 46.09 15.14
N GLY F 201 -54.69 47.07 14.79
CA GLY F 201 -55.11 48.46 14.66
C GLY F 201 -55.88 48.79 13.37
N LEU F 202 -56.14 47.76 12.57
CA LEU F 202 -56.93 47.88 11.34
C LEU F 202 -58.26 47.16 11.51
N SER F 203 -59.35 47.92 11.45
CA SER F 203 -60.69 47.33 11.53
C SER F 203 -60.96 46.38 10.36
N SER F 204 -60.41 46.71 9.19
CA SER F 204 -60.45 45.82 8.02
C SER F 204 -59.07 45.71 7.39
N PRO F 205 -58.82 44.61 6.65
CA PRO F 205 -57.55 44.46 5.95
C PRO F 205 -57.32 45.52 4.88
N VAL F 206 -56.12 46.07 4.85
CA VAL F 206 -55.76 47.12 3.89
C VAL F 206 -54.97 46.51 2.74
N THR F 207 -55.35 46.83 1.51
CA THR F 207 -54.65 46.36 0.32
C THR F 207 -54.05 47.53 -0.44
N LYS F 208 -52.75 47.45 -0.71
CA LYS F 208 -52.10 48.36 -1.65
C LYS F 208 -51.71 47.55 -2.87
N SER F 209 -51.94 48.11 -4.05
CA SER F 209 -51.71 47.39 -5.30
C SER F 209 -51.35 48.32 -6.45
N PHE F 210 -50.76 47.74 -7.48
CA PHE F 210 -50.49 48.45 -8.72
C PHE F 210 -50.63 47.48 -9.89
N ASN F 211 -50.77 48.03 -11.09
CA ASN F 211 -50.79 47.25 -12.32
C ASN F 211 -49.47 47.45 -13.06
N ARG F 212 -48.92 46.38 -13.62
CA ARG F 212 -47.65 46.44 -14.35
C ARG F 212 -47.84 47.11 -15.71
N SER G 3 -29.75 -110.69 -19.62
CA SER G 3 -29.40 -110.53 -21.06
C SER G 3 -29.45 -109.05 -21.47
N GLU G 4 -28.45 -108.65 -22.27
CA GLU G 4 -28.05 -107.26 -22.51
C GLU G 4 -27.92 -106.45 -21.24
N VAL G 5 -26.68 -106.35 -20.78
CA VAL G 5 -26.32 -105.44 -19.72
C VAL G 5 -26.40 -103.99 -20.20
N GLN G 6 -27.04 -103.15 -19.39
CA GLN G 6 -27.03 -101.72 -19.65
C GLN G 6 -27.35 -100.83 -18.45
N LEU G 7 -26.95 -99.58 -18.59
CA LEU G 7 -27.10 -98.57 -17.54
C LEU G 7 -27.78 -97.34 -18.13
N VAL G 8 -28.98 -97.02 -17.63
CA VAL G 8 -29.74 -95.89 -18.11
C VAL G 8 -29.79 -94.79 -17.06
N GLU G 9 -29.25 -93.62 -17.41
CA GLU G 9 -29.20 -92.48 -16.49
C GLU G 9 -30.42 -91.58 -16.61
N SER G 10 -30.83 -91.00 -15.50
CA SER G 10 -31.95 -90.06 -15.46
C SER G 10 -31.58 -88.86 -14.63
N GLY G 11 -32.36 -87.79 -14.78
CA GLY G 11 -32.13 -86.54 -14.06
C GLY G 11 -31.06 -85.71 -14.74
N GLY G 12 -30.69 -84.62 -14.08
CA GLY G 12 -29.71 -83.68 -14.59
C GLY G 12 -30.35 -82.38 -15.00
N GLY G 13 -29.56 -81.50 -15.62
CA GLY G 13 -30.05 -80.23 -16.13
C GLY G 13 -29.41 -79.04 -15.45
N LEU G 14 -30.19 -77.97 -15.33
CA LEU G 14 -29.70 -76.71 -14.79
C LEU G 14 -29.98 -76.62 -13.30
N VAL G 15 -28.99 -76.19 -12.53
CA VAL G 15 -29.16 -75.92 -11.11
C VAL G 15 -28.31 -74.71 -10.72
N GLN G 16 -28.80 -73.93 -9.76
CA GLN G 16 -28.08 -72.76 -9.29
C GLN G 16 -26.99 -73.13 -8.30
N PRO G 17 -25.95 -72.30 -8.17
CA PRO G 17 -24.90 -72.54 -7.19
C PRO G 17 -25.49 -72.67 -5.78
N GLY G 18 -24.98 -73.64 -5.02
CA GLY G 18 -25.51 -73.95 -3.70
C GLY G 18 -26.68 -74.93 -3.72
N GLY G 19 -27.16 -75.26 -4.92
CA GLY G 19 -28.35 -76.08 -5.08
C GLY G 19 -28.09 -77.56 -4.99
N SER G 20 -29.17 -78.34 -5.05
CA SER G 20 -29.13 -79.79 -4.88
C SER G 20 -29.79 -80.49 -6.06
N LEU G 21 -29.24 -81.64 -6.42
CA LEU G 21 -29.71 -82.38 -7.58
C LEU G 21 -29.34 -83.84 -7.43
N ARG G 22 -30.23 -84.74 -7.83
CA ARG G 22 -29.94 -86.18 -7.79
C ARG G 22 -29.96 -86.83 -9.17
N LEU G 23 -28.88 -87.54 -9.50
CA LEU G 23 -28.81 -88.33 -10.72
C LEU G 23 -29.14 -89.79 -10.42
N SER G 24 -29.77 -90.46 -11.37
CA SER G 24 -30.13 -91.87 -11.25
C SER G 24 -29.39 -92.70 -12.29
N CYS G 25 -29.14 -93.95 -11.95
CA CYS G 25 -28.47 -94.89 -12.84
C CYS G 25 -29.17 -96.24 -12.71
N ALA G 26 -30.16 -96.46 -13.58
CA ALA G 26 -30.96 -97.69 -13.56
C ALA G 26 -30.25 -98.82 -14.29
N ALA G 27 -30.02 -99.93 -13.60
CA ALA G 27 -29.30 -101.06 -14.17
C ALA G 27 -30.24 -102.16 -14.62
N SER G 28 -29.86 -102.84 -15.70
CA SER G 28 -30.51 -104.08 -16.11
C SER G 28 -29.49 -105.00 -16.74
N GLY G 29 -29.77 -106.31 -16.68
CA GLY G 29 -28.83 -107.32 -17.16
C GLY G 29 -27.86 -107.77 -16.09
N PHE G 30 -27.87 -107.11 -14.94
CA PHE G 30 -27.03 -107.52 -13.80
C PHE G 30 -27.58 -106.94 -12.50
N ASN G 31 -27.19 -107.55 -11.39
CA ASN G 31 -27.69 -107.15 -10.08
C ASN G 31 -26.75 -106.13 -9.43
N VAL G 32 -27.26 -104.94 -9.16
CA VAL G 32 -26.47 -103.85 -8.56
C VAL G 32 -25.98 -104.21 -7.16
N SER G 33 -26.70 -105.08 -6.46
CA SER G 33 -26.33 -105.51 -5.11
C SER G 33 -25.12 -106.45 -5.06
N TYR G 34 -24.77 -107.04 -6.20
CA TYR G 34 -23.58 -107.89 -6.31
C TYR G 34 -22.55 -107.31 -7.29
N SER G 35 -22.64 -106.00 -7.54
CA SER G 35 -21.73 -105.31 -8.44
C SER G 35 -21.31 -103.98 -7.84
N SER G 36 -20.38 -103.30 -8.51
CA SER G 36 -19.98 -101.97 -8.12
C SER G 36 -20.43 -100.96 -9.17
N ILE G 37 -20.89 -99.80 -8.70
CA ILE G 37 -21.27 -98.69 -9.57
C ILE G 37 -20.37 -97.50 -9.28
N HIS G 38 -19.98 -96.79 -10.35
CA HIS G 38 -19.06 -95.68 -10.24
C HIS G 38 -19.58 -94.51 -10.99
N TRP G 39 -19.36 -93.32 -10.45
CA TRP G 39 -19.70 -92.08 -11.14
C TRP G 39 -18.44 -91.39 -11.59
N VAL G 40 -18.41 -91.04 -12.86
CA VAL G 40 -17.28 -90.34 -13.46
C VAL G 40 -17.83 -89.16 -14.27
N ARG G 41 -17.19 -88.01 -14.17
CA ARG G 41 -17.66 -86.82 -14.87
C ARG G 41 -16.61 -86.25 -15.81
N GLN G 42 -17.07 -85.44 -16.75
CA GLN G 42 -16.22 -84.84 -17.76
C GLN G 42 -16.70 -83.44 -18.11
N ALA G 43 -15.91 -82.44 -17.70
CA ALA G 43 -16.21 -81.06 -18.03
C ALA G 43 -15.94 -80.84 -19.53
N PRO G 44 -16.66 -79.91 -20.17
CA PRO G 44 -16.49 -79.68 -21.61
C PRO G 44 -15.03 -79.48 -22.01
N GLY G 45 -14.55 -80.30 -22.95
CA GLY G 45 -13.17 -80.22 -23.45
C GLY G 45 -12.10 -80.67 -22.47
N LYS G 46 -12.49 -81.28 -21.36
CA LYS G 46 -11.56 -81.67 -20.31
C LYS G 46 -11.52 -83.19 -20.20
N GLY G 47 -10.62 -83.69 -19.35
CA GLY G 47 -10.47 -85.12 -19.16
C GLY G 47 -11.52 -85.74 -18.24
N LEU G 48 -11.46 -87.06 -18.10
CA LEU G 48 -12.31 -87.80 -17.19
C LEU G 48 -11.91 -87.51 -15.74
N GLU G 49 -12.90 -87.36 -14.87
CA GLU G 49 -12.67 -87.20 -13.44
C GLU G 49 -13.58 -88.14 -12.66
N TRP G 50 -12.96 -89.00 -11.85
CA TRP G 50 -13.70 -89.88 -10.96
C TRP G 50 -14.34 -89.11 -9.86
N VAL G 51 -15.59 -89.44 -9.55
CA VAL G 51 -16.38 -88.71 -8.56
C VAL G 51 -16.65 -89.58 -7.31
N ALA G 52 -17.17 -90.78 -7.52
CA ALA G 52 -17.56 -91.66 -6.42
C ALA G 52 -17.74 -93.11 -6.85
N SER G 53 -17.68 -94.01 -5.89
CA SER G 53 -17.87 -95.44 -6.11
C SER G 53 -18.68 -96.06 -4.98
N ILE G 54 -19.48 -97.08 -5.29
CA ILE G 54 -20.24 -97.81 -4.28
C ILE G 54 -20.13 -99.33 -4.47
N TYR G 55 -19.96 -100.04 -3.36
CA TYR G 55 -19.92 -101.50 -3.35
C TYR G 55 -20.96 -101.98 -2.33
N SER G 56 -22.20 -102.13 -2.79
CA SER G 56 -23.34 -102.41 -1.91
C SER G 56 -23.17 -103.66 -1.05
N TYR G 57 -22.59 -104.71 -1.62
CA TYR G 57 -22.43 -105.96 -0.91
C TYR G 57 -21.64 -105.78 0.38
N TYR G 58 -20.57 -104.99 0.33
CA TYR G 58 -19.72 -104.74 1.48
C TYR G 58 -20.13 -103.51 2.28
N GLY G 59 -20.90 -102.62 1.66
CA GLY G 59 -21.32 -101.37 2.29
C GLY G 59 -20.24 -100.31 2.27
N TYR G 60 -19.30 -100.41 1.33
CA TYR G 60 -18.24 -99.43 1.18
C TYR G 60 -18.60 -98.37 0.14
N THR G 61 -18.31 -97.12 0.46
CA THR G 61 -18.43 -96.02 -0.49
C THR G 61 -17.13 -95.21 -0.47
N TYR G 62 -16.75 -94.69 -1.62
CA TYR G 62 -15.53 -93.88 -1.75
C TYR G 62 -15.82 -92.62 -2.57
N TYR G 63 -15.11 -91.54 -2.26
CA TYR G 63 -15.37 -90.24 -2.86
C TYR G 63 -14.08 -89.53 -3.25
N ALA G 64 -14.11 -88.77 -4.33
CA ALA G 64 -13.00 -87.89 -4.69
C ALA G 64 -12.96 -86.74 -3.71
N ASP G 65 -11.77 -86.22 -3.44
CA ASP G 65 -11.61 -85.10 -2.51
C ASP G 65 -12.40 -83.86 -2.95
N SER G 66 -12.46 -83.64 -4.26
CA SER G 66 -13.16 -82.47 -4.80
C SER G 66 -14.68 -82.45 -4.53
N VAL G 67 -15.27 -83.61 -4.20
CA VAL G 67 -16.70 -83.69 -3.92
C VAL G 67 -17.04 -84.19 -2.51
N LYS G 68 -16.02 -84.52 -1.73
CA LYS G 68 -16.24 -85.13 -0.41
C LYS G 68 -17.01 -84.18 0.50
N GLY G 69 -17.99 -84.72 1.21
CA GLY G 69 -18.86 -83.93 2.09
C GLY G 69 -19.99 -83.19 1.40
N ARG G 70 -20.01 -83.21 0.08
CA ARG G 70 -21.04 -82.53 -0.71
C ARG G 70 -21.88 -83.52 -1.50
N PHE G 71 -21.25 -84.55 -2.05
CA PHE G 71 -21.92 -85.54 -2.87
C PHE G 71 -22.09 -86.83 -2.06
N THR G 72 -23.17 -87.55 -2.33
CA THR G 72 -23.38 -88.83 -1.69
C THR G 72 -23.85 -89.88 -2.75
N ILE G 73 -23.14 -91.01 -2.80
CA ILE G 73 -23.47 -92.12 -3.69
C ILE G 73 -24.26 -93.16 -2.89
N SER G 74 -25.26 -93.77 -3.52
CA SER G 74 -26.11 -94.75 -2.85
C SER G 74 -26.74 -95.70 -3.84
N ALA G 75 -27.43 -96.72 -3.34
CA ALA G 75 -28.09 -97.72 -4.19
C ALA G 75 -29.38 -98.24 -3.57
N ASP G 76 -30.41 -98.41 -4.41
CA ASP G 76 -31.65 -99.08 -4.01
C ASP G 76 -31.68 -100.47 -4.65
N THR G 77 -31.41 -101.48 -3.82
CA THR G 77 -31.39 -102.87 -4.26
C THR G 77 -32.67 -103.30 -4.96
N SER G 78 -33.81 -102.95 -4.37
CA SER G 78 -35.11 -103.37 -4.90
C SER G 78 -35.40 -102.78 -6.27
N LYS G 79 -35.00 -101.54 -6.50
CA LYS G 79 -35.17 -100.90 -7.82
C LYS G 79 -33.98 -101.11 -8.75
N ASN G 80 -32.96 -101.82 -8.28
CA ASN G 80 -31.75 -102.07 -9.06
C ASN G 80 -31.17 -100.79 -9.68
N THR G 81 -31.10 -99.74 -8.85
CA THR G 81 -30.69 -98.41 -9.30
C THR G 81 -29.68 -97.82 -8.33
N ALA G 82 -28.69 -97.13 -8.88
CA ALA G 82 -27.72 -96.38 -8.10
C ALA G 82 -28.02 -94.88 -8.25
N TYR G 83 -27.63 -94.09 -7.26
CA TYR G 83 -27.90 -92.65 -7.26
C TYR G 83 -26.65 -91.86 -6.91
N LEU G 84 -26.59 -90.61 -7.38
CA LEU G 84 -25.59 -89.66 -6.94
C LEU G 84 -26.31 -88.40 -6.49
N GLN G 85 -26.40 -88.19 -5.17
CA GLN G 85 -26.99 -86.97 -4.62
C GLN G 85 -25.91 -85.89 -4.62
N MET G 86 -26.16 -84.82 -5.35
CA MET G 86 -25.21 -83.72 -5.46
C MET G 86 -25.75 -82.50 -4.73
N ASN G 87 -25.09 -82.11 -3.64
CA ASN G 87 -25.46 -80.92 -2.86
C ASN G 87 -24.38 -79.87 -2.91
N SER G 88 -24.71 -78.65 -2.48
CA SER G 88 -23.78 -77.53 -2.48
C SER G 88 -23.05 -77.41 -3.80
N LEU G 89 -23.78 -77.48 -4.91
CA LEU G 89 -23.18 -77.45 -6.24
C LEU G 89 -22.44 -76.14 -6.50
N ARG G 90 -21.35 -76.24 -7.26
CA ARG G 90 -20.56 -75.08 -7.67
C ARG G 90 -20.40 -75.08 -9.18
N ALA G 91 -20.06 -73.92 -9.74
CA ALA G 91 -19.89 -73.77 -11.18
C ALA G 91 -18.95 -74.84 -11.77
N GLU G 92 -17.86 -75.13 -11.07
CA GLU G 92 -16.87 -76.10 -11.54
C GLU G 92 -17.34 -77.55 -11.49
N ASP G 93 -18.52 -77.81 -10.94
CA ASP G 93 -19.16 -79.13 -11.03
C ASP G 93 -19.88 -79.32 -12.36
N THR G 94 -19.94 -78.28 -13.19
CA THR G 94 -20.56 -78.40 -14.50
C THR G 94 -19.82 -79.44 -15.34
N ALA G 95 -20.55 -80.47 -15.77
CA ALA G 95 -19.95 -81.56 -16.51
C ALA G 95 -21.00 -82.56 -17.00
N VAL G 96 -20.60 -83.43 -17.92
CA VAL G 96 -21.40 -84.60 -18.29
C VAL G 96 -21.08 -85.66 -17.25
N TYR G 97 -22.12 -86.21 -16.62
CA TYR G 97 -21.94 -87.21 -15.57
C TYR G 97 -22.28 -88.61 -16.08
N TYR G 98 -21.31 -89.51 -15.97
CA TYR G 98 -21.48 -90.91 -16.39
C TYR G 98 -21.57 -91.81 -15.16
N CYS G 99 -22.40 -92.84 -15.25
CA CYS G 99 -22.32 -93.95 -14.32
C CYS G 99 -21.78 -95.16 -15.06
N ALA G 100 -21.08 -96.03 -14.34
CA ALA G 100 -20.44 -97.18 -14.95
C ALA G 100 -20.38 -98.38 -14.00
N ARG G 101 -20.40 -99.58 -14.56
CA ARG G 101 -20.27 -100.81 -13.79
C ARG G 101 -18.81 -101.20 -13.64
N GLY G 102 -18.45 -101.67 -12.45
CA GLY G 102 -17.09 -102.10 -12.17
C GLY G 102 -16.79 -103.52 -12.62
N TYR G 103 -15.51 -103.75 -12.91
CA TYR G 103 -14.98 -105.03 -13.34
C TYR G 103 -13.67 -105.19 -12.55
N TYR G 104 -12.87 -106.21 -12.85
CA TYR G 104 -11.59 -106.41 -12.13
C TYR G 104 -10.82 -105.09 -11.95
N GLY G 105 -10.40 -104.83 -10.72
CA GLY G 105 -9.58 -103.66 -10.40
C GLY G 105 -10.29 -102.32 -10.54
N ALA G 106 -11.62 -102.35 -10.41
CA ALA G 106 -12.44 -101.16 -10.63
C ALA G 106 -12.34 -100.64 -12.07
N ALA G 107 -11.90 -101.49 -13.00
CA ALA G 107 -12.04 -101.18 -14.40
C ALA G 107 -13.53 -101.09 -14.68
N MET G 108 -13.91 -100.21 -15.61
CA MET G 108 -15.31 -99.93 -15.85
C MET G 108 -15.73 -100.43 -17.23
N ASP G 109 -16.46 -101.54 -17.25
CA ASP G 109 -16.74 -102.24 -18.50
C ASP G 109 -17.99 -101.76 -19.23
N TYR G 110 -19.05 -101.42 -18.48
CA TYR G 110 -20.28 -100.92 -19.09
C TYR G 110 -20.62 -99.53 -18.55
N TRP G 111 -21.00 -98.65 -19.46
CA TRP G 111 -21.21 -97.24 -19.15
C TRP G 111 -22.59 -96.80 -19.49
N GLY G 112 -23.09 -95.82 -18.74
CA GLY G 112 -24.32 -95.15 -19.08
C GLY G 112 -24.13 -94.17 -20.21
N GLN G 113 -25.23 -93.59 -20.67
CA GLN G 113 -25.17 -92.65 -21.80
C GLN G 113 -24.66 -91.25 -21.45
N GLY G 114 -24.54 -90.92 -20.16
CA GLY G 114 -24.11 -89.59 -19.75
C GLY G 114 -25.27 -88.62 -19.67
N THR G 115 -25.20 -87.70 -18.71
CA THR G 115 -26.21 -86.65 -18.56
C THR G 115 -25.53 -85.34 -18.17
N LEU G 116 -25.98 -84.24 -18.77
CA LEU G 116 -25.34 -82.95 -18.58
C LEU G 116 -25.90 -82.24 -17.35
N VAL G 117 -25.02 -81.84 -16.45
CA VAL G 117 -25.40 -81.02 -15.31
C VAL G 117 -24.70 -79.67 -15.43
N THR G 118 -25.49 -78.61 -15.44
CA THR G 118 -24.99 -77.25 -15.56
C THR G 118 -25.26 -76.50 -14.26
N VAL G 119 -24.21 -75.99 -13.64
CA VAL G 119 -24.35 -75.20 -12.42
C VAL G 119 -24.05 -73.73 -12.75
N SER G 120 -25.07 -72.88 -12.63
CA SER G 120 -24.94 -71.46 -13.01
C SER G 120 -26.14 -70.63 -12.55
N SER G 121 -25.91 -69.34 -12.35
CA SER G 121 -26.95 -68.39 -11.99
C SER G 121 -27.76 -67.91 -13.20
N ALA G 122 -27.28 -68.19 -14.40
CA ALA G 122 -27.94 -67.74 -15.62
C ALA G 122 -29.31 -68.39 -15.79
N SER G 123 -30.24 -67.64 -16.37
CA SER G 123 -31.61 -68.14 -16.61
C SER G 123 -31.69 -68.84 -17.95
N THR G 124 -32.58 -69.83 -18.03
CA THR G 124 -32.84 -70.54 -19.28
C THR G 124 -33.28 -69.54 -20.34
N LYS G 125 -32.72 -69.64 -21.53
CA LYS G 125 -33.02 -68.71 -22.60
C LYS G 125 -32.80 -69.33 -23.98
N GLY G 126 -33.73 -69.07 -24.89
CA GLY G 126 -33.61 -69.53 -26.26
C GLY G 126 -32.65 -68.66 -27.05
N PRO G 127 -32.02 -69.24 -28.09
CA PRO G 127 -31.09 -68.49 -28.93
C PRO G 127 -31.78 -67.53 -29.87
N SER G 128 -31.10 -66.44 -30.20
CA SER G 128 -31.43 -65.64 -31.37
C SER G 128 -30.61 -66.22 -32.50
N VAL G 129 -31.24 -66.48 -33.64
CA VAL G 129 -30.56 -67.07 -34.77
C VAL G 129 -30.43 -66.03 -35.88
N PHE G 130 -29.17 -65.71 -36.23
CA PHE G 130 -28.89 -64.71 -37.25
C PHE G 130 -28.19 -65.35 -38.44
N PRO G 131 -28.50 -64.88 -39.65
CA PRO G 131 -27.89 -65.47 -40.83
C PRO G 131 -26.46 -64.98 -41.01
N LEU G 132 -25.59 -65.87 -41.47
CA LEU G 132 -24.29 -65.50 -41.97
C LEU G 132 -24.40 -65.58 -43.49
N ALA G 133 -24.71 -64.44 -44.12
CA ALA G 133 -25.02 -64.38 -45.54
C ALA G 133 -23.76 -64.58 -46.41
N PRO G 134 -23.90 -65.34 -47.51
CA PRO G 134 -22.79 -65.50 -48.45
C PRO G 134 -22.59 -64.24 -49.28
N SER G 135 -21.33 -63.92 -49.58
CA SER G 135 -20.93 -62.76 -50.38
C SER G 135 -20.57 -63.32 -51.80
N SER G 136 -19.60 -62.74 -52.51
CA SER G 136 -18.96 -63.47 -53.64
C SER G 136 -18.10 -64.56 -53.00
N GLY G 141 -18.65 -69.30 -60.49
CA GLY G 141 -17.31 -69.19 -59.95
C GLY G 141 -16.80 -70.44 -59.24
N GLY G 142 -16.62 -70.33 -57.93
CA GLY G 142 -15.99 -71.37 -57.11
C GLY G 142 -16.83 -71.84 -55.92
N THR G 143 -16.39 -71.50 -54.71
CA THR G 143 -17.02 -71.97 -53.48
C THR G 143 -17.48 -70.77 -52.64
N ALA G 144 -18.73 -70.84 -52.19
CA ALA G 144 -19.28 -69.83 -51.28
C ALA G 144 -19.45 -70.45 -49.90
N ALA G 145 -19.40 -69.62 -48.87
CA ALA G 145 -19.64 -70.07 -47.50
C ALA G 145 -20.82 -69.30 -46.92
N LEU G 146 -21.66 -70.00 -46.18
CA LEU G 146 -22.77 -69.38 -45.46
C LEU G 146 -23.00 -70.12 -44.15
N GLY G 147 -23.85 -69.55 -43.29
CA GLY G 147 -24.11 -70.18 -42.00
C GLY G 147 -25.16 -69.49 -41.15
N CYS G 148 -25.28 -69.94 -39.90
CA CYS G 148 -26.12 -69.28 -38.90
C CYS G 148 -25.36 -69.05 -37.61
N LEU G 149 -25.55 -67.87 -37.04
CA LEU G 149 -25.03 -67.55 -35.74
C LEU G 149 -26.13 -67.83 -34.73
N VAL G 150 -25.90 -68.82 -33.87
CA VAL G 150 -26.85 -69.18 -32.82
C VAL G 150 -26.37 -68.55 -31.52
N LYS G 151 -26.93 -67.38 -31.19
CA LYS G 151 -26.35 -66.52 -30.15
C LYS G 151 -27.19 -66.44 -28.87
N ASP G 152 -26.49 -66.37 -27.74
CA ASP G 152 -27.08 -66.05 -26.44
C ASP G 152 -28.19 -67.00 -26.03
N TYR G 153 -27.86 -68.27 -25.95
CA TYR G 153 -28.78 -69.28 -25.41
C TYR G 153 -28.22 -69.87 -24.14
N PHE G 154 -29.10 -70.50 -23.37
CA PHE G 154 -28.70 -71.13 -22.12
C PHE G 154 -29.78 -72.11 -21.62
N PRO G 155 -29.36 -73.26 -21.09
CA PRO G 155 -28.03 -73.84 -21.03
C PRO G 155 -27.72 -74.64 -22.30
N GLU G 156 -26.65 -75.42 -22.30
CA GLU G 156 -26.43 -76.40 -23.37
C GLU G 156 -27.51 -77.48 -23.26
N PRO G 157 -27.79 -78.21 -24.36
CA PRO G 157 -27.23 -78.08 -25.69
C PRO G 157 -28.22 -77.49 -26.69
N VAL G 158 -27.71 -77.19 -27.88
CA VAL G 158 -28.54 -76.90 -29.04
C VAL G 158 -28.14 -77.86 -30.13
N THR G 159 -29.09 -78.22 -30.98
CA THR G 159 -28.79 -79.01 -32.16
C THR G 159 -29.04 -78.14 -33.37
N VAL G 160 -28.16 -78.27 -34.38
CA VAL G 160 -28.29 -77.53 -35.63
C VAL G 160 -28.18 -78.49 -36.80
N SER G 161 -29.14 -78.43 -37.72
CA SER G 161 -29.07 -79.17 -38.97
C SER G 161 -29.35 -78.22 -40.13
N TRP G 162 -29.19 -78.73 -41.35
CA TRP G 162 -29.42 -77.93 -42.56
C TRP G 162 -30.36 -78.62 -43.50
N ASN G 163 -31.36 -77.87 -43.95
CA ASN G 163 -32.41 -78.40 -44.83
C ASN G 163 -33.02 -79.69 -44.27
N SER G 164 -33.37 -79.64 -42.98
CA SER G 164 -33.98 -80.74 -42.24
C SER G 164 -33.19 -82.05 -42.32
N GLY G 165 -31.85 -81.95 -42.31
CA GLY G 165 -30.98 -83.12 -42.40
C GLY G 165 -30.54 -83.50 -43.80
N ALA G 166 -31.16 -82.89 -44.82
CA ALA G 166 -30.86 -83.20 -46.22
C ALA G 166 -29.45 -82.78 -46.62
N LEU G 167 -28.93 -81.74 -45.97
CA LEU G 167 -27.60 -81.22 -46.28
C LEU G 167 -26.67 -81.46 -45.10
N THR G 168 -25.74 -82.39 -45.27
CA THR G 168 -24.73 -82.69 -44.25
C THR G 168 -23.29 -82.50 -44.77
N SER G 169 -23.08 -82.82 -46.04
CA SER G 169 -21.77 -82.65 -46.67
C SER G 169 -21.32 -81.20 -46.63
N GLY G 170 -20.13 -80.96 -46.07
CA GLY G 170 -19.54 -79.62 -45.99
C GLY G 170 -19.95 -78.82 -44.76
N VAL G 171 -20.82 -79.37 -43.92
CA VAL G 171 -21.30 -78.68 -42.75
C VAL G 171 -20.28 -78.75 -41.61
N HIS G 172 -20.08 -77.63 -40.94
CA HIS G 172 -19.30 -77.57 -39.71
C HIS G 172 -20.08 -76.82 -38.67
N THR G 173 -20.53 -77.52 -37.63
CA THR G 173 -21.19 -76.89 -36.49
C THR G 173 -20.22 -76.85 -35.33
N PHE G 174 -19.86 -75.63 -34.92
CA PHE G 174 -18.78 -75.44 -33.96
C PHE G 174 -19.23 -75.70 -32.53
N PRO G 175 -18.31 -76.17 -31.69
CA PRO G 175 -18.60 -76.26 -30.26
C PRO G 175 -18.99 -74.92 -29.68
N ALA G 176 -19.96 -74.91 -28.78
CA ALA G 176 -20.40 -73.70 -28.11
C ALA G 176 -19.27 -73.05 -27.35
N VAL G 177 -19.31 -71.72 -27.28
CA VAL G 177 -18.40 -70.95 -26.47
C VAL G 177 -19.20 -70.28 -25.36
N LEU G 178 -18.69 -70.33 -24.13
CA LEU G 178 -19.32 -69.66 -23.01
C LEU G 178 -18.85 -68.22 -22.96
N GLN G 179 -19.77 -67.28 -23.11
CA GLN G 179 -19.44 -65.85 -23.12
C GLN G 179 -19.38 -65.32 -21.70
N SER G 180 -18.85 -64.11 -21.55
CA SER G 180 -18.71 -63.50 -20.23
C SER G 180 -20.07 -63.17 -19.59
N SER G 181 -21.11 -63.07 -20.42
CA SER G 181 -22.47 -62.88 -19.93
C SER G 181 -23.02 -64.12 -19.21
N GLY G 182 -22.38 -65.28 -19.41
CA GLY G 182 -22.86 -66.53 -18.85
C GLY G 182 -23.69 -67.32 -19.82
N LEU G 183 -23.95 -66.75 -21.00
CA LEU G 183 -24.74 -67.40 -22.04
C LEU G 183 -23.81 -68.07 -23.05
N TYR G 184 -24.36 -69.06 -23.76
CA TYR G 184 -23.62 -69.78 -24.78
C TYR G 184 -23.88 -69.21 -26.16
N SER G 185 -22.97 -69.48 -27.08
CA SER G 185 -23.09 -69.01 -28.45
C SER G 185 -22.25 -69.90 -29.37
N LEU G 186 -22.79 -70.18 -30.56
CA LEU G 186 -22.06 -70.95 -31.56
C LEU G 186 -22.48 -70.57 -32.97
N SER G 187 -21.65 -70.96 -33.93
CA SER G 187 -21.99 -70.82 -35.34
C SER G 187 -21.99 -72.17 -36.02
N SER G 188 -22.85 -72.29 -37.03
CA SER G 188 -22.84 -73.46 -37.91
C SER G 188 -22.68 -72.93 -39.32
N VAL G 189 -21.71 -73.48 -40.04
CA VAL G 189 -21.42 -73.02 -41.39
C VAL G 189 -21.39 -74.17 -42.38
N VAL G 190 -21.61 -73.85 -43.65
CA VAL G 190 -21.53 -74.83 -44.72
C VAL G 190 -20.93 -74.18 -45.97
N THR G 191 -20.06 -74.92 -46.66
CA THR G 191 -19.53 -74.48 -47.94
C THR G 191 -20.31 -75.15 -49.05
N VAL G 192 -20.68 -74.37 -50.06
CA VAL G 192 -21.44 -74.85 -51.20
C VAL G 192 -20.88 -74.21 -52.47
N PRO G 193 -21.22 -74.77 -53.64
CA PRO G 193 -20.83 -74.10 -54.89
C PRO G 193 -21.54 -72.76 -55.08
N SER G 194 -20.83 -71.77 -55.61
CA SER G 194 -21.38 -70.43 -55.81
C SER G 194 -22.60 -70.45 -56.73
N SER G 195 -22.53 -71.26 -57.77
CA SER G 195 -23.62 -71.39 -58.74
C SER G 195 -24.96 -71.81 -58.11
N SER G 196 -24.89 -72.54 -57.00
CA SER G 196 -26.09 -73.03 -56.32
C SER G 196 -26.84 -71.95 -55.52
N LEU G 197 -26.20 -70.81 -55.26
CA LEU G 197 -26.79 -69.76 -54.42
C LEU G 197 -28.11 -69.23 -54.97
N GLY G 198 -28.18 -69.05 -56.29
CA GLY G 198 -29.40 -68.61 -56.95
C GLY G 198 -30.49 -69.67 -56.96
N THR G 199 -30.10 -70.93 -57.09
CA THR G 199 -31.07 -72.02 -57.25
C THR G 199 -31.43 -72.76 -55.98
N GLN G 200 -30.43 -73.19 -55.23
CA GLN G 200 -30.67 -74.03 -54.05
C GLN G 200 -31.02 -73.18 -52.84
N THR G 201 -32.08 -73.56 -52.14
CA THR G 201 -32.51 -72.88 -50.91
C THR G 201 -31.85 -73.50 -49.67
N TYR G 202 -31.36 -72.64 -48.77
CA TYR G 202 -30.62 -73.08 -47.58
C TYR G 202 -31.27 -72.59 -46.29
N ILE G 203 -31.68 -73.53 -45.45
CA ILE G 203 -32.33 -73.23 -44.17
C ILE G 203 -31.62 -73.97 -43.05
N CYS G 204 -31.25 -73.25 -41.99
CA CYS G 204 -30.72 -73.92 -40.81
C CYS G 204 -31.81 -74.14 -39.77
N ASN G 205 -31.80 -75.34 -39.19
CA ASN G 205 -32.81 -75.73 -38.21
C ASN G 205 -32.16 -75.78 -36.85
N VAL G 206 -32.49 -74.81 -36.00
CA VAL G 206 -31.92 -74.71 -34.67
C VAL G 206 -32.96 -75.15 -33.64
N ASN G 207 -32.56 -76.06 -32.77
CA ASN G 207 -33.45 -76.60 -31.78
C ASN G 207 -32.84 -76.50 -30.39
N HIS G 208 -33.57 -75.89 -29.46
CA HIS G 208 -33.11 -75.70 -28.09
C HIS G 208 -34.12 -76.26 -27.14
N LYS G 209 -33.95 -77.54 -26.82
CA LYS G 209 -34.89 -78.27 -25.98
C LYS G 209 -35.13 -77.60 -24.61
N PRO G 210 -34.05 -77.19 -23.90
CA PRO G 210 -34.22 -76.62 -22.56
C PRO G 210 -35.19 -75.43 -22.48
N SER G 211 -35.28 -74.63 -23.53
CA SER G 211 -36.23 -73.51 -23.58
C SER G 211 -37.43 -73.83 -24.44
N ASN G 212 -37.46 -75.03 -24.99
CA ASN G 212 -38.54 -75.47 -25.86
C ASN G 212 -38.76 -74.52 -27.04
N THR G 213 -37.68 -73.97 -27.57
CA THR G 213 -37.75 -73.10 -28.74
C THR G 213 -37.12 -73.78 -29.96
N LYS G 214 -37.71 -73.52 -31.12
CA LYS G 214 -37.32 -74.13 -32.36
C LYS G 214 -37.38 -73.06 -33.44
N VAL G 215 -36.30 -72.88 -34.18
CA VAL G 215 -36.22 -71.83 -35.19
C VAL G 215 -35.64 -72.37 -36.49
N ASP G 216 -36.31 -72.05 -37.60
CA ASP G 216 -35.79 -72.30 -38.94
C ASP G 216 -35.47 -70.96 -39.57
N LYS G 217 -34.22 -70.75 -39.96
CA LYS G 217 -33.82 -69.49 -40.58
C LYS G 217 -33.29 -69.74 -41.97
N LYS G 218 -33.91 -69.10 -42.96
CA LYS G 218 -33.46 -69.17 -44.34
C LYS G 218 -32.28 -68.22 -44.53
N VAL G 219 -31.17 -68.75 -45.01
CA VAL G 219 -29.98 -67.93 -45.23
C VAL G 219 -29.89 -67.58 -46.71
N GLU G 220 -30.08 -66.29 -47.01
CA GLU G 220 -30.06 -65.80 -48.38
C GLU G 220 -28.90 -64.85 -48.60
N PRO G 221 -28.41 -64.76 -49.86
CA PRO G 221 -27.39 -63.77 -50.17
C PRO G 221 -27.99 -62.37 -50.07
N LYS G 222 -27.48 -61.55 -49.16
CA LYS G 222 -28.04 -60.21 -48.89
C LYS G 222 -28.27 -59.39 -50.16
N SER G 223 -29.35 -58.62 -50.19
CA SER G 223 -29.70 -57.78 -51.33
C SER G 223 -28.96 -56.47 -51.14
N CYS G 224 -28.01 -56.17 -52.00
CA CYS G 224 -27.02 -55.17 -51.61
C CYS G 224 -27.63 -53.79 -51.60
N SER H 3 -34.89 -30.16 27.00
CA SER H 3 -34.94 -29.01 26.06
C SER H 3 -33.93 -29.17 24.93
N GLU H 4 -34.40 -29.09 23.69
CA GLU H 4 -33.57 -29.38 22.51
C GLU H 4 -33.13 -27.98 21.87
N VAL H 5 -33.20 -26.95 22.71
CA VAL H 5 -32.57 -25.65 22.41
C VAL H 5 -31.05 -25.83 22.39
N GLN H 6 -30.43 -25.35 21.31
CA GLN H 6 -28.99 -25.46 21.04
C GLN H 6 -28.42 -24.18 20.42
N LEU H 7 -27.21 -23.75 20.85
CA LEU H 7 -26.48 -22.65 20.20
C LEU H 7 -25.11 -23.18 19.81
N VAL H 8 -24.87 -23.28 18.51
CA VAL H 8 -23.60 -23.80 17.99
C VAL H 8 -22.79 -22.66 17.38
N GLU H 9 -21.61 -22.42 17.94
CA GLU H 9 -20.73 -21.36 17.45
C GLU H 9 -19.76 -21.84 16.37
N SER H 10 -19.44 -20.97 15.43
CA SER H 10 -18.48 -21.27 14.37
C SER H 10 -17.53 -20.11 14.20
N GLY H 11 -16.43 -20.38 13.52
CA GLY H 11 -15.40 -19.37 13.28
C GLY H 11 -14.48 -19.22 14.48
N GLY H 12 -13.60 -18.24 14.41
CA GLY H 12 -12.62 -17.98 15.46
C GLY H 12 -11.23 -18.35 14.99
N GLY H 13 -10.28 -18.32 15.92
CA GLY H 13 -8.91 -18.70 15.63
C GLY H 13 -7.95 -17.54 15.75
N LEU H 14 -6.91 -17.56 14.93
CA LEU H 14 -5.83 -16.61 15.00
C LEU H 14 -6.09 -15.47 14.02
N VAL H 15 -5.89 -14.23 14.48
CA VAL H 15 -5.98 -13.05 13.63
C VAL H 15 -4.96 -12.01 14.08
N GLN H 16 -4.42 -11.25 13.13
CA GLN H 16 -3.41 -10.24 13.44
C GLN H 16 -4.05 -8.95 13.95
N PRO H 17 -3.30 -8.16 14.74
CA PRO H 17 -3.81 -6.86 15.20
C PRO H 17 -4.24 -5.99 14.04
N GLY H 18 -5.39 -5.32 14.19
CA GLY H 18 -5.97 -4.52 13.12
C GLY H 18 -6.85 -5.33 12.18
N GLY H 19 -6.86 -6.64 12.36
CA GLY H 19 -7.58 -7.54 11.46
C GLY H 19 -9.06 -7.67 11.75
N SER H 20 -9.74 -8.43 10.89
CA SER H 20 -11.19 -8.60 10.96
C SER H 20 -11.56 -10.08 11.01
N LEU H 21 -12.60 -10.38 11.76
CA LEU H 21 -13.02 -11.76 11.98
C LEU H 21 -14.49 -11.80 12.36
N ARG H 22 -15.22 -12.78 11.84
CA ARG H 22 -16.64 -12.93 12.17
C ARG H 22 -16.93 -14.25 12.86
N LEU H 23 -17.60 -14.16 14.01
CA LEU H 23 -18.07 -15.33 14.72
C LEU H 23 -19.55 -15.58 14.40
N SER H 24 -19.95 -16.85 14.36
CA SER H 24 -21.32 -17.24 14.07
C SER H 24 -21.92 -17.95 15.29
N CYS H 25 -23.23 -17.83 15.43
CA CYS H 25 -23.96 -18.47 16.51
C CYS H 25 -25.26 -19.03 15.93
N ALA H 26 -25.22 -20.29 15.49
CA ALA H 26 -26.37 -20.94 14.84
C ALA H 26 -27.33 -21.49 15.89
N ALA H 27 -28.57 -21.05 15.83
CA ALA H 27 -29.57 -21.41 16.82
C ALA H 27 -30.51 -22.49 16.30
N SER H 28 -30.94 -23.36 17.20
CA SER H 28 -31.99 -24.32 16.92
C SER H 28 -32.79 -24.58 18.19
N GLY H 29 -34.05 -24.96 18.02
CA GLY H 29 -34.96 -25.13 19.15
C GLY H 29 -35.70 -23.86 19.53
N PHE H 30 -35.33 -22.74 18.91
CA PHE H 30 -36.04 -21.47 19.11
C PHE H 30 -35.76 -20.50 17.97
N ASN H 31 -36.62 -19.51 17.81
CA ASN H 31 -36.53 -18.55 16.72
C ASN H 31 -35.75 -17.32 17.14
N VAL H 32 -34.62 -17.07 16.48
CA VAL H 32 -33.76 -15.94 16.80
C VAL H 32 -34.46 -14.59 16.60
N SER H 33 -35.43 -14.55 15.69
CA SER H 33 -36.17 -13.33 15.39
C SER H 33 -37.16 -12.92 16.49
N TYR H 34 -37.48 -13.85 17.38
CA TYR H 34 -38.34 -13.55 18.55
C TYR H 34 -37.60 -13.76 19.87
N SER H 35 -36.26 -13.70 19.81
CA SER H 35 -35.44 -13.88 21.00
C SER H 35 -34.30 -12.87 20.99
N SER H 36 -33.53 -12.83 22.07
CA SER H 36 -32.35 -11.99 22.14
C SER H 36 -31.10 -12.86 22.20
N ILE H 37 -30.07 -12.42 21.49
CA ILE H 37 -28.78 -13.10 21.50
C ILE H 37 -27.74 -12.13 22.08
N HIS H 38 -26.83 -12.69 22.88
CA HIS H 38 -25.81 -11.91 23.56
C HIS H 38 -24.47 -12.53 23.37
N TRP H 39 -23.44 -11.69 23.22
CA TRP H 39 -22.06 -12.16 23.16
C TRP H 39 -21.36 -11.77 24.43
N VAL H 40 -20.73 -12.75 25.07
CA VAL H 40 -19.95 -12.57 26.28
C VAL H 40 -18.59 -13.24 26.07
N ARG H 41 -17.52 -12.58 26.51
CA ARG H 41 -16.17 -13.12 26.33
C ARG H 41 -15.45 -13.26 27.65
N GLN H 42 -14.42 -14.10 27.65
CA GLN H 42 -13.64 -14.40 28.84
C GLN H 42 -12.17 -14.59 28.48
N ALA H 43 -11.33 -13.65 28.89
CA ALA H 43 -9.89 -13.76 28.69
C ALA H 43 -9.35 -14.83 29.63
N PRO H 44 -8.25 -15.50 29.24
CA PRO H 44 -7.70 -16.58 30.08
C PRO H 44 -7.49 -16.15 31.53
N GLY H 45 -8.08 -16.91 32.45
CA GLY H 45 -7.95 -16.64 33.89
C GLY H 45 -8.67 -15.40 34.39
N LYS H 46 -9.51 -14.80 33.55
CA LYS H 46 -10.20 -13.56 33.89
C LYS H 46 -11.70 -13.81 33.96
N GLY H 47 -12.44 -12.78 34.37
CA GLY H 47 -13.87 -12.87 34.54
C GLY H 47 -14.63 -12.76 33.23
N LEU H 48 -15.95 -12.90 33.33
CA LEU H 48 -16.85 -12.71 32.19
C LEU H 48 -16.94 -11.23 31.82
N GLU H 49 -16.93 -10.95 30.52
CA GLU H 49 -17.13 -9.58 30.03
C GLU H 49 -18.17 -9.58 28.93
N TRP H 50 -19.24 -8.81 29.14
CA TRP H 50 -20.27 -8.61 28.14
C TRP H 50 -19.73 -7.81 27.00
N VAL H 51 -20.06 -8.24 25.77
CA VAL H 51 -19.58 -7.59 24.56
C VAL H 51 -20.70 -6.87 23.81
N ALA H 52 -21.79 -7.57 23.53
CA ALA H 52 -22.86 -7.02 22.72
C ALA H 52 -24.17 -7.81 22.86
N SER H 53 -25.28 -7.17 22.51
CA SER H 53 -26.61 -7.80 22.57
C SER H 53 -27.43 -7.37 21.36
N ILE H 54 -28.31 -8.24 20.89
CA ILE H 54 -29.22 -7.92 19.79
C ILE H 54 -30.64 -8.38 20.07
N TYR H 55 -31.61 -7.52 19.75
CA TYR H 55 -33.03 -7.82 19.87
C TYR H 55 -33.69 -7.59 18.52
N SER H 56 -33.67 -8.62 17.67
CA SER H 56 -34.07 -8.48 16.26
C SER H 56 -35.50 -7.97 16.07
N TYR H 57 -36.41 -8.41 16.93
CA TYR H 57 -37.81 -8.00 16.82
C TYR H 57 -37.97 -6.48 16.88
N TYR H 58 -37.24 -5.84 17.79
CA TYR H 58 -37.31 -4.39 17.95
C TYR H 58 -36.26 -3.64 17.13
N GLY H 59 -35.22 -4.33 16.69
CA GLY H 59 -34.15 -3.71 15.92
C GLY H 59 -33.16 -2.98 16.79
N TYR H 60 -33.09 -3.34 18.07
CA TYR H 60 -32.16 -2.72 19.00
C TYR H 60 -30.87 -3.53 19.11
N THR H 61 -29.74 -2.83 19.11
CA THR H 61 -28.45 -3.44 19.40
C THR H 61 -27.71 -2.60 20.45
N TYR H 62 -26.95 -3.27 21.30
CA TYR H 62 -26.22 -2.62 22.38
C TYR H 62 -24.80 -3.15 22.43
N TYR H 63 -23.85 -2.30 22.82
CA TYR H 63 -22.43 -2.65 22.81
C TYR H 63 -21.73 -2.18 24.08
N ALA H 64 -20.72 -2.94 24.50
CA ALA H 64 -19.85 -2.52 25.59
C ALA H 64 -18.95 -1.41 25.07
N ASP H 65 -18.57 -0.50 25.95
CA ASP H 65 -17.71 0.63 25.56
C ASP H 65 -16.38 0.17 25.00
N SER H 66 -15.84 -0.92 25.55
CA SER H 66 -14.55 -1.45 25.10
C SER H 66 -14.52 -1.93 23.65
N VAL H 67 -15.69 -2.20 23.06
CA VAL H 67 -15.77 -2.68 21.68
C VAL H 67 -16.57 -1.77 20.74
N LYS H 68 -17.13 -0.70 21.29
CA LYS H 68 -18.01 0.18 20.52
C LYS H 68 -17.28 0.79 19.33
N GLY H 69 -17.92 0.79 18.16
CA GLY H 69 -17.33 1.30 16.94
C GLY H 69 -16.39 0.34 16.21
N ARG H 70 -16.10 -0.79 16.84
CA ARG H 70 -15.20 -1.79 16.26
C ARG H 70 -15.94 -3.11 15.97
N PHE H 71 -16.84 -3.50 16.88
CA PHE H 71 -17.59 -4.75 16.75
C PHE H 71 -19.01 -4.45 16.30
N THR H 72 -19.60 -5.35 15.53
CA THR H 72 -21.01 -5.25 15.14
C THR H 72 -21.72 -6.58 15.35
N ILE H 73 -22.84 -6.54 16.06
CA ILE H 73 -23.68 -7.70 16.29
C ILE H 73 -24.84 -7.64 15.29
N SER H 74 -25.23 -8.81 14.76
CA SER H 74 -26.29 -8.87 13.76
C SER H 74 -26.94 -10.24 13.74
N ALA H 75 -28.02 -10.37 12.96
CA ALA H 75 -28.75 -11.64 12.86
C ALA H 75 -29.33 -11.86 11.47
N ASP H 76 -29.26 -13.10 10.99
CA ASP H 76 -29.92 -13.51 9.75
C ASP H 76 -31.12 -14.38 10.12
N THR H 77 -32.30 -13.79 10.04
CA THR H 77 -33.56 -14.47 10.37
C THR H 77 -33.74 -15.78 9.60
N SER H 78 -33.48 -15.76 8.30
CA SER H 78 -33.70 -16.92 7.45
C SER H 78 -32.78 -18.10 7.81
N LYS H 79 -31.54 -17.81 8.20
CA LYS H 79 -30.59 -18.85 8.64
C LYS H 79 -30.65 -19.11 10.15
N ASN H 80 -31.50 -18.38 10.86
CA ASN H 80 -31.62 -18.51 12.31
C ASN H 80 -30.26 -18.47 13.01
N THR H 81 -29.44 -17.50 12.59
CA THR H 81 -28.06 -17.38 13.08
C THR H 81 -27.76 -15.92 13.47
N ALA H 82 -27.03 -15.76 14.57
CA ALA H 82 -26.55 -14.43 14.99
C ALA H 82 -25.05 -14.38 14.71
N TYR H 83 -24.55 -13.16 14.52
CA TYR H 83 -23.13 -12.97 14.18
C TYR H 83 -22.51 -11.90 15.05
N LEU H 84 -21.20 -11.99 15.23
CA LEU H 84 -20.41 -10.91 15.82
C LEU H 84 -19.27 -10.58 14.86
N GLN H 85 -19.38 -9.46 14.15
CA GLN H 85 -18.31 -9.00 13.28
C GLN H 85 -17.31 -8.23 14.14
N MET H 86 -16.07 -8.71 14.18
CA MET H 86 -15.03 -8.10 14.98
C MET H 86 -14.00 -7.46 14.06
N ASN H 87 -13.91 -6.13 14.10
CA ASN H 87 -12.92 -5.38 13.31
C ASN H 87 -11.94 -4.65 14.20
N SER H 88 -10.85 -4.18 13.60
CA SER H 88 -9.79 -3.47 14.32
C SER H 88 -9.39 -4.21 15.59
N LEU H 89 -9.18 -5.52 15.48
CA LEU H 89 -8.87 -6.34 16.65
C LEU H 89 -7.56 -5.91 17.32
N ARG H 90 -7.52 -6.05 18.64
CA ARG H 90 -6.34 -5.74 19.43
C ARG H 90 -5.98 -6.94 20.31
N ALA H 91 -4.75 -6.98 20.78
CA ALA H 91 -4.27 -8.09 21.62
C ALA H 91 -5.20 -8.38 22.78
N GLU H 92 -5.70 -7.32 23.42
CA GLU H 92 -6.57 -7.47 24.60
C GLU H 92 -7.98 -7.99 24.27
N ASP H 93 -8.29 -8.16 22.99
CA ASP H 93 -9.53 -8.85 22.59
C ASP H 93 -9.37 -10.36 22.60
N THR H 94 -8.15 -10.85 22.86
CA THR H 94 -7.92 -12.28 22.97
C THR H 94 -8.77 -12.88 24.10
N ALA H 95 -9.63 -13.83 23.76
CA ALA H 95 -10.55 -14.42 24.73
C ALA H 95 -11.35 -15.57 24.12
N VAL H 96 -11.99 -16.35 24.99
CA VAL H 96 -13.01 -17.30 24.56
C VAL H 96 -14.31 -16.51 24.41
N TYR H 97 -14.95 -16.61 23.25
CA TYR H 97 -16.18 -15.87 22.96
C TYR H 97 -17.40 -16.78 23.01
N TYR H 98 -18.36 -16.44 23.87
CA TYR H 98 -19.60 -17.18 24.02
C TYR H 98 -20.75 -16.40 23.42
N CYS H 99 -21.70 -17.11 22.81
CA CYS H 99 -23.00 -16.54 22.52
C CYS H 99 -24.02 -17.18 23.45
N ALA H 100 -25.07 -16.42 23.77
CA ALA H 100 -26.09 -16.90 24.71
C ALA H 100 -27.47 -16.35 24.37
N ARG H 101 -28.51 -17.11 24.70
CA ARG H 101 -29.88 -16.66 24.53
C ARG H 101 -30.36 -15.92 25.76
N GLY H 102 -31.12 -14.85 25.53
CA GLY H 102 -31.68 -14.07 26.62
C GLY H 102 -32.97 -14.62 27.19
N TYR H 103 -33.20 -14.30 28.46
CA TYR H 103 -34.38 -14.70 29.21
C TYR H 103 -34.78 -13.44 29.99
N TYR H 104 -35.76 -13.54 30.89
CA TYR H 104 -36.19 -12.37 31.66
C TYR H 104 -34.99 -11.54 32.15
N GLY H 105 -35.05 -10.22 31.91
CA GLY H 105 -34.03 -9.30 32.40
C GLY H 105 -32.67 -9.44 31.76
N ALA H 106 -32.64 -9.97 30.54
CA ALA H 106 -31.38 -10.30 29.85
C ALA H 106 -30.55 -11.34 30.62
N ALA H 107 -31.19 -12.11 31.50
CA ALA H 107 -30.56 -13.29 32.05
C ALA H 107 -30.30 -14.23 30.87
N MET H 108 -29.21 -14.99 30.93
CA MET H 108 -28.79 -15.81 29.79
C MET H 108 -28.92 -17.29 30.10
N ASP H 109 -29.98 -17.91 29.57
CA ASP H 109 -30.35 -19.28 29.98
C ASP H 109 -29.64 -20.39 29.20
N TYR H 110 -29.43 -20.18 27.91
CA TYR H 110 -28.75 -21.17 27.08
C TYR H 110 -27.52 -20.58 26.41
N TRP H 111 -26.42 -21.33 26.46
CA TRP H 111 -25.11 -20.84 26.04
C TRP H 111 -24.52 -21.70 24.97
N GLY H 112 -23.74 -21.08 24.10
CA GLY H 112 -22.95 -21.81 23.14
C GLY H 112 -21.72 -22.44 23.78
N GLN H 113 -20.99 -23.22 22.99
CA GLN H 113 -19.84 -23.93 23.51
C GLN H 113 -18.58 -23.07 23.70
N GLY H 114 -18.57 -21.85 23.16
CA GLY H 114 -17.40 -20.99 23.25
C GLY H 114 -16.41 -21.26 22.14
N THR H 115 -15.75 -20.21 21.65
CA THR H 115 -14.72 -20.34 20.62
C THR H 115 -13.58 -19.38 20.94
N LEU H 116 -12.35 -19.85 20.76
CA LEU H 116 -11.16 -19.08 21.13
C LEU H 116 -10.74 -18.17 19.99
N VAL H 117 -10.60 -16.88 20.30
CA VAL H 117 -10.07 -15.91 19.35
C VAL H 117 -8.77 -15.37 19.90
N THR H 118 -7.69 -15.53 19.14
CA THR H 118 -6.37 -15.07 19.53
C THR H 118 -5.95 -13.94 18.60
N VAL H 119 -5.65 -12.77 19.17
CA VAL H 119 -5.17 -11.64 18.40
C VAL H 119 -3.68 -11.45 18.69
N SER H 120 -2.84 -11.64 17.68
CA SER H 120 -1.39 -11.58 17.84
C SER H 120 -0.65 -11.59 16.50
N SER H 121 0.56 -11.03 16.50
CA SER H 121 1.42 -11.01 15.32
C SER H 121 2.18 -12.33 15.14
N ALA H 122 2.18 -13.18 16.16
CA ALA H 122 2.93 -14.43 16.12
C ALA H 122 2.37 -15.38 15.06
N SER H 123 3.26 -16.15 14.43
CA SER H 123 2.88 -17.13 13.42
C SER H 123 2.53 -18.46 14.08
N THR H 124 1.61 -19.20 13.44
CA THR H 124 1.26 -20.53 13.90
C THR H 124 2.50 -21.39 13.92
N LYS H 125 2.69 -22.15 15.00
CA LYS H 125 3.89 -22.97 15.16
C LYS H 125 3.63 -24.15 16.09
N GLY H 126 4.15 -25.31 15.70
CA GLY H 126 4.06 -26.51 16.52
C GLY H 126 5.08 -26.49 17.65
N PRO H 127 4.77 -27.19 18.75
CA PRO H 127 5.69 -27.22 19.89
C PRO H 127 6.89 -28.11 19.67
N SER H 128 8.00 -27.77 20.30
CA SER H 128 9.10 -28.70 20.49
C SER H 128 8.80 -29.38 21.83
N VAL H 129 8.90 -30.71 21.86
CA VAL H 129 8.61 -31.46 23.07
C VAL H 129 9.90 -32.05 23.63
N PHE H 130 10.23 -31.65 24.85
CA PHE H 130 11.46 -32.09 25.50
C PHE H 130 11.12 -32.89 26.74
N PRO H 131 11.90 -33.94 27.02
CA PRO H 131 11.63 -34.76 28.19
C PRO H 131 12.07 -34.09 29.48
N LEU H 132 11.28 -34.25 30.53
CA LEU H 132 11.71 -33.93 31.89
C LEU H 132 12.05 -35.27 32.54
N ALA H 133 13.32 -35.65 32.48
CA ALA H 133 13.76 -36.99 32.91
C ALA H 133 13.72 -37.13 34.44
N PRO H 134 13.29 -38.32 34.92
CA PRO H 134 13.32 -38.60 36.35
C PRO H 134 14.72 -38.93 36.83
N SER H 135 15.04 -38.55 38.07
CA SER H 135 16.30 -38.88 38.71
C SER H 135 16.10 -39.20 40.19
N SER H 136 17.18 -39.64 40.82
CA SER H 136 17.20 -39.93 42.25
C SER H 136 17.28 -38.65 43.12
N LYS H 137 16.61 -37.62 42.61
CA LYS H 137 16.00 -36.59 43.42
C LYS H 137 14.52 -37.00 43.45
N SER H 138 14.27 -38.22 43.93
CA SER H 138 12.92 -38.77 44.10
C SER H 138 12.36 -38.52 45.52
N THR H 139 11.04 -38.44 45.63
CA THR H 139 10.33 -38.21 46.91
C THR H 139 8.97 -38.91 46.92
N GLY H 141 9.73 -41.12 50.43
CA GLY H 141 10.57 -41.30 49.25
C GLY H 141 10.27 -42.41 48.24
N GLY H 142 9.12 -43.08 48.32
CA GLY H 142 8.86 -44.06 47.21
C GLY H 142 8.57 -43.53 45.81
N THR H 143 8.68 -42.21 45.54
CA THR H 143 8.02 -41.60 44.37
C THR H 143 8.99 -40.83 43.46
N ALA H 144 8.88 -41.08 42.16
CA ALA H 144 9.65 -40.34 41.16
C ALA H 144 8.71 -39.43 40.38
N ALA H 145 9.24 -38.33 39.86
CA ALA H 145 8.49 -37.42 39.01
C ALA H 145 9.15 -37.32 37.64
N LEU H 146 8.32 -37.29 36.60
CA LEU H 146 8.79 -37.10 35.24
C LEU H 146 7.76 -36.30 34.46
N GLY H 147 8.12 -35.85 33.26
CA GLY H 147 7.20 -35.06 32.46
C GLY H 147 7.69 -34.70 31.07
N CYS H 148 6.93 -33.82 30.41
CA CYS H 148 7.35 -33.24 29.14
C CYS H 148 7.20 -31.72 29.16
N LEU H 149 8.21 -31.05 28.60
CA LEU H 149 8.15 -29.62 28.39
C LEU H 149 7.66 -29.39 26.96
N VAL H 150 6.47 -28.81 26.83
CA VAL H 150 5.88 -28.50 25.53
C VAL H 150 6.14 -27.04 25.25
N LYS H 151 7.20 -26.75 24.50
CA LYS H 151 7.73 -25.39 24.40
C LYS H 151 7.51 -24.72 23.05
N ASP H 152 7.26 -23.41 23.10
CA ASP H 152 7.25 -22.55 21.91
C ASP H 152 6.26 -22.98 20.84
N TYR H 153 4.99 -23.08 21.22
CA TYR H 153 3.92 -23.34 20.26
C TYR H 153 2.99 -22.16 20.19
N PHE H 154 2.22 -22.09 19.11
CA PHE H 154 1.27 -21.00 18.91
C PHE H 154 0.25 -21.34 17.83
N PRO H 155 -1.02 -20.97 18.04
CA PRO H 155 -1.65 -20.41 19.25
C PRO H 155 -2.11 -21.51 20.20
N GLU H 156 -2.89 -21.17 21.22
CA GLU H 156 -3.56 -22.19 22.02
C GLU H 156 -4.60 -22.89 21.14
N PRO H 157 -5.01 -24.11 21.50
CA PRO H 157 -4.56 -24.92 22.63
C PRO H 157 -3.71 -26.11 22.19
N VAL H 158 -3.14 -26.77 23.19
CA VAL H 158 -2.54 -28.09 23.00
C VAL H 158 -3.19 -29.04 23.98
N THR H 159 -3.27 -30.32 23.60
CA THR H 159 -3.71 -31.35 24.52
C THR H 159 -2.54 -32.29 24.79
N VAL H 160 -2.44 -32.75 26.03
CA VAL H 160 -1.41 -33.69 26.43
C VAL H 160 -2.03 -34.86 27.18
N SER H 161 -1.67 -36.08 26.76
CA SER H 161 -2.05 -37.28 27.49
C SER H 161 -0.80 -38.13 27.70
N TRP H 162 -0.95 -39.19 28.49
CA TRP H 162 0.16 -40.08 28.82
C TRP H 162 -0.20 -41.51 28.53
N ASN H 163 0.68 -42.21 27.82
CA ASN H 163 0.46 -43.59 27.41
C ASN H 163 -0.89 -43.76 26.73
N SER H 164 -1.17 -42.87 25.79
CA SER H 164 -2.40 -42.85 25.00
C SER H 164 -3.68 -42.87 25.86
N GLY H 165 -3.65 -42.17 26.99
CA GLY H 165 -4.80 -42.10 27.90
C GLY H 165 -4.80 -43.14 29.00
N ALA H 166 -3.91 -44.12 28.93
CA ALA H 166 -3.85 -45.19 29.93
C ALA H 166 -3.40 -44.69 31.30
N LEU H 167 -2.61 -43.62 31.32
CA LEU H 167 -2.09 -43.06 32.57
C LEU H 167 -2.68 -41.67 32.81
N THR H 168 -3.57 -41.57 33.78
CA THR H 168 -4.19 -40.28 34.16
C THR H 168 -3.99 -39.96 35.64
N SER H 169 -4.03 -40.98 36.47
CA SER H 169 -3.77 -40.83 37.90
C SER H 169 -2.40 -40.22 38.16
N GLY H 170 -2.36 -39.10 38.88
CA GLY H 170 -1.11 -38.43 39.23
C GLY H 170 -0.63 -37.40 38.20
N VAL H 171 -1.34 -37.26 37.09
CA VAL H 171 -0.95 -36.35 36.03
C VAL H 171 -1.36 -34.92 36.36
N HIS H 172 -0.45 -33.99 36.12
CA HIS H 172 -0.74 -32.57 36.20
C HIS H 172 -0.25 -31.90 34.95
N THR H 173 -1.18 -31.44 34.11
CA THR H 173 -0.85 -30.67 32.93
C THR H 173 -1.13 -29.20 33.22
N PHE H 174 -0.08 -28.40 33.23
CA PHE H 174 -0.18 -27.02 33.69
C PHE H 174 -0.78 -26.10 32.64
N PRO H 175 -1.48 -25.03 33.07
CA PRO H 175 -1.94 -24.01 32.15
C PRO H 175 -0.78 -23.38 31.39
N ALA H 176 -0.98 -23.10 30.11
CA ALA H 176 0.05 -22.49 29.28
C ALA H 176 0.45 -21.12 29.82
N VAL H 177 1.71 -20.78 29.63
CA VAL H 177 2.20 -19.44 29.94
C VAL H 177 2.59 -18.76 28.63
N LEU H 178 2.22 -17.50 28.48
CA LEU H 178 2.59 -16.71 27.32
C LEU H 178 3.95 -16.09 27.56
N GLN H 179 4.93 -16.44 26.74
CA GLN H 179 6.30 -15.95 26.89
C GLN H 179 6.46 -14.61 26.19
N SER H 180 7.56 -13.92 26.46
CA SER H 180 7.81 -12.61 25.87
C SER H 180 8.02 -12.68 24.36
N SER H 181 8.36 -13.86 23.85
CA SER H 181 8.46 -14.10 22.41
C SER H 181 7.10 -14.06 21.70
N GLY H 182 6.02 -14.18 22.47
CA GLY H 182 4.68 -14.25 21.90
C GLY H 182 4.18 -15.68 21.75
N LEU H 183 5.04 -16.65 22.06
CA LEU H 183 4.72 -18.06 21.95
C LEU H 183 4.31 -18.61 23.30
N TYR H 184 3.55 -19.71 23.27
CA TYR H 184 3.08 -20.37 24.49
C TYR H 184 4.00 -21.51 24.87
N SER H 185 3.95 -21.89 26.14
CA SER H 185 4.76 -22.97 26.65
C SER H 185 4.12 -23.54 27.91
N LEU H 186 4.18 -24.86 28.06
CA LEU H 186 3.66 -25.52 29.25
C LEU H 186 4.42 -26.81 29.53
N SER H 187 4.24 -27.31 30.75
CA SER H 187 4.76 -28.62 31.12
C SER H 187 3.63 -29.52 31.58
N SER H 188 3.80 -30.81 31.33
CA SER H 188 2.91 -31.83 31.87
C SER H 188 3.78 -32.79 32.64
N VAL H 189 3.40 -33.06 33.89
CA VAL H 189 4.18 -33.93 34.76
C VAL H 189 3.31 -35.03 35.35
N VAL H 190 3.95 -36.12 35.74
CA VAL H 190 3.28 -37.21 36.41
C VAL H 190 4.19 -37.82 37.47
N THR H 191 3.61 -38.16 38.63
CA THR H 191 4.34 -38.85 39.67
C THR H 191 4.01 -40.33 39.61
N VAL H 192 5.05 -41.16 39.70
CA VAL H 192 4.93 -42.61 39.62
C VAL H 192 5.85 -43.23 40.68
N PRO H 193 5.64 -44.52 40.99
CA PRO H 193 6.58 -45.19 41.88
C PRO H 193 7.97 -45.36 41.25
N SER H 194 9.02 -45.19 42.06
CA SER H 194 10.40 -45.29 41.59
C SER H 194 10.69 -46.65 40.96
N SER H 195 10.17 -47.70 41.60
CA SER H 195 10.36 -49.08 41.12
C SER H 195 9.88 -49.31 39.68
N SER H 196 8.89 -48.54 39.26
CA SER H 196 8.32 -48.69 37.92
C SER H 196 9.19 -48.12 36.80
N LEU H 197 10.19 -47.30 37.16
CA LEU H 197 11.01 -46.62 36.14
C LEU H 197 11.75 -47.58 35.22
N GLY H 198 12.28 -48.65 35.79
CA GLY H 198 12.95 -49.68 35.02
C GLY H 198 12.00 -50.51 34.15
N THR H 199 10.80 -50.76 34.67
CA THR H 199 9.84 -51.67 34.03
C THR H 199 8.81 -50.98 33.11
N GLN H 200 8.14 -49.96 33.64
CA GLN H 200 7.04 -49.31 32.92
C GLN H 200 7.56 -48.24 31.96
N THR H 201 7.06 -48.27 30.73
CA THR H 201 7.41 -47.27 29.71
C THR H 201 6.45 -46.08 29.74
N TYR H 202 7.00 -44.87 29.66
CA TYR H 202 6.24 -43.63 29.77
C TYR H 202 6.39 -42.75 28.53
N ILE H 203 5.27 -42.49 27.87
CA ILE H 203 5.25 -41.68 26.65
C ILE H 203 4.21 -40.57 26.79
N CYS H 204 4.59 -39.33 26.53
CA CYS H 204 3.61 -38.25 26.48
C CYS H 204 3.16 -37.97 25.05
N ASN H 205 1.85 -37.80 24.89
CA ASN H 205 1.25 -37.57 23.58
C ASN H 205 0.78 -36.13 23.49
N VAL H 206 1.50 -35.33 22.70
CA VAL H 206 1.18 -33.92 22.56
C VAL H 206 0.52 -33.70 21.22
N ASN H 207 -0.61 -33.00 21.22
CA ASN H 207 -1.38 -32.74 20.01
C ASN H 207 -1.64 -31.24 19.88
N HIS H 208 -1.26 -30.68 18.74
CA HIS H 208 -1.45 -29.27 18.47
C HIS H 208 -2.20 -29.10 17.18
N LYS H 209 -3.53 -29.06 17.30
CA LYS H 209 -4.43 -28.99 16.14
C LYS H 209 -4.16 -27.80 15.20
N PRO H 210 -3.99 -26.59 15.76
CA PRO H 210 -3.73 -25.42 14.89
C PRO H 210 -2.57 -25.54 13.90
N SER H 211 -1.51 -26.27 14.27
CA SER H 211 -0.39 -26.51 13.35
C SER H 211 -0.42 -27.91 12.75
N ASN H 212 -1.44 -28.68 13.11
CA ASN H 212 -1.61 -30.04 12.64
C ASN H 212 -0.40 -30.91 12.93
N THR H 213 0.23 -30.68 14.07
CA THR H 213 1.39 -31.47 14.49
C THR H 213 1.02 -32.34 15.69
N LYS H 214 1.59 -33.53 15.69
CA LYS H 214 1.32 -34.53 16.72
C LYS H 214 2.64 -35.20 17.05
N VAL H 215 2.97 -35.23 18.34
CA VAL H 215 4.26 -35.75 18.76
C VAL H 215 4.13 -36.65 19.98
N ASP H 216 4.80 -37.80 19.90
CA ASP H 216 4.89 -38.73 21.01
C ASP H 216 6.34 -38.78 21.47
N LYS H 217 6.59 -38.45 22.73
CA LYS H 217 7.95 -38.46 23.26
C LYS H 217 8.06 -39.43 24.44
N LYS H 218 8.96 -40.38 24.31
CA LYS H 218 9.26 -41.32 25.38
C LYS H 218 10.16 -40.65 26.40
N VAL H 219 9.73 -40.63 27.66
CA VAL H 219 10.53 -40.04 28.74
C VAL H 219 11.26 -41.13 29.50
N GLU H 220 12.58 -41.15 29.36
CA GLU H 220 13.42 -42.16 30.01
C GLU H 220 14.32 -41.54 31.06
N PRO H 221 14.70 -42.33 32.09
CA PRO H 221 15.70 -41.83 33.04
C PRO H 221 17.06 -41.67 32.37
N LYS H 222 17.58 -40.45 32.30
CA LYS H 222 18.83 -40.16 31.57
C LYS H 222 20.00 -41.09 31.92
N MET I 5 -1.29 -77.15 -20.07
CA MET I 5 -2.75 -77.44 -20.09
C MET I 5 -3.00 -78.90 -19.71
N THR I 6 -2.56 -79.28 -18.50
CA THR I 6 -2.60 -80.70 -18.09
C THR I 6 -3.94 -81.18 -17.51
N GLN I 7 -4.95 -80.31 -17.51
CA GLN I 7 -6.33 -80.70 -17.21
C GLN I 7 -7.01 -81.21 -18.50
N SER I 8 -6.47 -80.82 -19.66
CA SER I 8 -6.98 -81.24 -20.98
C SER I 8 -5.98 -82.30 -21.57
N PRO I 9 -6.50 -83.25 -22.39
CA PRO I 9 -5.64 -84.32 -22.90
C PRO I 9 -4.54 -83.81 -23.82
N SER I 10 -3.36 -84.40 -23.70
CA SER I 10 -2.25 -84.14 -24.60
C SER I 10 -2.57 -84.58 -26.03
N SER I 11 -1.85 -84.01 -27.00
CA SER I 11 -2.06 -84.32 -28.41
C SER I 11 -0.89 -85.11 -29.01
N LEU I 12 -1.22 -86.05 -29.90
CA LEU I 12 -0.22 -86.84 -30.61
C LEU I 12 -0.66 -87.07 -32.06
N SER I 13 0.23 -86.76 -33.00
CA SER I 13 -0.06 -86.94 -34.42
C SER I 13 0.60 -88.22 -34.93
N ALA I 14 -0.18 -89.08 -35.56
CA ALA I 14 0.33 -90.36 -36.06
C ALA I 14 -0.33 -90.75 -37.39
N SER I 15 0.30 -91.67 -38.10
CA SER I 15 -0.20 -92.19 -39.38
C SER I 15 -0.74 -93.61 -39.18
N VAL I 16 -1.63 -94.03 -40.07
CA VAL I 16 -2.10 -95.41 -40.08
C VAL I 16 -0.93 -96.34 -40.26
N GLY I 17 -0.88 -97.39 -39.44
CA GLY I 17 0.23 -98.34 -39.46
C GLY I 17 1.35 -98.05 -38.46
N ASP I 18 1.31 -96.86 -37.84
CA ASP I 18 2.33 -96.49 -36.86
C ASP I 18 2.16 -97.24 -35.55
N ARG I 19 3.26 -97.37 -34.83
CA ARG I 19 3.26 -97.93 -33.49
C ARG I 19 3.23 -96.78 -32.49
N VAL I 20 2.35 -96.89 -31.50
CA VAL I 20 2.16 -95.83 -30.52
C VAL I 20 2.19 -96.39 -29.10
N THR I 21 2.96 -95.74 -28.23
CA THR I 21 3.01 -96.10 -26.81
C THR I 21 2.67 -94.90 -25.93
N ILE I 22 1.60 -95.02 -25.16
CA ILE I 22 1.14 -93.96 -24.26
C ILE I 22 1.51 -94.31 -22.83
N THR I 23 2.12 -93.36 -22.12
CA THR I 23 2.50 -93.57 -20.73
C THR I 23 1.47 -92.95 -19.81
N CYS I 24 1.12 -93.67 -18.75
CA CYS I 24 0.07 -93.26 -17.83
C CYS I 24 0.61 -92.23 -16.84
N ARG I 25 -0.11 -91.11 -16.70
CA ARG I 25 0.22 -90.08 -15.70
C ARG I 25 -0.99 -89.83 -14.80
N ALA I 26 -1.28 -90.81 -13.95
CA ALA I 26 -2.32 -90.69 -12.93
C ALA I 26 -1.71 -90.61 -11.53
N SER I 27 -0.47 -90.12 -11.45
CA SER I 27 0.28 -90.06 -10.17
C SER I 27 0.11 -91.36 -9.36
N GLN I 28 0.45 -92.47 -10.02
CA GLN I 28 0.16 -93.81 -9.53
C GLN I 28 1.28 -94.38 -8.65
N SER I 29 1.07 -95.58 -8.12
CA SER I 29 2.09 -96.30 -7.35
C SER I 29 2.30 -97.70 -7.94
N VAL I 30 3.22 -98.45 -7.34
CA VAL I 30 3.50 -99.85 -7.72
C VAL I 30 2.30 -100.79 -7.45
N SER I 31 1.56 -100.49 -6.39
CA SER I 31 0.43 -101.31 -5.95
C SER I 31 -0.74 -101.22 -6.92
N SER I 32 -0.88 -100.06 -7.56
CA SER I 32 -2.05 -99.71 -8.36
C SER I 32 -2.53 -100.79 -9.33
N ALA I 33 -3.87 -100.96 -9.38
CA ALA I 33 -4.54 -101.69 -10.44
C ALA I 33 -4.89 -100.69 -11.54
N VAL I 34 -4.35 -100.90 -12.74
CA VAL I 34 -4.45 -99.90 -13.82
C VAL I 34 -5.31 -100.40 -14.97
N ALA I 35 -6.15 -99.52 -15.50
CA ALA I 35 -6.99 -99.83 -16.65
C ALA I 35 -6.79 -98.77 -17.74
N TRP I 36 -7.16 -99.12 -18.96
CA TRP I 36 -7.03 -98.21 -20.12
C TRP I 36 -8.31 -98.13 -20.87
N TYR I 37 -8.62 -96.93 -21.37
CA TYR I 37 -9.88 -96.68 -22.06
C TYR I 37 -9.66 -95.95 -23.37
N GLN I 38 -10.61 -96.13 -24.29
CA GLN I 38 -10.67 -95.38 -25.53
C GLN I 38 -11.95 -94.56 -25.50
N GLN I 39 -11.87 -93.29 -25.87
CA GLN I 39 -13.07 -92.47 -25.99
C GLN I 39 -13.09 -91.72 -27.30
N LYS I 40 -14.23 -91.77 -27.98
CA LYS I 40 -14.47 -91.01 -29.19
C LYS I 40 -15.49 -89.91 -28.89
N PRO I 41 -15.49 -88.83 -29.67
CA PRO I 41 -16.40 -87.70 -29.40
C PRO I 41 -17.88 -88.09 -29.29
N GLY I 42 -18.55 -87.55 -28.27
CA GLY I 42 -19.97 -87.78 -28.06
C GLY I 42 -20.34 -89.18 -27.57
N LYS I 43 -19.33 -89.95 -27.15
CA LYS I 43 -19.54 -91.33 -26.74
C LYS I 43 -18.90 -91.59 -25.37
N ALA I 44 -19.44 -92.58 -24.66
CA ALA I 44 -18.86 -93.02 -23.40
C ALA I 44 -17.55 -93.76 -23.67
N PRO I 45 -16.63 -93.74 -22.70
CA PRO I 45 -15.40 -94.52 -22.86
C PRO I 45 -15.62 -96.03 -22.98
N LYS I 46 -14.69 -96.70 -23.66
CA LYS I 46 -14.69 -98.15 -23.83
C LYS I 46 -13.47 -98.74 -23.12
N LEU I 47 -13.66 -99.81 -22.35
CA LEU I 47 -12.57 -100.48 -21.67
C LEU I 47 -11.71 -101.27 -22.67
N LEU I 48 -10.40 -101.07 -22.59
CA LEU I 48 -9.43 -101.75 -23.45
C LEU I 48 -8.62 -102.78 -22.67
N ILE I 49 -7.99 -102.31 -21.60
CA ILE I 49 -7.12 -103.14 -20.78
C ILE I 49 -7.53 -103.03 -19.32
N TYR I 50 -7.37 -104.11 -18.58
CA TYR I 50 -7.56 -104.11 -17.13
C TYR I 50 -6.41 -104.83 -16.44
N SER I 51 -6.28 -104.61 -15.13
CA SER I 51 -5.20 -105.18 -14.35
C SER I 51 -3.84 -105.00 -15.03
N ALA I 52 -3.59 -103.77 -15.49
CA ALA I 52 -2.32 -103.39 -16.10
C ALA I 52 -2.12 -103.95 -17.52
N SER I 53 -2.29 -105.25 -17.71
CA SER I 53 -1.91 -105.90 -18.97
C SER I 53 -2.91 -106.90 -19.56
N SER I 54 -4.07 -107.07 -18.95
CA SER I 54 -5.05 -108.03 -19.47
C SER I 54 -5.93 -107.40 -20.53
N LEU I 55 -6.02 -108.04 -21.68
CA LEU I 55 -6.84 -107.57 -22.79
C LEU I 55 -8.32 -107.87 -22.52
N TYR I 56 -9.16 -106.84 -22.53
CA TYR I 56 -10.58 -107.02 -22.25
C TYR I 56 -11.26 -107.74 -23.41
N SER I 57 -12.28 -108.53 -23.07
CA SER I 57 -13.02 -109.32 -24.05
C SER I 57 -13.48 -108.48 -25.23
N GLY I 58 -13.21 -108.96 -26.44
CA GLY I 58 -13.66 -108.30 -27.67
C GLY I 58 -12.71 -107.25 -28.22
N VAL I 59 -11.72 -106.86 -27.42
CA VAL I 59 -10.77 -105.82 -27.85
C VAL I 59 -9.69 -106.45 -28.73
N PRO I 60 -9.38 -105.82 -29.88
CA PRO I 60 -8.36 -106.32 -30.80
C PRO I 60 -7.00 -106.55 -30.15
N SER I 61 -6.26 -107.52 -30.65
CA SER I 61 -4.99 -107.94 -30.04
C SER I 61 -3.84 -106.94 -30.26
N ARG I 62 -4.01 -106.00 -31.19
CA ARG I 62 -3.00 -104.95 -31.39
C ARG I 62 -2.86 -104.00 -30.20
N PHE I 63 -3.89 -103.95 -29.34
CA PHE I 63 -3.81 -103.23 -28.07
C PHE I 63 -3.15 -104.12 -27.03
N SER I 64 -2.17 -103.58 -26.33
CA SER I 64 -1.52 -104.28 -25.23
C SER I 64 -1.13 -103.29 -24.14
N GLY I 65 -1.15 -103.78 -22.90
CA GLY I 65 -0.78 -102.99 -21.74
C GLY I 65 0.41 -103.62 -21.05
N SER I 66 1.23 -102.78 -20.44
CA SER I 66 2.45 -103.24 -19.80
C SER I 66 2.79 -102.40 -18.58
N ARG I 67 3.46 -103.04 -17.63
CA ARG I 67 3.87 -102.38 -16.40
C ARG I 67 5.38 -102.55 -16.23
N SER I 68 6.07 -101.45 -16.01
CA SER I 68 7.50 -101.49 -15.73
C SER I 68 7.78 -100.62 -14.51
N GLY I 69 7.89 -101.27 -13.36
CA GLY I 69 8.06 -100.58 -12.09
C GLY I 69 6.85 -99.71 -11.78
N THR I 70 7.07 -98.40 -11.75
CA THR I 70 6.01 -97.44 -11.48
C THR I 70 5.35 -96.91 -12.77
N ASP I 71 5.90 -97.29 -13.92
CA ASP I 71 5.44 -96.77 -15.21
C ASP I 71 4.52 -97.75 -15.92
N PHE I 72 3.29 -97.30 -16.19
CA PHE I 72 2.28 -98.09 -16.87
C PHE I 72 2.09 -97.59 -18.28
N THR I 73 1.93 -98.51 -19.22
CA THR I 73 2.04 -98.20 -20.63
C THR I 73 0.96 -98.90 -21.43
N LEU I 74 0.43 -98.20 -22.43
CA LEU I 74 -0.48 -98.79 -23.41
C LEU I 74 0.18 -98.69 -24.78
N THR I 75 0.26 -99.82 -25.48
CA THR I 75 0.83 -99.83 -26.82
C THR I 75 -0.20 -100.30 -27.85
N ILE I 76 -0.29 -99.56 -28.96
CA ILE I 76 -1.03 -100.00 -30.13
C ILE I 76 0.01 -100.35 -31.19
N SER I 77 0.17 -101.65 -31.46
CA SER I 77 1.26 -102.13 -32.34
C SER I 77 1.17 -101.59 -33.75
N SER I 78 -0.04 -101.45 -34.28
CA SER I 78 -0.25 -100.92 -35.62
C SER I 78 -1.55 -100.14 -35.71
N LEU I 79 -1.43 -98.81 -35.76
CA LEU I 79 -2.59 -97.92 -35.74
C LEU I 79 -3.53 -98.17 -36.92
N GLN I 80 -4.81 -98.36 -36.63
CA GLN I 80 -5.85 -98.50 -37.66
C GLN I 80 -6.71 -97.25 -37.71
N PRO I 81 -7.45 -97.03 -38.82
CA PRO I 81 -8.28 -95.83 -38.95
C PRO I 81 -9.25 -95.61 -37.80
N GLU I 82 -9.82 -96.69 -37.29
CA GLU I 82 -10.78 -96.62 -36.18
C GLU I 82 -10.13 -96.34 -34.82
N ASP I 83 -8.80 -96.42 -34.75
CA ASP I 83 -8.08 -96.22 -33.49
C ASP I 83 -7.80 -94.76 -33.16
N PHE I 84 -8.06 -93.86 -34.11
CA PHE I 84 -7.84 -92.45 -33.85
C PHE I 84 -8.93 -91.93 -32.91
N ALA I 85 -8.53 -91.65 -31.67
CA ALA I 85 -9.44 -91.30 -30.60
C ALA I 85 -8.62 -90.83 -29.41
N THR I 86 -9.27 -90.58 -28.28
CA THR I 86 -8.57 -90.20 -27.06
C THR I 86 -8.43 -91.41 -26.14
N TYR I 87 -7.27 -91.50 -25.49
CA TYR I 87 -6.97 -92.64 -24.62
C TYR I 87 -6.67 -92.16 -23.20
N TYR I 88 -7.29 -92.82 -22.22
CA TYR I 88 -7.08 -92.50 -20.82
C TYR I 88 -6.64 -93.74 -20.06
N CYS I 89 -5.73 -93.58 -19.11
CA CYS I 89 -5.46 -94.61 -18.14
C CYS I 89 -6.22 -94.30 -16.86
N GLN I 90 -6.46 -95.34 -16.06
CA GLN I 90 -7.08 -95.19 -14.75
C GLN I 90 -6.23 -95.94 -13.74
N GLN I 91 -6.00 -95.33 -12.59
CA GLN I 91 -5.28 -95.97 -11.50
C GLN I 91 -6.19 -96.06 -10.27
N SER I 92 -6.40 -97.27 -9.78
CA SER I 92 -7.21 -97.52 -8.59
C SER I 92 -6.31 -97.87 -7.41
N SER I 93 -6.41 -97.09 -6.34
CA SER I 93 -5.67 -97.37 -5.11
C SER I 93 -6.63 -98.06 -4.14
N SER I 94 -6.27 -98.08 -2.86
CA SER I 94 -7.10 -98.72 -1.84
C SER I 94 -8.33 -97.88 -1.45
N SER I 95 -8.35 -96.59 -1.80
CA SER I 95 -9.49 -95.74 -1.46
C SER I 95 -9.79 -94.63 -2.48
N LEU I 96 -9.26 -94.77 -3.69
CA LEU I 96 -9.26 -93.65 -4.63
C LEU I 96 -9.09 -94.17 -6.05
N ILE I 97 -9.77 -93.54 -6.99
CA ILE I 97 -9.56 -93.79 -8.42
C ILE I 97 -9.12 -92.49 -9.06
N THR I 98 -8.07 -92.56 -9.88
CA THR I 98 -7.57 -91.39 -10.59
C THR I 98 -7.44 -91.69 -12.06
N PHE I 99 -8.01 -90.84 -12.89
CA PHE I 99 -7.80 -90.90 -14.34
C PHE I 99 -6.64 -89.99 -14.70
N GLY I 100 -5.84 -90.41 -15.68
CA GLY I 100 -4.71 -89.61 -16.14
C GLY I 100 -5.14 -88.53 -17.10
N GLN I 101 -4.19 -87.65 -17.43
CA GLN I 101 -4.42 -86.55 -18.37
C GLN I 101 -5.03 -87.02 -19.69
N GLY I 102 -4.49 -88.11 -20.23
CA GLY I 102 -5.00 -88.70 -21.46
C GLY I 102 -4.31 -88.14 -22.70
N THR I 103 -4.30 -88.95 -23.76
CA THR I 103 -3.68 -88.58 -25.02
C THR I 103 -4.69 -88.68 -26.15
N LYS I 104 -4.80 -87.61 -26.93
CA LYS I 104 -5.66 -87.58 -28.09
C LYS I 104 -4.82 -87.87 -29.33
N VAL I 105 -5.07 -89.01 -29.96
CA VAL I 105 -4.31 -89.41 -31.14
C VAL I 105 -5.03 -88.92 -32.40
N GLU I 106 -4.37 -88.02 -33.12
CA GLU I 106 -4.91 -87.43 -34.34
C GLU I 106 -4.17 -87.89 -35.60
N ILE I 107 -4.82 -87.78 -36.75
CA ILE I 107 -4.29 -88.31 -38.01
C ILE I 107 -3.31 -87.33 -38.61
N LYS I 108 -2.13 -87.82 -38.96
CA LYS I 108 -1.13 -87.02 -39.66
C LYS I 108 -1.55 -86.87 -41.11
N ARG I 109 -1.16 -85.77 -41.74
CA ARG I 109 -1.70 -85.35 -43.03
C ARG I 109 -0.80 -84.29 -43.67
N THR I 110 -0.86 -84.16 -44.99
CA THR I 110 -0.14 -83.10 -45.67
C THR I 110 -0.72 -81.74 -45.31
N VAL I 111 0.11 -80.70 -45.41
CA VAL I 111 -0.31 -79.34 -45.07
C VAL I 111 -1.37 -78.85 -46.03
N ALA I 112 -2.44 -78.24 -45.49
CA ALA I 112 -3.52 -77.68 -46.30
C ALA I 112 -3.85 -76.27 -45.80
N ALA I 113 -3.76 -75.29 -46.70
CA ALA I 113 -4.07 -73.91 -46.37
C ALA I 113 -5.58 -73.75 -46.16
N PRO I 114 -5.98 -72.86 -45.24
CA PRO I 114 -7.40 -72.59 -45.02
C PRO I 114 -8.00 -71.67 -46.07
N SER I 115 -9.23 -71.96 -46.47
CA SER I 115 -10.07 -70.98 -47.15
C SER I 115 -10.60 -70.04 -46.06
N VAL I 116 -10.45 -68.74 -46.29
CA VAL I 116 -10.86 -67.76 -45.29
C VAL I 116 -12.07 -66.96 -45.76
N PHE I 117 -13.04 -66.78 -44.85
CA PHE I 117 -14.25 -66.01 -45.13
C PHE I 117 -14.55 -65.08 -43.97
N ILE I 118 -15.08 -63.90 -44.28
CA ILE I 118 -15.51 -62.96 -43.25
C ILE I 118 -16.99 -62.65 -43.41
N PHE I 119 -17.69 -62.54 -42.28
CA PHE I 119 -19.13 -62.30 -42.27
C PHE I 119 -19.45 -61.08 -41.41
N PRO I 120 -19.98 -60.01 -42.02
CA PRO I 120 -20.38 -58.86 -41.21
C PRO I 120 -21.65 -59.21 -40.42
N PRO I 121 -21.97 -58.42 -39.40
CA PRO I 121 -23.20 -58.69 -38.64
C PRO I 121 -24.43 -58.42 -39.48
N SER I 122 -25.47 -59.23 -39.28
CA SER I 122 -26.73 -59.05 -40.00
C SER I 122 -27.46 -57.82 -39.48
N ASP I 123 -28.36 -57.30 -40.29
CA ASP I 123 -29.21 -56.17 -39.87
C ASP I 123 -30.13 -56.61 -38.74
N SER I 124 -30.54 -57.86 -38.78
CA SER I 124 -31.37 -58.44 -37.73
C SER I 124 -30.70 -58.33 -36.35
N GLN I 125 -29.40 -58.65 -36.28
CA GLN I 125 -28.66 -58.56 -35.02
C GLN I 125 -28.44 -57.12 -34.59
N LEU I 126 -28.07 -56.27 -35.55
CA LEU I 126 -27.87 -54.84 -35.29
C LEU I 126 -29.10 -54.20 -34.63
N LYS I 127 -30.29 -54.63 -35.03
CA LYS I 127 -31.52 -54.19 -34.37
C LYS I 127 -31.54 -54.53 -32.89
N SER I 128 -31.12 -55.75 -32.55
CA SER I 128 -31.17 -56.24 -31.17
C SER I 128 -30.18 -55.54 -30.23
N GLY I 129 -29.23 -54.80 -30.78
CA GLY I 129 -28.32 -53.97 -29.99
C GLY I 129 -26.88 -54.46 -29.88
N THR I 130 -26.60 -55.62 -30.48
CA THR I 130 -25.23 -56.17 -30.50
C THR I 130 -24.75 -56.40 -31.93
N ALA I 131 -23.45 -56.64 -32.08
CA ALA I 131 -22.84 -56.86 -33.39
C ALA I 131 -21.74 -57.93 -33.31
N SER I 132 -21.96 -59.05 -34.02
CA SER I 132 -20.99 -60.13 -34.06
C SER I 132 -20.40 -60.23 -35.48
N VAL I 133 -19.08 -60.18 -35.56
CA VAL I 133 -18.37 -60.34 -36.83
C VAL I 133 -17.64 -61.68 -36.80
N VAL I 134 -17.96 -62.56 -37.75
CA VAL I 134 -17.43 -63.92 -37.77
C VAL I 134 -16.40 -64.09 -38.87
N CYS I 135 -15.27 -64.69 -38.51
CA CYS I 135 -14.21 -65.00 -39.46
C CYS I 135 -14.03 -66.52 -39.48
N LEU I 136 -14.20 -67.13 -40.65
CA LEU I 136 -14.17 -68.58 -40.81
C LEU I 136 -12.91 -69.04 -41.52
N LEU I 137 -12.20 -69.98 -40.90
CA LEU I 137 -11.07 -70.67 -41.51
C LEU I 137 -11.50 -72.10 -41.82
N ASN I 138 -11.58 -72.44 -43.11
CA ASN I 138 -12.19 -73.71 -43.53
C ASN I 138 -11.20 -74.74 -44.05
N ASN I 139 -11.32 -75.98 -43.54
CA ASN I 139 -10.59 -77.14 -44.04
C ASN I 139 -9.09 -76.94 -44.19
N PHE I 140 -8.40 -76.86 -43.06
CA PHE I 140 -6.94 -76.67 -43.04
C PHE I 140 -6.23 -77.69 -42.15
N TYR I 141 -4.92 -77.79 -42.36
CA TYR I 141 -4.06 -78.65 -41.55
C TYR I 141 -2.63 -78.12 -41.61
N PRO I 142 -1.91 -78.10 -40.48
CA PRO I 142 -2.30 -78.58 -39.15
C PRO I 142 -3.23 -77.63 -38.39
N ARG I 143 -3.64 -78.07 -37.20
CA ARG I 143 -4.58 -77.35 -36.35
C ARG I 143 -4.10 -75.95 -35.96
N GLU I 144 -2.79 -75.77 -35.82
CA GLU I 144 -2.23 -74.51 -35.32
C GLU I 144 -2.42 -73.39 -36.33
N ALA I 145 -3.36 -72.49 -36.03
CA ALA I 145 -3.58 -71.29 -36.82
C ALA I 145 -3.57 -70.08 -35.92
N LYS I 146 -3.30 -68.93 -36.50
CA LYS I 146 -3.32 -67.66 -35.78
C LYS I 146 -4.28 -66.71 -36.48
N VAL I 147 -5.30 -66.25 -35.75
CA VAL I 147 -6.32 -65.37 -36.31
C VAL I 147 -6.37 -64.09 -35.49
N GLN I 148 -5.98 -62.97 -36.12
CA GLN I 148 -5.88 -61.69 -35.43
C GLN I 148 -6.91 -60.72 -36.03
N TRP I 149 -7.59 -59.96 -35.18
CA TRP I 149 -8.59 -59.00 -35.63
C TRP I 149 -8.02 -57.61 -35.70
N LYS I 150 -8.44 -56.87 -36.73
CA LYS I 150 -8.07 -55.46 -36.90
C LYS I 150 -9.34 -54.63 -37.11
N VAL I 151 -9.46 -53.53 -36.37
CA VAL I 151 -10.58 -52.61 -36.53
C VAL I 151 -10.00 -51.21 -36.72
N ASP I 152 -10.22 -50.63 -37.91
CA ASP I 152 -9.61 -49.37 -38.30
C ASP I 152 -8.11 -49.39 -38.07
N ASN I 153 -7.49 -50.50 -38.47
CA ASN I 153 -6.05 -50.70 -38.35
C ASN I 153 -5.51 -50.88 -36.92
N ALA I 154 -6.41 -51.05 -35.95
CA ALA I 154 -6.04 -51.29 -34.56
C ALA I 154 -6.16 -52.78 -34.27
N LEU I 155 -5.03 -53.43 -33.95
CA LEU I 155 -5.04 -54.84 -33.59
C LEU I 155 -5.86 -55.02 -32.32
N GLN I 156 -6.74 -56.02 -32.32
CA GLN I 156 -7.64 -56.27 -31.20
C GLN I 156 -7.21 -57.49 -30.38
N SER I 157 -7.60 -57.48 -29.11
CA SER I 157 -7.43 -58.63 -28.24
C SER I 157 -8.39 -58.51 -27.06
N GLY I 158 -9.09 -59.61 -26.78
CA GLY I 158 -9.99 -59.66 -25.64
C GLY I 158 -11.46 -59.59 -25.98
N ASN I 159 -11.79 -59.14 -27.19
CA ASN I 159 -13.17 -59.04 -27.63
C ASN I 159 -13.56 -60.08 -28.69
N SER I 160 -12.83 -61.18 -28.73
CA SER I 160 -13.10 -62.27 -29.66
C SER I 160 -12.86 -63.63 -29.03
N GLN I 161 -13.59 -64.64 -29.51
CA GLN I 161 -13.46 -66.01 -29.03
C GLN I 161 -13.38 -66.97 -30.21
N GLU I 162 -12.55 -68.00 -30.07
CA GLU I 162 -12.35 -68.99 -31.12
C GLU I 162 -13.03 -70.31 -30.77
N SER I 163 -13.38 -71.05 -31.81
CA SER I 163 -13.90 -72.40 -31.67
C SER I 163 -13.37 -73.24 -32.82
N VAL I 164 -12.91 -74.45 -32.52
CA VAL I 164 -12.34 -75.34 -33.52
C VAL I 164 -13.12 -76.63 -33.59
N THR I 165 -13.35 -77.13 -34.80
CA THR I 165 -14.03 -78.40 -34.98
C THR I 165 -13.10 -79.56 -34.69
N GLU I 166 -13.70 -80.73 -34.55
CA GLU I 166 -12.96 -81.96 -34.41
C GLU I 166 -12.38 -82.32 -35.79
N GLN I 167 -11.28 -83.07 -35.80
CA GLN I 167 -10.65 -83.46 -37.07
C GLN I 167 -11.66 -84.20 -37.94
N ASP I 168 -11.77 -83.78 -39.19
CA ASP I 168 -12.78 -84.30 -40.11
C ASP I 168 -12.46 -85.74 -40.52
N SER I 169 -13.47 -86.60 -40.51
CA SER I 169 -13.28 -88.02 -40.83
C SER I 169 -12.95 -88.28 -42.30
N LYS I 170 -13.46 -87.44 -43.20
CA LYS I 170 -13.25 -87.62 -44.64
C LYS I 170 -11.85 -87.17 -45.08
N ASP I 171 -11.49 -85.92 -44.78
CA ASP I 171 -10.26 -85.33 -45.29
C ASP I 171 -9.22 -84.95 -44.22
N SER I 172 -9.52 -85.28 -42.96
CA SER I 172 -8.57 -85.08 -41.84
C SER I 172 -8.16 -83.62 -41.59
N THR I 173 -9.00 -82.69 -42.01
CA THR I 173 -8.73 -81.26 -41.81
C THR I 173 -9.51 -80.70 -40.63
N TYR I 174 -9.09 -79.53 -40.19
CA TYR I 174 -9.80 -78.79 -39.16
C TYR I 174 -10.47 -77.57 -39.78
N SER I 175 -11.47 -77.05 -39.08
CA SER I 175 -12.06 -75.77 -39.40
C SER I 175 -12.19 -74.96 -38.11
N LEU I 176 -12.09 -73.64 -38.23
CA LEU I 176 -12.05 -72.76 -37.07
C LEU I 176 -12.90 -71.52 -37.30
N SER I 177 -13.58 -71.08 -36.25
CA SER I 177 -14.34 -69.82 -36.28
C SER I 177 -13.77 -68.88 -35.23
N SER I 178 -13.64 -67.61 -35.58
CA SER I 178 -13.33 -66.56 -34.63
C SER I 178 -14.44 -65.53 -34.71
N THR I 179 -14.98 -65.16 -33.55
CA THR I 179 -16.12 -64.24 -33.50
C THR I 179 -15.75 -63.00 -32.68
N LEU I 180 -15.65 -61.86 -33.36
CA LEU I 180 -15.48 -60.57 -32.72
C LEU I 180 -16.83 -60.03 -32.31
N THR I 181 -17.00 -59.71 -31.03
CA THR I 181 -18.27 -59.21 -30.51
C THR I 181 -18.12 -57.79 -29.96
N LEU I 182 -18.95 -56.88 -30.47
CA LEU I 182 -19.02 -55.50 -29.98
C LEU I 182 -20.47 -55.12 -29.74
N SER I 183 -20.69 -54.01 -29.03
CA SER I 183 -22.01 -53.41 -28.94
C SER I 183 -22.33 -52.70 -30.26
N LYS I 184 -23.61 -52.47 -30.51
CA LYS I 184 -24.03 -51.75 -31.72
C LYS I 184 -23.31 -50.41 -31.79
N ALA I 185 -23.33 -49.67 -30.68
CA ALA I 185 -22.69 -48.36 -30.59
C ALA I 185 -21.22 -48.42 -31.03
N ASP I 186 -20.47 -49.34 -30.47
CA ASP I 186 -19.04 -49.50 -30.80
C ASP I 186 -18.81 -49.92 -32.25
N TYR I 187 -19.66 -50.82 -32.75
CA TYR I 187 -19.59 -51.23 -34.15
C TYR I 187 -19.75 -50.02 -35.08
N GLU I 188 -20.68 -49.13 -34.75
CA GLU I 188 -20.95 -47.95 -35.57
C GLU I 188 -19.79 -46.94 -35.56
N LYS I 189 -18.98 -46.95 -34.51
CA LYS I 189 -17.84 -46.02 -34.40
C LYS I 189 -16.70 -46.29 -35.40
N HIS I 190 -16.68 -47.47 -36.02
CA HIS I 190 -15.56 -47.86 -36.87
C HIS I 190 -15.98 -48.31 -38.23
N LYS I 191 -15.10 -48.14 -39.20
CA LYS I 191 -15.42 -48.40 -40.61
C LYS I 191 -14.91 -49.74 -41.13
N VAL I 192 -13.60 -49.97 -41.02
CA VAL I 192 -12.98 -51.17 -41.63
C VAL I 192 -12.73 -52.31 -40.63
N TYR I 193 -13.30 -53.48 -40.93
CA TYR I 193 -13.16 -54.68 -40.11
C TYR I 193 -12.45 -55.78 -40.89
N ALA I 194 -11.39 -56.32 -40.29
CA ALA I 194 -10.55 -57.30 -40.97
C ALA I 194 -10.08 -58.39 -40.00
N CYS I 195 -9.99 -59.61 -40.49
CA CYS I 195 -9.31 -60.68 -39.76
C CYS I 195 -8.12 -61.15 -40.58
N GLU I 196 -6.95 -61.21 -39.94
CA GLU I 196 -5.71 -61.62 -40.57
C GLU I 196 -5.38 -63.04 -40.13
N VAL I 197 -5.18 -63.93 -41.09
CA VAL I 197 -4.90 -65.33 -40.80
C VAL I 197 -3.49 -65.68 -41.23
N THR I 198 -2.70 -66.18 -40.29
CA THR I 198 -1.38 -66.74 -40.62
C THR I 198 -1.41 -68.23 -40.34
N HIS I 199 -0.80 -69.00 -41.23
CA HIS I 199 -0.83 -70.45 -41.14
C HIS I 199 0.28 -71.05 -41.96
N GLN I 200 0.71 -72.24 -41.56
CA GLN I 200 1.84 -72.93 -42.18
C GLN I 200 1.71 -73.08 -43.71
N GLY I 201 0.51 -73.42 -44.18
CA GLY I 201 0.25 -73.58 -45.61
C GLY I 201 0.06 -72.28 -46.38
N LEU I 202 0.25 -71.16 -45.69
CA LEU I 202 0.17 -69.83 -46.30
C LEU I 202 1.55 -69.19 -46.33
N SER I 203 2.05 -68.94 -47.54
CA SER I 203 3.35 -68.29 -47.71
C SER I 203 3.35 -66.87 -47.12
N SER I 204 2.19 -66.20 -47.20
CA SER I 204 1.99 -64.89 -46.56
C SER I 204 0.66 -64.88 -45.82
N PRO I 205 0.53 -64.00 -44.82
CA PRO I 205 -0.74 -63.87 -44.11
C PRO I 205 -1.88 -63.38 -45.01
N VAL I 206 -3.04 -64.01 -44.90
CA VAL I 206 -4.21 -63.65 -45.69
C VAL I 206 -5.16 -62.80 -44.86
N THR I 207 -5.62 -61.69 -45.44
CA THR I 207 -6.56 -60.80 -44.79
C THR I 207 -7.87 -60.75 -45.57
N LYS I 208 -8.97 -61.02 -44.88
CA LYS I 208 -10.29 -60.75 -45.42
C LYS I 208 -10.88 -59.61 -44.62
N SER I 209 -11.50 -58.67 -45.32
CA SER I 209 -12.02 -57.47 -44.69
C SER I 209 -13.23 -56.91 -45.43
N PHE I 210 -13.98 -56.08 -44.72
CA PHE I 210 -15.11 -55.36 -45.30
C PHE I 210 -15.20 -54.00 -44.63
N ASN I 211 -15.91 -53.09 -45.29
CA ASN I 211 -16.21 -51.77 -44.73
C ASN I 211 -17.67 -51.73 -44.32
N ARG I 212 -17.95 -51.15 -43.16
CA ARG I 212 -19.35 -51.12 -42.68
C ARG I 212 -20.57 -50.82 -43.52
N GLY I 213 -20.57 -49.78 -44.34
CA GLY I 213 -21.82 -49.40 -45.03
C GLY I 213 -22.03 -50.19 -46.31
N GLU I 214 -21.13 -51.11 -46.62
CA GLU I 214 -21.11 -51.73 -47.95
C GLU I 214 -21.60 -53.19 -47.96
N CYS I 215 -21.87 -53.71 -49.15
CA CYS I 215 -22.35 -55.09 -49.28
C CYS I 215 -21.55 -55.83 -50.34
N ILE J 2 -23.30 -31.73 -14.52
CA ILE J 2 -22.05 -31.33 -15.22
C ILE J 2 -21.73 -29.84 -15.01
N SER J 3 -22.31 -29.24 -13.97
CA SER J 3 -22.33 -27.78 -13.79
C SER J 3 -21.00 -27.06 -13.98
N GLU J 4 -20.97 -26.06 -14.86
CA GLU J 4 -19.73 -25.33 -15.18
C GLU J 4 -19.53 -24.10 -14.31
N VAL J 5 -18.30 -23.90 -13.84
CA VAL J 5 -17.97 -22.81 -12.92
C VAL J 5 -17.93 -21.44 -13.60
N GLN J 6 -18.60 -20.45 -12.99
CA GLN J 6 -18.47 -19.07 -13.43
C GLN J 6 -18.88 -18.02 -12.40
N LEU J 7 -18.41 -16.80 -12.66
CA LEU J 7 -18.62 -15.65 -11.78
C LEU J 7 -19.17 -14.50 -12.61
N VAL J 8 -20.41 -14.09 -12.32
CA VAL J 8 -21.05 -13.00 -13.04
C VAL J 8 -21.15 -11.77 -12.14
N GLU J 9 -20.52 -10.68 -12.57
CA GLU J 9 -20.54 -9.43 -11.80
C GLU J 9 -21.70 -8.54 -12.20
N SER J 10 -22.22 -7.79 -11.23
CA SER J 10 -23.29 -6.82 -11.46
C SER J 10 -22.96 -5.51 -10.76
N GLY J 11 -23.66 -4.46 -11.16
CA GLY J 11 -23.46 -3.14 -10.60
C GLY J 11 -22.29 -2.43 -11.23
N GLY J 12 -21.96 -1.27 -10.68
CA GLY J 12 -20.87 -0.43 -11.19
C GLY J 12 -21.40 0.82 -11.85
N GLY J 13 -20.50 1.58 -12.47
CA GLY J 13 -20.87 2.80 -13.21
C GLY J 13 -20.26 4.06 -12.64
N LEU J 14 -20.98 5.17 -12.79
CA LEU J 14 -20.50 6.48 -12.39
C LEU J 14 -20.99 6.79 -10.98
N VAL J 15 -20.08 7.27 -10.13
CA VAL J 15 -20.42 7.70 -8.77
C VAL J 15 -19.57 8.91 -8.39
N GLN J 16 -20.14 9.82 -7.60
CA GLN J 16 -19.44 11.04 -7.19
C GLN J 16 -18.50 10.76 -6.03
N PRO J 17 -17.44 11.58 -5.88
CA PRO J 17 -16.55 11.46 -4.73
C PRO J 17 -17.32 11.52 -3.41
N GLY J 18 -16.94 10.66 -2.47
CA GLY J 18 -17.64 10.55 -1.20
C GLY J 18 -18.86 9.62 -1.25
N GLY J 19 -19.19 9.15 -2.45
CA GLY J 19 -20.37 8.33 -2.66
C GLY J 19 -20.19 6.86 -2.33
N SER J 20 -21.29 6.12 -2.44
CA SER J 20 -21.33 4.71 -2.07
C SER J 20 -21.86 3.88 -3.23
N LEU J 21 -21.32 2.67 -3.36
CA LEU J 21 -21.65 1.80 -4.47
C LEU J 21 -21.37 0.35 -4.08
N ARG J 22 -22.25 -0.56 -4.47
CA ARG J 22 -22.04 -1.99 -4.19
C ARG J 22 -21.92 -2.82 -5.47
N LEU J 23 -20.84 -3.60 -5.56
CA LEU J 23 -20.65 -4.55 -6.65
C LEU J 23 -21.09 -5.93 -6.19
N SER J 24 -21.63 -6.71 -7.13
CA SER J 24 -22.06 -8.09 -6.86
C SER J 24 -21.25 -9.07 -7.68
N CYS J 25 -21.10 -10.27 -7.14
CA CYS J 25 -20.36 -11.33 -7.81
C CYS J 25 -21.12 -12.63 -7.60
N ALA J 26 -22.03 -12.94 -8.54
CA ALA J 26 -22.89 -14.13 -8.45
C ALA J 26 -22.14 -15.36 -8.94
N ALA J 27 -22.05 -16.37 -8.08
CA ALA J 27 -21.32 -17.59 -8.38
C ALA J 27 -22.25 -18.71 -8.79
N SER J 28 -21.77 -19.55 -9.71
CA SER J 28 -22.44 -20.81 -10.03
C SER J 28 -21.41 -21.84 -10.41
N GLY J 29 -21.75 -23.11 -10.21
CA GLY J 29 -20.83 -24.21 -10.42
C GLY J 29 -19.99 -24.55 -9.21
N PHE J 30 -20.09 -23.73 -8.16
CA PHE J 30 -19.40 -24.01 -6.89
C PHE J 30 -20.06 -23.24 -5.76
N ASN J 31 -19.83 -23.70 -4.54
CA ASN J 31 -20.45 -23.12 -3.37
C ASN J 31 -19.55 -22.05 -2.74
N VAL J 32 -20.04 -20.82 -2.69
CA VAL J 32 -19.28 -19.70 -2.16
C VAL J 32 -18.95 -19.89 -0.67
N SER J 33 -19.80 -20.63 0.05
CA SER J 33 -19.60 -20.86 1.48
C SER J 33 -18.45 -21.83 1.79
N TYR J 34 -17.99 -22.57 0.79
CA TYR J 34 -16.84 -23.46 0.93
C TYR J 34 -15.69 -23.05 0.01
N SER J 35 -15.69 -21.78 -0.41
CA SER J 35 -14.64 -21.25 -1.28
C SER J 35 -14.24 -19.85 -0.81
N SER J 36 -13.21 -19.30 -1.45
CA SER J 36 -12.80 -17.93 -1.17
C SER J 36 -13.06 -17.06 -2.39
N ILE J 37 -13.52 -15.84 -2.14
CA ILE J 37 -13.74 -14.86 -3.19
C ILE J 37 -12.83 -13.67 -2.95
N HIS J 38 -12.29 -13.13 -4.04
CA HIS J 38 -11.34 -12.04 -3.98
C HIS J 38 -11.73 -10.95 -4.94
N TRP J 39 -11.52 -9.71 -4.54
CA TRP J 39 -11.71 -8.57 -5.42
C TRP J 39 -10.39 -7.98 -5.78
N VAL J 40 -10.18 -7.81 -7.09
CA VAL J 40 -8.97 -7.22 -7.64
C VAL J 40 -9.38 -6.15 -8.63
N ARG J 41 -8.70 -5.01 -8.60
CA ARG J 41 -9.03 -3.90 -9.50
C ARG J 41 -7.84 -3.49 -10.36
N GLN J 42 -8.15 -2.79 -11.45
CA GLN J 42 -7.15 -2.37 -12.42
C GLN J 42 -7.52 -1.01 -12.99
N ALA J 43 -6.75 0.01 -12.62
CA ALA J 43 -6.94 1.35 -13.17
C ALA J 43 -6.47 1.36 -14.62
N PRO J 44 -7.05 2.25 -15.46
CA PRO J 44 -6.68 2.29 -16.88
C PRO J 44 -5.18 2.38 -17.11
N GLY J 45 -4.63 1.44 -17.87
CA GLY J 45 -3.20 1.40 -18.18
C GLY J 45 -2.28 1.04 -17.03
N LYS J 46 -2.84 0.58 -15.91
CA LYS J 46 -2.07 0.31 -14.71
C LYS J 46 -2.12 -1.19 -14.40
N GLY J 47 -1.37 -1.60 -13.39
CA GLY J 47 -1.30 -3.00 -13.01
C GLY J 47 -2.47 -3.47 -12.15
N LEU J 48 -2.47 -4.75 -11.85
CA LEU J 48 -3.48 -5.35 -10.96
C LEU J 48 -3.25 -4.87 -9.54
N GLU J 49 -4.33 -4.57 -8.83
CA GLU J 49 -4.26 -4.22 -7.41
C GLU J 49 -5.29 -5.02 -6.64
N TRP J 50 -4.82 -5.79 -5.66
CA TRP J 50 -5.69 -6.52 -4.76
C TRP J 50 -6.43 -5.58 -3.86
N VAL J 51 -7.73 -5.84 -3.69
CA VAL J 51 -8.60 -4.97 -2.89
C VAL J 51 -9.05 -5.65 -1.59
N ALA J 52 -9.59 -6.86 -1.71
CA ALA J 52 -10.15 -7.56 -0.54
C ALA J 52 -10.34 -9.05 -0.81
N SER J 53 -10.43 -9.82 0.27
CA SER J 53 -10.66 -11.25 0.20
C SER J 53 -11.62 -11.69 1.30
N ILE J 54 -12.41 -12.73 1.02
CA ILE J 54 -13.32 -13.30 2.03
C ILE J 54 -13.25 -14.82 2.05
N TYR J 55 -13.23 -15.37 3.26
CA TYR J 55 -13.28 -16.82 3.47
C TYR J 55 -14.44 -17.14 4.40
N SER J 56 -15.63 -17.32 3.82
CA SER J 56 -16.87 -17.44 4.58
C SER J 56 -16.86 -18.56 5.61
N TYR J 57 -16.26 -19.69 5.26
CA TYR J 57 -16.24 -20.84 6.15
C TYR J 57 -15.61 -20.50 7.50
N TYR J 58 -14.51 -19.76 7.47
CA TYR J 58 -13.80 -19.38 8.68
C TYR J 58 -14.23 -18.05 9.25
N GLY J 59 -14.89 -17.23 8.42
CA GLY J 59 -15.33 -15.91 8.84
C GLY J 59 -14.20 -14.88 8.81
N TYR J 60 -13.17 -15.13 8.01
CA TYR J 60 -12.05 -14.21 7.86
C TYR J 60 -12.24 -13.30 6.65
N THR J 61 -11.95 -12.02 6.84
CA THR J 61 -11.90 -11.06 5.74
C THR J 61 -10.60 -10.27 5.82
N TYR J 62 -10.06 -9.91 4.66
CA TYR J 62 -8.80 -9.18 4.59
C TYR J 62 -8.94 -8.03 3.59
N TYR J 63 -8.24 -6.94 3.83
CA TYR J 63 -8.36 -5.72 3.02
C TYR J 63 -6.99 -5.10 2.73
N ALA J 64 -6.87 -4.49 1.55
CA ALA J 64 -5.68 -3.71 1.21
C ALA J 64 -5.72 -2.41 2.03
N ASP J 65 -4.55 -1.89 2.37
CA ASP J 65 -4.46 -0.67 3.17
C ASP J 65 -5.13 0.52 2.48
N SER J 66 -5.03 0.57 1.16
CA SER J 66 -5.61 1.66 0.38
C SER J 66 -7.15 1.75 0.45
N VAL J 67 -7.81 0.67 0.85
CA VAL J 67 -9.29 0.67 0.96
C VAL J 67 -9.81 0.35 2.37
N LYS J 68 -8.91 0.10 3.31
CA LYS J 68 -9.30 -0.30 4.66
C LYS J 68 -10.14 0.77 5.33
N GLY J 69 -11.24 0.35 5.97
CA GLY J 69 -12.16 1.27 6.64
C GLY J 69 -13.18 1.95 5.72
N ARG J 70 -13.03 1.76 4.41
CA ARG J 70 -13.93 2.35 3.42
C ARG J 70 -14.71 1.29 2.66
N PHE J 71 -14.04 0.17 2.34
CA PHE J 71 -14.65 -0.92 1.57
C PHE J 71 -14.97 -2.09 2.51
N THR J 72 -16.06 -2.80 2.21
CA THR J 72 -16.41 -4.01 2.95
C THR J 72 -16.73 -5.13 1.99
N ILE J 73 -16.09 -6.28 2.21
CA ILE J 73 -16.36 -7.50 1.43
C ILE J 73 -17.27 -8.40 2.26
N SER J 74 -18.22 -9.06 1.60
CA SER J 74 -19.19 -9.91 2.28
C SER J 74 -19.73 -10.98 1.35
N ALA J 75 -20.51 -11.89 1.90
CA ALA J 75 -21.09 -12.98 1.11
C ALA J 75 -22.46 -13.40 1.64
N ASP J 76 -23.39 -13.65 0.73
CA ASP J 76 -24.70 -14.21 1.07
C ASP J 76 -24.72 -15.67 0.61
N THR J 77 -24.59 -16.56 1.58
CA THR J 77 -24.59 -18.00 1.34
C THR J 77 -25.81 -18.48 0.56
N SER J 78 -27.00 -18.01 0.96
CA SER J 78 -28.24 -18.47 0.34
C SER J 78 -28.35 -18.06 -1.14
N LYS J 79 -27.86 -16.88 -1.47
CA LYS J 79 -27.86 -16.41 -2.86
C LYS J 79 -26.58 -16.78 -3.62
N ASN J 80 -25.65 -17.45 -2.94
CA ASN J 80 -24.37 -17.83 -3.53
C ASN J 80 -23.68 -16.66 -4.24
N THR J 81 -23.67 -15.51 -3.57
CA THR J 81 -23.15 -14.27 -4.13
C THR J 81 -22.22 -13.58 -3.14
N ALA J 82 -21.13 -13.01 -3.65
CA ALA J 82 -20.22 -12.17 -2.86
C ALA J 82 -20.42 -10.72 -3.25
N TYR J 83 -20.12 -9.81 -2.33
CA TYR J 83 -20.33 -8.38 -2.56
C TYR J 83 -19.11 -7.59 -2.17
N LEU J 84 -18.95 -6.42 -2.79
CA LEU J 84 -17.97 -5.44 -2.35
C LEU J 84 -18.69 -4.10 -2.17
N GLN J 85 -18.93 -3.73 -0.91
CA GLN J 85 -19.52 -2.43 -0.59
C GLN J 85 -18.41 -1.39 -0.60
N MET J 86 -18.53 -0.41 -1.49
CA MET J 86 -17.53 0.64 -1.63
C MET J 86 -18.11 1.96 -1.14
N ASN J 87 -17.56 2.48 -0.03
CA ASN J 87 -17.97 3.76 0.52
C ASN J 87 -16.85 4.78 0.48
N SER J 88 -17.20 6.04 0.70
CA SER J 88 -16.23 7.14 0.69
C SER J 88 -15.33 7.06 -0.54
N LEU J 89 -15.93 6.86 -1.71
CA LEU J 89 -15.15 6.69 -2.94
C LEU J 89 -14.34 7.94 -3.28
N ARG J 90 -13.17 7.72 -3.88
CA ARG J 90 -12.29 8.79 -4.32
C ARG J 90 -11.94 8.59 -5.79
N ALA J 91 -11.49 9.65 -6.44
CA ALA J 91 -11.12 9.61 -7.87
C ALA J 91 -10.18 8.45 -8.18
N GLU J 92 -9.19 8.23 -7.31
CA GLU J 92 -8.19 7.18 -7.53
C GLU J 92 -8.73 5.75 -7.36
N ASP J 93 -9.98 5.60 -6.93
CA ASP J 93 -10.65 4.30 -6.93
C ASP J 93 -11.22 3.94 -8.30
N THR J 94 -11.12 4.86 -9.26
CA THR J 94 -11.57 4.59 -10.61
C THR J 94 -10.79 3.42 -11.21
N ALA J 95 -11.50 2.36 -11.60
CA ALA J 95 -10.87 1.16 -12.10
C ALA J 95 -11.89 0.13 -12.58
N VAL J 96 -11.41 -0.87 -13.32
CA VAL J 96 -12.21 -2.06 -13.61
C VAL J 96 -12.07 -2.97 -12.43
N TYR J 97 -13.20 -3.41 -11.87
CA TYR J 97 -13.20 -4.27 -10.70
C TYR J 97 -13.53 -5.71 -11.05
N TYR J 98 -12.63 -6.62 -10.71
CA TYR J 98 -12.81 -8.04 -10.94
C TYR J 98 -13.11 -8.77 -9.64
N CYS J 99 -13.96 -9.78 -9.69
CA CYS J 99 -14.03 -10.77 -8.62
C CYS J 99 -13.46 -12.09 -9.12
N ALA J 100 -12.90 -12.88 -8.21
CA ALA J 100 -12.23 -14.11 -8.57
C ALA J 100 -12.34 -15.17 -7.49
N ARG J 101 -12.35 -16.44 -7.88
CA ARG J 101 -12.38 -17.54 -6.93
C ARG J 101 -10.97 -17.95 -6.57
N GLY J 102 -10.77 -18.27 -5.30
CA GLY J 102 -9.48 -18.70 -4.80
C GLY J 102 -9.19 -20.18 -5.02
N TYR J 103 -7.90 -20.48 -5.12
CA TYR J 103 -7.37 -21.82 -5.30
C TYR J 103 -6.18 -21.89 -4.34
N TYR J 104 -5.39 -22.97 -4.40
CA TYR J 104 -4.23 -23.10 -3.52
C TYR J 104 -3.44 -21.78 -3.40
N GLY J 105 -3.17 -21.37 -2.17
CA GLY J 105 -2.33 -20.20 -1.91
C GLY J 105 -2.96 -18.87 -2.29
N ALA J 106 -4.29 -18.83 -2.33
CA ALA J 106 -5.01 -17.67 -2.83
C ALA J 106 -4.72 -17.36 -4.30
N ALA J 107 -4.21 -18.34 -5.05
CA ALA J 107 -4.15 -18.24 -6.49
C ALA J 107 -5.60 -18.12 -6.96
N MET J 108 -5.83 -17.39 -8.04
CA MET J 108 -7.19 -17.10 -8.48
C MET J 108 -7.46 -17.77 -9.82
N ASP J 109 -8.23 -18.86 -9.79
CA ASP J 109 -8.40 -19.71 -10.97
C ASP J 109 -9.55 -19.29 -11.90
N TYR J 110 -10.66 -18.83 -11.34
CA TYR J 110 -11.78 -18.38 -12.15
C TYR J 110 -12.12 -16.92 -11.85
N TRP J 111 -12.34 -16.16 -12.90
CA TRP J 111 -12.51 -14.72 -12.82
C TRP J 111 -13.81 -14.27 -13.39
N GLY J 112 -14.35 -13.20 -12.83
CA GLY J 112 -15.51 -12.54 -13.40
C GLY J 112 -15.13 -11.72 -14.62
N GLN J 113 -16.14 -11.17 -15.26
CA GLN J 113 -15.92 -10.41 -16.49
C GLN J 113 -15.39 -9.00 -16.28
N GLY J 114 -15.41 -8.50 -15.03
CA GLY J 114 -14.96 -7.14 -14.75
C GLY J 114 -16.07 -6.13 -14.95
N THR J 115 -16.08 -5.10 -14.11
CA THR J 115 -17.05 -4.01 -14.23
C THR J 115 -16.36 -2.68 -13.94
N LEU J 116 -16.68 -1.66 -14.74
CA LEU J 116 -16.01 -0.37 -14.63
C LEU J 116 -16.69 0.52 -13.59
N VAL J 117 -15.91 1.02 -12.65
CA VAL J 117 -16.39 2.00 -11.68
C VAL J 117 -15.62 3.30 -11.89
N THR J 118 -16.35 4.37 -12.16
CA THR J 118 -15.76 5.69 -12.39
C THR J 118 -16.18 6.62 -11.26
N VAL J 119 -15.20 7.19 -10.56
CA VAL J 119 -15.45 8.13 -9.49
C VAL J 119 -15.06 9.53 -9.95
N SER J 120 -16.04 10.42 -10.07
CA SER J 120 -15.80 11.77 -10.59
C SER J 120 -17.02 12.68 -10.42
N SER J 121 -16.76 13.98 -10.35
CA SER J 121 -17.82 14.99 -10.26
C SER J 121 -18.45 15.32 -11.61
N ALA J 122 -17.81 14.87 -12.69
CA ALA J 122 -18.26 15.19 -14.04
C ALA J 122 -19.61 14.55 -14.33
N SER J 123 -20.42 15.25 -15.12
CA SER J 123 -21.74 14.77 -15.50
C SER J 123 -21.66 13.90 -16.75
N THR J 124 -22.56 12.93 -16.85
CA THR J 124 -22.65 12.07 -18.02
C THR J 124 -22.90 12.95 -19.24
N LYS J 125 -22.17 12.68 -20.32
CA LYS J 125 -22.27 13.50 -21.52
C LYS J 125 -21.87 12.71 -22.76
N GLY J 126 -22.63 12.88 -23.82
CA GLY J 126 -22.34 12.27 -25.11
C GLY J 126 -21.24 13.01 -25.84
N PRO J 127 -20.49 12.30 -26.71
CA PRO J 127 -19.40 12.93 -27.45
C PRO J 127 -19.89 13.80 -28.60
N SER J 128 -19.12 14.83 -28.93
CA SER J 128 -19.23 15.50 -30.20
C SER J 128 -18.28 14.78 -31.13
N VAL J 129 -18.75 14.41 -32.32
CA VAL J 129 -17.91 13.68 -33.27
C VAL J 129 -17.55 14.60 -34.45
N PHE J 130 -16.25 14.82 -34.63
CA PHE J 130 -15.76 15.69 -35.68
C PHE J 130 -14.92 14.89 -36.68
N PRO J 131 -15.02 15.23 -37.98
CA PRO J 131 -14.27 14.48 -38.98
C PRO J 131 -12.80 14.88 -38.99
N LEU J 132 -11.93 13.89 -39.20
CA LEU J 132 -10.54 14.14 -39.55
C LEU J 132 -10.43 13.87 -41.04
N ALA J 133 -10.59 14.93 -41.83
CA ALA J 133 -10.67 14.82 -43.29
C ALA J 133 -9.32 14.45 -43.93
N PRO J 134 -9.34 13.56 -44.94
CA PRO J 134 -8.11 13.23 -45.66
C PRO J 134 -7.70 14.38 -46.59
N SER J 135 -6.40 14.65 -46.68
CA SER J 135 -5.86 15.84 -47.34
C SER J 135 -5.31 15.48 -48.73
N SER J 136 -5.01 14.20 -48.93
CA SER J 136 -4.52 13.72 -50.20
C SER J 136 -5.67 13.65 -51.21
N LYS J 137 -5.41 14.16 -52.41
CA LYS J 137 -6.31 13.85 -53.54
C LYS J 137 -6.22 12.37 -53.94
N SER J 138 -7.15 11.90 -54.78
CA SER J 138 -7.12 10.51 -55.26
C SER J 138 -6.11 10.29 -56.37
N THR J 139 -5.59 11.38 -56.94
CA THR J 139 -4.51 11.30 -57.92
C THR J 139 -3.21 10.96 -57.18
N SER J 140 -2.28 10.34 -57.92
CA SER J 140 -1.05 9.76 -57.38
C SER J 140 -1.24 8.97 -56.05
N GLY J 141 -2.20 8.05 -56.08
CA GLY J 141 -2.26 6.86 -55.15
C GLY J 141 -1.58 6.90 -53.78
N GLY J 142 -0.76 5.88 -53.52
CA GLY J 142 -0.33 5.45 -52.22
C GLY J 142 -1.46 5.51 -51.24
N THR J 143 -1.20 6.12 -50.09
CA THR J 143 -2.05 5.92 -48.92
C THR J 143 -2.55 7.24 -48.35
N ALA J 144 -3.86 7.29 -48.07
CA ALA J 144 -4.47 8.42 -47.38
C ALA J 144 -4.89 8.00 -45.97
N ALA J 145 -4.93 8.96 -45.06
CA ALA J 145 -5.41 8.72 -43.71
C ALA J 145 -6.62 9.58 -43.42
N LEU J 146 -7.60 9.03 -42.74
CA LEU J 146 -8.78 9.77 -42.29
C LEU J 146 -9.24 9.23 -40.95
N GLY J 147 -10.16 9.93 -40.30
CA GLY J 147 -10.66 9.48 -39.00
C GLY J 147 -11.77 10.31 -38.40
N CYS J 148 -12.10 10.03 -37.15
CA CYS J 148 -13.03 10.84 -36.38
C CYS J 148 -12.44 11.20 -35.03
N LEU J 149 -12.66 12.45 -34.63
CA LEU J 149 -12.33 12.91 -33.29
C LEU J 149 -13.58 12.78 -32.45
N VAL J 150 -13.54 11.88 -31.47
CA VAL J 150 -14.65 11.68 -30.55
C VAL J 150 -14.34 12.45 -29.27
N LYS J 151 -14.88 13.66 -29.16
CA LYS J 151 -14.43 14.62 -28.13
C LYS J 151 -15.45 14.87 -27.02
N ASP J 152 -14.92 15.07 -25.81
CA ASP J 152 -15.69 15.54 -24.66
C ASP J 152 -16.90 14.67 -24.32
N TYR J 153 -16.64 13.39 -24.06
CA TYR J 153 -17.69 12.49 -23.56
C TYR J 153 -17.34 12.02 -22.16
N PHE J 154 -18.35 11.52 -21.46
CA PHE J 154 -18.18 11.04 -20.11
C PHE J 154 -19.35 10.16 -19.67
N PRO J 155 -19.08 9.06 -18.96
CA PRO J 155 -17.78 8.46 -18.63
C PRO J 155 -17.33 7.51 -19.73
N GLU J 156 -16.30 6.71 -19.49
CA GLU J 156 -15.97 5.61 -20.39
C GLU J 156 -17.10 4.57 -20.31
N PRO J 157 -17.24 3.72 -21.35
CA PRO J 157 -16.49 3.68 -22.59
C PRO J 157 -17.30 4.16 -23.79
N VAL J 158 -16.61 4.30 -24.92
CA VAL J 158 -17.25 4.46 -26.21
C VAL J 158 -16.75 3.36 -27.11
N THR J 159 -17.59 2.93 -28.05
CA THR J 159 -17.16 2.00 -29.08
C THR J 159 -17.21 2.73 -30.42
N VAL J 160 -16.22 2.46 -31.27
CA VAL J 160 -16.14 3.07 -32.59
C VAL J 160 -15.91 1.99 -33.64
N SER J 161 -16.76 1.99 -34.66
CA SER J 161 -16.57 1.12 -35.81
C SER J 161 -16.62 1.95 -37.09
N TRP J 162 -16.33 1.31 -38.21
CA TRP J 162 -16.32 1.99 -39.51
C TRP J 162 -17.15 1.24 -40.51
N ASN J 163 -18.04 1.97 -41.19
CA ASN J 163 -18.98 1.39 -42.15
C ASN J 163 -19.75 0.20 -41.56
N SER J 164 -20.27 0.43 -40.35
CA SER J 164 -21.05 -0.56 -39.60
C SER J 164 -20.34 -1.91 -39.43
N GLY J 165 -19.02 -1.87 -39.24
CA GLY J 165 -18.21 -3.08 -39.06
C GLY J 165 -17.61 -3.64 -40.34
N ALA J 166 -18.03 -3.12 -41.49
CA ALA J 166 -17.55 -3.60 -42.79
C ALA J 166 -16.07 -3.28 -43.03
N LEU J 167 -15.59 -2.20 -42.41
CA LEU J 167 -14.19 -1.79 -42.55
C LEU J 167 -13.46 -1.93 -41.23
N THR J 168 -12.58 -2.93 -41.14
CA THR J 168 -11.76 -3.15 -39.94
C THR J 168 -10.26 -3.09 -40.23
N SER J 169 -9.87 -3.58 -41.41
CA SER J 169 -8.48 -3.56 -41.84
C SER J 169 -7.93 -2.13 -41.88
N GLY J 170 -6.84 -1.90 -41.15
CA GLY J 170 -6.19 -0.58 -41.11
C GLY J 170 -6.72 0.38 -40.07
N VAL J 171 -7.74 -0.02 -39.33
CA VAL J 171 -8.36 0.83 -38.31
C VAL J 171 -7.54 0.84 -37.03
N HIS J 172 -7.34 2.04 -36.47
CA HIS J 172 -6.73 2.22 -35.16
C HIS J 172 -7.58 3.14 -34.34
N THR J 173 -8.21 2.58 -33.31
CA THR J 173 -8.99 3.38 -32.36
C THR J 173 -8.15 3.54 -31.09
N PHE J 174 -7.78 4.79 -30.79
CA PHE J 174 -6.84 5.06 -29.71
C PHE J 174 -7.50 5.01 -28.34
N PRO J 175 -6.72 4.62 -27.31
CA PRO J 175 -7.22 4.70 -25.94
C PRO J 175 -7.62 6.12 -25.59
N ALA J 176 -8.72 6.25 -24.85
CA ALA J 176 -9.20 7.57 -24.42
C ALA J 176 -8.16 8.28 -23.57
N VAL J 177 -8.14 9.60 -23.67
CA VAL J 177 -7.32 10.45 -22.81
C VAL J 177 -8.25 11.26 -21.92
N LEU J 178 -7.92 11.35 -20.63
CA LEU J 178 -8.70 12.15 -19.69
C LEU J 178 -8.16 13.56 -19.75
N GLN J 179 -9.02 14.50 -20.14
CA GLN J 179 -8.62 15.90 -20.27
C GLN J 179 -8.75 16.60 -18.93
N SER J 180 -8.18 17.81 -18.83
CA SER J 180 -8.22 18.57 -17.58
C SER J 180 -9.65 19.01 -17.20
N SER J 181 -10.55 19.04 -18.18
CA SER J 181 -11.95 19.32 -17.94
C SER J 181 -12.66 18.20 -17.17
N GLY J 182 -12.06 17.01 -17.14
CA GLY J 182 -12.66 15.84 -16.51
C GLY J 182 -13.37 14.95 -17.51
N LEU J 183 -13.42 15.39 -18.78
CA LEU J 183 -14.08 14.65 -19.84
C LEU J 183 -13.07 13.83 -20.62
N TYR J 184 -13.54 12.78 -21.28
CA TYR J 184 -12.68 11.92 -22.09
C TYR J 184 -12.72 12.34 -23.54
N SER J 185 -11.69 11.93 -24.28
CA SER J 185 -11.59 12.25 -25.69
C SER J 185 -10.66 11.23 -26.37
N LEU J 186 -11.02 10.83 -27.58
CA LEU J 186 -10.19 9.93 -28.37
C LEU J 186 -10.37 10.15 -29.86
N SER J 187 -9.45 9.61 -30.64
CA SER J 187 -9.57 9.59 -32.08
C SER J 187 -9.55 8.16 -32.60
N SER J 188 -10.27 7.93 -33.68
CA SER J 188 -10.21 6.67 -34.41
C SER J 188 -9.82 7.00 -35.83
N VAL J 189 -8.79 6.33 -36.33
CA VAL J 189 -8.27 6.61 -37.67
C VAL J 189 -8.19 5.34 -38.50
N VAL J 190 -8.19 5.52 -39.81
CA VAL J 190 -8.02 4.40 -40.73
C VAL J 190 -7.20 4.86 -41.93
N THR J 191 -6.27 4.01 -42.36
CA THR J 191 -5.51 4.27 -43.58
C THR J 191 -6.16 3.50 -44.72
N VAL J 192 -6.33 4.17 -45.85
CA VAL J 192 -6.95 3.58 -47.02
C VAL J 192 -6.18 4.02 -48.25
N PRO J 193 -6.38 3.32 -49.38
CA PRO J 193 -5.76 3.78 -50.63
C PRO J 193 -6.35 5.12 -51.10
N SER J 194 -5.50 5.99 -51.62
CA SER J 194 -5.92 7.32 -52.09
C SER J 194 -7.00 7.22 -53.17
N SER J 195 -6.84 6.26 -54.07
CA SER J 195 -7.78 6.04 -55.17
C SER J 195 -9.21 5.78 -54.70
N SER J 196 -9.37 5.22 -53.50
CA SER J 196 -10.68 4.89 -52.96
C SER J 196 -11.47 6.10 -52.43
N LEU J 197 -10.79 7.24 -52.24
CA LEU J 197 -11.43 8.42 -51.64
C LEU J 197 -12.62 8.94 -52.46
N GLY J 198 -12.47 8.94 -53.78
CA GLY J 198 -13.56 9.33 -54.68
C GLY J 198 -14.70 8.33 -54.72
N THR J 199 -14.37 7.04 -54.63
CA THR J 199 -15.34 5.95 -54.84
C THR J 199 -15.97 5.42 -53.54
N GLN J 200 -15.14 5.06 -52.57
CA GLN J 200 -15.61 4.41 -51.34
C GLN J 200 -16.06 5.46 -50.32
N THR J 201 -17.27 5.26 -49.76
CA THR J 201 -17.82 6.13 -48.73
C THR J 201 -17.42 5.64 -47.33
N TYR J 202 -17.01 6.57 -46.48
CA TYR J 202 -16.48 6.25 -45.15
C TYR J 202 -17.27 6.92 -44.03
N ILE J 203 -17.85 6.11 -43.17
CA ILE J 203 -18.66 6.59 -42.05
C ILE J 203 -18.17 5.96 -40.75
N CYS J 204 -17.91 6.77 -39.73
CA CYS J 204 -17.59 6.23 -38.41
C CYS J 204 -18.82 6.16 -37.53
N ASN J 205 -18.98 5.05 -36.83
CA ASN J 205 -20.12 4.82 -35.97
C ASN J 205 -19.67 4.87 -34.53
N VAL J 206 -20.05 5.94 -33.83
CA VAL J 206 -19.68 6.13 -32.44
C VAL J 206 -20.88 5.81 -31.57
N ASN J 207 -20.66 4.98 -30.56
CA ASN J 207 -21.72 4.57 -29.66
C ASN J 207 -21.30 4.82 -28.22
N HIS J 208 -22.14 5.55 -27.49
CA HIS J 208 -21.85 5.90 -26.11
C HIS J 208 -23.01 5.49 -25.25
N LYS J 209 -22.94 4.25 -24.77
CA LYS J 209 -24.02 3.64 -23.99
C LYS J 209 -24.43 4.47 -22.76
N PRO J 210 -23.46 4.92 -21.94
CA PRO J 210 -23.80 5.68 -20.74
C PRO J 210 -24.70 6.90 -20.93
N SER J 211 -24.59 7.58 -22.07
CA SER J 211 -25.48 8.71 -22.39
C SER J 211 -26.57 8.31 -23.38
N ASN J 212 -26.58 7.04 -23.79
CA ASN J 212 -27.54 6.52 -24.75
C ASN J 212 -27.54 7.32 -26.05
N THR J 213 -26.37 7.80 -26.47
CA THR J 213 -26.24 8.53 -27.71
C THR J 213 -25.48 7.70 -28.74
N LYS J 214 -25.90 7.84 -29.99
CA LYS J 214 -25.32 7.10 -31.09
C LYS J 214 -25.18 8.06 -32.26
N VAL J 215 -23.98 8.16 -32.81
CA VAL J 215 -23.68 9.13 -33.86
C VAL J 215 -22.94 8.47 -35.03
N ASP J 216 -23.42 8.72 -36.24
CA ASP J 216 -22.75 8.29 -37.46
C ASP J 216 -22.28 9.53 -38.20
N LYS J 217 -20.97 9.63 -38.43
CA LYS J 217 -20.41 10.79 -39.15
C LYS J 217 -19.69 10.34 -40.43
N LYS J 218 -20.15 10.88 -41.56
CA LYS J 218 -19.54 10.62 -42.87
C LYS J 218 -18.27 11.51 -42.99
N VAL J 219 -17.11 10.88 -43.21
CA VAL J 219 -15.84 11.60 -43.33
C VAL J 219 -15.51 11.77 -44.80
N GLU J 220 -15.57 13.00 -45.28
CA GLU J 220 -15.31 13.32 -46.68
C GLU J 220 -14.05 14.16 -46.85
N PRO J 221 -13.39 14.06 -48.02
CA PRO J 221 -12.24 14.93 -48.29
C PRO J 221 -12.56 16.36 -48.55
N LYS J 222 -11.83 17.19 -47.78
CA LYS J 222 -11.18 18.44 -48.14
C LYS J 222 -9.65 18.40 -48.61
N SER J 223 -9.46 18.49 -49.93
CA SER J 223 -8.14 18.57 -50.59
C SER J 223 -7.88 19.94 -51.23
N CYS J 224 -6.85 20.64 -50.72
CA CYS J 224 -6.45 21.99 -51.15
C CYS J 224 -5.09 21.96 -51.85
N ASP J 225 -5.13 21.38 -53.04
CA ASP J 225 -4.02 21.42 -53.99
C ASP J 225 -2.88 20.54 -53.50
N THR K 6 6.71 2.71 -11.84
CA THR K 6 6.60 1.29 -11.35
C THR K 6 5.17 0.94 -10.90
N GLN K 7 4.22 1.84 -11.13
CA GLN K 7 2.80 1.53 -10.96
C GLN K 7 2.26 0.88 -12.24
N SER K 8 2.99 1.08 -13.35
CA SER K 8 2.64 0.50 -14.63
C SER K 8 3.59 -0.65 -14.95
N PRO K 9 3.13 -1.63 -15.76
CA PRO K 9 3.99 -2.77 -16.07
C PRO K 9 5.23 -2.40 -16.89
N SER K 10 6.35 -3.02 -16.55
CA SER K 10 7.57 -2.92 -17.34
C SER K 10 7.42 -3.52 -18.73
N SER K 11 8.29 -3.12 -19.65
CA SER K 11 8.26 -3.59 -21.03
C SER K 11 9.42 -4.52 -21.35
N LEU K 12 9.17 -5.55 -22.16
CA LEU K 12 10.21 -6.48 -22.62
C LEU K 12 9.95 -6.86 -24.07
N SER K 13 10.98 -6.73 -24.90
CA SER K 13 10.87 -7.08 -26.32
C SER K 13 11.51 -8.45 -26.59
N ALA K 14 10.76 -9.34 -27.23
CA ALA K 14 11.23 -10.70 -27.51
C ALA K 14 10.74 -11.19 -28.87
N SER K 15 11.40 -12.23 -29.38
CA SER K 15 11.01 -12.87 -30.64
C SER K 15 10.36 -14.21 -30.36
N VAL K 16 9.57 -14.69 -31.31
CA VAL K 16 9.00 -16.02 -31.24
C VAL K 16 10.14 -17.04 -31.16
N GLY K 17 10.02 -17.98 -30.21
CA GLY K 17 11.05 -18.99 -29.99
C GLY K 17 12.05 -18.64 -28.89
N ASP K 18 12.03 -17.38 -28.43
CA ASP K 18 12.94 -16.93 -27.37
C ASP K 18 12.55 -17.51 -26.02
N ARG K 19 13.56 -17.59 -25.15
CA ARG K 19 13.36 -17.99 -23.77
C ARG K 19 13.28 -16.73 -22.93
N VAL K 20 12.25 -16.64 -22.08
CA VAL K 20 12.01 -15.46 -21.26
C VAL K 20 11.84 -15.83 -19.80
N THR K 21 12.52 -15.11 -18.92
CA THR K 21 12.39 -15.29 -17.48
C THR K 21 12.01 -13.98 -16.80
N ILE K 22 10.85 -13.96 -16.16
CA ILE K 22 10.35 -12.78 -15.46
C ILE K 22 10.53 -12.97 -13.96
N THR K 23 11.09 -11.96 -13.30
CA THR K 23 11.30 -12.00 -11.86
C THR K 23 10.19 -11.25 -11.16
N CYS K 24 9.68 -11.82 -10.07
CA CYS K 24 8.56 -11.24 -9.33
C CYS K 24 9.04 -10.11 -8.40
N ARG K 25 8.37 -8.96 -8.49
CA ARG K 25 8.63 -7.83 -7.58
C ARG K 25 7.34 -7.42 -6.89
N ALA K 26 6.89 -8.27 -5.97
CA ALA K 26 5.74 -7.99 -5.11
C ALA K 26 6.18 -7.75 -3.66
N SER K 27 7.44 -7.31 -3.47
CA SER K 27 8.03 -7.14 -2.13
C SER K 27 7.70 -8.31 -1.21
N GLN K 28 8.06 -9.50 -1.68
CA GLN K 28 7.64 -10.76 -1.07
C GLN K 28 8.62 -11.25 -0.01
N SER K 29 8.27 -12.38 0.63
CA SER K 29 9.15 -13.03 1.59
C SER K 29 9.35 -14.50 1.21
N VAL K 30 10.15 -15.21 2.00
CA VAL K 30 10.39 -16.66 1.82
C VAL K 30 9.12 -17.50 2.05
N SER K 31 8.26 -17.04 2.97
CA SER K 31 7.05 -17.76 3.35
C SER K 31 6.01 -17.75 2.23
N SER K 32 6.02 -16.67 1.46
CA SER K 32 4.99 -16.38 0.47
C SER K 32 4.55 -17.55 -0.42
N ALA K 33 3.24 -17.66 -0.60
CA ALA K 33 2.66 -18.49 -1.66
C ALA K 33 2.49 -17.62 -2.90
N VAL K 34 3.16 -17.99 -3.99
CA VAL K 34 3.25 -17.15 -5.17
C VAL K 34 2.52 -17.75 -6.36
N ALA K 35 1.80 -16.90 -7.10
CA ALA K 35 1.08 -17.32 -8.30
C ALA K 35 1.47 -16.43 -9.47
N TRP K 36 1.22 -16.90 -10.69
CA TRP K 36 1.53 -16.15 -11.90
C TRP K 36 0.36 -16.10 -12.83
N TYR K 37 0.18 -14.97 -13.50
CA TYR K 37 -0.98 -14.74 -14.36
C TYR K 37 -0.57 -14.18 -15.71
N GLN K 38 -1.41 -14.44 -16.71
CA GLN K 38 -1.27 -13.84 -18.04
C GLN K 38 -2.50 -12.99 -18.27
N GLN K 39 -2.31 -11.77 -18.78
CA GLN K 39 -3.43 -10.92 -19.14
C GLN K 39 -3.23 -10.34 -20.53
N LYS K 40 -4.29 -10.42 -21.33
CA LYS K 40 -4.33 -9.79 -22.64
C LYS K 40 -5.32 -8.62 -22.59
N PRO K 41 -5.16 -7.63 -23.50
CA PRO K 41 -6.01 -6.44 -23.48
C PRO K 41 -7.51 -6.75 -23.51
N GLY K 42 -8.26 -6.06 -22.66
CA GLY K 42 -9.71 -6.20 -22.60
C GLY K 42 -10.22 -7.51 -22.01
N LYS K 43 -9.33 -8.27 -21.38
CA LYS K 43 -9.67 -9.59 -20.85
C LYS K 43 -9.20 -9.73 -19.39
N ALA K 44 -9.88 -10.60 -18.66
CA ALA K 44 -9.50 -10.92 -17.29
C ALA K 44 -8.22 -11.73 -17.29
N PRO K 45 -7.43 -11.66 -16.21
CA PRO K 45 -6.23 -12.48 -16.12
C PRO K 45 -6.51 -13.98 -16.10
N LYS K 46 -5.55 -14.77 -16.55
CA LYS K 46 -5.61 -16.24 -16.54
C LYS K 46 -4.51 -16.79 -15.64
N LEU K 47 -4.86 -17.73 -14.78
CA LEU K 47 -3.89 -18.36 -13.88
C LEU K 47 -2.97 -19.29 -14.66
N LEU K 48 -1.67 -19.14 -14.43
CA LEU K 48 -0.63 -19.96 -15.09
C LEU K 48 0.02 -20.91 -14.10
N ILE K 49 0.56 -20.34 -13.02
CA ILE K 49 1.27 -21.10 -12.00
C ILE K 49 0.69 -20.79 -10.62
N TYR K 50 0.70 -21.78 -9.74
CA TYR K 50 0.33 -21.59 -8.34
C TYR K 50 1.35 -22.27 -7.43
N SER K 51 1.32 -21.90 -6.16
CA SER K 51 2.28 -22.42 -5.18
C SER K 51 3.71 -22.38 -5.71
N ALA K 52 4.08 -21.23 -6.27
CA ALA K 52 5.44 -20.98 -6.76
C ALA K 52 5.77 -21.70 -8.07
N SER K 53 5.56 -23.02 -8.11
CA SER K 53 6.05 -23.83 -9.22
C SER K 53 5.08 -24.85 -9.82
N SER K 54 3.84 -24.90 -9.35
CA SER K 54 2.88 -25.88 -9.86
C SER K 54 2.16 -25.33 -11.09
N LEU K 55 2.18 -26.12 -12.17
CA LEU K 55 1.52 -25.75 -13.42
C LEU K 55 0.01 -25.96 -13.29
N TYR K 56 -0.77 -24.90 -13.52
CA TYR K 56 -2.22 -24.99 -13.41
C TYR K 56 -2.80 -25.82 -14.56
N SER K 57 -3.88 -26.52 -14.25
CA SER K 57 -4.55 -27.39 -15.22
C SER K 57 -4.82 -26.68 -16.54
N GLY K 58 -4.43 -27.32 -17.65
CA GLY K 58 -4.69 -26.81 -18.98
C GLY K 58 -3.62 -25.88 -19.53
N VAL K 59 -2.72 -25.41 -18.67
CA VAL K 59 -1.69 -24.48 -19.09
C VAL K 59 -0.54 -25.25 -19.74
N PRO K 60 -0.08 -24.77 -20.92
CA PRO K 60 1.02 -25.44 -21.64
C PRO K 60 2.28 -25.64 -20.79
N SER K 61 3.01 -26.70 -21.08
CA SER K 61 4.17 -27.09 -20.28
C SER K 61 5.40 -26.18 -20.45
N ARG K 62 5.40 -25.36 -21.50
CA ARG K 62 6.48 -24.39 -21.70
C ARG K 62 6.52 -23.29 -20.62
N PHE K 63 5.41 -23.10 -19.91
CA PHE K 63 5.38 -22.23 -18.74
C PHE K 63 5.85 -23.01 -17.52
N SER K 64 6.79 -22.43 -16.78
CA SER K 64 7.25 -23.01 -15.53
C SER K 64 7.57 -21.92 -14.51
N GLY K 65 7.37 -22.24 -13.25
CA GLY K 65 7.65 -21.34 -12.16
C GLY K 65 8.72 -21.91 -11.26
N SER K 66 9.52 -21.04 -10.65
CA SER K 66 10.62 -21.47 -9.81
C SER K 66 10.85 -20.51 -8.65
N ARG K 67 11.36 -21.04 -7.56
CA ARG K 67 11.66 -20.27 -6.37
C ARG K 67 13.11 -20.48 -6.00
N SER K 68 13.84 -19.38 -5.82
CA SER K 68 15.22 -19.44 -5.36
C SER K 68 15.40 -18.45 -4.23
N GLY K 69 15.33 -18.95 -3.00
CA GLY K 69 15.39 -18.11 -1.80
C GLY K 69 14.20 -17.16 -1.76
N THR K 70 14.49 -15.87 -1.86
CA THR K 70 13.46 -14.83 -1.84
C THR K 70 12.99 -14.45 -3.25
N ASP K 71 13.65 -15.00 -4.27
CA ASP K 71 13.40 -14.62 -5.66
C ASP K 71 12.50 -15.64 -6.37
N PHE K 72 11.35 -15.17 -6.85
CA PHE K 72 10.38 -16.01 -7.54
C PHE K 72 10.39 -15.67 -9.02
N THR K 73 10.29 -16.69 -9.85
CA THR K 73 10.58 -16.56 -11.26
C THR K 73 9.56 -17.32 -12.11
N LEU K 74 9.19 -16.72 -13.24
CA LEU K 74 8.37 -17.39 -14.25
C LEU K 74 9.19 -17.50 -15.53
N THR K 75 9.30 -18.69 -16.09
CA THR K 75 10.02 -18.90 -17.34
C THR K 75 9.11 -19.45 -18.41
N ILE K 76 9.18 -18.86 -19.60
CA ILE K 76 8.57 -19.41 -20.80
C ILE K 76 9.70 -19.95 -21.66
N SER K 77 9.81 -21.27 -21.76
CA SER K 77 10.96 -21.91 -22.42
C SER K 77 11.09 -21.54 -23.88
N SER K 78 9.95 -21.41 -24.56
CA SER K 78 9.95 -21.04 -25.97
C SER K 78 8.72 -20.22 -26.32
N LEU K 79 8.92 -18.92 -26.51
CA LEU K 79 7.82 -17.99 -26.73
C LEU K 79 7.03 -18.34 -27.99
N GLN K 80 5.71 -18.41 -27.85
CA GLN K 80 4.79 -18.65 -28.98
C GLN K 80 4.04 -17.36 -29.30
N PRO K 81 3.45 -17.24 -30.51
CA PRO K 81 2.72 -16.02 -30.88
C PRO K 81 1.62 -15.62 -29.89
N GLU K 82 0.93 -16.61 -29.34
CA GLU K 82 -0.15 -16.35 -28.39
C GLU K 82 0.34 -15.94 -26.99
N ASP K 83 1.64 -16.08 -26.74
CA ASP K 83 2.23 -15.76 -25.44
C ASP K 83 2.54 -14.29 -25.24
N PHE K 84 2.46 -13.50 -26.31
CA PHE K 84 2.72 -12.07 -26.19
C PHE K 84 1.56 -11.40 -25.48
N ALA K 85 1.82 -10.99 -24.25
CA ALA K 85 0.80 -10.48 -23.35
C ALA K 85 1.51 -9.88 -22.12
N THR K 86 0.72 -9.48 -21.12
CA THR K 86 1.28 -8.98 -19.88
C THR K 86 1.25 -10.07 -18.81
N TYR K 87 2.31 -10.13 -18.01
CA TYR K 87 2.44 -11.16 -16.98
C TYR K 87 2.59 -10.53 -15.60
N TYR K 88 1.82 -11.04 -14.64
CA TYR K 88 1.87 -10.56 -13.27
C TYR K 88 2.14 -11.72 -12.32
N CYS K 89 2.94 -11.48 -11.28
CA CYS K 89 3.05 -12.40 -10.16
C CYS K 89 2.16 -11.90 -9.04
N GLN K 90 1.76 -12.81 -8.17
CA GLN K 90 1.00 -12.49 -6.98
C GLN K 90 1.69 -13.14 -5.79
N GLN K 91 1.81 -12.40 -4.70
CA GLN K 91 2.36 -12.93 -3.46
C GLN K 91 1.30 -12.83 -2.36
N SER K 92 0.97 -13.96 -1.75
CA SER K 92 0.02 -14.02 -0.65
C SER K 92 0.76 -14.26 0.66
N SER K 93 0.59 -13.34 1.61
CA SER K 93 1.16 -13.48 2.94
C SER K 93 0.09 -14.00 3.88
N SER K 94 0.30 -13.85 5.18
CA SER K 94 -0.67 -14.32 6.17
C SER K 94 -1.89 -13.40 6.31
N SER K 95 -1.80 -12.18 5.79
CA SER K 95 -2.92 -11.23 5.90
C SER K 95 -3.05 -10.26 4.72
N LEU K 96 -2.41 -10.57 3.60
CA LEU K 96 -2.25 -9.60 2.54
C LEU K 96 -1.96 -10.31 1.23
N ILE K 97 -2.49 -9.78 0.13
CA ILE K 97 -2.12 -10.21 -1.20
C ILE K 97 -1.54 -9.01 -1.94
N THR K 98 -0.41 -9.22 -2.60
CA THR K 98 0.24 -8.17 -3.38
C THR K 98 0.54 -8.67 -4.79
N PHE K 99 0.10 -7.91 -5.78
CA PHE K 99 0.47 -8.15 -7.16
C PHE K 99 1.72 -7.33 -7.49
N GLY K 100 2.59 -7.90 -8.30
CA GLY K 100 3.81 -7.22 -8.70
C GLY K 100 3.57 -6.24 -9.83
N GLN K 101 4.58 -5.46 -10.13
CA GLN K 101 4.52 -4.47 -11.20
C GLN K 101 4.04 -5.08 -12.52
N GLY K 102 4.59 -6.24 -12.86
CA GLY K 102 4.21 -6.95 -14.07
C GLY K 102 5.07 -6.58 -15.26
N THR K 103 5.17 -7.50 -16.22
CA THR K 103 5.97 -7.32 -17.42
C THR K 103 5.10 -7.52 -18.65
N LYS K 104 5.17 -6.56 -19.56
CA LYS K 104 4.45 -6.64 -20.82
C LYS K 104 5.42 -7.11 -21.88
N VAL K 105 5.19 -8.31 -22.40
CA VAL K 105 6.06 -8.88 -23.41
C VAL K 105 5.55 -8.49 -24.81
N GLU K 106 6.36 -7.71 -25.53
CA GLU K 106 6.04 -7.28 -26.92
C GLU K 106 6.88 -8.02 -27.95
N ILE K 107 6.40 -7.99 -29.19
CA ILE K 107 7.06 -8.68 -30.29
C ILE K 107 8.18 -7.83 -30.86
N LYS K 108 9.37 -8.41 -30.97
CA LYS K 108 10.50 -7.75 -31.60
C LYS K 108 10.29 -7.76 -33.11
N ARG K 109 10.84 -6.76 -33.79
CA ARG K 109 10.51 -6.49 -35.18
C ARG K 109 11.56 -5.57 -35.80
N THR K 110 11.67 -5.58 -37.12
CA THR K 110 12.57 -4.65 -37.81
C THR K 110 12.04 -3.22 -37.67
N VAL K 111 12.95 -2.26 -37.75
CA VAL K 111 12.60 -0.85 -37.61
C VAL K 111 11.71 -0.41 -38.77
N ALA K 112 10.63 0.31 -38.44
CA ALA K 112 9.70 0.83 -39.44
C ALA K 112 9.43 2.29 -39.16
N ALA K 113 9.73 3.14 -40.13
CA ALA K 113 9.47 4.57 -40.01
C ALA K 113 7.96 4.84 -40.04
N PRO K 114 7.50 5.86 -39.29
CA PRO K 114 6.09 6.22 -39.32
C PRO K 114 5.70 7.04 -40.54
N SER K 115 4.52 6.75 -41.09
CA SER K 115 3.85 7.69 -41.98
C SER K 115 3.25 8.78 -41.11
N VAL K 116 3.51 10.04 -41.45
CA VAL K 116 3.05 11.16 -40.63
C VAL K 116 1.97 11.95 -41.35
N PHE K 117 0.90 12.29 -40.63
CA PHE K 117 -0.21 13.07 -41.16
C PHE K 117 -0.61 14.14 -40.18
N ILE K 118 -1.03 15.29 -40.68
CA ILE K 118 -1.54 16.37 -39.84
C ILE K 118 -2.97 16.71 -40.25
N PHE K 119 -3.80 16.99 -39.26
CA PHE K 119 -5.20 17.30 -39.48
C PHE K 119 -5.56 18.62 -38.83
N PRO K 120 -5.93 19.63 -39.62
CA PRO K 120 -6.40 20.87 -39.02
C PRO K 120 -7.78 20.66 -38.39
N PRO K 121 -8.21 21.58 -37.51
CA PRO K 121 -9.53 21.45 -36.92
C PRO K 121 -10.62 21.64 -37.96
N SER K 122 -11.71 20.90 -37.83
CA SER K 122 -12.86 21.03 -38.72
C SER K 122 -13.60 22.33 -38.45
N ASP K 123 -14.34 22.80 -39.45
CA ASP K 123 -15.18 23.99 -39.28
C ASP K 123 -16.27 23.72 -38.25
N SER K 124 -16.75 22.48 -38.21
CA SER K 124 -17.74 22.05 -37.23
C SER K 124 -17.26 22.30 -35.79
N GLN K 125 -16.01 21.94 -35.50
CA GLN K 125 -15.44 22.15 -34.16
C GLN K 125 -15.21 23.64 -33.88
N LEU K 126 -14.67 24.35 -34.86
CA LEU K 126 -14.43 25.79 -34.72
C LEU K 126 -15.70 26.55 -34.33
N LYS K 127 -16.85 26.11 -34.84
CA LYS K 127 -18.14 26.68 -34.43
C LYS K 127 -18.38 26.51 -32.94
N SER K 128 -18.07 25.33 -32.41
CA SER K 128 -18.33 25.02 -31.00
C SER K 128 -17.46 25.79 -30.01
N GLY K 129 -16.39 26.43 -30.51
CA GLY K 129 -15.57 27.31 -29.68
C GLY K 129 -14.19 26.79 -29.32
N THR K 130 -13.88 25.55 -29.72
CA THR K 130 -12.56 24.95 -29.48
C THR K 130 -11.90 24.53 -30.79
N ALA K 131 -10.60 24.22 -30.73
CA ALA K 131 -9.82 23.84 -31.91
C ALA K 131 -8.81 22.76 -31.56
N SER K 132 -8.98 21.58 -32.16
CA SER K 132 -8.06 20.47 -31.95
C SER K 132 -7.28 20.20 -33.23
N VAL K 133 -5.96 20.20 -33.13
CA VAL K 133 -5.10 19.85 -34.25
C VAL K 133 -4.48 18.49 -33.95
N VAL K 134 -4.71 17.53 -34.84
CA VAL K 134 -4.26 16.16 -34.63
C VAL K 134 -3.09 15.81 -35.54
N CYS K 135 -2.07 15.21 -34.96
CA CYS K 135 -0.90 14.75 -35.69
C CYS K 135 -0.81 13.23 -35.53
N LEU K 136 -0.85 12.50 -36.63
CA LEU K 136 -0.91 11.04 -36.62
C LEU K 136 0.41 10.44 -37.07
N LEU K 137 0.96 9.54 -36.25
CA LEU K 137 2.11 8.72 -36.62
C LEU K 137 1.61 7.30 -36.83
N ASN K 138 1.69 6.81 -38.07
CA ASN K 138 1.06 5.54 -38.41
C ASN K 138 2.04 4.40 -38.66
N ASN K 139 1.75 3.25 -38.06
CA ASN K 139 2.45 2.00 -38.32
C ASN K 139 3.98 2.09 -38.26
N PHE K 140 4.51 2.27 -37.06
CA PHE K 140 5.95 2.38 -36.86
C PHE K 140 6.46 1.44 -35.78
N TYR K 141 7.78 1.24 -35.77
CA TYR K 141 8.45 0.45 -34.75
C TYR K 141 9.91 0.89 -34.67
N PRO K 142 10.46 1.01 -33.44
CA PRO K 142 9.87 0.71 -32.15
C PRO K 142 8.93 1.79 -31.63
N ARG K 143 8.33 1.51 -30.48
CA ARG K 143 7.32 2.36 -29.85
C ARG K 143 7.82 3.78 -29.56
N GLU K 144 9.12 3.90 -29.25
CA GLU K 144 9.69 5.17 -28.80
C GLU K 144 9.72 6.20 -29.94
N ALA K 145 8.83 7.18 -29.85
CA ALA K 145 8.81 8.28 -30.81
C ALA K 145 8.76 9.61 -30.07
N LYS K 146 9.19 10.67 -30.74
CA LYS K 146 9.14 12.02 -30.17
C LYS K 146 8.36 12.93 -31.12
N VAL K 147 7.29 13.53 -30.61
CA VAL K 147 6.42 14.40 -31.39
C VAL K 147 6.38 15.78 -30.74
N GLN K 148 6.91 16.78 -31.42
CA GLN K 148 6.99 18.15 -30.89
C GLN K 148 6.14 19.09 -31.75
N TRP K 149 5.39 19.97 -31.10
CA TRP K 149 4.52 20.91 -31.79
C TRP K 149 5.17 22.25 -31.93
N LYS K 150 4.93 22.88 -33.09
CA LYS K 150 5.39 24.23 -33.37
C LYS K 150 4.23 25.10 -33.85
N VAL K 151 4.06 26.28 -33.25
CA VAL K 151 3.02 27.23 -33.67
C VAL K 151 3.70 28.56 -33.92
N ASP K 152 3.66 29.01 -35.18
CA ASP K 152 4.38 30.20 -35.62
C ASP K 152 5.85 30.13 -35.17
N ASN K 153 6.45 28.95 -35.35
CA ASN K 153 7.85 28.72 -35.01
C ASN K 153 8.18 28.69 -33.51
N ALA K 154 7.14 28.68 -32.67
CA ALA K 154 7.31 28.58 -31.22
C ALA K 154 7.07 27.13 -30.78
N LEU K 155 8.11 26.49 -30.23
CA LEU K 155 7.98 25.12 -29.73
C LEU K 155 6.98 25.12 -28.57
N GLN K 156 6.06 24.16 -28.59
CA GLN K 156 5.00 24.09 -27.60
C GLN K 156 5.24 22.96 -26.59
N SER K 157 4.67 23.12 -25.41
CA SER K 157 4.64 22.07 -24.40
C SER K 157 3.53 22.36 -23.39
N GLY K 158 2.73 21.34 -23.10
CA GLY K 158 1.68 21.46 -22.10
C GLY K 158 0.28 21.57 -22.67
N ASN K 159 0.15 21.89 -23.95
CA ASN K 159 -1.16 22.02 -24.60
C ASN K 159 -1.45 20.88 -25.57
N SER K 160 -0.78 19.74 -25.39
CA SER K 160 -1.01 18.57 -26.22
C SER K 160 -0.95 17.28 -25.41
N GLN K 161 -1.66 16.27 -25.87
CA GLN K 161 -1.70 14.97 -25.22
C GLN K 161 -1.51 13.87 -26.26
N GLU K 162 -0.77 12.84 -25.87
CA GLU K 162 -0.49 11.71 -26.77
C GLU K 162 -1.30 10.49 -26.38
N SER K 163 -1.56 9.64 -27.37
CA SER K 163 -2.17 8.34 -27.15
C SER K 163 -1.53 7.34 -28.11
N VAL K 164 -1.22 6.16 -27.61
CA VAL K 164 -0.57 5.12 -28.42
C VAL K 164 -1.43 3.87 -28.45
N THR K 165 -1.53 3.25 -29.62
CA THR K 165 -2.28 2.01 -29.75
C THR K 165 -1.49 0.85 -29.20
N GLU K 166 -2.19 -0.27 -29.02
CA GLU K 166 -1.57 -1.52 -28.65
C GLU K 166 -0.84 -2.06 -29.88
N GLN K 167 0.20 -2.87 -29.65
CA GLN K 167 0.97 -3.44 -30.77
C GLN K 167 0.03 -4.21 -31.70
N ASP K 168 0.13 -3.94 -32.99
CA ASP K 168 -0.79 -4.53 -33.98
C ASP K 168 -0.50 -6.01 -34.18
N SER K 169 -1.57 -6.81 -34.21
CA SER K 169 -1.43 -8.26 -34.33
C SER K 169 -0.91 -8.72 -35.70
N LYS K 170 -1.23 -7.95 -36.75
CA LYS K 170 -0.84 -8.33 -38.11
C LYS K 170 0.62 -8.01 -38.41
N ASP K 171 1.02 -6.76 -38.20
CA ASP K 171 2.36 -6.29 -38.60
C ASP K 171 3.26 -5.84 -37.44
N SER K 172 2.78 -6.00 -36.21
CA SER K 172 3.57 -5.72 -35.00
C SER K 172 4.04 -4.26 -34.85
N THR K 173 3.33 -3.33 -35.49
CA THR K 173 3.68 -1.92 -35.42
C THR K 173 2.78 -1.19 -34.43
N TYR K 174 3.22 0.00 -34.05
CA TYR K 174 2.43 0.90 -33.21
C TYR K 174 1.96 2.06 -34.05
N SER K 175 0.91 2.71 -33.58
CA SER K 175 0.47 3.99 -34.11
C SER K 175 0.23 4.95 -32.95
N LEU K 176 0.45 6.23 -33.21
CA LEU K 176 0.38 7.24 -32.15
C LEU K 176 -0.35 8.48 -32.65
N SER K 177 -1.13 9.08 -31.76
CA SER K 177 -1.78 10.35 -32.04
C SER K 177 -1.30 11.38 -31.03
N SER K 178 -1.05 12.60 -31.51
CA SER K 178 -0.81 13.74 -30.64
C SER K 178 -1.83 14.80 -30.99
N THR K 179 -2.50 15.33 -29.99
CA THR K 179 -3.57 16.29 -30.21
C THR K 179 -3.26 17.60 -29.49
N LEU K 180 -3.00 18.65 -30.28
CA LEU K 180 -2.82 20.00 -29.76
C LEU K 180 -4.20 20.63 -29.62
N THR K 181 -4.51 21.11 -28.41
CA THR K 181 -5.82 21.71 -28.15
C THR K 181 -5.67 23.17 -27.74
N LEU K 182 -6.39 24.03 -28.46
CA LEU K 182 -6.46 25.46 -28.15
C LEU K 182 -7.91 25.92 -28.18
N SER K 183 -8.16 27.11 -27.63
CA SER K 183 -9.45 27.77 -27.79
C SER K 183 -9.54 28.31 -29.21
N LYS K 184 -10.75 28.56 -29.69
CA LYS K 184 -10.96 29.15 -31.00
C LYS K 184 -10.16 30.45 -31.12
N ALA K 185 -10.30 31.31 -30.10
CA ALA K 185 -9.60 32.60 -30.08
C ALA K 185 -8.10 32.43 -30.30
N ASP K 186 -7.48 31.55 -29.53
CA ASP K 186 -6.03 31.32 -29.63
C ASP K 186 -5.63 30.71 -30.97
N TYR K 187 -6.45 29.79 -31.48
CA TYR K 187 -6.20 29.22 -32.79
C TYR K 187 -6.15 30.30 -33.87
N GLU K 188 -7.07 31.26 -33.78
CA GLU K 188 -7.16 32.35 -34.77
C GLU K 188 -5.96 33.30 -34.70
N LYS K 189 -5.30 33.39 -33.54
CA LYS K 189 -4.15 34.29 -33.37
C LYS K 189 -2.90 33.86 -34.15
N HIS K 190 -2.85 32.61 -34.62
CA HIS K 190 -1.63 32.06 -35.24
C HIS K 190 -1.89 31.48 -36.59
N LYS K 191 -0.85 31.52 -37.44
CA LYS K 191 -0.98 31.11 -38.84
C LYS K 191 -0.48 29.70 -39.13
N VAL K 192 0.79 29.42 -38.82
CA VAL K 192 1.42 28.15 -39.20
C VAL K 192 1.46 27.13 -38.04
N TYR K 193 0.88 25.95 -38.30
CA TYR K 193 0.84 24.85 -37.33
C TYR K 193 1.58 23.65 -37.88
N ALA K 194 2.52 23.13 -37.08
CA ALA K 194 3.40 22.04 -37.51
C ALA K 194 3.67 21.06 -36.37
N CYS K 195 3.75 19.77 -36.70
CA CYS K 195 4.25 18.77 -35.76
C CYS K 195 5.52 18.15 -36.34
N GLU K 196 6.57 18.12 -35.52
CA GLU K 196 7.86 17.56 -35.92
C GLU K 196 8.03 16.19 -35.27
N VAL K 197 8.29 15.18 -36.08
CA VAL K 197 8.44 13.80 -35.61
C VAL K 197 9.87 13.33 -35.77
N THR K 198 10.49 12.90 -34.68
CA THR K 198 11.80 12.25 -34.73
C THR K 198 11.62 10.79 -34.30
N HIS K 199 12.31 9.89 -34.99
CA HIS K 199 12.17 8.46 -34.76
C HIS K 199 13.34 7.71 -35.33
N GLN K 200 13.63 6.55 -34.75
CA GLN K 200 14.78 5.73 -35.12
C GLN K 200 14.86 5.42 -36.62
N GLY K 201 13.72 5.09 -37.21
CA GLY K 201 13.65 4.79 -38.64
C GLY K 201 13.66 6.00 -39.56
N LEU K 202 13.82 7.18 -38.98
CA LEU K 202 13.93 8.43 -39.72
C LEU K 202 15.36 8.98 -39.61
N SER K 203 16.05 9.06 -40.75
CA SER K 203 17.40 9.62 -40.78
C SER K 203 17.40 11.10 -40.35
N SER K 204 16.33 11.81 -40.70
CA SER K 204 16.12 13.20 -40.25
C SER K 204 14.69 13.37 -39.74
N PRO K 205 14.48 14.36 -38.86
CA PRO K 205 13.13 14.65 -38.38
C PRO K 205 12.17 15.08 -39.50
N VAL K 206 10.96 14.53 -39.49
CA VAL K 206 9.94 14.85 -40.49
C VAL K 206 8.94 15.84 -39.92
N THR K 207 8.63 16.88 -40.69
CA THR K 207 7.67 17.90 -40.28
C THR K 207 6.49 17.92 -41.24
N LYS K 208 5.29 17.79 -40.70
CA LYS K 208 4.06 18.05 -41.46
C LYS K 208 3.42 19.31 -40.90
N SER K 209 2.95 20.19 -41.78
CA SER K 209 2.42 21.48 -41.38
C SER K 209 1.36 22.00 -42.33
N PHE K 210 0.57 22.95 -41.84
CA PHE K 210 -0.41 23.64 -42.65
C PHE K 210 -0.51 25.08 -42.17
N ASN K 211 -1.08 25.94 -43.02
CA ASN K 211 -1.37 27.31 -42.65
C ASN K 211 -2.86 27.44 -42.44
N ARG K 212 -3.25 28.12 -41.37
CA ARG K 212 -4.65 28.27 -41.03
C ARG K 212 -5.40 29.07 -42.08
N GLY K 213 -6.51 28.52 -42.55
CA GLY K 213 -7.34 29.21 -43.51
C GLY K 213 -7.07 28.87 -44.97
N GLU K 214 -6.09 28.01 -45.23
CA GLU K 214 -5.81 27.56 -46.61
C GLU K 214 -6.46 26.20 -46.88
N CYS K 215 -7.03 25.60 -45.83
CA CYS K 215 -7.99 24.53 -46.01
C CYS K 215 -8.87 24.34 -44.76
N THR L 6 -8.92 -6.85 40.65
CA THR L 6 -10.41 -6.95 40.61
C THR L 6 -10.94 -7.22 39.20
N GLN L 7 -10.05 -7.48 38.25
CA GLN L 7 -10.42 -7.98 36.93
C GLN L 7 -10.58 -9.51 36.98
N SER L 8 -9.96 -10.12 38.00
CA SER L 8 -10.03 -11.56 38.22
C SER L 8 -10.96 -11.86 39.39
N PRO L 9 -11.58 -13.05 39.40
CA PRO L 9 -12.52 -13.37 40.48
C PRO L 9 -11.85 -13.50 41.84
N SER L 10 -12.52 -12.98 42.86
CA SER L 10 -12.10 -13.15 44.24
C SER L 10 -12.14 -14.61 44.67
N SER L 11 -11.40 -14.93 45.73
CA SER L 11 -11.32 -16.30 46.23
C SER L 11 -12.00 -16.44 47.59
N LEU L 12 -12.66 -17.58 47.80
CA LEU L 12 -13.32 -17.89 49.07
C LEU L 12 -13.14 -19.37 49.39
N SER L 13 -12.68 -19.66 50.60
CA SER L 13 -12.47 -21.03 51.05
C SER L 13 -13.61 -21.45 51.95
N ALA L 14 -14.24 -22.58 51.63
CA ALA L 14 -15.38 -23.10 52.39
C ALA L 14 -15.36 -24.62 52.49
N SER L 15 -16.12 -25.13 53.44
CA SER L 15 -16.29 -26.57 53.64
C SER L 15 -17.67 -27.02 53.18
N VAL L 16 -17.80 -28.31 52.86
CA VAL L 16 -19.10 -28.89 52.52
C VAL L 16 -20.03 -28.71 53.71
N GLY L 17 -21.25 -28.26 53.43
CA GLY L 17 -22.24 -27.99 54.48
C GLY L 17 -22.29 -26.55 54.94
N ASP L 18 -21.30 -25.74 54.55
CA ASP L 18 -21.25 -24.35 54.95
C ASP L 18 -22.31 -23.52 54.22
N ARG L 19 -22.69 -22.41 54.86
CA ARG L 19 -23.56 -21.43 54.27
C ARG L 19 -22.72 -20.32 53.68
N VAL L 20 -23.01 -19.93 52.44
CA VAL L 20 -22.22 -18.92 51.72
C VAL L 20 -23.13 -17.86 51.13
N THR L 21 -22.77 -16.58 51.34
CA THR L 21 -23.49 -15.46 50.74
C THR L 21 -22.53 -14.59 49.94
N ILE L 22 -22.77 -14.48 48.64
CA ILE L 22 -21.94 -13.67 47.75
C ILE L 22 -22.66 -12.38 47.43
N THR L 23 -21.96 -11.26 47.56
CA THR L 23 -22.53 -9.93 47.24
C THR L 23 -22.09 -9.52 45.85
N CYS L 24 -23.02 -8.97 45.09
CA CYS L 24 -22.77 -8.59 43.70
C CYS L 24 -22.04 -7.25 43.64
N ARG L 25 -20.96 -7.20 42.87
CA ARG L 25 -20.23 -5.94 42.62
C ARG L 25 -20.13 -5.70 41.11
N ALA L 26 -21.26 -5.35 40.50
CA ALA L 26 -21.33 -4.96 39.10
C ALA L 26 -21.63 -3.47 38.95
N SER L 27 -21.28 -2.69 39.98
CA SER L 27 -21.58 -1.25 40.03
C SER L 27 -23.02 -0.98 39.59
N GLN L 28 -23.94 -1.65 40.27
CA GLN L 28 -25.35 -1.73 39.88
C GLN L 28 -26.18 -0.57 40.47
N SER L 29 -27.46 -0.51 40.10
CA SER L 29 -28.41 0.45 40.66
C SER L 29 -29.65 -0.28 41.21
N VAL L 30 -30.59 0.48 41.76
CA VAL L 30 -31.86 -0.06 42.28
C VAL L 30 -32.77 -0.61 41.16
N SER L 31 -32.68 -0.01 39.98
CA SER L 31 -33.50 -0.39 38.83
C SER L 31 -33.10 -1.74 38.26
N SER L 32 -31.81 -2.07 38.38
CA SER L 32 -31.21 -3.21 37.72
C SER L 32 -31.99 -4.53 37.82
N ALA L 33 -32.05 -5.24 36.69
CA ALA L 33 -32.45 -6.65 36.66
C ALA L 33 -31.19 -7.49 36.80
N VAL L 34 -31.13 -8.30 37.86
CA VAL L 34 -29.90 -9.01 38.23
C VAL L 34 -30.04 -10.52 38.08
N ALA L 35 -28.99 -11.14 37.55
CA ALA L 35 -28.95 -12.59 37.37
C ALA L 35 -27.69 -13.15 38.02
N TRP L 36 -27.69 -14.45 38.29
CA TRP L 36 -26.55 -15.14 38.88
C TRP L 36 -26.19 -16.37 38.11
N TYR L 37 -24.88 -16.63 38.00
CA TYR L 37 -24.39 -17.76 37.22
C TYR L 37 -23.37 -18.59 38.00
N GLN L 38 -23.26 -19.86 37.61
CA GLN L 38 -22.21 -20.75 38.09
C GLN L 38 -21.36 -21.15 36.90
N GLN L 39 -20.05 -21.11 37.06
CA GLN L 39 -19.14 -21.57 36.01
C GLN L 39 -18.08 -22.50 36.58
N LYS L 40 -17.89 -23.63 35.90
CA LYS L 40 -16.83 -24.57 36.22
C LYS L 40 -15.78 -24.51 35.10
N PRO L 41 -14.54 -24.92 35.41
CA PRO L 41 -13.46 -24.85 34.41
C PRO L 41 -13.77 -25.55 33.09
N GLY L 42 -13.46 -24.89 31.98
CA GLY L 42 -13.66 -25.45 30.64
C GLY L 42 -15.10 -25.56 30.18
N LYS L 43 -16.02 -24.91 30.91
CA LYS L 43 -17.45 -25.02 30.64
C LYS L 43 -18.09 -23.63 30.56
N ALA L 44 -19.19 -23.54 29.82
CA ALA L 44 -19.97 -22.32 29.74
C ALA L 44 -20.69 -22.09 31.08
N PRO L 45 -20.99 -20.82 31.41
CA PRO L 45 -21.76 -20.56 32.62
C PRO L 45 -23.17 -21.15 32.59
N LYS L 46 -23.72 -21.43 33.78
CA LYS L 46 -25.08 -21.93 33.96
C LYS L 46 -25.89 -20.89 34.73
N LEU L 47 -27.10 -20.59 34.25
CA LEU L 47 -27.98 -19.66 34.93
C LEU L 47 -28.55 -20.29 36.20
N LEU L 48 -28.46 -19.54 37.30
CA LEU L 48 -28.96 -19.97 38.61
C LEU L 48 -30.20 -19.18 38.99
N ILE L 49 -30.07 -17.86 39.01
CA ILE L 49 -31.13 -16.95 39.44
C ILE L 49 -31.36 -15.89 38.36
N TYR L 50 -32.60 -15.47 38.22
CA TYR L 50 -32.94 -14.34 37.34
C TYR L 50 -33.88 -13.39 38.07
N SER L 51 -33.99 -12.17 37.55
CA SER L 51 -34.82 -11.13 38.17
C SER L 51 -34.56 -11.02 39.67
N ALA L 52 -33.28 -10.98 40.05
CA ALA L 52 -32.85 -10.79 41.43
C ALA L 52 -33.04 -12.02 42.31
N SER L 53 -34.24 -12.59 42.33
CA SER L 53 -34.59 -13.63 43.31
C SER L 53 -35.34 -14.86 42.77
N SER L 54 -35.58 -14.94 41.47
CA SER L 54 -36.32 -16.07 40.91
C SER L 54 -35.38 -17.23 40.61
N LEU L 55 -35.71 -18.41 41.13
CA LEU L 55 -34.92 -19.61 40.91
C LEU L 55 -35.20 -20.16 39.51
N TYR L 56 -34.15 -20.32 38.71
CA TYR L 56 -34.30 -20.82 37.34
C TYR L 56 -34.66 -22.29 37.35
N SER L 57 -35.45 -22.69 36.36
CA SER L 57 -35.91 -24.07 36.22
C SER L 57 -34.76 -25.08 36.33
N GLY L 58 -34.94 -26.09 37.17
CA GLY L 58 -33.97 -27.16 37.32
C GLY L 58 -32.88 -26.91 38.36
N VAL L 59 -32.75 -25.67 38.82
CA VAL L 59 -31.71 -25.31 39.77
C VAL L 59 -32.16 -25.70 41.19
N PRO L 60 -31.28 -26.38 41.96
CA PRO L 60 -31.59 -26.80 43.33
C PRO L 60 -32.06 -25.66 44.23
N SER L 61 -32.94 -25.98 45.19
CA SER L 61 -33.56 -24.97 46.04
C SER L 61 -32.63 -24.35 47.07
N ARG L 62 -31.46 -24.97 47.30
CA ARG L 62 -30.47 -24.41 48.21
C ARG L 62 -29.85 -23.10 47.70
N PHE L 63 -29.95 -22.84 46.40
CA PHE L 63 -29.59 -21.56 45.81
C PHE L 63 -30.76 -20.59 45.94
N SER L 64 -30.48 -19.39 46.45
CA SER L 64 -31.48 -18.34 46.52
C SER L 64 -30.83 -16.98 46.28
N GLY L 65 -31.62 -16.07 45.71
CA GLY L 65 -31.17 -14.72 45.43
C GLY L 65 -32.02 -13.72 46.19
N SER L 66 -31.41 -12.60 46.56
CA SER L 66 -32.10 -11.59 47.35
C SER L 66 -31.62 -10.20 47.01
N ARG L 67 -32.51 -9.22 47.17
CA ARG L 67 -32.21 -7.82 46.92
C ARG L 67 -32.52 -7.01 48.16
N SER L 68 -31.55 -6.21 48.60
CA SER L 68 -31.75 -5.31 49.72
C SER L 68 -31.23 -3.92 49.34
N GLY L 69 -32.14 -3.06 48.91
CA GLY L 69 -31.79 -1.74 48.41
C GLY L 69 -30.95 -1.84 47.15
N THR L 70 -29.70 -1.40 47.24
CA THR L 70 -28.76 -1.44 46.11
C THR L 70 -27.91 -2.71 46.12
N ASP L 71 -28.04 -3.50 47.18
CA ASP L 71 -27.18 -4.68 47.37
C ASP L 71 -27.90 -5.96 46.95
N PHE L 72 -27.31 -6.65 45.99
CA PHE L 72 -27.85 -7.91 45.48
C PHE L 72 -26.99 -9.07 45.96
N THR L 73 -27.65 -10.15 46.34
CA THR L 73 -27.00 -11.22 47.08
C THR L 73 -27.41 -12.59 46.55
N LEU L 74 -26.45 -13.52 46.52
CA LEU L 74 -26.71 -14.93 46.24
C LEU L 74 -26.32 -15.74 47.45
N THR L 75 -27.23 -16.58 47.93
CA THR L 75 -26.95 -17.45 49.07
C THR L 75 -27.07 -18.92 48.70
N ILE L 76 -26.07 -19.71 49.10
CA ILE L 76 -26.14 -21.16 49.03
C ILE L 76 -26.28 -21.66 50.47
N SER L 77 -27.47 -22.14 50.82
CA SER L 77 -27.78 -22.49 52.22
C SER L 77 -26.90 -23.60 52.78
N SER L 78 -26.55 -24.57 51.95
CA SER L 78 -25.69 -25.67 52.39
C SER L 78 -24.82 -26.16 51.24
N LEU L 79 -23.53 -25.82 51.28
CA LEU L 79 -22.60 -26.12 50.19
C LEU L 79 -22.49 -27.62 49.95
N GLN L 80 -22.65 -28.04 48.70
CA GLN L 80 -22.49 -29.43 48.30
C GLN L 80 -21.20 -29.57 47.50
N PRO L 81 -20.66 -30.80 47.37
CA PRO L 81 -19.41 -31.01 46.63
C PRO L 81 -19.43 -30.44 45.21
N GLU L 82 -20.56 -30.55 44.53
CA GLU L 82 -20.71 -30.07 43.15
C GLU L 82 -20.82 -28.55 43.05
N ASP L 83 -21.00 -27.87 44.19
CA ASP L 83 -21.18 -26.42 44.21
C ASP L 83 -19.86 -25.65 44.19
N PHE L 84 -18.75 -26.33 44.38
CA PHE L 84 -17.45 -25.66 44.33
C PHE L 84 -17.13 -25.27 42.90
N ALA L 85 -17.20 -23.97 42.65
CA ALA L 85 -17.08 -23.42 41.30
C ALA L 85 -16.96 -21.90 41.43
N THR L 86 -16.98 -21.21 40.29
CA THR L 86 -16.95 -19.75 40.30
C THR L 86 -18.36 -19.22 40.08
N TYR L 87 -18.70 -18.14 40.79
CA TYR L 87 -20.02 -17.53 40.72
C TYR L 87 -19.95 -16.07 40.29
N TYR L 88 -20.79 -15.70 39.32
CA TYR L 88 -20.85 -14.34 38.81
C TYR L 88 -22.26 -13.81 38.90
N CYS L 89 -22.39 -12.53 39.24
CA CYS L 89 -23.66 -11.83 39.08
C CYS L 89 -23.61 -11.03 37.78
N GLN L 90 -24.80 -10.72 37.25
CA GLN L 90 -24.94 -9.89 36.08
C GLN L 90 -25.97 -8.81 36.39
N GLN L 91 -25.67 -7.58 36.01
CA GLN L 91 -26.61 -6.47 36.15
C GLN L 91 -26.93 -5.90 34.77
N SER L 92 -28.21 -5.88 34.43
CA SER L 92 -28.68 -5.32 33.17
C SER L 92 -29.37 -3.98 33.42
N SER L 93 -28.87 -2.93 32.78
CA SER L 93 -29.48 -1.61 32.86
C SER L 93 -30.30 -1.39 31.60
N SER L 94 -30.64 -0.14 31.30
CA SER L 94 -31.45 0.18 30.13
C SER L 94 -30.66 0.13 28.81
N SER L 95 -29.33 0.13 28.89
CA SER L 95 -28.51 0.10 27.67
C SER L 95 -27.18 -0.64 27.84
N LEU L 96 -27.05 -1.45 28.88
CA LEU L 96 -25.76 -1.99 29.27
C LEU L 96 -25.93 -3.24 30.11
N ILE L 97 -25.05 -4.21 29.92
CA ILE L 97 -24.97 -5.37 30.79
C ILE L 97 -23.58 -5.41 31.40
N THR L 98 -23.51 -5.61 32.71
CA THR L 98 -22.24 -5.66 33.42
C THR L 98 -22.19 -6.93 34.26
N PHE L 99 -21.12 -7.69 34.10
CA PHE L 99 -20.84 -8.83 34.97
C PHE L 99 -19.94 -8.36 36.11
N GLY L 100 -20.16 -8.91 37.29
CA GLY L 100 -19.36 -8.55 38.45
C GLY L 100 -18.04 -9.30 38.47
N GLN L 101 -17.17 -8.92 39.39
CA GLN L 101 -15.86 -9.54 39.56
C GLN L 101 -15.96 -11.05 39.68
N GLY L 102 -16.90 -11.52 40.48
CA GLY L 102 -17.13 -12.95 40.66
C GLY L 102 -16.33 -13.54 41.80
N THR L 103 -16.84 -14.62 42.37
CA THR L 103 -16.20 -15.30 43.50
C THR L 103 -15.95 -16.76 43.16
N LYS L 104 -14.72 -17.19 43.37
CA LYS L 104 -14.34 -18.58 43.16
C LYS L 104 -14.35 -19.29 44.49
N VAL L 105 -15.28 -20.22 44.67
CA VAL L 105 -15.42 -20.94 45.92
C VAL L 105 -14.59 -22.22 45.88
N GLU L 106 -13.56 -22.29 46.73
CA GLU L 106 -12.64 -23.42 46.79
C GLU L 106 -12.82 -24.24 48.08
N ILE L 107 -12.36 -25.48 48.06
CA ILE L 107 -12.59 -26.41 49.15
C ILE L 107 -11.54 -26.20 50.24
N LYS L 108 -12.01 -26.04 51.47
CA LYS L 108 -11.12 -25.94 52.62
C LYS L 108 -10.56 -27.32 52.94
N ARG L 109 -9.36 -27.35 53.51
CA ARG L 109 -8.59 -28.58 53.63
C ARG L 109 -7.46 -28.40 54.64
N THR L 110 -6.98 -29.50 55.21
CA THR L 110 -5.81 -29.44 56.10
C THR L 110 -4.56 -29.07 55.31
N VAL L 111 -3.59 -28.49 56.01
CA VAL L 111 -2.35 -28.07 55.39
C VAL L 111 -1.55 -29.28 54.89
N ALA L 112 -1.03 -29.18 53.66
CA ALA L 112 -0.22 -30.24 53.08
C ALA L 112 1.02 -29.64 52.44
N ALA L 113 2.19 -30.11 52.89
CA ALA L 113 3.45 -29.66 52.33
C ALA L 113 3.64 -30.18 50.91
N PRO L 114 4.31 -29.39 50.06
CA PRO L 114 4.59 -29.85 48.70
C PRO L 114 5.78 -30.79 48.61
N SER L 115 5.67 -31.80 47.75
CA SER L 115 6.84 -32.55 47.29
C SER L 115 7.50 -31.68 46.23
N VAL L 116 8.81 -31.47 46.37
CA VAL L 116 9.53 -30.60 45.45
C VAL L 116 10.50 -31.40 44.57
N PHE L 117 10.50 -31.08 43.28
CA PHE L 117 11.36 -31.74 42.30
C PHE L 117 11.99 -30.70 41.39
N ILE L 118 13.24 -30.94 40.98
CA ILE L 118 13.91 -30.07 40.03
C ILE L 118 14.33 -30.87 38.80
N PHE L 119 14.20 -30.24 37.63
CA PHE L 119 14.52 -30.88 36.37
C PHE L 119 15.50 -30.03 35.58
N PRO L 120 16.71 -30.55 35.33
CA PRO L 120 17.64 -29.81 34.47
C PRO L 120 17.18 -29.87 33.02
N PRO L 121 17.71 -28.98 32.17
CA PRO L 121 17.33 -29.02 30.76
C PRO L 121 17.85 -30.28 30.07
N SER L 122 17.07 -30.82 29.14
CA SER L 122 17.48 -32.00 28.38
C SER L 122 18.57 -31.63 27.38
N ASP L 123 19.34 -32.62 26.97
CA ASP L 123 20.37 -32.42 25.94
C ASP L 123 19.71 -32.03 24.62
N SER L 124 18.53 -32.58 24.38
CA SER L 124 17.74 -32.25 23.19
C SER L 124 17.47 -30.74 23.09
N GLN L 125 17.08 -30.12 24.19
CA GLN L 125 16.81 -28.68 24.22
C GLN L 125 18.10 -27.87 24.08
N LEU L 126 19.14 -28.28 24.81
CA LEU L 126 20.44 -27.61 24.74
C LEU L 126 20.96 -27.51 23.30
N LYS L 127 20.70 -28.54 22.50
CA LYS L 127 21.04 -28.51 21.07
C LYS L 127 20.33 -27.36 20.35
N SER L 128 19.05 -27.16 20.66
CA SER L 128 18.24 -26.15 19.97
C SER L 128 18.64 -24.70 20.31
N GLY L 129 19.44 -24.51 21.36
CA GLY L 129 20.00 -23.20 21.67
C GLY L 129 19.43 -22.53 22.91
N THR L 130 18.44 -23.15 23.55
CA THR L 130 17.84 -22.63 24.77
C THR L 130 17.92 -23.65 25.91
N ALA L 131 17.65 -23.19 27.14
CA ALA L 131 17.74 -24.03 28.32
C ALA L 131 16.64 -23.68 29.32
N SER L 132 15.75 -24.63 29.57
CA SER L 132 14.67 -24.46 30.53
C SER L 132 14.90 -25.37 31.74
N VAL L 133 14.90 -24.77 32.92
CA VAL L 133 15.01 -25.52 34.17
C VAL L 133 13.68 -25.45 34.89
N VAL L 134 13.09 -26.61 35.16
CA VAL L 134 11.75 -26.68 35.74
C VAL L 134 11.80 -27.12 37.19
N CYS L 135 11.06 -26.42 38.04
CA CYS L 135 10.94 -26.74 39.45
C CYS L 135 9.46 -27.05 39.74
N LEU L 136 9.18 -28.25 40.23
CA LEU L 136 7.80 -28.72 40.44
C LEU L 136 7.47 -28.79 41.92
N LEU L 137 6.37 -28.14 42.30
CA LEU L 137 5.79 -28.27 43.63
C LEU L 137 4.52 -29.09 43.51
N ASN L 138 4.49 -30.28 44.10
CA ASN L 138 3.41 -31.23 43.88
C ASN L 138 2.48 -31.42 45.08
N ASN L 139 1.18 -31.36 44.81
CA ASN L 139 0.12 -31.70 45.78
C ASN L 139 0.25 -31.03 47.15
N PHE L 140 0.01 -29.73 47.18
CA PHE L 140 0.11 -28.96 48.42
C PHE L 140 -1.12 -28.12 48.69
N TYR L 141 -1.26 -27.68 49.94
CA TYR L 141 -2.34 -26.80 50.35
C TYR L 141 -1.89 -26.02 51.58
N PRO L 142 -2.20 -24.71 51.65
CA PRO L 142 -2.99 -23.92 50.71
C PRO L 142 -2.21 -23.50 49.47
N ARG L 143 -2.91 -22.81 48.57
CA ARG L 143 -2.39 -22.39 47.27
C ARG L 143 -1.15 -21.49 47.38
N GLU L 144 -1.08 -20.69 48.45
CA GLU L 144 -0.02 -19.68 48.58
C GLU L 144 1.34 -20.34 48.81
N ALA L 145 2.17 -20.31 47.78
CA ALA L 145 3.55 -20.81 47.87
C ALA L 145 4.52 -19.78 47.32
N LYS L 146 5.78 -19.85 47.75
CA LYS L 146 6.82 -18.95 47.26
C LYS L 146 7.98 -19.78 46.70
N VAL L 147 8.30 -19.57 45.44
CA VAL L 147 9.36 -20.31 44.75
C VAL L 147 10.41 -19.34 44.21
N GLN L 148 11.61 -19.40 44.76
CA GLN L 148 12.68 -18.46 44.41
C GLN L 148 13.82 -19.23 43.75
N TRP L 149 14.38 -18.68 42.68
CA TRP L 149 15.48 -19.31 41.96
C TRP L 149 16.81 -18.75 42.38
N LYS L 150 17.81 -19.63 42.47
CA LYS L 150 19.19 -19.26 42.76
C LYS L 150 20.12 -19.86 41.70
N VAL L 151 20.99 -19.03 41.14
CA VAL L 151 21.99 -19.49 40.17
C VAL L 151 23.35 -19.03 40.66
N ASP L 152 24.22 -20.00 40.99
CA ASP L 152 25.52 -19.71 41.61
C ASP L 152 25.36 -18.78 42.81
N ASN L 153 24.34 -19.08 43.61
CA ASN L 153 24.03 -18.30 44.79
C ASN L 153 23.47 -16.87 44.59
N ALA L 154 23.12 -16.55 43.35
CA ALA L 154 22.51 -15.27 43.02
C ALA L 154 21.01 -15.45 42.90
N LEU L 155 20.25 -14.79 43.76
CA LEU L 155 18.80 -14.84 43.70
C LEU L 155 18.34 -14.23 42.39
N GLN L 156 17.42 -14.91 41.70
CA GLN L 156 16.95 -14.48 40.39
C GLN L 156 15.55 -13.88 40.46
N SER L 157 15.25 -13.02 39.49
CA SER L 157 13.91 -12.50 39.29
C SER L 157 13.77 -11.96 37.86
N GLY L 158 12.70 -12.34 37.20
CA GLY L 158 12.40 -11.86 35.86
C GLY L 158 12.66 -12.87 34.75
N ASN L 159 13.41 -13.92 35.04
CA ASN L 159 13.71 -14.95 34.03
C ASN L 159 13.00 -16.28 34.31
N SER L 160 11.90 -16.21 35.05
CA SER L 160 11.10 -17.40 35.34
C SER L 160 9.60 -17.07 35.33
N GLN L 161 8.79 -18.08 35.01
CA GLN L 161 7.34 -17.94 35.02
C GLN L 161 6.70 -19.10 35.74
N GLU L 162 5.62 -18.81 36.47
CA GLU L 162 4.91 -19.82 37.25
C GLU L 162 3.59 -20.19 36.59
N SER L 163 3.14 -21.41 36.87
CA SER L 163 1.82 -21.86 36.47
C SER L 163 1.26 -22.75 37.57
N VAL L 164 -0.01 -22.57 37.91
CA VAL L 164 -0.65 -23.31 38.98
C VAL L 164 -1.85 -24.08 38.43
N THR L 165 -2.01 -25.32 38.87
CA THR L 165 -3.17 -26.11 38.46
C THR L 165 -4.42 -25.69 39.23
N GLU L 166 -5.56 -26.14 38.74
CA GLU L 166 -6.82 -25.97 39.40
C GLU L 166 -6.84 -26.92 40.60
N GLN L 167 -7.63 -26.59 41.62
CA GLN L 167 -7.73 -27.46 42.80
C GLN L 167 -8.16 -28.86 42.39
N ASP L 168 -7.43 -29.86 42.87
CA ASP L 168 -7.66 -31.24 42.47
C ASP L 168 -8.95 -31.79 43.07
N SER L 169 -9.72 -32.49 42.24
CA SER L 169 -11.03 -33.03 42.65
C SER L 169 -10.92 -34.16 43.67
N LYS L 170 -9.85 -34.94 43.61
CA LYS L 170 -9.67 -36.09 44.50
C LYS L 170 -9.22 -35.69 45.90
N ASP L 171 -8.11 -34.95 45.98
CA ASP L 171 -7.48 -34.63 47.27
C ASP L 171 -7.44 -33.13 47.62
N SER L 172 -8.06 -32.29 46.78
CA SER L 172 -8.21 -30.85 47.04
C SER L 172 -6.89 -30.08 47.18
N THR L 173 -5.83 -30.60 46.57
CA THR L 173 -4.53 -29.95 46.61
C THR L 173 -4.24 -29.20 45.32
N TYR L 174 -3.23 -28.33 45.37
CA TYR L 174 -2.74 -27.62 44.20
C TYR L 174 -1.36 -28.16 43.84
N SER L 175 -0.97 -27.96 42.59
CA SER L 175 0.39 -28.20 42.14
C SER L 175 0.85 -26.99 41.34
N LEU L 176 2.16 -26.73 41.38
CA LEU L 176 2.72 -25.53 40.78
C LEU L 176 4.02 -25.86 40.05
N SER L 177 4.22 -25.21 38.91
CA SER L 177 5.48 -25.30 38.17
C SER L 177 6.10 -23.93 38.05
N SER L 178 7.42 -23.87 38.22
CA SER L 178 8.19 -22.66 37.95
C SER L 178 9.27 -23.03 36.95
N THR L 179 9.37 -22.25 35.88
CA THR L 179 10.31 -22.56 34.79
C THR L 179 11.29 -21.40 34.60
N LEU L 180 12.54 -21.64 34.93
CA LEU L 180 13.64 -20.70 34.68
C LEU L 180 14.12 -20.91 33.24
N THR L 181 14.11 -19.85 32.45
CA THR L 181 14.53 -19.92 31.05
C THR L 181 15.77 -19.05 30.80
N LEU L 182 16.82 -19.66 30.26
CA LEU L 182 18.04 -18.97 29.85
C LEU L 182 18.42 -19.40 28.44
N SER L 183 19.33 -18.64 27.83
CA SER L 183 19.96 -19.07 26.58
C SER L 183 20.98 -20.16 26.90
N LYS L 184 21.34 -20.95 25.91
CA LYS L 184 22.37 -21.98 26.07
C LYS L 184 23.65 -21.36 26.62
N ALA L 185 24.08 -20.27 26.00
CA ALA L 185 25.29 -19.56 26.42
C ALA L 185 25.26 -19.23 27.91
N ASP L 186 24.18 -18.60 28.36
CA ASP L 186 24.05 -18.21 29.77
C ASP L 186 23.99 -19.41 30.71
N TYR L 187 23.28 -20.46 30.29
CA TYR L 187 23.23 -21.69 31.07
C TYR L 187 24.63 -22.26 31.31
N GLU L 188 25.47 -22.23 30.27
CA GLU L 188 26.83 -22.76 30.34
C GLU L 188 27.74 -21.94 31.27
N LYS L 189 27.43 -20.65 31.45
CA LYS L 189 28.24 -19.78 32.30
C LYS L 189 28.16 -20.10 33.81
N HIS L 190 27.16 -20.89 34.22
CA HIS L 190 26.92 -21.12 35.64
C HIS L 190 26.85 -22.58 35.98
N LYS L 191 27.22 -22.91 37.22
CA LYS L 191 27.34 -24.29 37.68
C LYS L 191 26.14 -24.80 38.49
N VAL L 192 25.82 -24.13 39.61
CA VAL L 192 24.77 -24.60 40.53
C VAL L 192 23.41 -23.93 40.30
N TYR L 193 22.39 -24.75 40.06
CA TYR L 193 21.02 -24.27 39.85
C TYR L 193 20.10 -24.83 40.93
N ALA L 194 19.37 -23.94 41.60
CA ALA L 194 18.55 -24.32 42.75
C ALA L 194 17.24 -23.55 42.77
N CYS L 195 16.16 -24.22 43.18
CA CYS L 195 14.91 -23.52 43.50
C CYS L 195 14.59 -23.73 44.98
N GLU L 196 14.30 -22.62 45.67
CA GLU L 196 14.00 -22.63 47.10
C GLU L 196 12.51 -22.45 47.27
N VAL L 197 11.88 -23.37 47.98
CA VAL L 197 10.44 -23.34 48.20
C VAL L 197 10.12 -23.07 49.66
N THR L 198 9.35 -22.03 49.92
CA THR L 198 8.82 -21.79 51.25
C THR L 198 7.29 -21.94 51.21
N HIS L 199 6.74 -22.56 52.25
CA HIS L 199 5.31 -22.86 52.31
C HIS L 199 4.88 -23.14 53.71
N GLN L 200 3.60 -22.89 53.99
CA GLN L 200 3.03 -23.02 55.33
C GLN L 200 3.29 -24.39 55.98
N GLY L 201 3.15 -25.45 55.19
CA GLY L 201 3.38 -26.82 55.67
C GLY L 201 4.83 -27.23 55.78
N LEU L 202 5.74 -26.29 55.52
CA LEU L 202 7.17 -26.49 55.65
C LEU L 202 7.72 -25.68 56.81
N SER L 203 8.23 -26.38 57.82
CA SER L 203 8.84 -25.71 58.98
C SER L 203 10.06 -24.87 58.58
N SER L 204 10.79 -25.34 57.57
CA SER L 204 11.90 -24.59 56.97
C SER L 204 11.81 -24.64 55.46
N PRO L 205 12.42 -23.66 54.78
CA PRO L 205 12.44 -23.66 53.32
C PRO L 205 13.20 -24.85 52.74
N VAL L 206 12.64 -25.49 51.72
CA VAL L 206 13.25 -26.65 51.07
C VAL L 206 13.93 -26.22 49.78
N THR L 207 15.17 -26.66 49.59
CA THR L 207 15.91 -26.37 48.37
C THR L 207 16.23 -27.66 47.61
N LYS L 208 15.84 -27.70 46.35
CA LYS L 208 16.30 -28.75 45.45
C LYS L 208 17.24 -28.11 44.45
N SER L 209 18.36 -28.78 44.18
CA SER L 209 19.40 -28.23 43.32
C SER L 209 20.18 -29.30 42.59
N PHE L 210 20.86 -28.88 41.52
CA PHE L 210 21.77 -29.74 40.80
C PHE L 210 22.93 -28.90 40.29
N ASN L 211 24.01 -29.58 39.93
CA ASN L 211 25.15 -28.94 39.30
C ASN L 211 25.15 -29.31 37.83
N ARG L 212 25.38 -28.31 36.97
CA ARG L 212 25.36 -28.52 35.54
C ARG L 212 26.47 -29.47 35.09
N GLY L 213 26.09 -30.47 34.32
CA GLY L 213 27.07 -31.38 33.75
C GLY L 213 27.28 -32.67 34.54
N GLU L 214 26.53 -32.84 35.63
CA GLU L 214 26.54 -34.09 36.41
C GLU L 214 25.23 -34.85 36.18
N SER M 3 16.54 -59.46 -78.77
CA SER M 3 17.47 -59.29 -77.62
C SER M 3 17.67 -57.82 -77.27
N GLU M 4 17.45 -57.48 -76.01
CA GLU M 4 17.53 -56.08 -75.56
C GLU M 4 18.94 -55.72 -75.05
N VAL M 5 19.41 -54.53 -75.44
CA VAL M 5 20.76 -54.08 -75.11
C VAL M 5 20.92 -53.68 -73.65
N GLN M 6 21.97 -54.18 -73.01
CA GLN M 6 22.34 -53.70 -71.68
C GLN M 6 23.78 -53.97 -71.26
N LEU M 7 24.19 -53.23 -70.25
CA LEU M 7 25.54 -53.27 -69.72
C LEU M 7 25.48 -53.46 -68.21
N VAL M 8 25.97 -54.59 -67.73
CA VAL M 8 25.98 -54.88 -66.30
C VAL M 8 27.39 -54.80 -65.74
N GLU M 9 27.59 -53.91 -64.78
CA GLU M 9 28.90 -53.72 -64.15
C GLU M 9 29.07 -54.60 -62.93
N SER M 10 30.31 -55.03 -62.70
CA SER M 10 30.67 -55.83 -61.53
C SER M 10 31.94 -55.31 -60.91
N GLY M 11 32.19 -55.71 -59.67
CA GLY M 11 33.37 -55.28 -58.93
C GLY M 11 33.18 -53.91 -58.32
N GLY M 12 34.25 -53.38 -57.75
CA GLY M 12 34.23 -52.08 -57.08
C GLY M 12 34.37 -52.24 -55.59
N GLY M 13 34.20 -51.15 -54.87
CA GLY M 13 34.24 -51.15 -53.42
C GLY M 13 35.42 -50.37 -52.87
N LEU M 14 35.95 -50.84 -51.75
CA LEU M 14 36.97 -50.13 -51.01
C LEU M 14 38.35 -50.66 -51.40
N VAL M 15 39.28 -49.75 -51.62
CA VAL M 15 40.68 -50.10 -51.88
C VAL M 15 41.59 -49.04 -51.26
N GLN M 16 42.76 -49.47 -50.79
CA GLN M 16 43.72 -48.56 -50.18
C GLN M 16 44.53 -47.81 -51.23
N PRO M 17 45.04 -46.61 -50.89
CA PRO M 17 45.91 -45.88 -51.82
C PRO M 17 47.09 -46.72 -52.27
N GLY M 18 47.42 -46.66 -53.56
CA GLY M 18 48.46 -47.49 -54.15
C GLY M 18 47.96 -48.86 -54.59
N GLY M 19 46.71 -49.18 -54.27
CA GLY M 19 46.15 -50.51 -54.52
C GLY M 19 45.61 -50.69 -55.93
N SER M 20 45.15 -51.90 -56.20
CA SER M 20 44.71 -52.29 -57.53
C SER M 20 43.30 -52.87 -57.47
N LEU M 21 42.52 -52.61 -58.51
CA LEU M 21 41.13 -53.03 -58.56
C LEU M 21 40.67 -53.11 -60.01
N ARG M 22 39.88 -54.14 -60.34
CA ARG M 22 39.35 -54.28 -61.69
C ARG M 22 37.84 -54.23 -61.73
N LEU M 23 37.31 -53.37 -62.59
CA LEU M 23 35.88 -53.29 -62.84
C LEU M 23 35.54 -54.08 -64.10
N SER M 24 34.34 -54.68 -64.11
CA SER M 24 33.85 -55.43 -65.26
C SER M 24 32.60 -54.77 -65.84
N CYS M 25 32.41 -54.95 -67.14
CA CYS M 25 31.26 -54.41 -67.84
C CYS M 25 30.76 -55.46 -68.82
N ALA M 26 29.83 -56.30 -68.36
CA ALA M 26 29.30 -57.41 -69.15
C ALA M 26 28.20 -56.92 -70.09
N ALA M 27 28.38 -57.16 -71.39
CA ALA M 27 27.45 -56.69 -72.41
C ALA M 27 26.53 -57.80 -72.87
N SER M 28 25.30 -57.43 -73.20
CA SER M 28 24.38 -58.32 -73.88
C SER M 28 23.48 -57.51 -74.80
N GLY M 29 22.99 -58.14 -75.84
CA GLY M 29 22.18 -57.46 -76.86
C GLY M 29 23.02 -56.89 -77.98
N PHE M 30 24.34 -56.92 -77.83
CA PHE M 30 25.25 -56.47 -78.88
C PHE M 30 26.64 -57.06 -78.69
N ASN M 31 27.42 -57.08 -79.76
CA ASN M 31 28.75 -57.67 -79.73
C ASN M 31 29.82 -56.63 -79.40
N VAL M 32 30.52 -56.83 -78.29
CA VAL M 32 31.55 -55.89 -77.85
C VAL M 32 32.71 -55.79 -78.86
N SER M 33 32.94 -56.85 -79.62
CA SER M 33 34.03 -56.88 -80.60
C SER M 33 33.75 -56.01 -81.85
N TYR M 34 32.49 -55.63 -82.05
CA TYR M 34 32.12 -54.73 -83.15
C TYR M 34 31.53 -53.43 -82.62
N SER M 35 31.85 -53.09 -81.38
CA SER M 35 31.37 -51.87 -80.75
C SER M 35 32.48 -51.21 -79.96
N SER M 36 32.21 -50.02 -79.43
CA SER M 36 33.15 -49.34 -78.56
C SER M 36 32.59 -49.26 -77.15
N ILE M 37 33.46 -49.46 -76.17
CA ILE M 37 33.09 -49.34 -74.77
C ILE M 37 33.90 -48.20 -74.14
N HIS M 38 33.25 -47.45 -73.26
CA HIS M 38 33.86 -46.28 -72.65
C HIS M 38 33.63 -46.29 -71.18
N TRP M 39 34.64 -45.85 -70.42
CA TRP M 39 34.50 -45.68 -68.98
C TRP M 39 34.45 -44.22 -68.64
N VAL M 40 33.44 -43.85 -67.87
CA VAL M 40 33.24 -42.48 -67.40
C VAL M 40 32.97 -42.52 -65.91
N ARG M 41 33.58 -41.61 -65.17
CA ARG M 41 33.42 -41.58 -63.72
C ARG M 41 32.88 -40.26 -63.23
N GLN M 42 32.34 -40.29 -62.01
CA GLN M 42 31.71 -39.11 -61.41
C GLN M 42 31.96 -39.12 -59.91
N ALA M 43 32.78 -38.18 -59.45
CA ALA M 43 33.04 -38.00 -58.03
C ALA M 43 31.79 -37.39 -57.39
N PRO M 44 31.57 -37.68 -56.09
CA PRO M 44 30.37 -37.16 -55.41
C PRO M 44 30.18 -35.66 -55.58
N GLY M 45 29.02 -35.26 -56.09
CA GLY M 45 28.70 -33.84 -56.29
C GLY M 45 29.46 -33.15 -57.41
N LYS M 46 30.18 -33.92 -58.23
CA LYS M 46 31.02 -33.36 -59.28
C LYS M 46 30.49 -33.78 -60.64
N GLY M 47 31.10 -33.24 -61.69
CA GLY M 47 30.68 -33.53 -63.07
C GLY M 47 31.20 -34.85 -63.59
N LEU M 48 30.78 -35.19 -64.80
CA LEU M 48 31.23 -36.39 -65.51
C LEU M 48 32.70 -36.21 -65.93
N GLU M 49 33.49 -37.26 -65.78
CA GLU M 49 34.86 -37.27 -66.26
C GLU M 49 35.13 -38.54 -67.06
N TRP M 50 35.53 -38.36 -68.31
CA TRP M 50 35.92 -39.47 -69.18
C TRP M 50 37.21 -40.07 -68.69
N VAL M 51 37.28 -41.39 -68.67
CA VAL M 51 38.44 -42.13 -68.16
C VAL M 51 39.19 -42.86 -69.27
N ALA M 52 38.46 -43.64 -70.06
CA ALA M 52 39.09 -44.47 -71.09
C ALA M 52 38.08 -44.97 -72.12
N SER M 53 38.60 -45.36 -73.29
CA SER M 53 37.78 -45.90 -74.37
C SER M 53 38.50 -47.05 -75.07
N ILE M 54 37.76 -48.03 -75.56
CA ILE M 54 38.33 -49.15 -76.31
C ILE M 54 37.55 -49.43 -77.58
N TYR M 55 38.27 -49.68 -78.67
CA TYR M 55 37.69 -50.06 -79.93
C TYR M 55 38.33 -51.38 -80.37
N SER M 56 37.78 -52.49 -79.92
CA SER M 56 38.40 -53.81 -80.11
C SER M 56 38.69 -54.18 -81.57
N TYR M 57 37.76 -53.82 -82.46
CA TYR M 57 37.90 -54.15 -83.87
C TYR M 57 39.21 -53.61 -84.46
N TYR M 58 39.56 -52.37 -84.10
CA TYR M 58 40.77 -51.73 -84.59
C TYR M 58 41.97 -51.91 -83.68
N GLY M 59 41.72 -52.27 -82.43
CA GLY M 59 42.78 -52.45 -81.43
C GLY M 59 43.26 -51.12 -80.86
N TYR M 60 42.42 -50.09 -80.92
CA TYR M 60 42.77 -48.78 -80.38
C TYR M 60 42.23 -48.62 -78.96
N THR M 61 43.05 -48.06 -78.09
CA THR M 61 42.63 -47.67 -76.76
C THR M 61 43.08 -46.23 -76.49
N TYR M 62 42.26 -45.49 -75.75
CA TYR M 62 42.53 -44.10 -75.42
C TYR M 62 42.31 -43.87 -73.94
N TYR M 63 43.08 -42.96 -73.36
CA TYR M 63 43.04 -42.70 -71.92
C TYR M 63 43.07 -41.21 -71.61
N ALA M 64 42.39 -40.81 -70.53
CA ALA M 64 42.49 -39.46 -70.03
C ALA M 64 43.86 -39.28 -69.39
N ASP M 65 44.39 -38.07 -69.43
CA ASP M 65 45.70 -37.78 -68.88
C ASP M 65 45.77 -38.08 -67.38
N SER M 66 44.68 -37.83 -66.67
CA SER M 66 44.63 -38.05 -65.21
C SER M 66 44.79 -39.52 -64.80
N VAL M 67 44.57 -40.46 -65.72
CA VAL M 67 44.71 -41.89 -65.41
C VAL M 67 45.76 -42.62 -66.26
N LYS M 68 46.39 -41.91 -67.19
CA LYS M 68 47.32 -42.53 -68.13
C LYS M 68 48.50 -43.17 -67.39
N GLY M 69 48.85 -44.38 -67.80
CA GLY M 69 49.94 -45.14 -67.16
C GLY M 69 49.55 -45.86 -65.87
N ARG M 70 48.33 -45.63 -65.39
CA ARG M 70 47.84 -46.26 -64.16
C ARG M 70 46.66 -47.18 -64.44
N PHE M 71 45.77 -46.76 -65.34
CA PHE M 71 44.57 -47.52 -65.68
C PHE M 71 44.75 -48.20 -67.03
N THR M 72 44.15 -49.38 -67.19
CA THR M 72 44.14 -50.07 -68.47
C THR M 72 42.74 -50.56 -68.80
N ILE M 73 42.29 -50.22 -70.00
CA ILE M 73 41.00 -50.67 -70.53
C ILE M 73 41.26 -51.87 -71.45
N SER M 74 40.37 -52.85 -71.41
CA SER M 74 40.52 -54.05 -72.22
C SER M 74 39.18 -54.73 -72.46
N ALA M 75 39.18 -55.77 -73.30
CA ALA M 75 37.96 -56.49 -73.63
C ALA M 75 38.21 -57.97 -73.91
N ASP M 76 37.33 -58.82 -73.39
CA ASP M 76 37.36 -60.26 -73.68
C ASP M 76 36.20 -60.58 -74.64
N THR M 77 36.54 -60.78 -75.90
CA THR M 77 35.57 -61.07 -76.95
C THR M 77 34.69 -62.27 -76.61
N SER M 78 35.30 -63.34 -76.14
CA SER M 78 34.57 -64.59 -75.86
C SER M 78 33.55 -64.43 -74.73
N LYS M 79 33.88 -63.63 -73.72
CA LYS M 79 32.94 -63.36 -72.62
C LYS M 79 32.08 -62.11 -72.86
N ASN M 80 32.27 -61.45 -74.00
CA ASN M 80 31.53 -60.24 -74.34
C ASN M 80 31.54 -59.23 -73.20
N THR M 81 32.72 -59.02 -72.62
CA THR M 81 32.88 -58.18 -71.45
C THR M 81 34.06 -57.23 -71.64
N ALA M 82 33.90 -55.99 -71.19
CA ALA M 82 35.00 -55.02 -71.14
C ALA M 82 35.45 -54.83 -69.70
N TYR M 83 36.70 -54.43 -69.51
CA TYR M 83 37.27 -54.29 -68.18
C TYR M 83 38.00 -52.96 -68.04
N LEU M 84 38.09 -52.48 -66.80
CA LEU M 84 38.96 -51.35 -66.48
C LEU M 84 39.84 -51.77 -65.31
N GLN M 85 41.11 -52.05 -65.60
CA GLN M 85 42.08 -52.34 -64.57
C GLN M 85 42.60 -51.03 -63.98
N MET M 86 42.38 -50.82 -62.69
CA MET M 86 42.78 -49.59 -62.02
C MET M 86 43.93 -49.92 -61.06
N ASN M 87 45.11 -49.39 -61.36
CA ASN M 87 46.29 -49.56 -60.51
C ASN M 87 46.76 -48.22 -59.93
N SER M 88 47.64 -48.29 -58.93
CA SER M 88 48.17 -47.10 -58.27
C SER M 88 47.06 -46.12 -57.91
N LEU M 89 45.99 -46.62 -57.32
CA LEU M 89 44.82 -45.79 -56.99
C LEU M 89 45.18 -44.68 -56.00
N ARG M 90 44.51 -43.54 -56.15
CA ARG M 90 44.67 -42.40 -55.26
C ARG M 90 43.31 -41.98 -54.74
N ALA M 91 43.31 -41.22 -53.64
CA ALA M 91 42.06 -40.74 -53.03
C ALA M 91 41.13 -40.05 -54.03
N GLU M 92 41.72 -39.23 -54.90
CA GLU M 92 40.94 -38.48 -55.90
C GLU M 92 40.35 -39.34 -57.02
N ASP M 93 40.68 -40.62 -57.05
CA ASP M 93 40.01 -41.57 -57.96
C ASP M 93 38.68 -42.05 -57.40
N THR M 94 38.35 -41.66 -56.17
CA THR M 94 37.08 -42.03 -55.56
C THR M 94 35.93 -41.47 -56.40
N ALA M 95 35.06 -42.36 -56.89
CA ALA M 95 33.97 -41.95 -57.77
C ALA M 95 33.05 -43.12 -58.10
N VAL M 96 31.88 -42.81 -58.64
CA VAL M 96 31.02 -43.81 -59.26
C VAL M 96 31.55 -44.00 -60.68
N TYR M 97 31.81 -45.25 -61.04
CA TYR M 97 32.36 -45.57 -62.36
C TYR M 97 31.28 -46.18 -63.26
N TYR M 98 31.08 -45.56 -64.41
CA TYR M 98 30.13 -46.03 -65.41
C TYR M 98 30.84 -46.61 -66.61
N CYS M 99 30.28 -47.67 -67.19
CA CYS M 99 30.67 -48.08 -68.53
C CYS M 99 29.53 -47.78 -69.48
N ALA M 100 29.87 -47.51 -70.75
CA ALA M 100 28.87 -47.13 -71.74
C ALA M 100 29.25 -47.58 -73.14
N ARG M 101 28.24 -47.83 -73.97
CA ARG M 101 28.45 -48.21 -75.35
C ARG M 101 28.50 -46.97 -76.24
N GLY M 102 29.41 -46.99 -77.21
CA GLY M 102 29.56 -45.89 -78.15
C GLY M 102 28.58 -45.93 -79.30
N TYR M 103 28.31 -44.74 -79.83
CA TYR M 103 27.41 -44.51 -80.95
C TYR M 103 28.12 -43.47 -81.81
N TYR M 104 27.48 -42.96 -82.86
CA TYR M 104 28.12 -41.95 -83.72
C TYR M 104 28.88 -40.89 -82.91
N GLY M 105 30.14 -40.66 -83.30
CA GLY M 105 30.95 -39.61 -82.68
C GLY M 105 31.34 -39.89 -81.24
N ALA M 106 31.39 -41.16 -80.86
CA ALA M 106 31.62 -41.55 -79.47
C ALA M 106 30.54 -41.04 -78.52
N ALA M 107 29.38 -40.68 -79.06
CA ALA M 107 28.21 -40.45 -78.23
C ALA M 107 27.92 -41.77 -77.53
N MET M 108 27.42 -41.70 -76.31
CA MET M 108 27.24 -42.90 -75.48
C MET M 108 25.75 -43.18 -75.26
N ASP M 109 25.22 -44.18 -75.98
CA ASP M 109 23.77 -44.40 -76.02
C ASP M 109 23.24 -45.31 -74.91
N TYR M 110 24.00 -46.34 -74.54
CA TYR M 110 23.59 -47.24 -73.47
C TYR M 110 24.62 -47.27 -72.36
N TRP M 111 24.15 -47.20 -71.13
CA TRP M 111 24.99 -47.06 -69.95
C TRP M 111 24.78 -48.15 -68.97
N GLY M 112 25.84 -48.48 -68.25
CA GLY M 112 25.74 -49.39 -67.12
C GLY M 112 25.13 -48.70 -65.91
N GLN M 113 24.90 -49.49 -64.87
CA GLN M 113 24.26 -48.97 -63.66
C GLN M 113 25.18 -48.16 -62.76
N GLY M 114 26.49 -48.20 -63.00
CA GLY M 114 27.44 -47.49 -62.14
C GLY M 114 27.85 -48.32 -60.94
N THR M 115 29.10 -48.20 -60.53
CA THR M 115 29.62 -48.87 -59.33
C THR M 115 30.56 -47.94 -58.58
N LEU M 116 30.44 -47.93 -57.25
CA LEU M 116 31.19 -47.00 -56.41
C LEU M 116 32.56 -47.58 -56.07
N VAL M 117 33.60 -46.80 -56.35
CA VAL M 117 34.96 -47.17 -55.96
C VAL M 117 35.47 -46.11 -54.97
N THR M 118 35.85 -46.56 -53.78
CA THR M 118 36.34 -45.69 -52.73
C THR M 118 37.81 -45.99 -52.46
N VAL M 119 38.65 -44.97 -52.58
CA VAL M 119 40.07 -45.12 -52.32
C VAL M 119 40.41 -44.39 -51.01
N SER M 120 40.82 -45.13 -50.00
CA SER M 120 41.09 -44.57 -48.68
C SER M 120 41.77 -45.56 -47.73
N SER M 121 42.50 -45.02 -46.76
CA SER M 121 43.16 -45.83 -45.72
C SER M 121 42.22 -46.25 -44.61
N ALA M 122 41.03 -45.68 -44.55
CA ALA M 122 40.07 -45.95 -43.47
C ALA M 122 39.57 -47.38 -43.54
N SER M 123 39.32 -47.97 -42.37
CA SER M 123 38.81 -49.34 -42.26
C SER M 123 37.29 -49.35 -42.33
N THR M 124 36.74 -50.44 -42.88
CA THR M 124 35.29 -50.61 -42.94
C THR M 124 34.73 -50.57 -41.54
N LYS M 125 33.65 -49.82 -41.34
CA LYS M 125 33.06 -49.65 -40.02
C LYS M 125 31.56 -49.31 -40.10
N GLY M 126 30.77 -49.93 -39.23
CA GLY M 126 29.36 -49.64 -39.12
C GLY M 126 29.09 -48.34 -38.37
N PRO M 127 27.96 -47.70 -38.66
CA PRO M 127 27.62 -46.43 -38.00
C PRO M 127 27.12 -46.62 -36.58
N SER M 128 27.36 -45.62 -35.74
CA SER M 128 26.63 -45.47 -34.50
C SER M 128 25.44 -44.60 -34.82
N VAL M 129 24.26 -45.01 -34.39
CA VAL M 129 23.03 -44.27 -34.68
C VAL M 129 22.49 -43.62 -33.42
N PHE M 130 22.42 -42.29 -33.43
CA PHE M 130 21.98 -41.53 -32.26
C PHE M 130 20.71 -40.78 -32.59
N PRO M 131 19.79 -40.67 -31.63
CA PRO M 131 18.54 -39.99 -31.89
C PRO M 131 18.70 -38.47 -31.89
N LEU M 132 17.98 -37.80 -32.79
CA LEU M 132 17.80 -36.36 -32.73
C LEU M 132 16.39 -36.13 -32.18
N ALA M 133 16.31 -35.98 -30.86
CA ALA M 133 15.03 -35.93 -30.15
C ALA M 133 14.26 -34.63 -30.44
N PRO M 134 12.94 -34.73 -30.62
CA PRO M 134 12.11 -33.54 -30.79
C PRO M 134 11.90 -32.83 -29.45
N SER M 135 11.83 -31.51 -29.48
CA SER M 135 11.61 -30.78 -28.24
C SER M 135 10.09 -30.71 -27.95
N SER M 136 9.65 -31.34 -26.85
CA SER M 136 8.27 -31.22 -26.25
C SER M 136 7.33 -30.25 -27.01
N LYS M 137 7.46 -28.95 -26.75
CA LYS M 137 6.72 -27.91 -27.50
C LYS M 137 7.43 -27.54 -28.84
N SER M 138 8.71 -27.15 -28.86
CA SER M 138 9.59 -26.71 -27.74
C SER M 138 9.44 -27.29 -26.33
N GLY M 142 1.92 -27.07 -33.64
CA GLY M 142 2.28 -26.90 -35.05
C GLY M 142 3.09 -28.06 -35.57
N THR M 143 4.36 -27.81 -35.90
CA THR M 143 5.22 -28.80 -36.53
C THR M 143 6.46 -29.05 -35.67
N ALA M 144 6.76 -30.33 -35.45
CA ALA M 144 7.96 -30.75 -34.74
C ALA M 144 8.92 -31.43 -35.71
N ALA M 145 10.20 -31.41 -35.37
CA ALA M 145 11.22 -32.08 -36.17
C ALA M 145 11.95 -33.10 -35.31
N LEU M 146 12.26 -34.25 -35.90
CA LEU M 146 13.08 -35.27 -35.26
C LEU M 146 13.92 -35.99 -36.30
N GLY M 147 14.87 -36.80 -35.85
CA GLY M 147 15.75 -37.50 -36.79
C GLY M 147 16.73 -38.48 -36.17
N CYS M 148 17.63 -38.99 -36.99
CA CYS M 148 18.75 -39.81 -36.51
C CYS M 148 20.08 -39.31 -37.06
N LEU M 149 21.08 -39.28 -36.19
CA LEU M 149 22.44 -38.99 -36.59
C LEU M 149 23.12 -40.33 -36.85
N VAL M 150 23.49 -40.56 -38.10
CA VAL M 150 24.19 -41.77 -38.51
C VAL M 150 25.68 -41.44 -38.61
N LYS M 151 26.43 -41.73 -37.54
CA LYS M 151 27.78 -41.19 -37.39
C LYS M 151 28.89 -42.22 -37.53
N ASP M 152 30.00 -41.78 -38.12
CA ASP M 152 31.25 -42.54 -38.16
C ASP M 152 31.12 -43.93 -38.78
N TYR M 153 30.65 -43.97 -40.04
CA TYR M 153 30.62 -45.21 -40.80
C TYR M 153 31.55 -45.10 -41.99
N PHE M 154 31.91 -46.25 -42.54
CA PHE M 154 32.79 -46.30 -43.70
C PHE M 154 32.75 -47.66 -44.38
N PRO M 155 32.75 -47.68 -45.73
CA PRO M 155 32.64 -46.59 -46.68
C PRO M 155 31.18 -46.25 -46.98
N GLU M 156 30.93 -45.44 -47.99
CA GLU M 156 29.57 -45.27 -48.49
C GLU M 156 29.12 -46.58 -49.12
N PRO M 157 27.80 -46.81 -49.25
CA PRO M 157 26.70 -45.98 -48.80
C PRO M 157 25.98 -46.55 -47.57
N VAL M 158 25.09 -45.74 -47.01
CA VAL M 158 24.10 -46.20 -46.05
C VAL M 158 22.72 -45.85 -46.60
N THR M 159 21.73 -46.68 -46.29
CA THR M 159 20.35 -46.36 -46.62
C THR M 159 19.59 -46.13 -45.31
N VAL M 160 18.68 -45.16 -45.32
CA VAL M 160 17.89 -44.83 -44.15
C VAL M 160 16.43 -44.74 -44.56
N SER M 161 15.57 -45.44 -43.82
CA SER M 161 14.13 -45.31 -43.98
C SER M 161 13.49 -45.05 -42.62
N TRP M 162 12.19 -44.75 -42.62
CA TRP M 162 11.46 -44.49 -41.39
C TRP M 162 10.24 -45.36 -41.28
N ASN M 163 10.07 -46.00 -40.11
CA ASN M 163 8.97 -46.92 -39.87
C ASN M 163 8.85 -47.98 -40.96
N SER M 164 9.99 -48.57 -41.29
CA SER M 164 10.12 -49.61 -42.31
C SER M 164 9.52 -49.22 -43.67
N GLY M 165 9.68 -47.96 -44.06
CA GLY M 165 9.16 -47.45 -45.33
C GLY M 165 7.76 -46.85 -45.25
N ALA M 166 7.08 -47.03 -44.12
CA ALA M 166 5.72 -46.50 -43.95
C ALA M 166 5.66 -44.98 -43.91
N LEU M 167 6.75 -44.34 -43.47
CA LEU M 167 6.83 -42.88 -43.37
C LEU M 167 7.84 -42.35 -44.36
N THR M 168 7.36 -41.71 -45.42
CA THR M 168 8.23 -41.09 -46.43
C THR M 168 7.98 -39.60 -46.57
N SER M 169 6.71 -39.19 -46.45
CA SER M 169 6.34 -37.79 -46.53
C SER M 169 7.05 -36.96 -45.46
N GLY M 170 7.76 -35.93 -45.89
CA GLY M 170 8.47 -35.04 -44.97
C GLY M 170 9.88 -35.48 -44.59
N VAL M 171 10.32 -36.63 -45.08
CA VAL M 171 11.64 -37.15 -44.77
C VAL M 171 12.72 -36.47 -45.62
N HIS M 172 13.82 -36.09 -44.98
CA HIS M 172 15.01 -35.58 -45.67
C HIS M 172 16.22 -36.30 -45.15
N THR M 173 16.82 -37.14 -45.99
CA THR M 173 18.07 -37.81 -45.66
C THR M 173 19.20 -37.11 -46.37
N PHE M 174 20.11 -36.52 -45.60
CA PHE M 174 21.13 -35.64 -46.14
C PHE M 174 22.28 -36.42 -46.77
N PRO M 175 22.92 -35.83 -47.80
CA PRO M 175 24.16 -36.41 -48.32
C PRO M 175 25.22 -36.53 -47.24
N ALA M 176 25.96 -37.64 -47.26
CA ALA M 176 27.04 -37.87 -46.29
C ALA M 176 28.11 -36.79 -46.40
N VAL M 177 28.72 -36.48 -45.26
CA VAL M 177 29.86 -35.59 -45.20
C VAL M 177 31.08 -36.42 -44.77
N LEU M 178 32.20 -36.21 -45.45
CA LEU M 178 33.44 -36.90 -45.12
C LEU M 178 34.14 -36.09 -44.05
N GLN M 179 34.34 -36.69 -42.88
CA GLN M 179 34.96 -36.00 -41.75
C GLN M 179 36.48 -36.13 -41.84
N SER M 180 37.19 -35.34 -41.04
CA SER M 180 38.65 -35.35 -41.06
C SER M 180 39.24 -36.68 -40.57
N SER M 181 38.45 -37.45 -39.84
CA SER M 181 38.84 -38.78 -39.42
C SER M 181 38.91 -39.78 -40.59
N GLY M 182 38.30 -39.43 -41.71
CA GLY M 182 38.22 -40.32 -42.86
C GLY M 182 36.92 -41.10 -42.90
N LEU M 183 36.09 -40.93 -41.87
CA LEU M 183 34.81 -41.62 -41.79
C LEU M 183 33.68 -40.71 -42.28
N TYR M 184 32.58 -41.32 -42.68
CA TYR M 184 31.41 -40.59 -43.16
C TYR M 184 30.41 -40.42 -42.04
N SER M 185 29.54 -39.43 -42.22
CA SER M 185 28.50 -39.13 -41.26
C SER M 185 27.36 -38.37 -41.94
N LEU M 186 26.14 -38.70 -41.56
CA LEU M 186 24.95 -37.99 -42.09
C LEU M 186 23.81 -37.99 -41.08
N SER M 187 22.84 -37.13 -41.35
CA SER M 187 21.62 -37.12 -40.57
C SER M 187 20.42 -37.36 -41.49
N SER M 188 19.40 -37.99 -40.93
CA SER M 188 18.11 -38.13 -41.60
C SER M 188 17.07 -37.53 -40.68
N VAL M 189 16.26 -36.63 -41.20
CA VAL M 189 15.26 -35.94 -40.39
C VAL M 189 13.88 -36.05 -41.01
N VAL M 190 12.87 -35.88 -40.18
CA VAL M 190 11.49 -35.84 -40.64
C VAL M 190 10.70 -34.82 -39.81
N THR M 191 9.84 -34.06 -40.51
CA THR M 191 8.94 -33.14 -39.84
C THR M 191 7.57 -33.80 -39.72
N VAL M 192 6.98 -33.69 -38.54
CA VAL M 192 5.69 -34.28 -38.24
C VAL M 192 4.87 -33.30 -37.41
N PRO M 193 3.55 -33.52 -37.32
CA PRO M 193 2.76 -32.67 -36.42
C PRO M 193 3.12 -32.90 -34.95
N SER M 194 3.13 -31.83 -34.17
CA SER M 194 3.49 -31.90 -32.75
C SER M 194 2.58 -32.84 -31.98
N SER M 195 1.29 -32.80 -32.29
CA SER M 195 0.29 -33.63 -31.63
C SER M 195 0.57 -35.12 -31.75
N SER M 196 1.25 -35.52 -32.82
CA SER M 196 1.55 -36.93 -33.07
C SER M 196 2.70 -37.49 -32.20
N LEU M 197 3.48 -36.62 -31.56
CA LEU M 197 4.64 -37.06 -30.77
C LEU M 197 4.28 -38.01 -29.62
N GLY M 198 3.18 -37.70 -28.93
CA GLY M 198 2.67 -38.57 -27.88
C GLY M 198 2.11 -39.89 -28.37
N THR M 199 1.47 -39.86 -29.55
CA THR M 199 0.73 -41.02 -30.07
C THR M 199 1.53 -41.89 -31.05
N GLN M 200 2.12 -41.26 -32.06
CA GLN M 200 2.78 -41.98 -33.14
C GLN M 200 4.23 -42.34 -32.79
N THR M 201 4.61 -43.59 -33.02
CA THR M 201 5.98 -44.07 -32.76
C THR M 201 6.85 -43.92 -34.01
N TYR M 202 8.07 -43.43 -33.80
CA TYR M 202 9.00 -43.12 -34.89
C TYR M 202 10.32 -43.88 -34.75
N ILE M 203 10.62 -44.72 -35.74
CA ILE M 203 11.84 -45.53 -35.74
C ILE M 203 12.57 -45.32 -37.06
N CYS M 204 13.87 -45.03 -36.99
CA CYS M 204 14.69 -44.98 -38.20
C CYS M 204 15.43 -46.27 -38.42
N ASN M 205 15.43 -46.72 -39.67
CA ASN M 205 16.05 -47.99 -40.06
C ASN M 205 17.29 -47.70 -40.87
N VAL M 206 18.46 -47.93 -40.27
CA VAL M 206 19.73 -47.65 -40.91
C VAL M 206 20.36 -48.95 -41.34
N ASN M 207 20.77 -49.00 -42.60
CA ASN M 207 21.37 -50.21 -43.17
C ASN M 207 22.70 -49.89 -43.81
N HIS M 208 23.75 -50.61 -43.40
CA HIS M 208 25.09 -50.40 -43.92
C HIS M 208 25.64 -51.70 -44.44
N LYS M 209 25.38 -51.93 -45.73
CA LYS M 209 25.76 -53.18 -46.39
C LYS M 209 27.25 -53.53 -46.28
N PRO M 210 28.15 -52.55 -46.55
CA PRO M 210 29.59 -52.84 -46.49
C PRO M 210 30.09 -53.45 -45.17
N SER M 211 29.49 -53.10 -44.04
CA SER M 211 29.86 -53.71 -42.76
C SER M 211 28.85 -54.75 -42.32
N ASN M 212 27.83 -54.98 -43.14
CA ASN M 212 26.76 -55.92 -42.83
C ASN M 212 26.09 -55.63 -41.48
N THR M 213 25.94 -54.35 -41.16
CA THR M 213 25.27 -53.95 -39.92
C THR M 213 23.94 -53.29 -40.24
N LYS M 214 22.97 -53.54 -39.36
CA LYS M 214 21.61 -53.05 -39.52
C LYS M 214 21.11 -52.60 -38.16
N VAL M 215 20.60 -51.39 -38.07
CA VAL M 215 20.17 -50.83 -36.80
C VAL M 215 18.84 -50.09 -36.91
N ASP M 216 17.97 -50.37 -35.95
CA ASP M 216 16.69 -49.67 -35.82
C ASP M 216 16.73 -48.88 -34.52
N LYS M 217 16.55 -47.56 -34.63
CA LYS M 217 16.57 -46.71 -33.45
C LYS M 217 15.25 -45.95 -33.30
N LYS M 218 14.61 -46.13 -32.16
CA LYS M 218 13.42 -45.40 -31.84
C LYS M 218 13.76 -44.01 -31.38
N VAL M 219 13.16 -43.00 -32.00
CA VAL M 219 13.39 -41.62 -31.64
C VAL M 219 12.24 -41.10 -30.80
N GLU M 220 12.49 -40.87 -29.51
CA GLU M 220 11.46 -40.43 -28.57
C GLU M 220 11.77 -39.02 -28.07
N PRO M 221 10.72 -38.27 -27.67
CA PRO M 221 10.97 -36.97 -27.04
C PRO M 221 11.62 -37.17 -25.68
N LYS M 222 12.84 -36.67 -25.51
CA LYS M 222 13.63 -36.91 -24.27
C LYS M 222 12.85 -36.65 -22.98
N SER M 223 13.11 -37.46 -21.96
CA SER M 223 12.43 -37.39 -20.66
C SER M 223 13.17 -36.51 -19.67
N CYS M 224 12.43 -35.68 -18.95
CA CYS M 224 13.02 -34.82 -17.93
C CYS M 224 13.22 -35.57 -16.63
N ASP M 225 14.37 -36.24 -16.44
CA ASP M 225 14.58 -37.13 -15.28
C ASP M 225 15.11 -36.35 -14.07
N THR N 6 34.47 -24.63 -61.14
CA THR N 6 34.13 -25.12 -62.51
C THR N 6 34.38 -26.63 -62.69
N GLN N 7 34.71 -27.32 -61.60
CA GLN N 7 34.75 -28.78 -61.58
C GLN N 7 33.35 -29.33 -61.29
N SER N 8 32.50 -28.49 -60.73
CA SER N 8 31.12 -28.81 -60.43
C SER N 8 30.18 -28.13 -61.42
N PRO N 9 28.99 -28.71 -61.68
CA PRO N 9 28.08 -28.10 -62.64
C PRO N 9 27.54 -26.75 -62.21
N SER N 10 27.45 -25.83 -63.15
CA SER N 10 26.81 -24.54 -62.94
C SER N 10 25.33 -24.68 -62.64
N SER N 11 24.76 -23.65 -62.01
CA SER N 11 23.35 -23.67 -61.64
C SER N 11 22.52 -22.70 -62.47
N LEU N 12 21.29 -23.10 -62.81
CA LEU N 12 20.36 -22.24 -63.55
C LEU N 12 18.95 -22.44 -63.00
N SER N 13 18.28 -21.34 -62.67
CA SER N 13 16.92 -21.38 -62.15
C SER N 13 15.94 -21.02 -63.26
N ALA N 14 14.95 -21.88 -63.48
CA ALA N 14 13.98 -21.68 -64.55
C ALA N 14 12.59 -22.14 -64.13
N SER N 15 11.58 -21.66 -64.86
CA SER N 15 10.20 -22.05 -64.63
C SER N 15 9.71 -22.99 -65.72
N VAL N 16 8.68 -23.77 -65.40
CA VAL N 16 8.03 -24.60 -66.41
C VAL N 16 7.52 -23.72 -67.54
N GLY N 17 7.78 -24.14 -68.77
CA GLY N 17 7.37 -23.38 -69.94
C GLY N 17 8.45 -22.45 -70.48
N ASP N 18 9.53 -22.26 -69.72
CA ASP N 18 10.62 -21.38 -70.15
C ASP N 18 11.42 -22.02 -71.27
N ARG N 19 12.06 -21.16 -72.05
CA ARG N 19 13.01 -21.57 -73.07
C ARG N 19 14.42 -21.46 -72.50
N VAL N 20 15.21 -22.52 -72.67
CA VAL N 20 16.54 -22.58 -72.09
C VAL N 20 17.56 -22.98 -73.14
N THR N 21 18.67 -22.23 -73.20
CA THR N 21 19.79 -22.57 -74.09
C THR N 21 21.08 -22.71 -73.29
N ILE N 22 21.66 -23.91 -73.32
CA ILE N 22 22.91 -24.20 -72.62
C ILE N 22 24.06 -24.21 -73.62
N THR N 23 25.14 -23.50 -73.30
CA THR N 23 26.34 -23.48 -74.15
C THR N 23 27.37 -24.46 -73.63
N CYS N 24 28.00 -25.19 -74.55
CA CYS N 24 28.96 -26.23 -74.20
C CYS N 24 30.33 -25.61 -73.89
N ARG N 25 30.90 -25.99 -72.75
CA ARG N 25 32.28 -25.58 -72.39
C ARG N 25 33.13 -26.82 -72.12
N ALA N 26 33.46 -27.53 -73.18
CA ALA N 26 34.37 -28.67 -73.13
C ALA N 26 35.70 -28.34 -73.82
N SER N 27 36.05 -27.06 -73.87
CA SER N 27 37.25 -26.56 -74.57
C SER N 27 37.40 -27.25 -75.94
N GLN N 28 36.35 -27.13 -76.73
CA GLN N 28 36.19 -27.89 -77.97
C GLN N 28 36.80 -27.17 -79.18
N SER N 29 36.76 -27.82 -80.33
CA SER N 29 37.18 -27.22 -81.59
C SER N 29 36.09 -27.37 -82.64
N VAL N 30 36.31 -26.79 -83.81
CA VAL N 30 35.43 -27.10 -84.89
C VAL N 30 35.55 -28.69 -84.96
N SER N 31 35.76 -29.46 -83.86
CA SER N 31 35.78 -30.97 -83.86
C SER N 31 34.42 -31.53 -84.22
N SER N 32 33.42 -30.90 -83.60
CA SER N 32 32.01 -31.04 -84.05
C SER N 32 31.29 -32.36 -83.74
N ALA N 33 31.98 -33.31 -83.11
CA ALA N 33 31.39 -34.58 -82.76
C ALA N 33 31.03 -34.33 -81.32
N VAL N 34 29.94 -33.59 -81.19
CA VAL N 34 29.44 -33.15 -79.90
C VAL N 34 28.15 -33.88 -79.58
N ALA N 35 28.02 -34.31 -78.32
CA ALA N 35 26.81 -34.96 -77.84
C ALA N 35 26.30 -34.25 -76.61
N TRP N 36 25.03 -34.47 -76.29
CA TRP N 36 24.39 -33.88 -75.11
C TRP N 36 23.69 -34.93 -74.29
N TYR N 37 23.76 -34.78 -72.97
CA TYR N 37 23.19 -35.75 -72.05
C TYR N 37 22.34 -35.09 -70.97
N GLN N 38 21.39 -35.86 -70.44
CA GLN N 38 20.61 -35.47 -69.29
C GLN N 38 20.91 -36.44 -68.17
N GLN N 39 21.13 -35.93 -66.97
CA GLN N 39 21.33 -36.81 -65.82
C GLN N 39 20.48 -36.35 -64.65
N LYS N 40 19.80 -37.31 -64.03
CA LYS N 40 19.06 -37.08 -62.81
C LYS N 40 19.78 -37.78 -61.65
N PRO N 41 19.56 -37.31 -60.42
CA PRO N 41 20.24 -37.90 -59.25
C PRO N 41 20.09 -39.43 -59.13
N GLY N 42 21.20 -40.10 -58.85
CA GLY N 42 21.20 -41.55 -58.64
C GLY N 42 21.01 -42.38 -59.90
N LYS N 43 21.10 -41.74 -61.06
CA LYS N 43 20.84 -42.41 -62.34
C LYS N 43 21.98 -42.14 -63.33
N ALA N 44 22.14 -43.08 -64.27
CA ALA N 44 23.11 -42.91 -65.36
C ALA N 44 22.62 -41.83 -66.31
N PRO N 45 23.54 -41.15 -67.01
CA PRO N 45 23.13 -40.17 -68.02
C PRO N 45 22.35 -40.78 -69.18
N LYS N 46 21.51 -39.96 -69.80
CA LYS N 46 20.72 -40.35 -70.98
C LYS N 46 21.15 -39.51 -72.16
N LEU N 47 21.37 -40.15 -73.30
CA LEU N 47 21.74 -39.44 -74.53
C LEU N 47 20.55 -38.67 -75.09
N LEU N 48 20.77 -37.40 -75.39
CA LEU N 48 19.74 -36.50 -75.96
C LEU N 48 20.04 -36.20 -77.41
N ILE N 49 21.23 -35.67 -77.67
CA ILE N 49 21.65 -35.25 -79.00
C ILE N 49 22.99 -35.88 -79.34
N TYR N 50 23.19 -36.20 -80.62
CA TYR N 50 24.49 -36.66 -81.12
C TYR N 50 24.84 -35.92 -82.40
N SER N 51 26.12 -35.98 -82.77
CA SER N 51 26.63 -35.27 -83.94
C SER N 51 26.16 -33.81 -83.97
N ALA N 52 26.29 -33.14 -82.83
CA ALA N 52 25.97 -31.71 -82.71
C ALA N 52 24.47 -31.42 -82.67
N SER N 53 23.72 -31.92 -83.66
CA SER N 53 22.33 -31.50 -83.84
C SER N 53 21.30 -32.62 -84.10
N SER N 54 21.72 -33.88 -84.10
CA SER N 54 20.80 -34.97 -84.39
C SER N 54 20.08 -35.42 -83.12
N LEU N 55 18.74 -35.46 -83.18
CA LEU N 55 17.92 -35.89 -82.07
C LEU N 55 17.96 -37.41 -81.94
N TYR N 56 18.37 -37.91 -80.76
CA TYR N 56 18.46 -39.34 -80.54
C TYR N 56 17.07 -39.96 -80.46
N SER N 57 16.97 -41.20 -80.91
CA SER N 57 15.70 -41.95 -80.95
C SER N 57 15.00 -41.91 -79.60
N GLY N 58 13.71 -41.55 -79.62
CA GLY N 58 12.89 -41.55 -78.42
C GLY N 58 12.91 -40.25 -77.62
N VAL N 59 13.85 -39.36 -77.93
CA VAL N 59 13.96 -38.09 -77.21
C VAL N 59 12.94 -37.09 -77.76
N PRO N 60 12.19 -36.42 -76.87
CA PRO N 60 11.18 -35.42 -77.28
C PRO N 60 11.74 -34.34 -78.20
N SER N 61 10.89 -33.83 -79.09
CA SER N 61 11.32 -32.87 -80.11
C SER N 61 11.61 -31.47 -79.57
N ARG N 62 11.20 -31.18 -78.34
CA ARG N 62 11.50 -29.89 -77.70
C ARG N 62 13.01 -29.71 -77.42
N PHE N 63 13.75 -30.82 -77.39
CA PHE N 63 15.21 -30.78 -77.31
C PHE N 63 15.79 -30.63 -78.69
N SER N 64 16.71 -29.67 -78.85
CA SER N 64 17.42 -29.49 -80.10
C SER N 64 18.85 -29.06 -79.84
N GLY N 65 19.74 -29.45 -80.74
CA GLY N 65 21.15 -29.09 -80.65
C GLY N 65 21.56 -28.27 -81.85
N SER N 66 22.51 -27.38 -81.67
CA SER N 66 22.95 -26.49 -82.74
C SER N 66 24.43 -26.17 -82.63
N ARG N 67 25.04 -25.90 -83.76
CA ARG N 67 26.45 -25.55 -83.84
C ARG N 67 26.60 -24.21 -84.55
N SER N 68 27.31 -23.28 -83.93
CA SER N 68 27.61 -22.01 -84.54
C SER N 68 29.11 -21.71 -84.39
N GLY N 69 29.87 -22.02 -85.43
CA GLY N 69 31.32 -21.90 -85.40
C GLY N 69 31.91 -22.85 -84.38
N THR N 70 32.52 -22.27 -83.34
CA THR N 70 33.14 -23.05 -82.27
C THR N 70 32.18 -23.29 -81.10
N ASP N 71 31.00 -22.66 -81.14
CA ASP N 71 30.04 -22.69 -80.04
C ASP N 71 28.93 -23.72 -80.29
N PHE N 72 28.83 -24.69 -79.39
CA PHE N 72 27.83 -25.73 -79.46
C PHE N 72 26.77 -25.50 -78.40
N THR N 73 25.51 -25.72 -78.78
CA THR N 73 24.40 -25.26 -77.98
C THR N 73 23.30 -26.32 -77.89
N LEU N 74 22.68 -26.43 -76.72
CA LEU N 74 21.49 -27.27 -76.52
C LEU N 74 20.35 -26.36 -76.13
N THR N 75 19.23 -26.47 -76.83
CA THR N 75 18.04 -25.69 -76.50
C THR N 75 16.86 -26.59 -76.14
N ILE N 76 16.18 -26.24 -75.05
CA ILE N 76 14.90 -26.84 -74.69
C ILE N 76 13.84 -25.77 -74.92
N SER N 77 13.04 -25.94 -75.97
CA SER N 77 12.08 -24.90 -76.40
C SER N 77 11.04 -24.56 -75.35
N SER N 78 10.58 -25.56 -74.59
CA SER N 78 9.61 -25.33 -73.53
C SER N 78 9.83 -26.32 -72.37
N LEU N 79 10.38 -25.81 -71.28
CA LEU N 79 10.75 -26.65 -70.14
C LEU N 79 9.53 -27.37 -69.55
N GLN N 80 9.64 -28.68 -69.38
CA GLN N 80 8.61 -29.50 -68.76
C GLN N 80 9.07 -29.92 -67.36
N PRO N 81 8.14 -30.35 -66.48
CA PRO N 81 8.51 -30.75 -65.11
C PRO N 81 9.59 -31.82 -65.06
N GLU N 82 9.54 -32.76 -65.99
CA GLU N 82 10.51 -33.87 -66.04
C GLU N 82 11.89 -33.44 -66.57
N ASP N 83 11.98 -32.23 -67.12
CA ASP N 83 13.24 -31.73 -67.71
C ASP N 83 14.19 -31.13 -66.69
N PHE N 84 13.72 -30.91 -65.46
CA PHE N 84 14.59 -30.38 -64.44
C PHE N 84 15.60 -31.43 -64.00
N ALA N 85 16.85 -31.21 -64.40
CA ALA N 85 17.92 -32.18 -64.22
C ALA N 85 19.24 -31.49 -64.56
N THR N 86 20.32 -32.26 -64.59
CA THR N 86 21.62 -31.73 -64.98
C THR N 86 21.91 -32.11 -66.42
N TYR N 87 22.50 -31.18 -67.16
CA TYR N 87 22.80 -31.38 -68.57
C TYR N 87 24.29 -31.22 -68.85
N TYR N 88 24.86 -32.17 -69.59
CA TYR N 88 26.27 -32.16 -69.96
C TYR N 88 26.42 -32.25 -71.46
N CYS N 89 27.39 -31.53 -72.00
CA CYS N 89 27.83 -31.76 -73.35
C CYS N 89 29.09 -32.63 -73.33
N GLN N 90 29.34 -33.30 -74.44
CA GLN N 90 30.54 -34.09 -74.62
C GLN N 90 31.17 -33.70 -75.95
N GLN N 91 32.48 -33.52 -75.95
CA GLN N 91 33.23 -33.24 -77.18
C GLN N 91 34.24 -34.36 -77.42
N SER N 92 34.15 -34.99 -78.59
CA SER N 92 35.09 -36.05 -78.99
C SER N 92 36.04 -35.52 -80.04
N SER N 93 37.34 -35.59 -79.75
CA SER N 93 38.37 -35.20 -80.70
C SER N 93 38.93 -36.45 -81.35
N SER N 94 40.10 -36.35 -81.96
CA SER N 94 40.72 -37.48 -82.64
C SER N 94 41.36 -38.48 -81.67
N SER N 95 41.58 -38.08 -80.42
CA SER N 95 42.20 -38.97 -79.44
C SER N 95 41.73 -38.75 -78.01
N LEU N 96 40.60 -38.08 -77.82
CA LEU N 96 40.22 -37.61 -76.51
C LEU N 96 38.72 -37.35 -76.47
N ILE N 97 38.09 -37.64 -75.32
CA ILE N 97 36.71 -37.23 -75.06
C ILE N 97 36.72 -36.33 -73.84
N THR N 98 36.02 -35.19 -73.94
CA THR N 98 35.92 -34.25 -72.84
C THR N 98 34.46 -33.93 -72.57
N PHE N 99 34.05 -34.08 -71.31
CA PHE N 99 32.75 -33.62 -70.87
C PHE N 99 32.87 -32.20 -70.34
N GLY N 100 31.85 -31.38 -70.59
CA GLY N 100 31.84 -30.00 -70.14
C GLY N 100 31.43 -29.91 -68.69
N GLN N 101 31.57 -28.71 -68.13
CA GLN N 101 31.22 -28.44 -66.75
C GLN N 101 29.79 -28.90 -66.43
N GLY N 102 28.86 -28.59 -67.32
CA GLY N 102 27.47 -29.01 -67.14
C GLY N 102 26.63 -27.98 -66.42
N THR N 103 25.33 -27.99 -66.68
CA THR N 103 24.39 -27.06 -66.08
C THR N 103 23.30 -27.83 -65.37
N LYS N 104 23.07 -27.46 -64.11
CA LYS N 104 22.00 -28.05 -63.32
C LYS N 104 20.81 -27.11 -63.36
N VAL N 105 19.74 -27.54 -64.01
CA VAL N 105 18.54 -26.72 -64.13
C VAL N 105 17.59 -26.99 -62.96
N GLU N 106 17.38 -25.99 -62.11
CA GLU N 106 16.54 -26.10 -60.94
C GLU N 106 15.25 -25.28 -61.09
N ILE N 107 14.23 -25.64 -60.31
CA ILE N 107 12.90 -25.05 -60.45
C ILE N 107 12.85 -23.73 -59.71
N LYS N 108 12.38 -22.69 -60.39
CA LYS N 108 12.15 -21.39 -59.78
C LYS N 108 10.89 -21.48 -58.92
N ARG N 109 10.85 -20.67 -57.87
CA ARG N 109 9.85 -20.83 -56.82
C ARG N 109 9.79 -19.57 -55.96
N THR N 110 8.66 -19.34 -55.30
CA THR N 110 8.55 -18.22 -54.37
C THR N 110 9.44 -18.45 -53.17
N VAL N 111 9.83 -17.35 -52.54
CA VAL N 111 10.71 -17.42 -51.37
C VAL N 111 10.00 -18.10 -50.21
N ALA N 112 10.70 -19.03 -49.57
CA ALA N 112 10.15 -19.76 -48.43
C ALA N 112 11.17 -19.73 -47.30
N ALA N 113 10.76 -19.18 -46.15
CA ALA N 113 11.62 -19.15 -44.98
C ALA N 113 11.79 -20.56 -44.42
N PRO N 114 12.97 -20.86 -43.87
CA PRO N 114 13.19 -22.16 -43.23
C PRO N 114 12.58 -22.26 -41.84
N SER N 115 12.02 -23.42 -41.53
CA SER N 115 11.76 -23.80 -40.15
C SER N 115 13.10 -24.24 -39.56
N VAL N 116 13.45 -23.69 -38.41
CA VAL N 116 14.74 -23.99 -37.79
C VAL N 116 14.55 -24.83 -36.53
N PHE N 117 15.39 -25.86 -36.37
CA PHE N 117 15.36 -26.74 -35.22
C PHE N 117 16.78 -27.00 -34.74
N ILE N 118 16.95 -27.13 -33.43
CA ILE N 118 18.24 -27.47 -32.85
C ILE N 118 18.12 -28.75 -32.03
N PHE N 119 19.15 -29.59 -32.12
CA PHE N 119 19.16 -30.88 -31.44
C PHE N 119 20.42 -31.00 -30.59
N PRO N 120 20.26 -31.09 -29.26
CA PRO N 120 21.43 -31.34 -28.44
C PRO N 120 21.91 -32.78 -28.62
N PRO N 121 23.16 -33.07 -28.21
CA PRO N 121 23.65 -34.44 -28.31
C PRO N 121 22.90 -35.37 -27.37
N SER N 122 22.69 -36.61 -27.80
CA SER N 122 22.02 -37.62 -26.98
C SER N 122 22.95 -38.07 -25.86
N ASP N 123 22.37 -38.61 -24.80
CA ASP N 123 23.15 -39.20 -23.71
C ASP N 123 23.95 -40.39 -24.20
N SER N 124 23.36 -41.13 -25.14
CA SER N 124 24.03 -42.26 -25.77
C SER N 124 25.37 -41.86 -26.41
N GLN N 125 25.39 -40.75 -27.13
CA GLN N 125 26.62 -40.26 -27.76
C GLN N 125 27.62 -39.74 -26.73
N LEU N 126 27.12 -38.98 -25.76
CA LEU N 126 27.97 -38.46 -24.69
C LEU N 126 28.75 -39.57 -23.98
N LYS N 127 28.12 -40.74 -23.82
CA LYS N 127 28.81 -41.91 -23.27
C LYS N 127 30.03 -42.30 -24.11
N SER N 128 29.86 -42.30 -25.43
CA SER N 128 30.91 -42.74 -26.35
C SER N 128 32.11 -41.80 -26.41
N GLY N 129 31.99 -40.58 -25.87
CA GLY N 129 33.12 -39.65 -25.74
C GLY N 129 33.10 -38.45 -26.68
N THR N 130 32.11 -38.39 -27.56
CA THR N 130 31.95 -37.25 -28.47
C THR N 130 30.58 -36.60 -28.30
N ALA N 131 30.43 -35.40 -28.88
CA ALA N 131 29.20 -34.63 -28.79
C ALA N 131 28.90 -33.90 -30.10
N SER N 132 27.79 -34.27 -30.74
CA SER N 132 27.37 -33.63 -31.98
C SER N 132 26.10 -32.83 -31.73
N VAL N 133 26.13 -31.55 -32.09
CA VAL N 133 24.97 -30.69 -31.99
C VAL N 133 24.49 -30.40 -33.40
N VAL N 134 23.25 -30.75 -33.71
CA VAL N 134 22.70 -30.61 -35.06
C VAL N 134 21.70 -29.46 -35.15
N CYS N 135 21.86 -28.64 -36.18
CA CYS N 135 20.93 -27.54 -36.45
C CYS N 135 20.30 -27.79 -37.81
N LEU N 136 18.97 -27.88 -37.85
CA LEU N 136 18.24 -28.22 -39.07
C LEU N 136 17.49 -27.01 -39.62
N LEU N 137 17.72 -26.72 -40.91
CA LEU N 137 16.95 -25.72 -41.65
C LEU N 137 16.05 -26.48 -42.62
N ASN N 138 14.74 -26.41 -42.43
CA ASN N 138 13.82 -27.25 -43.15
C ASN N 138 12.98 -26.51 -44.18
N ASN N 139 12.91 -27.09 -45.39
CA ASN N 139 12.00 -26.65 -46.45
C ASN N 139 12.03 -25.15 -46.74
N PHE N 140 13.14 -24.69 -47.32
CA PHE N 140 13.31 -23.27 -47.65
C PHE N 140 13.72 -23.06 -49.10
N TYR N 141 13.57 -21.83 -49.56
CA TYR N 141 13.98 -21.42 -50.89
C TYR N 141 14.23 -19.91 -50.89
N PRO N 142 15.31 -19.45 -51.55
CA PRO N 142 16.27 -20.19 -52.36
C PRO N 142 17.31 -20.94 -51.52
N ARG N 143 18.16 -21.68 -52.22
CA ARG N 143 19.19 -22.52 -51.62
C ARG N 143 20.17 -21.77 -50.71
N GLU N 144 20.45 -20.51 -51.04
CA GLU N 144 21.46 -19.74 -50.33
C GLU N 144 21.03 -19.41 -48.90
N ALA N 145 21.63 -20.10 -47.93
CA ALA N 145 21.37 -19.86 -46.50
C ALA N 145 22.69 -19.71 -45.74
N LYS N 146 22.66 -19.02 -44.60
CA LYS N 146 23.84 -18.83 -43.76
C LYS N 146 23.52 -19.32 -42.35
N VAL N 147 24.31 -20.28 -41.86
CA VAL N 147 24.13 -20.86 -40.53
C VAL N 147 25.40 -20.68 -39.71
N GLN N 148 25.32 -19.89 -38.64
CA GLN N 148 26.48 -19.56 -37.81
C GLN N 148 26.26 -20.12 -36.41
N TRP N 149 27.30 -20.71 -35.83
CA TRP N 149 27.23 -21.31 -34.50
C TRP N 149 27.76 -20.38 -33.44
N LYS N 150 27.11 -20.38 -32.28
CA LYS N 150 27.54 -19.62 -31.11
C LYS N 150 27.63 -20.54 -29.91
N VAL N 151 28.74 -20.50 -29.18
CA VAL N 151 28.91 -21.26 -27.95
C VAL N 151 29.34 -20.29 -26.85
N ASP N 152 28.49 -20.14 -25.84
CA ASP N 152 28.69 -19.15 -24.78
C ASP N 152 28.98 -17.78 -25.37
N ASN N 153 28.21 -17.41 -26.39
CA ASN N 153 28.36 -16.09 -27.03
C ASN N 153 29.59 -15.94 -27.95
N ALA N 154 30.34 -17.02 -28.16
CA ALA N 154 31.51 -16.98 -29.03
C ALA N 154 31.14 -17.55 -30.38
N LEU N 155 31.22 -16.72 -31.43
CA LEU N 155 30.98 -17.19 -32.79
C LEU N 155 32.00 -18.25 -33.16
N GLN N 156 31.55 -19.36 -33.73
CA GLN N 156 32.41 -20.48 -34.07
C GLN N 156 32.70 -20.55 -35.56
N SER N 157 33.82 -21.17 -35.90
CA SER N 157 34.14 -21.50 -37.29
C SER N 157 35.19 -22.61 -37.30
N GLY N 158 34.95 -23.63 -38.13
CA GLY N 158 35.90 -24.72 -38.30
C GLY N 158 35.53 -26.01 -37.63
N ASN N 159 34.60 -25.95 -36.68
CA ASN N 159 34.17 -27.16 -35.95
C ASN N 159 32.76 -27.61 -36.33
N SER N 160 32.31 -27.21 -37.52
CA SER N 160 31.02 -27.62 -38.04
C SER N 160 31.06 -27.90 -39.53
N GLN N 161 30.16 -28.77 -39.99
CA GLN N 161 30.06 -29.12 -41.40
C GLN N 161 28.59 -29.10 -41.83
N GLU N 162 28.37 -28.63 -43.06
CA GLU N 162 27.01 -28.51 -43.60
C GLU N 162 26.74 -29.57 -44.65
N SER N 163 25.46 -29.89 -44.83
CA SER N 163 25.00 -30.76 -45.91
C SER N 163 23.64 -30.26 -46.38
N VAL N 164 23.44 -30.21 -47.69
CA VAL N 164 22.20 -29.72 -48.29
C VAL N 164 21.56 -30.82 -49.12
N THR N 165 20.24 -30.94 -49.02
CA THR N 165 19.52 -31.91 -49.84
C THR N 165 19.35 -31.44 -51.27
N GLU N 166 18.96 -32.36 -52.12
CA GLU N 166 18.56 -32.05 -53.48
C GLU N 166 17.20 -31.35 -53.43
N GLN N 167 16.91 -30.53 -54.44
CA GLN N 167 15.63 -29.83 -54.51
C GLN N 167 14.48 -30.84 -54.44
N ASP N 168 13.51 -30.59 -53.56
CA ASP N 168 12.42 -31.52 -53.32
C ASP N 168 11.45 -31.55 -54.51
N SER N 169 11.05 -32.75 -54.90
CA SER N 169 10.16 -32.93 -56.07
C SER N 169 8.74 -32.40 -55.83
N LYS N 170 8.27 -32.47 -54.58
CA LYS N 170 6.90 -32.06 -54.26
C LYS N 170 6.74 -30.54 -54.18
N ASP N 171 7.57 -29.89 -53.35
CA ASP N 171 7.42 -28.46 -53.06
C ASP N 171 8.60 -27.58 -53.50
N SER N 172 9.58 -28.18 -54.17
CA SER N 172 10.72 -27.44 -54.75
C SER N 172 11.60 -26.70 -53.74
N THR N 173 11.59 -27.15 -52.49
CA THR N 173 12.38 -26.51 -51.44
C THR N 173 13.64 -27.30 -51.16
N TYR N 174 14.57 -26.65 -50.47
CA TYR N 174 15.78 -27.29 -50.00
C TYR N 174 15.72 -27.43 -48.48
N SER N 175 16.51 -28.36 -47.97
CA SER N 175 16.72 -28.48 -46.54
C SER N 175 18.22 -28.59 -46.29
N LEU N 176 18.66 -28.11 -45.13
CA LEU N 176 20.07 -28.07 -44.81
C LEU N 176 20.31 -28.48 -43.36
N SER N 177 21.40 -29.21 -43.14
CA SER N 177 21.83 -29.59 -41.78
C SER N 177 23.22 -29.02 -41.53
N SER N 178 23.43 -28.50 -40.33
CA SER N 178 24.74 -28.08 -39.88
C SER N 178 25.03 -28.83 -38.58
N THR N 179 26.19 -29.46 -38.50
CA THR N 179 26.54 -30.28 -37.33
C THR N 179 27.81 -29.75 -36.68
N LEU N 180 27.67 -29.21 -35.48
CA LEU N 180 28.79 -28.80 -34.64
C LEU N 180 29.30 -30.02 -33.89
N THR N 181 30.59 -30.32 -34.01
CA THR N 181 31.18 -31.49 -33.36
C THR N 181 32.26 -31.06 -32.38
N LEU N 182 32.12 -31.51 -31.14
CA LEU N 182 33.11 -31.30 -30.09
C LEU N 182 33.39 -32.62 -29.38
N SER N 183 34.47 -32.66 -28.61
CA SER N 183 34.72 -33.76 -27.68
C SER N 183 33.79 -33.61 -26.49
N LYS N 184 33.57 -34.70 -25.76
CA LYS N 184 32.73 -34.67 -24.56
C LYS N 184 33.27 -33.61 -23.61
N ALA N 185 34.58 -33.64 -23.36
CA ALA N 185 35.23 -32.69 -22.46
C ALA N 185 34.90 -31.25 -22.82
N ASP N 186 35.08 -30.89 -24.09
CA ASP N 186 34.82 -29.53 -24.56
C ASP N 186 33.34 -29.16 -24.47
N TYR N 187 32.46 -30.11 -24.79
CA TYR N 187 31.04 -29.89 -24.65
C TYR N 187 30.66 -29.53 -23.22
N GLU N 188 31.26 -30.23 -22.24
CA GLU N 188 30.98 -30.00 -20.83
C GLU N 188 31.49 -28.63 -20.34
N LYS N 189 32.50 -28.07 -20.99
CA LYS N 189 33.05 -26.77 -20.60
C LYS N 189 32.11 -25.57 -20.86
N HIS N 190 31.07 -25.75 -21.66
CA HIS N 190 30.21 -24.64 -22.08
C HIS N 190 28.75 -24.89 -21.82
N LYS N 191 28.00 -23.81 -21.61
CA LYS N 191 26.60 -23.91 -21.20
C LYS N 191 25.62 -23.71 -22.36
N VAL N 192 25.71 -22.56 -23.03
CA VAL N 192 24.70 -22.18 -24.04
C VAL N 192 25.17 -22.47 -25.47
N TYR N 193 24.38 -23.26 -26.19
CA TYR N 193 24.64 -23.61 -27.58
C TYR N 193 23.53 -23.09 -28.48
N ALA N 194 23.91 -22.35 -29.52
CA ALA N 194 22.96 -21.70 -30.41
C ALA N 194 23.41 -21.73 -31.86
N CYS N 195 22.46 -21.89 -32.78
CA CYS N 195 22.73 -21.68 -34.21
C CYS N 195 21.87 -20.52 -34.71
N GLU N 196 22.51 -19.57 -35.39
CA GLU N 196 21.84 -18.40 -35.93
C GLU N 196 21.69 -18.57 -37.43
N VAL N 197 20.46 -18.45 -37.92
CA VAL N 197 20.16 -18.64 -39.34
C VAL N 197 19.72 -17.33 -39.97
N THR N 198 20.41 -16.91 -41.03
CA THR N 198 19.98 -15.77 -41.83
C THR N 198 19.63 -16.26 -43.23
N HIS N 199 18.54 -15.71 -43.79
CA HIS N 199 18.01 -16.16 -45.07
C HIS N 199 17.09 -15.12 -45.65
N GLN N 200 16.98 -15.12 -46.98
CA GLN N 200 16.18 -14.14 -47.71
C GLN N 200 14.74 -14.00 -47.21
N GLY N 201 14.10 -15.13 -46.92
CA GLY N 201 12.72 -15.15 -46.44
C GLY N 201 12.57 -14.81 -44.96
N LEU N 202 13.68 -14.45 -44.32
CA LEU N 202 13.69 -14.03 -42.92
C LEU N 202 14.02 -12.53 -42.84
N SER N 203 13.06 -11.74 -42.35
CA SER N 203 13.28 -10.30 -42.16
C SER N 203 14.39 -10.04 -41.14
N SER N 204 14.51 -10.92 -40.14
CA SER N 204 15.60 -10.88 -39.17
C SER N 204 16.18 -12.28 -38.97
N PRO N 205 17.43 -12.37 -38.52
CA PRO N 205 18.04 -13.66 -38.24
C PRO N 205 17.34 -14.41 -37.12
N VAL N 206 17.11 -15.70 -37.32
CA VAL N 206 16.46 -16.55 -36.32
C VAL N 206 17.50 -17.38 -35.56
N THR N 207 17.39 -17.38 -34.23
CA THR N 207 18.29 -18.16 -33.38
C THR N 207 17.52 -19.22 -32.62
N LYS N 208 17.96 -20.47 -32.73
CA LYS N 208 17.51 -21.53 -31.86
C LYS N 208 18.66 -21.93 -30.96
N SER N 209 18.36 -22.13 -29.68
CA SER N 209 19.39 -22.41 -28.69
C SER N 209 18.87 -23.29 -27.55
N PHE N 210 19.80 -23.91 -26.84
CA PHE N 210 19.50 -24.64 -25.62
C PHE N 210 20.64 -24.46 -24.64
N ASN N 211 20.37 -24.76 -23.38
CA ASN N 211 21.41 -24.77 -22.36
C ASN N 211 21.71 -26.21 -22.01
N ARG N 212 22.99 -26.54 -21.90
CA ARG N 212 23.41 -27.89 -21.63
C ARG N 212 22.93 -28.35 -20.25
N GLY N 213 22.30 -29.50 -20.22
CA GLY N 213 21.87 -30.07 -18.95
C GLY N 213 20.46 -29.70 -18.55
N GLU N 214 19.80 -28.86 -19.34
CA GLU N 214 18.36 -28.63 -19.18
C GLU N 214 17.57 -29.50 -20.15
N CYS N 215 16.31 -29.76 -19.82
CA CYS N 215 15.43 -30.55 -20.67
C CYS N 215 14.99 -29.75 -21.90
N SER O 3 19.00 45.39 5.37
CA SER O 3 18.84 43.96 5.81
C SER O 3 18.38 43.10 4.65
N GLU O 4 19.10 42.01 4.38
CA GLU O 4 18.80 41.15 3.24
C GLU O 4 17.86 40.00 3.62
N VAL O 5 16.87 39.73 2.76
CA VAL O 5 15.85 38.72 3.02
C VAL O 5 16.41 37.29 2.92
N GLN O 6 16.18 36.49 3.97
CA GLN O 6 16.68 35.12 4.13
C GLN O 6 15.64 34.19 4.77
N LEU O 7 15.50 32.95 4.27
CA LEU O 7 14.71 31.93 4.95
C LEU O 7 15.61 30.72 5.20
N VAL O 8 15.87 30.42 6.47
CA VAL O 8 16.73 29.30 6.84
C VAL O 8 15.89 28.18 7.47
N GLU O 9 15.93 27.02 6.85
CA GLU O 9 15.16 25.86 7.32
C GLU O 9 15.98 25.00 8.28
N SER O 10 15.29 24.40 9.25
CA SER O 10 15.92 23.48 10.21
C SER O 10 15.06 22.25 10.38
N GLY O 11 15.67 21.20 10.94
CA GLY O 11 14.98 19.94 11.16
C GLY O 11 14.97 19.08 9.91
N GLY O 12 14.26 17.97 9.97
CA GLY O 12 14.16 17.02 8.86
C GLY O 12 14.91 15.75 9.19
N GLY O 13 15.04 14.88 8.20
CA GLY O 13 15.80 13.64 8.32
C GLY O 13 14.94 12.40 8.17
N LEU O 14 15.34 11.34 8.88
CA LEU O 14 14.70 10.05 8.76
C LEU O 14 13.63 9.90 9.84
N VAL O 15 12.44 9.43 9.46
CA VAL O 15 11.34 9.20 10.40
C VAL O 15 10.52 7.99 9.96
N GLN O 16 9.99 7.23 10.91
CA GLN O 16 9.22 6.02 10.60
C GLN O 16 7.78 6.33 10.24
N PRO O 17 7.13 5.45 9.46
CA PRO O 17 5.71 5.63 9.14
C PRO O 17 4.86 5.75 10.40
N GLY O 18 3.90 6.67 10.39
CA GLY O 18 3.09 6.96 11.56
C GLY O 18 3.73 7.97 12.51
N GLY O 19 4.97 8.34 12.24
CA GLY O 19 5.75 9.20 13.14
C GLY O 19 5.46 10.68 12.96
N SER O 20 6.10 11.47 13.81
CA SER O 20 5.89 12.92 13.85
C SER O 20 7.22 13.66 13.72
N LEU O 21 7.19 14.80 13.04
CA LEU O 21 8.38 15.57 12.77
C LEU O 21 8.01 17.02 12.53
N ARG O 22 8.81 17.95 13.04
CA ARG O 22 8.56 19.38 12.82
C ARG O 22 9.69 20.06 12.07
N LEU O 23 9.34 20.76 10.99
CA LEU O 23 10.30 21.56 10.23
C LEU O 23 10.17 23.02 10.67
N SER O 24 11.31 23.74 10.65
CA SER O 24 11.35 25.15 11.01
C SER O 24 11.78 25.98 9.81
N CYS O 25 11.31 27.22 9.78
CA CYS O 25 11.65 28.16 8.72
C CYS O 25 11.89 29.52 9.35
N ALA O 26 13.15 29.79 9.70
CA ALA O 26 13.53 31.03 10.38
C ALA O 26 13.71 32.16 9.37
N ALA O 27 12.98 33.24 9.56
CA ALA O 27 12.99 34.37 8.63
C ALA O 27 13.86 35.50 9.14
N SER O 28 14.51 36.20 8.23
CA SER O 28 15.19 37.46 8.53
C SER O 28 15.12 38.37 7.31
N GLY O 29 15.19 39.67 7.56
CA GLY O 29 15.03 40.67 6.50
C GLY O 29 13.59 41.09 6.29
N PHE O 30 12.64 40.40 6.94
CA PHE O 30 11.23 40.76 6.88
C PHE O 30 10.47 40.16 8.06
N ASN O 31 9.31 40.74 8.35
CA ASN O 31 8.50 40.33 9.49
C ASN O 31 7.47 39.27 9.08
N VAL O 32 7.56 38.08 9.68
CA VAL O 32 6.66 36.98 9.35
C VAL O 32 5.21 37.30 9.71
N SER O 33 5.01 38.16 10.70
CA SER O 33 3.66 38.54 11.14
C SER O 33 2.92 39.44 10.14
N TYR O 34 3.66 40.06 9.21
CA TYR O 34 3.06 40.88 8.15
C TYR O 34 3.33 40.29 6.77
N SER O 35 3.61 39.00 6.71
CA SER O 35 3.88 38.30 5.46
C SER O 35 3.19 36.96 5.46
N SER O 36 3.26 36.26 4.32
CA SER O 36 2.75 34.90 4.22
C SER O 36 3.90 33.93 4.01
N ILE O 37 3.80 32.78 4.67
CA ILE O 37 4.78 31.71 4.50
C ILE O 37 4.08 30.49 3.92
N HIS O 38 4.78 29.80 3.02
CA HIS O 38 4.22 28.66 2.31
C HIS O 38 5.18 27.51 2.35
N TRP O 39 4.65 26.30 2.49
CA TRP O 39 5.45 25.09 2.40
C TRP O 39 5.15 24.38 1.11
N VAL O 40 6.20 24.07 0.36
CA VAL O 40 6.12 23.33 -0.89
C VAL O 40 7.12 22.19 -0.85
N ARG O 41 6.72 21.02 -1.32
CA ARG O 41 7.60 19.85 -1.30
C ARG O 41 7.81 19.27 -2.69
N GLN O 42 8.88 18.50 -2.82
CA GLN O 42 9.26 17.89 -4.08
C GLN O 42 9.86 16.51 -3.85
N ALA O 43 9.11 15.49 -4.26
CA ALA O 43 9.61 14.12 -4.19
C ALA O 43 10.69 13.92 -5.25
N PRO O 44 11.67 13.02 -4.99
CA PRO O 44 12.76 12.80 -5.94
C PRO O 44 12.28 12.58 -7.38
N GLY O 45 12.78 13.40 -8.31
CA GLY O 45 12.42 13.29 -9.72
C GLY O 45 11.00 13.68 -10.07
N LYS O 46 10.28 14.29 -9.13
CA LYS O 46 8.87 14.65 -9.31
C LYS O 46 8.72 16.16 -9.30
N GLY O 47 7.51 16.62 -9.57
CA GLY O 47 7.22 18.04 -9.63
C GLY O 47 7.03 18.68 -8.26
N LEU O 48 6.84 19.99 -8.26
CA LEU O 48 6.53 20.74 -7.04
C LEU O 48 5.11 20.41 -6.57
N GLU O 49 4.95 20.26 -5.26
CA GLU O 49 3.63 20.07 -4.67
C GLU O 49 3.45 21.01 -3.48
N TRP O 50 2.42 21.85 -3.56
CA TRP O 50 2.05 22.73 -2.46
C TRP O 50 1.52 21.95 -1.31
N VAL O 51 1.95 22.31 -0.10
CA VAL O 51 1.57 21.59 1.11
C VAL O 51 0.66 22.43 2.01
N ALA O 52 1.08 23.66 2.32
CA ALA O 52 0.36 24.51 3.24
C ALA O 52 0.76 25.98 3.14
N SER O 53 -0.12 26.86 3.62
CA SER O 53 0.14 28.29 3.63
C SER O 53 -0.38 28.91 4.93
N ILE O 54 0.29 29.96 5.41
CA ILE O 54 -0.16 30.68 6.61
C ILE O 54 -0.11 32.20 6.40
N TYR O 55 -1.16 32.88 6.86
CA TYR O 55 -1.24 34.33 6.83
C TYR O 55 -1.51 34.83 8.25
N SER O 56 -0.44 35.02 9.02
CA SER O 56 -0.56 35.30 10.45
C SER O 56 -1.39 36.52 10.78
N TYR O 57 -1.29 37.57 9.98
CA TYR O 57 -2.01 38.81 10.23
C TYR O 57 -3.52 38.58 10.30
N TYR O 58 -4.04 37.76 9.38
CA TYR O 58 -5.47 37.45 9.34
C TYR O 58 -5.86 36.21 10.12
N GLY O 59 -4.87 35.36 10.43
CA GLY O 59 -5.13 34.11 11.14
C GLY O 59 -5.68 33.02 10.25
N TYR O 60 -5.42 33.12 8.94
CA TYR O 60 -5.85 32.11 7.99
C TYR O 60 -4.76 31.09 7.71
N THR O 61 -5.14 29.82 7.66
CA THR O 61 -4.24 28.76 7.23
C THR O 61 -4.95 27.90 6.19
N TYR O 62 -4.19 27.40 5.22
CA TYR O 62 -4.73 26.57 4.15
C TYR O 62 -3.85 25.34 3.95
N TYR O 63 -4.47 24.23 3.54
CA TYR O 63 -3.77 22.94 3.42
C TYR O 63 -4.15 22.22 2.14
N ALA O 64 -3.20 21.48 1.58
CA ALA O 64 -3.48 20.60 0.45
C ALA O 64 -4.28 19.40 0.97
N ASP O 65 -5.14 18.86 0.14
CA ASP O 65 -5.98 17.71 0.54
C ASP O 65 -5.13 16.50 0.96
N SER O 66 -4.00 16.31 0.30
CA SER O 66 -3.13 15.16 0.59
C SER O 66 -2.52 15.18 2.00
N VAL O 67 -2.51 16.35 2.65
CA VAL O 67 -1.93 16.47 4.00
C VAL O 67 -2.93 16.95 5.05
N LYS O 68 -4.16 17.24 4.65
CA LYS O 68 -5.16 17.81 5.55
C LYS O 68 -5.44 16.86 6.71
N GLY O 69 -5.50 17.42 7.92
CA GLY O 69 -5.74 16.63 9.14
C GLY O 69 -4.51 15.94 9.70
N ARG O 70 -3.41 15.99 8.98
CA ARG O 70 -2.16 15.36 9.40
C ARG O 70 -1.06 16.38 9.65
N PHE O 71 -1.00 17.40 8.81
CA PHE O 71 0.03 18.45 8.91
C PHE O 71 -0.58 19.72 9.48
N THR O 72 0.22 20.48 10.23
CA THR O 72 -0.21 21.77 10.74
C THR O 72 0.88 22.82 10.50
N ILE O 73 0.48 23.93 9.90
CA ILE O 73 1.36 25.07 9.67
C ILE O 73 1.10 26.11 10.76
N SER O 74 2.15 26.75 11.23
CA SER O 74 2.03 27.74 12.30
C SER O 74 3.19 28.73 12.27
N ALA O 75 3.12 29.75 13.12
CA ALA O 75 4.15 30.78 13.17
C ALA O 75 4.33 31.34 14.57
N ASP O 76 5.58 31.55 14.97
CA ASP O 76 5.92 32.22 16.23
C ASP O 76 6.41 33.63 15.90
N THR O 77 5.55 34.61 16.12
CA THR O 77 5.86 36.01 15.84
C THR O 77 7.14 36.49 16.52
N SER O 78 7.30 36.15 17.81
CA SER O 78 8.44 36.61 18.59
C SER O 78 9.78 36.06 18.08
N LYS O 79 9.78 34.82 17.61
CA LYS O 79 10.98 34.21 17.03
C LYS O 79 11.09 34.40 15.51
N ASN O 80 10.11 35.09 14.92
CA ASN O 80 10.07 35.32 13.48
C ASN O 80 10.31 34.04 12.68
N THR O 81 9.64 32.98 13.09
CA THR O 81 9.82 31.65 12.51
C THR O 81 8.47 31.01 12.20
N ALA O 82 8.40 30.32 11.06
CA ALA O 82 7.23 29.51 10.70
C ALA O 82 7.58 28.03 10.88
N TYR O 83 6.56 27.22 11.12
CA TYR O 83 6.77 25.79 11.35
C TYR O 83 5.81 24.96 10.51
N LEU O 84 6.21 23.73 10.23
CA LEU O 84 5.32 22.73 9.66
C LEU O 84 5.39 21.48 10.53
N GLN O 85 4.35 21.25 11.33
CA GLN O 85 4.25 20.04 12.12
C GLN O 85 3.69 18.93 11.24
N MET O 86 4.46 17.87 11.06
CA MET O 86 4.07 16.75 10.21
C MET O 86 3.80 15.52 11.08
N ASN O 87 2.55 15.10 11.13
CA ASN O 87 2.14 13.91 11.89
C ASN O 87 1.61 12.82 10.97
N SER O 88 1.48 11.61 11.52
CA SER O 88 1.00 10.46 10.76
C SER O 88 1.69 10.35 9.42
N LEU O 89 3.02 10.47 9.41
CA LEU O 89 3.79 10.45 8.17
C LEU O 89 3.64 9.13 7.43
N ARG O 90 3.68 9.20 6.10
CA ARG O 90 3.61 8.03 5.24
C ARG O 90 4.79 8.06 4.27
N ALA O 91 5.11 6.91 3.69
CA ALA O 91 6.21 6.78 2.74
C ALA O 91 6.16 7.83 1.63
N GLU O 92 4.96 8.07 1.11
CA GLU O 92 4.77 9.03 -0.01
C GLU O 92 4.95 10.50 0.40
N ASP O 93 5.13 10.77 1.69
CA ASP O 93 5.51 12.12 2.15
C ASP O 93 7.01 12.36 2.01
N THR O 94 7.76 11.34 1.60
CA THR O 94 9.20 11.50 1.40
C THR O 94 9.45 12.54 0.31
N ALA O 95 10.19 13.59 0.66
CA ALA O 95 10.42 14.68 -0.26
C ALA O 95 11.38 15.72 0.33
N VAL O 96 11.89 16.60 -0.53
CA VAL O 96 12.59 17.80 -0.08
C VAL O 96 11.52 18.83 0.22
N TYR O 97 11.55 19.39 1.43
CA TYR O 97 10.56 20.37 1.86
C TYR O 97 11.12 21.79 1.83
N TYR O 98 10.47 22.66 1.09
CA TYR O 98 10.85 24.07 0.99
C TYR O 98 9.86 24.95 1.74
N CYS O 99 10.35 26.01 2.36
CA CYS O 99 9.49 27.09 2.81
C CYS O 99 9.76 28.30 1.91
N ALA O 100 8.75 29.13 1.73
CA ALA O 100 8.86 30.29 0.85
C ALA O 100 8.00 31.46 1.32
N ARG O 101 8.44 32.68 1.02
CA ARG O 101 7.67 33.88 1.33
C ARG O 101 6.73 34.22 0.19
N GLY O 102 5.52 34.66 0.55
CA GLY O 102 4.53 35.05 -0.43
C GLY O 102 4.68 36.48 -0.94
N TYR O 103 4.21 36.69 -2.16
CA TYR O 103 4.22 37.97 -2.85
C TYR O 103 2.84 38.07 -3.51
N TYR O 104 2.62 39.08 -4.35
CA TYR O 104 1.32 39.24 -5.03
C TYR O 104 0.78 37.91 -5.55
N GLY O 105 -0.48 37.60 -5.22
CA GLY O 105 -1.16 36.41 -5.72
C GLY O 105 -0.62 35.09 -5.17
N ALA O 106 0.00 35.13 -4.00
CA ALA O 106 0.69 33.98 -3.44
C ALA O 106 1.84 33.48 -4.31
N ALA O 107 2.34 34.34 -5.20
CA ALA O 107 3.61 34.07 -5.87
C ALA O 107 4.67 34.00 -4.78
N MET O 108 5.67 33.16 -4.96
CA MET O 108 6.66 32.91 -3.92
C MET O 108 8.02 33.45 -4.34
N ASP O 109 8.41 34.58 -3.76
CA ASP O 109 9.59 35.32 -4.24
C ASP O 109 10.91 34.88 -3.60
N TYR O 110 10.88 34.54 -2.31
CA TYR O 110 12.08 34.10 -1.60
C TYR O 110 11.87 32.73 -1.02
N TRP O 111 12.87 31.87 -1.20
CA TRP O 111 12.78 30.47 -0.84
C TRP O 111 13.85 30.06 0.12
N GLY O 112 13.53 29.09 0.96
CA GLY O 112 14.52 28.45 1.80
C GLY O 112 15.40 27.48 1.02
N GLN O 113 16.40 26.94 1.70
CA GLN O 113 17.34 26.03 1.05
C GLN O 113 16.82 24.62 0.83
N GLY O 114 15.70 24.25 1.44
CA GLY O 114 15.15 22.90 1.31
C GLY O 114 15.76 21.96 2.32
N THR O 115 14.95 21.02 2.81
CA THR O 115 15.42 19.99 3.75
C THR O 115 14.78 18.66 3.42
N LEU O 116 15.56 17.58 3.46
CA LEU O 116 15.09 16.27 3.04
C LEU O 116 14.42 15.55 4.19
N VAL O 117 13.20 15.09 3.97
CA VAL O 117 12.49 14.25 4.92
C VAL O 117 12.27 12.89 4.29
N THR O 118 12.78 11.84 4.94
CA THR O 118 12.64 10.47 4.45
C THR O 118 11.76 9.69 5.41
N VAL O 119 10.65 9.16 4.90
CA VAL O 119 9.73 8.37 5.72
C VAL O 119 9.86 6.91 5.33
N SER O 120 10.33 6.08 6.26
CA SER O 120 10.62 4.67 5.97
C SER O 120 10.93 3.88 7.24
N SER O 121 10.68 2.57 7.17
CA SER O 121 10.98 1.65 8.27
C SER O 121 12.45 1.22 8.29
N ALA O 122 13.17 1.51 7.21
CA ALA O 122 14.56 1.10 7.08
C ALA O 122 15.45 1.80 8.12
N SER O 123 16.44 1.07 8.60
CA SER O 123 17.39 1.59 9.58
C SER O 123 18.53 2.30 8.86
N THR O 124 19.09 3.30 9.51
CA THR O 124 20.26 3.99 8.99
C THR O 124 21.39 2.98 8.79
N LYS O 125 22.04 3.02 7.64
CA LYS O 125 23.08 2.05 7.31
C LYS O 125 24.09 2.61 6.32
N GLY O 126 25.36 2.32 6.57
CA GLY O 126 26.43 2.71 5.67
C GLY O 126 26.52 1.80 4.47
N PRO O 127 27.05 2.30 3.34
CA PRO O 127 27.15 1.50 2.13
C PRO O 127 28.29 0.51 2.18
N SER O 128 28.12 -0.60 1.49
CA SER O 128 29.23 -1.47 1.12
C SER O 128 29.71 -0.97 -0.24
N VAL O 129 31.03 -0.76 -0.38
CA VAL O 129 31.58 -0.25 -1.62
C VAL O 129 32.36 -1.34 -2.33
N PHE O 130 31.92 -1.67 -3.55
CA PHE O 130 32.53 -2.74 -4.33
C PHE O 130 33.12 -2.17 -5.61
N PRO O 131 34.26 -2.71 -6.04
CA PRO O 131 34.90 -2.18 -7.24
C PRO O 131 34.21 -2.68 -8.50
N LEU O 132 34.12 -1.81 -9.50
CA LEU O 132 33.75 -2.19 -10.85
C LEU O 132 35.04 -2.20 -11.66
N ALA O 133 35.67 -3.37 -11.73
CA ALA O 133 36.99 -3.51 -12.30
C ALA O 133 36.99 -3.33 -13.81
N PRO O 134 38.00 -2.62 -14.34
CA PRO O 134 38.14 -2.52 -15.79
C PRO O 134 38.61 -3.84 -16.38
N SER O 135 38.03 -4.22 -17.51
CA SER O 135 38.11 -5.61 -17.96
C SER O 135 39.32 -5.80 -18.88
N SER O 136 39.61 -7.07 -19.17
CA SER O 136 40.72 -7.40 -20.07
C SER O 136 40.53 -6.95 -21.53
N LYS O 137 39.29 -6.84 -22.03
CA LYS O 137 38.98 -6.51 -23.42
C LYS O 137 38.28 -5.16 -23.47
N SER O 138 38.97 -4.14 -22.96
CA SER O 138 38.42 -2.79 -22.97
C SER O 138 38.57 -2.13 -24.34
N THR O 139 39.27 -2.83 -25.24
CA THR O 139 40.04 -2.27 -26.36
C THR O 139 41.42 -2.03 -25.77
N SER O 140 42.47 -2.32 -26.53
CA SER O 140 43.83 -2.20 -26.02
C SER O 140 44.53 -1.02 -26.70
N GLY O 141 44.49 0.11 -26.00
CA GLY O 141 45.05 1.35 -26.49
C GLY O 141 43.93 2.30 -26.89
N GLY O 142 42.69 2.05 -26.44
CA GLY O 142 41.61 3.04 -26.55
C GLY O 142 41.13 3.50 -25.17
N THR O 143 39.88 3.21 -24.85
CA THR O 143 39.24 3.72 -23.63
C THR O 143 38.76 2.57 -22.75
N ALA O 144 39.09 2.64 -21.46
CA ALA O 144 38.60 1.71 -20.47
C ALA O 144 37.62 2.39 -19.53
N ALA O 145 36.73 1.60 -18.94
CA ALA O 145 35.78 2.12 -17.95
C ALA O 145 35.96 1.37 -16.64
N LEU O 146 35.88 2.10 -15.53
CA LEU O 146 35.92 1.51 -14.20
C LEU O 146 35.02 2.31 -13.27
N GLY O 147 34.76 1.79 -12.08
CA GLY O 147 33.89 2.48 -11.14
C GLY O 147 33.76 1.83 -9.78
N CYS O 148 32.84 2.35 -8.97
CA CYS O 148 32.48 1.74 -7.69
C CYS O 148 30.97 1.57 -7.57
N LEU O 149 30.57 0.42 -7.05
CA LEU O 149 29.18 0.17 -6.71
C LEU O 149 29.01 0.51 -5.24
N VAL O 150 28.22 1.55 -4.96
CA VAL O 150 27.92 1.95 -3.60
C VAL O 150 26.57 1.38 -3.22
N LYS O 151 26.57 0.24 -2.53
CA LYS O 151 25.37 -0.58 -2.38
C LYS O 151 24.79 -0.60 -0.97
N ASP O 152 23.47 -0.63 -0.90
CA ASP O 152 22.73 -0.88 0.35
C ASP O 152 23.05 0.11 1.46
N TYR O 153 22.84 1.40 1.20
CA TYR O 153 22.96 2.43 2.22
C TYR O 153 21.62 3.08 2.46
N PHE O 154 21.49 3.74 3.61
CA PHE O 154 20.25 4.42 3.96
C PHE O 154 20.46 5.42 5.09
N PRO O 155 19.80 6.59 5.02
CA PRO O 155 19.01 7.16 3.92
C PRO O 155 19.91 7.90 2.93
N GLU O 156 19.32 8.66 2.02
CA GLU O 156 20.10 9.58 1.20
C GLU O 156 20.65 10.69 2.11
N PRO O 157 21.74 11.37 1.69
CA PRO O 157 22.51 11.19 0.47
C PRO O 157 23.87 10.57 0.73
N VAL O 158 24.57 10.22 -0.35
CA VAL O 158 25.99 9.91 -0.32
C VAL O 158 26.69 10.81 -1.31
N THR O 159 27.96 11.12 -1.05
CA THR O 159 28.80 11.84 -2.01
C THR O 159 29.94 10.93 -2.44
N VAL O 160 30.30 11.02 -3.72
CA VAL O 160 31.39 10.23 -4.28
C VAL O 160 32.34 11.11 -5.07
N SER O 161 33.63 10.98 -4.79
CA SER O 161 34.66 11.64 -5.59
C SER O 161 35.73 10.62 -5.98
N TRP O 162 36.66 11.03 -6.83
CA TRP O 162 37.73 10.16 -7.32
C TRP O 162 39.08 10.79 -7.11
N ASN O 163 40.01 10.02 -6.53
CA ASN O 163 41.35 10.49 -6.19
C ASN O 163 41.30 11.81 -5.40
N SER O 164 40.45 11.82 -4.39
CA SER O 164 40.25 12.97 -3.50
C SER O 164 39.93 14.28 -4.22
N GLY O 165 39.16 14.18 -5.31
CA GLY O 165 38.78 15.36 -6.11
C GLY O 165 39.71 15.65 -7.28
N ALA O 166 40.86 14.98 -7.34
CA ALA O 166 41.85 15.21 -8.41
C ALA O 166 41.35 14.75 -9.78
N LEU O 167 40.46 13.76 -9.80
CA LEU O 167 39.90 13.24 -11.05
C LEU O 167 38.41 13.55 -11.14
N THR O 168 38.05 14.47 -12.01
CA THR O 168 36.65 14.83 -12.25
C THR O 168 36.24 14.63 -13.71
N SER O 169 37.15 14.91 -14.63
CA SER O 169 36.91 14.73 -16.05
C SER O 169 36.55 13.27 -16.36
N GLY O 170 35.39 13.07 -17.00
CA GLY O 170 34.93 11.73 -17.39
C GLY O 170 34.13 10.99 -16.33
N VAL O 171 33.97 11.59 -15.15
CA VAL O 171 33.24 10.94 -14.07
C VAL O 171 31.74 11.08 -14.25
N HIS O 172 31.02 9.99 -14.00
CA HIS O 172 29.57 10.00 -13.94
C HIS O 172 29.12 9.29 -12.69
N THR O 173 28.56 10.05 -11.75
CA THR O 173 27.98 9.48 -10.54
C THR O 173 26.46 9.48 -10.67
N PHE O 174 25.89 8.29 -10.69
CA PHE O 174 24.48 8.14 -11.03
C PHE O 174 23.56 8.45 -9.86
N PRO O 175 22.35 8.95 -10.16
CA PRO O 175 21.33 9.10 -9.11
C PRO O 175 21.04 7.77 -8.42
N ALA O 176 20.84 7.82 -7.11
CA ALA O 176 20.53 6.63 -6.33
C ALA O 176 19.22 6.00 -6.81
N VAL O 177 19.16 4.68 -6.69
CA VAL O 177 17.93 3.94 -6.95
C VAL O 177 17.46 3.31 -5.65
N LEU O 178 16.16 3.40 -5.37
CA LEU O 178 15.58 2.78 -4.18
C LEU O 178 15.23 1.34 -4.50
N GLN O 179 15.86 0.41 -3.80
CA GLN O 179 15.64 -1.01 -4.03
C GLN O 179 14.43 -1.50 -3.24
N SER O 180 13.97 -2.72 -3.56
CA SER O 180 12.80 -3.28 -2.89
C SER O 180 13.05 -3.58 -1.41
N SER O 181 14.32 -3.69 -1.02
CA SER O 181 14.70 -3.84 0.37
C SER O 181 14.45 -2.57 1.20
N GLY O 182 14.28 -1.44 0.52
CA GLY O 182 14.11 -0.15 1.19
C GLY O 182 15.42 0.62 1.29
N LEU O 183 16.51 0.01 0.85
CA LEU O 183 17.83 0.63 0.87
C LEU O 183 18.16 1.25 -0.48
N TYR O 184 19.07 2.22 -0.47
CA TYR O 184 19.50 2.89 -1.68
C TYR O 184 20.77 2.28 -2.23
N SER O 185 21.01 2.50 -3.50
CA SER O 185 22.19 1.97 -4.18
C SER O 185 22.50 2.81 -5.41
N LEU O 186 23.78 3.03 -5.67
CA LEU O 186 24.21 3.75 -6.86
C LEU O 186 25.59 3.32 -7.31
N SER O 187 25.92 3.67 -8.55
CA SER O 187 27.25 3.45 -9.07
C SER O 187 27.87 4.77 -9.50
N SER O 188 29.19 4.86 -9.37
CA SER O 188 29.96 5.98 -9.91
C SER O 188 31.00 5.39 -10.83
N VAL O 189 31.07 5.90 -12.06
CA VAL O 189 31.98 5.37 -13.06
C VAL O 189 32.84 6.48 -13.65
N VAL O 190 33.99 6.10 -14.20
CA VAL O 190 34.84 7.01 -14.92
C VAL O 190 35.50 6.31 -16.11
N THR O 191 35.58 7.00 -17.23
CA THR O 191 36.28 6.50 -18.40
C THR O 191 37.68 7.10 -18.43
N VAL O 192 38.67 6.26 -18.70
CA VAL O 192 40.07 6.67 -18.74
C VAL O 192 40.75 5.96 -19.91
N PRO O 193 41.93 6.45 -20.32
CA PRO O 193 42.69 5.72 -21.33
C PRO O 193 43.18 4.36 -20.83
N SER O 194 43.15 3.35 -21.69
CA SER O 194 43.56 1.99 -21.34
C SER O 194 45.01 1.94 -20.85
N SER O 195 45.87 2.69 -21.52
CA SER O 195 47.29 2.74 -21.18
C SER O 195 47.55 3.17 -19.73
N SER O 196 46.65 3.97 -19.17
CA SER O 196 46.82 4.49 -17.81
C SER O 196 46.53 3.45 -16.72
N LEU O 197 45.89 2.34 -17.07
CA LEU O 197 45.48 1.33 -16.08
C LEU O 197 46.66 0.74 -15.30
N GLY O 198 47.76 0.47 -16.00
CA GLY O 198 48.98 -0.01 -15.36
C GLY O 198 49.68 1.03 -14.50
N THR O 199 49.64 2.29 -14.93
CA THR O 199 50.41 3.38 -14.30
C THR O 199 49.62 4.19 -13.26
N GLN O 200 48.44 4.66 -13.64
CA GLN O 200 47.65 5.57 -12.80
C GLN O 200 46.80 4.79 -11.79
N THR O 201 46.87 5.22 -10.53
CA THR O 201 46.09 4.61 -9.44
C THR O 201 44.72 5.32 -9.28
N TYR O 202 43.67 4.52 -9.14
CA TYR O 202 42.30 5.03 -9.08
C TYR O 202 41.59 4.61 -7.79
N ILE O 203 41.17 5.60 -7.00
CA ILE O 203 40.50 5.37 -5.73
C ILE O 203 39.21 6.18 -5.68
N CYS O 204 38.10 5.53 -5.35
CA CYS O 204 36.85 6.26 -5.14
C CYS O 204 36.62 6.55 -3.65
N ASN O 205 36.19 7.78 -3.37
CA ASN O 205 35.97 8.22 -2.00
C ASN O 205 34.48 8.38 -1.77
N VAL O 206 33.92 7.47 -0.98
CA VAL O 206 32.50 7.46 -0.69
C VAL O 206 32.28 7.98 0.72
N ASN O 207 31.36 8.93 0.85
CA ASN O 207 31.05 9.54 2.15
C ASN O 207 29.55 9.48 2.42
N HIS O 208 29.19 8.93 3.58
CA HIS O 208 27.79 8.80 3.99
C HIS O 208 27.61 9.41 5.34
N LYS O 209 27.27 10.70 5.33
CA LYS O 209 27.11 11.49 6.56
C LYS O 209 26.11 10.88 7.56
N PRO O 210 24.90 10.49 7.11
CA PRO O 210 23.89 9.96 8.03
C PRO O 210 24.35 8.79 8.91
N SER O 211 25.25 7.95 8.41
CA SER O 211 25.81 6.86 9.21
C SER O 211 27.22 7.16 9.69
N ASN O 212 27.71 8.35 9.36
CA ASN O 212 29.06 8.77 9.72
C ASN O 212 30.13 7.79 9.26
N THR O 213 29.93 7.19 8.10
CA THR O 213 30.90 6.25 7.53
C THR O 213 31.56 6.86 6.30
N LYS O 214 32.84 6.54 6.12
CA LYS O 214 33.66 7.08 5.06
C LYS O 214 34.54 5.94 4.55
N VAL O 215 34.51 5.69 3.24
CA VAL O 215 35.22 4.56 2.65
C VAL O 215 35.99 4.98 1.41
N ASP O 216 37.25 4.56 1.34
CA ASP O 216 38.09 4.74 0.15
C ASP O 216 38.39 3.37 -0.43
N LYS O 217 38.01 3.14 -1.69
CA LYS O 217 38.24 1.85 -2.33
C LYS O 217 39.09 2.03 -3.59
N LYS O 218 40.22 1.33 -3.62
CA LYS O 218 41.09 1.31 -4.78
C LYS O 218 40.51 0.36 -5.81
N VAL O 219 40.29 0.85 -7.03
CA VAL O 219 39.76 0.03 -8.11
C VAL O 219 40.89 -0.41 -9.02
N GLU O 220 41.19 -1.71 -9.01
CA GLU O 220 42.27 -2.29 -9.80
C GLU O 220 41.74 -3.25 -10.86
N PRO O 221 42.49 -3.41 -11.96
CA PRO O 221 42.10 -4.41 -12.95
C PRO O 221 42.29 -5.81 -12.37
N LYS O 222 41.20 -6.56 -12.24
CA LYS O 222 41.21 -7.87 -11.56
C LYS O 222 42.30 -8.84 -12.11
N SER O 223 42.85 -9.66 -11.23
CA SER O 223 43.95 -10.57 -11.68
C SER O 223 43.70 -11.46 -12.90
N CYS O 224 42.62 -12.24 -12.88
CA CYS O 224 42.01 -12.74 -14.11
C CYS O 224 42.86 -13.87 -14.80
N ASP O 225 43.58 -14.64 -13.99
CA ASP O 225 44.54 -15.60 -14.54
C ASP O 225 45.20 -15.12 -15.83
N THR P 6 2.24 11.92 -15.51
CA THR P 6 1.95 13.38 -15.35
C THR P 6 2.20 13.89 -13.92
N GLN P 7 2.78 13.04 -13.06
CA GLN P 7 3.29 13.47 -11.76
C GLN P 7 4.71 14.01 -11.92
N SER P 8 5.36 13.64 -13.02
CA SER P 8 6.70 14.09 -13.35
C SER P 8 6.65 15.14 -14.48
N PRO P 9 7.63 16.04 -14.53
CA PRO P 9 7.59 17.09 -15.57
C PRO P 9 7.75 16.54 -16.99
N SER P 10 6.99 17.11 -17.92
CA SER P 10 7.18 16.85 -19.36
C SER P 10 8.53 17.23 -19.85
N SER P 11 8.94 16.65 -20.97
CA SER P 11 10.22 16.97 -21.58
C SER P 11 10.06 17.74 -22.89
N LEU P 12 10.96 18.70 -23.13
CA LEU P 12 10.97 19.49 -24.35
C LEU P 12 12.40 19.73 -24.81
N SER P 13 12.67 19.43 -26.07
CA SER P 13 14.01 19.61 -26.62
C SER P 13 14.06 20.88 -27.47
N ALA P 14 15.03 21.75 -27.18
CA ALA P 14 15.17 23.02 -27.88
C ALA P 14 16.63 23.41 -28.11
N SER P 15 16.86 24.32 -29.04
CA SER P 15 18.19 24.85 -29.33
C SER P 15 18.32 26.28 -28.81
N VAL P 16 19.55 26.71 -28.57
CA VAL P 16 19.82 28.08 -28.18
C VAL P 16 19.32 29.02 -29.29
N GLY P 17 18.59 30.07 -28.89
CA GLY P 17 17.99 31.00 -29.83
C GLY P 17 16.54 30.69 -30.19
N ASP P 18 16.05 29.51 -29.81
CA ASP P 18 14.68 29.12 -30.12
C ASP P 18 13.67 29.87 -29.26
N ARG P 19 12.46 29.98 -29.79
CA ARG P 19 11.34 30.54 -29.06
C ARG P 19 10.54 29.40 -28.47
N VAL P 20 10.21 29.50 -27.19
CA VAL P 20 9.51 28.44 -26.48
C VAL P 20 8.30 28.99 -25.72
N THR P 21 7.15 28.31 -25.87
CA THR P 21 5.94 28.68 -25.14
C THR P 21 5.41 27.48 -24.35
N ILE P 22 5.36 27.62 -23.04
CA ILE P 22 4.86 26.57 -22.16
C ILE P 22 3.46 26.91 -21.69
N THR P 23 2.54 25.96 -21.79
CA THR P 23 1.16 26.14 -21.34
C THR P 23 0.99 25.55 -19.95
N CYS P 24 0.28 26.27 -19.10
CA CYS P 24 0.09 25.88 -17.71
C CYS P 24 -1.00 24.83 -17.60
N ARG P 25 -0.71 23.72 -16.90
CA ARG P 25 -1.73 22.68 -16.61
C ARG P 25 -1.80 22.46 -15.10
N ALA P 26 -2.37 23.43 -14.40
CA ALA P 26 -2.64 23.34 -12.96
C ALA P 26 -4.14 23.23 -12.70
N SER P 27 -4.89 22.72 -13.68
CA SER P 27 -6.37 22.64 -13.61
C SER P 27 -6.97 23.94 -13.06
N GLN P 28 -6.63 25.03 -13.72
CA GLN P 28 -6.90 26.39 -13.23
C GLN P 28 -8.27 26.91 -13.68
N SER P 29 -8.61 28.12 -13.23
CA SER P 29 -9.81 28.82 -13.68
C SER P 29 -9.47 30.22 -14.21
N VAL P 30 -10.48 30.95 -14.65
CA VAL P 30 -10.33 32.35 -15.12
C VAL P 30 -9.93 33.30 -13.98
N SER P 31 -10.39 33.01 -12.78
CA SER P 31 -10.15 33.86 -11.60
C SER P 31 -8.69 33.80 -11.15
N SER P 32 -8.06 32.64 -11.38
CA SER P 32 -6.74 32.33 -10.84
C SER P 32 -5.68 33.43 -10.98
N ALA P 33 -4.92 33.63 -9.90
CA ALA P 33 -3.68 34.37 -9.94
C ALA P 33 -2.54 33.40 -10.22
N VAL P 34 -1.83 33.59 -11.33
CA VAL P 34 -0.88 32.60 -11.83
C VAL P 34 0.56 33.12 -11.75
N ALA P 35 1.48 32.26 -11.34
CA ALA P 35 2.90 32.58 -11.27
C ALA P 35 3.71 31.53 -12.03
N TRP P 36 4.94 31.89 -12.40
CA TRP P 36 5.85 30.98 -13.12
C TRP P 36 7.19 30.92 -12.46
N TYR P 37 7.79 29.73 -12.45
CA TYR P 37 9.08 29.51 -11.78
C TYR P 37 10.05 28.78 -12.68
N GLN P 38 11.33 28.99 -12.41
CA GLN P 38 12.42 28.23 -13.02
C GLN P 38 13.12 27.44 -11.92
N GLN P 39 13.41 26.17 -12.18
CA GLN P 39 14.19 25.37 -11.23
C GLN P 39 15.29 24.61 -11.94
N LYS P 40 16.49 24.68 -11.36
CA LYS P 40 17.63 23.90 -11.83
C LYS P 40 17.94 22.81 -10.80
N PRO P 41 18.61 21.72 -11.23
CA PRO P 41 18.91 20.61 -10.33
C PRO P 41 19.61 21.02 -9.04
N GLY P 42 19.13 20.49 -7.91
CA GLY P 42 19.74 20.74 -6.59
C GLY P 42 19.52 22.13 -6.02
N LYS P 43 18.61 22.90 -6.64
CA LYS P 43 18.38 24.28 -6.26
C LYS P 43 16.90 24.57 -6.03
N ALA P 44 16.61 25.56 -5.21
CA ALA P 44 15.23 26.02 -4.99
C ALA P 44 14.72 26.75 -6.23
N PRO P 45 13.39 26.73 -6.46
CA PRO P 45 12.83 27.46 -7.59
C PRO P 45 13.04 28.98 -7.51
N LYS P 46 13.07 29.62 -8.67
CA LYS P 46 13.18 31.08 -8.78
C LYS P 46 11.91 31.64 -9.43
N LEU P 47 11.36 32.70 -8.84
CA LEU P 47 10.18 33.36 -9.39
C LEU P 47 10.52 34.12 -10.66
N LEU P 48 9.73 33.90 -11.71
CA LEU P 48 9.91 34.56 -13.01
C LEU P 48 8.79 35.57 -13.27
N ILE P 49 7.56 35.10 -13.20
CA ILE P 49 6.38 35.91 -13.49
C ILE P 49 5.38 35.79 -12.34
N TYR P 50 4.66 36.88 -12.08
CA TYR P 50 3.56 36.87 -11.12
C TYR P 50 2.33 37.57 -11.70
N SER P 51 1.18 37.34 -11.09
CA SER P 51 -0.08 37.90 -11.58
C SER P 51 -0.25 37.68 -13.08
N ALA P 52 0.01 36.46 -13.54
CA ALA P 52 -0.17 36.05 -14.92
C ALA P 52 0.89 36.60 -15.88
N SER P 53 1.12 37.90 -15.86
CA SER P 53 1.96 38.55 -16.88
C SER P 53 3.00 39.57 -16.39
N SER P 54 3.12 39.76 -15.07
CA SER P 54 4.07 40.74 -14.55
C SER P 54 5.45 40.14 -14.38
N LEU P 55 6.45 40.80 -14.95
CA LEU P 55 7.84 40.34 -14.87
C LEU P 55 8.41 40.67 -13.49
N TYR P 56 8.89 39.66 -12.78
CA TYR P 56 9.46 39.86 -11.45
C TYR P 56 10.79 40.61 -11.53
N SER P 57 11.05 41.40 -10.51
CA SER P 57 12.27 42.21 -10.43
C SER P 57 13.53 41.38 -10.68
N GLY P 58 14.38 41.85 -11.59
CA GLY P 58 15.66 41.20 -11.88
C GLY P 58 15.60 40.15 -12.97
N VAL P 59 14.40 39.73 -13.35
CA VAL P 59 14.24 38.66 -14.35
C VAL P 59 14.38 39.26 -15.75
N PRO P 60 15.20 38.63 -16.63
CA PRO P 60 15.40 39.12 -18.00
C PRO P 60 14.11 39.32 -18.78
N SER P 61 14.11 40.28 -19.69
CA SER P 61 12.90 40.67 -20.42
C SER P 61 12.45 39.65 -21.48
N ARG P 62 13.33 38.71 -21.84
CA ARG P 62 12.97 37.64 -22.78
C ARG P 62 11.90 36.69 -22.22
N PHE P 63 11.75 36.65 -20.90
CA PHE P 63 10.65 35.93 -20.25
C PHE P 63 9.41 36.81 -20.24
N SER P 64 8.29 36.25 -20.68
CA SER P 64 7.01 36.94 -20.62
C SER P 64 5.89 35.95 -20.32
N GLY P 65 4.86 36.43 -19.63
CA GLY P 65 3.70 35.63 -19.30
C GLY P 65 2.47 36.22 -19.93
N SER P 66 1.50 35.37 -20.26
CA SER P 66 0.29 35.81 -20.94
C SER P 66 -0.91 34.96 -20.52
N ARG P 67 -2.09 35.57 -20.56
CA ARG P 67 -3.33 34.91 -20.23
C ARG P 67 -4.30 35.04 -21.40
N SER P 68 -4.85 33.93 -21.84
CA SER P 68 -5.86 33.93 -22.88
C SER P 68 -7.03 33.05 -22.45
N GLY P 69 -8.06 33.69 -21.90
CA GLY P 69 -9.20 32.98 -21.34
C GLY P 69 -8.79 32.15 -20.14
N THR P 70 -8.91 30.84 -20.29
CA THR P 70 -8.54 29.88 -19.24
C THR P 70 -7.10 29.39 -19.38
N ASP P 71 -6.44 29.76 -20.49
CA ASP P 71 -5.11 29.26 -20.81
C ASP P 71 -4.02 30.27 -20.43
N PHE P 72 -3.12 29.84 -19.56
CA PHE P 72 -2.01 30.66 -19.11
C PHE P 72 -0.71 30.16 -19.72
N THR P 73 0.14 31.10 -20.11
CA THR P 73 1.26 30.78 -20.97
C THR P 73 2.53 31.50 -20.52
N LEU P 74 3.66 30.83 -20.63
CA LEU P 74 4.97 31.43 -20.41
C LEU P 74 5.75 31.32 -21.71
N THR P 75 6.30 32.45 -22.18
CA THR P 75 7.10 32.46 -23.39
C THR P 75 8.52 32.94 -23.11
N ILE P 76 9.50 32.21 -23.62
CA ILE P 76 10.89 32.65 -23.65
C ILE P 76 11.19 32.99 -25.11
N SER P 77 11.32 34.28 -25.39
CA SER P 77 11.46 34.74 -26.76
C SER P 77 12.69 34.22 -27.49
N SER P 78 13.80 34.10 -26.78
CA SER P 78 15.04 33.59 -27.35
C SER P 78 15.83 32.82 -26.30
N LEU P 79 15.81 31.50 -26.40
CA LEU P 79 16.45 30.63 -25.41
C LEU P 79 17.94 30.89 -25.29
N GLN P 80 18.41 31.10 -24.06
CA GLN P 80 19.84 31.28 -23.77
C GLN P 80 20.38 30.03 -23.08
N PRO P 81 21.71 29.84 -23.08
CA PRO P 81 22.29 28.64 -22.44
C PRO P 81 21.88 28.43 -20.98
N GLU P 82 21.75 29.53 -20.23
CA GLU P 82 21.36 29.45 -18.82
C GLU P 82 19.87 29.17 -18.61
N ASP P 83 19.07 29.23 -19.68
CA ASP P 83 17.63 29.02 -19.59
C ASP P 83 17.21 27.54 -19.63
N PHE P 84 18.15 26.65 -19.93
CA PHE P 84 17.84 25.23 -19.93
C PHE P 84 17.67 24.75 -18.50
N ALA P 85 16.42 24.45 -18.15
CA ALA P 85 16.04 24.12 -16.79
C ALA P 85 14.59 23.63 -16.82
N THR P 86 14.01 23.40 -15.63
CA THR P 86 12.61 22.99 -15.53
C THR P 86 11.75 24.20 -15.16
N TYR P 87 10.56 24.28 -15.77
CA TYR P 87 9.67 25.40 -15.55
C TYR P 87 8.32 24.94 -15.02
N TYR P 88 7.83 25.60 -13.98
CA TYR P 88 6.53 25.28 -13.37
C TYR P 88 5.65 26.51 -13.33
N CYS P 89 4.36 26.32 -13.57
CA CYS P 89 3.37 27.36 -13.29
C CYS P 89 2.73 27.05 -11.93
N GLN P 90 2.18 28.09 -11.31
CA GLN P 90 1.43 27.96 -10.07
C GLN P 90 0.11 28.69 -10.24
N GLN P 91 -0.98 28.06 -9.79
CA GLN P 91 -2.29 28.68 -9.79
C GLN P 91 -2.81 28.78 -8.36
N SER P 92 -3.13 30.00 -7.94
CA SER P 92 -3.70 30.25 -6.61
C SER P 92 -5.18 30.58 -6.73
N SER P 93 -6.01 29.78 -6.05
CA SER P 93 -7.45 30.03 -6.01
C SER P 93 -7.77 30.72 -4.69
N SER P 94 -9.04 30.70 -4.29
CA SER P 94 -9.46 31.35 -3.05
C SER P 94 -9.11 30.54 -1.80
N SER P 95 -8.77 29.26 -1.96
CA SER P 95 -8.44 28.42 -0.81
C SER P 95 -7.40 27.34 -1.10
N LEU P 96 -6.67 27.47 -2.20
CA LEU P 96 -5.85 26.39 -2.70
C LEU P 96 -4.75 26.93 -3.60
N ILE P 97 -3.57 26.31 -3.54
CA ILE P 97 -2.50 26.57 -4.49
C ILE P 97 -2.17 25.26 -5.20
N THR P 98 -2.06 25.31 -6.52
CA THR P 98 -1.72 24.15 -7.32
C THR P 98 -0.56 24.46 -8.24
N PHE P 99 0.47 23.62 -8.19
CA PHE P 99 1.56 23.68 -9.17
C PHE P 99 1.24 22.75 -10.32
N GLY P 100 1.61 23.15 -11.53
CA GLY P 100 1.37 22.33 -12.71
C GLY P 100 2.43 21.26 -12.86
N GLN P 101 2.20 20.36 -13.82
CA GLN P 101 3.12 19.27 -14.12
C GLN P 101 4.54 19.77 -14.34
N GLY P 102 4.69 20.83 -15.11
CA GLY P 102 5.99 21.43 -15.38
C GLY P 102 6.65 20.87 -16.63
N THR P 103 7.52 21.67 -17.24
CA THR P 103 8.23 21.28 -18.45
C THR P 103 9.73 21.40 -18.24
N LYS P 104 10.45 20.34 -18.56
CA LYS P 104 11.91 20.33 -18.47
C LYS P 104 12.47 20.59 -19.85
N VAL P 105 13.10 21.75 -20.03
CA VAL P 105 13.67 22.13 -21.32
C VAL P 105 15.12 21.66 -21.42
N GLU P 106 15.36 20.74 -22.35
CA GLU P 106 16.70 20.16 -22.57
C GLU P 106 17.31 20.60 -23.89
N ILE P 107 18.64 20.49 -23.99
CA ILE P 107 19.38 21.01 -25.15
C ILE P 107 19.33 20.02 -26.30
N LYS P 108 18.93 20.49 -27.47
CA LYS P 108 18.93 19.68 -28.69
C LYS P 108 20.37 19.51 -29.16
N ARG P 109 20.64 18.40 -29.83
CA ARG P 109 22.01 17.97 -30.12
C ARG P 109 22.00 16.90 -31.22
N THR P 110 23.12 16.74 -31.91
CA THR P 110 23.26 15.67 -32.89
C THR P 110 23.27 14.31 -32.20
N VAL P 111 22.86 13.27 -32.92
CA VAL P 111 22.77 11.92 -32.38
C VAL P 111 24.16 11.40 -32.04
N ALA P 112 24.31 10.79 -30.87
CA ALA P 112 25.57 10.22 -30.44
C ALA P 112 25.32 8.83 -29.89
N ALA P 113 25.98 7.83 -30.48
CA ALA P 113 25.87 6.45 -30.02
C ALA P 113 26.56 6.29 -28.66
N PRO P 114 26.02 5.42 -27.81
CA PRO P 114 26.65 5.14 -26.53
C PRO P 114 27.84 4.20 -26.63
N SER P 115 28.89 4.47 -25.86
CA SER P 115 29.91 3.47 -25.56
C SER P 115 29.31 2.54 -24.51
N VAL P 116 29.38 1.25 -24.75
CA VAL P 116 28.77 0.28 -23.85
C VAL P 116 29.83 -0.55 -23.13
N PHE P 117 29.65 -0.72 -21.82
CA PHE P 117 30.57 -1.50 -20.99
C PHE P 117 29.79 -2.41 -20.07
N ILE P 118 30.33 -3.59 -19.80
CA ILE P 118 29.72 -4.51 -18.84
C ILE P 118 30.71 -4.83 -17.72
N PHE P 119 30.20 -4.91 -16.49
CA PHE P 119 31.01 -5.16 -15.31
C PHE P 119 30.48 -6.36 -14.55
N PRO P 120 31.27 -7.43 -14.46
CA PRO P 120 30.83 -8.54 -13.63
C PRO P 120 30.93 -8.18 -12.14
N PRO P 121 30.26 -8.95 -11.28
CA PRO P 121 30.36 -8.68 -9.85
C PRO P 121 31.77 -8.95 -9.32
N SER P 122 32.20 -8.13 -8.37
CA SER P 122 33.50 -8.32 -7.74
C SER P 122 33.49 -9.53 -6.83
N ASP P 123 34.67 -10.09 -6.56
CA ASP P 123 34.79 -11.19 -5.61
C ASP P 123 34.40 -10.74 -4.21
N SER P 124 34.70 -9.48 -3.90
CA SER P 124 34.32 -8.88 -2.63
C SER P 124 32.80 -8.98 -2.39
N GLN P 125 32.00 -8.66 -3.41
CA GLN P 125 30.54 -8.73 -3.29
C GLN P 125 30.05 -10.17 -3.21
N LEU P 126 30.60 -11.03 -4.05
CA LEU P 126 30.26 -12.45 -4.04
C LEU P 126 30.42 -13.06 -2.65
N LYS P 127 31.44 -12.64 -1.91
CA LYS P 127 31.62 -13.07 -0.52
C LYS P 127 30.42 -12.71 0.35
N SER P 128 29.91 -11.48 0.18
CA SER P 128 28.81 -10.98 1.01
C SER P 128 27.47 -11.67 0.75
N GLY P 129 27.36 -12.42 -0.35
CA GLY P 129 26.18 -13.24 -0.62
C GLY P 129 25.27 -12.75 -1.74
N THR P 130 25.60 -11.60 -2.32
CA THR P 130 24.84 -11.06 -3.45
C THR P 130 25.74 -10.85 -4.67
N ALA P 131 25.12 -10.59 -5.82
CA ALA P 131 25.83 -10.41 -7.08
C ALA P 131 25.16 -9.34 -7.94
N SER P 132 25.87 -8.24 -8.19
CA SER P 132 25.36 -7.17 -9.03
C SER P 132 26.17 -7.11 -10.32
N VAL P 133 25.48 -7.15 -11.45
CA VAL P 133 26.11 -7.02 -12.76
C VAL P 133 25.68 -5.68 -13.34
N VAL P 134 26.66 -4.82 -13.65
CA VAL P 134 26.37 -3.47 -14.11
C VAL P 134 26.68 -3.31 -15.60
N CYS P 135 25.75 -2.70 -16.31
CA CYS P 135 25.91 -2.40 -17.74
C CYS P 135 25.86 -0.88 -17.90
N LEU P 136 26.92 -0.30 -18.44
CA LEU P 136 27.05 1.16 -18.56
C LEU P 136 26.91 1.62 -20.01
N LEU P 137 26.01 2.57 -20.22
CA LEU P 137 25.88 3.27 -21.50
C LEU P 137 26.41 4.68 -21.32
N ASN P 138 27.50 5.01 -22.01
CA ASN P 138 28.23 6.25 -21.75
C ASN P 138 28.09 7.29 -22.86
N ASN P 139 27.77 8.52 -22.47
CA ASN P 139 27.77 9.69 -23.36
C ASN P 139 27.03 9.51 -24.67
N PHE P 140 25.70 9.45 -24.58
CA PHE P 140 24.86 9.27 -25.77
C PHE P 140 23.74 10.30 -25.85
N TYR P 141 23.16 10.41 -27.04
CA TYR P 141 22.02 11.28 -27.27
C TYR P 141 21.23 10.75 -28.47
N PRO P 142 19.90 10.75 -28.41
CA PRO P 142 19.04 11.25 -27.34
C PRO P 142 18.94 10.32 -26.14
N ARG P 143 18.21 10.78 -25.13
CA ARG P 143 18.03 10.07 -23.86
C ARG P 143 17.42 8.68 -24.02
N GLU P 144 16.54 8.51 -25.01
CA GLU P 144 15.78 7.27 -25.16
C GLU P 144 16.69 6.11 -25.57
N ALA P 145 16.95 5.21 -24.62
CA ALA P 145 17.72 4.00 -24.88
C ALA P 145 16.97 2.78 -24.36
N LYS P 146 17.27 1.61 -24.91
CA LYS P 146 16.66 0.37 -24.46
C LYS P 146 17.77 -0.62 -24.09
N VAL P 147 17.75 -1.09 -22.85
CA VAL P 147 18.77 -2.00 -22.33
C VAL P 147 18.11 -3.27 -21.82
N GLN P 148 18.38 -4.38 -22.49
CA GLN P 148 17.76 -5.67 -22.17
C GLN P 148 18.83 -6.65 -21.68
N TRP P 149 18.52 -7.39 -20.63
CA TRP P 149 19.46 -8.36 -20.06
C TRP P 149 19.17 -9.76 -20.54
N LYS P 150 20.26 -10.50 -20.78
CA LYS P 150 20.18 -11.92 -21.16
C LYS P 150 21.06 -12.76 -20.23
N VAL P 151 20.52 -13.84 -19.68
CA VAL P 151 21.30 -14.77 -18.85
C VAL P 151 21.10 -16.17 -19.41
N ASP P 152 22.19 -16.76 -19.90
CA ASP P 152 22.15 -18.04 -20.63
C ASP P 152 21.08 -18.01 -21.72
N ASN P 153 21.04 -16.93 -22.47
CA ASN P 153 20.09 -16.80 -23.59
C ASN P 153 18.63 -16.54 -23.19
N ALA P 154 18.37 -16.36 -21.90
CA ALA P 154 17.02 -16.07 -21.42
C ALA P 154 16.88 -14.58 -21.18
N LEU P 155 15.98 -13.92 -21.93
CA LEU P 155 15.71 -12.50 -21.74
C LEU P 155 15.15 -12.28 -20.34
N GLN P 156 15.66 -11.29 -19.63
CA GLN P 156 15.27 -11.01 -18.25
C GLN P 156 14.35 -9.80 -18.16
N SER P 157 13.55 -9.78 -17.10
CA SER P 157 12.74 -8.61 -16.76
C SER P 157 12.33 -8.69 -15.29
N GLY P 158 12.53 -7.59 -14.57
CA GLY P 158 12.12 -7.50 -13.18
C GLY P 158 13.26 -7.58 -12.17
N ASN P 159 14.42 -8.04 -12.60
CA ASN P 159 15.58 -8.16 -11.71
C ASN P 159 16.68 -7.15 -12.01
N SER P 160 16.30 -6.04 -12.65
CA SER P 160 17.25 -4.97 -12.96
C SER P 160 16.61 -3.60 -12.79
N GLN P 161 17.45 -2.61 -12.48
CA GLN P 161 16.99 -1.23 -12.33
C GLN P 161 17.92 -0.28 -13.08
N GLU P 162 17.34 0.75 -13.68
CA GLU P 162 18.09 1.73 -14.45
C GLU P 162 18.24 3.05 -13.70
N SER P 163 19.30 3.78 -14.02
CA SER P 163 19.50 5.13 -13.52
C SER P 163 20.15 5.96 -14.62
N VAL P 164 19.66 7.18 -14.82
CA VAL P 164 20.14 8.06 -15.88
C VAL P 164 20.67 9.35 -15.27
N THR P 165 21.80 9.84 -15.78
CA THR P 165 22.34 11.13 -15.34
C THR P 165 21.57 12.29 -15.95
N GLU P 166 21.81 13.47 -15.38
CA GLU P 166 21.28 14.71 -15.92
C GLU P 166 22.08 15.04 -17.17
N GLN P 167 21.48 15.79 -18.09
CA GLN P 167 22.17 16.15 -19.34
C GLN P 167 23.47 16.86 -19.01
N ASP P 168 24.54 16.42 -19.65
CA ASP P 168 25.84 16.93 -19.34
C ASP P 168 26.05 18.36 -19.84
N SER P 169 26.66 19.20 -19.00
CA SER P 169 26.86 20.62 -19.34
C SER P 169 27.88 20.86 -20.46
N LYS P 170 28.90 19.99 -20.55
CA LYS P 170 29.96 20.15 -21.54
C LYS P 170 29.53 19.71 -22.94
N ASP P 171 29.05 18.47 -23.06
CA ASP P 171 28.74 17.87 -24.36
C ASP P 171 27.26 17.52 -24.59
N SER P 172 26.39 17.88 -23.65
CA SER P 172 24.94 17.69 -23.78
C SER P 172 24.48 16.25 -23.97
N THR P 173 25.30 15.29 -23.51
CA THR P 173 24.95 13.87 -23.62
C THR P 173 24.42 13.33 -22.30
N TYR P 174 23.81 12.15 -22.37
CA TYR P 174 23.35 11.44 -21.19
C TYR P 174 24.21 10.21 -21.01
N SER P 175 24.22 9.70 -19.78
CA SER P 175 24.80 8.40 -19.48
C SER P 175 23.80 7.62 -18.64
N LEU P 176 23.83 6.29 -18.78
CA LEU P 176 22.84 5.43 -18.14
C LEU P 176 23.51 4.17 -17.58
N SER P 177 23.03 3.74 -16.42
CA SER P 177 23.47 2.47 -15.82
C SER P 177 22.27 1.55 -15.66
N SER P 178 22.47 0.27 -15.96
CA SER P 178 21.49 -0.76 -15.67
C SER P 178 22.17 -1.80 -14.79
N THR P 179 21.55 -2.16 -13.68
CA THR P 179 22.15 -3.07 -12.71
C THR P 179 21.26 -4.29 -12.52
N LEU P 180 21.74 -5.44 -12.98
CA LEU P 180 21.09 -6.73 -12.76
C LEU P 180 21.53 -7.26 -11.41
N THR P 181 20.57 -7.56 -10.54
CA THR P 181 20.87 -8.05 -9.19
C THR P 181 20.33 -9.46 -8.99
N LEU P 182 21.22 -10.37 -8.59
CA LEU P 182 20.86 -11.74 -8.24
C LEU P 182 21.49 -12.12 -6.91
N SER P 183 21.02 -13.21 -6.32
CA SER P 183 21.70 -13.81 -5.17
C SER P 183 22.96 -14.52 -5.68
N LYS P 184 23.91 -14.77 -4.76
CA LYS P 184 25.12 -15.50 -5.11
C LYS P 184 24.75 -16.85 -5.72
N ALA P 185 23.85 -17.56 -5.06
CA ALA P 185 23.40 -18.88 -5.52
C ALA P 185 22.93 -18.83 -6.98
N ASP P 186 22.03 -17.89 -7.29
CA ASP P 186 21.49 -17.76 -8.64
C ASP P 186 22.55 -17.36 -9.66
N TYR P 187 23.45 -16.46 -9.27
CA TYR P 187 24.55 -16.07 -10.13
C TYR P 187 25.41 -17.28 -10.53
N GLU P 188 25.67 -18.17 -9.57
CA GLU P 188 26.48 -19.37 -9.80
C GLU P 188 25.79 -20.37 -10.74
N LYS P 189 24.46 -20.36 -10.80
CA LYS P 189 23.71 -21.30 -11.64
C LYS P 189 23.87 -21.04 -13.15
N HIS P 190 24.38 -19.87 -13.54
CA HIS P 190 24.43 -19.47 -14.96
C HIS P 190 25.79 -19.04 -15.40
N LYS P 191 26.07 -19.24 -16.69
CA LYS P 191 27.40 -19.00 -17.26
C LYS P 191 27.53 -17.66 -17.98
N VAL P 192 26.69 -17.43 -18.99
CA VAL P 192 26.85 -16.24 -19.85
C VAL P 192 25.88 -15.10 -19.48
N TYR P 193 26.47 -13.93 -19.20
CA TYR P 193 25.73 -12.73 -18.85
C TYR P 193 25.95 -11.65 -19.89
N ALA P 194 24.87 -11.10 -20.43
CA ALA P 194 24.93 -10.13 -21.53
C ALA P 194 23.88 -9.03 -21.36
N CYS P 195 24.24 -7.80 -21.72
CA CYS P 195 23.27 -6.73 -21.86
C CYS P 195 23.24 -6.27 -23.31
N GLU P 196 22.05 -6.21 -23.88
CA GLU P 196 21.86 -5.78 -25.27
C GLU P 196 21.32 -4.36 -25.27
N VAL P 197 22.01 -3.48 -25.99
CA VAL P 197 21.64 -2.07 -26.07
C VAL P 197 21.16 -1.71 -27.47
N THR P 198 19.95 -1.18 -27.57
CA THR P 198 19.47 -0.63 -28.83
C THR P 198 19.30 0.88 -28.66
N HIS P 199 19.69 1.64 -29.67
CA HIS P 199 19.67 3.10 -29.61
C HIS P 199 19.71 3.69 -30.99
N GLN P 200 19.15 4.89 -31.13
CA GLN P 200 19.03 5.57 -32.43
C GLN P 200 20.35 5.68 -33.20
N GLY P 201 21.43 6.00 -32.49
CA GLY P 201 22.75 6.12 -33.08
C GLY P 201 23.46 4.80 -33.36
N LEU P 202 22.76 3.69 -33.12
CA LEU P 202 23.26 2.35 -33.40
C LEU P 202 22.46 1.74 -34.55
N SER P 203 23.13 1.47 -35.66
CA SER P 203 22.49 0.83 -36.81
C SER P 203 21.98 -0.58 -36.45
N SER P 204 22.71 -1.26 -35.57
CA SER P 204 22.29 -2.55 -35.02
C SER P 204 22.47 -2.57 -33.51
N PRO P 205 21.71 -3.42 -32.82
CA PRO P 205 21.87 -3.56 -31.37
C PRO P 205 23.26 -4.07 -30.98
N VAL P 206 23.86 -3.45 -29.96
CA VAL P 206 25.17 -3.83 -29.46
C VAL P 206 25.04 -4.69 -28.21
N THR P 207 25.76 -5.80 -28.17
CA THR P 207 25.77 -6.68 -27.00
C THR P 207 27.16 -6.73 -26.39
N LYS P 208 27.24 -6.45 -25.10
CA LYS P 208 28.45 -6.72 -24.33
C LYS P 208 28.14 -7.86 -23.38
N SER P 209 29.07 -8.81 -23.26
CA SER P 209 28.85 -10.00 -22.46
C SER P 209 30.15 -10.55 -21.88
N PHE P 210 30.00 -11.36 -20.84
CA PHE P 210 31.10 -12.10 -20.27
C PHE P 210 30.61 -13.46 -19.81
N ASN P 211 31.54 -14.38 -19.60
CA ASN P 211 31.24 -15.68 -19.04
C ASN P 211 31.73 -15.70 -17.60
N ARG P 212 30.91 -16.21 -16.70
CA ARG P 212 31.23 -16.25 -15.29
C ARG P 212 32.44 -17.13 -15.03
N GLY P 213 33.42 -16.59 -14.32
CA GLY P 213 34.57 -17.38 -13.94
C GLY P 213 35.70 -17.37 -14.95
N GLU P 214 35.47 -16.79 -16.14
CA GLU P 214 36.45 -16.92 -17.21
C GLU P 214 37.35 -15.73 -17.29
N CYS P 215 36.69 -14.59 -17.06
CA CYS P 215 37.21 -13.22 -17.10
C CYS P 215 38.15 -12.99 -18.32
N SER Q 3 11.24 -37.98 1.06
CA SER Q 3 11.16 -39.44 1.32
C SER Q 3 10.47 -40.16 0.16
N GLU Q 4 11.14 -41.19 -0.37
CA GLU Q 4 10.63 -41.91 -1.54
C GLU Q 4 9.78 -43.13 -1.14
N VAL Q 5 8.66 -43.33 -1.83
CA VAL Q 5 7.72 -44.40 -1.51
C VAL Q 5 8.21 -45.78 -1.92
N GLN Q 6 8.12 -46.73 -0.99
CA GLN Q 6 8.36 -48.13 -1.33
C GLN Q 6 7.76 -49.15 -0.37
N LEU Q 7 7.65 -50.37 -0.88
CA LEU Q 7 7.07 -51.48 -0.16
C LEU Q 7 8.03 -52.66 -0.20
N VAL Q 8 8.53 -53.07 0.97
CA VAL Q 8 9.47 -54.19 1.08
C VAL Q 8 8.78 -55.38 1.71
N GLU Q 9 8.72 -56.49 0.98
CA GLU Q 9 8.08 -57.71 1.45
C GLU Q 9 9.07 -58.62 2.17
N SER Q 10 8.57 -59.35 3.17
CA SER Q 10 9.38 -60.33 3.90
C SER Q 10 8.58 -61.61 4.09
N GLY Q 11 9.30 -62.66 4.45
CA GLY Q 11 8.70 -63.98 4.64
C GLY Q 11 8.49 -64.70 3.31
N GLY Q 12 7.82 -65.84 3.40
CA GLY Q 12 7.56 -66.68 2.23
C GLY Q 12 8.37 -67.95 2.29
N GLY Q 13 8.33 -68.71 1.20
CA GLY Q 13 9.10 -69.93 1.08
C GLY Q 13 8.22 -71.16 0.98
N LEU Q 14 8.71 -72.26 1.55
CA LEU Q 14 8.07 -73.55 1.43
C LEU Q 14 7.19 -73.82 2.64
N VAL Q 15 5.98 -74.31 2.39
CA VAL Q 15 5.08 -74.74 3.46
C VAL Q 15 4.27 -75.94 2.99
N GLN Q 16 3.95 -76.85 3.93
CA GLN Q 16 3.18 -78.04 3.60
C GLN Q 16 1.69 -77.73 3.52
N PRO Q 17 0.94 -78.54 2.75
CA PRO Q 17 -0.52 -78.39 2.71
C PRO Q 17 -1.14 -78.43 4.10
N GLY Q 18 -2.10 -77.54 4.34
CA GLY Q 18 -2.70 -77.39 5.68
C GLY Q 18 -1.93 -76.46 6.61
N GLY Q 19 -0.75 -76.02 6.16
CA GLY Q 19 0.14 -75.23 6.99
C GLY Q 19 -0.18 -73.75 7.01
N SER Q 20 0.58 -73.02 7.82
CA SER Q 20 0.36 -71.59 8.06
C SER Q 20 1.61 -70.79 7.78
N LEU Q 21 1.44 -69.59 7.26
CA LEU Q 21 2.56 -68.74 6.86
C LEU Q 21 2.11 -67.28 6.83
N ARG Q 22 2.98 -66.37 7.30
CA ARG Q 22 2.66 -64.96 7.28
C ARG Q 22 3.64 -64.16 6.42
N LEU Q 23 3.09 -63.37 5.49
CA LEU Q 23 3.88 -62.46 4.69
C LEU Q 23 3.81 -61.06 5.29
N SER Q 24 4.90 -60.31 5.15
CA SER Q 24 4.99 -58.93 5.65
C SER Q 24 5.18 -57.96 4.49
N CYS Q 25 4.69 -56.74 4.67
CA CYS Q 25 4.81 -55.70 3.67
C CYS Q 25 5.14 -54.39 4.40
N ALA Q 26 6.44 -54.11 4.54
CA ALA Q 26 6.93 -52.93 5.26
C ALA Q 26 6.89 -51.71 4.36
N ALA Q 27 6.18 -50.67 4.79
CA ALA Q 27 6.03 -49.46 3.99
C ALA Q 27 6.95 -48.36 4.47
N SER Q 28 7.41 -47.54 3.53
CA SER Q 28 8.10 -46.30 3.85
C SER Q 28 7.80 -45.27 2.77
N GLY Q 29 7.88 -43.99 3.15
CA GLY Q 29 7.51 -42.90 2.26
C GLY Q 29 6.03 -42.53 2.34
N PHE Q 30 5.24 -43.31 3.08
CA PHE Q 30 3.83 -43.02 3.30
C PHE Q 30 3.31 -43.74 4.53
N ASN Q 31 2.21 -43.25 5.08
CA ASN Q 31 1.62 -43.82 6.29
C ASN Q 31 0.56 -44.87 5.94
N VAL Q 32 0.79 -46.10 6.38
CA VAL Q 32 -0.12 -47.21 6.13
C VAL Q 32 -1.50 -46.98 6.75
N SER Q 33 -1.54 -46.22 7.85
CA SER Q 33 -2.80 -45.96 8.56
C SER Q 33 -3.72 -44.99 7.81
N TYR Q 34 -3.19 -44.27 6.83
CA TYR Q 34 -3.98 -43.37 6.00
C TYR Q 34 -3.95 -43.79 4.53
N SER Q 35 -3.64 -45.06 4.29
CA SER Q 35 -3.59 -45.61 2.94
C SER Q 35 -4.23 -46.99 2.91
N SER Q 36 -4.35 -47.55 1.70
CA SER Q 36 -4.85 -48.90 1.56
C SER Q 36 -3.74 -49.80 1.05
N ILE Q 37 -3.69 -51.02 1.58
CA ILE Q 37 -2.75 -52.03 1.13
C ILE Q 37 -3.52 -53.21 0.56
N HIS Q 38 -2.98 -53.78 -0.51
CA HIS Q 38 -3.63 -54.86 -1.23
C HIS Q 38 -2.66 -55.97 -1.49
N TRP Q 39 -3.14 -57.20 -1.40
CA TRP Q 39 -2.34 -58.37 -1.77
C TRP Q 39 -2.85 -58.96 -3.05
N VAL Q 40 -1.93 -59.16 -3.99
CA VAL Q 40 -2.23 -59.74 -5.29
C VAL Q 40 -1.20 -60.84 -5.56
N ARG Q 41 -1.66 -61.98 -6.07
CA ARG Q 41 -0.76 -63.11 -6.33
C ARG Q 41 -0.79 -63.54 -7.79
N GLN Q 42 0.27 -64.26 -8.17
CA GLN Q 42 0.43 -64.71 -9.54
C GLN Q 42 1.09 -66.09 -9.56
N ALA Q 43 0.32 -67.10 -9.95
CA ALA Q 43 0.85 -68.45 -10.11
C ALA Q 43 1.75 -68.49 -11.34
N PRO Q 44 2.75 -69.37 -11.36
CA PRO Q 44 3.67 -69.44 -12.51
C PRO Q 44 2.95 -69.56 -13.85
N GLY Q 45 3.25 -68.64 -14.76
CA GLY Q 45 2.65 -68.62 -16.09
C GLY Q 45 1.18 -68.24 -16.14
N LYS Q 46 0.63 -67.76 -15.03
CA LYS Q 46 -0.79 -67.43 -14.95
C LYS Q 46 -0.97 -65.94 -14.74
N GLY Q 47 -2.23 -65.50 -14.75
CA GLY Q 47 -2.55 -64.09 -14.60
C GLY Q 47 -2.51 -63.61 -13.16
N LEU Q 48 -2.74 -62.31 -12.99
CA LEU Q 48 -2.84 -61.70 -11.67
C LEU Q 48 -4.15 -62.13 -11.00
N GLU Q 49 -4.08 -62.40 -9.70
CA GLU Q 49 -5.26 -62.71 -8.90
C GLU Q 49 -5.26 -61.89 -7.62
N TRP Q 50 -6.31 -61.10 -7.43
CA TRP Q 50 -6.49 -60.35 -6.19
C TRP Q 50 -6.79 -61.27 -5.06
N VAL Q 51 -6.17 -61.01 -3.91
CA VAL Q 51 -6.32 -61.86 -2.72
C VAL Q 51 -7.08 -61.16 -1.60
N ALA Q 52 -6.64 -59.95 -1.25
CA ALA Q 52 -7.20 -59.22 -0.13
C ALA Q 52 -6.85 -57.74 -0.13
N SER Q 53 -7.64 -56.95 0.58
CA SER Q 53 -7.42 -55.51 0.71
C SER Q 53 -7.71 -55.06 2.14
N ILE Q 54 -6.99 -54.04 2.61
CA ILE Q 54 -7.23 -53.46 3.94
C ILE Q 54 -7.24 -51.93 3.88
N TYR Q 55 -8.20 -51.33 4.59
CA TYR Q 55 -8.31 -49.89 4.74
C TYR Q 55 -8.33 -49.57 6.22
N SER Q 56 -7.16 -49.42 6.81
CA SER Q 56 -7.01 -49.29 8.28
C SER Q 56 -7.81 -48.14 8.89
N TYR Q 57 -7.85 -47.02 8.19
CA TYR Q 57 -8.56 -45.83 8.70
C TYR Q 57 -10.02 -46.13 9.01
N TYR Q 58 -10.68 -46.86 8.11
CA TYR Q 58 -12.09 -47.21 8.26
C TYR Q 58 -12.31 -48.55 8.96
N GLY Q 59 -11.29 -49.38 9.01
CA GLY Q 59 -11.39 -50.71 9.60
C GLY Q 59 -12.07 -51.72 8.69
N TYR Q 60 -12.05 -51.47 7.38
CA TYR Q 60 -12.63 -52.39 6.41
C TYR Q 60 -11.57 -53.33 5.84
N THR Q 61 -11.93 -54.61 5.72
CA THR Q 61 -11.11 -55.58 5.03
C THR Q 61 -11.97 -56.35 4.03
N TYR Q 62 -11.38 -56.73 2.91
CA TYR Q 62 -12.08 -57.46 1.87
C TYR Q 62 -11.23 -58.63 1.39
N TYR Q 63 -11.88 -59.71 0.97
CA TYR Q 63 -11.19 -60.95 0.60
C TYR Q 63 -11.78 -61.56 -0.66
N ALA Q 64 -10.93 -62.19 -1.46
CA ALA Q 64 -11.39 -62.98 -2.60
C ALA Q 64 -12.06 -64.24 -2.09
N ASP Q 65 -13.05 -64.74 -2.82
CA ASP Q 65 -13.76 -65.95 -2.40
C ASP Q 65 -12.84 -67.16 -2.27
N SER Q 66 -11.84 -67.24 -3.15
CA SER Q 66 -10.90 -68.36 -3.13
C SER Q 66 -10.05 -68.47 -1.85
N VAL Q 67 -9.94 -67.38 -1.07
CA VAL Q 67 -9.16 -67.38 0.16
C VAL Q 67 -9.96 -67.05 1.42
N LYS Q 68 -11.25 -66.77 1.25
CA LYS Q 68 -12.08 -66.33 2.37
C LYS Q 68 -12.15 -67.39 3.46
N GLY Q 69 -12.00 -66.97 4.71
CA GLY Q 69 -12.01 -67.87 5.86
C GLY Q 69 -10.68 -68.57 6.14
N ARG Q 70 -9.71 -68.41 5.23
CA ARG Q 70 -8.40 -69.04 5.37
C ARG Q 70 -7.30 -68.00 5.53
N PHE Q 71 -7.40 -66.90 4.81
CA PHE Q 71 -6.41 -65.84 4.83
C PHE Q 71 -6.93 -64.65 5.65
N THR Q 72 -6.03 -63.95 6.32
CA THR Q 72 -6.38 -62.71 7.02
C THR Q 72 -5.37 -61.61 6.70
N ILE Q 73 -5.89 -60.46 6.30
CA ILE Q 73 -5.08 -59.26 6.05
C ILE Q 73 -5.17 -58.34 7.27
N SER Q 74 -4.05 -57.70 7.62
CA SER Q 74 -4.00 -56.84 8.80
C SER Q 74 -2.89 -55.81 8.68
N ALA Q 75 -2.82 -54.89 9.64
CA ALA Q 75 -1.81 -53.83 9.62
C ALA Q 75 -1.39 -53.42 11.03
N ASP Q 76 -0.09 -53.21 11.21
CA ASP Q 76 0.45 -52.64 12.45
C ASP Q 76 0.87 -51.19 12.19
N THR Q 77 0.04 -50.27 12.67
CA THR Q 77 0.28 -48.84 12.51
C THR Q 77 1.65 -48.40 13.00
N SER Q 78 2.03 -48.87 14.18
CA SER Q 78 3.29 -48.44 14.80
C SER Q 78 4.52 -48.89 14.00
N LYS Q 79 4.46 -50.08 13.40
CA LYS Q 79 5.56 -50.58 12.57
C LYS Q 79 5.39 -50.21 11.08
N ASN Q 80 4.31 -49.50 10.75
CA ASN Q 80 4.00 -49.12 9.37
C ASN Q 80 4.12 -50.30 8.41
N THR Q 81 3.54 -51.44 8.81
CA THR Q 81 3.64 -52.69 8.07
C THR Q 81 2.27 -53.34 7.93
N ALA Q 82 2.01 -53.91 6.76
CA ALA Q 82 0.81 -54.70 6.54
C ALA Q 82 1.20 -56.18 6.47
N TYR Q 83 0.26 -57.07 6.79
CA TYR Q 83 0.52 -58.50 6.83
C TYR Q 83 -0.55 -59.28 6.09
N LEU Q 84 -0.18 -60.47 5.62
CA LEU Q 84 -1.14 -61.43 5.10
C LEU Q 84 -0.90 -62.75 5.80
N GLN Q 85 -1.78 -63.10 6.73
CA GLN Q 85 -1.71 -64.40 7.41
C GLN Q 85 -2.39 -65.44 6.53
N MET Q 86 -1.63 -66.43 6.10
CA MET Q 86 -2.15 -67.48 5.23
C MET Q 86 -2.24 -68.80 6.01
N ASN Q 87 -3.47 -69.27 6.24
CA ASN Q 87 -3.71 -70.55 6.92
C ASN Q 87 -4.37 -71.57 5.99
N SER Q 88 -4.38 -72.83 6.42
CA SER Q 88 -4.96 -73.92 5.63
C SER Q 88 -4.51 -73.87 4.17
N LEU Q 89 -3.21 -73.70 3.97
CA LEU Q 89 -2.67 -73.56 2.60
C LEU Q 89 -2.93 -74.81 1.77
N ARG Q 90 -3.13 -74.59 0.48
CA ARG Q 90 -3.31 -75.67 -0.49
C ARG Q 90 -2.32 -75.50 -1.63
N ALA Q 91 -2.08 -76.58 -2.38
CA ALA Q 91 -1.16 -76.57 -3.50
C ALA Q 91 -1.42 -75.41 -4.48
N GLU Q 92 -2.69 -75.17 -4.77
CA GLU Q 92 -3.09 -74.12 -5.72
C GLU Q 92 -2.88 -72.69 -5.20
N ASP Q 93 -2.47 -72.54 -3.93
CA ASP Q 93 -2.06 -71.24 -3.40
C ASP Q 93 -0.62 -70.92 -3.76
N THR Q 94 0.08 -71.87 -4.39
CA THR Q 94 1.45 -71.63 -4.83
C THR Q 94 1.49 -70.48 -5.82
N ALA Q 95 2.25 -69.43 -5.50
CA ALA Q 95 2.31 -68.24 -6.33
C ALA Q 95 3.33 -67.24 -5.80
N VAL Q 96 3.67 -66.26 -6.65
CA VAL Q 96 4.41 -65.09 -6.20
C VAL Q 96 3.38 -64.13 -5.61
N TYR Q 97 3.62 -63.70 -4.37
CA TYR Q 97 2.69 -62.81 -3.68
C TYR Q 97 3.21 -61.38 -3.65
N TYR Q 98 2.42 -60.45 -4.18
CA TYR Q 98 2.74 -59.02 -4.20
C TYR Q 98 1.88 -58.27 -3.20
N CYS Q 99 2.46 -57.27 -2.56
CA CYS Q 99 1.67 -56.25 -1.86
C CYS Q 99 1.75 -54.95 -2.65
N ALA Q 100 0.70 -54.13 -2.56
CA ALA Q 100 0.65 -52.89 -3.31
C ALA Q 100 -0.15 -51.82 -2.57
N ARG Q 101 0.20 -50.56 -2.83
CA ARG Q 101 -0.52 -49.44 -2.25
C ARG Q 101 -1.65 -49.01 -3.16
N GLY Q 102 -2.78 -48.66 -2.55
CA GLY Q 102 -3.95 -48.22 -3.29
C GLY Q 102 -3.92 -46.75 -3.66
N TYR Q 103 -4.62 -46.44 -4.75
CA TYR Q 103 -4.76 -45.10 -5.29
C TYR Q 103 -6.24 -44.99 -5.67
N TYR Q 104 -6.65 -43.91 -6.34
CA TYR Q 104 -8.04 -43.75 -6.73
C TYR Q 104 -8.63 -45.05 -7.30
N GLY Q 105 -9.79 -45.45 -6.79
CA GLY Q 105 -10.52 -46.61 -7.30
C GLY Q 105 -9.86 -47.94 -7.02
N ALA Q 106 -9.03 -48.00 -5.98
CA ALA Q 106 -8.23 -49.17 -5.68
C ALA Q 106 -7.24 -49.51 -6.80
N ALA Q 107 -6.93 -48.55 -7.66
CA ALA Q 107 -5.82 -48.69 -8.57
C ALA Q 107 -4.57 -48.83 -7.69
N MET Q 108 -3.59 -49.61 -8.15
CA MET Q 108 -2.43 -49.91 -7.33
C MET Q 108 -1.18 -49.28 -7.91
N ASP Q 109 -0.72 -48.19 -7.28
CA ASP Q 109 0.35 -47.36 -7.88
C ASP Q 109 1.77 -47.79 -7.52
N TYR Q 110 1.97 -48.25 -6.29
CA TYR Q 110 3.29 -48.74 -5.87
C TYR Q 110 3.22 -50.17 -5.41
N TRP Q 111 4.18 -50.97 -5.87
CA TRP Q 111 4.19 -52.41 -5.64
C TRP Q 111 5.43 -52.87 -4.93
N GLY Q 112 5.29 -53.94 -4.16
CA GLY Q 112 6.42 -54.61 -3.57
C GLY Q 112 7.15 -55.46 -4.59
N GLN Q 113 8.27 -56.03 -4.16
CA GLN Q 113 9.11 -56.82 -5.06
C GLN Q 113 8.58 -58.24 -5.34
N GLY Q 114 7.58 -58.70 -4.58
CA GLY Q 114 7.06 -60.06 -4.74
C GLY Q 114 7.87 -61.07 -3.95
N THR Q 115 7.18 -62.08 -3.42
CA THR Q 115 7.81 -63.17 -2.68
C THR Q 115 7.14 -64.50 -3.05
N LEU Q 116 7.94 -65.54 -3.25
CA LEU Q 116 7.44 -66.82 -3.73
C LEU Q 116 7.00 -67.68 -2.54
N VAL Q 117 5.75 -68.15 -2.60
CA VAL Q 117 5.23 -69.09 -1.62
C VAL Q 117 4.92 -70.40 -2.34
N THR Q 118 5.54 -71.48 -1.88
CA THR Q 118 5.36 -72.81 -2.47
C THR Q 118 4.65 -73.69 -1.46
N VAL Q 119 3.50 -74.24 -1.84
CA VAL Q 119 2.75 -75.16 -0.99
C VAL Q 119 2.88 -76.56 -1.56
N SER Q 120 3.53 -77.46 -0.83
CA SER Q 120 3.81 -78.81 -1.32
C SER Q 120 4.34 -79.71 -0.21
N SER Q 121 4.12 -81.02 -0.38
CA SER Q 121 4.63 -82.04 0.53
C SER Q 121 6.09 -82.38 0.28
N ALA Q 122 6.64 -81.95 -0.85
CA ALA Q 122 8.02 -82.28 -1.22
C ALA Q 122 9.01 -81.64 -0.24
N SER Q 123 10.11 -82.34 0.02
CA SER Q 123 11.16 -81.85 0.89
C SER Q 123 12.16 -81.01 0.11
N THR Q 124 12.76 -80.03 0.79
CA THR Q 124 13.80 -79.22 0.19
C THR Q 124 14.94 -80.12 -0.27
N LYS Q 125 15.43 -79.90 -1.49
CA LYS Q 125 16.46 -80.75 -2.06
C LYS Q 125 17.28 -80.01 -3.12
N GLY Q 126 18.59 -80.21 -3.08
CA GLY Q 126 19.49 -79.65 -4.07
C GLY Q 126 19.45 -80.43 -5.37
N PRO Q 127 19.76 -79.75 -6.50
CA PRO Q 127 19.75 -80.42 -7.79
C PRO Q 127 20.95 -81.32 -8.01
N SER Q 128 20.75 -82.37 -8.80
CA SER Q 128 21.86 -83.09 -9.41
C SER Q 128 22.10 -82.41 -10.75
N VAL Q 129 23.36 -82.08 -11.04
CA VAL Q 129 23.69 -81.39 -12.28
C VAL Q 129 24.43 -82.35 -13.22
N PHE Q 130 23.84 -82.59 -14.39
CA PHE Q 130 24.40 -83.51 -15.37
C PHE Q 130 24.76 -82.75 -16.64
N PRO Q 131 25.86 -83.14 -17.28
CA PRO Q 131 26.27 -82.45 -18.49
C PRO Q 131 25.43 -82.85 -19.70
N LEU Q 132 25.14 -81.89 -20.56
CA LEU Q 132 24.60 -82.16 -21.89
C LEU Q 132 25.76 -81.98 -22.86
N ALA Q 133 26.45 -83.08 -23.15
CA ALA Q 133 27.68 -83.05 -23.92
C ALA Q 133 27.44 -82.71 -25.39
N PRO Q 134 28.33 -81.89 -25.98
CA PRO Q 134 28.24 -81.61 -27.42
C PRO Q 134 28.74 -82.80 -28.23
N SER Q 135 28.13 -83.08 -29.39
CA SER Q 135 28.54 -84.25 -30.19
C SER Q 135 29.75 -83.91 -31.01
N GLY Q 142 30.77 -75.70 -37.94
CA GLY Q 142 29.69 -74.74 -37.78
C GLY Q 142 29.40 -74.43 -36.32
N THR Q 143 28.23 -74.84 -35.86
CA THR Q 143 27.75 -74.52 -34.50
C THR Q 143 27.48 -75.78 -33.71
N ALA Q 144 28.00 -75.84 -32.48
CA ALA Q 144 27.72 -76.92 -31.55
C ALA Q 144 26.83 -76.41 -30.42
N ALA Q 145 26.09 -77.31 -29.80
CA ALA Q 145 25.27 -76.98 -28.65
C ALA Q 145 25.69 -77.85 -27.47
N LEU Q 146 25.73 -77.24 -26.29
CA LEU Q 146 26.00 -77.96 -25.06
C LEU Q 146 25.21 -77.34 -23.91
N GLY Q 147 25.17 -77.99 -22.77
CA GLY Q 147 24.41 -77.49 -21.63
C GLY Q 147 24.53 -78.28 -20.35
N CYS Q 148 23.70 -77.93 -19.38
CA CYS Q 148 23.56 -78.70 -18.15
C CYS Q 148 22.11 -79.01 -17.84
N LEU Q 149 21.86 -80.24 -17.41
CA LEU Q 149 20.56 -80.64 -16.91
C LEU Q 149 20.58 -80.47 -15.40
N VAL Q 150 19.77 -79.54 -14.90
CA VAL Q 150 19.65 -79.29 -13.47
C VAL Q 150 18.40 -80.02 -12.98
N LYS Q 151 18.58 -81.22 -12.45
CA LYS Q 151 17.46 -82.15 -12.22
C LYS Q 151 17.10 -82.35 -10.75
N ASP Q 152 15.81 -82.51 -10.50
CA ASP Q 152 15.28 -82.95 -9.20
C ASP Q 152 15.70 -82.06 -8.03
N TYR Q 153 15.37 -80.77 -8.13
CA TYR Q 153 15.58 -79.85 -7.02
C TYR Q 153 14.24 -79.33 -6.52
N PHE Q 154 14.25 -78.81 -5.31
CA PHE Q 154 13.05 -78.27 -4.70
C PHE Q 154 13.36 -77.38 -3.51
N PRO Q 155 12.64 -76.27 -3.37
CA PRO Q 155 11.66 -75.65 -4.27
C PRO Q 155 12.35 -74.73 -5.28
N GLU Q 156 11.60 -73.93 -6.01
CA GLU Q 156 12.19 -72.86 -6.81
C GLU Q 156 12.79 -71.82 -5.87
N PRO Q 157 13.77 -71.01 -6.34
CA PRO Q 157 14.36 -71.02 -7.67
C PRO Q 157 15.78 -71.54 -7.68
N VAL Q 158 16.32 -71.74 -8.88
CA VAL Q 158 17.75 -71.94 -9.07
C VAL Q 158 18.25 -70.88 -10.05
N THR Q 159 19.51 -70.48 -9.91
CA THR Q 159 20.14 -69.59 -10.87
C THR Q 159 21.27 -70.35 -11.58
N VAL Q 160 21.44 -70.09 -12.86
CA VAL Q 160 22.47 -70.74 -13.66
C VAL Q 160 23.22 -69.70 -14.47
N SER Q 161 24.55 -69.75 -14.39
CA SER Q 161 25.41 -68.94 -15.24
C SER Q 161 26.46 -69.83 -15.90
N TRP Q 162 27.23 -69.24 -16.82
CA TRP Q 162 28.27 -69.97 -17.54
C TRP Q 162 29.59 -69.26 -17.46
N ASN Q 163 30.63 -70.01 -17.10
CA ASN Q 163 31.98 -69.48 -16.90
C ASN Q 163 31.97 -68.26 -15.98
N SER Q 164 31.28 -68.42 -14.84
CA SER Q 164 31.14 -67.40 -13.81
C SER Q 164 30.63 -66.05 -14.33
N GLY Q 165 29.72 -66.09 -15.30
CA GLY Q 165 29.16 -64.87 -15.91
C GLY Q 165 29.88 -64.38 -17.16
N ALA Q 166 31.04 -64.96 -17.46
CA ALA Q 166 31.85 -64.54 -18.62
C ALA Q 166 31.18 -64.89 -19.94
N LEU Q 167 30.36 -65.94 -19.96
CA LEU Q 167 29.66 -66.38 -21.16
C LEU Q 167 28.16 -66.17 -21.00
N THR Q 168 27.61 -65.19 -21.72
CA THR Q 168 26.18 -64.92 -21.71
C THR Q 168 25.57 -64.99 -23.11
N SER Q 169 26.32 -64.55 -24.12
CA SER Q 169 25.88 -64.61 -25.50
C SER Q 169 25.55 -66.05 -25.92
N GLY Q 170 24.33 -66.27 -26.41
CA GLY Q 170 23.90 -67.58 -26.87
C GLY Q 170 23.30 -68.49 -25.81
N VAL Q 171 23.29 -68.04 -24.56
CA VAL Q 171 22.77 -68.85 -23.44
C VAL Q 171 21.25 -68.81 -23.39
N HIS Q 172 20.65 -69.98 -23.18
CA HIS Q 172 19.22 -70.10 -22.93
C HIS Q 172 19.01 -70.96 -21.72
N THR Q 173 18.55 -70.36 -20.62
CA THR Q 173 18.19 -71.10 -19.43
C THR Q 173 16.68 -71.21 -19.37
N PHE Q 174 16.18 -72.44 -19.46
CA PHE Q 174 14.75 -72.68 -19.61
C PHE Q 174 14.00 -72.56 -18.30
N PRO Q 175 12.72 -72.14 -18.36
CA PRO Q 175 11.86 -72.17 -17.18
C PRO Q 175 11.76 -73.58 -16.61
N ALA Q 176 11.76 -73.70 -15.28
CA ALA Q 176 11.64 -74.99 -14.62
C ALA Q 176 10.33 -75.66 -14.98
N VAL Q 177 10.36 -76.99 -15.02
CA VAL Q 177 9.16 -77.81 -15.19
C VAL Q 177 8.94 -78.58 -13.89
N LEU Q 178 7.69 -78.62 -13.44
CA LEU Q 178 7.33 -79.40 -12.26
C LEU Q 178 7.04 -80.81 -12.69
N GLN Q 179 7.81 -81.76 -12.18
CA GLN Q 179 7.65 -83.18 -12.55
C GLN Q 179 6.60 -83.83 -11.67
N SER Q 180 6.17 -85.03 -12.06
CA SER Q 180 5.14 -85.76 -11.30
C SER Q 180 5.63 -86.18 -9.91
N SER Q 181 6.94 -86.24 -9.72
CA SER Q 181 7.54 -86.51 -8.42
C SER Q 181 7.33 -85.35 -7.43
N GLY Q 182 6.99 -84.16 -7.93
CA GLY Q 182 6.85 -82.98 -7.10
C GLY Q 182 8.10 -82.12 -7.09
N LEU Q 183 9.15 -82.60 -7.76
CA LEU Q 183 10.42 -81.89 -7.84
C LEU Q 183 10.51 -81.10 -9.13
N TYR Q 184 11.35 -80.07 -9.14
CA TYR Q 184 11.56 -79.24 -10.33
C TYR Q 184 12.77 -79.71 -11.10
N SER Q 185 12.81 -79.33 -12.38
CA SER Q 185 13.91 -79.70 -13.26
C SER Q 185 13.97 -78.72 -14.42
N LEU Q 186 15.19 -78.36 -14.82
CA LEU Q 186 15.40 -77.48 -15.97
C LEU Q 186 16.73 -77.75 -16.65
N SER Q 187 16.85 -77.25 -17.86
CA SER Q 187 18.10 -77.29 -18.59
C SER Q 187 18.57 -75.88 -18.93
N SER Q 188 19.87 -75.70 -18.97
CA SER Q 188 20.47 -74.47 -19.47
C SER Q 188 21.41 -74.86 -20.60
N VAL Q 189 21.25 -74.23 -21.75
CA VAL Q 189 22.04 -74.58 -22.92
C VAL Q 189 22.72 -73.35 -23.52
N VAL Q 190 23.79 -73.59 -24.26
CA VAL Q 190 24.49 -72.54 -24.97
C VAL Q 190 24.99 -73.05 -26.31
N THR Q 191 24.86 -72.22 -27.35
CA THR Q 191 25.42 -72.55 -28.65
C THR Q 191 26.76 -71.83 -28.81
N VAL Q 192 27.75 -72.57 -29.29
CA VAL Q 192 29.10 -72.05 -29.47
C VAL Q 192 29.65 -72.58 -30.80
N PRO Q 193 30.73 -71.95 -31.31
CA PRO Q 193 31.37 -72.49 -32.51
C PRO Q 193 32.02 -73.86 -32.24
N SER Q 194 31.92 -74.76 -33.21
CA SER Q 194 32.48 -76.11 -33.08
C SER Q 194 33.98 -76.10 -32.82
N SER Q 195 34.68 -75.20 -33.51
CA SER Q 195 36.13 -75.05 -33.37
C SER Q 195 36.58 -74.75 -31.93
N SER Q 196 35.72 -74.11 -31.16
CA SER Q 196 36.05 -73.74 -29.78
C SER Q 196 36.01 -74.90 -28.78
N LEU Q 197 35.39 -76.03 -29.17
CA LEU Q 197 35.21 -77.16 -28.25
C LEU Q 197 36.52 -77.73 -27.73
N GLY Q 198 37.52 -77.82 -28.60
CA GLY Q 198 38.86 -78.28 -28.20
C GLY Q 198 39.61 -77.27 -27.34
N THR Q 199 39.41 -75.98 -27.61
CA THR Q 199 40.19 -74.91 -26.97
C THR Q 199 39.51 -74.30 -25.74
N GLN Q 200 38.25 -73.88 -25.89
CA GLN Q 200 37.55 -73.13 -24.84
C GLN Q 200 36.91 -74.09 -23.82
N THR Q 201 37.14 -73.79 -22.54
CA THR Q 201 36.56 -74.57 -21.44
C THR Q 201 35.19 -74.01 -21.01
N TYR Q 202 34.23 -74.90 -20.82
CA TYR Q 202 32.84 -74.51 -20.50
C TYR Q 202 32.36 -75.12 -19.19
N ILE Q 203 32.02 -74.25 -18.23
CA ILE Q 203 31.55 -74.67 -16.92
C ILE Q 203 30.22 -73.99 -16.60
N CYS Q 204 29.22 -74.75 -16.21
CA CYS Q 204 27.98 -74.14 -15.72
C CYS Q 204 27.96 -74.03 -14.21
N ASN Q 205 27.50 -72.88 -13.72
CA ASN Q 205 27.45 -72.60 -12.29
C ASN Q 205 26.01 -72.59 -11.83
N VAL Q 206 25.64 -73.63 -11.08
CA VAL Q 206 24.26 -73.78 -10.61
C VAL Q 206 24.22 -73.43 -9.13
N ASN Q 207 23.27 -72.58 -8.75
CA ASN Q 207 23.12 -72.14 -7.37
C ASN Q 207 21.70 -72.34 -6.89
N HIS Q 208 21.54 -73.04 -5.77
CA HIS Q 208 20.22 -73.33 -5.21
C HIS Q 208 20.19 -72.88 -3.78
N LYS Q 209 19.78 -71.64 -3.59
CA LYS Q 209 19.76 -70.99 -2.27
C LYS Q 209 18.95 -71.77 -1.22
N PRO Q 210 17.72 -72.20 -1.55
CA PRO Q 210 16.89 -72.91 -0.57
C PRO Q 210 17.54 -74.13 0.11
N SER Q 211 18.41 -74.85 -0.61
CA SER Q 211 19.13 -75.98 -0.03
C SER Q 211 20.58 -75.62 0.30
N ASN Q 212 20.95 -74.36 0.03
CA ASN Q 212 22.31 -73.89 0.26
C ASN Q 212 23.37 -74.73 -0.45
N THR Q 213 23.03 -75.21 -1.65
CA THR Q 213 23.97 -76.00 -2.44
C THR Q 213 24.40 -75.21 -3.67
N LYS Q 214 25.67 -75.41 -4.06
CA LYS Q 214 26.28 -74.71 -5.16
C LYS Q 214 27.14 -75.71 -5.91
N VAL Q 215 26.93 -75.81 -7.23
CA VAL Q 215 27.63 -76.80 -8.04
C VAL Q 215 28.19 -76.17 -9.32
N ASP Q 216 29.45 -76.48 -9.61
CA ASP Q 216 30.08 -76.10 -10.88
C ASP Q 216 30.37 -77.38 -11.65
N LYS Q 217 29.82 -77.52 -12.85
CA LYS Q 217 30.03 -78.70 -13.67
C LYS Q 217 30.67 -78.33 -15.00
N LYS Q 218 31.84 -78.93 -15.27
CA LYS Q 218 32.52 -78.75 -16.54
C LYS Q 218 31.87 -79.63 -17.59
N VAL Q 219 31.44 -79.03 -18.70
CA VAL Q 219 30.80 -79.76 -19.78
C VAL Q 219 31.81 -80.02 -20.89
N GLU Q 220 32.19 -81.29 -21.06
CA GLU Q 220 33.18 -81.68 -22.05
C GLU Q 220 32.56 -82.56 -23.14
N PRO Q 221 33.14 -82.56 -24.35
CA PRO Q 221 32.67 -83.47 -25.40
C PRO Q 221 33.02 -84.93 -25.09
N LYS Q 222 32.00 -85.81 -25.02
CA LYS Q 222 32.22 -87.32 -25.06
C LYS Q 222 32.95 -87.90 -23.84
N SER Q 223 33.09 -89.23 -23.90
CA SER Q 223 34.27 -89.92 -23.39
C SER Q 223 35.12 -90.29 -24.62
N CYS Q 224 34.41 -90.59 -25.71
CA CYS Q 224 35.00 -90.77 -27.05
C CYS Q 224 35.19 -89.48 -27.89
N ASP Q 225 35.76 -89.68 -29.08
CA ASP Q 225 35.91 -88.62 -30.08
C ASP Q 225 34.60 -88.43 -30.86
N MET R 5 -11.03 -69.61 -12.34
CA MET R 5 -9.57 -69.80 -12.07
C MET R 5 -8.89 -70.56 -13.23
N THR R 6 -7.57 -70.78 -13.11
CA THR R 6 -6.76 -71.61 -14.03
C THR R 6 -6.34 -70.89 -15.33
N GLN R 7 -6.71 -69.62 -15.47
CA GLN R 7 -6.56 -68.86 -16.72
C GLN R 7 -5.26 -68.10 -16.94
N SER R 8 -4.79 -68.30 -18.16
CA SER R 8 -3.54 -67.73 -18.63
C SER R 8 -3.81 -66.59 -19.58
N PRO R 9 -2.88 -65.63 -19.68
CA PRO R 9 -3.11 -64.48 -20.57
C PRO R 9 -3.16 -64.86 -22.06
N SER R 10 -4.10 -64.25 -22.79
CA SER R 10 -4.19 -64.39 -24.24
C SER R 10 -2.93 -63.81 -24.93
N SER R 11 -2.67 -64.29 -26.14
CA SER R 11 -1.49 -63.87 -26.89
C SER R 11 -1.87 -62.98 -28.08
N LEU R 12 -1.04 -61.98 -28.36
CA LEU R 12 -1.24 -61.08 -29.51
C LEU R 12 0.10 -60.73 -30.14
N SER R 13 0.22 -60.92 -31.45
CA SER R 13 1.44 -60.61 -32.19
C SER R 13 1.28 -59.27 -32.90
N ALA R 14 2.24 -58.37 -32.67
CA ALA R 14 2.19 -57.03 -33.25
C ALA R 14 3.58 -56.56 -33.64
N SER R 15 3.60 -55.53 -34.50
CA SER R 15 4.84 -54.88 -34.91
C SER R 15 5.01 -53.52 -34.24
N VAL R 16 6.24 -53.06 -34.16
CA VAL R 16 6.51 -51.71 -33.67
C VAL R 16 5.80 -50.70 -34.56
N GLY R 17 5.11 -49.74 -33.94
CA GLY R 17 4.32 -48.76 -34.67
C GLY R 17 2.85 -49.09 -34.82
N ASP R 18 2.48 -50.33 -34.49
CA ASP R 18 1.09 -50.77 -34.60
C ASP R 18 0.22 -50.16 -33.51
N ARG R 19 -1.07 -50.07 -33.82
CA ARG R 19 -2.06 -49.62 -32.86
C ARG R 19 -2.71 -50.85 -32.26
N VAL R 20 -2.82 -50.88 -30.93
CA VAL R 20 -3.36 -52.04 -30.23
C VAL R 20 -4.46 -51.61 -29.26
N THR R 21 -5.60 -52.30 -29.31
CA THR R 21 -6.69 -52.06 -28.38
C THR R 21 -7.06 -53.35 -27.65
N ILE R 22 -6.90 -53.34 -26.33
CA ILE R 22 -7.20 -54.51 -25.50
C ILE R 22 -8.53 -54.28 -24.77
N THR R 23 -9.42 -55.27 -24.83
CA THR R 23 -10.70 -55.19 -24.13
C THR R 23 -10.61 -55.93 -22.81
N CYS R 24 -11.18 -55.34 -21.77
CA CYS R 24 -11.12 -55.88 -20.43
C CYS R 24 -12.16 -56.99 -20.26
N ARG R 25 -11.72 -58.15 -19.76
CA ARG R 25 -12.63 -59.24 -19.42
C ARG R 25 -12.44 -59.64 -17.94
N ALA R 26 -12.91 -58.76 -17.06
CA ALA R 26 -12.92 -59.04 -15.62
C ALA R 26 -14.36 -59.24 -15.12
N SER R 27 -15.26 -59.68 -16.01
CA SER R 27 -16.69 -59.82 -15.70
C SER R 27 -17.23 -58.63 -14.91
N GLN R 28 -17.04 -57.44 -15.49
CA GLN R 28 -17.26 -56.16 -14.81
C GLN R 28 -18.69 -55.65 -14.98
N SER R 29 -18.99 -54.52 -14.35
CA SER R 29 -20.27 -53.83 -14.50
C SER R 29 -20.06 -52.38 -14.91
N VAL R 30 -21.16 -51.65 -15.10
CA VAL R 30 -21.13 -50.22 -15.43
C VAL R 30 -20.56 -49.36 -14.28
N SER R 31 -20.81 -49.80 -13.05
CA SER R 31 -20.39 -49.07 -11.85
C SER R 31 -18.88 -49.10 -11.66
N SER R 32 -18.26 -50.20 -12.11
CA SER R 32 -16.87 -50.52 -11.84
C SER R 32 -15.87 -49.35 -12.04
N ALA R 33 -14.95 -49.24 -11.10
CA ALA R 33 -13.75 -48.42 -11.25
C ALA R 33 -12.65 -49.31 -11.84
N VAL R 34 -12.15 -48.97 -13.02
CA VAL R 34 -11.27 -49.85 -13.77
C VAL R 34 -9.86 -49.28 -13.88
N ALA R 35 -8.86 -50.15 -13.73
CA ALA R 35 -7.48 -49.76 -13.86
C ALA R 35 -6.77 -50.68 -14.86
N TRP R 36 -5.63 -50.23 -15.37
CA TRP R 36 -4.83 -51.01 -16.32
C TRP R 36 -3.39 -51.07 -15.91
N TYR R 37 -2.76 -52.23 -16.15
CA TYR R 37 -1.38 -52.47 -15.73
C TYR R 37 -0.54 -53.04 -16.85
N GLN R 38 0.76 -52.81 -16.76
CA GLN R 38 1.75 -53.45 -17.62
C GLN R 38 2.65 -54.31 -16.74
N GLN R 39 2.93 -55.54 -17.18
CA GLN R 39 3.87 -56.39 -16.46
C GLN R 39 4.87 -57.01 -17.42
N LYS R 40 6.14 -56.95 -17.04
CA LYS R 40 7.21 -57.62 -17.76
C LYS R 40 7.73 -58.78 -16.91
N PRO R 41 8.35 -59.78 -17.55
CA PRO R 41 8.82 -60.97 -16.82
C PRO R 41 9.74 -60.64 -15.63
N GLY R 42 9.48 -61.30 -14.50
CA GLY R 42 10.29 -61.14 -13.30
C GLY R 42 10.12 -59.82 -12.57
N LYS R 43 9.11 -59.05 -12.93
CA LYS R 43 8.88 -57.72 -12.37
C LYS R 43 7.44 -57.55 -11.90
N ALA R 44 7.25 -56.65 -10.93
CA ALA R 44 5.91 -56.30 -10.45
C ALA R 44 5.18 -55.52 -11.52
N PRO R 45 3.84 -55.57 -11.52
CA PRO R 45 3.07 -54.75 -12.46
C PRO R 45 3.23 -53.25 -12.23
N LYS R 46 3.06 -52.48 -13.29
CA LYS R 46 3.11 -51.02 -13.27
C LYS R 46 1.75 -50.45 -13.63
N LEU R 47 1.27 -49.48 -12.86
CA LEU R 47 -0.01 -48.83 -13.12
C LEU R 47 0.09 -47.90 -14.33
N LEU R 48 -0.85 -48.06 -15.26
CA LEU R 48 -0.92 -47.27 -16.49
C LEU R 48 -2.09 -46.29 -16.44
N ILE R 49 -3.29 -46.84 -16.23
CA ILE R 49 -4.53 -46.06 -16.23
C ILE R 49 -5.31 -46.33 -14.96
N TYR R 50 -6.00 -45.32 -14.46
CA TYR R 50 -6.92 -45.47 -13.33
C TYR R 50 -8.24 -44.77 -13.63
N SER R 51 -9.27 -45.13 -12.87
CA SER R 51 -10.61 -44.59 -13.07
C SER R 51 -11.01 -44.66 -14.54
N ALA R 52 -10.80 -45.81 -15.16
CA ALA R 52 -11.22 -46.07 -16.52
C ALA R 52 -10.36 -45.37 -17.59
N SER R 53 -10.16 -44.06 -17.46
CA SER R 53 -9.53 -43.28 -18.52
C SER R 53 -8.46 -42.26 -18.11
N SER R 54 -8.12 -42.20 -16.82
CA SER R 54 -7.12 -41.23 -16.36
C SER R 54 -5.71 -41.80 -16.49
N LEU R 55 -4.83 -41.04 -17.15
CA LEU R 55 -3.43 -41.44 -17.34
C LEU R 55 -2.64 -41.22 -16.05
N TYR R 56 -2.02 -42.28 -15.55
CA TYR R 56 -1.26 -42.18 -14.30
C TYR R 56 0.01 -41.38 -14.52
N SER R 57 0.42 -40.67 -13.47
CA SER R 57 1.61 -39.81 -13.51
C SER R 57 2.83 -40.55 -14.03
N GLY R 58 3.50 -39.94 -15.01
CA GLY R 58 4.73 -40.50 -15.58
C GLY R 58 4.53 -41.46 -16.74
N VAL R 59 3.30 -41.90 -16.96
CA VAL R 59 3.01 -42.86 -18.04
C VAL R 59 2.90 -42.11 -19.37
N PRO R 60 3.57 -42.61 -20.43
CA PRO R 60 3.53 -41.98 -21.73
C PRO R 60 2.11 -41.77 -22.26
N SER R 61 1.92 -40.72 -23.05
CA SER R 61 0.60 -40.32 -23.54
C SER R 61 0.02 -41.26 -24.61
N ARG R 62 0.85 -42.12 -25.20
CA ARG R 62 0.36 -43.08 -26.19
C ARG R 62 -0.57 -44.14 -25.58
N PHE R 63 -0.49 -44.32 -24.25
CA PHE R 63 -1.43 -45.15 -23.52
C PHE R 63 -2.69 -44.35 -23.19
N SER R 64 -3.85 -44.91 -23.50
CA SER R 64 -5.12 -44.28 -23.17
C SER R 64 -6.14 -45.35 -22.81
N GLY R 65 -7.05 -44.98 -21.92
CA GLY R 65 -8.14 -45.86 -21.50
C GLY R 65 -9.48 -45.25 -21.87
N SER R 66 -10.45 -46.11 -22.13
CA SER R 66 -11.78 -45.66 -22.53
C SER R 66 -12.85 -46.61 -22.03
N ARG R 67 -14.04 -46.04 -21.80
CA ARG R 67 -15.19 -46.79 -21.33
C ARG R 67 -16.35 -46.58 -22.30
N SER R 68 -16.94 -47.67 -22.76
CA SER R 68 -18.12 -47.60 -23.61
C SER R 68 -19.16 -48.58 -23.07
N GLY R 69 -20.10 -48.05 -22.30
CA GLY R 69 -21.11 -48.87 -21.64
C GLY R 69 -20.47 -49.80 -20.63
N THR R 70 -20.57 -51.10 -20.90
CA THR R 70 -20.01 -52.13 -20.04
C THR R 70 -18.60 -52.56 -20.49
N ASP R 71 -18.15 -52.04 -21.63
CA ASP R 71 -16.89 -52.44 -22.23
C ASP R 71 -15.77 -51.43 -21.94
N PHE R 72 -14.72 -51.90 -21.28
CA PHE R 72 -13.57 -51.08 -20.93
C PHE R 72 -12.40 -51.45 -21.83
N THR R 73 -11.66 -50.43 -22.30
CA THR R 73 -10.66 -50.62 -23.38
C THR R 73 -9.37 -49.87 -23.01
N LEU R 74 -8.24 -50.50 -23.34
CA LEU R 74 -6.94 -49.85 -23.27
C LEU R 74 -6.38 -49.79 -24.68
N THR R 75 -5.95 -48.60 -25.10
CA THR R 75 -5.36 -48.44 -26.41
C THR R 75 -3.92 -47.93 -26.30
N ILE R 76 -3.03 -48.56 -27.04
CA ILE R 76 -1.68 -48.05 -27.26
C ILE R 76 -1.62 -47.55 -28.69
N SER R 77 -1.60 -46.24 -28.88
CA SER R 77 -1.72 -45.63 -30.21
C SER R 77 -0.60 -46.06 -31.16
N SER R 78 0.61 -46.20 -30.64
CA SER R 78 1.75 -46.59 -31.46
C SER R 78 2.72 -47.41 -30.62
N LEU R 79 2.75 -48.71 -30.87
CA LEU R 79 3.58 -49.64 -30.11
C LEU R 79 5.06 -49.29 -30.23
N GLN R 80 5.72 -49.18 -29.08
CA GLN R 80 7.17 -48.96 -29.01
C GLN R 80 7.86 -50.24 -28.56
N PRO R 81 9.17 -50.38 -28.80
CA PRO R 81 9.90 -51.61 -28.41
C PRO R 81 9.74 -51.98 -26.93
N GLU R 82 9.71 -50.98 -26.06
CA GLU R 82 9.57 -51.21 -24.62
C GLU R 82 8.15 -51.60 -24.20
N ASP R 83 7.19 -51.47 -25.11
CA ASP R 83 5.78 -51.76 -24.79
C ASP R 83 5.42 -53.24 -24.91
N PHE R 84 6.31 -54.04 -25.46
CA PHE R 84 6.04 -55.48 -25.59
C PHE R 84 6.13 -56.13 -24.21
N ALA R 85 4.96 -56.51 -23.72
CA ALA R 85 4.81 -56.99 -22.35
C ALA R 85 3.39 -57.55 -22.20
N THR R 86 3.03 -57.90 -20.97
CA THR R 86 1.69 -58.38 -20.69
C THR R 86 0.86 -57.25 -20.07
N TYR R 87 -0.41 -57.17 -20.45
CA TYR R 87 -1.31 -56.12 -19.97
C TYR R 87 -2.53 -56.72 -19.28
N TYR R 88 -2.87 -56.18 -18.12
CA TYR R 88 -4.03 -56.62 -17.34
C TYR R 88 -4.93 -55.44 -17.02
N CYS R 89 -6.23 -55.67 -17.06
CA CYS R 89 -7.19 -54.73 -16.48
C CYS R 89 -7.58 -55.20 -15.09
N GLN R 90 -8.04 -54.25 -14.27
CA GLN R 90 -8.57 -54.56 -12.95
C GLN R 90 -9.92 -53.87 -12.81
N GLN R 91 -10.89 -54.59 -12.26
CA GLN R 91 -12.20 -54.03 -11.98
C GLN R 91 -12.47 -54.10 -10.47
N SER R 92 -12.74 -52.95 -9.86
CA SER R 92 -13.06 -52.85 -8.44
C SER R 92 -14.55 -52.59 -8.26
N SER R 93 -15.22 -53.47 -7.54
CA SER R 93 -16.63 -53.29 -7.21
C SER R 93 -16.73 -52.74 -5.78
N SER R 94 -17.90 -52.85 -5.17
CA SER R 94 -18.10 -52.34 -3.82
C SER R 94 -17.49 -53.25 -2.74
N SER R 95 -17.16 -54.49 -3.08
CA SER R 95 -16.59 -55.41 -2.10
C SER R 95 -15.60 -56.41 -2.67
N LEU R 96 -15.09 -56.14 -3.87
CA LEU R 96 -14.35 -57.15 -4.62
C LEU R 96 -13.46 -56.48 -5.65
N ILE R 97 -12.27 -57.05 -5.86
CA ILE R 97 -11.41 -56.65 -6.97
C ILE R 97 -11.18 -57.88 -7.86
N THR R 98 -11.31 -57.69 -9.17
CA THR R 98 -11.08 -58.77 -10.13
C THR R 98 -10.11 -58.30 -11.20
N PHE R 99 -9.06 -59.09 -11.42
CA PHE R 99 -8.16 -58.88 -12.55
C PHE R 99 -8.65 -59.71 -13.73
N GLY R 100 -8.51 -59.17 -14.93
CA GLY R 100 -8.91 -59.87 -16.15
C GLY R 100 -7.85 -60.87 -16.60
N GLN R 101 -8.22 -61.66 -17.60
CA GLN R 101 -7.33 -62.68 -18.17
C GLN R 101 -5.98 -62.10 -18.57
N GLY R 102 -6.00 -60.95 -19.23
CA GLY R 102 -4.77 -60.27 -19.64
C GLY R 102 -4.31 -60.67 -21.03
N THR R 103 -3.58 -59.77 -21.68
CA THR R 103 -3.07 -60.00 -23.03
C THR R 103 -1.56 -59.83 -23.05
N LYS R 104 -0.86 -60.82 -23.61
CA LYS R 104 0.57 -60.76 -23.76
C LYS R 104 0.89 -60.33 -25.17
N VAL R 105 1.47 -59.15 -25.33
CA VAL R 105 1.81 -58.61 -26.64
C VAL R 105 3.24 -59.00 -27.02
N GLU R 106 3.36 -59.82 -28.07
CA GLU R 106 4.66 -60.31 -28.56
C GLU R 106 5.04 -59.70 -29.91
N ILE R 107 6.34 -59.72 -30.22
CA ILE R 107 6.86 -59.04 -31.40
C ILE R 107 6.69 -59.93 -32.64
N LYS R 108 6.09 -59.36 -33.69
CA LYS R 108 5.96 -60.03 -34.96
C LYS R 108 7.32 -60.06 -35.66
N ARG R 109 7.55 -61.08 -36.48
CA ARG R 109 8.88 -61.37 -37.02
C ARG R 109 8.78 -62.32 -38.20
N THR R 110 9.79 -62.33 -39.07
CA THR R 110 9.85 -63.29 -40.18
C THR R 110 10.06 -64.71 -39.63
N VAL R 111 9.63 -65.69 -40.41
CA VAL R 111 9.74 -67.10 -40.01
C VAL R 111 11.19 -67.53 -39.94
N ALA R 112 11.54 -68.24 -38.87
CA ALA R 112 12.89 -68.77 -38.68
C ALA R 112 12.84 -70.23 -38.24
N ALA R 113 13.48 -71.10 -39.00
CA ALA R 113 13.53 -72.52 -38.68
C ALA R 113 14.41 -72.77 -37.45
N PRO R 114 14.06 -73.77 -36.64
CA PRO R 114 14.87 -74.11 -35.48
C PRO R 114 16.09 -74.95 -35.84
N SER R 115 17.22 -74.68 -35.18
CA SER R 115 18.32 -75.64 -35.12
C SER R 115 17.93 -76.71 -34.10
N VAL R 116 18.03 -77.98 -34.48
CA VAL R 116 17.61 -79.07 -33.60
C VAL R 116 18.81 -79.88 -33.09
N PHE R 117 18.83 -80.18 -31.80
CA PHE R 117 19.89 -80.97 -31.17
C PHE R 117 19.29 -82.00 -30.24
N ILE R 118 19.94 -83.17 -30.15
CA ILE R 118 19.52 -84.21 -29.22
C ILE R 118 20.67 -84.56 -28.26
N PHE R 119 20.32 -84.79 -27.00
CA PHE R 119 21.30 -85.10 -25.97
C PHE R 119 20.94 -86.39 -25.26
N PRO R 120 21.78 -87.42 -25.37
CA PRO R 120 21.53 -88.64 -24.59
C PRO R 120 21.81 -88.38 -23.12
N PRO R 121 21.31 -89.26 -22.23
CA PRO R 121 21.60 -89.09 -20.82
C PRO R 121 23.07 -89.33 -20.51
N SER R 122 23.61 -88.58 -19.56
CA SER R 122 25.00 -88.74 -19.14
C SER R 122 25.16 -90.02 -18.35
N ASP R 123 26.39 -90.53 -18.29
CA ASP R 123 26.70 -91.70 -17.47
C ASP R 123 26.51 -91.39 -16.00
N SER R 124 26.79 -90.13 -15.62
CA SER R 124 26.56 -89.67 -14.27
C SER R 124 25.09 -89.86 -13.83
N GLN R 125 24.15 -89.51 -14.70
CA GLN R 125 22.73 -89.66 -14.38
C GLN R 125 22.32 -91.13 -14.36
N LEU R 126 22.78 -91.90 -15.34
CA LEU R 126 22.50 -93.33 -15.41
C LEU R 126 22.89 -94.05 -14.12
N LYS R 127 23.98 -93.63 -13.49
CA LYS R 127 24.38 -94.15 -12.17
C LYS R 127 23.29 -93.92 -11.12
N SER R 128 22.71 -92.71 -11.11
CA SER R 128 21.73 -92.33 -10.10
C SER R 128 20.39 -93.07 -10.23
N GLY R 129 20.16 -93.74 -11.36
CA GLY R 129 18.98 -94.60 -11.52
C GLY R 129 17.90 -94.08 -12.46
N THR R 130 18.10 -92.87 -12.99
CA THR R 130 17.16 -92.28 -13.95
C THR R 130 17.87 -91.93 -15.25
N ALA R 131 17.07 -91.64 -16.29
CA ALA R 131 17.60 -91.30 -17.61
C ALA R 131 16.75 -90.21 -18.27
N SER R 132 17.37 -89.05 -18.52
CA SER R 132 16.69 -87.96 -19.20
C SER R 132 17.31 -87.75 -20.57
N VAL R 133 16.47 -87.76 -21.61
CA VAL R 133 16.90 -87.47 -22.97
C VAL R 133 16.33 -86.12 -23.37
N VAL R 134 17.20 -85.17 -23.71
CA VAL R 134 16.80 -83.80 -24.01
C VAL R 134 16.89 -83.51 -25.50
N CYS R 135 15.82 -82.90 -26.03
CA CYS R 135 15.78 -82.47 -27.42
C CYS R 135 15.61 -80.94 -27.45
N LEU R 136 16.56 -80.25 -28.07
CA LEU R 136 16.60 -78.78 -28.06
C LEU R 136 16.23 -78.21 -29.42
N LEU R 137 15.26 -77.31 -29.42
CA LEU R 137 14.92 -76.51 -30.60
C LEU R 137 15.38 -75.09 -30.35
N ASN R 138 16.34 -74.63 -31.13
CA ASN R 138 17.00 -73.35 -30.86
C ASN R 138 16.65 -72.22 -31.84
N ASN R 139 16.32 -71.05 -31.29
CA ASN R 139 16.13 -69.81 -32.04
C ASN R 139 15.22 -69.93 -33.26
N PHE R 140 13.92 -70.09 -32.99
CA PHE R 140 12.93 -70.22 -34.06
C PHE R 140 11.75 -69.27 -33.89
N TYR R 141 11.00 -69.09 -34.97
CA TYR R 141 9.78 -68.29 -34.97
C TYR R 141 8.87 -68.77 -36.10
N PRO R 142 7.55 -68.86 -35.86
CA PRO R 142 6.82 -68.54 -34.63
C PRO R 142 6.95 -69.60 -33.53
N ARG R 143 6.34 -69.30 -32.39
CA ARG R 143 6.40 -70.13 -31.20
C ARG R 143 5.87 -71.55 -31.41
N GLU R 144 4.88 -71.69 -32.29
CA GLU R 144 4.19 -72.97 -32.47
C GLU R 144 5.10 -74.00 -33.12
N ALA R 145 5.57 -74.95 -32.33
CA ALA R 145 6.37 -76.06 -32.82
C ALA R 145 5.75 -77.36 -32.31
N LYS R 146 6.05 -78.45 -33.01
CA LYS R 146 5.57 -79.76 -32.63
C LYS R 146 6.78 -80.68 -32.49
N VAL R 147 6.97 -81.24 -31.30
CA VAL R 147 8.10 -82.12 -31.00
C VAL R 147 7.59 -83.47 -30.53
N GLN R 148 7.82 -84.49 -31.33
CA GLN R 148 7.30 -85.83 -31.05
C GLN R 148 8.47 -86.78 -30.81
N TRP R 149 8.34 -87.62 -29.79
CA TRP R 149 9.38 -88.59 -29.44
C TRP R 149 9.10 -89.94 -30.03
N LYS R 150 10.17 -90.61 -30.50
CA LYS R 150 10.11 -92.00 -30.98
C LYS R 150 11.12 -92.83 -30.20
N VAL R 151 10.70 -93.99 -29.73
CA VAL R 151 11.60 -94.94 -29.08
C VAL R 151 11.39 -96.30 -29.72
N ASP R 152 12.44 -96.80 -30.38
CA ASP R 152 12.35 -98.02 -31.17
C ASP R 152 11.15 -98.00 -32.12
N ASN R 153 10.99 -96.86 -32.80
CA ASN R 153 9.91 -96.66 -33.79
C ASN R 153 8.50 -96.56 -33.18
N ALA R 154 8.40 -96.44 -31.87
CA ALA R 154 7.11 -96.25 -31.19
C ALA R 154 6.95 -94.79 -30.82
N LEU R 155 5.95 -94.13 -31.40
CA LEU R 155 5.62 -92.75 -31.03
C LEU R 155 5.23 -92.69 -29.55
N GLN R 156 5.80 -91.74 -28.83
CA GLN R 156 5.58 -91.61 -27.39
C GLN R 156 4.64 -90.48 -27.04
N SER R 157 3.99 -90.59 -25.89
CA SER R 157 3.20 -89.50 -25.31
C SER R 157 3.00 -89.76 -23.83
N GLY R 158 3.24 -88.73 -23.02
CA GLY R 158 3.02 -88.80 -21.59
C GLY R 158 4.29 -88.91 -20.76
N ASN R 159 5.41 -89.26 -21.39
CA ASN R 159 6.69 -89.39 -20.67
C ASN R 159 7.68 -88.28 -21.03
N SER R 160 7.16 -87.15 -21.50
CA SER R 160 8.00 -86.00 -21.82
C SER R 160 7.31 -84.69 -21.45
N GLN R 161 8.12 -83.68 -21.15
CA GLN R 161 7.62 -82.36 -20.80
C GLN R 161 8.38 -81.30 -21.57
N GLU R 162 7.67 -80.26 -21.99
CA GLU R 162 8.26 -79.18 -22.76
C GLU R 162 8.43 -77.92 -21.91
N SER R 163 9.41 -77.11 -22.28
CA SER R 163 9.62 -75.80 -21.67
C SER R 163 10.07 -74.84 -22.75
N VAL R 164 9.48 -73.65 -22.76
CA VAL R 164 9.74 -72.67 -23.80
C VAL R 164 10.26 -71.39 -23.16
N THR R 165 11.29 -70.81 -23.76
CA THR R 165 11.83 -69.55 -23.26
C THR R 165 10.91 -68.40 -23.64
N GLU R 166 11.14 -67.27 -22.99
CA GLU R 166 10.47 -66.04 -23.31
C GLU R 166 11.05 -65.52 -24.62
N GLN R 167 10.28 -64.74 -25.37
CA GLN R 167 10.76 -64.21 -26.65
C GLN R 167 12.05 -63.42 -26.43
N ASP R 168 13.06 -63.72 -27.25
CA ASP R 168 14.40 -63.14 -27.07
C ASP R 168 14.41 -61.66 -27.45
N SER R 169 15.07 -60.84 -26.63
CA SER R 169 15.10 -59.40 -26.83
C SER R 169 15.92 -58.98 -28.06
N LYS R 170 16.96 -59.74 -28.38
CA LYS R 170 17.86 -59.41 -29.50
C LYS R 170 17.25 -59.76 -30.85
N ASP R 171 16.84 -61.01 -31.02
CA ASP R 171 16.39 -61.51 -32.33
C ASP R 171 14.92 -61.95 -32.39
N SER R 172 14.18 -61.76 -31.29
CA SER R 172 12.74 -62.04 -31.23
C SER R 172 12.36 -63.50 -31.51
N THR R 173 13.28 -64.42 -31.28
CA THR R 173 13.03 -65.85 -31.48
C THR R 173 12.73 -66.55 -30.17
N TYR R 174 12.17 -67.75 -30.28
CA TYR R 174 11.95 -68.61 -29.14
C TYR R 174 12.91 -69.79 -29.20
N SER R 175 13.13 -70.41 -28.04
CA SER R 175 13.82 -71.68 -27.96
C SER R 175 13.00 -72.61 -27.06
N LEU R 176 13.08 -73.90 -27.34
CA LEU R 176 12.26 -74.88 -26.66
C LEU R 176 13.06 -76.12 -26.31
N SER R 177 12.78 -76.69 -25.15
CA SER R 177 13.37 -77.96 -24.74
C SER R 177 12.25 -78.96 -24.54
N SER R 178 12.47 -80.19 -24.98
CA SER R 178 11.59 -81.31 -24.65
C SER R 178 12.44 -82.37 -23.99
N THR R 179 12.00 -82.86 -22.83
CA THR R 179 12.77 -83.82 -22.05
C THR R 179 11.98 -85.10 -21.86
N LEU R 180 12.46 -86.17 -22.49
CA LEU R 180 11.91 -87.51 -22.29
C LEU R 180 12.56 -88.11 -21.05
N THR R 181 11.76 -88.55 -20.09
CA THR R 181 12.26 -89.10 -18.84
C THR R 181 11.82 -90.54 -18.68
N LEU R 182 12.79 -91.41 -18.45
CA LEU R 182 12.55 -92.82 -18.16
C LEU R 182 13.39 -93.25 -16.97
N SER R 183 13.04 -94.41 -16.41
CA SER R 183 13.91 -95.06 -15.43
C SER R 183 15.11 -95.67 -16.16
N LYS R 184 16.19 -95.94 -15.42
CA LYS R 184 17.37 -96.57 -16.00
C LYS R 184 16.98 -97.87 -16.66
N ALA R 185 16.21 -98.69 -15.95
CA ALA R 185 15.76 -99.99 -16.45
C ALA R 185 15.08 -99.85 -17.82
N ASP R 186 14.11 -98.94 -17.91
CA ASP R 186 13.37 -98.73 -19.16
C ASP R 186 14.24 -98.18 -20.28
N TYR R 187 15.16 -97.27 -19.94
CA TYR R 187 16.11 -96.75 -20.91
C TYR R 187 16.95 -97.88 -21.53
N GLU R 188 17.37 -98.82 -20.70
CA GLU R 188 18.19 -99.95 -21.15
C GLU R 188 17.42 -100.92 -22.07
N LYS R 189 16.10 -100.96 -21.93
CA LYS R 189 15.28 -101.87 -22.75
C LYS R 189 15.21 -101.48 -24.24
N HIS R 190 15.60 -100.25 -24.58
CA HIS R 190 15.43 -99.74 -25.94
C HIS R 190 16.71 -99.22 -26.53
N LYS R 191 16.81 -99.30 -27.86
CA LYS R 191 18.04 -98.96 -28.57
C LYS R 191 18.01 -97.56 -29.20
N VAL R 192 17.03 -97.30 -30.06
CA VAL R 192 17.02 -96.05 -30.85
C VAL R 192 16.08 -94.98 -30.25
N TYR R 193 16.66 -93.80 -29.97
CA TYR R 193 15.92 -92.66 -29.42
C TYR R 193 15.97 -91.49 -30.39
N ALA R 194 14.80 -90.96 -30.74
CA ALA R 194 14.68 -89.90 -31.73
C ALA R 194 13.62 -88.87 -31.33
N CYS R 195 13.88 -87.60 -31.64
CA CYS R 195 12.83 -86.58 -31.55
C CYS R 195 12.60 -86.01 -32.95
N GLU R 196 11.33 -85.96 -33.36
CA GLU R 196 10.94 -85.44 -34.66
C GLU R 196 10.34 -84.06 -34.47
N VAL R 197 10.88 -83.08 -35.19
CA VAL R 197 10.42 -81.70 -35.08
C VAL R 197 9.76 -81.25 -36.38
N THR R 198 8.51 -80.80 -36.28
CA THR R 198 7.83 -80.17 -37.40
C THR R 198 7.58 -78.70 -37.05
N HIS R 199 7.77 -77.82 -38.04
CA HIS R 199 7.68 -76.38 -37.82
C HIS R 199 7.49 -75.67 -39.13
N GLN R 200 6.86 -74.50 -39.08
CA GLN R 200 6.52 -73.71 -40.26
C GLN R 200 7.70 -73.43 -41.18
N GLY R 201 8.84 -73.10 -40.60
CA GLY R 201 10.07 -72.83 -41.35
C GLY R 201 10.82 -74.06 -41.83
N LEU R 202 10.25 -75.24 -41.61
CA LEU R 202 10.79 -76.52 -42.08
C LEU R 202 9.91 -77.09 -43.17
N SER R 203 10.46 -77.21 -44.38
CA SER R 203 9.72 -77.79 -45.51
C SER R 203 9.35 -79.25 -45.23
N SER R 204 10.23 -79.96 -44.50
CA SER R 204 9.95 -81.33 -44.04
C SER R 204 10.33 -81.47 -42.58
N PRO R 205 9.72 -82.44 -41.88
CA PRO R 205 10.07 -82.69 -40.48
C PRO R 205 11.52 -83.14 -40.31
N VAL R 206 12.19 -82.57 -39.33
CA VAL R 206 13.58 -82.90 -39.05
C VAL R 206 13.67 -83.86 -37.86
N THR R 207 14.44 -84.93 -38.02
CA THR R 207 14.63 -85.92 -36.96
C THR R 207 16.09 -85.97 -36.53
N LYS R 208 16.33 -85.80 -35.24
CA LYS R 208 17.63 -86.06 -34.66
C LYS R 208 17.51 -87.29 -33.77
N SER R 209 18.50 -88.17 -33.85
CA SER R 209 18.43 -89.46 -33.15
C SER R 209 19.80 -90.00 -32.79
N PHE R 210 19.82 -90.92 -31.84
CA PHE R 210 21.03 -91.65 -31.48
C PHE R 210 20.65 -93.07 -31.08
N ASN R 211 21.63 -93.95 -31.07
CA ASN R 211 21.46 -95.31 -30.58
C ASN R 211 22.17 -95.44 -29.24
N ARG R 212 21.52 -96.07 -28.28
CA ARG R 212 22.03 -96.15 -26.92
C ARG R 212 23.47 -96.64 -26.59
N GLY R 213 23.99 -97.68 -27.22
CA GLY R 213 25.33 -98.17 -26.87
C GLY R 213 26.45 -97.54 -27.68
N GLU R 214 26.11 -96.58 -28.56
CA GLU R 214 27.04 -96.15 -29.62
C GLU R 214 27.62 -94.75 -29.41
N CYS R 215 28.66 -94.43 -30.18
CA CYS R 215 29.33 -93.15 -30.08
C CYS R 215 29.40 -92.49 -31.46
N ILE S 2 -33.33 52.23 23.64
CA ILE S 2 -32.44 53.32 24.02
C ILE S 2 -31.10 53.11 23.35
N SER S 3 -30.85 53.83 22.28
CA SER S 3 -29.58 53.75 21.58
C SER S 3 -28.49 54.25 22.50
N GLU S 4 -27.25 53.82 22.29
CA GLU S 4 -26.24 54.19 23.29
C GLU S 4 -25.48 55.45 22.91
N VAL S 5 -25.27 56.33 23.89
CA VAL S 5 -24.64 57.61 23.66
C VAL S 5 -23.12 57.53 23.46
N GLN S 6 -22.64 58.20 22.41
CA GLN S 6 -21.20 58.36 22.23
C GLN S 6 -20.78 59.52 21.33
N LEU S 7 -19.51 59.88 21.48
CA LEU S 7 -18.90 61.01 20.78
C LEU S 7 -17.62 60.53 20.10
N VAL S 8 -17.59 60.58 18.77
CA VAL S 8 -16.42 60.15 17.99
C VAL S 8 -15.74 61.37 17.37
N GLU S 9 -14.47 61.59 17.75
CA GLU S 9 -13.70 62.72 17.24
C GLU S 9 -12.92 62.36 15.98
N SER S 10 -12.77 63.35 15.10
CA SER S 10 -11.99 63.19 13.86
C SER S 10 -11.09 64.39 13.66
N GLY S 11 -10.10 64.23 12.79
CA GLY S 11 -9.13 65.28 12.50
C GLY S 11 -8.03 65.33 13.54
N GLY S 12 -7.18 66.34 13.42
CA GLY S 12 -6.04 66.53 14.32
C GLY S 12 -4.73 66.24 13.60
N GLY S 13 -3.64 66.25 14.36
CA GLY S 13 -2.32 65.94 13.83
C GLY S 13 -1.35 67.11 13.92
N LEU S 14 -0.44 67.18 12.97
CA LEU S 14 0.63 68.17 12.97
C LEU S 14 0.20 69.39 12.16
N VAL S 15 0.44 70.57 12.72
CA VAL S 15 0.18 71.83 12.03
C VAL S 15 1.25 72.86 12.41
N GLN S 16 1.61 73.73 11.47
CA GLN S 16 2.62 74.76 11.72
C GLN S 16 2.04 75.97 12.45
N PRO S 17 2.90 76.72 13.18
CA PRO S 17 2.44 77.93 13.85
C PRO S 17 1.81 78.90 12.86
N GLY S 18 0.70 79.51 13.26
CA GLY S 18 -0.07 80.39 12.39
C GLY S 18 -1.08 79.65 11.53
N GLY S 19 -1.05 78.32 11.58
CA GLY S 19 -1.87 77.47 10.71
C GLY S 19 -3.29 77.26 11.22
N SER S 20 -4.08 76.56 10.42
CA SER S 20 -5.49 76.35 10.68
C SER S 20 -5.82 74.86 10.65
N LEU S 21 -6.73 74.45 11.51
CA LEU S 21 -7.08 73.05 11.65
C LEU S 21 -8.47 72.92 12.25
N ARG S 22 -9.27 71.98 11.75
CA ARG S 22 -10.62 71.76 12.27
C ARG S 22 -10.79 70.37 12.86
N LEU S 23 -11.27 70.31 14.09
CA LEU S 23 -11.61 69.06 14.75
C LEU S 23 -13.11 68.81 14.64
N SER S 24 -13.49 67.53 14.54
CA SER S 24 -14.89 67.13 14.44
C SER S 24 -15.28 66.28 15.64
N CYS S 25 -16.55 66.34 16.01
CA CYS S 25 -17.08 65.58 17.13
C CYS S 25 -18.45 65.05 16.74
N ALA S 26 -18.47 63.85 16.18
CA ALA S 26 -19.71 63.23 15.69
C ALA S 26 -20.46 62.58 16.84
N ALA S 27 -21.72 62.99 17.03
CA ALA S 27 -22.54 62.48 18.13
C ALA S 27 -23.54 61.43 17.65
N SER S 28 -23.80 60.45 18.52
CA SER S 28 -24.89 59.49 18.30
C SER S 28 -25.46 59.09 19.64
N GLY S 29 -26.73 58.69 19.64
CA GLY S 29 -27.46 58.39 20.87
C GLY S 29 -28.15 59.59 21.48
N PHE S 30 -27.90 60.78 20.94
CA PHE S 30 -28.56 62.00 21.39
C PHE S 30 -28.49 63.07 20.32
N ASN S 31 -29.38 64.04 20.41
CA ASN S 31 -29.47 65.10 19.42
C ASN S 31 -28.64 66.32 19.85
N VAL S 32 -27.64 66.66 19.03
CA VAL S 32 -26.75 67.78 19.32
C VAL S 32 -27.50 69.12 19.37
N SER S 33 -28.61 69.22 18.64
CA SER S 33 -29.40 70.45 18.59
C SER S 33 -30.19 70.72 19.87
N TYR S 34 -30.36 69.71 20.72
CA TYR S 34 -31.01 69.86 22.02
C TYR S 34 -30.05 69.55 23.18
N SER S 35 -28.75 69.65 22.92
CA SER S 35 -27.72 69.39 23.92
C SER S 35 -26.62 70.42 23.81
N SER S 36 -25.69 70.38 24.75
CA SER S 36 -24.51 71.24 24.70
C SER S 36 -23.26 70.40 24.46
N ILE S 37 -22.37 70.94 23.64
CA ILE S 37 -21.09 70.30 23.37
C ILE S 37 -19.97 71.23 23.85
N HIS S 38 -18.93 70.63 24.43
CA HIS S 38 -17.83 71.38 25.01
C HIS S 38 -16.53 70.82 24.54
N TRP S 39 -15.55 71.70 24.31
CA TRP S 39 -14.20 71.29 23.99
C TRP S 39 -13.29 71.56 25.15
N VAL S 40 -12.54 70.53 25.56
CA VAL S 40 -11.58 70.63 26.66
C VAL S 40 -10.27 70.02 26.18
N ARG S 41 -9.17 70.67 26.51
CA ARG S 41 -7.86 70.19 26.07
C ARG S 41 -6.93 69.94 27.25
N GLN S 42 -5.89 69.15 26.98
CA GLN S 42 -4.92 68.76 27.99
C GLN S 42 -3.53 68.66 27.38
N ALA S 43 -2.66 69.59 27.74
CA ALA S 43 -1.27 69.55 27.30
C ALA S 43 -0.55 68.42 28.06
N PRO S 44 0.49 67.84 27.43
CA PRO S 44 1.20 66.71 28.05
C PRO S 44 1.64 67.00 29.49
N GLY S 45 1.22 66.14 30.42
CA GLY S 45 1.57 66.28 31.84
C GLY S 45 0.92 67.44 32.56
N LYS S 46 -0.06 68.09 31.92
CA LYS S 46 -0.71 69.26 32.49
C LYS S 46 -2.16 68.96 32.80
N GLY S 47 -2.85 69.91 33.42
CA GLY S 47 -4.24 69.75 33.79
C GLY S 47 -5.22 69.96 32.65
N LEU S 48 -6.50 69.75 32.93
CA LEU S 48 -7.58 70.00 31.98
C LEU S 48 -7.75 71.50 31.78
N GLU S 49 -7.97 71.91 30.53
CA GLU S 49 -8.26 73.30 30.22
C GLU S 49 -9.47 73.39 29.31
N TRP S 50 -10.49 74.10 29.77
CA TRP S 50 -11.67 74.37 28.97
C TRP S 50 -11.34 75.29 27.84
N VAL S 51 -11.85 74.99 26.65
CA VAL S 51 -11.58 75.76 25.45
C VAL S 51 -12.81 76.51 24.95
N ALA S 52 -13.92 75.80 24.78
CA ALA S 52 -15.14 76.40 24.22
C ALA S 52 -16.38 75.55 24.49
N SER S 53 -17.54 76.19 24.39
CA SER S 53 -18.84 75.54 24.60
C SER S 53 -19.86 76.07 23.59
N ILE S 54 -20.79 75.21 23.18
CA ILE S 54 -21.87 75.61 22.27
C ILE S 54 -23.22 75.08 22.75
N TYR S 55 -24.24 75.94 22.67
CA TYR S 55 -25.61 75.59 22.99
C TYR S 55 -26.48 75.93 21.79
N SER S 56 -26.59 74.99 20.86
CA SER S 56 -27.23 75.25 19.56
C SER S 56 -28.67 75.74 19.66
N TYR S 57 -29.43 75.20 20.61
CA TYR S 57 -30.83 75.57 20.76
C TYR S 57 -30.99 77.07 20.99
N TYR S 58 -30.12 77.65 21.82
CA TYR S 58 -30.19 79.07 22.14
C TYR S 58 -29.31 79.93 21.24
N GLY S 59 -28.35 79.31 20.57
CA GLY S 59 -27.42 80.03 19.70
C GLY S 59 -26.30 80.71 20.48
N TYR S 60 -26.02 80.23 21.68
CA TYR S 60 -24.96 80.78 22.51
C TYR S 60 -23.66 80.00 22.33
N THR S 61 -22.56 80.72 22.23
CA THR S 61 -21.23 80.12 22.24
C THR S 61 -20.35 80.88 23.23
N TYR S 62 -19.46 80.14 23.89
CA TYR S 62 -18.55 80.72 24.89
C TYR S 62 -17.14 80.22 24.67
N TYR S 63 -16.16 81.06 24.98
CA TYR S 63 -14.76 80.76 24.71
C TYR S 63 -13.86 81.12 25.88
N ALA S 64 -12.79 80.35 26.07
CA ALA S 64 -11.76 80.70 27.04
C ALA S 64 -10.98 81.88 26.51
N ASP S 65 -10.47 82.72 27.40
CA ASP S 65 -9.70 83.90 26.99
C ASP S 65 -8.46 83.54 26.18
N SER S 66 -7.83 82.41 26.51
CA SER S 66 -6.62 81.97 25.82
C SER S 66 -6.83 81.63 24.35
N VAL S 67 -8.06 81.38 23.93
CA VAL S 67 -8.37 81.04 22.53
C VAL S 67 -9.32 82.01 21.84
N LYS S 68 -9.80 83.01 22.57
CA LYS S 68 -10.81 83.94 22.05
C LYS S 68 -10.29 84.67 20.82
N GLY S 69 -11.12 84.76 19.79
CA GLY S 69 -10.74 85.42 18.53
C GLY S 69 -9.93 84.56 17.57
N ARG S 70 -9.51 83.38 18.03
CA ARG S 70 -8.71 82.47 17.21
C ARG S 70 -9.45 81.18 16.92
N PHE S 71 -10.19 80.67 17.91
CA PHE S 71 -10.93 79.42 17.78
C PHE S 71 -12.42 79.72 17.60
N THR S 72 -13.10 78.86 16.83
CA THR S 72 -14.55 78.96 16.70
C THR S 72 -15.19 77.60 16.88
N ILE S 73 -16.21 77.54 17.75
CA ILE S 73 -16.98 76.34 17.98
C ILE S 73 -18.28 76.45 17.18
N SER S 74 -18.74 75.35 16.60
CA SER S 74 -19.95 75.35 15.79
C SER S 74 -20.59 73.96 15.74
N ALA S 75 -21.77 73.87 15.14
CA ALA S 75 -22.49 72.61 15.06
C ALA S 75 -23.31 72.50 13.77
N ASP S 76 -23.29 71.32 13.16
CA ASP S 76 -24.15 71.01 12.02
C ASP S 76 -25.26 70.08 12.50
N THR S 77 -26.46 70.64 12.66
CA THR S 77 -27.63 69.90 13.13
C THR S 77 -27.93 68.66 12.28
N SER S 78 -27.88 68.83 10.96
CA SER S 78 -28.23 67.73 10.05
C SER S 78 -27.26 66.56 10.14
N LYS S 79 -25.97 66.84 10.35
CA LYS S 79 -24.96 65.79 10.51
C LYS S 79 -24.74 65.38 11.97
N ASN S 80 -25.47 66.02 12.88
CA ASN S 80 -25.35 65.74 14.31
C ASN S 80 -23.90 65.76 14.78
N THR S 81 -23.17 66.78 14.35
CA THR S 81 -21.73 66.90 14.59
C THR S 81 -21.39 68.30 15.07
N ALA S 82 -20.48 68.39 16.03
CA ALA S 82 -19.93 69.67 16.47
C ALA S 82 -18.51 69.81 15.95
N TYR S 83 -18.05 71.04 15.80
CA TYR S 83 -16.72 71.31 15.27
C TYR S 83 -15.98 72.31 16.14
N LEU S 84 -14.65 72.26 16.10
CA LEU S 84 -13.79 73.29 16.66
C LEU S 84 -12.83 73.75 15.59
N GLN S 85 -13.06 74.93 15.01
CA GLN S 85 -12.15 75.51 14.04
C GLN S 85 -11.03 76.22 14.80
N MET S 86 -9.80 75.78 14.60
CA MET S 86 -8.65 76.34 15.29
C MET S 86 -7.80 77.09 14.28
N ASN S 87 -7.73 78.42 14.43
CA ASN S 87 -6.90 79.27 13.59
C ASN S 87 -5.78 79.95 14.38
N SER S 88 -4.82 80.51 13.66
CA SER S 88 -3.67 81.18 14.28
C SER S 88 -3.05 80.34 15.39
N LEU S 89 -2.83 79.05 15.11
CA LEU S 89 -2.32 78.13 16.13
C LEU S 89 -0.93 78.53 16.61
N ARG S 90 -0.67 78.27 17.89
CA ARG S 90 0.62 78.52 18.52
C ARG S 90 1.13 77.26 19.18
N ALA S 91 2.42 77.21 19.45
CA ALA S 91 3.05 76.03 20.08
C ALA S 91 2.32 75.60 21.34
N GLU S 92 1.92 76.56 22.16
CA GLU S 92 1.26 76.28 23.44
C GLU S 92 -0.17 75.75 23.29
N ASP S 93 -0.70 75.70 22.07
CA ASP S 93 -1.97 75.03 21.80
C ASP S 93 -1.80 73.51 21.63
N THR S 94 -0.55 73.04 21.65
CA THR S 94 -0.28 71.62 21.55
C THR S 94 -0.93 70.90 22.73
N ALA S 95 -1.82 69.95 22.43
CA ALA S 95 -2.55 69.24 23.48
C ALA S 95 -3.43 68.13 22.89
N VAL S 96 -3.90 67.24 23.75
CA VAL S 96 -4.95 66.31 23.40
C VAL S 96 -6.27 67.06 23.54
N TYR S 97 -7.09 67.06 22.49
CA TYR S 97 -8.36 67.78 22.49
C TYR S 97 -9.54 66.82 22.64
N TYR S 98 -10.35 67.06 23.66
CA TYR S 98 -11.55 66.27 23.94
C TYR S 98 -12.80 67.07 23.61
N CYS S 99 -13.82 66.40 23.09
CA CYS S 99 -15.17 66.96 23.07
C CYS S 99 -16.01 66.19 24.08
N ALA S 100 -17.01 66.87 24.65
CA ALA S 100 -17.85 66.28 25.68
C ALA S 100 -19.27 66.83 25.66
N ARG S 101 -20.22 66.01 26.09
CA ARG S 101 -21.62 66.43 26.17
C ARG S 101 -21.92 67.03 27.54
N GLY S 102 -22.71 68.09 27.56
CA GLY S 102 -23.07 68.76 28.79
C GLY S 102 -24.24 68.13 29.51
N TYR S 103 -24.26 68.32 30.83
CA TYR S 103 -25.28 67.81 31.73
C TYR S 103 -25.55 68.97 32.69
N TYR S 104 -26.35 68.76 33.74
CA TYR S 104 -26.64 69.83 34.70
C TYR S 104 -25.39 70.64 35.07
N GLY S 105 -25.50 71.97 34.97
CA GLY S 105 -24.42 72.87 35.37
C GLY S 105 -23.19 72.82 34.48
N ALA S 106 -23.37 72.42 33.23
CA ALA S 106 -22.26 72.20 32.30
C ALA S 106 -21.29 71.11 32.79
N ALA S 107 -21.76 70.25 33.70
CA ALA S 107 -21.03 69.04 34.01
C ALA S 107 -20.97 68.24 32.71
N MET S 108 -19.89 67.49 32.50
CA MET S 108 -19.67 66.80 31.23
C MET S 108 -19.74 65.29 31.43
N ASP S 109 -20.85 64.68 31.01
CA ASP S 109 -21.13 63.28 31.33
C ASP S 109 -20.55 62.28 30.34
N TYR S 110 -20.57 62.62 29.05
CA TYR S 110 -20.02 61.73 28.03
C TYR S 110 -18.93 62.43 27.25
N TRP S 111 -17.82 61.72 27.03
CA TRP S 111 -16.61 62.27 26.45
C TRP S 111 -16.20 61.55 25.21
N GLY S 112 -15.56 62.27 24.30
CA GLY S 112 -14.93 61.66 23.15
C GLY S 112 -13.61 60.99 23.52
N GLN S 113 -13.01 60.32 22.55
CA GLN S 113 -11.78 59.59 22.79
C GLN S 113 -10.53 60.47 22.85
N GLY S 114 -10.62 61.73 22.45
CA GLY S 114 -9.46 62.62 22.43
C GLY S 114 -8.65 62.49 21.15
N THR S 115 -8.09 63.60 20.69
CA THR S 115 -7.25 63.62 19.50
C THR S 115 -6.07 64.58 19.71
N LEU S 116 -4.89 64.17 19.29
CA LEU S 116 -3.67 64.94 19.55
C LEU S 116 -3.45 65.98 18.45
N VAL S 117 -3.27 67.22 18.87
CA VAL S 117 -2.90 68.29 17.95
C VAL S 117 -1.53 68.80 18.35
N THR S 118 -0.58 68.76 17.42
CA THR S 118 0.78 69.22 17.66
C THR S 118 1.04 70.45 16.79
N VAL S 119 1.40 71.56 17.43
CA VAL S 119 1.72 72.80 16.71
C VAL S 119 3.23 73.03 16.78
N SER S 120 3.90 72.98 15.64
CA SER S 120 5.37 73.10 15.58
C SER S 120 5.87 73.24 14.15
N SER S 121 7.05 73.86 14.02
CA SER S 121 7.72 74.03 12.73
C SER S 121 8.48 72.78 12.29
N ALA S 122 8.66 71.82 13.20
CA ALA S 122 9.44 70.62 12.93
C ALA S 122 8.75 69.77 11.87
N SER S 123 9.56 69.11 11.03
CA SER S 123 9.06 68.23 9.99
C SER S 123 8.86 66.82 10.53
N THR S 124 7.88 66.12 9.97
CA THR S 124 7.64 64.73 10.34
C THR S 124 8.90 63.92 10.08
N LYS S 125 9.29 63.09 11.04
CA LYS S 125 10.52 62.33 10.93
C LYS S 125 10.47 61.05 11.75
N GLY S 126 10.96 59.96 11.17
CA GLY S 126 11.06 58.69 11.86
C GLY S 126 12.23 58.66 12.82
N PRO S 127 12.12 57.84 13.88
CA PRO S 127 13.21 57.74 14.86
C PRO S 127 14.41 56.93 14.35
N SER S 128 15.58 57.27 14.84
CA SER S 128 16.74 56.38 14.78
C SER S 128 16.70 55.56 16.05
N VAL S 129 16.83 54.24 15.93
CA VAL S 129 16.76 53.36 17.09
C VAL S 129 18.15 52.79 17.38
N PHE S 130 18.66 53.09 18.58
CA PHE S 130 19.99 52.66 18.98
C PHE S 130 19.88 51.72 20.18
N PRO S 131 20.75 50.69 20.23
CA PRO S 131 20.69 49.75 21.33
C PRO S 131 21.30 50.32 22.60
N LEU S 132 20.70 50.00 23.74
CA LEU S 132 21.31 50.21 25.03
C LEU S 132 21.80 48.84 25.51
N ALA S 133 23.06 48.55 25.21
CA ALA S 133 23.62 47.21 25.43
C ALA S 133 23.81 46.91 26.92
N PRO S 134 23.51 45.66 27.34
CA PRO S 134 23.77 45.25 28.71
C PRO S 134 25.26 45.02 28.94
N SER S 135 25.80 45.39 30.10
CA SER S 135 27.25 45.39 30.31
C SER S 135 27.73 44.01 30.69
N THR S 143 20.84 40.50 38.02
CA THR S 143 19.95 41.17 37.08
C THR S 143 20.75 42.06 36.13
N ALA S 144 20.46 41.94 34.84
CA ALA S 144 21.02 42.83 33.82
C ALA S 144 19.92 43.75 33.28
N ALA S 145 20.32 44.93 32.79
CA ALA S 145 19.39 45.87 32.17
C ALA S 145 19.82 46.14 30.74
N LEU S 146 18.84 46.21 29.85
CA LEU S 146 19.09 46.57 28.45
C LEU S 146 17.91 47.38 27.91
N GLY S 147 18.06 47.97 26.74
CA GLY S 147 16.99 48.79 26.17
C GLY S 147 17.25 49.32 24.77
N CYS S 148 16.36 50.20 24.32
CA CYS S 148 16.55 50.92 23.06
C CYS S 148 16.35 52.41 23.26
N LEU S 149 17.21 53.19 22.62
CA LEU S 149 17.06 54.63 22.57
C LEU S 149 16.35 54.95 21.27
N VAL S 150 15.13 55.48 21.39
CA VAL S 150 14.34 55.90 20.23
C VAL S 150 14.50 57.41 20.08
N LYS S 151 15.42 57.82 19.20
CA LYS S 151 15.88 59.22 19.17
C LYS S 151 15.41 60.00 17.95
N ASP S 152 15.14 61.28 18.17
CA ASP S 152 14.90 62.26 17.09
C ASP S 152 13.77 61.89 16.14
N TYR S 153 12.58 61.69 16.70
CA TYR S 153 11.38 61.46 15.89
C TYR S 153 10.40 62.60 16.08
N PHE S 154 9.47 62.73 15.15
CA PHE S 154 8.46 63.78 15.23
C PHE S 154 7.30 63.49 14.28
N PRO S 155 6.06 63.77 14.73
CA PRO S 155 5.61 64.18 16.06
C PRO S 155 5.36 62.96 16.96
N GLU S 156 4.73 63.15 18.11
CA GLU S 156 4.23 62.01 18.89
C GLU S 156 3.09 61.35 18.11
N PRO S 157 2.79 60.07 18.40
CA PRO S 157 3.45 59.19 19.35
C PRO S 157 4.29 58.10 18.67
N VAL S 158 5.04 57.37 19.47
CA VAL S 158 5.65 56.11 19.06
C VAL S 158 5.19 55.02 20.02
N THR S 159 5.10 53.80 19.53
CA THR S 159 4.83 52.64 20.38
C THR S 159 6.06 51.73 20.37
N VAL S 160 6.36 51.14 21.53
CA VAL S 160 7.49 50.24 21.67
C VAL S 160 7.07 48.97 22.39
N SER S 161 7.40 47.82 21.79
CA SER S 161 7.20 46.53 22.44
C SER S 161 8.50 45.73 22.37
N TRP S 162 8.52 44.59 23.06
CA TRP S 162 9.69 43.73 23.12
C TRP S 162 9.35 42.32 22.74
N ASN S 163 10.14 41.75 21.82
CA ASN S 163 9.92 40.41 21.29
C ASN S 163 8.47 40.24 20.80
N SER S 164 8.03 41.21 20.02
CA SER S 164 6.68 41.24 19.44
C SER S 164 5.56 41.06 20.47
N GLY S 165 5.74 41.64 21.66
CA GLY S 165 4.75 41.55 22.73
C GLY S 165 4.95 40.39 23.71
N ALA S 166 5.87 39.48 23.37
CA ALA S 166 6.14 38.30 24.21
C ALA S 166 6.79 38.67 25.54
N LEU S 167 7.52 39.77 25.57
CA LEU S 167 8.20 40.23 26.78
C LEU S 167 7.59 41.55 27.27
N THR S 168 6.85 41.49 28.36
CA THR S 168 6.24 42.68 28.96
C THR S 168 6.67 42.88 30.41
N SER S 169 6.84 41.77 31.14
CA SER S 169 7.30 41.81 32.52
C SER S 169 8.66 42.49 32.63
N GLY S 170 8.74 43.53 33.46
CA GLY S 170 9.99 44.27 33.69
C GLY S 170 10.26 45.41 32.72
N VAL S 171 9.37 45.61 31.75
CA VAL S 171 9.55 46.65 30.74
C VAL S 171 9.13 48.02 31.27
N HIS S 172 9.95 49.03 30.99
CA HIS S 172 9.62 50.41 31.27
C HIS S 172 9.87 51.23 30.05
N THR S 173 8.82 51.72 29.41
CA THR S 173 8.94 52.63 28.28
C THR S 173 8.64 54.05 28.76
N PHE S 174 9.65 54.91 28.70
CA PHE S 174 9.56 56.24 29.30
C PHE S 174 8.76 57.23 28.46
N PRO S 175 8.11 58.20 29.11
CA PRO S 175 7.48 59.29 28.37
C PRO S 175 8.49 60.04 27.53
N ALA S 176 8.09 60.44 26.33
CA ALA S 176 8.95 61.19 25.44
C ALA S 176 9.38 62.51 26.06
N VAL S 177 10.58 62.95 25.72
CA VAL S 177 11.07 64.28 26.08
C VAL S 177 11.23 65.10 24.82
N LEU S 178 10.78 66.35 24.87
CA LEU S 178 10.94 67.26 23.75
C LEU S 178 12.30 67.93 23.85
N GLN S 179 13.14 67.71 22.85
CA GLN S 179 14.48 68.27 22.85
C GLN S 179 14.47 69.68 22.28
N SER S 180 15.58 70.40 22.45
CA SER S 180 15.69 71.78 21.96
C SER S 180 15.66 71.87 20.43
N SER S 181 15.96 70.77 19.76
CA SER S 181 15.84 70.69 18.31
C SER S 181 14.39 70.71 17.83
N GLY S 182 13.45 70.46 18.73
CA GLY S 182 12.04 70.37 18.38
C GLY S 182 11.59 68.93 18.13
N LEU S 183 12.52 68.00 18.19
CA LEU S 183 12.23 66.58 17.98
C LEU S 183 12.05 65.88 19.32
N TYR S 184 11.35 64.75 19.29
CA TYR S 184 11.10 63.95 20.49
C TYR S 184 12.11 62.82 20.60
N SER S 185 12.27 62.31 21.81
CA SER S 185 13.20 61.23 22.08
C SER S 185 12.79 60.51 23.36
N LEU S 186 12.92 59.18 23.36
CA LEU S 186 12.62 58.38 24.54
C LEU S 186 13.45 57.10 24.57
N SER S 187 13.49 56.47 25.74
CA SER S 187 14.11 55.17 25.89
C SER S 187 13.10 54.18 26.41
N SER S 188 13.28 52.92 26.00
CA SER S 188 12.53 51.80 26.55
C SER S 188 13.54 50.80 27.09
N VAL S 189 13.36 50.40 28.34
CA VAL S 189 14.31 49.50 28.99
C VAL S 189 13.59 48.30 29.60
N VAL S 190 14.35 47.22 29.79
CA VAL S 190 13.83 46.02 30.43
C VAL S 190 14.92 45.38 31.28
N THR S 191 14.55 44.91 32.47
CA THR S 191 15.47 44.16 33.31
C THR S 191 15.20 42.67 33.14
N VAL S 192 16.28 41.90 32.98
CA VAL S 192 16.21 40.45 32.77
C VAL S 192 17.29 39.79 33.60
N PRO S 193 17.19 38.47 33.81
CA PRO S 193 18.28 37.76 34.48
C PRO S 193 19.55 37.73 33.64
N SER S 194 20.71 37.87 34.29
CA SER S 194 22.00 37.90 33.61
C SER S 194 22.25 36.62 32.82
N SER S 195 21.88 35.48 33.40
CA SER S 195 22.06 34.18 32.76
C SER S 195 21.36 34.07 31.39
N SER S 196 20.29 34.82 31.20
CA SER S 196 19.52 34.76 29.96
C SER S 196 20.19 35.51 28.78
N LEU S 197 21.18 36.34 29.06
CA LEU S 197 21.81 37.16 28.02
C LEU S 197 22.44 36.33 26.90
N GLY S 198 23.10 35.24 27.27
CA GLY S 198 23.69 34.33 26.30
C GLY S 198 22.65 33.53 25.51
N THR S 199 21.55 33.16 26.17
CA THR S 199 20.54 32.26 25.59
C THR S 199 19.36 32.99 24.92
N GLN S 200 18.74 33.92 25.64
CA GLN S 200 17.51 34.57 25.17
C GLN S 200 17.83 35.76 24.25
N THR S 201 17.15 35.81 23.11
CA THR S 201 17.30 36.91 22.15
C THR S 201 16.29 38.04 22.45
N TYR S 202 16.78 39.28 22.40
CA TYR S 202 15.98 40.47 22.76
C TYR S 202 15.92 41.47 21.61
N ILE S 203 14.70 41.72 21.12
CA ILE S 203 14.46 42.62 19.98
C ILE S 203 13.38 43.66 20.41
N CYS S 204 13.67 44.95 20.25
CA CYS S 204 12.65 45.98 20.47
C CYS S 204 11.97 46.36 19.17
N ASN S 205 10.65 46.48 19.23
CA ASN S 205 9.85 46.81 18.06
C ASN S 205 9.32 48.23 18.20
N VAL S 206 9.87 49.15 17.41
CA VAL S 206 9.49 50.55 17.46
C VAL S 206 8.61 50.86 16.25
N ASN S 207 7.47 51.50 16.51
CA ASN S 207 6.52 51.85 15.47
C ASN S 207 6.16 53.33 15.53
N HIS S 208 6.33 54.01 14.40
CA HIS S 208 6.04 55.44 14.31
C HIS S 208 5.08 55.69 13.18
N LYS S 209 3.80 55.65 13.51
CA LYS S 209 2.72 55.79 12.53
C LYS S 209 2.82 57.07 11.69
N PRO S 210 3.03 58.25 12.33
CA PRO S 210 3.07 59.50 11.57
C PRO S 210 4.06 59.54 10.40
N SER S 211 5.19 58.84 10.52
CA SER S 211 6.15 58.76 9.42
C SER S 211 6.07 57.43 8.69
N ASN S 212 5.14 56.57 9.12
CA ASN S 212 4.95 55.24 8.54
C ASN S 212 6.25 54.42 8.54
N THR S 213 7.06 54.57 9.60
CA THR S 213 8.29 53.81 9.73
C THR S 213 8.17 52.80 10.87
N LYS S 214 8.79 51.65 10.68
CA LYS S 214 8.74 50.55 11.62
C LYS S 214 10.12 49.94 11.69
N VAL S 215 10.66 49.80 12.90
CA VAL S 215 12.02 49.32 13.09
C VAL S 215 12.10 48.26 14.18
N ASP S 216 12.79 47.16 13.89
CA ASP S 216 13.09 46.12 14.86
C ASP S 216 14.59 46.12 15.09
N LYS S 217 15.03 46.34 16.33
CA LYS S 217 16.45 46.35 16.65
C LYS S 217 16.79 45.29 17.69
N LYS S 218 17.70 44.39 17.32
CA LYS S 218 18.19 43.38 18.24
C LYS S 218 19.22 43.98 19.18
N VAL S 219 18.99 43.85 20.48
CA VAL S 219 19.93 44.37 21.48
C VAL S 219 20.81 43.25 22.01
N GLU S 220 22.11 43.31 21.67
CA GLU S 220 23.11 42.30 22.07
C GLU S 220 24.12 42.87 23.04
N PRO S 221 24.65 42.02 23.93
CA PRO S 221 25.75 42.47 24.78
C PRO S 221 26.96 42.77 23.92
N LYS S 222 27.34 44.05 23.88
CA LYS S 222 28.40 44.47 23.07
C LYS S 222 29.52 44.08 24.03
N SER S 223 29.70 44.78 25.15
CA SER S 223 30.58 44.25 26.22
C SER S 223 30.31 44.94 27.55
N THR T 6 1.63 75.31 39.48
CA THR T 6 0.15 75.19 39.67
C THR T 6 -0.62 75.04 38.34
N GLN T 7 0.12 74.91 37.23
CA GLN T 7 -0.48 74.54 35.95
C GLN T 7 -0.60 73.00 35.88
N SER T 8 0.19 72.31 36.70
CA SER T 8 0.18 70.87 36.78
C SER T 8 -0.53 70.42 38.06
N PRO T 9 -1.13 69.21 38.05
CA PRO T 9 -1.85 68.76 39.24
C PRO T 9 -0.96 68.53 40.46
N SER T 10 -1.45 68.93 41.62
CA SER T 10 -0.81 68.65 42.89
C SER T 10 -0.75 67.15 43.18
N SER T 11 0.16 66.76 44.06
CA SER T 11 0.35 65.35 44.41
C SER T 11 -0.09 65.05 45.83
N LEU T 12 -0.69 63.89 46.02
CA LEU T 12 -1.12 63.43 47.34
C LEU T 12 -0.87 61.94 47.48
N SER T 13 -0.19 61.57 48.56
CA SER T 13 0.12 60.15 48.83
C SER T 13 -0.85 59.60 49.86
N ALA T 14 -1.49 58.48 49.53
CA ALA T 14 -2.47 57.87 50.42
C ALA T 14 -2.41 56.34 50.37
N SER T 15 -2.99 55.71 51.39
CA SER T 15 -3.09 54.26 51.46
C SER T 15 -4.52 53.79 51.20
N VAL T 16 -4.67 52.54 50.78
CA VAL T 16 -5.99 51.94 50.60
C VAL T 16 -6.72 51.97 51.94
N GLY T 17 -7.97 52.40 51.92
CA GLY T 17 -8.78 52.53 53.14
C GLY T 17 -8.76 53.92 53.75
N ASP T 18 -7.87 54.79 53.28
CA ASP T 18 -7.79 56.16 53.81
C ASP T 18 -8.96 57.00 53.36
N ARG T 19 -9.26 58.03 54.16
CA ARG T 19 -10.24 59.03 53.83
C ARG T 19 -9.53 60.24 53.23
N VAL T 20 -10.03 60.72 52.09
CA VAL T 20 -9.38 61.82 51.38
C VAL T 20 -10.40 62.90 51.02
N THR T 21 -10.02 64.15 51.30
CA THR T 21 -10.85 65.31 50.95
C THR T 21 -10.05 66.29 50.09
N ILE T 22 -10.52 66.51 48.86
CA ILE T 22 -9.86 67.43 47.93
C ILE T 22 -10.65 68.72 47.86
N THR T 23 -9.95 69.85 47.99
CA THR T 23 -10.58 71.17 47.89
C THR T 23 -10.41 71.73 46.48
N CYS T 24 -11.47 72.32 45.96
CA CYS T 24 -11.47 72.84 44.60
C CYS T 24 -10.80 74.21 44.55
N ARG T 25 -9.86 74.37 43.62
CA ARG T 25 -9.21 75.67 43.37
C ARG T 25 -9.38 76.06 41.90
N ALA T 26 -10.61 76.42 41.53
CA ALA T 26 -10.91 76.94 40.20
C ALA T 26 -11.27 78.43 40.28
N SER T 27 -10.75 79.13 41.29
CA SER T 27 -11.07 80.55 41.54
C SER T 27 -12.57 80.82 41.37
N GLN T 28 -13.36 80.07 42.14
CA GLN T 28 -14.80 80.00 41.96
C GLN T 28 -15.54 81.06 42.81
N SER T 29 -16.86 81.09 42.67
CA SER T 29 -17.72 81.94 43.49
C SER T 29 -18.82 81.12 44.16
N VAL T 30 -19.66 81.78 44.96
CA VAL T 30 -20.81 81.15 45.62
C VAL T 30 -21.88 80.67 44.63
N SER T 31 -22.01 81.38 43.52
CA SER T 31 -23.02 81.10 42.49
C SER T 31 -22.70 79.81 41.73
N SER T 32 -21.40 79.53 41.59
CA SER T 32 -20.90 78.48 40.73
C SER T 32 -21.63 77.13 40.82
N ALA T 33 -21.87 76.53 39.65
CA ALA T 33 -22.26 75.12 39.54
C ALA T 33 -20.97 74.30 39.39
N VAL T 34 -20.72 73.40 40.34
CA VAL T 34 -19.43 72.71 40.42
C VAL T 34 -19.56 71.21 40.13
N ALA T 35 -18.61 70.67 39.37
CA ALA T 35 -18.58 69.25 39.05
C ALA T 35 -17.21 68.67 39.39
N TRP T 36 -17.15 67.35 39.54
CA TRP T 36 -15.90 66.66 39.86
C TRP T 36 -15.66 65.52 38.91
N TYR T 37 -14.39 65.31 38.55
CA TYR T 37 -14.01 64.28 37.58
C TYR T 37 -12.86 63.43 38.08
N GLN T 38 -12.79 62.21 37.57
CA GLN T 38 -11.66 61.31 37.79
C GLN T 38 -11.02 61.06 36.43
N GLN T 39 -9.69 61.13 36.38
CA GLN T 39 -8.97 60.80 35.14
C GLN T 39 -7.83 59.85 35.43
N LYS T 40 -7.72 58.80 34.62
CA LYS T 40 -6.60 57.89 34.66
C LYS T 40 -5.76 58.08 33.39
N PRO T 41 -4.47 57.70 33.45
CA PRO T 41 -3.58 57.91 32.31
C PRO T 41 -4.10 57.33 30.98
N GLY T 42 -3.99 58.12 29.91
CA GLY T 42 -4.39 57.69 28.57
C GLY T 42 -5.90 57.58 28.35
N LYS T 43 -6.69 58.10 29.27
CA LYS T 43 -8.13 57.97 29.23
C LYS T 43 -8.82 59.33 29.40
N ALA T 44 -10.03 59.45 28.86
CA ALA T 44 -10.84 60.64 29.06
C ALA T 44 -11.34 60.71 30.50
N PRO T 45 -11.60 61.93 31.01
CA PRO T 45 -12.16 62.05 32.37
C PRO T 45 -13.54 61.42 32.51
N LYS T 46 -13.87 61.01 33.74
CA LYS T 46 -15.17 60.44 34.09
C LYS T 46 -15.86 61.36 35.09
N LEU T 47 -17.14 61.66 34.85
CA LEU T 47 -17.92 62.49 35.77
C LEU T 47 -18.26 61.73 37.05
N LEU T 48 -17.99 62.37 38.19
CA LEU T 48 -18.25 61.80 39.52
C LEU T 48 -19.41 62.49 40.20
N ILE T 49 -19.29 63.81 40.32
CA ILE T 49 -20.28 64.63 41.00
C ILE T 49 -20.71 65.78 40.10
N TYR T 50 -21.97 66.19 40.21
CA TYR T 50 -22.48 67.37 39.53
C TYR T 50 -23.30 68.22 40.50
N SER T 51 -23.53 69.48 40.13
CA SER T 51 -24.25 70.43 40.98
C SER T 51 -23.73 70.40 42.43
N ALA T 52 -22.41 70.45 42.57
CA ALA T 52 -21.75 70.52 43.87
C ALA T 52 -21.76 69.20 44.64
N SER T 53 -22.93 68.59 44.81
CA SER T 53 -23.07 67.45 45.72
C SER T 53 -23.89 66.25 45.21
N SER T 54 -24.34 66.29 43.96
CA SER T 54 -25.16 65.18 43.43
C SER T 54 -24.26 64.09 42.85
N LEU T 55 -24.48 62.86 43.30
CA LEU T 55 -23.72 61.71 42.83
C LEU T 55 -24.22 61.30 41.45
N TYR T 56 -23.32 61.25 40.48
CA TYR T 56 -23.69 60.88 39.11
C TYR T 56 -24.02 59.40 39.03
N SER T 57 -24.95 59.07 38.15
CA SER T 57 -25.42 57.71 37.94
C SER T 57 -24.25 56.72 37.75
N GLY T 58 -24.27 55.63 38.52
CA GLY T 58 -23.26 54.58 38.39
C GLY T 58 -22.03 54.76 39.25
N VAL T 59 -21.85 55.96 39.81
CA VAL T 59 -20.66 56.26 40.59
C VAL T 59 -20.85 55.72 42.02
N PRO T 60 -19.85 55.01 42.55
CA PRO T 60 -19.92 54.45 43.91
C PRO T 60 -20.24 55.48 44.98
N SER T 61 -20.93 55.04 46.04
CA SER T 61 -21.42 55.96 47.08
C SER T 61 -20.32 56.51 48.00
N ARG T 62 -19.13 55.90 47.97
CA ARG T 62 -18.00 56.41 48.75
C ARG T 62 -17.52 57.79 48.28
N PHE T 63 -17.84 58.15 47.04
CA PHE T 63 -17.60 59.50 46.54
C PHE T 63 -18.74 60.41 46.95
N SER T 64 -18.40 61.56 47.52
CA SER T 64 -19.39 62.57 47.88
C SER T 64 -18.81 63.97 47.66
N GLY T 65 -19.69 64.90 47.31
CA GLY T 65 -19.32 66.29 47.11
C GLY T 65 -20.04 67.17 48.10
N SER T 66 -19.39 68.28 48.48
CA SER T 66 -19.96 69.19 49.47
C SER T 66 -19.56 70.63 49.19
N ARG T 67 -20.43 71.54 49.60
CA ARG T 67 -20.21 72.96 49.44
C ARG T 67 -20.32 73.64 50.79
N SER T 68 -19.30 74.42 51.14
CA SER T 68 -19.31 75.21 52.36
C SER T 68 -18.90 76.64 52.03
N GLY T 69 -19.89 77.51 51.86
CA GLY T 69 -19.65 78.88 51.45
C GLY T 69 -19.04 78.92 50.06
N THR T 70 -17.80 79.41 49.98
CA THR T 70 -17.08 79.52 48.73
C THR T 70 -16.20 78.29 48.45
N ASP T 71 -16.11 77.38 49.42
CA ASP T 71 -15.23 76.22 49.36
C ASP T 71 -15.99 74.96 48.93
N PHE T 72 -15.56 74.39 47.81
CA PHE T 72 -16.16 73.17 47.28
C PHE T 72 -15.22 72.00 47.49
N THR T 73 -15.78 70.86 47.86
CA THR T 73 -15.00 69.76 48.37
C THR T 73 -15.46 68.41 47.79
N LEU T 74 -14.51 67.53 47.51
CA LEU T 74 -14.79 66.15 47.12
C LEU T 74 -14.19 65.24 48.17
N THR T 75 -14.99 64.32 48.70
CA THR T 75 -14.50 63.37 49.69
C THR T 75 -14.67 61.93 49.21
N ILE T 76 -13.61 61.14 49.35
CA ILE T 76 -13.65 59.70 49.15
C ILE T 76 -13.55 59.07 50.53
N SER T 77 -14.65 58.52 51.03
CA SER T 77 -14.72 58.04 52.42
C SER T 77 -13.73 56.92 52.71
N SER T 78 -13.51 56.03 51.75
CA SER T 78 -12.56 54.94 51.91
C SER T 78 -11.90 54.58 50.58
N LEU T 79 -10.63 54.98 50.43
CA LEU T 79 -9.90 54.81 49.19
C LEU T 79 -9.79 53.34 48.79
N GLN T 80 -10.17 53.03 47.54
CA GLN T 80 -10.04 51.68 46.98
C GLN T 80 -8.91 51.67 45.97
N PRO T 81 -8.38 50.48 45.63
CA PRO T 81 -7.27 50.39 44.67
C PRO T 81 -7.54 51.08 43.32
N GLU T 82 -8.78 50.99 42.85
CA GLU T 82 -9.16 51.59 41.57
C GLU T 82 -9.31 53.12 41.64
N ASP T 83 -9.32 53.68 42.85
CA ASP T 83 -9.51 55.12 43.05
C ASP T 83 -8.23 55.93 42.90
N PHE T 84 -7.08 55.27 42.81
CA PHE T 84 -5.83 55.98 42.61
C PHE T 84 -5.77 56.53 41.20
N ALA T 85 -5.90 57.84 41.09
CA ALA T 85 -6.01 58.53 39.81
C ALA T 85 -5.91 60.02 40.06
N THR T 86 -6.13 60.83 39.02
CA THR T 86 -6.13 62.28 39.17
C THR T 86 -7.56 62.78 39.24
N TYR T 87 -7.80 63.78 40.10
CA TYR T 87 -9.13 64.33 40.31
C TYR T 87 -9.15 65.84 40.02
N TYR T 88 -10.15 66.26 39.25
CA TYR T 88 -10.33 67.66 38.90
C TYR T 88 -11.70 68.14 39.29
N CYS T 89 -11.80 69.37 39.77
CA CYS T 89 -13.08 70.04 39.89
C CYS T 89 -13.28 70.96 38.70
N GLN T 90 -14.54 71.27 38.42
CA GLN T 90 -14.90 72.20 37.37
C GLN T 90 -15.87 73.20 37.95
N GLN T 91 -15.67 74.48 37.65
CA GLN T 91 -16.59 75.54 38.07
C GLN T 91 -17.15 76.23 36.83
N SER T 92 -18.47 76.25 36.72
CA SER T 92 -19.16 76.91 35.62
C SER T 92 -19.80 78.19 36.12
N SER T 93 -19.44 79.32 35.51
CA SER T 93 -20.05 80.62 35.82
C SER T 93 -21.09 80.92 34.75
N SER T 94 -21.49 82.18 34.65
CA SER T 94 -22.50 82.59 33.67
C SER T 94 -21.95 82.69 32.24
N SER T 95 -20.63 82.73 32.08
CA SER T 95 -20.03 82.83 30.75
C SER T 95 -18.68 82.12 30.60
N LEU T 96 -18.36 81.22 31.52
CA LEU T 96 -17.02 80.68 31.61
C LEU T 96 -17.03 79.35 32.35
N ILE T 97 -16.17 78.43 31.92
CA ILE T 97 -15.93 77.20 32.65
C ILE T 97 -14.44 77.15 33.01
N THR T 98 -14.15 76.84 34.26
CA THR T 98 -12.77 76.75 34.74
C THR T 98 -12.56 75.42 35.42
N PHE T 99 -11.52 74.71 35.01
CA PHE T 99 -11.07 73.51 35.70
C PHE T 99 -10.01 73.91 36.70
N GLY T 100 -10.01 73.24 37.85
CA GLY T 100 -9.02 73.50 38.89
C GLY T 100 -7.71 72.80 38.60
N GLN T 101 -6.70 73.14 39.41
CA GLN T 101 -5.37 72.55 39.28
C GLN T 101 -5.42 71.03 39.26
N GLY T 102 -6.20 70.45 40.16
CA GLY T 102 -6.37 69.00 40.22
C GLY T 102 -5.38 68.34 41.17
N THR T 103 -5.77 67.19 41.70
CA THR T 103 -4.93 66.43 42.63
C THR T 103 -4.71 65.03 42.10
N LYS T 104 -3.46 64.61 42.06
CA LYS T 104 -3.10 63.26 41.65
C LYS T 104 -2.86 62.44 42.90
N VAL T 105 -3.75 61.46 43.13
CA VAL T 105 -3.65 60.61 44.31
C VAL T 105 -2.80 59.38 43.98
N GLU T 106 -1.65 59.27 44.64
CA GLU T 106 -0.73 58.17 44.44
C GLU T 106 -0.68 57.23 45.65
N ILE T 107 -0.21 56.00 45.42
CA ILE T 107 -0.22 54.95 46.45
C ILE T 107 0.98 55.11 47.37
N LYS T 108 0.72 55.14 48.67
CA LYS T 108 1.79 55.17 49.67
C LYS T 108 2.42 53.79 49.75
N ARG T 109 3.70 53.75 50.11
CA ARG T 109 4.50 52.53 49.97
C ARG T 109 5.77 52.66 50.81
N THR T 110 6.36 51.54 51.19
CA THR T 110 7.65 51.55 51.88
C THR T 110 8.75 52.05 50.94
N VAL T 111 9.80 52.60 51.53
CA VAL T 111 10.92 53.15 50.77
C VAL T 111 11.67 52.04 50.02
N ALA T 112 11.96 52.27 48.75
CA ALA T 112 12.66 51.30 47.92
C ALA T 112 13.78 52.00 47.18
N ALA T 113 15.02 51.54 47.40
CA ALA T 113 16.19 52.10 46.70
C ALA T 113 16.15 51.72 45.23
N PRO T 114 16.66 52.61 44.35
CA PRO T 114 16.72 52.31 42.92
C PRO T 114 17.89 51.42 42.56
N SER T 115 17.67 50.48 41.64
CA SER T 115 18.75 49.82 40.93
C SER T 115 19.23 50.80 39.87
N VAL T 116 20.53 51.04 39.82
CA VAL T 116 21.08 52.03 38.90
C VAL T 116 21.91 51.35 37.80
N PHE T 117 21.70 51.80 36.56
CA PHE T 117 22.42 51.27 35.40
C PHE T 117 22.88 52.41 34.51
N ILE T 118 24.05 52.27 33.90
CA ILE T 118 24.54 53.24 32.93
C ILE T 118 24.78 52.59 31.58
N PHE T 119 24.46 53.32 30.52
CA PHE T 119 24.58 52.81 29.16
C PHE T 119 25.40 53.78 28.32
N PRO T 120 26.58 53.32 27.84
CA PRO T 120 27.33 54.18 26.93
C PRO T 120 26.64 54.25 25.56
N PRO T 121 27.02 55.24 24.73
CA PRO T 121 26.43 55.32 23.40
C PRO T 121 26.87 54.16 22.51
N SER T 122 25.98 53.70 21.65
CA SER T 122 26.29 52.62 20.72
C SER T 122 27.21 53.13 19.61
N ASP T 123 27.93 52.21 18.98
CA ASP T 123 28.77 52.55 17.83
C ASP T 123 27.91 53.05 16.68
N SER T 124 26.71 52.49 16.56
CA SER T 124 25.75 52.92 15.55
C SER T 124 25.44 54.41 15.65
N GLN T 125 25.21 54.90 16.87
CA GLN T 125 24.92 56.31 17.08
C GLN T 125 26.15 57.18 16.84
N LEU T 126 27.30 56.74 17.35
CA LEU T 126 28.56 57.46 17.15
C LEU T 126 28.84 57.72 15.67
N LYS T 127 28.48 56.77 14.80
CA LYS T 127 28.59 56.97 13.36
C LYS T 127 27.76 58.17 12.89
N SER T 128 26.53 58.28 13.40
CA SER T 128 25.61 59.33 12.96
C SER T 128 26.03 60.75 13.39
N GLY T 129 26.99 60.86 14.32
CA GLY T 129 27.56 62.15 14.69
C GLY T 129 27.16 62.68 16.05
N THR T 130 26.30 61.95 16.76
CA THR T 130 25.89 62.33 18.11
C THR T 130 26.19 61.20 19.12
N ALA T 131 26.10 61.52 20.41
CA ALA T 131 26.39 60.56 21.47
C ALA T 131 25.44 60.75 22.66
N SER T 132 24.63 59.75 22.93
CA SER T 132 23.70 59.78 24.05
C SER T 132 24.12 58.78 25.11
N VAL T 133 24.29 59.25 26.34
CA VAL T 133 24.60 58.39 27.47
C VAL T 133 23.39 58.33 28.39
N VAL T 134 22.88 57.13 28.62
CA VAL T 134 21.65 56.94 29.39
C VAL T 134 21.95 56.37 30.77
N CYS T 135 21.33 56.96 31.79
CA CYS T 135 21.43 56.48 33.17
C CYS T 135 20.04 56.11 33.65
N LEU T 136 19.86 54.85 34.05
CA LEU T 136 18.55 54.32 34.43
C LEU T 136 18.45 54.10 35.93
N LEU T 137 17.41 54.66 36.54
CA LEU T 137 17.05 54.39 37.93
C LEU T 137 15.78 53.54 37.92
N ASN T 138 15.88 52.29 38.39
CA ASN T 138 14.80 51.32 38.23
C ASN T 138 14.09 50.98 39.53
N ASN T 139 12.76 51.02 39.48
CA ASN T 139 11.89 50.54 40.56
C ASN T 139 12.23 51.08 41.95
N PHE T 140 11.96 52.37 42.16
CA PHE T 140 12.24 53.02 43.44
C PHE T 140 11.03 53.78 43.98
N TYR T 141 11.09 54.09 45.28
CA TYR T 141 10.08 54.89 45.94
C TYR T 141 10.70 55.57 47.16
N PRO T 142 10.36 56.85 47.42
CA PRO T 142 9.41 57.70 46.69
C PRO T 142 9.97 58.27 45.39
N ARG T 143 9.12 59.00 44.69
CA ARG T 143 9.43 59.58 43.37
C ARG T 143 10.65 60.52 43.37
N GLU T 144 10.85 61.22 44.48
CA GLU T 144 11.89 62.24 44.56
C GLU T 144 13.28 61.63 44.51
N ALA T 145 13.95 61.79 43.37
CA ALA T 145 15.33 61.32 43.19
C ALA T 145 16.18 62.44 42.59
N LYS T 146 17.49 62.36 42.80
CA LYS T 146 18.42 63.34 42.27
C LYS T 146 19.49 62.62 41.46
N VAL T 147 19.61 62.96 40.18
CA VAL T 147 20.57 62.33 39.28
C VAL T 147 21.49 63.39 38.70
N GLN T 148 22.77 63.32 39.05
CA GLN T 148 23.75 64.32 38.63
C GLN T 148 24.79 63.65 37.73
N TRP T 149 25.16 64.33 36.64
CA TRP T 149 26.14 63.80 35.70
C TRP T 149 27.52 64.36 35.97
N LYS T 150 28.53 63.52 35.81
CA LYS T 150 29.94 63.90 35.91
C LYS T 150 30.69 63.45 34.66
N VAL T 151 31.46 64.35 34.07
CA VAL T 151 32.32 64.03 32.93
C VAL T 151 33.73 64.48 33.25
N ASP T 152 34.64 63.52 33.35
CA ASP T 152 36.02 63.79 33.80
C ASP T 152 36.03 64.59 35.09
N ASN T 153 35.16 64.19 36.03
CA ASN T 153 35.04 64.83 37.34
C ASN T 153 34.42 66.23 37.33
N ALA T 154 33.86 66.65 36.20
CA ALA T 154 33.19 67.95 36.09
C ALA T 154 31.69 67.74 36.17
N LEU T 155 31.06 68.29 37.22
CA LEU T 155 29.61 68.20 37.37
C LEU T 155 28.94 68.92 36.20
N GLN T 156 27.94 68.27 35.60
CA GLN T 156 27.26 68.81 34.43
C GLN T 156 25.88 69.35 34.77
N SER T 157 25.41 70.28 33.94
CA SER T 157 24.04 70.79 34.02
C SER T 157 23.67 71.45 32.70
N GLY T 158 22.51 71.09 32.17
CA GLY T 158 22.00 71.69 30.94
C GLY T 158 22.09 70.82 29.72
N ASN T 159 22.91 69.77 29.78
CA ASN T 159 23.07 68.85 28.64
C ASN T 159 22.44 67.48 28.88
N SER T 160 21.46 67.43 29.78
CA SER T 160 20.74 66.20 30.06
C SER T 160 19.25 66.47 30.31
N GLN T 161 18.43 65.47 30.03
CA GLN T 161 16.99 65.55 30.25
C GLN T 161 16.49 64.28 30.94
N GLU T 162 15.54 64.46 31.86
CA GLU T 162 14.97 63.35 32.63
C GLU T 162 13.58 62.99 32.15
N SER T 163 13.20 61.74 32.39
CA SER T 163 11.83 61.27 32.16
C SER T 163 11.48 60.26 33.24
N VAL T 164 10.28 60.38 33.80
CA VAL T 164 9.83 59.51 34.88
C VAL T 164 8.58 58.76 34.45
N THR T 165 8.51 57.47 34.77
CA THR T 165 7.32 56.68 34.47
C THR T 165 6.19 56.99 35.45
N GLU T 166 5.00 56.52 35.09
CA GLU T 166 3.85 56.56 35.97
C GLU T 166 4.04 55.50 37.05
N GLN T 167 3.42 55.70 38.22
CA GLN T 167 3.55 54.73 39.31
C GLN T 167 3.10 53.35 38.83
N ASP T 168 3.93 52.35 39.09
CA ASP T 168 3.68 50.99 38.58
C ASP T 168 2.51 50.33 39.31
N SER T 169 1.64 49.68 38.55
CA SER T 169 0.43 49.06 39.11
C SER T 169 0.73 47.84 39.98
N LYS T 170 1.81 47.10 39.67
CA LYS T 170 2.15 45.89 40.40
C LYS T 170 2.82 46.16 41.75
N ASP T 171 3.90 46.95 41.72
CA ASP T 171 4.72 47.18 42.93
C ASP T 171 4.76 48.64 43.42
N SER T 172 4.00 49.52 42.78
CA SER T 172 3.86 50.92 43.21
C SER T 172 5.16 51.73 43.21
N THR T 173 6.12 51.31 42.40
CA THR T 173 7.41 52.01 42.30
C THR T 173 7.47 52.90 41.05
N TYR T 174 8.44 53.79 41.04
CA TYR T 174 8.71 54.63 39.88
C TYR T 174 10.02 54.19 39.25
N SER T 175 10.20 54.53 37.99
CA SER T 175 11.47 54.39 37.31
C SER T 175 11.78 55.68 36.58
N LEU T 176 13.06 55.99 36.44
CA LEU T 176 13.49 57.26 35.86
C LEU T 176 14.67 57.04 34.92
N SER T 177 14.67 57.81 33.83
CA SER T 177 15.80 57.82 32.89
C SER T 177 16.36 59.23 32.81
N SER T 178 17.69 59.33 32.78
CA SER T 178 18.38 60.59 32.52
C SER T 178 19.30 60.36 31.32
N THR T 179 19.22 61.25 30.34
CA THR T 179 19.99 61.08 29.11
C THR T 179 20.90 62.29 28.88
N LEU T 180 22.20 62.06 29.00
CA LEU T 180 23.22 63.07 28.68
C LEU T 180 23.48 63.03 27.18
N THR T 181 23.35 64.17 26.51
CA THR T 181 23.56 64.25 25.06
C THR T 181 24.72 65.18 24.72
N LEU T 182 25.68 64.66 23.97
CA LEU T 182 26.82 65.44 23.47
C LEU T 182 26.99 65.17 21.99
N SER T 183 27.77 66.02 21.32
CA SER T 183 28.21 65.74 19.96
C SER T 183 29.28 64.66 20.00
N LYS T 184 29.50 63.98 18.88
CA LYS T 184 30.56 62.97 18.79
C LYS T 184 31.89 63.57 19.19
N ALA T 185 32.21 64.73 18.64
CA ALA T 185 33.46 65.43 18.94
C ALA T 185 33.66 65.60 20.45
N ASP T 186 32.65 66.14 21.12
CA ASP T 186 32.74 66.39 22.56
C ASP T 186 32.84 65.11 23.36
N TYR T 187 32.10 64.09 22.94
CA TYR T 187 32.18 62.78 23.60
C TYR T 187 33.61 62.22 23.54
N GLU T 188 34.27 62.39 22.40
CA GLU T 188 35.64 61.90 22.21
C GLU T 188 36.67 62.65 23.07
N LYS T 189 36.37 63.90 23.43
CA LYS T 189 37.30 64.70 24.24
C LYS T 189 37.46 64.22 25.69
N HIS T 190 36.56 63.35 26.16
CA HIS T 190 36.54 62.96 27.59
C HIS T 190 36.56 61.47 27.79
N LYS T 191 37.13 61.03 28.93
CA LYS T 191 37.38 59.61 29.29
C LYS T 191 36.24 59.02 30.12
N VAL T 192 36.08 59.58 31.32
CA VAL T 192 35.19 58.98 32.33
C VAL T 192 33.81 59.64 32.40
N TYR T 193 32.77 58.82 32.24
CA TYR T 193 31.37 59.26 32.28
C TYR T 193 30.66 58.57 33.42
N ALA T 194 30.04 59.37 34.30
CA ALA T 194 29.43 58.88 35.52
C ALA T 194 28.12 59.57 35.81
N CYS T 195 27.14 58.82 36.30
CA CYS T 195 25.93 59.44 36.87
C CYS T 195 25.85 59.08 38.35
N GLU T 196 25.66 60.10 39.18
CA GLU T 196 25.57 59.94 40.63
C GLU T 196 24.11 60.06 41.05
N VAL T 197 23.61 59.05 41.76
CA VAL T 197 22.22 59.01 42.19
C VAL T 197 22.15 59.13 43.71
N THR T 198 21.41 60.13 44.19
CA THR T 198 21.10 60.24 45.61
C THR T 198 19.59 60.04 45.79
N HIS T 199 19.22 59.31 46.85
CA HIS T 199 17.83 58.95 47.08
C HIS T 199 17.63 58.52 48.51
N GLN T 200 16.41 58.70 49.01
CA GLN T 200 16.06 58.40 50.40
C GLN T 200 16.45 57.00 50.85
N GLY T 201 16.20 56.01 50.00
CA GLY T 201 16.53 54.61 50.29
C GLY T 201 17.99 54.25 50.13
N LEU T 202 18.83 55.24 49.84
CA LEU T 202 20.27 55.08 49.73
C LEU T 202 20.96 55.81 50.87
N SER T 203 21.65 55.05 51.72
CA SER T 203 22.41 55.62 52.83
C SER T 203 23.54 56.53 52.32
N SER T 204 24.13 56.17 51.17
CA SER T 204 25.11 57.01 50.49
C SER T 204 24.79 57.10 49.00
N PRO T 205 25.26 58.16 48.33
CA PRO T 205 25.04 58.29 46.89
C PRO T 205 25.72 57.18 46.09
N VAL T 206 25.01 56.63 45.12
CA VAL T 206 25.52 55.54 44.29
C VAL T 206 25.97 56.11 42.94
N THR T 207 27.17 55.73 42.51
CA THR T 207 27.72 56.16 41.22
C THR T 207 27.94 54.97 40.30
N LYS T 208 27.38 55.04 39.11
CA LYS T 208 27.71 54.10 38.04
C LYS T 208 28.45 54.85 36.96
N SER T 209 29.50 54.22 36.45
CA SER T 209 30.41 54.80 35.53
C SER T 209 30.95 53.89 34.50
N PHE T 210 31.49 54.47 33.43
CA PHE T 210 32.32 53.73 32.49
C PHE T 210 33.39 54.66 31.94
N ASN T 211 34.43 54.06 31.36
CA ASN T 211 35.46 54.80 30.65
C ASN T 211 35.29 54.57 29.15
N ARG T 212 35.38 55.63 28.37
CA ARG T 212 35.08 55.56 26.94
C ARG T 212 35.74 54.52 25.99
N GLY T 213 37.01 54.19 26.12
CA GLY T 213 37.63 53.22 25.19
C GLY T 213 37.51 51.77 25.63
N GLU T 214 36.82 51.51 26.75
CA GLU T 214 36.87 50.19 27.38
C GLU T 214 35.60 49.37 27.24
N CYS T 215 35.73 48.07 27.52
CA CYS T 215 34.60 47.24 27.88
C CYS T 215 34.00 47.73 29.18
N SER U 3 -51.22 -8.19 -5.89
CA SER U 3 -52.39 -7.28 -5.66
C SER U 3 -52.13 -6.34 -4.46
N GLU U 4 -52.48 -5.07 -4.63
CA GLU U 4 -52.41 -4.03 -3.60
C GLU U 4 -51.01 -3.72 -3.14
N VAL U 5 -50.45 -2.62 -3.62
CA VAL U 5 -49.15 -2.13 -3.17
C VAL U 5 -49.20 -1.53 -1.76
N GLN U 6 -48.26 -1.96 -0.91
CA GLN U 6 -48.10 -1.31 0.40
C GLN U 6 -46.74 -1.53 1.06
N LEU U 7 -46.48 -0.66 2.03
CA LEU U 7 -45.22 -0.64 2.76
C LEU U 7 -45.50 -0.64 4.26
N VAL U 8 -45.09 -1.70 4.94
CA VAL U 8 -45.31 -1.84 6.38
C VAL U 8 -43.99 -1.69 7.14
N GLU U 9 -43.93 -0.69 8.01
CA GLU U 9 -42.73 -0.41 8.77
C GLU U 9 -42.73 -1.14 10.11
N SER U 10 -41.54 -1.52 10.57
CA SER U 10 -41.37 -2.16 11.87
C SER U 10 -40.19 -1.56 12.60
N GLY U 11 -40.13 -1.81 13.90
CA GLY U 11 -39.06 -1.29 14.74
C GLY U 11 -39.34 0.14 15.16
N GLY U 12 -38.35 0.74 15.82
CA GLY U 12 -38.46 2.11 16.31
C GLY U 12 -38.53 2.13 17.82
N GLY U 13 -38.76 3.31 18.37
CA GLY U 13 -38.90 3.49 19.80
C GLY U 13 -37.80 4.34 20.41
N LEU U 14 -37.42 4.01 21.64
CA LEU U 14 -36.50 4.79 22.43
C LEU U 14 -35.07 4.26 22.28
N VAL U 15 -34.13 5.17 22.09
CA VAL U 15 -32.70 4.82 22.10
C VAL U 15 -31.90 5.97 22.72
N GLN U 16 -30.82 5.62 23.41
CA GLN U 16 -29.96 6.61 24.04
C GLN U 16 -29.00 7.22 23.02
N PRO U 17 -28.52 8.45 23.27
CA PRO U 17 -27.53 9.07 22.39
C PRO U 17 -26.32 8.19 22.23
N GLY U 18 -25.82 8.09 21.00
CA GLY U 18 -24.71 7.19 20.67
C GLY U 18 -25.15 5.77 20.34
N GLY U 19 -26.45 5.48 20.53
CA GLY U 19 -26.98 4.13 20.35
C GLY U 19 -27.32 3.77 18.91
N SER U 20 -27.76 2.53 18.73
CA SER U 20 -28.02 1.97 17.42
C SER U 20 -29.42 1.38 17.34
N LEU U 21 -30.04 1.51 16.17
CA LEU U 21 -31.42 1.08 15.97
C LEU U 21 -31.67 0.82 14.49
N ARG U 22 -32.43 -0.24 14.18
CA ARG U 22 -32.74 -0.56 12.79
C ARG U 22 -34.24 -0.53 12.52
N LEU U 23 -34.62 0.22 11.50
CA LEU U 23 -36.00 0.26 11.03
C LEU U 23 -36.18 -0.67 9.83
N SER U 24 -37.36 -1.27 9.71
CA SER U 24 -37.68 -2.18 8.61
C SER U 24 -38.82 -1.60 7.79
N CYS U 25 -38.82 -1.93 6.51
CA CYS U 25 -39.85 -1.49 5.58
C CYS U 25 -40.21 -2.66 4.67
N ALA U 26 -41.21 -3.45 5.08
CA ALA U 26 -41.63 -4.65 4.35
C ALA U 26 -42.56 -4.27 3.20
N ALA U 27 -42.19 -4.65 1.99
CA ALA U 27 -42.96 -4.30 0.80
C ALA U 27 -43.81 -5.48 0.33
N SER U 28 -44.98 -5.16 -0.22
CA SER U 28 -45.80 -6.14 -0.92
C SER U 28 -46.55 -5.45 -2.05
N GLY U 29 -46.89 -6.21 -3.07
CA GLY U 29 -47.52 -5.67 -4.26
C GLY U 29 -46.52 -5.21 -5.32
N PHE U 30 -45.24 -5.21 -4.97
CA PHE U 30 -44.20 -4.87 -5.94
C PHE U 30 -42.86 -5.43 -5.47
N ASN U 31 -41.93 -5.56 -6.40
CA ASN U 31 -40.61 -6.14 -6.12
C ASN U 31 -39.61 -5.06 -5.77
N VAL U 32 -39.07 -5.13 -4.56
CA VAL U 32 -38.10 -4.15 -4.08
C VAL U 32 -36.82 -4.14 -4.91
N SER U 33 -36.49 -5.28 -5.51
CA SER U 33 -35.26 -5.42 -6.31
C SER U 33 -35.35 -4.70 -7.67
N TYR U 34 -36.56 -4.36 -8.10
CA TYR U 34 -36.76 -3.58 -9.33
C TYR U 34 -37.41 -2.23 -9.04
N SER U 35 -37.28 -1.76 -7.81
CA SER U 35 -37.84 -0.47 -7.41
C SER U 35 -36.84 0.27 -6.54
N SER U 36 -37.18 1.52 -6.21
CA SER U 36 -36.36 2.30 -5.29
C SER U 36 -37.13 2.53 -3.99
N ILE U 37 -36.41 2.45 -2.88
CA ILE U 37 -36.98 2.73 -1.57
C ILE U 37 -36.26 3.94 -0.97
N HIS U 38 -37.03 4.80 -0.29
CA HIS U 38 -36.50 6.03 0.26
C HIS U 38 -36.95 6.19 1.69
N TRP U 39 -36.06 6.72 2.52
CA TRP U 39 -36.40 7.05 3.90
C TRP U 39 -36.48 8.55 4.06
N VAL U 40 -37.61 9.01 4.62
CA VAL U 40 -37.86 10.41 4.88
C VAL U 40 -38.34 10.55 6.31
N ARG U 41 -37.84 11.56 7.03
CA ARG U 41 -38.21 11.74 8.42
C ARG U 41 -38.82 13.12 8.67
N GLN U 42 -39.53 13.22 9.78
CA GLN U 42 -40.23 14.45 10.15
C GLN U 42 -40.20 14.64 11.66
N ALA U 43 -39.44 15.64 12.11
CA ALA U 43 -39.40 15.97 13.53
C ALA U 43 -40.72 16.62 13.91
N PRO U 44 -41.14 16.48 15.19
CA PRO U 44 -42.42 17.06 15.62
C PRO U 44 -42.58 18.53 15.24
N GLY U 45 -43.66 18.85 14.52
CA GLY U 45 -43.95 20.22 14.10
C GLY U 45 -43.02 20.79 13.04
N LYS U 46 -42.19 19.95 12.43
CA LYS U 46 -41.19 20.40 11.46
C LYS U 46 -41.52 19.81 10.09
N GLY U 47 -40.75 20.23 9.09
CA GLY U 47 -40.97 19.78 7.72
C GLY U 47 -40.39 18.41 7.44
N LEU U 48 -40.63 17.94 6.22
CA LEU U 48 -40.08 16.67 5.75
C LEU U 48 -38.58 16.81 5.51
N GLU U 49 -37.82 15.79 5.90
CA GLU U 49 -36.39 15.74 5.63
C GLU U 49 -36.03 14.40 5.03
N TRP U 50 -35.44 14.43 3.84
CA TRP U 50 -34.92 13.22 3.19
C TRP U 50 -33.72 12.71 3.93
N VAL U 51 -33.67 11.39 4.11
CA VAL U 51 -32.60 10.74 4.86
C VAL U 51 -31.70 9.89 3.96
N ALA U 52 -32.31 9.01 3.16
CA ALA U 52 -31.55 8.07 2.35
C ALA U 52 -32.39 7.43 1.26
N SER U 53 -31.72 6.92 0.22
CA SER U 53 -32.38 6.25 -0.90
C SER U 53 -31.55 5.03 -1.33
N ILE U 54 -32.24 3.99 -1.82
CA ILE U 54 -31.56 2.80 -2.34
C ILE U 54 -32.17 2.35 -3.67
N TYR U 55 -31.30 1.99 -4.60
CA TYR U 55 -31.68 1.45 -5.89
C TYR U 55 -30.99 0.11 -6.08
N SER U 56 -31.62 -0.96 -5.59
CA SER U 56 -30.99 -2.29 -5.52
C SER U 56 -30.51 -2.81 -6.87
N TYR U 57 -31.27 -2.56 -7.92
CA TYR U 57 -30.93 -3.07 -9.25
C TYR U 57 -29.54 -2.59 -9.69
N TYR U 58 -29.24 -1.32 -9.44
CA TYR U 58 -27.96 -0.72 -9.82
C TYR U 58 -26.91 -0.79 -8.72
N GLY U 59 -27.35 -1.00 -7.48
CA GLY U 59 -26.45 -1.05 -6.33
C GLY U 59 -26.04 0.33 -5.84
N TYR U 60 -26.85 1.34 -6.15
CA TYR U 60 -26.58 2.71 -5.73
C TYR U 60 -27.31 3.03 -4.43
N THR U 61 -26.62 3.69 -3.51
CA THR U 61 -27.25 4.24 -2.32
C THR U 61 -26.83 5.70 -2.16
N TYR U 62 -27.74 6.53 -1.63
CA TYR U 62 -27.50 7.95 -1.45
C TYR U 62 -27.95 8.37 -0.05
N TYR U 63 -27.26 9.34 0.52
CA TYR U 63 -27.50 9.77 1.89
C TYR U 63 -27.51 11.28 2.03
N ALA U 64 -28.33 11.79 2.95
CA ALA U 64 -28.30 13.21 3.31
C ALA U 64 -27.04 13.46 4.10
N ASP U 65 -26.49 14.67 3.97
CA ASP U 65 -25.27 15.04 4.69
C ASP U 65 -25.42 14.91 6.20
N SER U 66 -26.61 15.23 6.70
CA SER U 66 -26.86 15.18 8.14
C SER U 66 -26.77 13.78 8.75
N VAL U 67 -26.86 12.73 7.93
CA VAL U 67 -26.79 11.34 8.41
C VAL U 67 -25.63 10.53 7.82
N LYS U 68 -24.86 11.14 6.93
CA LYS U 68 -23.81 10.43 6.21
C LYS U 68 -22.77 9.87 7.17
N GLY U 69 -22.38 8.62 6.97
CA GLY U 69 -21.40 7.95 7.84
C GLY U 69 -21.98 7.38 9.13
N ARG U 70 -23.24 7.67 9.40
CA ARG U 70 -23.91 7.19 10.61
C ARG U 70 -25.05 6.23 10.29
N PHE U 71 -25.79 6.54 9.22
CA PHE U 71 -26.94 5.72 8.81
C PHE U 71 -26.58 4.88 7.59
N THR U 72 -27.15 3.69 7.50
CA THR U 72 -26.98 2.85 6.33
C THR U 72 -28.32 2.33 5.86
N ILE U 73 -28.59 2.51 4.57
CA ILE U 73 -29.79 1.99 3.92
C ILE U 73 -29.41 0.70 3.19
N SER U 74 -30.30 -0.29 3.21
CA SER U 74 -30.04 -1.57 2.57
C SER U 74 -31.34 -2.28 2.22
N ALA U 75 -31.23 -3.41 1.52
CA ALA U 75 -32.41 -4.18 1.11
C ALA U 75 -32.11 -5.68 1.06
N ASP U 76 -33.07 -6.47 1.53
CA ASP U 76 -33.02 -7.93 1.40
C ASP U 76 -34.02 -8.35 0.33
N THR U 77 -33.49 -8.68 -0.84
CA THR U 77 -34.31 -9.10 -1.98
C THR U 77 -35.24 -10.26 -1.64
N SER U 78 -34.70 -11.28 -0.96
CA SER U 78 -35.47 -12.49 -0.67
C SER U 78 -36.66 -12.21 0.26
N LYS U 79 -36.49 -11.31 1.22
CA LYS U 79 -37.57 -10.93 2.14
C LYS U 79 -38.38 -9.73 1.64
N ASN U 80 -38.01 -9.20 0.47
CA ASN U 80 -38.68 -8.04 -0.12
C ASN U 80 -38.84 -6.90 0.90
N THR U 81 -37.76 -6.62 1.63
CA THR U 81 -37.76 -5.65 2.71
C THR U 81 -36.54 -4.71 2.59
N ALA U 82 -36.76 -3.43 2.88
CA ALA U 82 -35.67 -2.46 2.97
C ALA U 82 -35.44 -2.12 4.42
N TYR U 83 -34.22 -1.69 4.74
CA TYR U 83 -33.84 -1.38 6.12
C TYR U 83 -33.15 -0.03 6.20
N LEU U 84 -33.23 0.60 7.37
CA LEU U 84 -32.41 1.77 7.68
C LEU U 84 -31.72 1.50 9.01
N GLN U 85 -30.42 1.22 8.94
CA GLN U 85 -29.60 1.04 10.14
C GLN U 85 -29.16 2.42 10.62
N MET U 86 -29.57 2.78 11.83
CA MET U 86 -29.25 4.08 12.40
C MET U 86 -28.26 3.89 13.55
N ASN U 87 -27.04 4.39 13.36
CA ASN U 87 -26.00 4.33 14.39
C ASN U 87 -25.60 5.73 14.85
N SER U 88 -24.88 5.80 15.97
CA SER U 88 -24.43 7.06 16.55
C SER U 88 -25.56 8.08 16.62
N LEU U 89 -26.72 7.63 17.12
CA LEU U 89 -27.91 8.49 17.16
C LEU U 89 -27.70 9.72 18.05
N ARG U 90 -28.33 10.82 17.66
CA ARG U 90 -28.28 12.06 18.42
C ARG U 90 -29.70 12.56 18.67
N ALA U 91 -29.86 13.43 19.66
CA ALA U 91 -31.17 13.98 20.03
C ALA U 91 -31.94 14.52 18.83
N GLU U 92 -31.24 15.23 17.96
CA GLU U 92 -31.85 15.85 16.78
C GLU U 92 -32.29 14.85 15.69
N ASP U 93 -31.97 13.57 15.87
CA ASP U 93 -32.51 12.51 15.00
C ASP U 93 -33.91 12.10 15.43
N THR U 94 -34.41 12.63 16.53
CA THR U 94 -35.76 12.33 17.00
C THR U 94 -36.77 12.75 15.94
N ALA U 95 -37.55 11.81 15.45
CA ALA U 95 -38.52 12.09 14.37
C ALA U 95 -39.38 10.88 14.06
N VAL U 96 -40.47 11.12 13.33
CA VAL U 96 -41.25 10.04 12.72
C VAL U 96 -40.53 9.68 11.43
N TYR U 97 -40.22 8.40 11.26
CA TYR U 97 -39.49 7.93 10.08
C TYR U 97 -40.42 7.20 9.12
N TYR U 98 -40.46 7.69 7.88
CA TYR U 98 -41.26 7.09 6.82
C TYR U 98 -40.37 6.38 5.81
N CYS U 99 -40.85 5.26 5.28
CA CYS U 99 -40.27 4.70 4.07
C CYS U 99 -41.25 4.88 2.93
N ALA U 100 -40.73 4.99 1.71
CA ALA U 100 -41.58 5.24 0.54
C ALA U 100 -40.99 4.63 -0.73
N ARG U 101 -41.88 4.29 -1.66
CA ARG U 101 -41.47 3.76 -2.95
C ARG U 101 -41.28 4.89 -3.95
N GLY U 102 -40.23 4.76 -4.77
CA GLY U 102 -39.93 5.74 -5.79
C GLY U 102 -40.73 5.56 -7.07
N TYR U 103 -40.92 6.68 -7.77
CA TYR U 103 -41.64 6.77 -9.03
C TYR U 103 -40.78 7.70 -9.90
N TYR U 104 -41.27 8.10 -11.08
CA TYR U 104 -40.51 9.00 -11.96
C TYR U 104 -39.87 10.16 -11.18
N GLY U 105 -38.58 10.36 -11.39
CA GLY U 105 -37.85 11.48 -10.78
C GLY U 105 -37.67 11.38 -9.28
N ALA U 106 -37.70 10.16 -8.75
CA ALA U 106 -37.66 9.92 -7.31
C ALA U 106 -38.87 10.55 -6.59
N ALA U 107 -39.94 10.82 -7.32
CA ALA U 107 -41.22 11.14 -6.70
C ALA U 107 -41.63 9.90 -5.91
N MET U 108 -42.31 10.10 -4.78
CA MET U 108 -42.61 9.00 -3.87
C MET U 108 -44.11 8.73 -3.83
N ASP U 109 -44.53 7.66 -4.49
CA ASP U 109 -45.97 7.42 -4.72
C ASP U 109 -46.66 6.66 -3.60
N TYR U 110 -45.97 5.68 -3.01
CA TYR U 110 -46.54 4.90 -1.92
C TYR U 110 -45.69 5.01 -0.68
N TRP U 111 -46.34 5.22 0.46
CA TRP U 111 -45.67 5.50 1.72
C TRP U 111 -46.04 4.53 2.79
N GLY U 112 -45.10 4.29 3.69
CA GLY U 112 -45.38 3.52 4.89
C GLY U 112 -46.15 4.34 5.91
N GLN U 113 -46.54 3.67 6.99
CA GLN U 113 -47.34 4.32 8.02
C GLN U 113 -46.55 5.24 8.95
N GLY U 114 -45.22 5.19 8.92
CA GLY U 114 -44.40 6.00 9.82
C GLY U 114 -44.18 5.32 11.16
N THR U 115 -42.99 5.52 11.73
CA THR U 115 -42.66 4.99 13.06
C THR U 115 -41.83 6.02 13.83
N LEU U 116 -42.13 6.17 15.12
CA LEU U 116 -41.49 7.21 15.94
C LEU U 116 -40.17 6.68 16.53
N VAL U 117 -39.11 7.43 16.30
CA VAL U 117 -37.82 7.15 16.94
C VAL U 117 -37.47 8.32 17.85
N THR U 118 -37.24 8.02 19.13
CA THR U 118 -36.90 9.01 20.13
C THR U 118 -35.49 8.77 20.62
N VAL U 119 -34.63 9.79 20.49
CA VAL U 119 -33.26 9.69 20.98
C VAL U 119 -33.10 10.60 22.20
N SER U 120 -32.83 9.98 23.35
CA SER U 120 -32.76 10.73 24.61
C SER U 120 -32.21 9.89 25.76
N SER U 121 -31.63 10.55 26.74
CA SER U 121 -31.11 9.92 27.95
C SER U 121 -32.19 9.62 28.99
N ALA U 122 -33.38 10.18 28.79
CA ALA U 122 -34.47 10.00 29.73
C ALA U 122 -34.91 8.53 29.78
N SER U 123 -35.30 8.07 30.96
CA SER U 123 -35.76 6.70 31.14
C SER U 123 -37.24 6.62 30.86
N THR U 124 -37.69 5.46 30.37
CA THR U 124 -39.11 5.21 30.15
C THR U 124 -39.84 5.40 31.48
N LYS U 125 -40.96 6.13 31.45
CA LYS U 125 -41.69 6.43 32.68
C LYS U 125 -43.16 6.71 32.39
N GLY U 126 -44.01 6.16 33.25
CA GLY U 126 -45.44 6.40 33.16
C GLY U 126 -45.82 7.76 33.70
N PRO U 127 -46.93 8.33 33.21
CA PRO U 127 -47.37 9.65 33.66
C PRO U 127 -48.00 9.60 35.05
N SER U 128 -47.87 10.70 35.78
CA SER U 128 -48.72 10.96 36.93
C SER U 128 -49.90 11.74 36.38
N VAL U 129 -51.10 11.32 36.73
CA VAL U 129 -52.31 11.96 36.22
C VAL U 129 -52.99 12.74 37.35
N PHE U 130 -53.10 14.05 37.17
CA PHE U 130 -53.68 14.92 38.18
C PHE U 130 -54.95 15.56 37.64
N PRO U 131 -55.96 15.74 38.51
CA PRO U 131 -57.21 16.31 38.04
C PRO U 131 -57.10 17.82 37.88
N LEU U 132 -57.75 18.34 36.84
CA LEU U 132 -57.99 19.77 36.70
C LEU U 132 -59.44 19.99 37.09
N ALA U 133 -59.67 20.29 38.36
CA ALA U 133 -61.00 20.36 38.92
C ALA U 133 -61.78 21.57 38.40
N PRO U 134 -63.08 21.38 38.10
CA PRO U 134 -63.93 22.51 37.74
C PRO U 134 -64.22 23.37 38.97
N SER U 135 -64.20 24.69 38.79
CA SER U 135 -64.10 25.63 39.91
C SER U 135 -65.45 26.21 40.30
N GLY U 141 -70.38 29.06 36.75
CA GLY U 141 -71.80 29.24 36.47
C GLY U 141 -72.27 29.27 35.01
N GLY U 142 -71.43 28.86 34.04
CA GLY U 142 -71.77 28.94 32.61
C GLY U 142 -71.64 27.57 31.93
N THR U 143 -70.60 27.40 31.13
CA THR U 143 -70.15 26.07 30.72
C THR U 143 -68.85 25.88 31.49
N ALA U 144 -68.78 24.82 32.27
CA ALA U 144 -67.68 24.65 33.18
C ALA U 144 -66.64 23.88 32.39
N ALA U 145 -65.39 24.02 32.80
CA ALA U 145 -64.28 23.32 32.17
C ALA U 145 -63.59 22.45 33.21
N LEU U 146 -63.22 21.25 32.78
CA LEU U 146 -62.44 20.34 33.63
C LEU U 146 -61.47 19.56 32.76
N GLY U 147 -60.54 18.85 33.38
CA GLY U 147 -59.56 18.08 32.62
C GLY U 147 -58.61 17.25 33.45
N CYS U 148 -57.60 16.69 32.79
CA CYS U 148 -56.51 16.00 33.47
C CYS U 148 -55.17 16.49 33.00
N LEU U 149 -54.26 16.65 33.95
CA LEU U 149 -52.87 16.96 33.66
C LEU U 149 -52.12 15.64 33.62
N VAL U 150 -51.64 15.26 32.44
CA VAL U 150 -50.85 14.04 32.26
C VAL U 150 -49.37 14.44 32.27
N LYS U 151 -48.72 14.31 33.43
CA LYS U 151 -47.43 14.93 33.65
C LYS U 151 -46.27 13.93 33.74
N ASP U 152 -45.12 14.35 33.21
CA ASP U 152 -43.85 13.64 33.41
C ASP U 152 -43.87 12.18 32.96
N TYR U 153 -44.19 11.98 31.68
CA TYR U 153 -44.12 10.65 31.08
C TYR U 153 -43.07 10.65 29.99
N PHE U 154 -42.62 9.46 29.63
CA PHE U 154 -41.62 9.32 28.59
C PHE U 154 -41.55 7.88 28.09
N PRO U 155 -41.39 7.69 26.77
CA PRO U 155 -41.40 8.68 25.68
C PRO U 155 -42.83 8.90 25.18
N GLU U 156 -42.99 9.58 24.05
CA GLU U 156 -44.29 9.63 23.39
C GLU U 156 -44.63 8.22 22.87
N PRO U 157 -45.92 7.93 22.64
CA PRO U 157 -47.09 8.76 22.86
C PRO U 157 -47.93 8.31 24.05
N VAL U 158 -48.91 9.14 24.40
CA VAL U 158 -49.98 8.73 25.30
C VAL U 158 -51.30 8.95 24.58
N THR U 159 -52.30 8.15 24.91
CA THR U 159 -53.65 8.38 24.42
C THR U 159 -54.55 8.73 25.61
N VAL U 160 -55.48 9.65 25.39
CA VAL U 160 -56.42 10.06 26.42
C VAL U 160 -57.84 10.04 25.88
N SER U 161 -58.74 9.39 26.60
CA SER U 161 -60.17 9.42 26.29
C SER U 161 -60.95 9.80 27.54
N TRP U 162 -62.25 10.03 27.38
CA TRP U 162 -63.12 10.40 28.49
C TRP U 162 -64.31 9.51 28.58
N ASN U 163 -64.58 9.00 29.77
CA ASN U 163 -65.67 8.06 30.03
C ASN U 163 -65.63 6.88 29.04
N SER U 164 -64.44 6.31 28.90
CA SER U 164 -64.17 5.17 28.01
C SER U 164 -64.63 5.37 26.57
N GLY U 165 -64.48 6.60 26.07
CA GLY U 165 -64.88 6.94 24.70
C GLY U 165 -66.29 7.49 24.56
N ALA U 166 -67.09 7.41 25.62
CA ALA U 166 -68.47 7.88 25.60
C ALA U 166 -68.59 9.40 25.46
N LEU U 167 -67.57 10.12 25.94
CA LEU U 167 -67.56 11.58 25.87
C LEU U 167 -66.45 12.06 24.95
N THR U 168 -66.84 12.55 23.77
CA THR U 168 -65.89 13.10 22.80
C THR U 168 -66.19 14.56 22.45
N SER U 169 -67.46 14.91 22.39
CA SER U 169 -67.89 16.27 22.12
C SER U 169 -67.33 17.25 23.16
N GLY U 170 -66.62 18.27 22.69
CA GLY U 170 -66.05 19.29 23.57
C GLY U 170 -64.67 18.98 24.11
N VAL U 171 -64.13 17.80 23.79
CA VAL U 171 -62.81 17.39 24.28
C VAL U 171 -61.69 18.02 23.47
N HIS U 172 -60.67 18.50 24.17
CA HIS U 172 -59.43 18.96 23.55
C HIS U 172 -58.27 18.34 24.27
N THR U 173 -57.57 17.43 23.59
CA THR U 173 -56.34 16.85 24.12
C THR U 173 -55.14 17.50 23.44
N PHE U 174 -54.35 18.21 24.22
CA PHE U 174 -53.30 19.06 23.67
C PHE U 174 -52.06 18.28 23.25
N PRO U 175 -51.33 18.76 22.24
CA PRO U 175 -50.03 18.16 21.89
C PRO U 175 -49.08 18.22 23.08
N ALA U 176 -48.30 17.16 23.27
CA ALA U 176 -47.33 17.08 24.35
C ALA U 176 -46.29 18.18 24.23
N VAL U 177 -45.80 18.64 25.37
CA VAL U 177 -44.70 19.58 25.44
C VAL U 177 -43.51 18.88 26.08
N LEU U 178 -42.33 19.06 25.50
CA LEU U 178 -41.11 18.50 26.06
C LEU U 178 -40.56 19.46 27.08
N GLN U 179 -40.48 19.02 28.33
CA GLN U 179 -40.01 19.87 29.43
C GLN U 179 -38.48 19.82 29.51
N SER U 180 -37.90 20.73 30.28
CA SER U 180 -36.44 20.81 30.42
C SER U 180 -35.87 19.57 31.13
N SER U 181 -36.71 18.85 31.87
CA SER U 181 -36.31 17.60 32.49
C SER U 181 -36.08 16.48 31.47
N GLY U 182 -36.58 16.65 30.26
CA GLY U 182 -36.49 15.63 29.22
C GLY U 182 -37.76 14.78 29.14
N LEU U 183 -38.70 15.03 30.04
CA LEU U 183 -39.96 14.30 30.09
C LEU U 183 -41.05 15.08 29.36
N TYR U 184 -42.09 14.37 28.93
CA TYR U 184 -43.22 14.98 28.25
C TYR U 184 -44.35 15.25 29.23
N SER U 185 -45.21 16.16 28.83
CA SER U 185 -46.37 16.53 29.65
C SER U 185 -47.45 17.14 28.76
N LEU U 186 -48.70 16.81 29.05
CA LEU U 186 -49.84 17.39 28.34
C LEU U 186 -51.08 17.46 29.21
N SER U 187 -52.05 18.25 28.76
CA SER U 187 -53.34 18.30 29.40
C SER U 187 -54.43 17.91 28.41
N SER U 188 -55.50 17.33 28.92
CA SER U 188 -56.69 17.08 28.14
C SER U 188 -57.87 17.80 28.80
N VAL U 189 -58.59 18.65 28.09
CA VAL U 189 -59.72 19.36 28.69
C VAL U 189 -61.05 19.37 27.94
N VAL U 190 -62.14 19.06 28.65
CA VAL U 190 -63.50 19.01 28.08
C VAL U 190 -64.52 19.87 28.80
N THR U 191 -65.34 20.63 28.07
CA THR U 191 -66.47 21.34 28.66
C THR U 191 -67.67 20.38 28.82
N VAL U 192 -68.22 20.29 30.04
CA VAL U 192 -69.43 19.52 30.31
C VAL U 192 -70.33 20.40 31.14
N PRO U 193 -71.62 20.08 31.21
CA PRO U 193 -72.59 20.92 31.91
C PRO U 193 -72.33 21.05 33.39
N SER U 194 -72.32 22.29 33.85
CA SER U 194 -71.84 22.63 35.15
C SER U 194 -72.75 21.80 35.96
N SER U 195 -73.98 21.80 35.48
CA SER U 195 -75.10 21.13 36.05
C SER U 195 -74.94 19.62 36.08
N SER U 196 -74.08 19.09 35.21
CA SER U 196 -73.87 17.65 35.19
C SER U 196 -73.28 17.22 36.48
N LEU U 197 -72.67 18.18 37.16
CA LEU U 197 -71.58 17.88 38.03
C LEU U 197 -71.93 16.92 39.14
N GLY U 198 -73.09 17.11 39.75
CA GLY U 198 -73.54 16.14 40.71
C GLY U 198 -73.86 14.80 40.07
N THR U 199 -74.52 14.87 38.93
CA THR U 199 -75.02 13.67 38.29
C THR U 199 -74.02 12.65 37.79
N GLN U 200 -73.02 13.14 37.07
CA GLN U 200 -72.24 12.26 36.21
C GLN U 200 -70.78 12.25 36.47
N THR U 201 -70.24 11.06 36.63
CA THR U 201 -68.87 10.93 36.93
C THR U 201 -68.13 11.07 35.62
N TYR U 202 -67.32 12.11 35.55
CA TYR U 202 -66.28 12.34 34.53
C TYR U 202 -64.96 11.67 34.88
N ILE U 203 -64.52 10.75 34.03
CA ILE U 203 -63.29 10.01 34.23
C ILE U 203 -62.42 10.09 32.97
N CYS U 204 -61.15 10.46 33.14
CA CYS U 204 -60.15 10.47 32.07
C CYS U 204 -59.45 9.14 32.03
N ASN U 205 -59.30 8.56 30.83
CA ASN U 205 -58.58 7.30 30.67
C ASN U 205 -57.26 7.57 29.94
N VAL U 206 -56.16 7.48 30.69
CA VAL U 206 -54.84 7.74 30.15
C VAL U 206 -54.12 6.42 29.94
N ASN U 207 -53.57 6.24 28.74
CA ASN U 207 -52.89 5.01 28.38
C ASN U 207 -51.50 5.31 27.85
N HIS U 208 -50.49 4.68 28.44
CA HIS U 208 -49.11 4.89 28.05
C HIS U 208 -48.47 3.57 27.75
N LYS U 209 -48.57 3.17 26.49
CA LYS U 209 -48.09 1.86 26.03
C LYS U 209 -46.61 1.61 26.35
N PRO U 210 -45.72 2.58 26.07
CA PRO U 210 -44.29 2.36 26.31
C PRO U 210 -43.91 1.92 27.73
N SER U 211 -44.65 2.38 28.73
CA SER U 211 -44.41 1.95 30.11
C SER U 211 -45.44 0.92 30.58
N ASN U 212 -46.34 0.56 29.68
CA ASN U 212 -47.41 -0.39 29.98
C ASN U 212 -48.24 0.01 31.20
N THR U 213 -48.45 1.32 31.36
CA THR U 213 -49.26 1.83 32.46
C THR U 213 -50.57 2.39 31.92
N LYS U 214 -51.62 2.20 32.71
CA LYS U 214 -52.96 2.61 32.34
C LYS U 214 -53.61 3.19 33.60
N VAL U 215 -54.12 4.41 33.49
CA VAL U 215 -54.66 5.12 34.65
C VAL U 215 -56.03 5.73 34.32
N ASP U 216 -57.00 5.50 35.19
CA ASP U 216 -58.31 6.14 35.11
C ASP U 216 -58.43 7.09 36.31
N LYS U 217 -58.63 8.37 36.04
CA LYS U 217 -58.77 9.36 37.11
C LYS U 217 -60.12 10.05 37.03
N LYS U 218 -60.88 9.95 38.12
CA LYS U 218 -62.16 10.63 38.24
C LYS U 218 -61.91 12.10 38.58
N VAL U 219 -62.45 13.00 37.76
CA VAL U 219 -62.30 14.43 38.00
C VAL U 219 -63.56 14.98 38.67
N GLU U 220 -63.41 15.37 39.93
CA GLU U 220 -64.52 15.89 40.73
C GLU U 220 -64.32 17.35 41.06
N PRO U 221 -65.42 18.10 41.27
CA PRO U 221 -65.29 19.48 41.76
C PRO U 221 -64.76 19.48 43.19
N LYS U 222 -63.57 20.05 43.39
CA LYS U 222 -62.90 20.00 44.70
C LYS U 222 -63.81 20.41 45.86
N SER U 223 -63.62 19.73 46.99
CA SER U 223 -64.38 19.99 48.20
C SER U 223 -63.63 20.99 49.05
N CYS U 224 -64.22 22.16 49.27
CA CYS U 224 -63.56 23.17 50.08
C CYS U 224 -63.52 22.80 51.55
N THR V 6 -37.64 28.81 9.40
CA THR V 6 -37.76 28.16 8.06
C THR V 6 -37.49 26.64 8.07
N GLN V 7 -37.33 26.07 9.27
CA GLN V 7 -37.31 24.62 9.46
C GLN V 7 -38.74 24.09 9.60
N SER V 8 -39.68 24.98 9.98
CA SER V 8 -41.10 24.64 10.13
C SER V 8 -41.89 25.25 8.91
N PRO V 9 -43.00 24.61 8.50
CA PRO V 9 -43.72 25.07 7.31
C PRO V 9 -44.33 26.46 7.49
N SER V 10 -44.27 27.27 6.44
CA SER V 10 -44.94 28.56 6.41
C SER V 10 -46.46 28.42 6.49
N SER V 11 -47.13 29.49 6.90
CA SER V 11 -48.58 29.49 7.07
C SER V 11 -49.28 30.36 6.02
N LEU V 12 -50.44 29.90 5.56
CA LEU V 12 -51.26 30.66 4.61
C LEU V 12 -52.74 30.48 4.95
N SER V 13 -53.46 31.60 5.05
CA SER V 13 -54.89 31.58 5.34
C SER V 13 -55.68 31.79 4.07
N ALA V 14 -56.61 30.89 3.79
CA ALA V 14 -57.42 30.96 2.58
C ALA V 14 -58.87 30.51 2.83
N SER V 15 -59.75 30.89 1.90
CA SER V 15 -61.15 30.50 1.95
C SER V 15 -61.45 29.45 0.89
N VAL V 16 -62.51 28.67 1.11
CA VAL V 16 -62.98 27.71 0.13
C VAL V 16 -63.32 28.46 -1.18
N GLY V 17 -62.84 27.94 -2.30
CA GLY V 17 -63.03 28.56 -3.60
C GLY V 17 -61.88 29.45 -4.04
N ASP V 18 -60.95 29.74 -3.14
CA ASP V 18 -59.80 30.59 -3.47
C ASP V 18 -58.81 29.87 -4.36
N ARG V 19 -58.05 30.66 -5.11
CA ARG V 19 -56.95 30.16 -5.92
C ARG V 19 -55.66 30.35 -5.14
N VAL V 20 -54.84 29.30 -5.10
CA VAL V 20 -53.59 29.32 -4.32
C VAL V 20 -52.42 28.83 -5.17
N THR V 21 -51.32 29.60 -5.14
CA THR V 21 -50.09 29.20 -5.81
C THR V 21 -48.91 29.16 -4.83
N ILE V 22 -48.33 27.98 -4.65
CA ILE V 22 -47.21 27.79 -3.74
C ILE V 22 -45.91 27.69 -4.54
N THR V 23 -44.90 28.45 -4.14
CA THR V 23 -43.60 28.41 -4.79
C THR V 23 -42.65 27.49 -4.01
N CYS V 24 -41.90 26.68 -4.73
CA CYS V 24 -41.00 25.70 -4.13
C CYS V 24 -39.70 26.36 -3.68
N ARG V 25 -39.32 26.12 -2.42
CA ARG V 25 -38.03 26.59 -1.90
C ARG V 25 -37.22 25.40 -1.36
N ALA V 26 -36.73 24.59 -2.29
CA ALA V 26 -35.83 23.47 -1.96
C ALA V 26 -34.41 23.74 -2.46
N SER V 27 -34.06 25.03 -2.60
CA SER V 27 -32.76 25.45 -3.16
C SER V 27 -32.41 24.63 -4.41
N GLN V 28 -33.31 24.65 -5.38
CA GLN V 28 -33.28 23.76 -6.53
C GLN V 28 -32.48 24.35 -7.70
N SER V 29 -32.37 23.59 -8.79
CA SER V 29 -31.75 24.05 -10.03
C SER V 29 -32.70 23.82 -11.21
N VAL V 30 -32.25 24.23 -12.41
CA VAL V 30 -33.01 24.01 -13.65
C VAL V 30 -33.15 22.53 -14.02
N SER V 31 -32.13 21.74 -13.67
CA SER V 31 -32.08 20.32 -14.00
C SER V 31 -33.10 19.52 -13.20
N SER V 32 -33.38 19.99 -11.99
CA SER V 32 -34.15 19.26 -11.00
C SER V 32 -35.45 18.60 -11.52
N ALA V 33 -35.67 17.36 -11.08
CA ALA V 33 -36.97 16.72 -11.19
C ALA V 33 -37.76 17.02 -9.92
N VAL V 34 -38.90 17.68 -10.05
CA VAL V 34 -39.64 18.21 -8.90
C VAL V 34 -40.97 17.49 -8.71
N ALA V 35 -41.30 17.21 -7.45
CA ALA V 35 -42.57 16.59 -7.09
C ALA V 35 -43.27 17.41 -6.02
N TRP V 36 -44.58 17.20 -5.88
CA TRP V 36 -45.38 17.92 -4.89
C TRP V 36 -46.21 16.96 -4.09
N TYR V 37 -46.37 17.25 -2.79
CA TYR V 37 -47.08 16.38 -1.87
C TYR V 37 -48.09 17.14 -1.02
N GLN V 38 -49.10 16.42 -0.57
CA GLN V 38 -50.06 16.92 0.41
C GLN V 38 -49.93 16.06 1.67
N GLN V 39 -49.90 16.70 2.84
CA GLN V 39 -49.87 15.96 4.09
C GLN V 39 -50.89 16.53 5.06
N LYS V 40 -51.65 15.63 5.67
CA LYS V 40 -52.59 15.97 6.73
C LYS V 40 -52.06 15.41 8.05
N PRO V 41 -52.48 16.00 9.18
CA PRO V 41 -51.98 15.57 10.49
C PRO V 41 -52.14 14.07 10.76
N GLY V 42 -51.08 13.45 11.28
CA GLY V 42 -51.10 12.03 11.64
C GLY V 42 -51.09 11.06 10.47
N LYS V 43 -50.82 11.57 9.27
CA LYS V 43 -50.88 10.76 8.04
C LYS V 43 -49.62 10.94 7.20
N ALA V 44 -49.31 9.92 6.41
CA ALA V 44 -48.18 9.98 5.49
C ALA V 44 -48.52 10.94 4.33
N PRO V 45 -47.49 11.56 3.72
CA PRO V 45 -47.76 12.41 2.57
C PRO V 45 -48.35 11.67 1.37
N LYS V 46 -49.09 12.40 0.53
CA LYS V 46 -49.68 11.88 -0.70
C LYS V 46 -49.07 12.61 -1.89
N LEU V 47 -48.66 11.84 -2.91
CA LEU V 47 -48.11 12.41 -4.14
C LEU V 47 -49.20 13.09 -4.96
N LEU V 48 -48.92 14.34 -5.37
CA LEU V 48 -49.86 15.15 -6.17
C LEU V 48 -49.33 15.30 -7.60
N ILE V 49 -48.11 15.82 -7.71
CA ILE V 49 -47.49 16.10 -9.01
C ILE V 49 -46.11 15.46 -9.06
N TYR V 50 -45.71 15.01 -10.25
CA TYR V 50 -44.36 14.52 -10.49
C TYR V 50 -43.80 15.13 -11.77
N SER V 51 -42.48 15.05 -11.92
CA SER V 51 -41.80 15.64 -13.07
C SER V 51 -42.26 17.06 -13.33
N ALA V 52 -42.30 17.87 -12.27
CA ALA V 52 -42.63 19.28 -12.35
C ALA V 52 -44.12 19.57 -12.59
N SER V 53 -44.70 18.94 -13.62
CA SER V 53 -46.05 19.31 -14.06
C SER V 53 -47.02 18.15 -14.37
N SER V 54 -46.61 16.91 -14.16
CA SER V 54 -47.48 15.78 -14.46
C SER V 54 -48.39 15.45 -13.29
N LEU V 55 -49.69 15.38 -13.55
CA LEU V 55 -50.69 15.06 -12.53
C LEU V 55 -50.66 13.58 -12.23
N TYR V 56 -50.46 13.21 -10.96
CA TYR V 56 -50.40 11.81 -10.57
C TYR V 56 -51.78 11.18 -10.65
N SER V 57 -51.81 9.90 -10.98
CA SER V 57 -53.04 9.13 -11.12
C SER V 57 -53.96 9.30 -9.91
N GLY V 58 -55.22 9.61 -10.16
CA GLY V 58 -56.23 9.73 -9.11
C GLY V 58 -56.34 11.11 -8.48
N VAL V 59 -55.37 11.97 -8.73
CA VAL V 59 -55.35 13.30 -8.15
C VAL V 59 -56.27 14.24 -8.94
N PRO V 60 -57.16 14.99 -8.26
CA PRO V 60 -58.08 15.92 -8.92
C PRO V 60 -57.39 16.92 -9.85
N SER V 61 -58.09 17.32 -10.91
CA SER V 61 -57.51 18.18 -11.94
C SER V 61 -57.30 19.63 -11.52
N ARG V 62 -57.91 20.04 -10.40
CA ARG V 62 -57.70 21.39 -9.87
C ARG V 62 -56.25 21.62 -9.38
N PHE V 63 -55.53 20.54 -9.09
CA PHE V 63 -54.10 20.60 -8.79
C PHE V 63 -53.32 20.62 -10.10
N SER V 64 -52.39 21.58 -10.21
CA SER V 64 -51.49 21.64 -11.36
C SER V 64 -50.11 22.13 -10.94
N GLY V 65 -49.09 21.65 -11.63
CA GLY V 65 -47.71 22.04 -11.36
C GLY V 65 -47.12 22.73 -12.58
N SER V 66 -46.20 23.65 -12.34
CA SER V 66 -45.61 24.42 -13.42
C SER V 66 -44.16 24.77 -13.12
N ARG V 67 -43.37 24.92 -14.17
CA ARG V 67 -41.96 25.27 -14.06
C ARG V 67 -41.69 26.51 -14.91
N SER V 68 -41.08 27.51 -14.29
CA SER V 68 -40.68 28.72 -15.00
C SER V 68 -39.24 29.05 -14.64
N GLY V 69 -38.32 28.63 -15.51
CA GLY V 69 -36.89 28.78 -15.27
C GLY V 69 -36.47 27.96 -14.06
N THR V 70 -36.02 28.66 -13.02
CA THR V 70 -35.59 28.02 -11.78
C THR V 70 -36.72 27.92 -10.74
N ASP V 71 -37.88 28.52 -11.06
CA ASP V 71 -39.00 28.59 -10.11
C ASP V 71 -40.06 27.54 -10.41
N PHE V 72 -40.32 26.68 -9.42
CA PHE V 72 -41.30 25.62 -9.52
C PHE V 72 -42.51 25.96 -8.69
N THR V 73 -43.69 25.66 -9.22
CA THR V 73 -44.93 26.18 -8.66
C THR V 73 -46.02 25.12 -8.63
N LEU V 74 -46.82 25.13 -7.56
CA LEU V 74 -48.01 24.30 -7.46
C LEU V 74 -49.21 25.22 -7.33
N THR V 75 -50.22 25.02 -8.17
CA THR V 75 -51.45 25.81 -8.11
C THR V 75 -52.67 24.94 -7.86
N ILE V 76 -53.50 25.37 -6.91
CA ILE V 76 -54.81 24.78 -6.68
C ILE V 76 -55.83 25.80 -7.19
N SER V 77 -56.46 25.51 -8.33
CA SER V 77 -57.32 26.50 -9.00
C SER V 77 -58.52 26.93 -8.15
N SER V 78 -59.09 26.00 -7.39
CA SER V 78 -60.22 26.31 -6.53
C SER V 78 -60.19 25.45 -5.27
N LEU V 79 -59.84 26.08 -4.15
CA LEU V 79 -59.67 25.37 -2.88
C LEU V 79 -60.96 24.70 -2.43
N GLN V 80 -60.87 23.41 -2.10
CA GLN V 80 -62.00 22.65 -1.57
C GLN V 80 -61.76 22.38 -0.08
N PRO V 81 -62.82 22.03 0.68
CA PRO V 81 -62.67 21.77 2.12
C PRO V 81 -61.60 20.72 2.47
N GLU V 82 -61.50 19.69 1.63
CA GLU V 82 -60.52 18.61 1.86
C GLU V 82 -59.08 19.01 1.50
N ASP V 83 -58.91 20.16 0.85
CA ASP V 83 -57.58 20.62 0.42
C ASP V 83 -56.81 21.36 1.51
N PHE V 84 -57.46 21.68 2.61
CA PHE V 84 -56.77 22.35 3.71
C PHE V 84 -55.83 21.37 4.39
N ALA V 85 -54.54 21.58 4.18
CA ALA V 85 -53.51 20.67 4.64
C ALA V 85 -52.16 21.33 4.42
N THR V 86 -51.07 20.59 4.65
CA THR V 86 -49.73 21.10 4.40
C THR V 86 -49.21 20.58 3.07
N TYR V 87 -48.51 21.44 2.33
CA TYR V 87 -48.00 21.09 1.01
C TYR V 87 -46.48 21.23 0.96
N TYR V 88 -45.81 20.22 0.41
CA TYR V 88 -44.36 20.22 0.27
C TYR V 88 -43.97 19.96 -1.16
N CYS V 89 -42.92 20.65 -1.63
CA CYS V 89 -42.27 20.28 -2.88
C CYS V 89 -41.04 19.44 -2.56
N GLN V 90 -40.61 18.66 -3.54
CA GLN V 90 -39.39 17.86 -3.44
C GLN V 90 -38.57 18.13 -4.69
N GLN V 91 -37.28 18.32 -4.51
CA GLN V 91 -36.34 18.48 -5.63
C GLN V 91 -35.30 17.36 -5.58
N SER V 92 -35.21 16.60 -6.68
CA SER V 92 -34.23 15.53 -6.81
C SER V 92 -33.13 15.96 -7.77
N SER V 93 -31.89 15.95 -7.29
CA SER V 93 -30.73 16.24 -8.12
C SER V 93 -30.09 14.92 -8.54
N SER V 94 -28.83 14.97 -8.98
CA SER V 94 -28.13 13.76 -9.42
C SER V 94 -27.63 12.90 -8.26
N SER V 95 -27.59 13.45 -7.04
CA SER V 95 -27.11 12.70 -5.88
C SER V 95 -27.79 13.07 -4.56
N LEU V 96 -28.93 13.74 -4.63
CA LEU V 96 -29.52 14.37 -3.45
C LEU V 96 -31.01 14.61 -3.66
N ILE V 97 -31.78 14.43 -2.60
CA ILE V 97 -33.19 14.82 -2.59
C ILE V 97 -33.38 15.84 -1.49
N THR V 98 -34.07 16.94 -1.81
CA THR V 98 -34.35 18.00 -0.84
C THR V 98 -35.84 18.31 -0.84
N PHE V 99 -36.43 18.30 0.35
CA PHE V 99 -37.80 18.77 0.53
C PHE V 99 -37.76 20.24 0.91
N GLY V 100 -38.74 21.01 0.42
CA GLY V 100 -38.81 22.42 0.73
C GLY V 100 -39.44 22.68 2.08
N GLN V 101 -39.41 23.93 2.51
CA GLN V 101 -39.98 24.35 3.79
C GLN V 101 -41.43 23.90 3.94
N GLY V 102 -42.21 24.07 2.88
CA GLY V 102 -43.61 23.67 2.88
C GLY V 102 -44.55 24.76 3.35
N THR V 103 -45.80 24.70 2.89
CA THR V 103 -46.82 25.67 3.24
C THR V 103 -48.02 24.97 3.85
N LYS V 104 -48.45 25.46 5.01
CA LYS V 104 -49.63 24.94 5.68
C LYS V 104 -50.81 25.85 5.37
N VAL V 105 -51.78 25.33 4.62
CA VAL V 105 -52.94 26.11 4.22
C VAL V 105 -54.05 25.92 5.26
N GLU V 106 -54.40 27.01 5.94
CA GLU V 106 -55.44 27.01 6.99
C GLU V 106 -56.69 27.77 6.54
N ILE V 107 -57.82 27.46 7.20
CA ILE V 107 -59.11 28.02 6.80
C ILE V 107 -59.31 29.41 7.37
N LYS V 108 -59.75 30.36 6.57
CA LYS V 108 -60.18 31.66 7.11
C LYS V 108 -61.51 31.57 7.84
N ARG V 109 -61.61 32.29 8.95
CA ARG V 109 -62.78 32.20 9.82
C ARG V 109 -63.27 33.49 10.41
N THR V 110 -64.51 33.38 10.88
CA THR V 110 -65.18 34.30 11.80
C THR V 110 -64.50 34.14 13.12
N VAL V 111 -64.23 35.25 13.77
CA VAL V 111 -63.61 35.24 15.07
C VAL V 111 -64.53 34.57 16.09
N ALA V 112 -63.97 33.81 17.02
CA ALA V 112 -64.77 33.18 18.07
C ALA V 112 -64.67 33.86 19.42
N ALA V 113 -63.45 34.21 19.81
CA ALA V 113 -63.28 34.93 21.04
C ALA V 113 -62.92 33.87 22.00
N PRO V 114 -61.91 34.13 22.81
CA PRO V 114 -61.30 33.08 23.57
C PRO V 114 -61.95 32.94 24.90
N SER V 115 -62.64 31.85 25.17
CA SER V 115 -63.07 31.63 26.52
C SER V 115 -61.82 31.26 27.37
N VAL V 116 -61.59 31.98 28.48
CA VAL V 116 -60.37 31.79 29.27
C VAL V 116 -60.68 31.13 30.62
N PHE V 117 -59.85 30.15 30.98
CA PHE V 117 -60.00 29.43 32.25
C PHE V 117 -58.64 29.26 32.91
N ILE V 118 -58.62 29.31 34.24
CA ILE V 118 -57.39 29.06 35.00
C ILE V 118 -57.60 27.89 35.95
N PHE V 119 -56.57 27.06 36.08
CA PHE V 119 -56.63 25.87 36.92
C PHE V 119 -55.46 25.86 37.91
N PRO V 120 -55.76 25.94 39.21
CA PRO V 120 -54.67 25.81 40.18
C PRO V 120 -54.18 24.37 40.24
N PRO V 121 -52.99 24.14 40.82
CA PRO V 121 -52.51 22.78 40.93
C PRO V 121 -53.35 21.96 41.91
N SER V 122 -53.54 20.68 41.61
CA SER V 122 -54.29 19.79 42.49
C SER V 122 -53.47 19.48 43.74
N ASP V 123 -54.17 19.08 44.81
CA ASP V 123 -53.50 18.65 46.04
C ASP V 123 -52.67 17.39 45.78
N SER V 124 -53.17 16.55 44.89
CA SER V 124 -52.46 15.35 44.48
C SER V 124 -51.06 15.67 43.94
N GLN V 125 -50.96 16.68 43.08
CA GLN V 125 -49.66 17.08 42.51
C GLN V 125 -48.77 17.73 43.56
N LEU V 126 -49.35 18.61 44.37
CA LEU V 126 -48.62 19.27 45.46
C LEU V 126 -47.92 18.27 46.39
N LYS V 127 -48.57 17.14 46.63
CA LYS V 127 -47.94 16.04 47.38
C LYS V 127 -46.66 15.54 46.72
N SER V 128 -46.70 15.37 45.39
CA SER V 128 -45.57 14.82 44.65
C SER V 128 -44.34 15.75 44.59
N GLY V 129 -44.52 17.03 44.95
CA GLY V 129 -43.40 17.96 45.08
C GLY V 129 -43.30 19.03 44.00
N THR V 130 -44.20 18.99 43.02
CA THR V 130 -44.26 19.99 41.96
C THR V 130 -45.63 20.68 41.92
N ALA V 131 -45.71 21.78 41.18
CA ALA V 131 -46.95 22.55 41.04
C ALA V 131 -47.10 23.11 39.63
N SER V 132 -48.14 22.66 38.93
CA SER V 132 -48.43 23.14 37.59
C SER V 132 -49.71 23.96 37.60
N VAL V 133 -49.65 25.19 37.09
CA VAL V 133 -50.81 26.05 36.96
C VAL V 133 -51.12 26.19 35.48
N VAL V 134 -52.32 25.78 35.10
CA VAL V 134 -52.71 25.74 33.69
C VAL V 134 -53.70 26.86 33.36
N CYS V 135 -53.45 27.55 32.25
CA CYS V 135 -54.33 28.58 31.75
C CYS V 135 -54.80 28.16 30.36
N LEU V 136 -56.12 28.04 30.20
CA LEU V 136 -56.72 27.53 28.95
C LEU V 136 -57.40 28.64 28.16
N LEU V 137 -57.04 28.76 26.88
CA LEU V 137 -57.74 29.62 25.93
C LEU V 137 -58.51 28.73 24.97
N ASN V 138 -59.83 28.80 25.00
CA ASN V 138 -60.67 27.85 24.27
C ASN V 138 -61.40 28.45 23.06
N ASN V 139 -61.30 27.74 21.93
CA ASN V 139 -62.06 28.04 20.70
C ASN V 139 -61.99 29.49 20.25
N PHE V 140 -60.83 29.90 19.74
CA PHE V 140 -60.63 31.27 19.27
C PHE V 140 -60.04 31.32 17.86
N TYR V 141 -60.14 32.49 17.25
CA TYR V 141 -59.55 32.75 15.94
C TYR V 141 -59.30 34.26 15.80
N PRO V 142 -58.15 34.66 15.24
CA PRO V 142 -57.07 33.86 14.68
C PRO V 142 -56.15 33.24 15.72
N ARG V 143 -55.20 32.45 15.24
CA ARG V 143 -54.26 31.69 16.07
C ARG V 143 -53.42 32.59 16.98
N GLU V 144 -53.10 33.79 16.53
CA GLU V 144 -52.18 34.67 17.25
C GLU V 144 -52.80 35.16 18.55
N ALA V 145 -52.34 34.61 19.67
CA ALA V 145 -52.77 35.05 21.00
C ALA V 145 -51.54 35.33 21.85
N LYS V 146 -51.72 36.14 22.88
CA LYS V 146 -50.65 36.47 23.82
C LYS V 146 -51.11 36.12 25.23
N VAL V 147 -50.37 35.24 25.90
CA VAL V 147 -50.70 34.81 27.25
C VAL V 147 -49.52 35.10 28.17
N GLN V 148 -49.73 36.02 29.11
CA GLN V 148 -48.67 36.46 30.03
C GLN V 148 -49.03 36.06 31.45
N TRP V 149 -48.05 35.55 32.19
CA TRP V 149 -48.27 35.11 33.56
C TRP V 149 -47.84 36.16 34.54
N LYS V 150 -48.61 36.30 35.61
CA LYS V 150 -48.28 37.20 36.72
C LYS V 150 -48.32 36.43 38.04
N VAL V 151 -47.27 36.57 38.85
CA VAL V 151 -47.22 35.95 40.16
C VAL V 151 -46.89 37.03 41.18
N ASP V 152 -47.84 37.30 42.07
CA ASP V 152 -47.73 38.42 43.01
C ASP V 152 -47.37 39.72 42.28
N ASN V 153 -48.05 39.95 41.16
CA ASN V 153 -47.88 41.15 40.34
C ASN V 153 -46.54 41.24 39.59
N ALA V 154 -45.77 40.15 39.59
CA ALA V 154 -44.51 40.09 38.85
C ALA V 154 -44.73 39.36 37.54
N LEU V 155 -44.54 40.06 36.42
CA LEU V 155 -44.66 39.43 35.10
C LEU V 155 -43.60 38.33 34.97
N GLN V 156 -44.01 37.16 34.49
CA GLN V 156 -43.13 36.01 34.39
C GLN V 156 -42.69 35.75 32.94
N SER V 157 -41.54 35.10 32.81
CA SER V 157 -41.08 34.60 31.53
C SER V 157 -40.03 33.51 31.76
N GLY V 158 -40.18 32.38 31.07
CA GLY V 158 -39.22 31.30 31.13
C GLY V 158 -39.68 30.09 31.94
N ASN V 159 -40.69 30.26 32.77
CA ASN V 159 -41.21 29.16 33.59
C ASN V 159 -42.58 28.67 33.13
N SER V 160 -42.90 28.92 31.86
CA SER V 160 -44.14 28.45 31.28
C SER V 160 -43.93 27.99 29.83
N GLN V 161 -44.77 27.06 29.39
CA GLN V 161 -44.72 26.54 28.04
C GLN V 161 -46.12 26.51 27.44
N GLU V 162 -46.22 26.82 26.16
CA GLU V 162 -47.49 26.85 25.47
C GLU V 162 -47.65 25.65 24.55
N SER V 163 -48.89 25.26 24.31
CA SER V 163 -49.23 24.24 23.33
C SER V 163 -50.52 24.65 22.64
N VAL V 164 -50.55 24.52 21.32
CA VAL V 164 -51.70 24.93 20.53
C VAL V 164 -52.24 23.73 19.76
N THR V 165 -53.57 23.59 19.71
CA THR V 165 -54.18 22.52 18.95
C THR V 165 -54.16 22.84 17.47
N GLU V 166 -54.43 21.81 16.68
CA GLU V 166 -54.60 21.96 15.25
C GLU V 166 -55.95 22.63 15.00
N GLN V 167 -56.10 23.33 13.88
CA GLN V 167 -57.35 24.01 13.57
C GLN V 167 -58.49 23.00 13.59
N ASP V 168 -59.57 23.34 14.29
CA ASP V 168 -60.69 22.42 14.49
C ASP V 168 -61.48 22.24 13.19
N SER V 169 -61.83 20.99 12.88
CA SER V 169 -62.54 20.65 11.65
C SER V 169 -63.98 21.18 11.62
N LYS V 170 -64.62 21.25 12.79
CA LYS V 170 -66.02 21.67 12.88
C LYS V 170 -66.19 23.18 12.77
N ASP V 171 -65.49 23.93 13.62
CA ASP V 171 -65.69 25.39 13.71
C ASP V 171 -64.46 26.23 13.33
N SER V 172 -63.39 25.57 12.88
CA SER V 172 -62.18 26.26 12.38
C SER V 172 -61.47 27.15 13.42
N THR V 173 -61.65 26.84 14.70
CA THR V 173 -61.03 27.61 15.78
C THR V 173 -59.81 26.87 16.32
N TYR V 174 -58.98 27.61 17.05
CA TYR V 174 -57.84 27.05 17.77
C TYR V 174 -58.12 27.07 19.26
N SER V 175 -57.41 26.22 19.98
CA SER V 175 -57.38 26.28 21.43
C SER V 175 -55.92 26.20 21.89
N LEU V 176 -55.63 26.83 23.01
CA LEU V 176 -54.26 26.95 23.49
C LEU V 176 -54.18 26.72 24.99
N SER V 177 -53.12 26.06 25.43
CA SER V 177 -52.84 25.89 26.86
C SER V 177 -51.50 26.53 27.18
N SER V 178 -51.43 27.21 28.31
CA SER V 178 -50.16 27.69 28.84
C SER V 178 -50.03 27.12 30.25
N THR V 179 -48.89 26.52 30.53
CA THR V 179 -48.66 25.84 31.80
C THR V 179 -47.47 26.44 32.52
N LEU V 180 -47.75 27.12 33.63
CA LEU V 180 -46.71 27.64 34.51
C LEU V 180 -46.29 26.52 35.46
N THR V 181 -45.00 26.21 35.49
CA THR V 181 -44.49 25.12 36.33
C THR V 181 -43.51 25.65 37.35
N LEU V 182 -43.76 25.34 38.62
CA LEU V 182 -42.88 25.68 39.72
C LEU V 182 -42.69 24.47 40.62
N SER V 183 -41.69 24.54 41.49
CA SER V 183 -41.54 23.55 42.56
C SER V 183 -42.59 23.86 43.63
N LYS V 184 -42.89 22.86 44.46
CA LYS V 184 -43.84 23.04 45.57
C LYS V 184 -43.38 24.22 46.43
N ALA V 185 -42.10 24.22 46.80
CA ALA V 185 -41.52 25.29 47.63
C ALA V 185 -41.81 26.67 47.05
N ASP V 186 -41.50 26.87 45.77
CA ASP V 186 -41.72 28.17 45.10
C ASP V 186 -43.19 28.53 45.01
N TYR V 187 -44.04 27.55 44.73
CA TYR V 187 -45.48 27.78 44.69
C TYR V 187 -45.99 28.31 46.03
N GLU V 188 -45.48 27.75 47.13
CA GLU V 188 -45.88 28.16 48.48
C GLU V 188 -45.42 29.58 48.84
N LYS V 189 -44.34 30.05 48.21
CA LYS V 189 -43.83 31.41 48.48
C LYS V 189 -44.73 32.55 48.00
N HIS V 190 -45.68 32.26 47.12
CA HIS V 190 -46.49 33.30 46.48
C HIS V 190 -47.97 33.07 46.64
N LYS V 191 -48.73 34.16 46.66
CA LYS V 191 -50.17 34.11 46.93
C LYS V 191 -51.04 34.17 45.66
N VAL V 192 -50.89 35.23 44.87
CA VAL V 192 -51.79 35.47 43.73
C VAL V 192 -51.19 35.03 42.39
N TYR V 193 -51.93 34.16 41.69
CA TYR V 193 -51.53 33.64 40.40
C TYR V 193 -52.54 34.03 39.33
N ALA V 194 -52.07 34.64 38.26
CA ALA V 194 -52.93 35.17 37.21
C ALA V 194 -52.33 34.96 35.83
N CYS V 195 -53.18 34.67 34.84
CA CYS V 195 -52.75 34.71 33.44
C CYS V 195 -53.56 35.80 32.73
N GLU V 196 -52.90 36.68 32.03
CA GLU V 196 -53.63 37.71 31.36
C GLU V 196 -53.62 37.57 29.83
N VAL V 197 -54.78 37.33 29.25
CA VAL V 197 -54.83 37.09 27.85
C VAL V 197 -55.22 38.26 26.99
N THR V 198 -54.35 38.74 26.12
CA THR V 198 -54.80 39.64 25.11
C THR V 198 -55.30 38.89 23.88
N HIS V 199 -55.50 39.61 22.77
CA HIS V 199 -56.12 39.08 21.55
C HIS V 199 -56.59 40.23 20.69
N GLN V 200 -56.51 40.01 19.39
CA GLN V 200 -56.93 40.98 18.40
C GLN V 200 -58.42 41.11 18.52
N GLY V 201 -59.02 39.97 18.78
CA GLY V 201 -60.45 39.74 18.69
C GLY V 201 -61.11 39.80 20.03
N LEU V 202 -60.46 40.52 20.93
CA LEU V 202 -60.83 40.44 22.30
C LEU V 202 -61.08 41.82 22.82
N SER V 203 -62.29 41.94 23.35
CA SER V 203 -62.91 43.18 23.78
C SER V 203 -62.20 43.85 24.95
N SER V 204 -61.83 43.04 25.94
CA SER V 204 -61.08 43.45 27.10
C SER V 204 -59.86 42.52 27.31
N PRO V 205 -58.67 43.04 27.60
CA PRO V 205 -57.58 42.11 27.77
C PRO V 205 -57.82 41.46 29.07
N VAL V 206 -58.25 40.22 29.00
CA VAL V 206 -58.72 39.50 30.15
C VAL V 206 -57.64 39.09 31.15
N THR V 207 -58.10 38.86 32.38
CA THR V 207 -57.28 38.23 33.40
C THR V 207 -58.11 37.25 34.20
N LYS V 208 -57.66 36.01 34.27
CA LYS V 208 -58.22 35.03 35.18
C LYS V 208 -57.18 34.76 36.25
N SER V 209 -57.60 34.72 37.51
CA SER V 209 -56.67 34.59 38.62
C SER V 209 -57.29 33.87 39.81
N PHE V 210 -56.42 33.37 40.69
CA PHE V 210 -56.83 32.79 41.95
C PHE V 210 -55.78 33.10 43.01
N ASN V 211 -56.17 32.96 44.28
CA ASN V 211 -55.25 33.09 45.40
C ASN V 211 -54.99 31.71 45.97
N ARG V 212 -53.74 31.40 46.26
CA ARG V 212 -53.36 30.06 46.71
C ARG V 212 -54.05 29.35 47.91
N GLY V 213 -54.40 30.03 48.99
CA GLY V 213 -55.04 29.37 50.13
C GLY V 213 -56.56 29.26 50.03
N GLU V 214 -57.13 29.63 48.88
CA GLU V 214 -58.58 29.36 48.65
C GLU V 214 -58.74 27.98 48.04
N CYS V 215 -59.71 27.21 48.51
CA CYS V 215 -59.77 25.74 48.24
C CYS V 215 -59.54 25.40 46.76
N SER W 3 22.94 26.24 37.11
CA SER W 3 23.45 25.63 38.37
C SER W 3 22.28 24.96 39.13
N GLU W 4 22.52 23.73 39.59
CA GLU W 4 21.49 22.83 40.16
C GLU W 4 20.38 22.53 39.13
N VAL W 5 20.50 21.38 38.47
CA VAL W 5 19.50 20.91 37.55
C VAL W 5 18.22 20.44 38.26
N GLN W 6 17.07 20.90 37.78
CA GLN W 6 15.80 20.39 38.26
C GLN W 6 14.61 20.60 37.32
N LEU W 7 13.57 19.82 37.59
CA LEU W 7 12.35 19.81 36.79
C LEU W 7 11.15 19.95 37.70
N VAL W 8 10.42 21.05 37.56
CA VAL W 8 9.25 21.32 38.38
C VAL W 8 7.98 21.17 37.54
N GLU W 9 7.11 20.25 37.95
CA GLU W 9 5.86 20.01 37.25
C GLU W 9 4.71 20.84 37.81
N SER W 10 3.79 21.23 36.92
CA SER W 10 2.60 21.99 37.30
C SER W 10 1.39 21.40 36.62
N GLY W 11 0.21 21.77 37.13
CA GLY W 11 -1.05 21.29 36.60
C GLY W 11 -1.39 19.91 37.15
N GLY W 12 -2.47 19.34 36.62
CA GLY W 12 -2.96 18.03 37.06
C GLY W 12 -4.25 18.17 37.82
N GLY W 13 -4.71 17.05 38.39
CA GLY W 13 -5.92 17.03 39.20
C GLY W 13 -7.03 16.16 38.63
N LEU W 14 -8.27 16.56 38.88
CA LEU W 14 -9.42 15.79 38.48
C LEU W 14 -9.93 16.29 37.13
N VAL W 15 -10.22 15.35 36.23
CA VAL W 15 -10.83 15.66 34.95
C VAL W 15 -11.81 14.55 34.56
N GLN W 16 -12.89 14.93 33.89
CA GLN W 16 -13.90 13.96 33.49
C GLN W 16 -13.48 13.21 32.21
N PRO W 17 -14.00 11.99 32.01
CA PRO W 17 -13.72 11.26 30.78
C PRO W 17 -14.07 12.07 29.54
N GLY W 18 -13.21 12.03 28.53
CA GLY W 18 -13.37 12.84 27.33
C GLY W 18 -12.77 14.23 27.45
N GLY W 19 -12.32 14.58 28.64
CA GLY W 19 -11.84 15.93 28.93
C GLY W 19 -10.40 16.17 28.52
N SER W 20 -9.96 17.41 28.70
CA SER W 20 -8.63 17.85 28.27
C SER W 20 -7.89 18.49 29.43
N LEU W 21 -6.58 18.27 29.47
CA LEU W 21 -5.74 18.75 30.57
C LEU W 21 -4.31 18.88 30.08
N ARG W 22 -3.62 19.94 30.51
CA ARG W 22 -2.22 20.14 30.15
C ARG W 22 -1.30 20.15 31.37
N LEU W 23 -0.27 19.30 31.32
CA LEU W 23 0.76 19.28 32.34
C LEU W 23 1.97 20.10 31.88
N SER W 24 2.65 20.74 32.83
CA SER W 24 3.83 21.54 32.55
C SER W 24 5.05 20.94 33.24
N CYS W 25 6.21 21.16 32.65
CA CYS W 25 7.48 20.68 33.19
C CYS W 25 8.51 21.77 33.01
N ALA W 26 8.64 22.63 34.02
CA ALA W 26 9.55 23.78 33.98
C ALA W 26 10.97 23.34 34.33
N ALA W 27 11.91 23.60 33.43
CA ALA W 27 13.30 23.17 33.61
C ALA W 27 14.17 24.33 34.06
N SER W 28 15.17 24.01 34.89
CA SER W 28 16.22 24.96 35.23
C SER W 28 17.52 24.20 35.46
N GLY W 29 18.64 24.88 35.24
CA GLY W 29 19.96 24.25 35.31
C GLY W 29 20.41 23.64 33.99
N PHE W 30 19.53 23.61 33.00
CA PHE W 30 19.88 23.15 31.67
C PHE W 30 18.90 23.69 30.63
N ASN W 31 19.33 23.71 29.38
CA ASN W 31 18.52 24.25 28.30
C ASN W 31 17.68 23.15 27.64
N VAL W 32 16.36 23.31 27.69
CA VAL W 32 15.44 22.34 27.12
C VAL W 32 15.60 22.19 25.60
N SER W 33 16.05 23.26 24.95
CA SER W 33 16.22 23.27 23.49
C SER W 33 17.43 22.46 23.02
N TYR W 34 18.35 22.13 23.94
CA TYR W 34 19.49 21.25 23.63
C TYR W 34 19.44 19.96 24.45
N SER W 35 18.25 19.58 24.91
CA SER W 35 18.06 18.35 25.69
C SER W 35 16.80 17.64 25.25
N SER W 36 16.57 16.46 25.81
CA SER W 36 15.33 15.73 25.56
C SER W 36 14.51 15.66 26.83
N ILE W 37 13.20 15.80 26.68
CA ILE W 37 12.26 15.66 27.80
C ILE W 37 11.34 14.49 27.53
N HIS W 38 11.02 13.73 28.57
CA HIS W 38 10.21 12.53 28.47
C HIS W 38 9.13 12.54 29.51
N TRP W 39 7.95 12.05 29.14
CA TRP W 39 6.87 11.86 30.09
C TRP W 39 6.66 10.39 30.35
N VAL W 40 6.65 10.03 31.63
CA VAL W 40 6.42 8.67 32.09
C VAL W 40 5.36 8.69 33.18
N ARG W 41 4.43 7.74 33.13
CA ARG W 41 3.35 7.70 34.10
C ARG W 41 3.32 6.39 34.86
N GLN W 42 2.63 6.41 36.00
CA GLN W 42 2.55 5.26 36.87
C GLN W 42 1.17 5.22 37.54
N ALA W 43 0.36 4.24 37.15
CA ALA W 43 -0.93 4.02 37.78
C ALA W 43 -0.72 3.44 39.17
N PRO W 44 -1.66 3.71 40.11
CA PRO W 44 -1.50 3.23 41.49
C PRO W 44 -1.19 1.74 41.58
N GLY W 45 -0.08 1.40 42.24
CA GLY W 45 0.34 0.02 42.42
C GLY W 45 0.84 -0.68 41.16
N LYS W 46 1.06 0.07 40.09
CA LYS W 46 1.44 -0.50 38.80
C LYS W 46 2.84 -0.03 38.43
N GLY W 47 3.38 -0.57 37.34
CA GLY W 47 4.71 -0.25 36.88
C GLY W 47 4.79 1.07 36.13
N LEU W 48 6.02 1.45 35.76
CA LEU W 48 6.26 2.64 34.95
C LEU W 48 5.78 2.41 33.53
N GLU W 49 5.16 3.43 32.94
CA GLU W 49 4.74 3.39 31.54
C GLU W 49 5.19 4.66 30.83
N TRP W 50 5.98 4.49 29.79
CA TRP W 50 6.41 5.60 28.94
C TRP W 50 5.25 6.13 28.17
N VAL W 51 5.14 7.46 28.10
CA VAL W 51 4.04 8.13 27.42
C VAL W 51 4.49 8.84 26.15
N ALA W 52 5.52 9.67 26.27
CA ALA W 52 5.97 10.50 25.14
C ALA W 52 7.38 11.07 25.35
N SER W 53 8.02 11.45 24.25
CA SER W 53 9.37 12.04 24.28
C SER W 53 9.47 13.16 23.26
N ILE W 54 10.28 14.17 23.57
CA ILE W 54 10.51 15.29 22.63
C ILE W 54 12.00 15.63 22.55
N TYR W 55 12.46 15.87 21.32
CA TYR W 55 13.83 16.31 21.04
C TYR W 55 13.77 17.59 20.23
N SER W 56 13.68 18.72 20.93
CA SER W 56 13.41 20.03 20.29
C SER W 56 14.42 20.41 19.22
N TYR W 57 15.70 20.10 19.45
CA TYR W 57 16.75 20.46 18.52
C TYR W 57 16.50 19.87 17.13
N TYR W 58 16.07 18.62 17.08
CA TYR W 58 15.78 17.94 15.82
C TYR W 58 14.34 18.06 15.36
N GLY W 59 13.45 18.41 16.28
CA GLY W 59 12.02 18.51 15.98
C GLY W 59 11.32 17.16 15.95
N TYR W 60 11.89 16.17 16.62
CA TYR W 60 11.30 14.84 16.68
C TYR W 60 10.46 14.68 17.94
N THR W 61 9.29 14.06 17.78
CA THR W 61 8.45 13.66 18.91
C THR W 61 8.04 12.21 18.73
N TYR W 62 7.92 11.49 19.84
CA TYR W 62 7.53 10.08 19.83
C TYR W 62 6.47 9.82 20.89
N TYR W 63 5.58 8.87 20.61
CA TYR W 63 4.43 8.59 21.48
C TYR W 63 4.22 7.10 21.67
N ALA W 64 3.74 6.71 22.85
CA ALA W 64 3.32 5.34 23.09
C ALA W 64 2.02 5.11 22.34
N ASP W 65 1.80 3.87 21.92
CA ASP W 65 0.58 3.52 21.17
C ASP W 65 -0.68 3.79 21.98
N SER W 66 -0.62 3.57 23.29
CA SER W 66 -1.78 3.77 24.16
C SER W 66 -2.27 5.22 24.23
N VAL W 67 -1.43 6.18 23.86
CA VAL W 67 -1.81 7.61 23.91
C VAL W 67 -1.76 8.30 22.54
N LYS W 68 -1.34 7.58 21.51
CA LYS W 68 -1.14 8.19 20.19
C LYS W 68 -2.45 8.77 19.65
N GLY W 69 -2.37 9.98 19.10
CA GLY W 69 -3.54 10.68 18.58
C GLY W 69 -4.39 11.40 19.62
N ARG W 70 -4.08 11.19 20.89
CA ARG W 70 -4.81 11.82 21.98
C ARG W 70 -3.94 12.80 22.77
N PHE W 71 -2.68 12.44 22.98
CA PHE W 71 -1.73 13.24 23.74
C PHE W 71 -0.76 13.94 22.80
N THR W 72 -0.33 15.14 23.17
CA THR W 72 0.70 15.86 22.41
C THR W 72 1.77 16.41 23.35
N ILE W 73 3.02 16.11 23.03
CA ILE W 73 4.18 16.62 23.77
C ILE W 73 4.75 17.80 23.00
N SER W 74 5.19 18.83 23.73
CA SER W 74 5.71 20.05 23.11
C SER W 74 6.65 20.78 24.05
N ALA W 75 7.28 21.84 23.54
CA ALA W 75 8.23 22.62 24.34
C ALA W 75 8.23 24.08 23.94
N ASP W 76 8.30 24.97 24.93
CA ASP W 76 8.50 26.39 24.72
C ASP W 76 9.94 26.76 25.10
N THR W 77 10.77 26.96 24.08
CA THR W 77 12.17 27.30 24.26
C THR W 77 12.37 28.53 25.15
N SER W 78 11.59 29.58 24.89
CA SER W 78 11.77 30.84 25.62
C SER W 78 11.45 30.71 27.11
N LYS W 79 10.45 29.90 27.46
CA LYS W 79 10.11 29.64 28.86
C LYS W 79 10.84 28.44 29.45
N ASN W 80 11.68 27.79 28.65
CA ASN W 80 12.42 26.60 29.09
C ASN W 80 11.51 25.57 29.77
N THR W 81 10.36 25.32 29.15
CA THR W 81 9.33 24.45 29.71
C THR W 81 8.83 23.46 28.66
N ALA W 82 8.59 22.22 29.08
CA ALA W 82 7.97 21.22 28.22
C ALA W 82 6.54 20.99 28.69
N TYR W 83 5.68 20.53 27.79
CA TYR W 83 4.28 20.33 28.09
C TYR W 83 3.80 18.98 27.61
N LEU W 84 2.75 18.47 28.26
CA LEU W 84 2.02 17.30 27.77
C LEU W 84 0.55 17.65 27.71
N GLN W 85 0.03 17.88 26.51
CA GLN W 85 -1.39 18.13 26.32
C GLN W 85 -2.11 16.80 26.26
N MET W 86 -3.02 16.57 27.18
CA MET W 86 -3.76 15.33 27.28
C MET W 86 -5.22 15.57 26.90
N ASN W 87 -5.64 14.99 25.78
CA ASN W 87 -7.04 15.10 25.31
C ASN W 87 -7.72 13.74 25.29
N SER W 88 -9.05 13.75 25.17
CA SER W 88 -9.85 12.54 25.15
C SER W 88 -9.46 11.60 26.28
N LEU W 89 -9.34 12.13 27.50
CA LEU W 89 -8.89 11.34 28.64
C LEU W 89 -9.85 10.19 28.95
N ARG W 90 -9.30 9.08 29.43
CA ARG W 90 -10.07 7.91 29.83
C ARG W 90 -9.69 7.52 31.25
N ALA W 91 -10.55 6.74 31.90
CA ALA W 91 -10.31 6.30 33.28
C ALA W 91 -8.93 5.67 33.46
N GLU W 92 -8.52 4.85 32.49
CA GLU W 92 -7.24 4.14 32.56
C GLU W 92 -6.00 5.06 32.38
N ASP W 93 -6.22 6.34 32.07
CA ASP W 93 -5.14 7.32 32.07
C ASP W 93 -4.85 7.84 33.47
N THR W 94 -5.65 7.43 34.45
CA THR W 94 -5.42 7.84 35.83
C THR W 94 -4.05 7.35 36.29
N ALA W 95 -3.19 8.27 36.70
CA ALA W 95 -1.83 7.93 37.09
C ALA W 95 -1.07 9.14 37.62
N VAL W 96 0.05 8.88 38.27
CA VAL W 96 1.01 9.92 38.60
C VAL W 96 1.86 10.15 37.35
N TYR W 97 1.94 11.38 36.89
CA TYR W 97 2.70 11.72 35.67
C TYR W 97 4.02 12.38 36.00
N TYR W 98 5.11 11.78 35.52
CA TYR W 98 6.45 12.31 35.71
C TYR W 98 7.00 12.88 34.41
N CYS W 99 7.76 13.98 34.50
CA CYS W 99 8.61 14.39 33.40
C CYS W 99 10.06 14.14 33.78
N ALA W 100 10.90 13.89 32.79
CA ALA W 100 12.31 13.58 33.04
C ALA W 100 13.21 14.04 31.91
N ARG W 101 14.47 14.34 32.26
CA ARG W 101 15.47 14.73 31.27
C ARG W 101 16.20 13.51 30.74
N GLY W 102 16.48 13.51 29.43
CA GLY W 102 17.18 12.42 28.79
C GLY W 102 18.68 12.51 28.91
N TYR W 103 19.32 11.34 28.86
CA TYR W 103 20.77 11.17 28.93
C TYR W 103 21.08 10.12 27.87
N TYR W 104 22.32 9.65 27.80
CA TYR W 104 22.70 8.64 26.80
C TYR W 104 21.65 7.53 26.68
N GLY W 105 21.23 7.25 25.44
CA GLY W 105 20.30 6.16 25.17
C GLY W 105 18.89 6.39 25.68
N ALA W 106 18.49 7.65 25.83
CA ALA W 106 17.21 8.01 26.44
C ALA W 106 17.09 7.51 27.88
N ALA W 107 18.22 7.23 28.53
CA ALA W 107 18.22 7.03 29.97
C ALA W 107 17.78 8.35 30.59
N MET W 108 17.07 8.29 31.70
CA MET W 108 16.47 9.48 32.30
C MET W 108 17.13 9.80 33.63
N ASP W 109 17.98 10.83 33.63
CA ASP W 109 18.85 11.11 34.77
C ASP W 109 18.22 12.01 35.83
N TYR W 110 17.43 13.01 35.41
CA TYR W 110 16.77 13.91 36.34
C TYR W 110 15.26 13.89 36.13
N TRP W 111 14.53 13.82 37.24
CA TRP W 111 13.09 13.61 37.23
C TRP W 111 12.37 14.70 37.94
N GLY W 112 11.16 14.98 37.50
CA GLY W 112 10.26 15.86 38.22
C GLY W 112 9.64 15.18 39.42
N GLN W 113 8.89 15.96 40.19
CA GLN W 113 8.30 15.44 41.43
C GLN W 113 7.07 14.58 41.22
N GLY W 114 6.51 14.56 40.01
CA GLY W 114 5.29 13.81 39.75
C GLY W 114 4.03 14.60 40.10
N THR W 115 2.98 14.41 39.33
CA THR W 115 1.68 15.06 39.59
C THR W 115 0.55 14.08 39.28
N LEU W 116 -0.46 14.06 40.15
CA LEU W 116 -1.52 13.08 40.04
C LEU W 116 -2.63 13.58 39.12
N VAL W 117 -2.97 12.77 38.12
CA VAL W 117 -4.11 13.06 37.25
C VAL W 117 -5.14 11.96 37.44
N THR W 118 -6.37 12.36 37.82
CA THR W 118 -7.46 11.43 38.06
C THR W 118 -8.53 11.67 37.00
N VAL W 119 -8.87 10.63 36.25
CA VAL W 119 -9.93 10.71 35.26
C VAL W 119 -11.14 9.93 35.75
N SER W 120 -12.25 10.64 36.01
CA SER W 120 -13.45 10.03 36.57
C SER W 120 -14.65 10.96 36.55
N SER W 121 -15.84 10.37 36.52
CA SER W 121 -17.09 11.12 36.55
C SER W 121 -17.50 11.54 37.97
N ALA W 122 -16.83 10.98 38.98
CA ALA W 122 -17.17 11.25 40.37
C ALA W 122 -16.90 12.70 40.73
N SER W 123 -17.73 13.26 41.60
CA SER W 123 -17.59 14.64 42.05
C SER W 123 -16.65 14.73 43.26
N THR W 124 -15.94 15.84 43.35
CA THR W 124 -15.06 16.10 44.49
C THR W 124 -15.88 16.05 45.76
N LYS W 125 -15.38 15.38 46.78
CA LYS W 125 -16.11 15.22 48.03
C LYS W 125 -15.16 14.97 49.21
N GLY W 126 -15.44 15.63 50.33
CA GLY W 126 -14.69 15.43 51.56
C GLY W 126 -15.09 14.14 52.26
N PRO W 127 -14.16 13.57 53.04
CA PRO W 127 -14.44 12.33 53.75
C PRO W 127 -15.32 12.54 54.99
N SER W 128 -16.09 11.52 55.33
CA SER W 128 -16.67 11.41 56.65
C SER W 128 -15.67 10.61 57.48
N VAL W 129 -15.36 11.11 58.68
CA VAL W 129 -14.38 10.45 59.53
C VAL W 129 -15.07 9.84 60.73
N PHE W 130 -14.95 8.52 60.85
CA PHE W 130 -15.60 7.78 61.93
C PHE W 130 -14.54 7.13 62.82
N PRO W 131 -14.79 7.09 64.14
CA PRO W 131 -13.83 6.50 65.04
C PRO W 131 -13.86 4.97 65.00
N LEU W 132 -12.68 4.36 65.11
CA LEU W 132 -12.57 2.93 65.38
C LEU W 132 -12.18 2.81 66.85
N ALA W 133 -13.18 2.66 67.71
CA ALA W 133 -13.01 2.72 69.16
C ALA W 133 -12.30 1.47 69.70
N PRO W 134 -11.44 1.65 70.71
CA PRO W 134 -10.62 0.48 71.14
C PRO W 134 -11.17 -0.86 71.71
N SER W 135 -10.82 -1.90 70.93
CA SER W 135 -10.76 -3.32 71.36
C SER W 135 -9.32 -3.75 71.69
N SER W 136 -9.14 -4.65 72.67
CA SER W 136 -7.85 -5.26 73.05
C SER W 136 -7.84 -6.79 72.97
N GLY W 141 -5.80 -7.52 77.98
CA GLY W 141 -5.23 -6.35 77.32
C GLY W 141 -3.79 -6.49 76.86
N GLY W 142 -2.96 -5.64 77.44
CA GLY W 142 -1.62 -5.43 77.09
C GLY W 142 -1.51 -4.27 76.11
N THR W 143 -1.94 -4.62 74.91
CA THR W 143 -1.96 -3.70 73.79
C THR W 143 -3.39 -3.51 73.31
N ALA W 144 -3.78 -2.25 73.11
CA ALA W 144 -5.06 -1.90 72.52
C ALA W 144 -4.83 -1.33 71.12
N ALA W 145 -5.84 -1.47 70.26
CA ALA W 145 -5.80 -0.89 68.93
C ALA W 145 -6.95 0.07 68.76
N LEU W 146 -6.69 1.20 68.11
CA LEU W 146 -7.73 2.16 67.77
C LEU W 146 -7.41 2.79 66.42
N GLY W 147 -8.35 3.55 65.85
CA GLY W 147 -8.12 4.19 64.57
C GLY W 147 -9.25 5.09 64.09
N CYS W 148 -9.13 5.53 62.83
CA CYS W 148 -10.20 6.28 62.16
C CYS W 148 -10.51 5.70 60.80
N LEU W 149 -11.79 5.62 60.50
CA LEU W 149 -12.24 5.25 59.17
C LEU W 149 -12.49 6.52 58.40
N VAL W 150 -11.69 6.75 57.35
CA VAL W 150 -11.82 7.92 56.48
C VAL W 150 -12.59 7.49 55.24
N LYS W 151 -13.90 7.71 55.23
CA LYS W 151 -14.78 7.09 54.25
C LYS W 151 -15.36 8.05 53.21
N ASP W 152 -15.51 7.54 51.98
CA ASP W 152 -16.24 8.23 50.91
C ASP W 152 -15.72 9.61 50.57
N TYR W 153 -14.44 9.70 50.22
CA TYR W 153 -13.86 10.95 49.74
C TYR W 153 -13.42 10.80 48.29
N PHE W 154 -13.24 11.94 47.63
CA PHE W 154 -12.80 11.95 46.24
C PHE W 154 -12.29 13.32 45.82
N PRO W 155 -11.20 13.37 45.04
CA PRO W 155 -10.32 12.28 44.60
C PRO W 155 -9.21 12.05 45.63
N GLU W 156 -8.20 11.26 45.28
CA GLU W 156 -7.00 11.18 46.10
C GLU W 156 -6.27 12.53 46.04
N PRO W 157 -5.43 12.84 47.03
CA PRO W 157 -5.11 12.06 48.22
C PRO W 157 -5.72 12.66 49.49
N VAL W 158 -5.62 11.90 50.57
CA VAL W 158 -5.86 12.42 51.91
C VAL W 158 -4.60 12.15 52.73
N THR W 159 -4.31 13.02 53.68
CA THR W 159 -3.23 12.78 54.63
C THR W 159 -3.86 12.57 56.00
N VAL W 160 -3.29 11.63 56.75
CA VAL W 160 -3.74 11.34 58.10
C VAL W 160 -2.55 11.33 59.04
N SER W 161 -2.67 12.08 60.14
CA SER W 161 -1.68 12.05 61.19
C SER W 161 -2.40 11.85 62.53
N TRP W 162 -1.62 11.65 63.59
CA TRP W 162 -2.16 11.43 64.93
C TRP W 162 -1.55 12.38 65.93
N ASN W 163 -2.41 13.03 66.71
CA ASN W 163 -1.99 14.04 67.68
C ASN W 163 -1.06 15.09 67.05
N SER W 164 -1.50 15.60 65.91
CA SER W 164 -0.78 16.61 65.13
C SER W 164 0.68 16.26 64.81
N GLY W 165 0.93 14.99 64.54
CA GLY W 165 2.28 14.49 64.24
C GLY W 165 3.06 13.98 65.43
N ALA W 166 2.56 14.21 66.65
CA ALA W 166 3.26 13.80 67.86
C ALA W 166 3.31 12.28 68.02
N LEU W 167 2.33 11.58 67.46
CA LEU W 167 2.24 10.12 67.55
C LEU W 167 2.45 9.50 66.18
N THR W 168 3.61 8.89 65.97
CA THR W 168 3.93 8.20 64.72
C THR W 168 4.25 6.72 64.95
N SER W 169 4.91 6.41 66.06
CA SER W 169 5.25 5.05 66.42
C SER W 169 3.99 4.18 66.53
N GLY W 170 3.95 3.08 65.77
CA GLY W 170 2.84 2.14 65.80
C GLY W 170 1.69 2.47 64.85
N VAL W 171 1.80 3.59 64.13
CA VAL W 171 0.75 4.02 63.23
C VAL W 171 0.83 3.26 61.90
N HIS W 172 -0.33 2.83 61.41
CA HIS W 172 -0.44 2.27 60.07
C HIS W 172 -1.58 2.92 59.36
N THR W 173 -1.27 3.74 58.34
CA THR W 173 -2.28 4.35 57.50
C THR W 173 -2.34 3.58 56.19
N PHE W 174 -3.48 2.95 55.93
CA PHE W 174 -3.60 2.02 54.81
C PHE W 174 -3.79 2.74 53.48
N PRO W 175 -3.30 2.13 52.39
CA PRO W 175 -3.59 2.66 51.06
C PRO W 175 -5.09 2.73 50.82
N ALA W 176 -5.54 3.79 50.16
CA ALA W 176 -6.93 3.95 49.82
C ALA W 176 -7.44 2.82 48.94
N VAL W 177 -8.70 2.47 49.11
CA VAL W 177 -9.37 1.51 48.25
C VAL W 177 -10.46 2.23 47.47
N LEU W 178 -10.55 1.95 46.17
CA LEU W 178 -11.59 2.55 45.33
C LEU W 178 -12.82 1.67 45.44
N GLN W 179 -13.91 2.24 45.92
CA GLN W 179 -15.16 1.50 46.10
C GLN W 179 -15.97 1.52 44.81
N SER W 180 -17.00 0.69 44.74
CA SER W 180 -17.84 0.59 43.55
C SER W 180 -18.63 1.87 43.29
N SER W 181 -18.81 2.69 44.32
CA SER W 181 -19.45 4.00 44.18
C SER W 181 -18.58 4.99 43.39
N GLY W 182 -17.29 4.70 43.26
CA GLY W 182 -16.35 5.60 42.61
C GLY W 182 -15.58 6.46 43.60
N LEU W 183 -15.93 6.35 44.87
CA LEU W 183 -15.30 7.12 45.94
C LEU W 183 -14.22 6.29 46.62
N TYR W 184 -13.28 6.99 47.24
CA TYR W 184 -12.18 6.34 47.95
C TYR W 184 -12.49 6.21 49.43
N SER W 185 -11.79 5.29 50.07
CA SER W 185 -11.97 5.03 51.49
C SER W 185 -10.72 4.36 52.06
N LEU W 186 -10.34 4.75 53.28
CA LEU W 186 -9.19 4.14 53.95
C LEU W 186 -9.35 4.20 55.45
N SER W 187 -8.55 3.40 56.14
CA SER W 187 -8.47 3.45 57.59
C SER W 187 -7.04 3.75 58.01
N SER W 188 -6.92 4.44 59.14
CA SER W 188 -5.64 4.65 59.80
C SER W 188 -5.76 4.11 61.21
N VAL W 189 -4.83 3.25 61.62
CA VAL W 189 -4.89 2.63 62.92
C VAL W 189 -3.57 2.80 63.68
N VAL W 190 -3.64 2.71 65.00
CA VAL W 190 -2.46 2.77 65.84
C VAL W 190 -2.62 1.82 67.03
N THR W 191 -1.55 1.12 67.38
CA THR W 191 -1.54 0.28 68.57
C THR W 191 -0.86 1.05 69.70
N VAL W 192 -1.48 1.00 70.88
CA VAL W 192 -0.99 1.69 72.06
C VAL W 192 -1.15 0.79 73.28
N PRO W 193 -0.45 1.10 74.38
CA PRO W 193 -0.67 0.33 75.60
C PRO W 193 -2.07 0.55 76.18
N SER W 194 -2.67 -0.51 76.71
CA SER W 194 -4.03 -0.44 77.26
C SER W 194 -4.14 0.57 78.38
N SER W 195 -3.12 0.61 79.24
CA SER W 195 -3.08 1.53 80.38
C SER W 195 -3.19 3.01 79.98
N SER W 196 -2.75 3.34 78.77
CA SER W 196 -2.77 4.71 78.29
C SER W 196 -4.16 5.21 77.86
N LEU W 197 -5.11 4.30 77.67
CA LEU W 197 -6.44 4.65 77.16
C LEU W 197 -7.18 5.64 78.06
N GLY W 198 -7.07 5.45 79.37
CA GLY W 198 -7.67 6.35 80.34
C GLY W 198 -6.97 7.71 80.41
N THR W 199 -5.64 7.70 80.24
CA THR W 199 -4.82 8.90 80.47
C THR W 199 -4.51 9.70 79.19
N GLN W 200 -4.03 9.01 78.16
CA GLN W 200 -3.58 9.66 76.93
C GLN W 200 -4.75 9.91 75.96
N THR W 201 -4.83 11.14 75.44
CA THR W 201 -5.86 11.52 74.48
C THR W 201 -5.37 11.29 73.04
N TYR W 202 -6.25 10.70 72.21
CA TYR W 202 -5.91 10.32 70.83
C TYR W 202 -6.82 10.98 69.81
N ILE W 203 -6.23 11.77 68.93
CA ILE W 203 -6.98 12.49 67.89
C ILE W 203 -6.34 12.22 66.54
N CYS W 204 -7.15 11.83 65.57
CA CYS W 204 -6.65 11.71 64.20
C CYS W 204 -6.95 12.96 63.40
N ASN W 205 -5.96 13.41 62.64
CA ASN W 205 -6.07 14.62 61.84
C ASN W 205 -6.15 14.23 60.37
N VAL W 206 -7.33 14.38 59.79
CA VAL W 206 -7.56 14.04 58.41
C VAL W 206 -7.63 15.31 57.58
N ASN W 207 -6.85 15.35 56.50
CA ASN W 207 -6.80 16.51 55.64
C ASN W 207 -7.04 16.12 54.20
N HIS W 208 -8.00 16.79 53.57
CA HIS W 208 -8.36 16.52 52.19
C HIS W 208 -8.30 17.78 51.39
N LYS W 209 -7.12 18.05 50.84
CA LYS W 209 -6.87 19.29 50.10
C LYS W 209 -7.86 19.52 48.95
N PRO W 210 -8.11 18.51 48.11
CA PRO W 210 -8.99 18.71 46.95
C PRO W 210 -10.37 19.28 47.27
N SER W 211 -10.92 18.95 48.44
CA SER W 211 -12.22 19.51 48.86
C SER W 211 -12.05 20.60 49.90
N ASN W 212 -10.80 20.90 50.24
CA ASN W 212 -10.47 21.91 51.25
C ASN W 212 -11.16 21.65 52.58
N THR W 213 -11.28 20.38 52.96
CA THR W 213 -11.87 20.01 54.24
C THR W 213 -10.80 19.43 55.16
N LYS W 214 -10.94 19.73 56.44
CA LYS W 214 -10.00 19.32 57.45
C LYS W 214 -10.79 18.89 58.68
N VAL W 215 -10.53 17.69 59.18
CA VAL W 215 -11.28 17.14 60.30
C VAL W 215 -10.35 16.55 61.35
N ASP W 216 -10.60 16.89 62.61
CA ASP W 216 -9.92 16.28 63.74
C ASP W 216 -10.96 15.49 64.52
N LYS W 217 -10.74 14.18 64.67
CA LYS W 217 -11.67 13.32 65.39
C LYS W 217 -10.98 12.68 66.57
N LYS W 218 -11.53 12.92 67.77
CA LYS W 218 -11.05 12.30 68.99
C LYS W 218 -11.58 10.88 69.08
N VAL W 219 -10.69 9.91 69.22
CA VAL W 219 -11.09 8.51 69.32
C VAL W 219 -11.07 8.09 70.78
N GLU W 220 -12.25 7.83 71.32
CA GLU W 220 -12.41 7.45 72.72
C GLU W 220 -12.92 6.02 72.85
N PRO W 221 -12.59 5.35 73.96
CA PRO W 221 -13.17 4.03 74.20
C PRO W 221 -14.66 4.16 74.47
N LYS W 222 -15.48 3.56 73.61
CA LYS W 222 -16.93 3.71 73.71
C LYS W 222 -17.51 3.45 75.12
N SER W 223 -18.53 4.21 75.51
CA SER W 223 -19.16 4.09 76.84
C SER W 223 -20.30 3.09 76.83
N CYS W 224 -20.34 2.23 77.85
CA CYS W 224 -21.31 1.15 77.99
C CYS W 224 -22.26 1.38 79.16
N THR X 6 1.05 -9.20 35.18
CA THR X 6 2.36 -8.69 34.66
C THR X 6 2.33 -7.19 34.32
N GLN X 7 1.23 -6.52 34.67
CA GLN X 7 1.15 -5.07 34.62
C GLN X 7 1.73 -4.48 35.92
N SER X 8 1.78 -5.32 36.96
CA SER X 8 2.33 -4.94 38.25
C SER X 8 3.70 -5.58 38.45
N PRO X 9 4.58 -4.96 39.26
CA PRO X 9 5.92 -5.51 39.44
C PRO X 9 5.93 -6.86 40.18
N SER X 10 6.80 -7.76 39.73
CA SER X 10 7.08 -9.02 40.43
C SER X 10 7.61 -8.80 41.82
N SER X 11 7.47 -9.81 42.67
CA SER X 11 7.98 -9.75 44.02
C SER X 11 9.17 -10.69 44.23
N LEU X 12 10.14 -10.25 45.02
CA LEU X 12 11.32 -11.06 45.36
C LEU X 12 11.72 -10.81 46.81
N SER X 13 11.87 -11.90 47.57
CA SER X 13 12.27 -11.81 48.97
C SER X 13 13.76 -12.13 49.11
N ALA X 14 14.49 -11.22 49.77
CA ALA X 14 15.93 -11.37 49.93
C ALA X 14 16.39 -10.88 51.30
N SER X 15 17.59 -11.28 51.71
CA SER X 15 18.20 -10.84 52.95
C SER X 15 19.34 -9.85 52.68
N VAL X 16 19.66 -9.05 53.69
CA VAL X 16 20.80 -8.15 53.60
C VAL X 16 22.05 -8.99 53.38
N GLY X 17 22.88 -8.57 52.42
CA GLY X 17 24.10 -9.30 52.06
C GLY X 17 23.94 -10.25 50.89
N ASP X 18 22.69 -10.50 50.47
CA ASP X 18 22.44 -11.42 49.37
C ASP X 18 22.84 -10.81 48.04
N ARG X 19 23.13 -11.68 47.09
CA ARG X 19 23.38 -11.29 45.71
C ARG X 19 22.09 -11.45 44.93
N VAL X 20 21.73 -10.42 44.17
CA VAL X 20 20.47 -10.42 43.43
C VAL X 20 20.71 -10.05 41.97
N THR X 21 20.13 -10.83 41.06
CA THR X 21 20.20 -10.54 39.63
C THR X 21 18.79 -10.45 39.04
N ILE X 22 18.46 -9.28 38.50
CA ILE X 22 17.16 -9.07 37.89
C ILE X 22 17.30 -9.08 36.36
N THR X 23 16.43 -9.83 35.69
CA THR X 23 16.43 -9.89 34.23
C THR X 23 15.38 -8.95 33.67
N CYS X 24 15.73 -8.23 32.61
CA CYS X 24 14.87 -7.23 32.01
C CYS X 24 13.86 -7.87 31.07
N ARG X 25 12.61 -7.48 31.24
CA ARG X 25 11.55 -7.96 30.40
C ARG X 25 10.75 -6.80 29.83
N ALA X 26 11.39 -6.09 28.92
CA ALA X 26 10.77 -5.01 28.17
C ALA X 26 10.57 -5.39 26.71
N SER X 27 10.45 -6.69 26.43
CA SER X 27 10.33 -7.21 25.05
C SER X 27 11.33 -6.52 24.11
N GLN X 28 12.61 -6.60 24.50
CA GLN X 28 13.69 -5.81 23.89
C GLN X 28 14.34 -6.55 22.72
N SER X 29 15.30 -5.89 22.07
CA SER X 29 16.10 -6.49 21.01
C SER X 29 17.59 -6.34 21.32
N VAL X 30 18.44 -6.87 20.42
CA VAL X 30 19.90 -6.76 20.53
C VAL X 30 20.39 -5.30 20.38
N SER X 31 19.67 -4.52 19.57
CA SER X 31 20.04 -3.13 19.26
C SER X 31 19.82 -2.21 20.47
N SER X 32 18.83 -2.56 21.29
CA SER X 32 18.35 -1.71 22.37
C SER X 32 19.43 -1.06 23.24
N ALA X 33 19.22 0.21 23.55
CA ALA X 33 19.95 0.90 24.61
C ALA X 33 19.14 0.76 25.90
N VAL X 34 19.73 0.13 26.92
CA VAL X 34 19.00 -0.26 28.12
C VAL X 34 19.45 0.51 29.34
N ALA X 35 18.49 0.92 30.17
CA ALA X 35 18.79 1.62 31.42
C ALA X 35 18.09 0.92 32.58
N TRP X 36 18.57 1.18 33.81
CA TRP X 36 17.99 0.59 35.01
C TRP X 36 17.69 1.65 36.04
N TYR X 37 16.59 1.47 36.76
CA TYR X 37 16.14 2.45 37.75
C TYR X 37 15.79 1.80 39.08
N GLN X 38 15.88 2.59 40.14
CA GLN X 38 15.40 2.21 41.47
C GLN X 38 14.27 3.17 41.83
N GLN X 39 13.18 2.63 42.38
CA GLN X 39 12.10 3.48 42.87
C GLN X 39 11.67 3.04 44.26
N LYS X 40 11.53 4.02 45.15
CA LYS X 40 10.98 3.79 46.49
C LYS X 40 9.61 4.44 46.57
N PRO X 41 8.75 3.96 47.51
CA PRO X 41 7.38 4.48 47.61
C PRO X 41 7.31 6.00 47.76
N GLY X 42 6.40 6.62 47.01
CA GLY X 42 6.18 8.07 47.08
C GLY X 42 7.26 8.93 46.48
N LYS X 43 8.19 8.32 45.73
CA LYS X 43 9.36 9.02 45.19
C LYS X 43 9.52 8.74 43.68
N ALA X 44 10.15 9.67 42.98
CA ALA X 44 10.47 9.50 41.57
C ALA X 44 11.59 8.47 41.42
N PRO X 45 11.65 7.77 40.27
CA PRO X 45 12.73 6.80 40.06
C PRO X 45 14.12 7.46 40.00
N LYS X 46 15.14 6.69 40.34
CA LYS X 46 16.54 7.12 40.28
C LYS X 46 17.29 6.28 39.25
N LEU X 47 18.06 6.93 38.40
CA LEU X 47 18.86 6.23 37.40
C LEU X 47 20.04 5.51 38.05
N LEU X 48 20.21 4.24 37.71
CA LEU X 48 21.30 3.39 38.24
C LEU X 48 22.33 3.10 37.15
N ILE X 49 21.85 2.53 36.04
CA ILE X 49 22.71 2.12 34.94
C ILE X 49 22.18 2.71 33.64
N TYR X 50 23.10 3.03 32.74
CA TYR X 50 22.74 3.45 31.38
C TYR X 50 23.59 2.71 30.35
N SER X 51 23.15 2.73 29.11
CA SER X 51 23.83 2.01 28.02
C SER X 51 24.18 0.58 28.43
N ALA X 52 23.20 -0.11 28.99
CA ALA X 52 23.33 -1.52 29.36
C ALA X 52 24.19 -1.76 30.60
N SER X 53 25.41 -1.23 30.62
CA SER X 53 26.38 -1.58 31.67
C SER X 53 27.15 -0.42 32.32
N SER X 54 26.85 0.82 31.95
CA SER X 54 27.59 1.95 32.51
C SER X 54 26.96 2.41 33.82
N LEU X 55 27.80 2.51 34.86
CA LEU X 55 27.35 2.95 36.17
C LEU X 55 27.16 4.47 36.17
N TYR X 56 25.96 4.92 36.51
CA TYR X 56 25.67 6.36 36.53
C TYR X 56 26.40 7.03 37.69
N SER X 57 26.78 8.28 37.47
CA SER X 57 27.51 9.07 38.47
C SER X 57 26.84 9.05 39.83
N GLY X 58 27.61 8.75 40.87
CA GLY X 58 27.11 8.76 42.24
C GLY X 58 26.49 7.45 42.72
N VAL X 59 26.23 6.53 41.80
CA VAL X 59 25.63 5.26 42.16
C VAL X 59 26.70 4.30 42.70
N PRO X 60 26.44 3.64 43.84
CA PRO X 60 27.38 2.70 44.43
C PRO X 60 27.85 1.59 43.46
N SER X 61 29.08 1.13 43.65
CA SER X 61 29.69 0.18 42.72
C SER X 61 29.12 -1.24 42.82
N ARG X 62 28.37 -1.53 43.89
CA ARG X 62 27.72 -2.84 44.04
C ARG X 62 26.63 -3.08 42.99
N PHE X 63 26.12 -2.01 42.40
CA PHE X 63 25.22 -2.10 41.26
C PHE X 63 26.01 -2.26 39.98
N SER X 64 25.65 -3.25 39.17
CA SER X 64 26.27 -3.46 37.87
C SER X 64 25.24 -3.96 36.87
N GLY X 65 25.42 -3.59 35.61
CA GLY X 65 24.55 -3.99 34.54
C GLY X 65 25.33 -4.82 33.53
N SER X 66 24.64 -5.75 32.88
CA SER X 66 25.30 -6.64 31.92
C SER X 66 24.35 -7.01 30.79
N ARG X 67 24.94 -7.29 29.63
CA ARG X 67 24.19 -7.69 28.44
C ARG X 67 24.73 -9.00 27.94
N SER X 68 23.83 -9.97 27.74
CA SER X 68 24.21 -11.26 27.17
C SER X 68 23.23 -11.60 26.06
N GLY X 69 23.63 -11.31 24.82
CA GLY X 69 22.76 -11.49 23.67
C GLY X 69 21.55 -10.58 23.76
N THR X 70 20.38 -11.19 23.88
CA THR X 70 19.12 -10.46 23.99
C THR X 70 18.71 -10.21 25.45
N ASP X 71 19.46 -10.78 26.38
CA ASP X 71 19.11 -10.73 27.80
C ASP X 71 19.92 -9.66 28.54
N PHE X 72 19.21 -8.71 29.13
CA PHE X 72 19.81 -7.62 29.87
C PHE X 72 19.58 -7.84 31.36
N THR X 73 20.60 -7.55 32.16
CA THR X 73 20.63 -7.98 33.54
C THR X 73 21.15 -6.89 34.46
N LEU X 74 20.55 -6.77 35.64
CA LEU X 74 21.04 -5.88 36.70
C LEU X 74 21.42 -6.74 37.90
N THR X 75 22.64 -6.57 38.39
CA THR X 75 23.09 -7.32 39.55
C THR X 75 23.45 -6.38 40.71
N ILE X 76 22.97 -6.71 41.90
CA ILE X 76 23.41 -6.07 43.13
C ILE X 76 24.25 -7.09 43.87
N SER X 77 25.57 -6.87 43.91
CA SER X 77 26.50 -7.87 44.44
C SER X 77 26.26 -8.19 45.90
N SER X 78 25.89 -7.19 46.69
CA SER X 78 25.60 -7.39 48.11
C SER X 78 24.51 -6.43 48.58
N LEU X 79 23.32 -6.97 48.79
CA LEU X 79 22.15 -6.17 49.15
C LEU X 79 22.36 -5.41 50.47
N GLN X 80 22.10 -4.10 50.45
CA GLN X 80 22.18 -3.26 51.64
C GLN X 80 20.76 -2.86 52.07
N PRO X 81 20.58 -2.43 53.32
CA PRO X 81 19.24 -2.06 53.81
C PRO X 81 18.53 -1.03 52.95
N GLU X 82 19.27 -0.08 52.42
CA GLU X 82 18.71 0.98 51.58
C GLU X 82 18.35 0.51 50.17
N ASP X 83 18.79 -0.69 49.79
CA ASP X 83 18.56 -1.23 48.44
C ASP X 83 17.18 -1.90 48.29
N PHE X 84 16.48 -2.11 49.39
CA PHE X 84 15.14 -2.71 49.30
C PHE X 84 14.16 -1.70 48.71
N ALA X 85 13.76 -1.96 47.48
CA ALA X 85 12.95 -1.04 46.70
C ALA X 85 12.49 -1.77 45.43
N THR X 86 11.85 -1.04 44.53
CA THR X 86 11.43 -1.61 43.26
C THR X 86 12.42 -1.22 42.16
N TYR X 87 12.71 -2.17 41.26
CA TYR X 87 13.68 -1.95 40.19
C TYR X 87 13.05 -2.16 38.82
N TYR X 88 13.30 -1.22 37.91
CA TYR X 88 12.77 -1.28 36.56
C TYR X 88 13.89 -1.17 35.54
N CYS X 89 13.79 -1.92 34.45
CA CYS X 89 14.64 -1.69 33.29
C CYS X 89 13.87 -0.86 32.27
N GLN X 90 14.61 -0.19 31.41
CA GLN X 90 14.03 0.56 30.30
C GLN X 90 14.76 0.16 29.02
N GLN X 91 14.01 -0.06 27.95
CA GLN X 91 14.59 -0.36 26.65
C GLN X 91 14.16 0.72 25.65
N SER X 92 15.14 1.37 25.03
CA SER X 92 14.89 2.39 24.02
C SER X 92 15.23 1.84 22.64
N SER X 93 14.25 1.87 21.74
CA SER X 93 14.47 1.47 20.35
C SER X 93 14.64 2.73 19.52
N SER X 94 14.49 2.62 18.20
CA SER X 94 14.65 3.77 17.30
C SER X 94 13.43 4.72 17.32
N SER X 95 12.30 4.28 17.86
CA SER X 95 11.10 5.12 17.90
C SER X 95 10.20 4.88 19.11
N LEU X 96 10.72 4.22 20.13
CA LEU X 96 9.88 3.72 21.21
C LEU X 96 10.72 3.51 22.47
N ILE X 97 10.13 3.79 23.63
CA ILE X 97 10.72 3.44 24.91
C ILE X 97 9.74 2.52 25.64
N THR X 98 10.27 1.44 26.19
CA THR X 98 9.47 0.48 26.94
C THR X 98 10.10 0.23 28.30
N PHE X 99 9.31 0.36 29.35
CA PHE X 99 9.72 -0.05 30.69
C PHE X 99 9.27 -1.48 30.92
N GLY X 100 10.09 -2.25 31.63
CA GLY X 100 9.75 -3.63 31.96
C GLY X 100 8.81 -3.73 33.14
N GLN X 101 8.32 -4.94 33.39
CA GLN X 101 7.41 -5.22 34.49
C GLN X 101 7.96 -4.71 35.82
N GLY X 102 9.23 -4.96 36.07
CA GLY X 102 9.89 -4.51 37.29
C GLY X 102 9.82 -5.52 38.42
N THR X 103 10.79 -5.45 39.33
CA THR X 103 10.87 -6.36 40.47
C THR X 103 10.91 -5.57 41.76
N LYS X 104 10.04 -5.94 42.70
CA LYS X 104 10.01 -5.32 44.01
C LYS X 104 10.76 -6.22 44.98
N VAL X 105 11.89 -5.74 45.47
CA VAL X 105 12.72 -6.52 46.39
C VAL X 105 12.32 -6.22 47.83
N GLU X 106 11.81 -7.24 48.53
CA GLU X 106 11.36 -7.12 49.90
C GLU X 106 12.27 -7.88 50.87
N ILE X 107 12.23 -7.50 52.15
CA ILE X 107 13.15 -8.03 53.15
C ILE X 107 12.63 -9.37 53.66
N LYS X 108 13.50 -10.38 53.64
CA LYS X 108 13.19 -11.68 54.22
C LYS X 108 13.27 -11.57 55.74
N ARG X 109 12.49 -12.40 56.43
CA ARG X 109 12.26 -12.23 57.86
C ARG X 109 11.67 -13.50 58.45
N THR X 110 11.84 -13.70 59.76
CA THR X 110 11.20 -14.82 60.44
C THR X 110 9.69 -14.65 60.46
N VAL X 111 8.97 -15.77 60.56
CA VAL X 111 7.51 -15.75 60.56
C VAL X 111 6.98 -15.06 61.81
N ALA X 112 6.01 -14.18 61.63
CA ALA X 112 5.37 -13.46 62.74
C ALA X 112 3.87 -13.52 62.60
N ALA X 113 3.20 -14.05 63.61
CA ALA X 113 1.75 -14.14 63.62
C ALA X 113 1.15 -12.74 63.78
N PRO X 114 -0.02 -12.50 63.16
CA PRO X 114 -0.70 -11.22 63.31
C PRO X 114 -1.48 -11.11 64.62
N SER X 115 -1.45 -9.92 65.23
CA SER X 115 -2.41 -9.55 66.26
C SER X 115 -3.68 -9.18 65.52
N VAL X 116 -4.81 -9.77 65.93
CA VAL X 116 -6.08 -9.54 65.23
C VAL X 116 -7.03 -8.74 66.10
N PHE X 117 -7.68 -7.75 65.50
CA PHE X 117 -8.64 -6.89 66.18
C PHE X 117 -9.87 -6.71 65.31
N ILE X 118 -11.04 -6.62 65.94
CA ILE X 118 -12.29 -6.34 65.23
C ILE X 118 -12.93 -5.07 65.78
N PHE X 119 -13.49 -4.27 64.89
CA PHE X 119 -14.12 -3.00 65.26
C PHE X 119 -15.55 -2.95 64.72
N PRO X 120 -16.54 -2.88 65.62
CA PRO X 120 -17.91 -2.70 65.14
C PRO X 120 -18.11 -1.30 64.62
N PRO X 121 -19.17 -1.06 63.87
CA PRO X 121 -19.43 0.30 63.37
C PRO X 121 -19.80 1.24 64.51
N SER X 122 -19.37 2.49 64.41
CA SER X 122 -19.69 3.50 65.39
C SER X 122 -21.16 3.90 65.29
N ASP X 123 -21.71 4.44 66.37
CA ASP X 123 -23.08 4.96 66.35
C ASP X 123 -23.18 6.14 65.40
N SER X 124 -22.11 6.92 65.32
CA SER X 124 -22.02 8.04 64.38
C SER X 124 -22.27 7.60 62.94
N GLN X 125 -21.64 6.51 62.52
CA GLN X 125 -21.83 6.00 61.16
C GLN X 125 -23.23 5.40 60.96
N LEU X 126 -23.70 4.64 61.94
CA LEU X 126 -25.04 4.06 61.90
C LEU X 126 -26.12 5.12 61.64
N LYS X 127 -25.94 6.31 62.23
CA LYS X 127 -26.83 7.44 61.96
C LYS X 127 -26.86 7.81 60.48
N SER X 128 -25.70 7.84 59.85
CA SER X 128 -25.58 8.26 58.44
C SER X 128 -26.19 7.27 57.45
N GLY X 129 -26.50 6.06 57.90
CA GLY X 129 -27.23 5.09 57.07
C GLY X 129 -26.41 3.91 56.56
N THR X 130 -25.12 3.90 56.86
CA THR X 130 -24.24 2.79 56.47
C THR X 130 -23.56 2.18 57.69
N ALA X 131 -22.94 1.01 57.50
CA ALA X 131 -22.28 0.29 58.59
C ALA X 131 -21.01 -0.40 58.08
N SER X 132 -19.86 0.01 58.60
CA SER X 132 -18.58 -0.57 58.23
C SER X 132 -18.01 -1.32 59.42
N VAL X 133 -17.69 -2.58 59.21
CA VAL X 133 -17.04 -3.41 60.24
C VAL X 133 -15.60 -3.66 59.79
N VAL X 134 -14.65 -3.25 60.62
CA VAL X 134 -13.23 -3.32 60.27
C VAL X 134 -12.53 -4.42 61.05
N CYS X 135 -11.74 -5.24 60.34
CA CYS X 135 -10.95 -6.30 60.94
C CYS X 135 -9.48 -6.00 60.65
N LEU X 136 -8.67 -5.85 61.70
CA LEU X 136 -7.28 -5.44 61.57
C LEU X 136 -6.33 -6.60 61.86
N LEU X 137 -5.41 -6.86 60.95
CA LEU X 137 -4.31 -7.80 61.15
C LEU X 137 -3.03 -7.00 61.29
N ASN X 138 -2.42 -7.02 62.46
CA ASN X 138 -1.31 -6.12 62.77
C ASN X 138 0.05 -6.82 62.85
N ASN X 139 1.04 -6.23 62.18
CA ASN X 139 2.45 -6.64 62.28
C ASN X 139 2.71 -8.13 62.11
N PHE X 140 2.55 -8.61 60.88
CA PHE X 140 2.76 -10.03 60.58
C PHE X 140 3.69 -10.24 59.40
N TYR X 141 4.19 -11.47 59.28
CA TYR X 141 5.02 -11.87 58.16
C TYR X 141 4.91 -13.39 57.99
N PRO X 142 4.83 -13.88 56.73
CA PRO X 142 4.87 -13.17 55.47
C PRO X 142 3.56 -12.46 55.11
N ARG X 143 3.57 -11.76 53.99
CA ARG X 143 2.45 -10.96 53.50
C ARG X 143 1.17 -11.77 53.29
N GLU X 144 1.33 -13.03 52.89
CA GLU X 144 0.19 -13.86 52.52
C GLU X 144 -0.69 -14.19 53.73
N ALA X 145 -1.85 -13.55 53.80
CA ALA X 145 -2.83 -13.83 54.84
C ALA X 145 -4.20 -14.06 54.20
N LYS X 146 -5.07 -14.77 54.92
CA LYS X 146 -6.42 -15.02 54.45
C LYS X 146 -7.41 -14.54 55.52
N VAL X 147 -8.30 -13.61 55.15
CA VAL X 147 -9.27 -13.03 56.07
C VAL X 147 -10.67 -13.27 55.52
N GLN X 148 -11.45 -14.09 56.22
CA GLN X 148 -12.79 -14.46 55.77
C GLN X 148 -13.82 -13.91 56.76
N TRP X 149 -14.91 -13.36 56.23
CA TRP X 149 -15.97 -12.80 57.06
C TRP X 149 -17.10 -13.77 57.25
N LYS X 150 -17.66 -13.78 58.46
CA LYS X 150 -18.84 -14.58 58.79
C LYS X 150 -19.90 -13.68 59.41
N VAL X 151 -21.13 -13.77 58.92
CA VAL X 151 -22.26 -13.04 59.50
C VAL X 151 -23.37 -14.04 59.79
N ASP X 152 -23.69 -14.21 61.08
CA ASP X 152 -24.63 -15.24 61.53
C ASP X 152 -24.26 -16.61 60.96
N ASN X 153 -22.97 -16.92 61.00
CA ASN X 153 -22.43 -18.18 60.51
C ASN X 153 -22.46 -18.38 58.98
N ALA X 154 -22.76 -17.32 58.24
CA ALA X 154 -22.77 -17.36 56.79
C ALA X 154 -21.47 -16.74 56.27
N LEU X 155 -20.65 -17.54 55.59
CA LEU X 155 -19.40 -17.04 55.01
C LEU X 155 -19.74 -16.01 53.94
N GLN X 156 -19.03 -14.88 53.98
CA GLN X 156 -19.29 -13.76 53.08
C GLN X 156 -18.24 -13.66 51.98
N SER X 157 -18.63 -13.07 50.86
CA SER X 157 -17.71 -12.73 49.79
C SER X 157 -18.34 -11.67 48.90
N GLY X 158 -17.58 -10.62 48.61
CA GLY X 158 -18.03 -9.57 47.71
C GLY X 158 -18.42 -8.27 48.39
N ASN X 159 -18.65 -8.32 49.71
CA ASN X 159 -19.04 -7.13 50.46
C ASN X 159 -17.93 -6.63 51.38
N SER X 160 -16.69 -6.99 51.06
CA SER X 160 -15.54 -6.54 51.82
C SER X 160 -14.36 -6.23 50.91
N GLN X 161 -13.51 -5.31 51.35
CA GLN X 161 -12.32 -4.93 50.62
C GLN X 161 -11.11 -4.90 51.55
N GLU X 162 -9.97 -5.33 51.03
CA GLU X 162 -8.74 -5.40 51.81
C GLU X 162 -7.77 -4.30 51.39
N SER X 163 -6.90 -3.93 52.33
CA SER X 163 -5.81 -3.01 52.05
C SER X 163 -4.60 -3.46 52.88
N VAL X 164 -3.43 -3.48 52.26
CA VAL X 164 -2.21 -3.90 52.92
C VAL X 164 -1.19 -2.77 52.91
N THR X 165 -0.50 -2.58 54.03
CA THR X 165 0.55 -1.58 54.10
C THR X 165 1.82 -2.05 53.40
N GLU X 166 2.71 -1.10 53.18
CA GLU X 166 4.05 -1.37 52.67
C GLU X 166 4.85 -2.01 53.80
N GLN X 167 5.86 -2.80 53.45
CA GLN X 167 6.68 -3.48 54.46
C GLN X 167 7.29 -2.43 55.40
N ASP X 168 7.17 -2.67 56.70
CA ASP X 168 7.60 -1.71 57.71
C ASP X 168 9.12 -1.64 57.77
N SER X 169 9.65 -0.41 57.84
CA SER X 169 11.10 -0.20 57.85
C SER X 169 11.77 -0.67 59.15
N LYS X 170 11.06 -0.61 60.27
CA LYS X 170 11.63 -0.96 61.57
C LYS X 170 11.69 -2.48 61.78
N ASP X 171 10.55 -3.16 61.63
CA ASP X 171 10.45 -4.59 61.95
C ASP X 171 10.11 -5.50 60.76
N SER X 172 10.05 -4.93 59.56
CA SER X 172 9.87 -5.69 58.30
C SER X 172 8.55 -6.49 58.23
N THR X 173 7.55 -6.05 58.98
CA THR X 173 6.25 -6.72 58.99
C THR X 173 5.24 -5.98 58.13
N TYR X 174 4.15 -6.66 57.82
CA TYR X 174 3.03 -6.07 57.11
C TYR X 174 1.86 -5.94 58.06
N SER X 175 0.95 -5.05 57.73
CA SER X 175 -0.33 -4.95 58.40
C SER X 175 -1.43 -4.89 57.34
N LEU X 176 -2.60 -5.41 57.68
CA LEU X 176 -3.69 -5.52 56.73
C LEU X 176 -5.01 -5.13 57.39
N SER X 177 -5.87 -4.46 56.62
CA SER X 177 -7.23 -4.15 57.06
C SER X 177 -8.22 -4.80 56.08
N SER X 178 -9.29 -5.35 56.63
CA SER X 178 -10.41 -5.83 55.84
C SER X 178 -11.66 -5.12 56.35
N THR X 179 -12.43 -4.53 55.45
CA THR X 179 -13.59 -3.75 55.83
C THR X 179 -14.85 -4.34 55.19
N LEU X 180 -15.72 -4.90 56.02
CA LEU X 180 -17.03 -5.37 55.60
C LEU X 180 -17.99 -4.19 55.61
N THR X 181 -18.66 -3.92 54.48
CA THR X 181 -19.57 -2.80 54.36
C THR X 181 -20.99 -3.29 54.06
N LEU X 182 -21.94 -2.86 54.89
CA LEU X 182 -23.36 -3.14 54.69
C LEU X 182 -24.16 -1.86 54.87
N SER X 183 -25.41 -1.89 54.43
CA SER X 183 -26.35 -0.82 54.74
C SER X 183 -26.78 -0.96 56.20
N LYS X 184 -27.27 0.13 56.78
CA LYS X 184 -27.77 0.10 58.15
C LYS X 184 -28.81 -1.00 58.30
N ALA X 185 -29.77 -1.02 57.38
CA ALA X 185 -30.85 -2.01 57.38
C ALA X 185 -30.30 -3.44 57.47
N ASP X 186 -29.36 -3.77 56.58
CA ASP X 186 -28.78 -5.12 56.55
C ASP X 186 -27.98 -5.43 57.80
N TYR X 187 -27.25 -4.45 58.32
CA TYR X 187 -26.50 -4.62 59.56
C TYR X 187 -27.45 -5.00 60.71
N GLU X 188 -28.61 -4.35 60.77
CA GLU X 188 -29.60 -4.60 61.82
C GLU X 188 -30.23 -5.99 61.73
N LYS X 189 -30.27 -6.58 60.53
CA LYS X 189 -30.85 -7.90 60.34
C LYS X 189 -30.06 -9.05 60.98
N HIS X 190 -28.81 -8.81 61.35
CA HIS X 190 -27.93 -9.89 61.82
C HIS X 190 -27.30 -9.59 63.15
N LYS X 191 -27.00 -10.64 63.91
CA LYS X 191 -26.52 -10.51 65.28
C LYS X 191 -25.00 -10.66 65.41
N VAL X 192 -24.46 -11.80 64.97
CA VAL X 192 -23.03 -12.11 65.20
C VAL X 192 -22.14 -11.81 63.98
N TYR X 193 -21.12 -10.98 64.19
CA TYR X 193 -20.16 -10.59 63.16
C TYR X 193 -18.76 -11.05 63.55
N ALA X 194 -18.11 -11.78 62.64
CA ALA X 194 -16.80 -12.38 62.91
C ALA X 194 -15.90 -12.32 61.69
N CYS X 195 -14.61 -12.10 61.92
CA CYS X 195 -13.61 -12.27 60.87
C CYS X 195 -12.66 -13.39 61.31
N GLU X 196 -12.46 -14.36 60.41
CA GLU X 196 -11.58 -15.49 60.67
C GLU X 196 -10.27 -15.28 59.90
N VAL X 197 -9.16 -15.34 60.63
CA VAL X 197 -7.84 -15.11 60.04
C VAL X 197 -7.03 -16.39 60.05
N THR X 198 -6.56 -16.82 58.89
CA THR X 198 -5.62 -17.93 58.79
C THR X 198 -4.29 -17.39 58.26
N HIS X 199 -3.19 -17.88 58.83
CA HIS X 199 -1.85 -17.37 58.50
C HIS X 199 -0.81 -18.37 58.93
N GLN X 200 0.32 -18.34 58.23
CA GLN X 200 1.42 -19.28 58.46
C GLN X 200 1.88 -19.37 59.92
N GLY X 201 1.98 -18.21 60.58
CA GLY X 201 2.39 -18.15 61.98
C GLY X 201 1.30 -18.50 62.98
N LEU X 202 0.15 -18.91 62.49
CA LEU X 202 -0.97 -19.37 63.31
C LEU X 202 -1.18 -20.87 63.13
N SER X 203 -0.99 -21.63 64.21
CA SER X 203 -1.21 -23.07 64.18
C SER X 203 -2.67 -23.42 63.87
N SER X 204 -3.59 -22.57 64.35
CA SER X 204 -5.01 -22.68 64.01
C SER X 204 -5.56 -21.31 63.61
N PRO X 205 -6.65 -21.29 62.84
CA PRO X 205 -7.30 -20.02 62.49
C PRO X 205 -7.85 -19.27 63.70
N VAL X 206 -7.61 -17.97 63.75
CA VAL X 206 -8.07 -17.13 64.85
C VAL X 206 -9.33 -16.37 64.42
N THR X 207 -10.33 -16.38 65.28
CA THR X 207 -11.57 -15.66 65.03
C THR X 207 -11.77 -14.57 66.08
N LYS X 208 -11.97 -13.34 65.63
CA LYS X 208 -12.44 -12.27 66.50
C LYS X 208 -13.85 -11.94 66.09
N SER X 209 -14.73 -11.75 67.07
CA SER X 209 -16.15 -11.55 66.81
C SER X 209 -16.82 -10.70 67.88
N PHE X 210 -17.96 -10.15 67.52
CA PHE X 210 -18.81 -9.43 68.46
C PHE X 210 -20.26 -9.67 68.10
N ASN X 211 -21.15 -9.41 69.05
CA ASN X 211 -22.58 -9.44 68.80
C ASN X 211 -23.08 -8.02 68.72
N ARG X 212 -23.90 -7.74 67.74
CA ARG X 212 -24.43 -6.43 67.57
C ARG X 212 -25.12 -6.26 68.93
N GLY X 213 -24.29 -5.87 69.91
CA GLY X 213 -24.70 -5.58 71.33
C GLY X 213 -24.11 -4.30 71.90
N GLU X 214 -23.02 -3.90 71.25
CA GLU X 214 -22.33 -2.65 71.33
C GLU X 214 -21.75 -2.50 72.75
N CYS X 215 -21.90 -3.60 73.49
CA CYS X 215 -21.02 -3.98 74.60
C CYS X 215 -21.38 -5.39 75.09
N ASN Y 1 23.06 91.39 13.26
CA ASN Y 1 23.20 92.87 13.19
C ASN Y 1 23.09 93.56 14.55
N LEU Y 2 22.05 93.23 15.34
CA LEU Y 2 21.98 93.62 16.76
C LEU Y 2 23.24 93.17 17.49
N SER Y 3 23.67 91.93 17.21
CA SER Y 3 24.82 91.33 17.89
C SER Y 3 26.17 91.92 17.50
N GLU Y 4 26.19 92.76 16.46
CA GLU Y 4 27.45 93.32 15.96
C GLU Y 4 27.55 94.86 16.16
N LEU Y 5 26.48 95.50 16.63
CA LEU Y 5 26.43 96.96 16.77
C LEU Y 5 27.28 97.50 17.92
N ASP Y 6 27.34 96.77 19.04
CA ASP Y 6 28.11 97.22 20.19
C ASP Y 6 29.61 97.30 19.91
N ARG Y 7 30.13 96.34 19.14
CA ARG Y 7 31.53 96.37 18.71
C ARG Y 7 31.83 97.66 17.93
N LEU Y 8 30.92 98.02 17.03
CA LEU Y 8 31.08 99.23 16.22
C LEU Y 8 31.06 100.51 17.07
N LEU Y 9 30.17 100.56 18.06
CA LEU Y 9 30.07 101.71 18.98
C LEU Y 9 31.31 101.86 19.88
N LEU Y 10 31.82 100.74 20.38
CA LEU Y 10 33.01 100.75 21.25
C LEU Y 10 34.26 101.20 20.49
N GLU Y 11 34.29 101.00 19.17
CA GLU Y 11 35.40 101.46 18.33
C GLU Y 11 35.37 102.98 18.10
N LEU Y 12 34.17 103.56 18.08
CA LEU Y 12 34.02 105.02 18.05
C LEU Y 12 34.32 105.61 19.43
N ASN Z 1 63.07 -34.35 -37.37
CA ASN Z 1 61.97 -33.86 -36.47
C ASN Z 1 61.71 -32.36 -36.70
N LEU Z 2 60.89 -32.09 -37.71
CA LEU Z 2 60.71 -30.76 -38.26
C LEU Z 2 60.18 -29.75 -37.24
N SER Z 3 59.15 -30.14 -36.51
CA SER Z 3 58.47 -29.26 -35.55
C SER Z 3 59.30 -28.92 -34.30
N GLU Z 4 60.43 -29.60 -34.11
CA GLU Z 4 61.24 -29.39 -32.92
C GLU Z 4 62.63 -28.80 -33.21
N LEU Z 5 62.97 -28.66 -34.48
CA LEU Z 5 64.31 -28.20 -34.88
C LEU Z 5 64.55 -26.71 -34.61
N ASP Z 6 63.52 -25.87 -34.76
CA ASP Z 6 63.67 -24.42 -34.54
C ASP Z 6 63.96 -24.08 -33.08
N ARG Z 7 63.34 -24.81 -32.15
CA ARG Z 7 63.65 -24.65 -30.73
C ARG Z 7 65.13 -24.90 -30.45
N LEU Z 8 65.68 -25.95 -31.05
CA LEU Z 8 67.08 -26.32 -30.88
C LEU Z 8 68.03 -25.25 -31.45
N LEU Z 9 67.68 -24.69 -32.61
CA LEU Z 9 68.48 -23.64 -33.24
C LEU Z 9 68.46 -22.32 -32.44
N LEU Z 10 67.29 -21.97 -31.91
CA LEU Z 10 67.16 -20.74 -31.11
C LEU Z 10 67.94 -20.82 -29.80
N GLU Z 11 68.17 -22.03 -29.30
CA GLU Z 11 68.98 -22.25 -28.09
C GLU Z 11 70.48 -22.10 -28.34
N LEU Z 12 70.94 -22.49 -29.55
CA LEU Z 12 72.31 -22.22 -30.02
C LEU Z 12 72.54 -20.73 -30.26
N ASN Z 13 71.59 -20.09 -30.94
CA ASN Z 13 71.59 -18.64 -31.15
C ASN Z 13 71.68 -17.86 -29.85
N ALA Z 14 70.94 -18.34 -28.84
CA ALA Z 14 70.97 -17.78 -27.50
C ALA Z 14 72.37 -17.78 -26.88
N VAL Z 15 73.10 -18.88 -27.04
CA VAL Z 15 74.24 -19.20 -26.20
C VAL Z 15 75.59 -18.99 -26.89
N GLN Z 16 75.71 -19.39 -28.17
CA GLN Z 16 77.00 -19.38 -28.88
C GLN Z 16 77.69 -18.01 -28.92
N ASN AA 1 -13.15 20.80 37.97
CA ASN AA 1 -14.34 21.47 38.58
C ASN AA 1 -14.48 22.92 38.11
N LEU AA 2 -15.10 23.06 36.93
CA LEU AA 2 -15.10 24.30 36.18
C LEU AA 2 -15.73 25.46 36.93
N SER AA 3 -16.90 25.21 37.52
CA SER AA 3 -17.68 26.25 38.19
C SER AA 3 -17.08 26.74 39.51
N GLU AA 4 -16.03 26.07 39.99
CA GLU AA 4 -15.41 26.43 41.27
C GLU AA 4 -13.97 26.94 41.15
N LEU AA 5 -13.40 26.88 39.95
CA LEU AA 5 -12.00 27.25 39.72
C LEU AA 5 -11.74 28.76 39.82
N ASP AA 6 -12.70 29.58 39.36
CA ASP AA 6 -12.53 31.04 39.40
C ASP AA 6 -12.46 31.58 40.83
N ARG AA 7 -13.26 31.01 41.74
CA ARG AA 7 -13.20 31.39 43.15
C ARG AA 7 -11.80 31.16 43.71
N LEU AA 8 -11.20 30.02 43.36
CA LEU AA 8 -9.86 29.66 43.83
C LEU AA 8 -8.79 30.62 43.29
N LEU AA 9 -8.91 31.00 42.02
CA LEU AA 9 -7.97 31.94 41.39
C LEU AA 9 -8.08 33.36 41.97
N LEU AA 10 -9.31 33.81 42.23
CA LEU AA 10 -9.52 35.14 42.81
C LEU AA 10 -8.97 35.26 44.24
N GLU AA 11 -8.88 34.13 44.94
CA GLU AA 11 -8.31 34.09 46.29
C GLU AA 11 -6.77 34.16 46.28
N LEU AA 12 -6.15 33.59 45.26
CA LEU AA 12 -4.69 33.71 45.07
C LEU AA 12 -4.22 35.17 44.93
N ASN AA 13 -5.09 36.05 44.41
CA ASN AA 13 -4.87 37.50 44.43
C ASN AA 13 -5.58 38.16 45.60
N ASN BA 1 -10.46 -101.53 0.82
CA ASN BA 1 -9.51 -101.90 -0.27
C ASN BA 1 -10.18 -101.89 -1.65
N LEU BA 2 -10.27 -100.69 -2.20
CA LEU BA 2 -11.10 -100.40 -3.37
C LEU BA 2 -10.69 -101.21 -4.60
N SER BA 3 -9.39 -101.24 -4.89
CA SER BA 3 -8.86 -101.89 -6.08
C SER BA 3 -8.93 -103.41 -6.06
N GLU BA 4 -9.29 -104.00 -4.92
CA GLU BA 4 -9.35 -105.46 -4.80
C GLU BA 4 -10.75 -106.03 -4.56
N LEU BA 5 -11.73 -105.15 -4.37
CA LEU BA 5 -13.09 -105.58 -4.05
C LEU BA 5 -13.84 -106.21 -5.22
N ASP BA 6 -13.60 -105.73 -6.44
CA ASP BA 6 -14.28 -106.26 -7.62
C ASP BA 6 -13.91 -107.72 -7.90
N ARG BA 7 -12.63 -108.06 -7.69
CA ARG BA 7 -12.18 -109.45 -7.82
C ARG BA 7 -12.96 -110.36 -6.88
N LEU BA 8 -13.15 -109.91 -5.64
CA LEU BA 8 -13.87 -110.69 -4.63
C LEU BA 8 -15.34 -110.88 -5.00
N LEU BA 9 -15.98 -109.83 -5.52
CA LEU BA 9 -17.38 -109.90 -5.95
C LEU BA 9 -17.59 -110.81 -7.17
N LEU BA 10 -16.67 -110.76 -8.12
CA LEU BA 10 -16.75 -111.61 -9.31
C LEU BA 10 -16.58 -113.10 -8.99
N GLU BA 11 -15.90 -113.40 -7.89
CA GLU BA 11 -15.73 -114.78 -7.42
C GLU BA 11 -16.99 -115.33 -6.73
N LEU BA 12 -17.73 -114.46 -6.04
CA LEU BA 12 -19.02 -114.84 -5.44
C LEU BA 12 -20.04 -115.34 -6.49
N ASN BA 13 -19.93 -114.84 -7.73
CA ASN BA 13 -20.68 -115.38 -8.87
C ASN BA 13 -19.85 -116.39 -9.67
N ASN CA 1 -34.62 -0.17 29.69
CA ASN CA 1 -35.28 -0.61 28.44
C ASN CA 1 -34.70 -1.93 27.89
N LEU CA 2 -33.38 -2.05 27.77
CA LEU CA 2 -32.71 -3.35 27.49
C LEU CA 2 -33.16 -4.41 28.49
N SER CA 3 -33.19 -4.01 29.77
CA SER CA 3 -33.52 -4.92 30.86
C SER CA 3 -34.99 -5.34 30.91
N GLU CA 4 -35.85 -4.72 30.11
CA GLU CA 4 -37.27 -5.03 30.11
C GLU CA 4 -37.80 -5.65 28.81
N LEU CA 5 -36.95 -5.73 27.79
CA LEU CA 5 -37.35 -6.21 26.47
C LEU CA 5 -37.61 -7.72 26.42
N ASP CA 6 -36.85 -8.50 27.18
CA ASP CA 6 -37.01 -9.97 27.19
C ASP CA 6 -38.36 -10.40 27.76
N ARG CA 7 -38.83 -9.70 28.81
CA ARG CA 7 -40.15 -9.97 29.37
C ARG CA 7 -41.24 -9.78 28.31
N LEU CA 8 -41.12 -8.71 27.52
CA LEU CA 8 -42.09 -8.41 26.46
C LEU CA 8 -42.09 -9.46 25.36
N LEU CA 9 -40.90 -9.94 24.98
CA LEU CA 9 -40.77 -10.99 23.95
C LEU CA 9 -41.32 -12.35 24.41
N LEU CA 10 -41.07 -12.70 25.68
CA LEU CA 10 -41.57 -13.96 26.24
C LEU CA 10 -43.10 -13.98 26.34
N GLU CA 11 -43.72 -12.81 26.45
CA GLU CA 11 -45.19 -12.69 26.47
C GLU CA 11 -45.82 -12.86 25.08
N LEU CA 12 -45.12 -12.42 24.03
CA LEU CA 12 -45.56 -12.64 22.64
C LEU CA 12 -45.68 -14.12 22.24
N ASN DA 1 -1.21 -17.38 7.08
CA ASN DA 1 -2.59 -17.85 7.43
C ASN DA 1 -3.60 -17.61 6.32
N LEU DA 2 -3.67 -16.40 5.76
CA LEU DA 2 -4.40 -16.12 4.50
C LEU DA 2 -3.91 -17.09 3.43
N SER DA 3 -2.60 -17.26 3.34
CA SER DA 3 -1.98 -18.11 2.32
C SER DA 3 -2.23 -19.61 2.47
N GLU DA 4 -2.81 -20.03 3.60
CA GLU DA 4 -3.03 -21.46 3.87
C GLU DA 4 -4.51 -21.85 3.94
N LEU DA 5 -5.40 -20.87 3.88
CA LEU DA 5 -6.83 -21.13 4.02
C LEU DA 5 -7.43 -21.82 2.79
N ASP DA 6 -6.96 -21.49 1.60
CA ASP DA 6 -7.50 -22.07 0.37
C ASP DA 6 -7.27 -23.56 0.28
N ARG DA 7 -6.10 -24.03 0.73
CA ARG DA 7 -5.82 -25.46 0.81
C ARG DA 7 -6.85 -26.18 1.67
N LEU DA 8 -7.17 -25.58 2.83
CA LEU DA 8 -8.14 -26.16 3.75
C LEU DA 8 -9.55 -26.22 3.15
N LEU DA 9 -9.95 -25.17 2.44
CA LEU DA 9 -11.26 -25.12 1.78
C LEU DA 9 -11.38 -26.13 0.62
N LEU DA 10 -10.32 -26.28 -0.16
CA LEU DA 10 -10.31 -27.23 -1.28
C LEU DA 10 -10.39 -28.69 -0.81
N GLU DA 11 -9.93 -28.95 0.42
CA GLU DA 11 -10.03 -30.28 1.03
C GLU DA 11 -11.46 -30.60 1.49
N LEU DA 12 -12.20 -29.59 1.96
CA LEU DA 12 -13.64 -29.71 2.25
C LEU DA 12 -14.47 -29.88 0.99
N ASN DA 13 -14.17 -29.06 -0.02
CA ASN DA 13 -14.79 -29.18 -1.36
C ASN DA 13 -14.59 -30.56 -1.95
N ALA DA 14 -13.39 -31.12 -1.75
CA ALA DA 14 -13.09 -32.49 -2.19
C ALA DA 14 -14.13 -33.46 -1.65
N VAL DA 15 -14.60 -33.23 -0.42
CA VAL DA 15 -15.81 -33.93 0.07
C VAL DA 15 -17.11 -33.24 -0.42
N GLN DA 16 -17.27 -33.21 -1.75
CA GLN DA 16 -18.55 -32.99 -2.41
C GLN DA 16 -18.80 -34.24 -3.27
N HIS DA 17 -18.32 -35.38 -2.76
CA HIS DA 17 -18.15 -36.57 -3.59
C HIS DA 17 -19.29 -37.55 -3.54
N ASN DA 18 -19.32 -38.40 -4.56
CA ASN DA 18 -20.28 -39.49 -4.75
C ASN DA 18 -20.72 -40.25 -3.49
N PRO DA 19 -21.97 -40.76 -3.48
CA PRO DA 19 -22.48 -41.61 -2.41
C PRO DA 19 -21.50 -42.69 -1.95
N ASN EA 1 41.83 -42.05 -84.96
CA ASN EA 1 40.73 -41.06 -85.16
C ASN EA 1 39.47 -41.45 -84.36
N LEU EA 2 39.51 -41.10 -83.07
CA LEU EA 2 38.55 -41.59 -82.08
C LEU EA 2 37.11 -41.20 -82.41
N SER EA 3 36.91 -39.93 -82.74
CA SER EA 3 35.57 -39.38 -82.98
C SER EA 3 34.91 -39.88 -84.27
N GLU EA 4 35.65 -40.60 -85.11
CA GLU EA 4 35.11 -41.07 -86.40
C GLU EA 4 35.02 -42.59 -86.51
N LEU EA 5 35.53 -43.31 -85.52
CA LEU EA 5 35.60 -44.78 -85.56
C LEU EA 5 34.24 -45.45 -85.38
N ASP EA 6 33.37 -44.88 -84.55
CA ASP EA 6 32.04 -45.46 -84.31
C ASP EA 6 31.15 -45.45 -85.55
N ARG EA 7 31.23 -44.38 -86.34
CA ARG EA 7 30.51 -44.32 -87.61
C ARG EA 7 30.92 -45.47 -88.53
N LEU EA 8 32.23 -45.74 -88.60
CA LEU EA 8 32.76 -46.82 -89.43
C LEU EA 8 32.29 -48.20 -88.97
N LEU EA 9 32.26 -48.41 -87.66
CA LEU EA 9 31.77 -49.69 -87.09
C LEU EA 9 30.28 -49.92 -87.30
N LEU EA 10 29.49 -48.86 -87.17
CA LEU EA 10 28.05 -48.96 -87.37
C LEU EA 10 27.68 -49.27 -88.83
N GLU EA 11 28.56 -48.90 -89.75
CA GLU EA 11 28.36 -49.21 -91.17
C GLU EA 11 28.68 -50.67 -91.51
N LEU EA 12 29.65 -51.25 -90.82
CA LEU EA 12 29.97 -52.69 -90.96
C LEU EA 12 28.80 -53.61 -90.59
N ASN EA 13 27.97 -53.21 -89.64
CA ASN EA 13 26.86 -54.08 -89.19
C ASN EA 13 25.64 -54.02 -90.11
N ASN FA 1 -9.27 34.85 -2.74
CA ASN FA 1 -9.31 35.20 -1.30
C ASN FA 1 -7.93 34.90 -0.70
N LEU FA 2 -7.47 33.65 -0.66
CA LEU FA 2 -6.04 33.32 -0.48
C LEU FA 2 -5.21 34.07 -1.52
N SER FA 3 -5.68 34.06 -2.75
CA SER FA 3 -4.98 34.68 -3.88
C SER FA 3 -4.93 36.22 -3.84
N GLU FA 4 -5.68 36.83 -2.93
CA GLU FA 4 -5.74 38.30 -2.86
C GLU FA 4 -5.17 38.89 -1.57
N LEU FA 5 -4.80 38.04 -0.62
CA LEU FA 5 -4.29 38.49 0.68
C LEU FA 5 -2.90 39.10 0.64
N ASP FA 6 -2.03 38.58 -0.22
CA ASP FA 6 -0.66 39.10 -0.32
C ASP FA 6 -0.61 40.54 -0.83
N ARG FA 7 -1.48 40.87 -1.79
CA ARG FA 7 -1.59 42.24 -2.27
C ARG FA 7 -1.93 43.20 -1.12
N LEU FA 8 -2.87 42.78 -0.26
CA LEU FA 8 -3.29 43.60 0.88
C LEU FA 8 -2.17 43.81 1.89
N LEU FA 9 -1.40 42.75 2.14
CA LEU FA 9 -0.25 42.83 3.07
C LEU FA 9 0.87 43.72 2.55
N LEU FA 10 1.16 43.62 1.25
CA LEU FA 10 2.22 44.43 0.63
C LEU FA 10 1.87 45.92 0.64
N GLU FA 11 0.57 46.25 0.67
CA GLU FA 11 0.12 47.64 0.75
C GLU FA 11 0.30 48.22 2.16
N LEU FA 12 0.19 47.37 3.19
CA LEU FA 12 0.53 47.77 4.57
C LEU FA 12 2.04 47.86 4.75
N ASN GA 1 -18.30 -49.37 -2.91
CA ASN GA 1 -17.76 -48.91 -1.59
C ASN GA 1 -16.26 -49.16 -1.41
N LEU GA 2 -15.77 -50.38 -1.66
CA LEU GA 2 -14.32 -50.65 -1.80
C LEU GA 2 -13.72 -49.68 -2.83
N SER GA 3 -14.43 -49.52 -3.95
CA SER GA 3 -13.95 -48.68 -5.06
C SER GA 3 -13.94 -47.18 -4.76
N GLU GA 4 -14.53 -46.75 -3.64
CA GLU GA 4 -14.61 -45.33 -3.30
C GLU GA 4 -13.82 -44.93 -2.05
N LEU GA 5 -13.25 -45.91 -1.36
CA LEU GA 5 -12.54 -45.65 -0.11
C LEU GA 5 -11.20 -44.95 -0.31
N ASP GA 6 -10.50 -45.26 -1.40
CA ASP GA 6 -9.17 -44.66 -1.64
C ASP GA 6 -9.25 -43.16 -1.87
N ARG GA 7 -10.30 -42.71 -2.57
CA ARG GA 7 -10.54 -41.27 -2.74
C ARG GA 7 -10.67 -40.58 -1.39
N LEU GA 8 -11.42 -41.19 -0.48
CA LEU GA 8 -11.63 -40.63 0.86
C LEU GA 8 -10.33 -40.56 1.67
N LEU GA 9 -9.50 -41.60 1.57
CA LEU GA 9 -8.21 -41.65 2.27
C LEU GA 9 -7.21 -40.62 1.73
N LEU GA 10 -7.18 -40.44 0.42
CA LEU GA 10 -6.28 -39.47 -0.22
C LEU GA 10 -6.66 -38.02 0.16
N GLU GA 11 -7.93 -37.79 0.49
CA GLU GA 11 -8.39 -36.47 0.93
C GLU GA 11 -7.97 -36.16 2.38
N LEU GA 12 -7.91 -37.20 3.23
CA LEU GA 12 -7.34 -37.10 4.58
C LEU GA 12 -5.84 -36.90 4.56
N ASN GA 13 -5.15 -37.68 3.72
CA ASN GA 13 -3.71 -37.51 3.47
C ASN GA 13 -3.38 -36.09 3.01
N ALA GA 14 -4.23 -35.53 2.17
CA ALA GA 14 -4.11 -34.13 1.75
C ALA GA 14 -3.99 -33.20 2.97
N VAL GA 15 -4.73 -33.53 4.04
CA VAL GA 15 -4.49 -32.92 5.36
C VAL GA 15 -3.32 -33.60 6.12
N GLN GA 16 -2.13 -33.54 5.50
CA GLN GA 16 -0.85 -33.75 6.17
C GLN GA 16 -0.07 -32.44 6.00
N HIS GA 17 -0.81 -31.33 6.00
CA HIS GA 17 -0.28 -30.06 5.51
C HIS GA 17 0.28 -29.16 6.58
N ASN GA 18 1.11 -28.24 6.11
CA ASN GA 18 1.80 -27.21 6.91
C ASN GA 18 1.01 -26.59 8.07
N PRO GA 19 1.72 -26.17 9.13
CA PRO GA 19 1.16 -25.43 10.26
C PRO GA 19 0.21 -24.30 9.87
N ASN HA 1 -26.24 82.81 30.12
CA ASN HA 1 -26.14 82.16 31.46
C ASN HA 1 -25.72 80.69 31.34
N LEU HA 2 -24.42 80.51 31.22
CA LEU HA 2 -23.82 79.22 30.82
C LEU HA 2 -24.15 78.09 31.80
N SER HA 3 -23.99 78.36 33.09
CA SER HA 3 -24.16 77.35 34.14
C SER HA 3 -25.62 76.93 34.36
N GLU HA 4 -26.57 77.62 33.74
CA GLU HA 4 -27.98 77.31 33.93
C GLU HA 4 -28.70 76.80 32.68
N LEU HA 5 -28.01 76.81 31.55
CA LEU HA 5 -28.60 76.45 30.26
C LEU HA 5 -28.88 74.94 30.12
N ASP HA 6 -28.00 74.11 30.68
CA ASP HA 6 -28.17 72.65 30.59
C ASP HA 6 -29.42 72.16 31.33
N ARG HA 7 -29.73 72.76 32.49
CA ARG HA 7 -30.96 72.43 33.22
C ARG HA 7 -32.19 72.70 32.35
N LEU HA 8 -32.18 73.82 31.64
CA LEU HA 8 -33.30 74.20 30.77
C LEU HA 8 -33.46 73.23 29.59
N LEU HA 9 -32.33 72.80 29.00
CA LEU HA 9 -32.37 71.83 27.90
C LEU HA 9 -32.85 70.45 28.33
N LEU HA 10 -32.42 70.00 29.50
CA LEU HA 10 -32.83 68.69 30.02
C LEU HA 10 -34.32 68.63 30.33
N GLU HA 11 -34.91 69.79 30.63
CA GLU HA 11 -36.36 69.88 30.88
C GLU HA 11 -37.18 69.80 29.58
N LEU HA 12 -36.62 70.27 28.47
CA LEU HA 12 -37.22 70.09 27.14
C LEU HA 12 -37.04 68.64 26.67
N ASN IA 1 -28.43 11.92 -12.03
CA ASN IA 1 -28.35 10.44 -12.18
C ASN IA 1 -29.28 9.68 -11.21
N LEU IA 2 -29.27 10.03 -9.92
CA LEU IA 2 -30.32 9.58 -8.98
C LEU IA 2 -31.70 9.91 -9.54
N SER IA 3 -31.84 11.13 -10.06
CA SER IA 3 -33.11 11.64 -10.56
C SER IA 3 -33.59 10.98 -11.85
N GLU IA 4 -32.75 10.16 -12.48
CA GLU IA 4 -33.10 9.51 -13.75
C GLU IA 4 -33.21 7.99 -13.68
N LEU IA 5 -32.85 7.41 -12.53
CA LEU IA 5 -32.84 5.95 -12.37
C LEU IA 5 -34.24 5.33 -12.32
N ASP IA 6 -35.19 6.02 -11.71
CA ASP IA 6 -36.55 5.47 -11.59
C ASP IA 6 -37.25 5.32 -12.94
N ARG IA 7 -37.01 6.27 -13.85
CA ARG IA 7 -37.54 6.16 -15.22
C ARG IA 7 -37.02 4.89 -15.89
N LEU IA 8 -35.73 4.60 -15.71
CA LEU IA 8 -35.11 3.42 -16.31
C LEU IA 8 -35.69 2.12 -15.74
N LEU IA 9 -35.92 2.09 -14.43
CA LEU IA 9 -36.52 0.91 -13.77
C LEU IA 9 -37.98 0.66 -14.19
N LEU IA 10 -38.75 1.73 -14.31
CA LEU IA 10 -40.15 1.61 -14.72
C LEU IA 10 -40.29 1.11 -16.16
N GLU IA 11 -39.27 1.35 -16.99
CA GLU IA 11 -39.26 0.86 -18.37
C GLU IA 11 -38.93 -0.63 -18.48
N LEU IA 12 -38.07 -1.15 -17.61
CA LEU IA 12 -37.88 -2.59 -17.71
C LEU IA 12 -39.08 -3.32 -17.14
N ASN IA 13 -39.58 -4.30 -17.90
CA ASN IA 13 -40.88 -4.89 -17.58
C ASN IA 13 -40.79 -5.98 -16.50
N ASN JA 1 15.58 8.35 15.03
CA ASN JA 1 16.44 7.37 15.77
C ASN JA 1 16.55 7.74 17.25
N LEU JA 2 15.52 7.33 18.00
CA LEU JA 2 15.29 7.80 19.36
C LEU JA 2 16.44 7.46 20.31
N SER JA 3 16.89 6.21 20.27
CA SER JA 3 17.91 5.72 21.19
C SER JA 3 19.32 6.29 20.94
N GLU JA 4 19.50 7.02 19.84
CA GLU JA 4 20.81 7.57 19.48
C GLU JA 4 20.89 9.10 19.50
N LEU JA 5 19.74 9.76 19.69
CA LEU JA 5 19.67 11.22 19.62
C LEU JA 5 20.32 11.91 20.83
N ASP JA 6 20.21 11.33 22.02
CA ASP JA 6 20.78 11.94 23.24
C ASP JA 6 22.31 12.00 23.18
N ARG JA 7 22.95 10.97 22.64
CA ARG JA 7 24.40 10.98 22.44
C ARG JA 7 24.81 12.18 21.57
N LEU JA 8 24.06 12.42 20.49
CA LEU JA 8 24.35 13.52 19.58
C LEU JA 8 24.20 14.88 20.25
N LEU JA 9 23.15 15.04 21.07
CA LEU JA 9 22.93 16.28 21.82
C LEU JA 9 23.99 16.56 22.87
N LEU JA 10 24.42 15.52 23.59
CA LEU JA 10 25.45 15.67 24.62
C LEU JA 10 26.81 16.05 24.02
N GLU JA 11 27.04 15.70 22.75
CA GLU JA 11 28.27 16.08 22.05
C GLU JA 11 28.26 17.56 21.63
N LEU JA 12 27.08 18.11 21.35
CA LEU JA 12 26.94 19.55 21.10
C LEU JA 12 27.04 20.33 22.41
N NO3 KA . 21.49 78.49 30.74
O1 NO3 KA . 21.30 79.70 30.85
O2 NO3 KA . 22.01 77.77 31.83
O3 NO3 KA . 21.17 77.82 29.54
N NO3 LA . 42.17 -23.07 -40.24
O1 NO3 LA . 41.86 -22.14 -39.50
O2 NO3 LA . 41.58 -24.34 -40.06
O3 NO3 LA . 43.10 -22.86 -41.26
N NO3 MA . -32.61 32.35 30.33
O1 NO3 MA . -33.05 33.12 31.15
O2 NO3 MA . -33.13 31.04 30.23
O3 NO3 MA . -31.59 32.76 29.48
N NO3 NA . -3.15 -90.76 -19.49
O1 NO3 NA . -2.72 -90.66 -20.62
O2 NO3 NA . -4.50 -91.07 -19.30
O3 NO3 NA . -2.30 -90.55 -18.38
N NO3 OA . 5.72 -9.08 -11.44
O1 NO3 OA . 4.53 -8.80 -11.53
O2 NO3 OA . 6.48 -8.54 -10.41
O3 NO3 OA . 6.30 -9.93 -12.36
N NO3 PA . -19.98 -11.04 41.50
O1 NO3 PA . -20.01 -9.89 41.94
O2 NO3 PA . -19.80 -12.13 42.36
O3 NO3 PA . -20.11 -11.27 40.13
C1 EDO QA . 13.37 -35.32 -70.96
O1 EDO QA . 12.94 -35.32 -69.59
C2 EDO QA . 13.38 -36.73 -71.56
O2 EDO QA . 14.69 -37.30 -71.49
N NO3 RA . 28.32 -28.23 -70.61
O1 NO3 RA . 27.27 -27.71 -70.29
O2 NO3 RA . 28.55 -29.57 -70.32
O3 NO3 RA . 29.28 -27.46 -71.28
N NO3 SA . 3.30 23.78 -15.86
O1 NO3 SA . 2.14 23.56 -16.18
O2 NO3 SA . 3.69 23.66 -14.52
O3 NO3 SA . 4.25 24.18 -16.80
C1 EDO TA . -9.08 -54.52 9.81
O1 EDO TA . -9.76 -55.61 10.45
C2 EDO TA . -8.63 -53.49 10.82
O2 EDO TA . -8.14 -52.32 10.18
N NO3 UA . -7.73 -58.15 -19.24
O1 NO3 UA . -8.57 -59.00 -19.48
O2 NO3 UA . -6.93 -58.28 -18.11
O3 NO3 UA . -7.57 -57.05 -20.10
N NO3 VA . -9.26 70.96 41.75
O1 NO3 VA . -9.93 70.26 42.48
O2 NO3 VA . -8.67 72.12 42.26
O3 NO3 VA . -9.08 70.61 40.41
N NO3 WA . -42.50 24.22 -0.51
O1 NO3 WA . -43.71 24.07 -0.64
O2 NO3 WA . -41.75 23.24 0.13
O3 NO3 WA . -41.87 25.36 -0.99
C1 EDO XA . 2.34 23.26 20.96
O1 EDO XA . 1.47 22.20 20.56
C2 EDO XA . 1.79 23.85 22.23
O2 EDO XA . 2.69 23.90 23.33
N NO3 YA . 12.28 -5.30 34.88
O1 NO3 YA . 12.66 -4.14 34.81
O2 NO3 YA . 12.54 -6.04 36.04
O3 NO3 YA . 11.57 -5.89 33.80
#